data_6K32
#
_entry.id   6K32
#
_cell.length_a   1.00
_cell.length_b   1.00
_cell.length_c   1.00
_cell.angle_alpha   90.00
_cell.angle_beta   90.00
_cell.angle_gamma   90.00
#
_symmetry.space_group_name_H-M   'P 1'
#
loop_
_entity.id
_entity.type
_entity.pdbx_description
1 polymer 'RNA-dependent RNA polymerase'
2 polymer 'Viral structural protein 4'
3 polymer "RNA (5'-R(P*UP*UP*AP*CP*U)-3')"
4 polymer "RNA (5'-D(*(3PO))-R(*AP*G)-3'"
5 polymer VP1
6 polymer VP1
7 polymer VP1
8 non-polymer 'MAGNESIUM ION'
9 non-polymer 7-METHYLGUANOSINE
10 non-polymer DIPHOSPHATE
11 non-polymer "2'-O-methyladenosine 5'-(dihydrogen phosphate)"
12 non-polymer "URIDINE 5'-TRIPHOSPHATE"
#
loop_
_entity_poly.entity_id
_entity_poly.type
_entity_poly.pdbx_seq_one_letter_code
_entity_poly.pdbx_strand_id
1 'polypeptide(L)'
;TKLHNTIFSETRKFTRESFKEIEHLTARLANDRVARHDFLFNTSIVLISDYSGEDSNGNQLQATITIPNEIINPKEYDPS
DYPLAEDESFFKQGHKYDYLVTFRAGSLTNTYEPKTKMYKLHAALDKLMHVKQRKSRFADLWRELCAVIASLDVWYQTTN
YPLRTYVKLLFHKGDEFPFYESPSQDRIIFNDKSVASILPTFVYTCCQVGTAIMSGILTHVESIVAMNHFLHCAKDSYID
EKLKIKGIGRSWYQEALHNVCQATVPVWSQFNEVIGHRTKSTSEPHFVSSTFISLRAKRAELLYPEFNAYINRAIQLSKT
QNDVANYYAACRAMTNDGTFLATLTELSLDAAVFPRIEQHLVTRPAVLMSNTRHESLKQKYTNGVGSIAQSYLSSFTDEI
AKRVNGRHHDEAWLNFLTTSSPGRKLTEIEKLEVGGDVAAWSNSRIVMQAVFAREYRTPERIFKSLKAPIKLVERQQSDR
RQRAISGLDNDRLFLSFMPYTIGKQIYELNDNAAQGKQAGNAFDIGEMLYWTSQRNVLLSSIDVAGMDASVTTNTKDIYN
TFVLDVASKCTVPRFGPYYAKNMEVFEAGNRQSQVRYVNAAWQACALEAANSQTSTSYESEIFGQVKNAEGTYPSGRADT
STHHTVLLQGLVRGNELKRASDGKNSCLATIKILGDDIMEIFQGSESDTYDHAVSNASILNESGFATTAELSQNSIVLLQ
QLVVNGTFWGFADRISLWTREDTKDIGRLNLAMMELNALIDDLVFRVRRPEGLKMLGFFCGAICLRRFTLSVDNKLYDST
YNNLSKYMTLTKYDKNPDSDSTLMSLILPLAWLFMPRGGEYPAYPFERRDGTFTEDESMFTARGAYKRRLLYDVSNIGEM
IQQNSMALDDDLLHEYGFTGALLLIDLNILDLIDEVKKEDISPVKVSELATSLEQLGKLGEREKSRRAASDLKIRGHALS
NDIVYGYGLQEKIQKSAMATKETTVQSKRVSSRLHDVIVAKTRDYKISTIPADALHLHEFEVEDVTVDLLPHAKHTSYSS
LAYNMSFGSDGWFAFALLGGLDRSANLLRLDVASIRGNYHKFSYDDPVFKQGYKIYKSDATLLNDFFTAISAGPKEQGIL
LRAFAYYSLYGNVEYHYVLSPRQLFFLSDNPVSAERLVRIPPKYYVSTQCRALYNIFSYLHILRSIANNRGKRLKMVLHP
GLIAYVRG
;
A
2 'polypeptide(L)'
;FAIDPLKHSKLYEEYGLYLRPHQINQEIKPTTIKKKELAPTIRSIKYASLIHSMLAEHAARHNGTLINPRMYADMITLGN
TKVTVTKGTPKAQIDTLKMNGLTVVSKSRRNNKKKPVSDTTATIDENTNAIVTYKALTEMSTLIESFRLPSGLTLIIFDD
EKYQSLIPNYINQLIAYTQPHIIPTWQGIADFSDTYLRSYFKRPFELTASNLAAPQKHNLSPMTRSIFNNTGREDAVIRK
LYGYGEYVFIKYEGCLITWTGIYGEVTMMVNLSKRDLGLDVGDDYLKEYKKLLFYGVITDAIPSGISTRSTIMKISPHKM
MNPSGGALAVLSKFLEAVVSTNVINATLVVYAEKGAGKTSFLSTYAEQLSLASGQVVGHLSSDAYGRWLAKTKDIEEPSF
AYDYVLSLDTDDNESYYEQKASELLMSHGISEVAQYELLSVRKKIKMMDEMNEVLIAQLENADTHSERNFYYMVSTGKTT
PRILIVEGHFNAQDATIARTDTTVLLRTINDTTQAMRDRQRGGVVQLFLRDTYYRLLPALHTTVYPFEMLESIKRWKWV
;
B
3 'polyribonucleotide' UUACU t
4 'polyribonucleotide' (3PO)AG p
5 'polypeptide(L)'
;VQSRTDVFNEQFANEALHPMTKVIFNGLDVNTEVQPLSDDFKQISDPKGYLTYSVKYEDQFTKKDKLRASEADDRIVGPT
VNLFKYGAAVVNIDLNRDFFDTATGIDLTKGIPLVQDLLVPIGVTAGAEQSAEYVSGLLMVLFKVMTDNRLVIVGETTTP
MSNTLSTVVNNVLRTTYHNNVGVNPALLRDFTQVNWLNRDITNMLQQAGTKYGLGLTETRLDYVRLVKTIVGHALNIDHF
AASVLNINLRALMEANVTADDRIKALQAHSMISTQFHGPNQGALRPELAFDHDHIIRCLMLAAANYPRLEGIIVQINTGY
VASANVIRPVSEKRYFPENLEQNQSAARLVSAVKARASEADISSIHLAIAREVSPMFNVHELKKIAESFEDPSSIVVVLE
FILFALFFPTEFNRIKGDIQNVLLLFFSRWYPVEYGIFIQRGATYTINAAGEFEFSGRNEKWDQSLYLSEHFPALFSDVP
LAGANTIIAIMRLFTPQGFLRTDDLAIAANFPRASRNPQTYIPYTNQRGTVTNEFASRFRTIVATLANVVNERAVQDDMQ
KATRSCTKQWLRHLETQFDNIAVAHTDHLSVVYATMSNFMLNFTNNFSGNHATFKPDQYVITSPEGSYKPIIERQGETVD
GLTIIDTSIVWPILCQCTYPLVRQSGKGVDAVSIMEEIVYPDPSTTLSQSLSVAQVLSKLTLPDAFINMILSGGDSVVMR
TYQTEADDDLDEGIRMTTYDQYLSHIRERLHITNVPDPIYITGASTPDQIAASVQATHVAVVLYQSGVINGSASTYLREN
EVLVVMPDYYDVVSRFANANLQMNNNRYHESVLEIADIFDQADFIQTSDAVRQLRALMPTLSTSQIRHAIERIAQITDVD
STDYGKLTLRFLGTLTRSLKMQNAQIRRIRPDGTVLRYDDQIDIEAFRWSRYFLDELRLRRLSVGLRLITNPRIARRFDG
VRIMYLTDDDPDPDFVPDVPEGYVAVQYAHRLFSSSLANKRNRVTYTHPPTGMAYPSPTGRPHVHMTINERAGMSKLVAD
NIIASVIKSNWVVDIHDIEYTAEVMTPSEGYTQHVDAESIMTAPKGKLFHLQFMDGLLRPEPSAFDPPASGEDMRLIYPL
QPISVARSMRAIVNHNEVDRPRGAVAPSSYEMDTGTLSRNGDLLYSPVANGQVGIPKLEVDHISFSNVVSMMTANIRTGD
DMAVERVNPDDVRAINIRNA
;
C
6 'polypeptide(L)'
;ALHPMTKVIFNGLDVNTEVQPLSDDFKQISDPKGYLTYSVKYEDQFTKKDKLRASEADDRIVGPTVNLFKYGAAVVNIDL
NRDFFDTATGIDLTKGIPLVQDLLVPIGVTAGAEQSAEYVSGLLMVLFKVMTDNRLVIVGETTTPMSNTLSTVVNNVLRT
TYHNNVGVNPALLRDFTQVNWLNRDITNMLQQAGTKYGLGLTETRLDYVRLVKTIVGHALNIDHFAASVLNINLRALMEA
NVTADDRIKALQAHSMISTQFHGPNQGALRPELAFDHDHIIRCLMLAAANYPRLEGIIVQINTGYVASANVIRPVSEKRY
FPENLEQNQSAARLVSAVKARASEADISSIHLAIAREVSPMFNVHELKKIAESFEDPSSIVVVLEFILFALFFPTEFNRI
KGDIQNVLLLFFSRWYPVEYGIFIQRGATYTINAAGEFEFSGRNEKWDQSLYLSEHFPALFSDVPLAGANTIIAIMRLFT
PQGFLRTDDLAIAANFPRASRNPQTYIPYTNQRGTVTNEFASRFRTIVATLANVVNERAVQDDMQKATRSCTKQWLRHLE
TQFDNIAVAHTDHLSVVYATMSNFMLNFTNNFSGNHATFKPDQYVITSPEGSYKPIIERQGETVDGLTIIDTSIVWPILC
QCTYPLVRQSGKGVDAVSIMEEIVYPDPSTTLSQSLSVAQVLSKLTLPDAFINMILSGGDSVVMRTYQTEADDDLDEGIR
MTTYDQYLSHIRERLHITNVPDPIYITGASTPDQIAASVQATHVAVVLYQSGVINGSASTYLRENEVLVVMPDYYDVVSR
FANANLQMNNNRYHESVLEIADIFDQADFIQTSDAVRQLRALMPTLSTSQIRHAIERIAQITDVDSTDYGKLTLRFLGTL
TRSLKMQNAQIRRIRPDGTVLRYDDQIDIEAFRWSRYFLDELRLRRLSVGLRLITNPRIARRFDGVRIMYLTDDDPDPDF
VPDVPEGYVAVQYAHRLFSSSLANKRNRVTYTHPPTGMAYPSPTGRPHVHMTINERAGMSKLVADNIIASVIKSNWVVDI
HDIEYTAEVMTPSEGYTQHVDAESIMTAPKGKLFHLQFMDGLLRPEPSAFDPPASGEDMRLIYPLQPISVARSMRAIVNH
NEVDRPRGAVAPSSYEMDTGTLSRNGDLLYSPVANGQVGIPKLEVDHISFSNVVSMMTANIRTGDDMAVERVNPDDVRAI
NIRNA
;
D,E,F
7 'polypeptide(L)'
;KKPPTVVQSRTDVFNEQFANEALHPMTKVIFNGLDVNTEVQPLSDDFKQISDPKGYLTYSVKYEDQFTKKDKLRASEADD
RIVGPTVNLFKYGAAVVNIDLNRDFFDTATGIDLTKGIPLVQDLLVPIGVTAGAEQSAEYVSGLLMVLFKVMTDNRLVIV
GETTTPMSNTLSTVVNNVLRTTYHNNVGVNPALLRDFTQVNWLNRDITNMLQQAGTKYGLGLTETRLDYVRLVKTIVGHA
LNIDHFAASVLNINLRALMEANVTADDRIKALQAHSMISTQFHGPNQGALRPELAFDHDHIIRCLMLAAANYPRLEGIIV
QINTGYVASANVIRPVSEKRYFPENLEQNQSAARLVSAVKARASEADISSIHLAIAREVSPMFNVHELKKIAESFEDPSS
IVVVLEFILFALFFPTEFNRIKGDIQNVLLLFFSRWYPVEYGIFIQRGATYTINAAGEFEFSGRNEKWDQSLYLSEHFPA
LFSDVPLAGANTIIAIMRLFTPQGFLRTDDLAIAANFPRASRNPQTYIPYTNQRGTVTNEFASRFRTIVATLANVVNERA
VQDDMQKATRSCTKQWLRHLETQFDNIAVAHTDHLSVVYATMSNFMLNFTNNFSGNHATFKPDQYVITSPEGSYKPIIER
QGETVDGLTIIDTSIVWPILCQCTYPLVRQSGKGVDAVSIMEEIVYPDPSTTLSQSLSVAQVLSKLTLPDAFINMILSGG
DSVVMRTYQTEADDDLDEGIRMTTYDQYLSHIRERLHITNVPDPIYITGASTPDQIAASVQATHVAVVLYQSGVINGSAS
TYLRENEVLVVMPDYYDVVSRFANANLQMNNNRYHESVLEIADIFDQADFIQTSDAVRQLRALMPTLSTSQIRHAIERIA
QITDVDSTDYGKLTLRFLGTLTRSLKMQNAQIRRIRPDGTVLRYDDQIDIEAFRWSRYFLDELRLRRLSVGLRLITNPRI
ARRFDGVRIMYLTDDDPDPDFVPDVPEGYVAVQYAHRLFSSSLANKRNRVTYTHPPTGMAYPSPTGRPHVHMTINERAGM
SKLVADNIIASVIKSNWVVDIHDIEYTAEVMTPSEGYTQHVDAESIMTAPKGKLFHLQFMDGLLRPEPSAFDPPASGEDM
RLIYPLQPISVARSMRAIVNHNEVDRPRGAVAPSSYEMDTGTLSRNGDLLYSPVANGQVGIPKLEVDHISFSNVVSMMTA
NIRTGDDMAVERVNPDDVRAINIRNA
;
G
#
# COMPACT_ATOMS: atom_id res chain seq x y z
N THR A 1 1.81 -56.78 14.52
CA THR A 1 3.04 -57.07 15.24
C THR A 1 3.94 -58.02 14.42
N LYS A 2 5.17 -57.61 14.13
CA LYS A 2 5.73 -56.33 14.59
C LYS A 2 5.78 -55.33 13.44
N LEU A 3 4.86 -54.37 13.49
CA LEU A 3 4.75 -53.21 12.60
C LEU A 3 4.46 -53.54 11.13
N HIS A 4 4.17 -54.80 10.82
CA HIS A 4 3.65 -55.15 9.50
C HIS A 4 2.34 -55.89 9.59
N ASN A 5 1.89 -56.23 10.80
CA ASN A 5 0.55 -56.77 11.02
C ASN A 5 -0.27 -55.84 11.90
N THR A 6 0.18 -54.60 12.12
CA THR A 6 -0.64 -53.68 12.89
C THR A 6 -1.83 -53.21 12.06
N ILE A 7 -2.82 -52.70 12.77
CA ILE A 7 -4.00 -52.17 12.08
C ILE A 7 -3.64 -50.86 11.38
N PHE A 8 -2.64 -50.13 11.89
CA PHE A 8 -2.21 -48.92 11.19
C PHE A 8 -1.47 -49.24 9.90
N SER A 9 -0.79 -50.38 9.83
CA SER A 9 -0.11 -50.76 8.61
C SER A 9 -1.05 -51.20 7.49
N GLU A 10 -2.35 -51.28 7.77
CA GLU A 10 -3.33 -51.74 6.80
C GLU A 10 -4.20 -50.62 6.26
N THR A 11 -4.45 -49.58 7.05
CA THR A 11 -5.61 -48.74 6.73
C THR A 11 -5.34 -47.57 5.76
N ARG A 12 -4.31 -46.72 5.89
CA ARG A 12 -3.27 -46.54 6.91
C ARG A 12 -3.61 -45.33 7.78
N LYS A 13 -4.36 -45.54 8.86
CA LYS A 13 -4.85 -44.38 9.61
C LYS A 13 -5.07 -44.74 11.08
N PHE A 14 -5.38 -43.70 11.86
CA PHE A 14 -5.42 -43.76 13.32
C PHE A 14 -6.81 -44.14 13.80
N THR A 15 -7.07 -45.44 13.93
CA THR A 15 -8.20 -45.87 14.71
C THR A 15 -7.82 -45.72 16.19
N ARG A 16 -8.85 -45.57 17.04
CA ARG A 16 -8.67 -45.21 18.45
C ARG A 16 -7.87 -46.25 19.22
N GLU A 17 -8.00 -47.53 18.86
CA GLU A 17 -7.15 -48.57 19.43
C GLU A 17 -5.88 -48.80 18.64
N SER A 18 -5.83 -48.37 17.38
CA SER A 18 -4.62 -48.48 16.58
C SER A 18 -3.55 -47.51 17.03
N PHE A 19 -3.95 -46.40 17.65
CA PHE A 19 -2.98 -45.43 18.13
C PHE A 19 -2.32 -45.88 19.42
N LYS A 20 -3.02 -46.68 20.24
CA LYS A 20 -2.37 -47.27 21.40
C LYS A 20 -1.40 -48.36 21.01
N GLU A 21 -1.58 -48.94 19.82
CA GLU A 21 -0.64 -49.94 19.35
C GLU A 21 0.66 -49.29 18.88
N ILE A 22 0.56 -48.16 18.19
CA ILE A 22 1.75 -47.48 17.69
C ILE A 22 2.52 -46.81 18.83
N GLU A 23 1.81 -46.29 19.84
CA GLU A 23 2.48 -45.85 21.07
C GLU A 23 3.24 -46.98 21.73
N HIS A 24 2.64 -48.17 21.83
CA HIS A 24 3.25 -49.25 22.58
C HIS A 24 4.43 -49.85 21.84
N LEU A 25 4.31 -49.99 20.52
CA LEU A 25 5.39 -50.64 19.77
C LEU A 25 6.59 -49.73 19.62
N THR A 26 6.40 -48.45 19.30
CA THR A 26 7.53 -47.56 19.09
C THR A 26 8.26 -47.24 20.39
N ALA A 27 7.52 -47.10 21.50
CA ALA A 27 8.18 -46.86 22.78
C ALA A 27 8.93 -48.09 23.28
N ARG A 28 8.41 -49.28 22.98
CA ARG A 28 9.17 -50.49 23.26
C ARG A 28 10.38 -50.59 22.35
N LEU A 29 10.19 -50.32 21.06
CA LEU A 29 11.26 -50.33 20.07
C LEU A 29 12.16 -49.09 20.16
N ALA A 30 11.85 -48.12 20.99
CA ALA A 30 12.78 -47.01 21.15
C ALA A 30 13.92 -47.36 22.10
N ASN A 31 13.59 -47.55 23.38
CA ASN A 31 14.59 -47.46 24.46
C ASN A 31 15.06 -48.85 24.86
N ASP A 32 15.14 -49.75 23.89
CA ASP A 32 15.89 -50.98 24.09
C ASP A 32 16.98 -51.15 23.08
N ARG A 33 18.19 -51.47 23.53
CA ARG A 33 19.14 -52.09 22.64
C ARG A 33 18.66 -53.45 22.21
N VAL A 34 18.05 -54.21 23.12
CA VAL A 34 17.61 -55.54 22.77
C VAL A 34 16.41 -55.62 21.82
N ALA A 35 15.39 -54.80 22.05
CA ALA A 35 14.15 -54.97 21.29
C ALA A 35 14.43 -54.68 19.85
N ARG A 36 15.20 -53.63 19.66
CA ARG A 36 15.68 -53.20 18.35
C ARG A 36 16.34 -54.37 17.63
N HIS A 37 17.14 -55.16 18.34
CA HIS A 37 17.81 -56.28 17.71
C HIS A 37 16.83 -57.39 17.36
N ASP A 38 15.71 -57.46 18.09
CA ASP A 38 14.64 -58.37 17.72
C ASP A 38 14.00 -57.92 16.42
N PHE A 39 13.76 -56.61 16.28
CA PHE A 39 12.94 -56.11 15.19
C PHE A 39 13.68 -56.14 13.87
N LEU A 40 14.97 -55.79 13.88
CA LEU A 40 15.73 -55.79 12.64
C LEU A 40 16.08 -57.22 12.21
N PHE A 41 16.12 -58.15 13.16
CA PHE A 41 16.73 -59.46 12.94
C PHE A 41 15.97 -60.65 13.51
N ASN A 42 14.68 -60.77 13.24
CA ASN A 42 14.07 -62.06 13.54
C ASN A 42 14.53 -63.10 12.53
N THR A 43 14.46 -64.38 12.92
CA THR A 43 14.83 -65.47 12.04
C THR A 43 13.73 -65.84 11.05
N SER A 44 12.57 -65.18 11.13
CA SER A 44 11.42 -65.53 10.32
C SER A 44 11.44 -64.94 8.92
N ILE A 45 12.39 -64.08 8.60
CA ILE A 45 12.44 -63.45 7.30
C ILE A 45 13.44 -64.19 6.43
N VAL A 46 13.01 -64.58 5.22
CA VAL A 46 13.85 -65.37 4.33
C VAL A 46 14.98 -64.52 3.76
N LEU A 47 16.02 -65.21 3.26
CA LEU A 47 17.08 -64.57 2.51
C LEU A 47 16.61 -64.36 1.07
N ILE A 48 16.92 -63.18 0.54
CA ILE A 48 16.32 -62.68 -0.69
C ILE A 48 17.44 -62.29 -1.64
N SER A 49 17.31 -62.56 -2.95
CA SER A 49 16.62 -63.63 -3.72
C SER A 49 17.31 -63.47 -5.05
N ASP A 50 16.71 -64.02 -6.09
CA ASP A 50 16.88 -63.49 -7.44
C ASP A 50 15.63 -62.69 -7.72
N TYR A 51 15.64 -61.43 -7.29
CA TYR A 51 14.44 -60.62 -7.20
C TYR A 51 14.11 -59.96 -8.54
N SER A 52 12.82 -59.74 -8.77
CA SER A 52 12.32 -59.14 -10.01
C SER A 52 11.19 -58.16 -9.72
N GLY A 53 11.16 -57.08 -10.48
CA GLY A 53 10.18 -56.03 -10.27
C GLY A 53 10.17 -55.08 -11.43
N GLU A 54 9.68 -53.87 -11.21
CA GLU A 54 9.50 -52.87 -12.25
C GLU A 54 10.19 -51.57 -11.87
N ASP A 55 11.26 -51.22 -12.58
CA ASP A 55 12.16 -50.13 -12.15
C ASP A 55 11.55 -48.76 -12.41
N SER A 56 10.61 -48.40 -11.53
CA SER A 56 9.94 -47.12 -11.38
C SER A 56 9.16 -46.69 -12.62
N ASN A 57 8.92 -47.59 -13.55
CA ASN A 57 8.26 -47.28 -14.81
C ASN A 57 7.45 -48.49 -15.22
N GLY A 58 7.07 -48.53 -16.51
CA GLY A 58 6.18 -49.59 -16.96
C GLY A 58 6.90 -50.91 -17.17
N ASN A 59 8.15 -50.85 -17.62
CA ASN A 59 8.89 -52.06 -17.92
C ASN A 59 9.31 -52.78 -16.64
N GLN A 60 9.96 -53.93 -16.82
CA GLN A 60 10.39 -54.73 -15.69
C GLN A 60 11.90 -54.93 -15.71
N LEU A 61 12.43 -55.29 -14.56
CA LEU A 61 13.86 -55.44 -14.34
C LEU A 61 14.08 -56.50 -13.28
N GLN A 62 15.18 -57.24 -13.40
CA GLN A 62 15.58 -58.21 -12.39
C GLN A 62 17.04 -58.00 -12.06
N ALA A 63 17.41 -58.37 -10.83
CA ALA A 63 18.78 -58.22 -10.37
C ALA A 63 18.99 -59.15 -9.18
N THR A 64 20.26 -59.44 -8.91
CA THR A 64 20.64 -60.39 -7.86
C THR A 64 21.32 -59.64 -6.72
N ILE A 65 21.12 -60.12 -5.51
CA ILE A 65 21.76 -59.52 -4.34
C ILE A 65 23.15 -60.14 -4.19
N THR A 66 24.18 -59.36 -4.50
CA THR A 66 25.56 -59.81 -4.44
C THR A 66 26.30 -59.00 -3.38
N ILE A 67 27.09 -59.69 -2.57
CA ILE A 67 27.91 -59.07 -1.53
C ILE A 67 29.35 -59.48 -1.80
N PRO A 68 30.26 -58.53 -1.99
CA PRO A 68 31.64 -58.89 -2.32
C PRO A 68 32.38 -59.45 -1.12
N ASN A 69 33.50 -60.09 -1.41
CA ASN A 69 34.33 -60.69 -0.37
C ASN A 69 35.21 -59.68 0.34
N GLU A 70 35.25 -58.44 -0.12
CA GLU A 70 35.96 -57.39 0.60
C GLU A 70 35.16 -56.84 1.76
N ILE A 71 33.87 -57.19 1.86
CA ILE A 71 33.04 -56.80 2.97
C ILE A 71 32.77 -57.99 3.91
N ILE A 72 32.65 -59.20 3.36
CA ILE A 72 32.29 -60.32 4.23
C ILE A 72 33.52 -60.87 4.96
N ASN A 73 34.71 -60.79 4.37
CA ASN A 73 35.96 -60.89 5.14
C ASN A 73 36.98 -59.94 4.55
N PRO A 74 37.10 -58.76 5.13
CA PRO A 74 38.03 -57.75 4.62
C PRO A 74 39.47 -58.15 4.90
N LYS A 75 40.39 -57.43 4.25
CA LYS A 75 41.80 -57.74 4.30
C LYS A 75 42.43 -57.27 5.60
N GLU A 76 43.75 -57.25 5.65
CA GLU A 76 44.47 -56.70 6.79
C GLU A 76 44.79 -55.23 6.53
N TYR A 77 45.70 -54.67 7.33
CA TYR A 77 45.85 -53.22 7.35
C TYR A 77 46.54 -52.68 6.11
N ASP A 78 47.60 -53.36 5.65
CA ASP A 78 48.46 -52.97 4.52
C ASP A 78 48.96 -51.54 4.71
N PRO A 79 49.97 -51.32 5.56
CA PRO A 79 50.40 -49.95 5.90
C PRO A 79 51.00 -49.14 4.75
N SER A 80 51.05 -49.65 3.53
CA SER A 80 51.30 -48.83 2.35
C SER A 80 50.04 -48.16 1.82
N ASP A 81 48.92 -48.24 2.56
CA ASP A 81 47.70 -47.56 2.14
C ASP A 81 47.68 -46.09 2.58
N TYR A 82 48.32 -45.77 3.70
CA TYR A 82 48.48 -44.39 4.14
C TYR A 82 49.97 -44.14 4.37
N PRO A 83 50.74 -43.99 3.30
CA PRO A 83 52.19 -43.87 3.45
C PRO A 83 52.57 -42.44 3.84
N LEU A 84 53.84 -42.28 4.16
CA LEU A 84 54.47 -41.00 4.46
C LEU A 84 55.52 -40.67 3.39
N ALA A 85 56.16 -39.53 3.57
CA ALA A 85 57.30 -39.15 2.75
C ALA A 85 58.56 -39.83 3.29
N GLU A 86 59.73 -39.38 2.81
CA GLU A 86 60.97 -39.88 3.37
C GLU A 86 61.18 -39.38 4.79
N ASP A 87 60.85 -38.12 5.04
CA ASP A 87 60.64 -37.61 6.38
C ASP A 87 59.17 -37.87 6.76
N GLU A 88 58.84 -37.63 8.01
CA GLU A 88 57.47 -37.63 8.49
C GLU A 88 56.88 -36.24 8.49
N SER A 89 57.21 -35.45 7.46
CA SER A 89 56.70 -34.09 7.38
C SER A 89 55.25 -34.06 6.93
N PHE A 90 54.94 -34.74 5.83
CA PHE A 90 53.57 -34.86 5.35
C PHE A 90 53.41 -36.24 4.74
N PHE A 91 52.16 -36.62 4.48
CA PHE A 91 51.81 -37.78 3.66
C PHE A 91 52.50 -37.73 2.30
N LYS A 92 52.65 -38.88 1.66
CA LYS A 92 53.28 -38.91 0.35
C LYS A 92 52.40 -38.20 -0.66
N GLN A 93 52.99 -37.27 -1.42
CA GLN A 93 52.21 -36.52 -2.39
C GLN A 93 51.80 -37.43 -3.55
N GLY A 94 50.65 -37.12 -4.13
CA GLY A 94 50.11 -37.98 -5.15
C GLY A 94 49.66 -39.33 -4.66
N HIS A 95 49.39 -39.48 -3.38
CA HIS A 95 48.89 -40.75 -2.85
C HIS A 95 47.42 -40.91 -3.18
N LYS A 96 47.04 -42.15 -3.47
CA LYS A 96 45.64 -42.49 -3.64
C LYS A 96 45.15 -43.13 -2.34
N TYR A 97 43.85 -43.50 -2.36
CA TYR A 97 43.12 -43.97 -1.18
C TYR A 97 43.23 -42.95 -0.05
N ASP A 98 42.85 -41.71 -0.35
CA ASP A 98 43.02 -40.66 0.65
C ASP A 98 41.98 -40.73 1.77
N TYR A 99 40.97 -41.57 1.65
CA TYR A 99 39.88 -41.69 2.61
C TYR A 99 39.91 -43.11 3.21
N LEU A 100 38.88 -43.49 3.94
CA LEU A 100 39.08 -44.51 4.95
C LEU A 100 38.84 -45.86 4.36
N VAL A 101 39.91 -46.57 4.03
CA VAL A 101 39.83 -47.79 3.21
C VAL A 101 39.30 -48.95 4.00
N THR A 102 38.57 -49.86 3.38
CA THR A 102 37.82 -50.82 4.18
C THR A 102 38.71 -51.96 4.54
N PHE A 103 39.13 -52.03 5.79
CA PHE A 103 40.22 -52.93 6.09
C PHE A 103 40.04 -53.95 7.21
N ARG A 104 38.90 -53.88 7.89
CA ARG A 104 38.49 -54.92 8.78
C ARG A 104 39.00 -54.44 10.10
N ALA A 105 38.16 -54.38 11.11
CA ALA A 105 38.37 -53.46 12.21
C ALA A 105 39.63 -53.77 12.97
N GLY A 106 39.90 -55.06 13.14
CA GLY A 106 40.83 -55.54 14.14
C GLY A 106 42.22 -55.01 13.89
N SER A 107 42.64 -54.95 12.63
CA SER A 107 44.05 -54.90 12.28
C SER A 107 44.79 -53.67 12.79
N LEU A 108 44.17 -52.50 12.80
CA LEU A 108 44.85 -51.36 13.39
C LEU A 108 45.09 -51.65 14.85
N THR A 109 46.32 -51.46 15.31
CA THR A 109 46.59 -51.45 16.73
C THR A 109 47.85 -50.64 17.01
N ASN A 110 47.99 -50.05 18.19
CA ASN A 110 49.30 -49.48 18.44
C ASN A 110 50.25 -50.60 18.86
N THR A 111 51.52 -50.44 18.54
CA THR A 111 52.46 -51.46 18.99
C THR A 111 53.49 -50.87 19.95
N TYR A 112 54.16 -49.83 19.46
CA TYR A 112 55.24 -49.02 20.01
C TYR A 112 54.69 -47.82 20.78
N GLU A 113 55.61 -46.98 21.25
CA GLU A 113 55.47 -46.16 22.45
C GLU A 113 55.01 -44.75 22.11
N PRO A 114 54.48 -43.95 23.13
CA PRO A 114 53.69 -42.74 22.81
C PRO A 114 54.32 -41.58 22.03
N LYS A 115 55.48 -41.76 21.42
CA LYS A 115 56.15 -40.75 20.62
C LYS A 115 56.51 -41.43 19.31
N THR A 116 57.50 -40.89 18.57
CA THR A 116 57.99 -41.47 17.33
C THR A 116 56.92 -41.48 16.23
N LYS A 117 56.83 -40.35 15.49
CA LYS A 117 55.65 -39.76 14.84
C LYS A 117 54.53 -40.72 14.50
N MET A 118 54.86 -41.93 14.03
CA MET A 118 53.91 -42.90 13.48
C MET A 118 52.88 -43.37 14.52
N TYR A 119 53.15 -43.17 15.81
CA TYR A 119 52.17 -43.50 16.85
C TYR A 119 51.00 -42.55 16.79
N LYS A 120 51.27 -41.27 16.53
CA LYS A 120 50.22 -40.28 16.45
C LYS A 120 49.42 -40.47 15.16
N LEU A 121 50.01 -41.14 14.18
CA LEU A 121 49.34 -41.54 12.95
C LEU A 121 48.31 -42.64 13.20
N HIS A 122 48.70 -43.73 13.87
CA HIS A 122 47.77 -44.81 14.15
C HIS A 122 46.74 -44.41 15.19
N ALA A 123 47.09 -43.46 16.05
CA ALA A 123 46.11 -42.93 16.98
C ALA A 123 45.09 -42.03 16.29
N ALA A 124 45.51 -41.29 15.28
CA ALA A 124 44.58 -40.42 14.57
C ALA A 124 43.81 -41.15 13.49
N LEU A 125 44.38 -42.20 12.91
CA LEU A 125 43.57 -43.07 12.06
C LEU A 125 42.52 -43.82 12.85
N ASP A 126 42.79 -44.09 14.14
CA ASP A 126 41.75 -44.59 15.02
C ASP A 126 40.67 -43.54 15.25
N LYS A 127 41.03 -42.25 15.24
CA LYS A 127 40.02 -41.19 15.30
C LYS A 127 39.23 -41.10 14.00
N LEU A 128 39.78 -41.64 12.91
CA LEU A 128 39.04 -41.66 11.66
C LEU A 128 38.02 -42.77 11.64
N MET A 129 38.39 -43.96 12.13
CA MET A 129 37.52 -45.12 12.10
C MET A 129 36.50 -45.10 13.23
N HIS A 130 36.84 -44.59 14.41
CA HIS A 130 35.94 -44.66 15.55
C HIS A 130 35.14 -43.40 15.82
N VAL A 131 35.57 -42.24 15.34
CA VAL A 131 34.95 -40.97 15.68
C VAL A 131 34.34 -40.30 14.45
N LYS A 132 35.12 -40.18 13.38
CA LYS A 132 34.66 -39.47 12.20
C LYS A 132 33.77 -40.31 11.29
N GLN A 133 33.25 -41.44 11.74
CA GLN A 133 32.33 -42.23 10.92
C GLN A 133 30.88 -41.99 11.27
N ARG A 134 30.55 -41.74 12.52
CA ARG A 134 29.18 -41.49 12.89
C ARG A 134 28.85 -40.02 12.75
N LYS A 135 27.74 -39.75 12.09
CA LYS A 135 27.11 -38.43 12.16
C LYS A 135 25.60 -38.69 12.06
N SER A 136 24.99 -38.89 13.21
CA SER A 136 23.58 -39.19 13.30
C SER A 136 22.85 -37.90 13.59
N ARG A 137 21.81 -37.59 12.82
CA ARG A 137 21.22 -36.27 12.96
C ARG A 137 20.40 -36.17 14.24
N PHE A 138 19.43 -37.07 14.45
CA PHE A 138 18.55 -36.94 15.61
C PHE A 138 18.92 -37.86 16.76
N ALA A 139 18.83 -39.15 16.56
CA ALA A 139 19.04 -40.15 17.59
C ALA A 139 20.44 -40.72 17.46
N ASP A 140 20.67 -41.87 18.07
CA ASP A 140 21.89 -42.63 17.82
C ASP A 140 21.79 -43.35 16.47
N LEU A 141 22.82 -44.11 16.15
CA LEU A 141 23.00 -44.70 14.82
C LEU A 141 21.97 -45.79 14.54
N TRP A 142 21.63 -46.59 15.56
CA TRP A 142 20.77 -47.75 15.43
C TRP A 142 19.29 -47.41 15.44
N ARG A 143 18.90 -46.38 16.18
CA ARG A 143 17.54 -45.90 16.18
C ARG A 143 17.15 -45.34 14.82
N GLU A 144 18.11 -44.71 14.13
CA GLU A 144 17.84 -44.13 12.83
C GLU A 144 17.68 -45.18 11.75
N LEU A 145 18.53 -46.20 11.73
CA LEU A 145 18.38 -47.28 10.76
C LEU A 145 17.08 -48.04 10.99
N CYS A 146 16.66 -48.16 12.24
CA CYS A 146 15.38 -48.80 12.50
C CYS A 146 14.21 -47.93 12.05
N ALA A 147 14.42 -46.64 11.81
CA ALA A 147 13.30 -45.75 11.48
C ALA A 147 12.84 -45.89 10.03
N VAL A 148 13.76 -46.05 9.08
CA VAL A 148 13.36 -46.49 7.74
C VAL A 148 12.73 -47.88 7.81
N ILE A 149 13.43 -48.84 8.42
CA ILE A 149 13.11 -50.25 8.28
C ILE A 149 11.80 -50.59 8.99
N ALA A 150 11.39 -49.76 9.96
CA ALA A 150 10.05 -49.86 10.51
C ALA A 150 9.02 -49.19 9.60
N SER A 151 9.35 -48.00 9.08
CA SER A 151 8.43 -47.29 8.19
C SER A 151 8.24 -48.02 6.87
N LEU A 152 9.28 -48.72 6.42
CA LEU A 152 9.22 -49.48 5.20
C LEU A 152 8.45 -50.78 5.39
N ASP A 153 8.24 -51.20 6.65
CA ASP A 153 7.28 -52.27 6.94
C ASP A 153 5.85 -51.76 6.86
N VAL A 154 5.60 -50.59 7.44
CA VAL A 154 4.22 -50.10 7.60
C VAL A 154 3.64 -49.71 6.25
N TRP A 155 4.47 -49.14 5.37
CA TRP A 155 3.95 -48.65 4.10
C TRP A 155 3.65 -49.79 3.15
N TYR A 156 4.60 -50.69 2.94
CA TYR A 156 4.41 -51.77 1.97
C TYR A 156 3.77 -53.00 2.56
N GLN A 157 3.47 -53.00 3.87
CA GLN A 157 2.59 -53.92 4.59
C GLN A 157 3.21 -55.32 4.76
N THR A 158 4.32 -55.59 4.08
CA THR A 158 4.98 -56.89 4.14
C THR A 158 6.42 -56.69 4.57
N THR A 159 7.18 -57.79 4.51
CA THR A 159 8.57 -57.81 4.91
C THR A 159 9.37 -58.57 3.86
N ASN A 160 8.79 -58.75 2.69
CA ASN A 160 9.46 -59.37 1.55
C ASN A 160 10.20 -58.32 0.72
N TYR A 161 10.29 -57.07 1.22
CA TYR A 161 11.14 -56.14 0.48
C TYR A 161 12.60 -56.47 0.73
N PRO A 162 13.45 -56.33 -0.28
CA PRO A 162 14.84 -56.80 -0.17
C PRO A 162 15.84 -55.81 0.42
N LEU A 163 15.42 -54.74 1.07
CA LEU A 163 16.40 -53.92 1.77
C LEU A 163 16.80 -54.56 3.09
N ARG A 164 15.86 -55.23 3.76
CA ARG A 164 16.15 -55.89 5.03
C ARG A 164 17.13 -57.05 4.85
N THR A 165 17.21 -57.62 3.65
CA THR A 165 18.21 -58.65 3.41
C THR A 165 19.62 -58.06 3.39
N TYR A 166 19.77 -56.82 2.92
CA TYR A 166 21.03 -56.13 3.10
C TYR A 166 21.25 -55.73 4.55
N VAL A 167 20.18 -55.52 5.32
CA VAL A 167 20.34 -55.31 6.75
C VAL A 167 20.81 -56.59 7.42
N LYS A 168 20.35 -57.74 6.95
CA LYS A 168 20.75 -59.00 7.56
C LYS A 168 22.12 -59.48 7.10
N LEU A 169 22.45 -59.38 5.82
CA LEU A 169 23.68 -60.01 5.34
C LEU A 169 24.91 -59.16 5.61
N LEU A 170 24.78 -57.83 5.60
CA LEU A 170 25.95 -56.99 5.82
C LEU A 170 26.39 -57.03 7.28
N PHE A 171 25.44 -57.13 8.20
CA PHE A 171 25.79 -57.23 9.62
C PHE A 171 24.74 -58.06 10.32
N HIS A 172 25.19 -59.17 10.92
CA HIS A 172 24.39 -59.99 11.83
C HIS A 172 25.36 -60.89 12.56
N LYS A 173 25.38 -60.83 13.89
CA LYS A 173 26.26 -61.70 14.66
C LYS A 173 25.60 -62.39 15.85
N GLY A 174 24.28 -62.27 16.00
CA GLY A 174 23.51 -63.19 16.82
C GLY A 174 23.43 -62.97 18.31
N ASP A 175 24.12 -61.94 18.81
CA ASP A 175 23.99 -61.65 20.24
C ASP A 175 23.54 -60.21 20.44
N GLU A 176 24.04 -59.33 19.57
CA GLU A 176 24.04 -57.89 19.80
C GLU A 176 24.56 -57.27 18.51
N PHE A 177 24.38 -55.95 18.38
CA PHE A 177 24.82 -55.21 17.22
C PHE A 177 26.34 -55.30 17.09
N PRO A 178 26.86 -55.21 15.85
CA PRO A 178 28.32 -55.27 15.65
C PRO A 178 29.08 -54.09 16.22
N PHE A 179 28.40 -52.97 16.49
CA PHE A 179 29.03 -51.75 16.96
C PHE A 179 27.95 -50.79 17.43
N TYR A 180 28.28 -50.02 18.46
CA TYR A 180 27.39 -48.96 18.91
C TYR A 180 28.26 -47.76 19.19
N GLU A 181 27.61 -46.64 19.48
CA GLU A 181 28.33 -45.45 19.90
C GLU A 181 27.87 -45.04 21.27
N SER A 182 28.82 -44.55 22.03
CA SER A 182 28.93 -44.35 23.47
C SER A 182 28.03 -43.35 24.19
N PRO A 183 27.24 -42.51 23.53
CA PRO A 183 27.53 -41.06 23.48
C PRO A 183 28.51 -40.44 24.46
N SER A 184 28.54 -40.77 25.75
CA SER A 184 29.35 -40.05 26.72
C SER A 184 30.86 -40.15 26.44
N GLN A 185 31.33 -41.29 25.91
CA GLN A 185 32.77 -41.44 25.66
C GLN A 185 33.11 -41.18 24.19
N ASP A 186 32.09 -40.83 23.40
CA ASP A 186 32.13 -40.10 22.12
C ASP A 186 32.61 -40.93 20.93
N ARG A 187 33.11 -42.14 21.15
CA ARG A 187 33.56 -42.90 20.00
C ARG A 187 32.59 -44.04 19.69
N ILE A 188 32.65 -44.52 18.45
CA ILE A 188 32.06 -45.82 18.14
C ILE A 188 32.96 -46.92 18.69
N ILE A 189 32.43 -47.70 19.63
CA ILE A 189 33.17 -48.82 20.18
C ILE A 189 32.59 -50.10 19.61
N PHE A 190 33.46 -51.02 19.21
CA PHE A 190 33.05 -52.19 18.46
C PHE A 190 32.75 -53.35 19.41
N ASN A 191 31.98 -54.31 18.90
CA ASN A 191 31.75 -55.55 19.62
C ASN A 191 32.15 -56.76 18.81
N ASP A 192 32.37 -56.61 17.51
CA ASP A 192 33.03 -57.65 16.71
C ASP A 192 34.21 -56.96 16.05
N LYS A 193 35.41 -57.51 16.27
CA LYS A 193 36.61 -56.92 15.69
C LYS A 193 36.88 -57.43 14.29
N SER A 194 36.14 -58.44 13.83
CA SER A 194 36.32 -59.00 12.51
C SER A 194 35.42 -58.35 11.47
N VAL A 195 34.63 -57.37 11.85
CA VAL A 195 33.69 -56.75 10.92
C VAL A 195 34.39 -55.59 10.24
N ALA A 196 33.88 -55.16 9.10
CA ALA A 196 34.57 -54.20 8.25
C ALA A 196 34.65 -52.83 8.94
N SER A 197 35.74 -52.12 8.63
CA SER A 197 35.99 -50.80 9.18
C SER A 197 35.03 -49.75 8.66
N ILE A 198 34.42 -50.02 7.51
CA ILE A 198 33.64 -49.06 6.75
C ILE A 198 32.15 -49.14 7.05
N LEU A 199 31.72 -50.18 7.77
CA LEU A 199 30.32 -50.46 8.07
C LEU A 199 29.49 -49.36 8.76
N PRO A 200 30.00 -48.55 9.71
CA PRO A 200 29.18 -47.43 10.22
C PRO A 200 28.80 -46.37 9.18
N THR A 201 29.41 -46.37 8.00
CA THR A 201 28.86 -45.61 6.89
C THR A 201 27.69 -46.35 6.23
N PHE A 202 27.74 -47.69 6.21
CA PHE A 202 26.71 -48.47 5.53
C PHE A 202 25.41 -48.55 6.28
N VAL A 203 25.39 -48.15 7.54
CA VAL A 203 24.12 -47.85 8.15
C VAL A 203 23.45 -46.72 7.39
N TYR A 204 24.19 -45.62 7.17
CA TYR A 204 23.65 -44.42 6.53
C TYR A 204 23.36 -44.62 5.06
N THR A 205 24.03 -45.58 4.41
CA THR A 205 23.68 -45.88 3.03
C THR A 205 22.42 -46.72 2.95
N CYS A 206 22.27 -47.71 3.84
CA CYS A 206 21.00 -48.41 3.98
C CYS A 206 19.90 -47.49 4.48
N CYS A 207 20.26 -46.47 5.25
CA CYS A 207 19.32 -45.44 5.65
C CYS A 207 18.83 -44.64 4.46
N GLN A 208 19.76 -44.25 3.57
CA GLN A 208 19.41 -43.32 2.50
C GLN A 208 18.68 -44.01 1.37
N VAL A 209 19.07 -45.25 1.05
CA VAL A 209 18.40 -45.98 -0.01
C VAL A 209 16.96 -46.30 0.38
N GLY A 210 16.75 -46.63 1.66
CA GLY A 210 15.38 -46.83 2.13
C GLY A 210 14.59 -45.55 2.21
N THR A 211 15.27 -44.42 2.40
CA THR A 211 14.62 -43.13 2.22
C THR A 211 14.21 -42.93 0.77
N ALA A 212 15.05 -43.41 -0.15
CA ALA A 212 14.74 -43.28 -1.57
C ALA A 212 13.68 -44.28 -2.01
N ILE A 213 13.64 -45.47 -1.38
CA ILE A 213 12.55 -46.40 -1.64
C ILE A 213 11.23 -45.82 -1.17
N MET A 214 11.25 -45.15 -0.01
CA MET A 214 10.04 -44.58 0.56
C MET A 214 9.58 -43.36 -0.22
N SER A 215 10.54 -42.59 -0.74
CA SER A 215 10.23 -41.39 -1.52
C SER A 215 9.55 -41.74 -2.84
N GLY A 216 9.82 -42.92 -3.36
CA GLY A 216 9.17 -43.31 -4.59
C GLY A 216 10.10 -43.09 -5.75
N ILE A 217 11.29 -42.58 -5.46
CA ILE A 217 12.31 -42.38 -6.49
C ILE A 217 12.77 -43.72 -7.02
N LEU A 218 13.08 -44.63 -6.10
CA LEU A 218 13.50 -45.99 -6.43
C LEU A 218 12.44 -46.98 -6.01
N THR A 219 12.20 -47.98 -6.84
CA THR A 219 11.40 -49.11 -6.42
C THR A 219 12.26 -50.13 -5.68
N HIS A 220 11.68 -51.30 -5.40
CA HIS A 220 12.40 -52.32 -4.67
C HIS A 220 13.49 -52.96 -5.52
N VAL A 221 13.16 -53.33 -6.76
CA VAL A 221 14.15 -54.00 -7.61
C VAL A 221 15.23 -53.02 -8.04
N GLU A 222 14.92 -51.73 -8.04
CA GLU A 222 15.93 -50.75 -8.40
C GLU A 222 16.93 -50.57 -7.27
N SER A 223 16.47 -50.69 -6.03
CA SER A 223 17.36 -50.57 -4.88
C SER A 223 18.32 -51.74 -4.79
N ILE A 224 18.03 -52.85 -5.47
CA ILE A 224 19.01 -53.92 -5.60
C ILE A 224 20.18 -53.46 -6.46
N VAL A 225 19.87 -52.82 -7.58
CA VAL A 225 20.89 -52.27 -8.46
C VAL A 225 21.62 -51.12 -7.76
N ALA A 226 20.94 -50.42 -6.86
CA ALA A 226 21.57 -49.39 -6.05
C ALA A 226 22.60 -50.00 -5.10
N MET A 227 22.13 -50.86 -4.19
CA MET A 227 22.94 -51.40 -3.09
C MET A 227 24.14 -52.21 -3.56
N ASN A 228 24.01 -52.90 -4.69
CA ASN A 228 25.13 -53.63 -5.27
C ASN A 228 26.20 -52.67 -5.77
N HIS A 229 25.78 -51.49 -6.23
CA HIS A 229 26.74 -50.51 -6.70
C HIS A 229 27.49 -49.88 -5.54
N PHE A 230 26.82 -49.67 -4.41
CA PHE A 230 27.48 -49.11 -3.24
C PHE A 230 28.50 -50.09 -2.67
N LEU A 231 28.13 -51.37 -2.57
CA LEU A 231 29.06 -52.36 -2.02
C LEU A 231 30.21 -52.63 -2.98
N HIS A 232 29.99 -52.40 -4.28
CA HIS A 232 31.09 -52.52 -5.23
C HIS A 232 32.06 -51.35 -5.10
N CYS A 233 31.57 -50.19 -4.65
CA CYS A 233 32.45 -49.05 -4.37
C CYS A 233 33.30 -49.33 -3.14
N ALA A 234 32.84 -50.23 -2.27
CA ALA A 234 33.47 -50.48 -0.98
C ALA A 234 34.57 -51.51 -1.03
N LYS A 235 34.98 -51.93 -2.23
CA LYS A 235 35.98 -52.98 -2.31
C LYS A 235 37.36 -52.49 -1.90
N ASP A 236 37.69 -51.24 -2.24
CA ASP A 236 39.01 -50.71 -1.95
C ASP A 236 38.99 -49.39 -1.19
N SER A 237 38.10 -48.48 -1.55
CA SER A 237 37.88 -47.24 -0.79
C SER A 237 36.49 -46.73 -1.12
N TYR A 238 35.62 -46.64 -0.12
CA TYR A 238 34.19 -46.46 -0.38
C TYR A 238 33.87 -45.06 -0.87
N ILE A 239 34.74 -44.09 -0.59
CA ILE A 239 34.45 -42.74 -1.06
C ILE A 239 35.31 -42.36 -2.28
N ASP A 240 36.57 -42.81 -2.32
CA ASP A 240 37.45 -42.56 -3.46
C ASP A 240 36.89 -43.18 -4.74
N GLU A 241 36.25 -44.34 -4.62
CA GLU A 241 35.56 -44.90 -5.77
C GLU A 241 34.29 -44.11 -6.08
N LYS A 242 33.65 -43.54 -5.06
CA LYS A 242 32.40 -42.83 -5.27
C LYS A 242 32.62 -41.48 -5.95
N LEU A 243 33.73 -40.82 -5.65
CA LEU A 243 33.98 -39.51 -6.24
C LEU A 243 34.35 -39.58 -7.72
N LYS A 244 34.83 -40.72 -8.20
CA LYS A 244 35.08 -40.87 -9.63
C LYS A 244 33.80 -41.26 -10.38
N ILE A 245 32.89 -41.96 -9.72
CA ILE A 245 31.62 -42.32 -10.31
C ILE A 245 30.67 -41.13 -10.32
N LYS A 246 30.85 -40.20 -9.37
CA LYS A 246 30.01 -39.02 -9.17
C LYS A 246 29.92 -38.15 -10.42
N GLY A 247 30.98 -38.07 -11.22
CA GLY A 247 30.95 -37.29 -12.44
C GLY A 247 30.30 -38.00 -13.60
N ILE A 248 30.55 -39.30 -13.74
CA ILE A 248 30.06 -40.04 -14.90
C ILE A 248 28.58 -40.36 -14.75
N GLY A 249 28.19 -40.83 -13.58
CA GLY A 249 26.87 -41.40 -13.38
C GLY A 249 25.68 -40.47 -13.41
N ARG A 250 25.89 -39.18 -13.65
CA ARG A 250 24.76 -38.27 -13.83
C ARG A 250 24.91 -37.38 -15.04
N SER A 251 25.94 -37.59 -15.86
CA SER A 251 26.11 -36.81 -17.08
C SER A 251 25.39 -37.47 -18.24
N TRP A 252 24.71 -38.58 -17.98
CA TRP A 252 24.20 -39.42 -19.04
C TRP A 252 22.83 -39.00 -19.56
N TYR A 253 22.16 -38.04 -18.93
CA TYR A 253 20.79 -37.72 -19.31
C TYR A 253 20.74 -36.97 -20.64
N GLN A 254 21.82 -36.26 -20.98
CA GLN A 254 21.90 -35.52 -22.24
C GLN A 254 21.93 -36.44 -23.44
N GLU A 255 22.37 -37.69 -23.25
CA GLU A 255 22.13 -38.68 -24.30
C GLU A 255 20.67 -39.11 -24.32
N ALA A 256 20.09 -39.35 -23.14
CA ALA A 256 18.73 -39.89 -23.08
C ALA A 256 17.70 -38.84 -23.48
N LEU A 257 17.98 -37.56 -23.22
CA LEU A 257 17.11 -36.51 -23.71
C LEU A 257 17.25 -36.33 -25.21
N HIS A 258 18.41 -36.71 -25.75
CA HIS A 258 18.62 -36.62 -27.20
C HIS A 258 17.85 -37.71 -27.94
N ASN A 259 17.66 -38.82 -27.26
CA ASN A 259 17.14 -40.03 -27.89
C ASN A 259 15.63 -40.09 -27.81
N VAL A 260 15.04 -39.11 -27.17
CA VAL A 260 13.65 -39.17 -26.74
C VAL A 260 12.74 -38.50 -27.73
N CYS A 261 13.25 -38.19 -28.90
CA CYS A 261 13.79 -36.88 -29.17
C CYS A 261 12.72 -35.86 -29.00
N GLN A 262 11.56 -36.10 -29.55
CA GLN A 262 10.63 -35.00 -29.69
C GLN A 262 9.68 -35.12 -28.55
N ALA A 263 9.59 -34.04 -27.79
CA ALA A 263 9.12 -34.10 -26.41
C ALA A 263 8.33 -32.84 -26.15
N THR A 264 7.15 -33.02 -25.56
CA THR A 264 6.13 -31.98 -25.50
C THR A 264 6.12 -31.33 -24.11
N VAL A 265 6.38 -30.04 -24.07
CA VAL A 265 6.80 -29.37 -22.83
C VAL A 265 5.90 -28.17 -22.60
N PRO A 266 5.80 -27.71 -21.35
CA PRO A 266 5.20 -26.40 -21.10
C PRO A 266 6.17 -25.29 -21.48
N VAL A 267 5.62 -24.10 -21.68
CA VAL A 267 6.45 -22.90 -21.77
C VAL A 267 5.95 -21.89 -20.76
N TRP A 268 6.80 -20.91 -20.49
CA TRP A 268 6.53 -19.90 -19.48
C TRP A 268 6.51 -18.52 -20.12
N SER A 269 6.03 -17.55 -19.37
CA SER A 269 6.02 -16.18 -19.81
C SER A 269 7.14 -15.43 -19.11
N GLN A 270 7.29 -14.15 -19.49
CA GLN A 270 8.22 -13.25 -18.85
C GLN A 270 7.98 -13.13 -17.35
N PHE A 271 6.72 -13.12 -16.94
CA PHE A 271 6.31 -12.93 -15.56
C PHE A 271 5.84 -14.23 -14.92
N ASN A 272 6.50 -15.34 -15.30
CA ASN A 272 6.39 -16.73 -14.88
C ASN A 272 5.00 -17.23 -14.48
N GLU A 273 4.06 -17.10 -15.40
CA GLU A 273 2.87 -17.94 -15.40
C GLU A 273 2.99 -18.84 -16.62
N VAL A 274 2.36 -19.99 -16.57
CA VAL A 274 2.36 -20.85 -17.74
C VAL A 274 1.38 -20.29 -18.77
N ILE A 275 1.88 -19.99 -19.96
CA ILE A 275 1.02 -19.47 -21.02
C ILE A 275 0.80 -20.46 -22.15
N GLY A 276 1.69 -21.43 -22.37
CA GLY A 276 1.49 -22.30 -23.50
C GLY A 276 2.18 -23.63 -23.32
N HIS A 277 1.86 -24.55 -24.23
CA HIS A 277 2.64 -25.77 -24.34
C HIS A 277 2.95 -26.00 -25.81
N ARG A 278 4.16 -26.45 -26.08
CA ARG A 278 4.63 -26.69 -27.44
C ARG A 278 5.45 -27.96 -27.45
N THR A 279 5.62 -28.57 -28.61
CA THR A 279 6.40 -29.80 -28.67
C THR A 279 7.74 -29.59 -29.32
N LYS A 280 8.82 -29.58 -28.56
CA LYS A 280 10.04 -28.99 -29.06
C LYS A 280 11.12 -30.03 -29.01
N SER A 281 11.81 -30.24 -30.11
CA SER A 281 12.40 -31.53 -30.31
C SER A 281 13.87 -31.50 -29.97
N THR A 282 14.25 -32.34 -29.02
CA THR A 282 15.26 -31.99 -28.04
C THR A 282 16.61 -32.32 -28.60
N SER A 283 16.62 -32.88 -29.79
CA SER A 283 17.86 -33.34 -30.37
C SER A 283 18.93 -32.29 -30.14
N GLU A 284 19.79 -32.56 -29.16
CA GLU A 284 20.96 -31.75 -28.88
C GLU A 284 21.86 -31.69 -30.12
N PRO A 285 22.56 -30.56 -30.35
CA PRO A 285 23.15 -30.32 -31.67
C PRO A 285 24.35 -31.20 -32.03
N HIS A 286 24.97 -30.89 -33.17
CA HIS A 286 25.94 -31.79 -33.76
C HIS A 286 27.25 -31.85 -33.00
N PHE A 287 27.61 -30.80 -32.28
CA PHE A 287 28.91 -30.76 -31.64
C PHE A 287 28.91 -31.37 -30.24
N VAL A 288 27.74 -31.55 -29.61
CA VAL A 288 27.67 -32.32 -28.38
C VAL A 288 27.37 -33.79 -28.63
N SER A 289 26.97 -34.15 -29.86
CA SER A 289 26.94 -35.55 -30.24
C SER A 289 28.33 -36.12 -30.40
N SER A 290 29.33 -35.27 -30.64
CA SER A 290 30.73 -35.69 -30.60
C SER A 290 31.25 -35.85 -29.18
N THR A 291 30.60 -35.25 -28.19
CA THR A 291 30.94 -35.49 -26.80
C THR A 291 30.29 -36.73 -26.24
N PHE A 292 29.39 -37.35 -26.99
CA PHE A 292 28.76 -38.59 -26.53
C PHE A 292 29.69 -39.78 -26.73
N ILE A 293 30.47 -39.78 -27.82
CA ILE A 293 31.35 -40.90 -28.13
C ILE A 293 32.50 -40.95 -27.12
N SER A 294 33.01 -39.80 -26.71
CA SER A 294 34.09 -39.77 -25.74
C SER A 294 33.61 -40.12 -24.34
N LEU A 295 32.36 -39.84 -24.01
CA LEU A 295 31.88 -40.04 -22.65
C LEU A 295 31.41 -41.46 -22.40
N ARG A 296 30.78 -42.10 -23.41
CA ARG A 296 30.26 -43.45 -23.23
C ARG A 296 31.36 -44.50 -23.13
N ALA A 297 32.57 -44.20 -23.59
CA ALA A 297 33.69 -45.10 -23.33
C ALA A 297 34.08 -45.06 -21.85
N LYS A 298 34.08 -43.86 -21.26
CA LYS A 298 34.34 -43.75 -19.83
C LYS A 298 33.19 -44.29 -18.99
N ARG A 299 31.98 -44.37 -19.55
CA ARG A 299 30.87 -44.99 -18.84
C ARG A 299 31.05 -46.49 -18.74
N ALA A 300 31.73 -47.09 -19.73
CA ALA A 300 31.77 -48.55 -19.82
C ALA A 300 32.73 -49.15 -18.79
N GLU A 301 33.86 -48.50 -18.55
CA GLU A 301 34.90 -49.12 -17.74
C GLU A 301 34.97 -48.60 -16.31
N LEU A 302 34.55 -47.37 -16.05
CA LEU A 302 34.63 -46.83 -14.70
C LEU A 302 33.48 -47.27 -13.80
N LEU A 303 32.47 -47.93 -14.35
CA LEU A 303 31.26 -48.25 -13.61
C LEU A 303 31.11 -49.76 -13.41
N TYR A 304 30.33 -50.12 -12.39
CA TYR A 304 29.95 -51.50 -12.19
C TYR A 304 29.00 -51.91 -13.32
N PRO A 305 29.19 -53.10 -13.90
CA PRO A 305 28.45 -53.44 -15.12
C PRO A 305 26.95 -53.61 -14.95
N GLU A 306 26.45 -53.85 -13.73
CA GLU A 306 25.00 -53.86 -13.55
C GLU A 306 24.46 -52.44 -13.39
N PHE A 307 25.22 -51.56 -12.73
CA PHE A 307 24.90 -50.15 -12.73
C PHE A 307 25.03 -49.55 -14.13
N ASN A 308 25.95 -50.08 -14.93
CA ASN A 308 26.06 -49.65 -16.32
C ASN A 308 24.89 -50.16 -17.14
N ALA A 309 24.48 -51.41 -16.92
CA ALA A 309 23.36 -51.96 -17.66
C ALA A 309 22.04 -51.32 -17.27
N TYR A 310 21.93 -50.77 -16.07
CA TYR A 310 20.74 -50.00 -15.72
C TYR A 310 20.71 -48.67 -16.49
N ILE A 311 21.87 -48.11 -16.77
CA ILE A 311 21.93 -46.83 -17.49
C ILE A 311 21.62 -47.04 -18.95
N ASN A 312 22.19 -48.07 -19.57
CA ASN A 312 22.01 -48.32 -21.00
C ASN A 312 20.58 -48.73 -21.34
N ARG A 313 19.82 -49.19 -20.36
CA ARG A 313 18.38 -49.37 -20.59
C ARG A 313 17.66 -48.04 -20.57
N ALA A 314 18.13 -47.07 -19.77
CA ALA A 314 17.45 -45.79 -19.67
C ALA A 314 17.72 -44.90 -20.87
N ILE A 315 18.82 -45.14 -21.60
CA ILE A 315 18.99 -44.48 -22.89
C ILE A 315 18.01 -45.04 -23.91
N GLN A 316 17.88 -46.38 -23.95
CA GLN A 316 17.14 -47.00 -25.03
C GLN A 316 15.64 -47.04 -24.78
N LEU A 317 15.20 -47.28 -23.55
CA LEU A 317 13.78 -47.48 -23.31
C LEU A 317 13.00 -46.18 -23.23
N SER A 318 13.66 -45.06 -22.95
CA SER A 318 12.99 -43.80 -22.65
C SER A 318 12.19 -43.28 -23.82
N LYS A 319 10.92 -42.91 -23.57
CA LYS A 319 9.99 -42.51 -24.61
C LYS A 319 9.46 -41.09 -24.47
N THR A 320 9.38 -40.55 -23.26
CA THR A 320 8.97 -39.18 -23.05
C THR A 320 10.06 -38.42 -22.31
N GLN A 321 9.86 -37.11 -22.22
CA GLN A 321 10.72 -36.29 -21.38
C GLN A 321 10.47 -36.56 -19.91
N ASN A 322 9.24 -36.94 -19.57
CA ASN A 322 8.92 -37.41 -18.22
C ASN A 322 9.69 -38.69 -17.89
N ASP A 323 9.97 -39.51 -18.91
CA ASP A 323 10.55 -40.83 -18.66
C ASP A 323 12.02 -40.74 -18.28
N VAL A 324 12.76 -39.79 -18.88
CA VAL A 324 14.16 -39.58 -18.51
C VAL A 324 14.25 -39.03 -17.09
N ALA A 325 13.30 -38.15 -16.71
CA ALA A 325 13.21 -37.65 -15.34
C ALA A 325 12.98 -38.75 -14.32
N ASN A 326 12.32 -39.83 -14.72
CA ASN A 326 12.12 -40.93 -13.81
C ASN A 326 13.44 -41.61 -13.52
N TYR A 327 14.23 -41.87 -14.56
CA TYR A 327 15.48 -42.58 -14.37
C TYR A 327 16.57 -41.69 -13.79
N TYR A 328 16.54 -40.39 -14.07
CA TYR A 328 17.67 -39.54 -13.70
C TYR A 328 17.74 -39.30 -12.20
N ALA A 329 16.60 -38.99 -11.58
CA ALA A 329 16.57 -38.86 -10.13
C ALA A 329 16.83 -40.21 -9.46
N ALA A 330 16.52 -41.29 -10.16
CA ALA A 330 16.68 -42.63 -9.60
C ALA A 330 18.10 -43.15 -9.80
N CYS A 331 18.76 -42.75 -10.89
CA CYS A 331 20.18 -43.06 -11.04
C CYS A 331 21.03 -42.13 -10.19
N ARG A 332 20.51 -40.97 -9.82
CA ARG A 332 21.28 -40.06 -8.99
C ARG A 332 21.38 -40.55 -7.56
N ALA A 333 20.31 -41.13 -7.02
CA ALA A 333 20.35 -41.67 -5.67
C ALA A 333 21.13 -42.98 -5.58
N MET A 334 21.54 -43.55 -6.70
CA MET A 334 22.45 -44.69 -6.69
C MET A 334 23.91 -44.28 -6.55
N THR A 335 24.23 -43.02 -6.77
CA THR A 335 25.60 -42.54 -6.69
C THR A 335 25.88 -41.76 -5.42
N ASN A 336 24.90 -41.62 -4.54
CA ASN A 336 25.02 -40.84 -3.33
C ASN A 336 24.32 -41.59 -2.21
N ASP A 337 24.83 -41.43 -0.99
CA ASP A 337 24.14 -41.86 0.20
C ASP A 337 23.83 -40.71 1.16
N GLY A 338 24.14 -39.48 0.76
CA GLY A 338 23.99 -38.33 1.62
C GLY A 338 24.96 -38.24 2.77
N THR A 339 25.81 -39.24 2.98
CA THR A 339 26.79 -39.19 4.05
C THR A 339 27.81 -38.12 3.76
N PHE A 340 28.06 -37.25 4.74
CA PHE A 340 29.03 -36.19 4.53
C PHE A 340 30.43 -36.78 4.67
N LEU A 341 31.31 -36.46 3.74
CA LEU A 341 32.48 -37.28 3.46
C LEU A 341 33.60 -36.86 4.41
N ALA A 342 33.69 -37.51 5.57
CA ALA A 342 34.50 -37.04 6.67
C ALA A 342 35.70 -37.94 6.89
N THR A 343 36.90 -37.36 6.79
CA THR A 343 38.14 -37.97 7.25
C THR A 343 38.90 -36.93 8.05
N LEU A 344 40.09 -37.31 8.51
CA LEU A 344 40.97 -36.34 9.13
C LEU A 344 41.53 -35.43 8.06
N THR A 345 41.57 -34.13 8.35
CA THR A 345 41.80 -33.13 7.32
C THR A 345 43.24 -33.03 6.87
N GLU A 346 44.16 -33.78 7.49
CA GLU A 346 45.50 -33.89 6.93
C GLU A 346 45.50 -34.69 5.64
N LEU A 347 44.50 -35.55 5.45
CA LEU A 347 44.43 -36.35 4.23
C LEU A 347 43.92 -35.55 3.06
N SER A 348 43.08 -34.55 3.32
CA SER A 348 42.41 -33.79 2.28
C SER A 348 43.03 -32.42 2.05
N LEU A 349 44.10 -32.10 2.76
CA LEU A 349 44.78 -30.83 2.52
C LEU A 349 45.42 -30.82 1.15
N ASP A 350 45.97 -31.96 0.74
CA ASP A 350 46.51 -32.13 -0.59
C ASP A 350 45.43 -32.09 -1.67
N ALA A 351 44.26 -32.67 -1.41
CA ALA A 351 43.24 -32.76 -2.44
C ALA A 351 42.42 -31.48 -2.59
N ALA A 352 42.06 -30.81 -1.48
CA ALA A 352 41.06 -29.75 -1.53
C ALA A 352 41.66 -28.37 -1.78
N VAL A 353 42.57 -27.92 -0.91
CA VAL A 353 43.00 -26.53 -0.94
C VAL A 353 44.44 -26.42 -1.40
N PHE A 354 44.93 -27.43 -2.09
CA PHE A 354 46.24 -27.19 -2.67
C PHE A 354 46.07 -26.44 -3.99
N PRO A 355 46.87 -25.39 -4.22
CA PRO A 355 46.69 -24.59 -5.44
C PRO A 355 47.20 -25.33 -6.67
N ARG A 356 46.36 -25.36 -7.69
CA ARG A 356 46.72 -25.91 -8.98
C ARG A 356 46.93 -24.76 -9.97
N ILE A 357 47.86 -24.96 -10.90
CA ILE A 357 47.97 -24.04 -12.02
C ILE A 357 47.59 -24.81 -13.26
N GLU A 358 46.34 -24.64 -13.67
CA GLU A 358 45.89 -24.96 -15.00
C GLU A 358 46.40 -23.93 -15.99
N GLN A 359 46.31 -24.21 -17.28
CA GLN A 359 47.29 -23.73 -18.24
C GLN A 359 46.89 -22.42 -18.87
N HIS A 360 47.14 -21.29 -18.21
CA HIS A 360 48.21 -20.38 -18.56
C HIS A 360 48.66 -19.72 -17.29
N LEU A 361 49.88 -19.20 -17.27
CA LEU A 361 50.18 -18.11 -16.39
C LEU A 361 49.44 -16.85 -16.79
N VAL A 362 49.07 -16.08 -15.78
CA VAL A 362 48.42 -14.78 -15.91
C VAL A 362 49.47 -13.71 -15.63
N THR A 363 49.60 -12.74 -16.53
CA THR A 363 50.66 -11.76 -16.43
C THR A 363 50.20 -10.56 -15.60
N ARG A 364 51.14 -9.65 -15.33
CA ARG A 364 50.94 -8.60 -14.34
C ARG A 364 50.49 -7.29 -14.98
N PRO A 365 49.94 -6.37 -14.17
CA PRO A 365 49.67 -5.02 -14.65
C PRO A 365 50.86 -4.10 -14.81
N ALA A 366 50.74 -3.15 -15.72
CA ALA A 366 51.61 -1.98 -15.68
C ALA A 366 51.27 -1.14 -14.46
N VAL A 367 52.14 -1.18 -13.46
CA VAL A 367 51.99 -0.38 -12.26
C VAL A 367 52.22 1.08 -12.63
N LEU A 368 51.21 1.92 -12.40
CA LEU A 368 51.31 3.34 -12.71
C LEU A 368 51.77 4.14 -11.51
N MET A 369 51.29 3.80 -10.32
CA MET A 369 51.67 4.52 -9.12
C MET A 369 52.16 3.55 -8.05
N SER A 370 53.08 4.02 -7.23
CA SER A 370 53.64 3.24 -6.14
C SER A 370 53.97 4.20 -5.01
N ASN A 371 53.72 3.81 -3.77
CA ASN A 371 54.10 4.69 -2.67
C ASN A 371 55.59 4.52 -2.33
N THR A 372 56.00 4.99 -1.15
CA THR A 372 57.42 5.04 -0.79
C THR A 372 58.08 3.67 -0.85
N ARG A 373 57.35 2.64 -0.46
CA ARG A 373 57.77 1.28 -0.77
C ARG A 373 57.26 0.90 -2.16
N HIS A 374 58.09 0.19 -2.92
CA HIS A 374 57.73 -0.14 -4.29
C HIS A 374 56.65 -1.22 -4.26
N GLU A 375 55.38 -0.80 -4.27
CA GLU A 375 54.26 -1.70 -4.24
C GLU A 375 53.13 -1.09 -5.03
N SER A 376 52.16 -1.91 -5.42
CA SER A 376 51.14 -1.48 -6.36
C SER A 376 50.16 -0.52 -5.70
N LEU A 377 49.97 0.64 -6.32
CA LEU A 377 48.99 1.62 -5.85
C LEU A 377 47.92 1.89 -6.90
N LYS A 378 48.31 2.17 -8.14
CA LYS A 378 47.39 2.29 -9.27
C LYS A 378 47.99 1.53 -10.44
N GLN A 379 47.17 0.77 -11.16
CA GLN A 379 47.70 -0.14 -12.15
C GLN A 379 46.65 -0.43 -13.21
N LYS A 380 47.13 -0.70 -14.43
CA LYS A 380 46.30 -0.85 -15.62
C LYS A 380 46.81 -2.02 -16.46
N TYR A 381 45.91 -2.69 -17.17
CA TYR A 381 46.20 -3.92 -17.90
C TYR A 381 46.56 -3.66 -19.36
N THR A 382 47.42 -4.54 -19.91
CA THR A 382 48.02 -4.39 -21.23
C THR A 382 47.86 -5.69 -22.00
N ASN A 383 46.77 -5.85 -22.74
CA ASN A 383 46.59 -6.88 -23.77
C ASN A 383 46.74 -8.30 -23.20
N GLY A 384 45.91 -8.59 -22.20
CA GLY A 384 45.99 -9.88 -21.57
C GLY A 384 44.63 -10.54 -21.49
N VAL A 385 44.37 -11.19 -20.36
CA VAL A 385 43.06 -11.75 -20.09
C VAL A 385 42.35 -10.75 -19.20
N GLY A 386 43.13 -10.07 -18.37
CA GLY A 386 42.59 -9.04 -17.53
C GLY A 386 42.16 -7.79 -18.26
N SER A 387 42.80 -7.47 -19.39
CA SER A 387 42.45 -6.29 -20.16
C SER A 387 41.08 -6.46 -20.80
N ILE A 388 40.72 -7.71 -21.08
CA ILE A 388 39.35 -8.05 -21.44
C ILE A 388 38.42 -7.76 -20.28
N ALA A 389 38.86 -8.04 -19.05
CA ALA A 389 37.99 -7.85 -17.90
C ALA A 389 37.86 -6.39 -17.49
N GLN A 390 38.95 -5.62 -17.56
CA GLN A 390 38.84 -4.20 -17.24
C GLN A 390 38.26 -3.38 -18.38
N SER A 391 38.03 -3.97 -19.55
CA SER A 391 37.29 -3.26 -20.58
C SER A 391 35.84 -3.09 -20.20
N TYR A 392 35.30 -4.05 -19.43
CA TYR A 392 33.96 -3.99 -18.88
C TYR A 392 33.93 -3.28 -17.53
N LEU A 393 34.87 -3.61 -16.65
CA LEU A 393 34.75 -3.25 -15.24
C LEU A 393 35.18 -1.81 -14.93
N SER A 394 36.13 -1.24 -15.66
CA SER A 394 36.68 0.07 -15.32
C SER A 394 35.70 1.21 -15.56
N SER A 395 34.61 0.96 -16.27
CA SER A 395 33.52 1.90 -16.45
C SER A 395 32.72 2.14 -15.19
N PHE A 396 32.77 1.23 -14.21
CA PHE A 396 31.96 1.34 -13.02
C PHE A 396 32.64 2.14 -11.93
N THR A 397 33.92 2.45 -12.10
CA THR A 397 34.69 3.12 -11.07
C THR A 397 34.29 4.58 -10.88
N ASP A 398 33.58 5.17 -11.83
CA ASP A 398 33.10 6.53 -11.67
C ASP A 398 31.77 6.61 -10.93
N GLU A 399 30.99 5.53 -10.90
CA GLU A 399 29.72 5.51 -10.18
C GLU A 399 29.83 4.90 -8.79
N ILE A 400 30.57 3.79 -8.64
CA ILE A 400 30.70 3.11 -7.35
C ILE A 400 31.41 3.99 -6.35
N ALA A 401 32.29 4.87 -6.82
CA ALA A 401 32.93 5.87 -5.97
C ALA A 401 31.96 6.91 -5.41
N LYS A 402 30.69 6.89 -5.83
CA LYS A 402 29.68 7.67 -5.14
C LYS A 402 28.77 6.78 -4.29
N ARG A 403 28.78 5.47 -4.52
CA ARG A 403 28.11 4.58 -3.59
C ARG A 403 29.06 4.04 -2.53
N VAL A 404 30.35 3.89 -2.84
CA VAL A 404 31.29 3.45 -1.81
C VAL A 404 31.79 4.65 -1.03
N ASN A 405 31.58 5.83 -1.60
CA ASN A 405 31.73 7.11 -0.90
C ASN A 405 30.73 7.36 0.19
N GLY A 406 29.47 7.01 -0.07
CA GLY A 406 28.39 7.49 0.75
C GLY A 406 27.91 6.63 1.91
N ARG A 407 28.39 5.39 2.00
CA ARG A 407 28.44 4.67 3.26
C ARG A 407 29.46 5.26 4.19
N HIS A 408 29.19 5.26 5.49
CA HIS A 408 30.28 5.55 6.40
C HIS A 408 30.76 4.30 7.10
N HIS A 409 31.97 3.88 6.79
CA HIS A 409 32.41 2.50 6.92
C HIS A 409 32.53 1.98 8.34
N ASP A 410 32.96 2.83 9.27
CA ASP A 410 33.05 2.43 10.67
C ASP A 410 31.71 1.90 11.18
N GLU A 411 30.61 2.50 10.73
CA GLU A 411 29.27 1.97 10.98
C GLU A 411 29.07 0.59 10.38
N ALA A 412 29.38 0.43 9.09
CA ALA A 412 29.23 -0.86 8.44
C ALA A 412 30.25 -1.88 8.90
N TRP A 413 31.25 -1.45 9.66
CA TRP A 413 32.16 -2.42 10.25
C TRP A 413 31.50 -3.21 11.35
N LEU A 414 30.83 -2.53 12.28
CA LEU A 414 30.26 -3.21 13.42
C LEU A 414 29.04 -4.04 13.05
N ASN A 415 28.45 -3.77 11.89
CA ASN A 415 27.33 -4.59 11.42
C ASN A 415 27.81 -5.78 10.61
N PHE A 416 29.03 -5.75 10.10
CA PHE A 416 29.59 -6.92 9.43
C PHE A 416 30.37 -7.78 10.42
N LEU A 417 30.82 -7.17 11.51
CA LEU A 417 31.45 -7.90 12.59
C LEU A 417 30.44 -8.40 13.62
N THR A 418 29.18 -8.54 13.19
CA THR A 418 28.19 -9.42 13.80
C THR A 418 28.48 -10.85 13.38
N THR A 419 27.53 -11.76 13.60
CA THR A 419 27.69 -13.20 13.41
C THR A 419 28.85 -13.71 14.27
N SER A 420 28.61 -13.93 15.55
CA SER A 420 29.71 -14.30 16.41
C SER A 420 30.30 -15.66 16.03
N SER A 421 31.62 -15.73 15.93
CA SER A 421 32.29 -16.90 15.38
C SER A 421 33.56 -17.28 16.14
N PRO A 422 34.71 -17.31 15.47
CA PRO A 422 36.00 -17.10 16.10
C PRO A 422 36.79 -15.93 15.52
N GLY A 423 37.56 -15.26 16.37
CA GLY A 423 38.93 -14.93 16.05
C GLY A 423 39.83 -16.14 16.11
N ARG A 424 40.97 -16.09 15.43
CA ARG A 424 41.90 -17.19 15.57
C ARG A 424 42.33 -17.27 17.00
N LYS A 425 42.66 -16.14 17.60
CA LYS A 425 43.53 -16.17 18.76
C LYS A 425 42.93 -17.07 19.83
N LEU A 426 43.79 -17.77 20.56
CA LEU A 426 43.51 -17.91 21.97
C LEU A 426 44.21 -16.78 22.72
N THR A 427 43.37 -15.88 23.19
CA THR A 427 43.72 -14.51 23.54
C THR A 427 45.18 -14.31 23.96
N GLU A 428 45.59 -14.66 25.20
CA GLU A 428 46.83 -15.33 25.64
C GLU A 428 46.99 -15.06 27.13
N ILE A 429 48.24 -14.80 27.54
CA ILE A 429 48.51 -14.18 28.85
C ILE A 429 47.56 -13.01 29.18
N GLU A 430 47.16 -12.22 28.17
CA GLU A 430 46.26 -11.10 28.42
C GLU A 430 44.80 -11.51 28.51
N LYS A 431 44.50 -12.80 28.43
CA LYS A 431 43.18 -13.30 28.80
C LYS A 431 42.98 -13.23 30.30
N LEU A 432 44.09 -13.31 31.05
CA LEU A 432 44.03 -13.10 32.49
C LEU A 432 43.82 -11.62 32.80
N GLU A 433 44.41 -10.74 32.00
CA GLU A 433 44.44 -9.30 32.27
C GLU A 433 43.32 -8.61 31.49
N VAL A 434 42.21 -9.32 31.31
CA VAL A 434 40.99 -8.66 30.84
C VAL A 434 39.83 -9.09 31.75
N GLY A 435 39.95 -10.25 32.37
CA GLY A 435 38.90 -10.75 33.24
C GLY A 435 38.56 -12.21 32.97
N GLY A 436 38.14 -12.91 34.03
CA GLY A 436 37.87 -14.33 33.90
C GLY A 436 36.52 -14.61 33.26
N ASP A 437 35.60 -13.65 33.32
CA ASP A 437 34.34 -13.77 32.59
C ASP A 437 34.59 -13.61 31.10
N VAL A 438 35.27 -12.52 30.73
CA VAL A 438 35.52 -12.22 29.32
C VAL A 438 36.64 -13.10 28.77
N ALA A 439 37.30 -13.87 29.63
CA ALA A 439 38.05 -15.04 29.21
C ALA A 439 37.16 -16.02 28.44
N ALA A 440 36.01 -16.37 29.01
CA ALA A 440 35.18 -17.41 28.43
C ALA A 440 34.33 -16.85 27.29
N TRP A 441 34.15 -15.54 27.26
CA TRP A 441 33.47 -14.93 26.12
C TRP A 441 34.34 -14.96 24.88
N SER A 442 35.67 -15.08 25.04
CA SER A 442 36.64 -14.76 24.00
C SER A 442 36.71 -15.80 22.89
N ASN A 443 35.64 -15.94 22.14
CA ASN A 443 35.60 -16.66 20.87
C ASN A 443 34.95 -15.83 19.78
N SER A 444 33.94 -15.03 20.14
CA SER A 444 33.13 -14.31 19.17
C SER A 444 33.93 -13.21 18.48
N ARG A 445 33.47 -12.83 17.29
CA ARG A 445 34.08 -11.70 16.60
C ARG A 445 33.76 -10.39 17.30
N ILE A 446 32.52 -10.25 17.77
CA ILE A 446 32.10 -9.02 18.44
C ILE A 446 32.72 -8.89 19.82
N VAL A 447 33.21 -9.98 20.41
CA VAL A 447 33.84 -9.89 21.73
C VAL A 447 35.34 -9.67 21.59
N MET A 448 36.01 -10.34 20.65
CA MET A 448 37.44 -10.14 20.45
C MET A 448 37.76 -8.77 19.88
N GLN A 449 36.77 -8.09 19.29
CA GLN A 449 36.93 -6.68 18.97
C GLN A 449 36.72 -5.81 20.20
N ALA A 450 35.85 -6.24 21.11
CA ALA A 450 35.57 -5.46 22.31
C ALA A 450 36.72 -5.47 23.30
N VAL A 451 37.39 -6.63 23.45
CA VAL A 451 38.57 -6.73 24.30
C VAL A 451 39.68 -5.83 23.77
N PHE A 452 39.81 -5.74 22.45
CA PHE A 452 40.84 -4.92 21.81
C PHE A 452 40.22 -3.70 21.14
N ALA A 453 39.26 -3.09 21.83
CA ALA A 453 38.60 -1.88 21.34
C ALA A 453 39.55 -0.69 21.30
N ARG A 454 40.55 -0.69 22.17
CA ARG A 454 41.49 0.42 22.23
C ARG A 454 42.43 0.45 21.03
N GLU A 455 42.67 -0.69 20.42
CA GLU A 455 43.71 -0.83 19.40
C GLU A 455 43.19 -0.54 18.00
N TYR A 456 41.88 -0.26 17.88
CA TYR A 456 41.22 -0.21 16.59
C TYR A 456 41.67 0.95 15.72
N ARG A 457 42.11 2.05 16.32
CA ARG A 457 42.60 3.18 15.56
C ARG A 457 44.12 3.21 15.43
N THR A 458 44.81 2.22 15.96
CA THR A 458 46.25 2.25 15.76
C THR A 458 46.63 1.43 14.54
N PRO A 459 47.55 1.92 13.71
CA PRO A 459 47.94 1.17 12.51
C PRO A 459 48.86 -0.01 12.79
N GLU A 460 49.34 -0.16 14.01
CA GLU A 460 50.11 -1.33 14.39
C GLU A 460 49.23 -2.52 14.75
N ARG A 461 47.91 -2.32 14.80
CA ARG A 461 46.99 -3.42 15.03
C ARG A 461 47.03 -4.43 13.88
N ILE A 462 46.95 -3.93 12.65
CA ILE A 462 47.02 -4.82 11.49
C ILE A 462 48.42 -5.36 11.26
N PHE A 463 49.47 -4.67 11.73
CA PHE A 463 50.83 -5.15 11.52
C PHE A 463 51.16 -6.33 12.42
N LYS A 464 50.59 -6.38 13.62
CA LYS A 464 50.84 -7.48 14.54
C LYS A 464 50.03 -8.72 14.24
N SER A 465 49.17 -8.69 13.21
CA SER A 465 48.40 -9.86 12.83
C SER A 465 48.83 -10.45 11.49
N LEU A 466 49.73 -9.79 10.76
CA LEU A 466 50.49 -10.51 9.74
C LEU A 466 51.36 -11.59 10.39
N LYS A 467 51.81 -11.33 11.62
CA LYS A 467 52.58 -12.30 12.40
C LYS A 467 51.72 -13.50 12.80
N ALA A 468 50.42 -13.31 12.93
CA ALA A 468 49.55 -14.40 13.38
C ALA A 468 49.20 -15.31 12.22
N PRO A 469 49.41 -16.62 12.34
CA PRO A 469 49.12 -17.52 11.21
C PRO A 469 47.62 -17.77 11.06
N ILE A 470 47.22 -17.98 9.81
CA ILE A 470 45.83 -18.27 9.50
C ILE A 470 45.58 -19.75 9.70
N LYS A 471 44.53 -20.08 10.49
CA LYS A 471 44.19 -21.46 10.86
C LYS A 471 43.11 -22.02 9.94
N LEU A 472 43.28 -23.28 9.54
CA LEU A 472 42.42 -23.95 8.57
C LEU A 472 41.16 -24.47 9.27
N VAL A 473 40.02 -23.83 9.02
CA VAL A 473 38.73 -24.41 9.38
C VAL A 473 38.41 -25.43 8.29
N GLU A 474 37.78 -26.54 8.66
CA GLU A 474 37.31 -27.47 7.65
C GLU A 474 35.79 -27.54 7.71
N ARG A 475 35.15 -27.60 6.55
CA ARG A 475 33.74 -27.88 6.52
C ARG A 475 33.49 -28.65 5.27
N GLN A 476 32.54 -29.57 5.36
CA GLN A 476 32.27 -30.53 4.31
C GLN A 476 30.83 -30.40 3.81
N GLN A 477 30.60 -30.89 2.61
CA GLN A 477 29.34 -30.80 1.91
C GLN A 477 28.80 -32.20 1.65
N SER A 478 27.74 -32.28 0.85
CA SER A 478 27.07 -33.55 0.63
C SER A 478 27.82 -34.44 -0.37
N ASP A 479 28.31 -33.86 -1.45
CA ASP A 479 28.97 -34.65 -2.48
C ASP A 479 30.38 -34.19 -2.80
N ARG A 480 30.73 -32.94 -2.53
CA ARG A 480 32.12 -32.52 -2.69
C ARG A 480 32.97 -33.20 -1.63
N ARG A 481 34.26 -33.29 -1.93
CA ARG A 481 35.22 -33.87 -1.04
C ARG A 481 35.55 -32.96 0.09
N GLN A 482 36.19 -33.50 1.10
CA GLN A 482 36.37 -32.82 2.37
C GLN A 482 37.12 -31.52 2.12
N ARG A 483 36.43 -30.40 2.34
CA ARG A 483 36.90 -29.10 1.90
C ARG A 483 37.31 -28.26 3.10
N ALA A 484 38.30 -27.40 2.90
CA ALA A 484 38.80 -26.53 3.94
C ALA A 484 38.58 -25.08 3.55
N ILE A 485 38.32 -24.27 4.58
CA ILE A 485 38.23 -22.82 4.47
C ILE A 485 38.82 -22.08 5.67
N SER A 486 39.35 -20.90 5.41
CA SER A 486 40.30 -20.18 6.25
C SER A 486 39.56 -19.28 7.22
N GLY A 487 39.73 -19.52 8.52
CA GLY A 487 39.10 -18.69 9.52
C GLY A 487 40.01 -17.55 9.95
N LEU A 488 39.78 -16.37 9.40
CA LEU A 488 40.65 -15.23 9.60
C LEU A 488 40.32 -14.54 10.91
N ASP A 489 41.34 -14.00 11.57
CA ASP A 489 41.11 -13.21 12.77
C ASP A 489 40.63 -11.81 12.37
N ASN A 490 40.37 -10.97 13.38
CA ASN A 490 39.67 -9.71 13.13
C ASN A 490 40.48 -8.72 12.32
N ASP A 491 41.80 -8.83 12.32
CA ASP A 491 42.59 -7.86 11.57
C ASP A 491 42.85 -8.30 10.14
N ARG A 492 43.00 -9.60 9.92
CA ARG A 492 43.10 -10.07 8.54
C ARG A 492 41.74 -10.02 7.86
N LEU A 493 40.66 -10.08 8.64
CA LEU A 493 39.30 -9.77 8.21
C LEU A 493 39.14 -8.29 7.89
N PHE A 494 39.98 -7.43 8.48
CA PHE A 494 39.83 -6.00 8.28
C PHE A 494 40.33 -5.53 6.92
N LEU A 495 41.44 -6.09 6.45
CA LEU A 495 42.02 -5.63 5.19
C LEU A 495 41.16 -6.05 4.00
N SER A 496 40.44 -7.15 4.14
CA SER A 496 39.60 -7.67 3.08
C SER A 496 38.24 -7.01 3.04
N PHE A 497 37.96 -6.10 3.97
CA PHE A 497 36.62 -5.55 4.11
C PHE A 497 36.35 -4.44 3.11
N MET A 498 37.33 -3.58 2.86
CA MET A 498 37.16 -2.54 1.85
C MET A 498 37.08 -3.13 0.43
N PRO A 499 37.81 -4.18 0.05
CA PRO A 499 37.43 -4.89 -1.18
C PRO A 499 36.08 -5.59 -1.12
N TYR A 500 35.53 -5.87 0.07
CA TYR A 500 34.18 -6.43 0.11
C TYR A 500 33.14 -5.35 -0.11
N THR A 501 33.34 -4.16 0.44
CA THR A 501 32.35 -3.10 0.29
C THR A 501 32.38 -2.49 -1.10
N ILE A 502 33.56 -2.44 -1.74
CA ILE A 502 33.63 -1.95 -3.11
C ILE A 502 32.96 -2.92 -4.07
N GLY A 503 33.30 -4.20 -3.98
CA GLY A 503 32.70 -5.19 -4.85
C GLY A 503 31.27 -5.55 -4.52
N LYS A 504 30.68 -4.97 -3.48
CA LYS A 504 29.28 -5.24 -3.18
C LYS A 504 28.34 -4.38 -4.03
N GLN A 505 28.73 -3.16 -4.39
CA GLN A 505 27.82 -2.26 -5.06
C GLN A 505 27.68 -2.53 -6.55
N ILE A 506 28.46 -3.46 -7.11
CA ILE A 506 28.20 -3.90 -8.48
C ILE A 506 26.97 -4.79 -8.56
N TYR A 507 26.44 -5.25 -7.42
CA TYR A 507 25.27 -6.12 -7.41
C TYR A 507 24.00 -5.34 -7.74
N GLU A 508 23.81 -4.18 -7.11
CA GLU A 508 22.66 -3.36 -7.44
C GLU A 508 22.77 -2.78 -8.85
N LEU A 509 23.98 -2.46 -9.30
CA LEU A 509 24.17 -1.87 -10.63
C LEU A 509 23.78 -2.84 -11.74
N ASN A 510 24.49 -3.95 -11.85
CA ASN A 510 24.28 -4.90 -12.93
C ASN A 510 23.38 -6.00 -12.40
N ASP A 511 22.16 -6.08 -12.92
CA ASP A 511 21.56 -7.39 -13.09
C ASP A 511 22.47 -8.16 -14.04
N ASN A 512 22.59 -9.48 -13.80
CA ASN A 512 23.61 -10.51 -14.10
C ASN A 512 24.69 -10.64 -13.03
N ALA A 513 24.67 -9.78 -12.02
CA ALA A 513 25.50 -10.03 -10.85
C ALA A 513 24.58 -10.57 -9.77
N ALA A 514 24.37 -11.88 -9.76
CA ALA A 514 23.00 -12.31 -9.65
C ALA A 514 22.69 -13.36 -8.58
N GLN A 515 21.52 -13.96 -8.74
CA GLN A 515 20.48 -14.02 -7.73
C GLN A 515 20.94 -14.55 -6.37
N GLY A 516 20.61 -13.79 -5.32
CA GLY A 516 20.57 -14.26 -3.95
C GLY A 516 19.24 -14.94 -3.65
N LYS A 517 19.27 -15.94 -2.77
CA LYS A 517 18.30 -17.02 -2.73
C LYS A 517 17.15 -16.76 -1.73
N GLN A 518 16.76 -15.50 -1.55
CA GLN A 518 15.69 -15.10 -0.63
C GLN A 518 14.31 -15.61 -1.02
N ALA A 519 14.11 -15.96 -2.29
CA ALA A 519 12.80 -16.41 -2.74
C ALA A 519 12.44 -17.76 -2.13
N GLY A 520 13.36 -18.71 -2.19
CA GLY A 520 13.06 -20.09 -1.80
C GLY A 520 12.20 -20.85 -2.78
N ASN A 521 11.08 -20.28 -3.18
CA ASN A 521 10.18 -20.77 -4.22
C ASN A 521 10.69 -20.47 -5.62
N ALA A 522 9.77 -20.49 -6.58
CA ALA A 522 10.00 -20.42 -8.02
C ALA A 522 10.76 -19.19 -8.49
N PHE A 523 10.95 -18.14 -7.69
CA PHE A 523 11.64 -16.99 -8.25
C PHE A 523 13.15 -17.16 -8.27
N ASP A 524 13.68 -18.16 -7.55
CA ASP A 524 15.08 -18.49 -7.68
C ASP A 524 15.34 -19.25 -8.98
N ILE A 525 14.29 -19.77 -9.61
CA ILE A 525 14.41 -20.49 -10.87
C ILE A 525 13.59 -19.84 -11.98
N GLY A 526 12.90 -18.74 -11.69
CA GLY A 526 11.95 -18.21 -12.68
C GLY A 526 12.60 -17.53 -13.85
N GLU A 527 13.89 -17.25 -13.71
CA GLU A 527 14.78 -16.98 -14.84
C GLU A 527 15.11 -18.17 -15.76
N MET A 528 15.47 -19.29 -15.17
CA MET A 528 15.88 -20.50 -15.88
C MET A 528 14.69 -21.25 -16.45
N LEU A 529 13.51 -21.15 -15.83
CA LEU A 529 12.29 -21.72 -16.37
C LEU A 529 11.85 -21.01 -17.65
N TYR A 530 12.25 -19.75 -17.85
CA TYR A 530 11.78 -19.02 -19.03
C TYR A 530 12.62 -19.25 -20.27
N TRP A 531 13.95 -19.11 -20.15
CA TRP A 531 14.82 -19.21 -21.33
C TRP A 531 14.94 -20.61 -21.88
N THR A 532 14.68 -21.63 -21.06
CA THR A 532 14.70 -22.98 -21.59
C THR A 532 13.45 -23.26 -22.41
N SER A 533 12.35 -22.57 -22.08
CA SER A 533 11.09 -22.68 -22.80
C SER A 533 11.10 -22.04 -24.17
N GLN A 534 12.22 -21.48 -24.59
CA GLN A 534 12.28 -20.66 -25.78
C GLN A 534 12.93 -21.43 -26.94
N ARG A 535 13.04 -20.75 -28.08
CA ARG A 535 13.50 -21.38 -29.31
C ARG A 535 14.88 -20.87 -29.71
N ASN A 536 15.64 -21.74 -30.36
CA ASN A 536 16.97 -21.45 -30.93
C ASN A 536 17.96 -20.97 -29.88
N VAL A 537 18.01 -21.71 -28.77
CA VAL A 537 18.84 -21.38 -27.63
C VAL A 537 19.72 -22.57 -27.31
N LEU A 538 21.01 -22.34 -27.07
CA LEU A 538 21.81 -23.32 -26.36
C LEU A 538 22.27 -22.73 -25.03
N LEU A 539 22.26 -23.56 -24.00
CA LEU A 539 22.47 -23.15 -22.62
C LEU A 539 23.76 -23.78 -22.12
N SER A 540 24.63 -22.97 -21.56
CA SER A 540 25.83 -23.48 -20.93
C SER A 540 25.83 -23.11 -19.46
N SER A 541 26.33 -24.01 -18.62
CA SER A 541 26.34 -23.83 -17.17
C SER A 541 27.70 -24.30 -16.68
N ILE A 542 28.52 -23.36 -16.26
CA ILE A 542 29.92 -23.65 -16.13
C ILE A 542 30.24 -23.69 -14.65
N ASP A 543 30.90 -24.76 -14.23
CA ASP A 543 31.64 -24.75 -12.98
C ASP A 543 33.10 -24.78 -13.36
N VAL A 544 33.87 -23.86 -12.80
CA VAL A 544 35.27 -24.09 -12.64
C VAL A 544 35.46 -24.60 -11.23
N ALA A 545 35.60 -25.92 -11.05
CA ALA A 545 36.85 -26.66 -10.84
C ALA A 545 38.14 -25.92 -10.43
N GLY A 546 38.78 -26.41 -9.38
CA GLY A 546 38.49 -25.87 -8.08
C GLY A 546 38.84 -24.40 -8.11
N MET A 547 37.91 -23.59 -7.62
CA MET A 547 37.95 -22.18 -7.91
C MET A 547 38.53 -21.44 -6.72
N ASP A 548 38.65 -22.12 -5.58
CA ASP A 548 39.65 -21.75 -4.58
C ASP A 548 41.08 -21.95 -5.02
N ALA A 549 41.40 -23.07 -5.66
CA ALA A 549 42.79 -23.24 -6.03
C ALA A 549 43.17 -22.19 -7.04
N SER A 550 42.32 -22.06 -8.06
CA SER A 550 42.84 -21.64 -9.34
C SER A 550 43.33 -20.21 -9.29
N VAL A 551 42.49 -19.35 -8.75
CA VAL A 551 42.83 -17.99 -8.37
C VAL A 551 44.26 -17.75 -7.90
N THR A 552 45.26 -18.09 -8.68
CA THR A 552 46.59 -17.81 -8.14
C THR A 552 46.62 -16.36 -7.66
N THR A 553 47.79 -15.88 -7.25
CA THR A 553 47.89 -14.49 -6.86
C THR A 553 47.76 -13.55 -8.05
N ASN A 554 48.19 -14.01 -9.23
CA ASN A 554 48.10 -13.18 -10.42
C ASN A 554 46.67 -13.06 -10.92
N THR A 555 45.90 -14.14 -10.86
CA THR A 555 44.49 -14.07 -11.25
C THR A 555 43.69 -13.26 -10.24
N LYS A 556 44.11 -13.31 -8.97
CA LYS A 556 43.53 -12.49 -7.90
C LYS A 556 43.70 -11.00 -8.16
N ASP A 557 44.71 -10.62 -8.93
CA ASP A 557 44.99 -9.23 -9.19
C ASP A 557 43.97 -8.55 -10.10
N ILE A 558 43.19 -9.31 -10.86
CA ILE A 558 42.20 -8.71 -11.75
C ILE A 558 41.06 -8.11 -10.93
N TYR A 559 40.76 -8.70 -9.79
CA TYR A 559 39.87 -8.05 -8.84
C TYR A 559 40.53 -6.89 -8.13
N ASN A 560 41.88 -6.89 -8.03
CA ASN A 560 42.55 -5.86 -7.25
C ASN A 560 42.58 -4.52 -7.96
N THR A 561 42.69 -4.52 -9.30
CA THR A 561 42.58 -3.28 -10.06
C THR A 561 41.22 -2.62 -9.92
N PHE A 562 40.16 -3.43 -10.00
CA PHE A 562 38.80 -2.92 -9.87
C PHE A 562 38.56 -2.32 -8.50
N VAL A 563 39.16 -2.89 -7.46
CA VAL A 563 39.01 -2.37 -6.11
C VAL A 563 39.89 -1.13 -5.92
N LEU A 564 41.06 -1.09 -6.55
CA LEU A 564 41.84 0.14 -6.53
C LEU A 564 41.14 1.25 -7.31
N ASP A 565 40.80 1.01 -8.58
CA ASP A 565 40.34 2.06 -9.48
C ASP A 565 39.03 2.70 -9.04
N VAL A 566 38.25 2.02 -8.19
CA VAL A 566 37.14 2.70 -7.53
C VAL A 566 37.65 3.65 -6.46
N ALA A 567 38.66 3.21 -5.69
CA ALA A 567 39.03 3.94 -4.47
C ALA A 567 39.77 5.22 -4.74
N SER A 568 40.32 5.41 -5.95
CA SER A 568 41.00 6.67 -6.25
C SER A 568 39.99 7.79 -6.48
N LYS A 569 38.93 7.51 -7.25
CA LYS A 569 37.92 8.54 -7.52
C LYS A 569 37.09 8.84 -6.29
N CYS A 570 37.05 7.92 -5.34
CA CYS A 570 36.23 8.09 -4.15
C CYS A 570 36.91 9.02 -3.14
N THR A 571 36.15 9.39 -2.11
CA THR A 571 36.66 10.20 -1.01
C THR A 571 36.15 9.59 0.29
N VAL A 572 36.94 8.69 0.88
CA VAL A 572 36.63 8.13 2.19
C VAL A 572 37.66 8.65 3.20
N PRO A 573 37.26 9.50 4.14
CA PRO A 573 38.15 9.81 5.25
C PRO A 573 38.09 8.78 6.37
N ARG A 574 39.29 8.32 6.72
CA ARG A 574 39.76 7.60 7.92
C ARG A 574 39.44 6.12 8.06
N PHE A 575 38.30 5.62 7.56
CA PHE A 575 37.97 4.20 7.37
C PHE A 575 38.12 3.24 8.57
N GLY A 576 38.87 3.63 9.61
CA GLY A 576 39.47 2.70 10.52
C GLY A 576 40.73 3.30 11.11
N PRO A 577 41.83 2.52 11.20
CA PRO A 577 43.09 3.08 11.68
C PRO A 577 43.92 3.77 10.60
N TYR A 578 43.27 4.58 9.77
CA TYR A 578 43.93 5.36 8.76
C TYR A 578 43.38 6.77 8.81
N TYR A 579 43.87 7.59 7.87
CA TYR A 579 43.41 8.95 7.67
C TYR A 579 43.94 9.42 6.33
N ALA A 580 43.17 10.27 5.66
CA ALA A 580 43.55 10.78 4.36
C ALA A 580 44.72 11.73 4.52
N LYS A 581 45.85 11.38 3.91
CA LYS A 581 47.07 12.12 4.18
C LYS A 581 47.82 12.33 2.87
N ASN A 582 49.08 12.68 3.01
CA ASN A 582 49.90 13.22 1.93
C ASN A 582 51.10 12.28 1.73
N MET A 583 50.94 11.32 0.84
CA MET A 583 51.98 10.30 0.68
C MET A 583 52.93 10.64 -0.45
N GLU A 584 54.17 10.18 -0.31
CA GLU A 584 55.10 10.15 -1.42
C GLU A 584 54.70 9.04 -2.35
N VAL A 585 54.42 9.38 -3.60
CA VAL A 585 53.94 8.43 -4.60
C VAL A 585 54.86 8.51 -5.81
N PHE A 586 55.40 7.38 -6.21
CA PHE A 586 56.14 7.31 -7.46
C PHE A 586 55.18 7.26 -8.63
N GLU A 587 55.39 8.14 -9.60
CA GLU A 587 54.50 8.17 -10.76
C GLU A 587 55.24 7.70 -12.01
N ALA A 588 54.97 6.46 -12.43
CA ALA A 588 55.75 5.74 -13.43
C ALA A 588 55.71 6.42 -14.79
N GLY A 589 56.89 6.68 -15.33
CA GLY A 589 57.17 7.87 -16.10
C GLY A 589 56.97 9.17 -15.36
N ASN A 590 57.43 9.22 -14.11
CA ASN A 590 58.21 10.33 -13.59
C ASN A 590 59.49 9.80 -12.98
N ARG A 591 60.51 10.63 -12.88
CA ARG A 591 61.70 10.26 -12.13
C ARG A 591 61.37 10.02 -10.67
N GLN A 592 60.62 10.92 -10.09
CA GLN A 592 60.95 11.44 -8.79
C GLN A 592 59.65 11.58 -8.03
N SER A 593 59.67 11.36 -6.72
CA SER A 593 58.40 11.16 -6.02
C SER A 593 57.61 12.44 -6.08
N GLN A 594 56.33 12.34 -6.41
CA GLN A 594 55.46 13.49 -6.38
C GLN A 594 54.22 13.22 -5.53
N VAL A 595 53.92 14.07 -4.55
CA VAL A 595 53.05 13.67 -3.49
C VAL A 595 51.59 13.86 -3.87
N ARG A 596 50.89 12.76 -4.15
CA ARG A 596 49.46 12.77 -4.40
C ARG A 596 48.70 12.83 -3.11
N TYR A 597 47.41 13.10 -3.18
CA TYR A 597 46.61 13.00 -1.99
C TYR A 597 45.74 11.77 -2.04
N VAL A 598 45.98 10.87 -1.10
CA VAL A 598 45.39 9.56 -0.96
C VAL A 598 44.37 9.59 0.16
N ASN A 599 43.25 8.89 -0.02
CA ASN A 599 42.30 8.76 1.06
C ASN A 599 42.54 7.42 1.75
N ALA A 600 41.76 7.16 2.81
CA ALA A 600 42.02 5.98 3.63
C ALA A 600 41.64 4.69 2.92
N ALA A 601 40.62 4.78 2.08
CA ALA A 601 40.23 3.61 1.34
C ALA A 601 41.40 3.27 0.47
N TRP A 602 42.02 4.28 -0.10
CA TRP A 602 43.12 4.06 -1.02
C TRP A 602 44.20 3.36 -0.25
N GLN A 603 44.55 3.89 0.92
CA GLN A 603 45.69 3.36 1.64
C GLN A 603 45.40 1.96 2.04
N ALA A 604 44.20 1.71 2.55
CA ALA A 604 43.88 0.41 3.06
C ALA A 604 43.92 -0.58 1.96
N CYS A 605 43.35 -0.24 0.82
CA CYS A 605 43.31 -1.20 -0.25
C CYS A 605 44.69 -1.50 -0.74
N ALA A 606 45.54 -0.49 -0.86
CA ALA A 606 46.87 -0.75 -1.33
C ALA A 606 47.59 -1.65 -0.37
N LEU A 607 47.47 -1.41 0.92
CA LEU A 607 48.17 -2.25 1.86
C LEU A 607 47.67 -3.67 1.78
N GLU A 608 46.36 -3.85 1.72
CA GLU A 608 45.86 -5.20 1.71
C GLU A 608 46.27 -5.91 0.45
N ALA A 609 46.20 -5.21 -0.68
CA ALA A 609 46.54 -5.78 -1.96
C ALA A 609 47.99 -6.17 -1.97
N ALA A 610 48.84 -5.32 -1.41
CA ALA A 610 50.25 -5.61 -1.42
C ALA A 610 50.49 -6.86 -0.63
N ASN A 611 49.87 -6.97 0.54
CA ASN A 611 50.57 -7.61 1.63
C ASN A 611 50.27 -9.10 1.69
N SER A 612 49.61 -9.64 0.66
CA SER A 612 48.65 -10.69 0.91
C SER A 612 49.37 -12.00 1.17
N GLN A 613 49.12 -12.51 2.36
CA GLN A 613 49.48 -13.84 2.81
C GLN A 613 48.25 -14.73 2.69
N THR A 614 48.45 -15.91 2.12
CA THR A 614 47.35 -16.72 1.60
C THR A 614 47.28 -18.07 2.30
N SER A 615 48.39 -18.53 2.87
CA SER A 615 48.52 -19.87 3.43
C SER A 615 47.60 -20.10 4.62
N THR A 616 47.08 -21.32 4.71
CA THR A 616 46.33 -21.78 5.87
C THR A 616 47.20 -22.77 6.63
N SER A 617 47.26 -22.63 7.95
CA SER A 617 48.16 -23.41 8.79
C SER A 617 47.35 -24.18 9.80
N TYR A 618 47.33 -25.51 9.69
CA TYR A 618 46.53 -26.37 10.57
C TYR A 618 47.45 -27.09 11.54
N GLU A 619 47.20 -26.93 12.84
CA GLU A 619 47.96 -27.69 13.82
C GLU A 619 47.43 -29.12 13.85
N SER A 620 48.33 -30.08 13.76
CA SER A 620 47.96 -31.48 13.65
C SER A 620 48.23 -32.21 14.95
N GLU A 621 47.48 -33.28 15.17
CA GLU A 621 47.83 -34.19 16.24
C GLU A 621 48.88 -35.19 15.80
N ILE A 622 49.02 -35.42 14.50
CA ILE A 622 50.10 -36.25 13.99
C ILE A 622 51.38 -35.44 13.84
N PHE A 623 51.32 -34.42 12.99
CA PHE A 623 52.46 -33.60 12.61
C PHE A 623 52.50 -32.35 13.47
N GLY A 624 53.53 -31.53 13.25
CA GLY A 624 53.68 -30.35 14.05
C GLY A 624 52.70 -29.24 13.72
N GLN A 625 52.88 -28.60 12.57
CA GLN A 625 51.95 -27.58 12.10
C GLN A 625 52.04 -27.56 10.59
N VAL A 626 51.15 -28.26 9.91
CA VAL A 626 51.16 -28.33 8.46
C VAL A 626 50.58 -27.03 7.92
N LYS A 627 51.22 -26.51 6.87
CA LYS A 627 50.87 -25.22 6.31
C LYS A 627 50.64 -25.39 4.82
N ASN A 628 49.48 -24.94 4.32
CA ASN A 628 49.20 -25.02 2.90
C ASN A 628 50.18 -24.13 2.13
N ALA A 629 50.68 -24.66 1.01
CA ALA A 629 51.46 -23.85 0.09
C ALA A 629 50.55 -22.79 -0.50
N GLU A 630 50.92 -21.53 -0.35
CA GLU A 630 49.98 -20.45 -0.60
C GLU A 630 49.83 -20.21 -2.10
N GLY A 631 49.04 -19.20 -2.45
CA GLY A 631 48.62 -18.99 -3.81
C GLY A 631 47.24 -19.49 -4.14
N THR A 632 46.48 -19.96 -3.15
CA THR A 632 45.08 -20.31 -3.35
C THR A 632 44.23 -19.06 -3.17
N TYR A 633 42.93 -19.21 -2.99
CA TYR A 633 42.13 -18.11 -2.47
C TYR A 633 41.69 -18.48 -1.07
N PRO A 634 42.09 -17.75 -0.05
CA PRO A 634 41.73 -18.14 1.33
C PRO A 634 40.28 -17.84 1.66
N SER A 635 39.37 -18.73 1.27
CA SER A 635 37.96 -18.39 1.15
C SER A 635 37.22 -18.19 2.46
N GLY A 636 37.59 -17.16 3.22
CA GLY A 636 36.76 -16.72 4.31
C GLY A 636 36.89 -15.23 4.57
N ARG A 637 37.58 -14.53 3.67
CA ARG A 637 38.25 -13.26 3.99
C ARG A 637 37.30 -12.15 4.38
N ALA A 638 36.65 -11.53 3.40
CA ALA A 638 35.32 -10.99 3.56
C ALA A 638 34.64 -11.17 2.22
N ASP A 639 35.46 -11.11 1.17
CA ASP A 639 35.01 -10.95 -0.20
C ASP A 639 34.98 -12.26 -0.95
N THR A 640 34.82 -13.38 -0.24
CA THR A 640 34.86 -14.70 -0.86
C THR A 640 33.66 -14.98 -1.75
N SER A 641 32.61 -14.18 -1.66
CA SER A 641 31.52 -14.30 -2.61
C SER A 641 31.56 -13.22 -3.68
N THR A 642 32.23 -12.09 -3.42
CA THR A 642 32.31 -11.07 -4.44
C THR A 642 33.53 -11.25 -5.33
N HIS A 643 34.66 -11.71 -4.78
CA HIS A 643 35.88 -11.89 -5.57
C HIS A 643 35.67 -12.93 -6.68
N HIS A 644 34.77 -13.90 -6.48
CA HIS A 644 34.52 -14.82 -7.58
C HIS A 644 33.29 -14.47 -8.37
N THR A 645 32.62 -13.41 -7.98
CA THR A 645 31.51 -12.93 -8.77
C THR A 645 31.92 -11.79 -9.68
N VAL A 646 32.63 -10.81 -9.11
CA VAL A 646 33.06 -9.62 -9.86
C VAL A 646 34.08 -10.00 -10.93
N LEU A 647 34.88 -11.01 -10.64
CA LEU A 647 35.90 -11.48 -11.59
C LEU A 647 35.26 -12.10 -12.83
N LEU A 648 34.44 -13.13 -12.63
CA LEU A 648 33.83 -13.87 -13.73
C LEU A 648 32.81 -13.04 -14.47
N GLN A 649 32.25 -12.03 -13.82
CA GLN A 649 31.41 -11.09 -14.53
C GLN A 649 32.24 -10.24 -15.48
N GLY A 650 33.46 -9.91 -15.10
CA GLY A 650 34.29 -9.12 -15.99
C GLY A 650 34.82 -9.91 -17.17
N LEU A 651 34.98 -11.22 -16.99
CA LEU A 651 35.60 -12.02 -18.05
C LEU A 651 34.60 -12.42 -19.13
N VAL A 652 33.35 -12.72 -18.75
CA VAL A 652 32.40 -13.15 -19.75
C VAL A 652 31.74 -11.95 -20.41
N ARG A 653 31.29 -10.97 -19.64
CA ARG A 653 30.81 -9.76 -20.28
C ARG A 653 31.91 -9.03 -21.03
N GLY A 654 33.12 -8.96 -20.48
CA GLY A 654 34.18 -8.33 -21.22
C GLY A 654 34.53 -9.04 -22.51
N ASN A 655 34.12 -10.31 -22.65
CA ASN A 655 34.34 -11.01 -23.91
C ASN A 655 33.50 -10.40 -25.03
N GLU A 656 32.26 -10.01 -24.74
CA GLU A 656 31.39 -9.50 -25.80
C GLU A 656 31.66 -8.04 -26.12
N LEU A 657 32.57 -7.40 -25.38
CA LEU A 657 33.16 -6.15 -25.87
C LEU A 657 34.32 -6.45 -26.81
N LYS A 658 35.15 -7.43 -26.45
CA LYS A 658 36.32 -7.78 -27.26
C LYS A 658 35.91 -8.47 -28.56
N ARG A 659 34.87 -9.29 -28.52
CA ARG A 659 34.33 -9.86 -29.74
C ARG A 659 33.66 -8.81 -30.60
N ALA A 660 32.99 -7.84 -29.99
CA ALA A 660 32.46 -6.72 -30.75
C ALA A 660 33.55 -5.78 -31.22
N SER A 661 34.73 -5.83 -30.61
CA SER A 661 35.82 -4.97 -31.02
C SER A 661 36.44 -5.39 -32.35
N ASP A 662 36.34 -6.67 -32.72
CA ASP A 662 36.98 -7.12 -33.95
C ASP A 662 36.00 -7.76 -34.94
N GLY A 663 34.75 -7.32 -34.96
CA GLY A 663 33.85 -7.64 -36.04
C GLY A 663 33.00 -8.87 -35.88
N LYS A 664 32.96 -9.48 -34.70
CA LYS A 664 32.07 -10.60 -34.43
C LYS A 664 30.93 -10.12 -33.55
N ASN A 665 29.77 -10.76 -33.68
CA ASN A 665 28.65 -10.37 -32.85
C ASN A 665 28.82 -10.91 -31.44
N SER A 666 27.83 -10.63 -30.59
CA SER A 666 27.88 -11.08 -29.21
C SER A 666 26.97 -12.27 -28.97
N CYS A 667 25.69 -12.15 -29.35
CA CYS A 667 24.68 -13.23 -29.35
C CYS A 667 24.56 -13.91 -27.99
N LEU A 668 24.73 -13.14 -26.92
CA LEU A 668 24.54 -13.65 -25.58
C LEU A 668 23.46 -12.90 -24.84
N ALA A 669 22.49 -13.64 -24.32
CA ALA A 669 21.45 -13.11 -23.46
C ALA A 669 21.84 -13.25 -22.02
N THR A 670 20.88 -13.12 -21.11
CA THR A 670 21.17 -12.86 -19.71
C THR A 670 22.01 -13.96 -19.09
N ILE A 671 22.94 -13.59 -18.21
CA ILE A 671 23.88 -14.50 -17.61
C ILE A 671 23.86 -14.37 -16.09
N LYS A 672 23.82 -15.47 -15.32
CA LYS A 672 23.62 -15.33 -13.89
C LYS A 672 24.85 -15.91 -13.20
N ILE A 673 25.60 -15.06 -12.52
CA ILE A 673 26.84 -15.49 -11.90
C ILE A 673 26.67 -15.35 -10.40
N LEU A 674 26.61 -16.47 -9.71
CA LEU A 674 26.87 -16.56 -8.28
C LEU A 674 28.13 -17.39 -8.19
N GLY A 675 29.22 -16.77 -7.75
CA GLY A 675 30.54 -17.38 -7.87
C GLY A 675 30.67 -18.61 -6.99
N ASP A 676 31.07 -19.73 -7.59
CA ASP A 676 31.65 -19.78 -8.94
C ASP A 676 30.72 -20.18 -10.08
N ASP A 677 29.44 -20.40 -9.79
CA ASP A 677 28.53 -21.02 -10.75
C ASP A 677 28.15 -20.02 -11.84
N ILE A 678 28.77 -20.16 -13.00
CA ILE A 678 28.49 -19.36 -14.18
C ILE A 678 27.34 -20.03 -14.91
N MET A 679 26.42 -19.23 -15.45
CA MET A 679 25.30 -19.78 -16.23
C MET A 679 24.86 -18.72 -17.24
N GLU A 680 25.25 -18.87 -18.50
CA GLU A 680 24.88 -17.94 -19.56
C GLU A 680 23.99 -18.58 -20.60
N ILE A 681 23.32 -17.72 -21.38
CA ILE A 681 22.22 -18.09 -22.28
C ILE A 681 22.48 -17.41 -23.62
N PHE A 682 22.41 -18.17 -24.72
CA PHE A 682 22.83 -17.68 -26.02
C PHE A 682 21.67 -17.66 -27.01
N GLN A 683 21.71 -16.84 -28.04
CA GLN A 683 20.73 -17.07 -29.08
C GLN A 683 21.20 -16.78 -30.49
N GLY A 684 20.90 -17.71 -31.39
CA GLY A 684 20.98 -17.49 -32.81
C GLY A 684 20.86 -18.81 -33.52
N SER A 685 21.57 -18.90 -34.63
CA SER A 685 21.73 -20.16 -35.30
C SER A 685 22.60 -21.09 -34.47
N GLU A 686 22.64 -22.36 -34.89
CA GLU A 686 23.43 -23.35 -34.15
C GLU A 686 24.92 -23.17 -34.40
N SER A 687 25.30 -22.38 -35.39
CA SER A 687 26.71 -22.12 -35.66
C SER A 687 27.20 -20.84 -35.00
N ASP A 688 26.36 -19.82 -34.93
CA ASP A 688 26.77 -18.53 -34.37
C ASP A 688 26.99 -18.60 -32.87
N THR A 689 26.09 -19.25 -32.14
CA THR A 689 26.21 -19.39 -30.69
C THR A 689 27.43 -20.21 -30.30
N TYR A 690 27.76 -21.22 -31.10
CA TYR A 690 28.91 -22.04 -30.79
C TYR A 690 30.22 -21.32 -31.02
N ASP A 691 30.28 -20.39 -31.98
CA ASP A 691 31.48 -19.57 -32.15
C ASP A 691 31.73 -18.67 -30.93
N HIS A 692 30.66 -18.33 -30.22
CA HIS A 692 30.78 -17.58 -28.97
C HIS A 692 31.00 -18.51 -27.78
N ALA A 693 30.41 -19.70 -27.82
CA ALA A 693 30.51 -20.62 -26.68
C ALA A 693 31.91 -21.16 -26.50
N VAL A 694 32.68 -21.24 -27.58
CA VAL A 694 34.08 -21.62 -27.47
C VAL A 694 34.90 -20.52 -26.81
N SER A 695 34.65 -19.25 -27.18
CA SER A 695 35.48 -18.17 -26.67
C SER A 695 35.21 -17.87 -25.20
N ASN A 696 33.98 -18.10 -24.74
CA ASN A 696 33.73 -18.04 -23.29
C ASN A 696 34.45 -19.16 -22.57
N ALA A 697 34.59 -20.32 -23.20
CA ALA A 697 35.42 -21.36 -22.63
C ALA A 697 36.90 -21.02 -22.74
N SER A 698 37.34 -20.59 -23.93
CA SER A 698 38.76 -20.41 -24.20
C SER A 698 39.37 -19.22 -23.47
N ILE A 699 38.59 -18.21 -23.12
CA ILE A 699 39.15 -17.12 -22.34
C ILE A 699 39.21 -17.49 -20.86
N LEU A 700 38.20 -18.23 -20.38
CA LEU A 700 38.33 -18.84 -19.07
C LEU A 700 39.41 -19.91 -19.04
N ASN A 701 39.65 -20.60 -20.17
CA ASN A 701 40.78 -21.52 -20.22
C ASN A 701 42.10 -20.79 -20.22
N GLU A 702 42.17 -19.59 -20.76
CA GLU A 702 43.43 -18.85 -20.72
C GLU A 702 43.50 -17.87 -19.56
N SER A 703 42.49 -17.83 -18.71
CA SER A 703 42.60 -17.09 -17.47
C SER A 703 43.23 -17.91 -16.35
N GLY A 704 43.62 -19.15 -16.64
CA GLY A 704 44.11 -20.03 -15.60
C GLY A 704 43.02 -20.77 -14.85
N PHE A 705 41.86 -20.97 -15.47
CA PHE A 705 40.74 -21.65 -14.83
C PHE A 705 40.48 -22.97 -15.53
N ALA A 706 40.14 -23.99 -14.74
CA ALA A 706 39.68 -25.25 -15.28
C ALA A 706 38.16 -25.25 -15.24
N THR A 707 37.55 -24.70 -16.28
CA THR A 707 36.14 -24.98 -16.52
C THR A 707 36.00 -26.45 -16.86
N THR A 708 34.99 -27.10 -16.25
CA THR A 708 34.93 -28.55 -16.31
C THR A 708 34.66 -29.04 -17.74
N ALA A 709 33.40 -29.02 -18.18
CA ALA A 709 32.77 -28.53 -19.42
C ALA A 709 31.30 -28.89 -19.28
N GLU A 710 30.38 -27.95 -19.48
CA GLU A 710 28.96 -28.29 -19.56
C GLU A 710 28.35 -27.31 -20.56
N LEU A 711 27.56 -27.83 -21.49
CA LEU A 711 26.53 -27.08 -22.18
C LEU A 711 25.56 -28.09 -22.75
N SER A 712 24.40 -27.61 -23.20
CA SER A 712 23.42 -28.40 -23.96
C SER A 712 22.38 -27.45 -24.52
N GLN A 713 21.69 -27.89 -25.56
CA GLN A 713 20.34 -27.42 -25.78
C GLN A 713 19.46 -28.11 -24.75
N ASN A 714 18.47 -27.36 -24.24
CA ASN A 714 17.54 -27.71 -23.15
C ASN A 714 18.16 -28.50 -21.99
N SER A 715 19.11 -27.85 -21.30
CA SER A 715 19.64 -28.29 -20.02
C SER A 715 20.39 -27.13 -19.39
N ILE A 716 20.13 -26.87 -18.11
CA ILE A 716 20.68 -25.70 -17.44
C ILE A 716 20.66 -25.91 -15.92
N VAL A 717 21.77 -25.61 -15.24
CA VAL A 717 21.85 -25.77 -13.79
C VAL A 717 22.41 -24.50 -13.17
N LEU A 718 21.99 -24.22 -11.93
CA LEU A 718 22.50 -23.10 -11.14
C LEU A 718 22.14 -23.33 -9.68
N LEU A 719 23.10 -23.11 -8.78
CA LEU A 719 22.91 -23.27 -7.33
C LEU A 719 22.38 -24.66 -6.97
N GLN A 720 22.87 -25.67 -7.70
CA GLN A 720 22.49 -27.08 -7.53
C GLN A 720 20.99 -27.29 -7.70
N GLN A 721 20.41 -26.62 -8.68
CA GLN A 721 19.00 -26.77 -9.03
C GLN A 721 18.90 -26.90 -10.53
N LEU A 722 18.51 -28.07 -11.01
CA LEU A 722 18.45 -28.34 -12.43
C LEU A 722 17.11 -27.85 -12.94
N VAL A 723 17.14 -27.16 -14.08
CA VAL A 723 15.97 -26.78 -14.83
C VAL A 723 16.17 -27.35 -16.22
N VAL A 724 15.13 -27.94 -16.79
CA VAL A 724 15.20 -28.53 -18.12
C VAL A 724 13.80 -28.46 -18.74
N ASN A 725 13.76 -28.11 -20.03
CA ASN A 725 12.56 -28.14 -20.88
C ASN A 725 11.44 -27.23 -20.39
N GLY A 726 11.68 -26.36 -19.42
CA GLY A 726 10.62 -25.66 -18.71
C GLY A 726 10.05 -26.45 -17.55
N THR A 727 10.73 -27.49 -17.09
CA THR A 727 10.35 -28.23 -15.89
C THR A 727 11.47 -28.16 -14.87
N PHE A 728 11.16 -28.49 -13.62
CA PHE A 728 12.13 -28.42 -12.53
C PHE A 728 12.48 -29.82 -12.06
N TRP A 729 13.74 -30.21 -12.21
CA TRP A 729 14.18 -31.48 -11.64
C TRP A 729 14.84 -31.24 -10.28
N GLY A 730 14.72 -32.24 -9.42
CA GLY A 730 14.82 -32.00 -7.98
C GLY A 730 16.17 -31.94 -7.29
N PHE A 731 17.02 -32.94 -7.55
CA PHE A 731 18.21 -33.27 -6.76
C PHE A 731 17.82 -33.58 -5.31
N ALA A 732 17.10 -34.68 -5.14
CA ALA A 732 16.58 -35.05 -3.83
C ALA A 732 17.65 -35.56 -2.88
N ASP A 733 18.72 -36.17 -3.38
CA ASP A 733 19.67 -36.83 -2.50
C ASP A 733 20.55 -35.85 -1.72
N ARG A 734 20.63 -34.60 -2.15
CA ARG A 734 21.48 -33.62 -1.48
C ARG A 734 20.97 -33.27 -0.09
N ILE A 735 19.65 -33.25 0.09
CA ILE A 735 19.09 -33.18 1.43
C ILE A 735 19.20 -34.59 2.00
N SER A 736 20.29 -34.84 2.71
CA SER A 736 20.41 -36.05 3.50
C SER A 736 19.63 -35.83 4.78
N LEU A 737 18.68 -36.70 5.06
CA LEU A 737 17.90 -36.56 6.27
C LEU A 737 18.71 -36.82 7.53
N TRP A 738 19.73 -37.69 7.48
CA TRP A 738 20.22 -38.30 8.70
C TRP A 738 21.73 -38.19 8.86
N THR A 739 22.34 -37.13 8.32
CA THR A 739 23.75 -36.82 8.59
C THR A 739 23.84 -35.33 8.83
N ARG A 740 24.46 -34.91 9.93
CA ARG A 740 24.61 -33.47 10.14
C ARG A 740 26.06 -32.99 10.10
N GLU A 741 26.95 -33.46 11.00
CA GLU A 741 28.28 -32.90 11.24
C GLU A 741 28.25 -31.38 11.30
N ASP A 742 27.66 -30.84 12.34
CA ASP A 742 27.72 -29.40 12.57
C ASP A 742 28.53 -29.04 13.80
N THR A 743 28.40 -29.82 14.89
CA THR A 743 28.99 -29.55 16.22
C THR A 743 28.66 -28.15 16.71
N LYS A 744 27.47 -27.67 16.35
CA LYS A 744 27.02 -26.32 16.61
C LYS A 744 25.51 -26.30 16.41
N ASP A 745 24.79 -25.79 17.41
CA ASP A 745 23.32 -25.73 17.45
C ASP A 745 22.68 -27.11 17.29
N ILE A 746 23.14 -28.05 18.12
CA ILE A 746 22.53 -29.38 18.17
C ILE A 746 21.25 -29.30 19.00
N GLY A 747 20.16 -29.83 18.47
CA GLY A 747 18.93 -29.96 19.22
C GLY A 747 18.58 -31.44 19.44
N ARG A 748 18.18 -31.75 20.68
CA ARG A 748 17.35 -32.92 21.00
C ARG A 748 16.25 -32.35 21.86
N LEU A 749 15.26 -31.71 21.23
CA LEU A 749 14.50 -30.64 21.88
C LEU A 749 13.16 -30.54 21.13
N ASN A 750 12.45 -29.43 21.35
CA ASN A 750 11.50 -28.97 20.33
C ASN A 750 12.24 -28.63 19.04
N LEU A 751 13.42 -28.04 19.16
CA LEU A 751 14.19 -27.56 18.02
C LEU A 751 14.73 -28.70 17.16
N ALA A 752 14.84 -29.91 17.72
CA ALA A 752 15.22 -31.05 16.90
C ALA A 752 14.14 -31.43 15.91
N MET A 753 12.89 -31.17 16.26
CA MET A 753 11.78 -31.44 15.34
C MET A 753 11.62 -30.34 14.30
N MET A 754 11.97 -29.10 14.65
CA MET A 754 12.06 -28.04 13.65
C MET A 754 13.12 -28.35 12.60
N GLU A 755 14.20 -29.03 13.00
CA GLU A 755 15.19 -29.49 12.04
C GLU A 755 14.69 -30.64 11.19
N LEU A 756 13.67 -31.36 11.65
CA LEU A 756 13.02 -32.31 10.77
C LEU A 756 12.05 -31.61 9.83
N ASN A 757 11.22 -30.70 10.38
CA ASN A 757 10.19 -30.02 9.58
C ASN A 757 10.78 -29.17 8.48
N ALA A 758 11.95 -28.57 8.70
CA ALA A 758 12.59 -27.79 7.65
C ALA A 758 13.18 -28.69 6.57
N LEU A 759 13.67 -29.87 6.93
CA LEU A 759 14.25 -30.76 5.93
C LEU A 759 13.20 -31.64 5.27
N ILE A 760 12.08 -31.88 5.94
CA ILE A 760 10.98 -32.57 5.29
C ILE A 760 10.35 -31.67 4.23
N ASP A 761 10.32 -30.36 4.48
CA ASP A 761 9.79 -29.44 3.50
C ASP A 761 10.79 -29.15 2.37
N ASP A 762 12.06 -29.48 2.55
CA ASP A 762 13.01 -29.36 1.45
C ASP A 762 12.73 -30.38 0.36
N LEU A 763 12.15 -31.52 0.73
CA LEU A 763 12.00 -32.66 -0.16
C LEU A 763 10.59 -32.84 -0.68
N VAL A 764 9.75 -31.82 -0.60
CA VAL A 764 8.35 -32.03 -0.99
C VAL A 764 8.16 -31.88 -2.50
N PHE A 765 9.05 -31.15 -3.19
CA PHE A 765 9.03 -31.11 -4.65
C PHE A 765 10.26 -31.76 -5.25
N ARG A 766 10.94 -32.59 -4.48
CA ARG A 766 12.01 -33.44 -4.99
C ARG A 766 11.62 -34.90 -4.91
N VAL A 767 10.34 -35.17 -4.69
CA VAL A 767 9.85 -36.50 -4.37
C VAL A 767 8.81 -36.89 -5.40
N ARG A 768 8.73 -38.18 -5.67
CA ARG A 768 7.70 -38.71 -6.55
C ARG A 768 6.46 -39.16 -5.78
N ARG A 769 6.52 -39.14 -4.46
CA ARG A 769 5.41 -39.57 -3.63
C ARG A 769 5.54 -38.85 -2.29
N PRO A 770 4.93 -37.68 -2.15
CA PRO A 770 5.06 -36.94 -0.89
C PRO A 770 4.28 -37.57 0.25
N GLU A 771 3.27 -38.39 -0.03
CA GLU A 771 2.56 -39.10 1.03
C GLU A 771 3.44 -40.13 1.69
N GLY A 772 4.30 -40.78 0.91
CA GLY A 772 5.22 -41.75 1.49
C GLY A 772 6.29 -41.09 2.33
N LEU A 773 6.67 -39.86 1.96
CA LEU A 773 7.67 -39.16 2.73
C LEU A 773 7.11 -38.68 4.06
N LYS A 774 5.79 -38.45 4.09
CA LYS A 774 5.11 -38.19 5.36
C LYS A 774 5.10 -39.44 6.23
N MET A 775 5.07 -40.61 5.62
CA MET A 775 5.15 -41.84 6.40
C MET A 775 6.54 -42.00 7.00
N LEU A 776 7.56 -41.58 6.26
CA LEU A 776 8.94 -41.74 6.72
C LEU A 776 9.28 -40.74 7.81
N GLY A 777 8.81 -39.51 7.68
CA GLY A 777 9.10 -38.48 8.67
C GLY A 777 8.35 -38.69 9.96
N PHE A 778 7.29 -39.51 9.91
CA PHE A 778 6.52 -39.77 11.12
C PHE A 778 7.26 -40.73 12.05
N PHE A 779 7.71 -41.86 11.52
CA PHE A 779 8.32 -42.88 12.38
C PHE A 779 9.71 -42.44 12.86
N CYS A 780 10.47 -41.76 12.00
CA CYS A 780 11.70 -41.13 12.47
C CYS A 780 11.39 -40.01 13.45
N GLY A 781 10.27 -39.35 13.27
CA GLY A 781 9.77 -38.46 14.29
C GLY A 781 9.33 -39.22 15.53
N ALA A 782 8.82 -40.43 15.35
CA ALA A 782 8.33 -41.20 16.48
C ALA A 782 9.44 -41.98 17.19
N ILE A 783 10.15 -42.82 16.43
CA ILE A 783 11.10 -43.75 17.03
C ILE A 783 12.35 -43.02 17.54
N CYS A 784 12.92 -42.16 16.69
CA CYS A 784 14.17 -41.51 17.01
C CYS A 784 13.98 -40.36 17.98
N LEU A 785 13.23 -39.36 17.55
CA LEU A 785 13.01 -38.16 18.35
C LEU A 785 11.90 -38.46 19.36
N ARG A 786 12.24 -39.14 20.44
CA ARG A 786 11.21 -39.53 21.37
C ARG A 786 11.64 -39.21 22.80
N ARG A 787 12.94 -39.13 23.06
CA ARG A 787 13.41 -39.19 24.43
C ARG A 787 14.27 -37.97 24.76
N PHE A 788 13.85 -37.21 25.76
CA PHE A 788 14.61 -36.06 26.25
C PHE A 788 15.21 -36.42 27.60
N THR A 789 16.55 -36.43 27.67
CA THR A 789 17.28 -36.84 28.86
C THR A 789 17.60 -35.61 29.70
N LEU A 790 17.25 -35.66 30.98
CA LEU A 790 17.43 -34.53 31.90
C LEU A 790 18.08 -34.99 33.19
N SER A 791 19.08 -34.25 33.66
CA SER A 791 19.73 -34.53 34.94
C SER A 791 19.11 -33.67 36.06
N VAL A 792 18.25 -34.32 36.83
CA VAL A 792 17.71 -33.81 38.10
C VAL A 792 18.73 -33.98 39.23
N ASP A 793 18.32 -33.60 40.45
CA ASP A 793 19.00 -34.07 41.65
C ASP A 793 18.09 -35.02 42.44
N ASN A 794 18.69 -35.76 43.39
CA ASN A 794 18.09 -36.93 44.05
C ASN A 794 16.78 -36.68 44.78
N LYS A 795 16.75 -35.63 45.59
CA LYS A 795 15.57 -35.33 46.39
C LYS A 795 14.38 -34.99 45.50
N LEU A 796 14.66 -34.34 44.39
CA LEU A 796 13.63 -33.95 43.44
C LEU A 796 13.40 -35.03 42.39
N TYR A 797 14.31 -36.00 42.28
CA TYR A 797 14.17 -37.16 41.38
C TYR A 797 12.97 -38.02 41.75
N ASP A 798 12.65 -38.08 43.04
CA ASP A 798 11.52 -38.88 43.50
C ASP A 798 10.20 -38.29 43.00
N SER A 799 10.02 -36.99 43.15
CA SER A 799 8.72 -36.40 42.83
C SER A 799 8.65 -35.95 41.37
N THR A 800 9.81 -35.74 40.73
CA THR A 800 9.81 -35.60 39.27
C THR A 800 9.32 -36.87 38.60
N TYR A 801 9.66 -38.03 39.16
CA TYR A 801 9.11 -39.26 38.63
C TYR A 801 7.61 -39.38 38.88
N ASN A 802 7.15 -39.07 40.09
CA ASN A 802 5.77 -39.36 40.45
C ASN A 802 4.79 -38.46 39.72
N ASN A 803 5.15 -37.19 39.51
CA ASN A 803 4.24 -36.27 38.87
C ASN A 803 4.09 -36.54 37.38
N LEU A 804 5.19 -36.84 36.69
CA LEU A 804 5.10 -36.99 35.24
C LEU A 804 4.66 -38.39 34.83
N SER A 805 4.75 -39.37 35.73
CA SER A 805 4.30 -40.73 35.40
C SER A 805 2.78 -40.83 35.44
N LYS A 806 2.13 -39.79 35.99
CA LYS A 806 0.68 -39.71 35.99
C LYS A 806 0.11 -39.67 34.57
N TYR A 807 0.85 -39.06 33.64
CA TYR A 807 0.31 -38.80 32.31
C TYR A 807 0.97 -39.68 31.25
N MET A 808 2.28 -39.56 31.15
CA MET A 808 3.04 -40.30 30.18
C MET A 808 4.20 -40.92 30.89
N THR A 809 4.57 -42.12 30.46
CA THR A 809 5.67 -42.81 31.09
C THR A 809 6.97 -42.05 30.93
N LEU A 810 7.75 -42.03 32.00
CA LEU A 810 9.05 -41.40 32.04
C LEU A 810 9.99 -42.51 32.37
N THR A 811 11.09 -42.63 31.67
CA THR A 811 12.01 -43.68 32.03
C THR A 811 12.74 -43.29 33.28
N LYS A 812 13.15 -44.28 34.05
CA LYS A 812 13.93 -44.05 35.25
C LYS A 812 15.27 -44.69 34.98
N TYR A 813 16.29 -44.23 35.67
CA TYR A 813 17.64 -44.70 35.40
C TYR A 813 18.37 -45.03 36.69
N ASP A 814 19.34 -45.93 36.57
CA ASP A 814 19.95 -46.62 37.68
C ASP A 814 20.85 -45.66 38.45
N LYS A 815 20.89 -45.76 39.77
CA LYS A 815 21.25 -44.64 40.65
C LYS A 815 22.77 -44.35 40.68
N ASN A 816 23.18 -43.16 41.12
CA ASN A 816 24.59 -42.77 40.99
C ASN A 816 25.28 -42.55 42.36
N PRO A 817 26.40 -43.26 42.59
CA PRO A 817 27.68 -42.82 43.15
C PRO A 817 28.55 -42.13 42.11
N ASP A 818 29.54 -41.33 42.51
CA ASP A 818 29.42 -40.26 43.48
C ASP A 818 29.14 -38.88 42.88
N SER A 819 28.92 -38.84 41.57
CA SER A 819 28.09 -37.79 41.02
C SER A 819 26.68 -37.92 41.60
N ASP A 820 26.10 -36.79 41.98
CA ASP A 820 24.91 -36.80 42.82
C ASP A 820 23.64 -36.57 42.02
N SER A 821 23.78 -36.59 40.70
CA SER A 821 22.63 -36.52 39.81
C SER A 821 22.39 -37.89 39.18
N THR A 822 21.22 -38.46 39.43
CA THR A 822 20.68 -39.51 38.56
C THR A 822 20.26 -38.92 37.22
N LEU A 823 20.53 -39.61 36.11
CA LEU A 823 19.83 -39.25 34.89
C LEU A 823 18.41 -39.76 34.94
N MET A 824 17.54 -39.16 34.13
CA MET A 824 16.22 -39.69 33.83
C MET A 824 15.77 -39.04 32.54
N SER A 825 15.04 -39.78 31.72
CA SER A 825 14.60 -39.29 30.42
C SER A 825 13.10 -39.50 30.30
N LEU A 826 12.41 -38.46 29.87
CA LEU A 826 10.96 -38.51 29.62
C LEU A 826 10.74 -38.97 28.20
N ILE A 827 9.52 -39.41 27.91
CA ILE A 827 9.28 -40.29 26.77
C ILE A 827 8.45 -39.59 25.69
N LEU A 828 7.91 -38.38 25.97
CA LEU A 828 7.39 -37.41 25.01
C LEU A 828 6.35 -38.01 24.08
N PRO A 829 5.10 -38.26 24.52
CA PRO A 829 4.21 -39.18 23.80
C PRO A 829 3.81 -38.71 22.41
N LEU A 830 3.18 -39.61 21.64
CA LEU A 830 3.02 -39.40 20.19
C LEU A 830 2.12 -38.23 19.85
N ALA A 831 1.32 -37.75 20.81
CA ALA A 831 0.54 -36.54 20.57
C ALA A 831 1.42 -35.30 20.52
N TRP A 832 2.56 -35.33 21.24
CA TRP A 832 3.51 -34.22 21.25
C TRP A 832 4.21 -34.08 19.90
N LEU A 833 4.13 -35.12 19.08
CA LEU A 833 4.65 -35.06 17.73
C LEU A 833 3.69 -34.28 16.82
N PHE A 834 2.49 -33.97 17.30
CA PHE A 834 1.46 -33.25 16.55
C PHE A 834 1.10 -31.88 17.14
N MET A 835 1.75 -31.44 18.21
CA MET A 835 1.28 -30.25 18.93
C MET A 835 1.61 -28.96 18.20
N PRO A 836 0.86 -27.88 18.50
CA PRO A 836 1.21 -26.60 17.86
C PRO A 836 2.54 -26.02 18.32
N ARG A 837 2.91 -26.23 19.56
CA ARG A 837 4.17 -25.71 20.09
C ARG A 837 5.28 -26.74 20.07
N GLY A 838 4.94 -28.03 20.04
CA GLY A 838 5.95 -29.05 20.15
C GLY A 838 6.46 -29.46 18.79
N GLY A 839 6.12 -30.66 18.36
CA GLY A 839 6.35 -31.05 16.98
C GLY A 839 5.17 -30.63 16.13
N GLU A 840 5.46 -29.75 15.16
CA GLU A 840 4.42 -29.12 14.36
C GLU A 840 4.04 -29.94 13.13
N TYR A 841 4.21 -31.26 13.21
CA TYR A 841 4.14 -32.19 12.11
C TYR A 841 2.70 -32.48 11.71
N PRO A 842 2.42 -32.64 10.41
CA PRO A 842 1.05 -32.93 9.98
C PRO A 842 0.62 -34.35 10.30
N ALA A 843 -0.66 -34.52 10.59
CA ALA A 843 -1.11 -35.77 11.18
C ALA A 843 -1.71 -36.70 10.14
N TYR A 844 -2.20 -37.82 10.65
CA TYR A 844 -3.02 -38.82 9.98
C TYR A 844 -4.46 -38.66 10.44
N PRO A 845 -5.44 -39.24 9.72
CA PRO A 845 -6.83 -39.10 10.17
C PRO A 845 -7.13 -39.85 11.46
N PHE A 846 -7.55 -39.09 12.48
CA PHE A 846 -7.93 -39.59 13.79
C PHE A 846 -9.34 -40.16 13.77
N GLU A 847 -9.90 -40.39 14.95
CA GLU A 847 -11.29 -40.81 15.08
C GLU A 847 -12.04 -39.84 15.98
N ARG A 848 -13.23 -39.44 15.52
CA ARG A 848 -14.16 -38.64 16.31
C ARG A 848 -14.90 -39.57 17.29
N ARG A 849 -16.03 -39.13 17.80
CA ARG A 849 -16.71 -39.99 18.76
C ARG A 849 -17.45 -41.16 18.09
N ASP A 850 -18.02 -40.97 16.89
CA ASP A 850 -18.93 -42.01 16.40
C ASP A 850 -18.26 -43.23 15.70
N GLY A 851 -17.14 -43.12 14.95
CA GLY A 851 -16.26 -42.06 14.53
C GLY A 851 -16.11 -41.99 13.04
N THR A 852 -16.54 -40.86 12.49
CA THR A 852 -16.24 -40.53 11.10
C THR A 852 -15.04 -39.60 11.06
N PHE A 853 -14.01 -40.03 10.35
CA PHE A 853 -12.63 -39.64 10.63
C PHE A 853 -12.33 -38.21 10.14
N THR A 854 -11.21 -37.66 10.60
CA THR A 854 -10.80 -36.33 10.17
C THR A 854 -10.23 -36.41 8.76
N GLU A 855 -9.79 -35.27 8.24
CA GLU A 855 -9.14 -35.25 6.93
C GLU A 855 -7.67 -35.61 7.08
N ASP A 856 -7.15 -36.34 6.11
CA ASP A 856 -5.74 -36.70 6.17
C ASP A 856 -4.90 -35.48 5.85
N GLU A 857 -4.03 -35.11 6.77
CA GLU A 857 -3.23 -33.92 6.60
C GLU A 857 -2.09 -34.19 5.63
N SER A 858 -2.00 -33.37 4.61
CA SER A 858 -1.05 -33.58 3.53
C SER A 858 0.21 -32.79 3.80
N MET A 859 1.09 -32.76 2.80
CA MET A 859 2.40 -32.15 2.95
C MET A 859 2.36 -30.63 2.88
N PHE A 860 1.27 -30.05 2.41
CA PHE A 860 1.16 -28.61 2.27
C PHE A 860 0.53 -27.95 3.49
N THR A 861 0.41 -28.68 4.60
CA THR A 861 -0.26 -28.16 5.79
C THR A 861 0.61 -27.11 6.47
N ALA A 862 0.02 -25.95 6.77
CA ALA A 862 0.77 -24.88 7.44
C ALA A 862 0.72 -25.07 8.94
N ARG A 863 1.73 -24.51 9.60
CA ARG A 863 2.16 -24.99 10.90
C ARG A 863 1.47 -24.43 12.14
N GLY A 864 1.67 -23.14 12.42
CA GLY A 864 1.84 -22.70 13.80
C GLY A 864 0.60 -22.83 14.66
N ALA A 865 -0.39 -21.96 14.42
CA ALA A 865 -1.61 -22.06 15.20
C ALA A 865 -2.63 -22.95 14.51
N TYR A 866 -2.27 -23.49 13.34
CA TYR A 866 -3.20 -24.39 12.68
C TYR A 866 -3.21 -25.76 13.34
N LYS A 867 -2.07 -26.20 13.90
CA LYS A 867 -2.07 -27.51 14.56
C LYS A 867 -2.86 -27.48 15.86
N ARG A 868 -3.23 -26.29 16.33
CA ARG A 868 -4.17 -26.19 17.43
C ARG A 868 -5.60 -26.45 16.96
N ARG A 869 -5.90 -26.24 15.67
CA ARG A 869 -7.23 -26.60 15.14
C ARG A 869 -7.41 -28.11 15.12
N LEU A 870 -6.33 -28.85 14.85
CA LEU A 870 -6.38 -30.31 14.84
C LEU A 870 -6.87 -30.88 16.16
N LEU A 871 -6.58 -30.19 17.26
CA LEU A 871 -7.17 -30.54 18.55
C LEU A 871 -8.69 -30.37 18.52
N TYR A 872 -9.18 -29.31 17.88
CA TYR A 872 -10.63 -29.10 17.80
C TYR A 872 -11.24 -29.97 16.71
N ASP A 873 -10.42 -30.39 15.74
CA ASP A 873 -10.92 -31.20 14.63
C ASP A 873 -11.33 -32.58 15.11
N VAL A 874 -10.62 -33.12 16.10
CA VAL A 874 -10.96 -34.40 16.73
C VAL A 874 -12.30 -34.31 17.46
N SER A 875 -12.68 -33.12 17.93
CA SER A 875 -13.88 -32.99 18.74
C SER A 875 -15.15 -32.78 17.91
N ASN A 876 -15.11 -33.05 16.60
CA ASN A 876 -16.24 -32.93 15.67
C ASN A 876 -16.78 -31.51 15.64
N ILE A 877 -16.15 -30.67 14.82
CA ILE A 877 -16.46 -29.25 14.68
C ILE A 877 -17.83 -29.01 14.12
N GLY A 878 -18.23 -29.86 13.18
CA GLY A 878 -19.57 -29.77 12.65
C GLY A 878 -20.61 -30.01 13.71
N GLU A 879 -20.35 -30.98 14.58
CA GLU A 879 -21.21 -31.27 15.72
C GLU A 879 -21.29 -30.08 16.64
N MET A 880 -20.16 -29.43 16.89
CA MET A 880 -20.11 -28.34 17.87
C MET A 880 -20.99 -27.19 17.46
N ILE A 881 -20.92 -26.83 16.20
CA ILE A 881 -21.79 -25.77 15.71
C ILE A 881 -23.24 -26.17 15.93
N GLN A 882 -23.52 -27.47 15.99
CA GLN A 882 -24.90 -27.94 16.16
C GLN A 882 -25.41 -27.63 17.56
N GLN A 883 -24.58 -27.82 18.57
CA GLN A 883 -25.00 -27.62 19.95
C GLN A 883 -24.72 -26.22 20.45
N ASN A 884 -24.07 -25.38 19.65
CA ASN A 884 -23.67 -24.01 19.99
C ASN A 884 -22.83 -23.98 21.26
N SER A 885 -21.65 -24.59 21.17
CA SER A 885 -20.77 -24.70 22.32
C SER A 885 -19.32 -24.55 21.90
N MET A 886 -18.57 -23.78 22.68
CA MET A 886 -17.12 -23.82 22.66
C MET A 886 -16.57 -24.95 23.51
N ALA A 887 -17.44 -25.81 24.02
CA ALA A 887 -17.06 -26.90 24.90
C ALA A 887 -16.20 -27.92 24.16
N LEU A 888 -15.52 -28.76 24.94
CA LEU A 888 -14.45 -29.59 24.41
C LEU A 888 -14.51 -30.95 25.08
N ASP A 889 -14.13 -31.98 24.34
CA ASP A 889 -14.14 -33.34 24.87
C ASP A 889 -12.80 -33.63 25.54
N ASP A 890 -12.79 -33.65 26.87
CA ASP A 890 -11.59 -34.05 27.60
C ASP A 890 -11.38 -35.56 27.55
N ASP A 891 -12.43 -36.33 27.26
CA ASP A 891 -12.31 -37.78 27.14
C ASP A 891 -11.42 -38.16 25.97
N LEU A 892 -11.73 -37.65 24.78
CA LEU A 892 -11.03 -38.07 23.57
C LEU A 892 -9.59 -37.55 23.51
N LEU A 893 -9.29 -36.42 24.13
CA LEU A 893 -7.92 -35.95 24.11
C LEU A 893 -7.06 -36.67 25.15
N HIS A 894 -7.64 -37.03 26.29
CA HIS A 894 -6.93 -37.82 27.27
C HIS A 894 -6.75 -39.26 26.83
N GLU A 895 -7.64 -39.76 25.97
CA GLU A 895 -7.55 -41.16 25.57
C GLU A 895 -6.38 -41.40 24.62
N TYR A 896 -6.28 -40.58 23.56
CA TYR A 896 -5.08 -40.64 22.74
C TYR A 896 -3.85 -40.20 23.51
N GLY A 897 -3.99 -39.21 24.36
CA GLY A 897 -2.88 -38.63 25.08
C GLY A 897 -2.54 -37.22 24.66
N PHE A 898 -3.48 -36.49 24.04
CA PHE A 898 -3.26 -35.08 23.74
C PHE A 898 -3.09 -34.26 25.01
N THR A 899 -3.80 -34.63 26.08
CA THR A 899 -3.71 -33.90 27.35
C THR A 899 -2.35 -34.06 28.01
N GLY A 900 -1.69 -35.20 27.83
CA GLY A 900 -0.39 -35.42 28.41
C GLY A 900 0.74 -34.75 27.65
N ALA A 901 0.46 -34.22 26.46
CA ALA A 901 1.45 -33.56 25.64
C ALA A 901 1.46 -32.05 25.84
N LEU A 902 0.28 -31.44 25.98
CA LEU A 902 0.21 -30.01 26.26
C LEU A 902 0.71 -29.67 27.65
N LEU A 903 0.79 -30.63 28.57
CA LEU A 903 1.52 -30.41 29.81
C LEU A 903 2.99 -30.20 29.52
N LEU A 904 3.58 -31.08 28.71
CA LEU A 904 4.97 -30.96 28.30
C LEU A 904 5.23 -29.68 27.54
N ILE A 905 4.23 -29.17 26.82
CA ILE A 905 4.29 -27.83 26.25
C ILE A 905 4.40 -26.78 27.34
N ASP A 906 3.50 -26.82 28.31
CA ASP A 906 3.42 -25.80 29.34
C ASP A 906 4.58 -25.84 30.33
N LEU A 907 5.28 -26.98 30.44
CA LEU A 907 6.47 -27.04 31.30
C LEU A 907 7.56 -26.12 30.80
N ASN A 908 7.68 -25.95 29.48
CA ASN A 908 8.50 -24.93 28.81
C ASN A 908 9.98 -25.09 29.19
N ILE A 909 10.52 -26.24 28.78
CA ILE A 909 11.86 -26.64 29.24
C ILE A 909 12.93 -25.81 28.56
N LEU A 910 12.69 -25.38 27.31
CA LEU A 910 13.79 -24.84 26.51
C LEU A 910 14.22 -23.45 26.96
N ASP A 911 13.28 -22.52 27.12
CA ASP A 911 13.70 -21.19 27.55
C ASP A 911 14.10 -21.20 29.02
N LEU A 912 13.64 -22.20 29.77
CA LEU A 912 14.07 -22.40 31.14
C LEU A 912 15.56 -22.76 31.21
N ILE A 913 16.02 -23.58 30.28
CA ILE A 913 17.46 -23.84 30.15
C ILE A 913 18.16 -22.58 29.63
N ASP A 914 17.44 -21.77 28.85
CA ASP A 914 17.98 -20.49 28.43
C ASP A 914 17.87 -19.44 29.54
N GLU A 915 16.89 -19.58 30.44
CA GLU A 915 16.74 -18.62 31.54
C GLU A 915 17.85 -18.75 32.55
N VAL A 916 18.28 -19.98 32.84
CA VAL A 916 19.36 -20.17 33.80
C VAL A 916 20.69 -19.72 33.23
N LYS A 917 20.87 -19.85 31.90
CA LYS A 917 22.06 -19.31 31.28
C LYS A 917 21.98 -17.79 31.20
N LYS A 918 20.77 -17.26 31.00
CA LYS A 918 20.57 -15.82 31.09
C LYS A 918 20.71 -15.33 32.54
N GLU A 919 20.38 -16.20 33.50
CA GLU A 919 20.54 -15.84 34.91
C GLU A 919 22.01 -15.66 35.26
N ASP A 920 22.86 -16.57 34.78
CA ASP A 920 24.28 -16.46 35.06
C ASP A 920 24.97 -15.86 33.83
N ILE A 921 24.94 -14.54 33.76
CA ILE A 921 26.14 -13.73 33.64
C ILE A 921 25.78 -12.32 34.06
N SER A 922 26.65 -11.74 34.87
CA SER A 922 26.56 -10.39 35.37
C SER A 922 26.35 -9.41 34.24
N PRO A 923 25.28 -8.62 34.23
CA PRO A 923 25.08 -7.66 33.14
C PRO A 923 26.00 -6.45 33.25
N VAL A 924 26.71 -6.31 34.38
CA VAL A 924 27.65 -5.20 34.55
C VAL A 924 28.90 -5.45 33.71
N LYS A 925 29.36 -6.70 33.67
CA LYS A 925 30.53 -7.02 32.85
C LYS A 925 30.22 -6.94 31.37
N VAL A 926 28.97 -7.20 30.99
CA VAL A 926 28.55 -7.07 29.60
C VAL A 926 28.51 -5.61 29.18
N SER A 927 28.03 -4.74 30.08
CA SER A 927 27.75 -3.35 29.71
C SER A 927 29.03 -2.56 29.51
N GLU A 928 30.04 -2.78 30.36
CA GLU A 928 31.34 -2.14 30.16
C GLU A 928 31.98 -2.59 28.85
N LEU A 929 31.79 -3.86 28.51
CA LEU A 929 32.29 -4.39 27.25
C LEU A 929 31.54 -3.78 26.07
N ALA A 930 30.22 -3.58 26.22
CA ALA A 930 29.40 -3.19 25.08
C ALA A 930 29.31 -1.67 24.94
N THR A 931 29.59 -0.93 26.01
CA THR A 931 29.79 0.51 25.83
C THR A 931 31.07 0.78 25.05
N SER A 932 32.09 -0.06 25.24
CA SER A 932 33.32 0.10 24.47
C SER A 932 33.12 -0.28 23.00
N LEU A 933 32.13 -1.11 22.70
CA LEU A 933 31.85 -1.44 21.31
C LEU A 933 31.23 -0.27 20.56
N GLU A 934 30.29 0.45 21.18
CA GLU A 934 29.70 1.60 20.51
C GLU A 934 30.63 2.81 20.50
N GLN A 935 31.82 2.69 21.08
CA GLN A 935 32.87 3.68 20.91
C GLN A 935 33.55 3.59 19.56
N LEU A 936 33.50 2.42 18.92
CA LEU A 936 34.19 2.26 17.63
C LEU A 936 33.36 2.81 16.49
N GLY A 937 32.06 2.92 16.69
CA GLY A 937 31.17 2.94 15.55
C GLY A 937 30.70 4.29 15.07
N LYS A 938 29.58 4.68 15.67
CA LYS A 938 28.59 5.54 15.05
C LYS A 938 28.93 7.00 14.76
N LEU A 939 29.58 7.73 15.68
CA LEU A 939 29.79 7.41 17.10
C LEU A 939 28.56 7.46 17.96
N GLY A 940 28.01 8.66 18.10
CA GLY A 940 26.90 8.84 19.00
C GLY A 940 25.61 8.33 18.42
N GLU A 941 24.61 8.20 19.30
CA GLU A 941 23.20 8.08 18.92
C GLU A 941 22.92 6.75 18.22
N ARG A 942 23.64 5.72 18.65
CA ARG A 942 23.04 4.41 18.81
C ARG A 942 22.14 4.40 20.04
N GLU A 943 22.38 5.35 20.94
CA GLU A 943 21.52 5.60 22.09
C GLU A 943 20.08 5.93 21.67
N LYS A 944 19.90 6.61 20.52
CA LYS A 944 18.56 6.99 20.11
C LYS A 944 17.75 5.80 19.63
N SER A 945 18.41 4.68 19.31
CA SER A 945 17.68 3.48 18.94
C SER A 945 17.20 2.73 20.18
N ARG A 946 18.03 2.66 21.23
CA ARG A 946 17.59 2.12 22.51
C ARG A 946 16.49 2.96 23.11
N ARG A 947 16.59 4.28 22.92
CA ARG A 947 15.55 5.17 23.39
C ARG A 947 14.27 5.00 22.59
N ALA A 948 14.40 4.71 21.29
CA ALA A 948 13.22 4.51 20.46
C ALA A 948 12.53 3.17 20.77
N ALA A 949 13.32 2.16 21.14
CA ALA A 949 12.74 0.87 21.49
C ALA A 949 12.01 0.94 22.83
N SER A 950 12.54 1.71 23.77
CA SER A 950 11.95 1.78 25.10
C SER A 950 10.77 2.75 25.13
N ASP A 951 10.83 3.82 24.32
CA ASP A 951 9.72 4.75 24.22
C ASP A 951 8.51 4.09 23.57
N LEU A 952 8.77 3.16 22.64
CA LEU A 952 7.67 2.49 21.95
C LEU A 952 6.96 1.52 22.87
N LYS A 953 7.70 0.82 23.73
CA LYS A 953 7.11 -0.23 24.53
C LYS A 953 6.25 0.33 25.66
N ILE A 954 6.74 1.37 26.33
CA ILE A 954 6.02 1.89 27.50
C ILE A 954 4.79 2.70 27.06
N ARG A 955 4.87 3.34 25.89
CA ARG A 955 3.70 4.06 25.38
C ARG A 955 2.67 3.10 24.82
N GLY A 956 3.13 2.09 24.09
CA GLY A 956 2.27 1.12 23.45
C GLY A 956 2.40 -0.28 24.02
N HIS A 957 3.24 -1.06 23.36
CA HIS A 957 3.20 -2.51 23.33
C HIS A 957 4.58 -3.03 22.96
N ALA A 958 4.88 -4.29 23.28
CA ALA A 958 6.24 -4.81 23.28
C ALA A 958 6.73 -5.05 21.85
N LEU A 959 7.80 -4.37 21.48
CA LEU A 959 8.63 -4.71 20.33
C LEU A 959 9.85 -5.46 20.84
N SER A 960 10.01 -6.71 20.42
CA SER A 960 10.91 -7.63 21.10
C SER A 960 12.35 -7.50 20.60
N ASN A 961 13.20 -8.42 21.07
CA ASN A 961 14.58 -8.13 21.44
C ASN A 961 15.58 -8.10 20.28
N ASP A 962 15.69 -9.18 19.49
CA ASP A 962 16.71 -9.38 18.47
C ASP A 962 16.76 -8.26 17.43
N ILE A 963 15.62 -7.60 17.18
CA ILE A 963 15.46 -6.78 16.00
C ILE A 963 16.08 -5.39 16.20
N VAL A 964 15.68 -4.68 17.25
CA VAL A 964 16.05 -3.29 17.48
C VAL A 964 17.53 -3.23 17.79
N TYR A 965 18.15 -2.07 17.55
CA TYR A 965 19.57 -2.09 17.20
C TYR A 965 20.47 -2.35 18.39
N GLY A 966 20.44 -1.51 19.40
CA GLY A 966 21.48 -1.60 20.42
C GLY A 966 21.23 -2.72 21.39
N TYR A 967 20.00 -3.23 21.43
CA TYR A 967 19.78 -4.53 22.04
C TYR A 967 20.43 -5.61 21.19
N GLY A 968 20.38 -5.46 19.86
CA GLY A 968 21.11 -6.38 19.01
C GLY A 968 22.57 -6.00 18.83
N LEU A 969 23.04 -5.02 19.61
CA LEU A 969 24.44 -5.02 20.02
C LEU A 969 24.64 -5.97 21.19
N GLN A 970 23.82 -5.79 22.23
CA GLN A 970 23.86 -6.63 23.43
C GLN A 970 23.61 -8.10 23.12
N GLU A 971 22.67 -8.39 22.21
CA GLU A 971 22.34 -9.77 21.90
C GLU A 971 23.46 -10.45 21.13
N LYS A 972 24.30 -9.68 20.43
CA LYS A 972 25.39 -10.30 19.69
C LYS A 972 26.51 -10.70 20.63
N ILE A 973 26.67 -9.99 21.76
CA ILE A 973 27.59 -10.48 22.78
C ILE A 973 27.10 -11.80 23.34
N GLN A 974 25.79 -11.87 23.70
CA GLN A 974 25.19 -12.92 24.54
C GLN A 974 25.49 -14.35 24.11
N LYS A 975 25.79 -14.57 22.83
CA LYS A 975 25.80 -15.91 22.27
C LYS A 975 26.97 -16.75 22.75
N SER A 976 28.00 -16.14 23.34
CA SER A 976 29.10 -16.94 23.87
C SER A 976 28.76 -17.47 25.27
N ALA A 977 27.95 -16.72 26.03
CA ALA A 977 27.38 -17.31 27.25
C ALA A 977 26.39 -18.40 26.89
N MET A 978 25.69 -18.22 25.77
CA MET A 978 24.84 -19.29 25.25
C MET A 978 25.69 -20.48 24.79
N ALA A 979 26.95 -20.23 24.41
CA ALA A 979 27.76 -21.29 23.86
C ALA A 979 28.44 -22.13 24.94
N THR A 980 28.90 -21.50 26.01
CA THR A 980 30.05 -22.04 26.75
C THR A 980 29.69 -22.69 28.08
N LYS A 981 28.41 -23.05 28.31
CA LYS A 981 27.96 -24.45 28.34
C LYS A 981 26.74 -24.58 29.28
N GLU A 982 26.27 -25.82 29.49
CA GLU A 982 25.16 -26.07 30.41
C GLU A 982 25.62 -26.40 31.83
N THR A 983 26.95 -26.52 32.05
CA THR A 983 27.56 -27.49 32.95
C THR A 983 27.12 -27.43 34.41
N THR A 984 27.56 -28.45 35.14
CA THR A 984 26.72 -29.20 36.07
C THR A 984 26.13 -28.37 37.20
N VAL A 985 26.85 -27.35 37.67
CA VAL A 985 26.36 -26.49 38.76
C VAL A 985 25.18 -25.67 38.27
N GLN A 986 25.25 -25.21 37.02
CA GLN A 986 24.10 -24.57 36.40
C GLN A 986 22.99 -25.58 36.13
N SER A 987 23.36 -26.82 35.85
CA SER A 987 22.37 -27.85 35.56
C SER A 987 21.62 -28.32 36.81
N LYS A 988 22.18 -28.12 38.01
CA LYS A 988 21.48 -28.53 39.22
C LYS A 988 20.38 -27.55 39.60
N ARG A 989 20.51 -26.28 39.20
CA ARG A 989 19.43 -25.34 39.42
C ARG A 989 18.51 -25.24 38.21
N VAL A 990 18.78 -25.99 37.14
CA VAL A 990 17.74 -26.25 36.14
C VAL A 990 16.63 -27.07 36.76
N SER A 991 17.01 -28.11 37.50
CA SER A 991 16.04 -29.06 38.03
C SER A 991 15.28 -28.48 39.21
N SER A 992 15.87 -27.53 39.93
CA SER A 992 15.15 -26.92 41.05
C SER A 992 14.02 -26.04 40.56
N ARG A 993 14.24 -25.32 39.47
CA ARG A 993 13.19 -24.46 38.94
C ARG A 993 12.14 -25.25 38.18
N LEU A 994 12.58 -26.26 37.42
CA LEU A 994 11.64 -27.04 36.61
C LEU A 994 10.70 -27.86 37.47
N HIS A 995 11.22 -28.40 38.57
CA HIS A 995 10.38 -29.16 39.49
C HIS A 995 9.34 -28.28 40.18
N ASP A 996 9.65 -26.99 40.35
CA ASP A 996 8.64 -26.06 40.83
C ASP A 996 7.60 -25.79 39.75
N VAL A 997 8.02 -25.81 38.47
CA VAL A 997 7.07 -25.68 37.37
C VAL A 997 6.24 -26.95 37.23
N ILE A 998 6.85 -28.10 37.56
CA ILE A 998 6.16 -29.40 37.44
C ILE A 998 5.02 -29.51 38.44
N VAL A 999 5.30 -29.23 39.73
CA VAL A 999 4.33 -29.54 40.77
C VAL A 999 3.17 -28.57 40.76
N ALA A 1000 3.32 -27.43 40.09
CA ALA A 1000 2.21 -26.50 39.96
C ALA A 1000 1.26 -26.95 38.85
N LYS A 1001 1.81 -27.48 37.76
CA LYS A 1001 0.99 -27.76 36.58
C LYS A 1001 0.45 -29.18 36.60
N THR A 1002 1.06 -30.06 37.41
CA THR A 1002 0.55 -31.42 37.54
C THR A 1002 -0.59 -31.50 38.53
N ARG A 1003 -0.65 -30.56 39.49
CA ARG A 1003 -1.60 -30.52 40.60
C ARG A 1003 -3.05 -30.56 40.13
N ASP A 1004 -3.34 -30.01 38.95
CA ASP A 1004 -4.41 -30.46 38.09
C ASP A 1004 -4.08 -29.98 36.68
N TYR A 1005 -4.51 -30.74 35.69
CA TYR A 1005 -4.45 -30.28 34.31
C TYR A 1005 -5.79 -30.49 33.62
N LYS A 1006 -6.22 -29.45 32.91
CA LYS A 1006 -7.24 -29.55 31.87
C LYS A 1006 -6.73 -28.72 30.69
N ILE A 1007 -7.22 -29.04 29.49
CA ILE A 1007 -6.80 -28.32 28.29
C ILE A 1007 -7.18 -26.85 28.37
N SER A 1008 -6.19 -25.98 28.42
CA SER A 1008 -6.40 -24.55 28.57
C SER A 1008 -6.83 -23.97 27.24
N THR A 1009 -8.07 -23.50 27.15
CA THR A 1009 -8.60 -22.86 25.96
C THR A 1009 -8.73 -21.38 26.21
N ILE A 1010 -8.47 -20.57 25.18
CA ILE A 1010 -8.14 -19.16 25.29
C ILE A 1010 -9.35 -18.38 24.76
N PRO A 1011 -9.61 -17.13 25.19
CA PRO A 1011 -10.61 -16.34 24.46
C PRO A 1011 -10.16 -16.00 23.04
N ALA A 1012 -8.85 -15.93 22.79
CA ALA A 1012 -8.31 -15.63 21.47
C ALA A 1012 -8.51 -16.76 20.45
N ASP A 1013 -9.05 -17.90 20.87
CA ASP A 1013 -9.68 -18.81 19.92
C ASP A 1013 -11.12 -19.12 20.33
N ALA A 1014 -12.04 -18.38 19.75
CA ALA A 1014 -13.11 -18.93 18.94
C ALA A 1014 -12.52 -19.64 17.75
N LEU A 1015 -11.41 -19.14 17.23
CA LEU A 1015 -11.34 -18.56 15.90
C LEU A 1015 -10.87 -19.59 14.89
N HIS A 1016 -10.86 -20.86 15.27
CA HIS A 1016 -11.16 -21.96 14.38
C HIS A 1016 -12.63 -22.30 14.52
N LEU A 1017 -12.98 -23.58 14.68
CA LEU A 1017 -14.38 -24.02 14.58
C LEU A 1017 -15.05 -23.54 13.31
N HIS A 1018 -14.42 -23.69 12.16
CA HIS A 1018 -15.14 -23.56 10.90
C HIS A 1018 -14.91 -24.74 9.97
N GLU A 1019 -15.96 -25.27 9.37
CA GLU A 1019 -15.85 -26.52 8.65
C GLU A 1019 -16.52 -26.42 7.29
N PHE A 1020 -15.91 -27.05 6.30
CA PHE A 1020 -16.36 -26.93 4.93
C PHE A 1020 -17.24 -28.11 4.57
N GLU A 1021 -18.31 -27.85 3.83
CA GLU A 1021 -19.25 -28.87 3.41
C GLU A 1021 -19.17 -29.03 1.90
N VAL A 1022 -18.99 -30.26 1.44
CA VAL A 1022 -18.79 -30.53 0.02
C VAL A 1022 -20.14 -30.49 -0.70
N GLU A 1023 -20.12 -30.01 -1.94
CA GLU A 1023 -21.30 -29.90 -2.77
C GLU A 1023 -21.16 -30.78 -4.00
N ASP A 1024 -22.10 -30.65 -4.93
CA ASP A 1024 -22.20 -31.58 -6.07
C ASP A 1024 -21.77 -30.96 -7.39
N VAL A 1025 -21.23 -29.74 -7.39
CA VAL A 1025 -20.87 -29.02 -8.61
C VAL A 1025 -19.38 -28.69 -8.59
N THR A 1026 -18.70 -28.90 -9.72
CA THR A 1026 -17.25 -28.89 -9.77
C THR A 1026 -16.70 -27.49 -10.00
N VAL A 1027 -15.38 -27.36 -9.83
CA VAL A 1027 -14.63 -26.14 -10.09
C VAL A 1027 -14.26 -26.05 -11.56
N ASP A 1028 -13.76 -24.90 -11.98
CA ASP A 1028 -12.97 -24.83 -13.21
C ASP A 1028 -11.52 -25.13 -12.87
N LEU A 1029 -10.73 -25.46 -13.89
CA LEU A 1029 -9.44 -26.04 -13.60
C LEU A 1029 -8.27 -25.17 -14.06
N LEU A 1030 -8.49 -23.87 -14.33
CA LEU A 1030 -7.44 -22.87 -14.60
C LEU A 1030 -6.52 -23.19 -15.76
N PRO A 1031 -6.86 -22.76 -16.99
CA PRO A 1031 -6.29 -23.31 -18.25
C PRO A 1031 -4.80 -23.56 -18.33
N HIS A 1032 -3.97 -23.01 -17.44
CA HIS A 1032 -2.58 -23.44 -17.38
C HIS A 1032 -2.41 -24.88 -16.88
N ALA A 1033 -3.48 -25.51 -16.36
CA ALA A 1033 -3.38 -26.91 -15.95
C ALA A 1033 -3.37 -27.84 -17.15
N LYS A 1034 -3.99 -27.44 -18.26
CA LYS A 1034 -3.87 -28.25 -19.47
C LYS A 1034 -2.45 -28.22 -20.00
N HIS A 1035 -1.76 -27.10 -19.82
CA HIS A 1035 -0.39 -26.98 -20.31
C HIS A 1035 0.58 -27.79 -19.47
N THR A 1036 0.43 -27.75 -18.14
CA THR A 1036 1.23 -28.59 -17.26
C THR A 1036 0.66 -29.97 -17.03
N SER A 1037 -0.38 -30.35 -17.79
CA SER A 1037 -0.78 -31.76 -17.82
C SER A 1037 0.35 -32.64 -18.30
N TYR A 1038 1.10 -32.20 -19.29
CA TYR A 1038 2.27 -32.90 -19.75
C TYR A 1038 3.33 -31.86 -20.09
N SER A 1039 4.57 -32.09 -19.65
CA SER A 1039 5.00 -33.31 -18.98
C SER A 1039 5.87 -33.07 -17.76
N SER A 1040 5.32 -33.38 -16.58
CA SER A 1040 6.04 -33.50 -15.31
C SER A 1040 6.79 -32.21 -14.95
N LEU A 1041 5.99 -31.18 -14.69
CA LEU A 1041 6.49 -29.84 -14.42
C LEU A 1041 7.33 -29.77 -13.14
N ALA A 1042 7.08 -30.67 -12.19
CA ALA A 1042 8.01 -30.99 -11.12
C ALA A 1042 7.98 -32.50 -10.95
N TYR A 1043 8.51 -33.01 -9.85
CA TYR A 1043 8.46 -34.46 -9.64
C TYR A 1043 7.09 -34.90 -9.12
N ASN A 1044 6.59 -34.28 -8.05
CA ASN A 1044 5.31 -34.70 -7.51
C ASN A 1044 4.12 -34.19 -8.32
N MET A 1045 4.35 -33.29 -9.27
CA MET A 1045 3.31 -32.71 -10.12
C MET A 1045 3.07 -33.51 -11.36
N SER A 1046 3.27 -34.83 -11.31
CA SER A 1046 2.85 -35.70 -12.39
C SER A 1046 1.33 -35.67 -12.51
N PHE A 1047 0.85 -36.10 -13.67
CA PHE A 1047 -0.54 -35.93 -14.05
C PHE A 1047 -1.46 -36.74 -13.14
N GLY A 1048 -2.42 -36.06 -12.53
CA GLY A 1048 -3.31 -36.72 -11.59
C GLY A 1048 -2.67 -37.04 -10.26
N SER A 1049 -1.98 -36.10 -9.65
CA SER A 1049 -1.37 -36.28 -8.34
C SER A 1049 -1.86 -35.17 -7.42
N ASP A 1050 -1.31 -35.12 -6.21
CA ASP A 1050 -1.78 -34.11 -5.26
C ASP A 1050 -1.18 -32.74 -5.56
N GLY A 1051 0.10 -32.68 -5.91
CA GLY A 1051 0.75 -31.40 -6.12
C GLY A 1051 0.41 -30.79 -7.46
N TRP A 1052 0.07 -31.62 -8.43
CA TRP A 1052 -0.36 -31.10 -9.73
C TRP A 1052 -1.74 -30.48 -9.62
N PHE A 1053 -2.65 -31.18 -8.98
CA PHE A 1053 -4.02 -30.74 -8.80
C PHE A 1053 -4.11 -29.52 -7.90
N ALA A 1054 -3.23 -29.41 -6.91
CA ALA A 1054 -3.17 -28.20 -6.10
C ALA A 1054 -2.66 -27.03 -6.93
N PHE A 1055 -1.67 -27.27 -7.80
CA PHE A 1055 -1.26 -26.26 -8.76
C PHE A 1055 -2.35 -26.01 -9.81
N ALA A 1056 -3.27 -26.95 -10.00
CA ALA A 1056 -4.41 -26.73 -10.89
C ALA A 1056 -5.57 -26.03 -10.20
N LEU A 1057 -5.99 -26.55 -9.04
CA LEU A 1057 -7.20 -26.03 -8.40
C LEU A 1057 -6.94 -24.75 -7.62
N LEU A 1058 -5.99 -24.80 -6.68
CA LEU A 1058 -5.59 -23.58 -5.98
C LEU A 1058 -4.93 -22.61 -6.94
N GLY A 1059 -3.90 -23.06 -7.63
CA GLY A 1059 -3.50 -22.40 -8.85
C GLY A 1059 -2.57 -21.23 -8.65
N GLY A 1060 -1.71 -21.04 -9.62
CA GLY A 1060 -0.99 -19.80 -9.85
C GLY A 1060 0.17 -19.58 -8.89
N LEU A 1061 1.03 -18.65 -9.27
CA LEU A 1061 1.95 -17.97 -8.38
C LEU A 1061 2.02 -16.52 -8.85
N ASP A 1062 1.75 -15.58 -7.95
CA ASP A 1062 1.80 -14.18 -8.36
C ASP A 1062 3.25 -13.74 -8.40
N ARG A 1063 3.53 -12.72 -9.20
CA ARG A 1063 4.82 -12.07 -9.09
C ARG A 1063 4.78 -10.97 -8.04
N SER A 1064 3.57 -10.49 -7.73
CA SER A 1064 3.41 -9.25 -6.98
C SER A 1064 3.81 -9.41 -5.51
N ALA A 1065 3.64 -10.59 -4.93
CA ALA A 1065 3.99 -10.75 -3.53
C ALA A 1065 5.49 -10.87 -3.34
N ASN A 1066 6.09 -11.93 -3.86
CA ASN A 1066 7.46 -12.25 -3.52
C ASN A 1066 8.48 -11.56 -4.41
N LEU A 1067 8.11 -10.44 -5.05
CA LEU A 1067 9.12 -9.46 -5.46
C LEU A 1067 9.43 -8.49 -4.34
N LEU A 1068 8.40 -8.04 -3.62
CA LEU A 1068 8.62 -7.16 -2.48
C LEU A 1068 9.31 -7.89 -1.33
N ARG A 1069 8.99 -9.17 -1.13
CA ARG A 1069 9.73 -9.97 -0.17
C ARG A 1069 11.14 -10.23 -0.68
N LEU A 1070 11.28 -10.38 -2.00
CA LEU A 1070 12.61 -10.38 -2.58
C LEU A 1070 13.26 -9.01 -2.53
N ASP A 1071 12.47 -7.96 -2.31
CA ASP A 1071 13.02 -6.64 -2.08
C ASP A 1071 13.31 -6.39 -0.60
N VAL A 1072 12.60 -7.10 0.31
CA VAL A 1072 12.80 -6.90 1.75
C VAL A 1072 14.16 -7.44 2.21
N ALA A 1073 14.49 -8.69 1.84
CA ALA A 1073 15.67 -9.35 2.38
C ALA A 1073 16.98 -8.86 1.77
N SER A 1074 16.93 -7.94 0.80
CA SER A 1074 18.15 -7.28 0.34
C SER A 1074 18.67 -6.31 1.41
N ILE A 1075 17.80 -5.89 2.32
CA ILE A 1075 18.23 -5.20 3.53
C ILE A 1075 19.03 -6.15 4.44
N ARG A 1076 18.51 -7.35 4.68
CA ARG A 1076 18.70 -8.04 5.95
C ARG A 1076 19.23 -9.48 5.72
N GLY A 1077 20.35 -9.58 5.01
CA GLY A 1077 21.11 -10.82 5.04
C GLY A 1077 20.55 -11.98 4.24
N ASN A 1078 20.59 -11.83 2.91
CA ASN A 1078 20.08 -12.80 1.96
C ASN A 1078 21.14 -13.78 1.46
N TYR A 1079 20.85 -15.22 1.70
CA TYR A 1079 21.46 -16.04 0.68
C TYR A 1079 20.80 -17.39 0.48
N HIS A 1080 19.41 -17.67 1.19
CA HIS A 1080 18.80 -19.01 1.25
C HIS A 1080 17.31 -18.89 1.57
N LYS A 1081 16.73 -19.91 2.17
CA LYS A 1081 15.27 -20.08 2.24
C LYS A 1081 14.28 -19.05 2.91
N PHE A 1082 14.50 -18.43 4.05
CA PHE A 1082 14.04 -17.03 4.27
C PHE A 1082 12.53 -16.90 4.34
N SER A 1083 12.34 -18.04 5.04
CA SER A 1083 10.91 -18.36 5.19
C SER A 1083 10.17 -17.48 6.18
N TYR A 1084 8.87 -17.25 5.90
CA TYR A 1084 8.24 -15.91 5.99
C TYR A 1084 8.28 -15.25 7.36
N ASP A 1085 8.86 -15.91 8.38
CA ASP A 1085 8.82 -15.49 9.78
C ASP A 1085 9.39 -14.09 9.98
N ASP A 1086 10.65 -13.85 9.60
CA ASP A 1086 11.22 -12.52 9.37
C ASP A 1086 10.90 -11.47 10.44
N PRO A 1087 11.52 -11.56 11.62
CA PRO A 1087 10.94 -10.88 12.79
C PRO A 1087 10.97 -9.36 12.75
N VAL A 1088 11.58 -8.76 11.73
CA VAL A 1088 11.29 -7.35 11.41
C VAL A 1088 9.88 -7.23 10.83
N PHE A 1089 9.55 -8.07 9.86
CA PHE A 1089 8.42 -7.80 8.98
C PHE A 1089 7.08 -8.08 9.65
N LYS A 1090 7.00 -9.13 10.47
CA LYS A 1090 5.73 -9.43 11.13
C LYS A 1090 5.49 -8.47 12.29
N GLN A 1091 6.54 -8.12 13.02
CA GLN A 1091 6.38 -7.21 14.14
C GLN A 1091 6.11 -5.78 13.68
N GLY A 1092 6.64 -5.42 12.51
CA GLY A 1092 6.38 -4.08 11.99
C GLY A 1092 4.99 -3.95 11.42
N TYR A 1093 4.44 -5.06 10.94
CA TYR A 1093 3.10 -5.00 10.35
C TYR A 1093 2.03 -4.93 11.41
N LYS A 1094 2.24 -5.61 12.56
CA LYS A 1094 1.27 -5.57 13.66
C LYS A 1094 1.17 -4.16 14.23
N ILE A 1095 2.21 -3.36 14.05
CA ILE A 1095 2.11 -1.94 14.38
C ILE A 1095 1.51 -1.18 13.21
N TYR A 1096 1.83 -1.58 11.96
CA TYR A 1096 1.37 -0.82 10.79
C TYR A 1096 -0.13 -0.93 10.59
N LYS A 1097 -0.67 -2.15 10.70
CA LYS A 1097 -2.05 -2.37 10.32
C LYS A 1097 -3.02 -1.80 11.35
N SER A 1098 -2.89 -2.25 12.60
CA SER A 1098 -3.86 -1.88 13.61
C SER A 1098 -3.62 -0.47 14.14
N ASP A 1099 -2.34 -0.08 14.23
CA ASP A 1099 -1.90 0.80 15.30
C ASP A 1099 -1.27 2.11 14.81
N ALA A 1100 -0.65 2.11 13.63
CA ALA A 1100 0.44 3.02 13.29
C ALA A 1100 0.04 4.48 13.20
N THR A 1101 0.32 5.23 14.27
CA THR A 1101 0.91 6.55 14.12
C THR A 1101 2.29 6.55 14.76
N LEU A 1102 2.62 5.46 15.47
CA LEU A 1102 3.89 5.34 16.18
C LEU A 1102 5.02 5.00 15.24
N LEU A 1103 4.71 4.71 13.97
CA LEU A 1103 5.60 3.98 13.08
C LEU A 1103 6.77 4.82 12.58
N ASN A 1104 6.73 6.12 12.83
CA ASN A 1104 7.94 6.93 12.77
C ASN A 1104 8.97 6.47 13.81
N ASP A 1105 8.51 6.01 14.98
CA ASP A 1105 9.42 5.88 16.12
C ASP A 1105 10.24 4.60 16.08
N PHE A 1106 9.67 3.47 15.63
CA PHE A 1106 10.51 2.27 15.63
C PHE A 1106 11.27 2.06 14.32
N PHE A 1107 11.20 2.98 13.36
CA PHE A 1107 12.13 2.91 12.23
C PHE A 1107 13.53 3.32 12.64
N THR A 1108 13.68 4.27 13.56
CA THR A 1108 14.98 4.56 14.13
C THR A 1108 15.33 3.63 15.28
N ALA A 1109 14.45 2.68 15.62
CA ALA A 1109 14.84 1.55 16.44
C ALA A 1109 15.49 0.47 15.60
N ILE A 1110 15.11 0.37 14.32
CA ILE A 1110 15.89 -0.40 13.35
C ILE A 1110 17.19 0.30 13.02
N SER A 1111 17.21 1.64 13.14
CA SER A 1111 18.10 2.53 12.39
C SER A 1111 18.00 2.22 10.90
N ALA A 1112 16.76 2.12 10.43
CA ALA A 1112 16.50 1.98 9.01
C ALA A 1112 16.73 3.33 8.34
N GLY A 1113 17.57 3.33 7.31
CA GLY A 1113 17.82 4.53 6.52
C GLY A 1113 16.61 4.89 5.69
N PRO A 1114 16.64 6.04 5.03
CA PRO A 1114 15.47 6.47 4.23
C PRO A 1114 15.17 5.57 3.06
N LYS A 1115 16.20 4.99 2.42
CA LYS A 1115 15.98 3.99 1.38
C LYS A 1115 15.43 2.71 1.97
N GLU A 1116 16.05 2.22 3.05
CA GLU A 1116 15.62 1.01 3.76
C GLU A 1116 14.19 1.14 4.29
N GLN A 1117 13.80 2.35 4.70
CA GLN A 1117 12.43 2.60 5.11
C GLN A 1117 11.46 2.46 3.94
N GLY A 1118 11.87 2.83 2.73
CA GLY A 1118 11.00 2.76 1.56
C GLY A 1118 10.70 1.34 1.11
N ILE A 1119 11.65 0.42 1.25
CA ILE A 1119 11.42 -0.99 0.94
C ILE A 1119 10.28 -1.56 1.78
N LEU A 1120 10.30 -1.32 3.10
CA LEU A 1120 9.44 -2.05 4.04
C LEU A 1120 7.97 -1.64 3.93
N LEU A 1121 7.77 -0.35 3.74
CA LEU A 1121 6.48 0.30 3.63
C LEU A 1121 5.63 -0.15 2.43
N ARG A 1122 6.29 -0.41 1.31
CA ARG A 1122 5.66 -0.95 0.11
C ARG A 1122 5.26 -2.40 0.29
N ALA A 1123 6.04 -3.15 1.08
CA ALA A 1123 5.64 -4.49 1.46
C ALA A 1123 4.54 -4.48 2.52
N PHE A 1124 4.48 -3.47 3.39
CA PHE A 1124 3.40 -3.43 4.37
C PHE A 1124 2.07 -3.09 3.71
N ALA A 1125 2.08 -2.18 2.74
CA ALA A 1125 0.85 -1.76 2.10
C ALA A 1125 0.31 -2.83 1.16
N TYR A 1126 1.17 -3.68 0.61
CA TYR A 1126 0.71 -4.81 -0.18
C TYR A 1126 0.25 -5.97 0.70
N TYR A 1127 0.80 -6.10 1.90
CA TYR A 1127 0.39 -7.11 2.87
C TYR A 1127 -0.80 -6.64 3.70
N SER A 1128 -1.61 -5.72 3.16
CA SER A 1128 -2.85 -5.32 3.80
C SER A 1128 -4.09 -5.80 3.05
N LEU A 1129 -3.93 -6.48 1.92
CA LEU A 1129 -5.08 -7.10 1.27
C LEU A 1129 -5.44 -8.36 2.04
N TYR A 1130 -4.51 -9.31 2.02
CA TYR A 1130 -4.35 -10.43 2.92
C TYR A 1130 -3.30 -10.01 3.95
N GLY A 1131 -3.32 -10.56 5.16
CA GLY A 1131 -4.37 -11.35 5.74
C GLY A 1131 -4.48 -10.87 7.18
N ASN A 1132 -4.66 -11.80 8.12
CA ASN A 1132 -4.89 -11.39 9.49
C ASN A 1132 -3.64 -11.57 10.35
N VAL A 1133 -3.41 -10.62 11.25
CA VAL A 1133 -2.46 -10.82 12.34
C VAL A 1133 -3.08 -11.71 13.42
N GLU A 1134 -4.39 -11.63 13.58
CA GLU A 1134 -5.12 -12.28 14.66
C GLU A 1134 -5.15 -13.80 14.55
N TYR A 1135 -5.02 -14.34 13.35
CA TYR A 1135 -4.97 -15.78 13.13
C TYR A 1135 -3.60 -16.11 12.54
N HIS A 1136 -2.75 -16.77 13.32
CA HIS A 1136 -1.39 -17.06 12.90
C HIS A 1136 -1.32 -18.38 12.15
N TYR A 1137 -0.48 -18.41 11.12
CA TYR A 1137 -0.19 -19.62 10.38
C TYR A 1137 1.20 -19.42 9.78
N VAL A 1138 1.96 -20.49 9.66
CA VAL A 1138 3.23 -20.34 8.96
C VAL A 1138 3.49 -21.54 8.06
N LEU A 1139 3.79 -21.23 6.81
CA LEU A 1139 4.38 -22.13 5.86
C LEU A 1139 5.66 -21.51 5.32
N SER A 1140 6.43 -22.30 4.60
CA SER A 1140 7.67 -21.82 4.03
C SER A 1140 7.53 -21.81 2.50
N PRO A 1141 8.23 -20.91 1.81
CA PRO A 1141 8.21 -20.98 0.34
C PRO A 1141 8.93 -22.18 -0.21
N ARG A 1142 9.74 -22.85 0.61
CA ARG A 1142 10.30 -24.14 0.23
C ARG A 1142 9.24 -25.22 0.26
N GLN A 1143 8.15 -24.99 0.99
CA GLN A 1143 7.13 -26.02 1.13
C GLN A 1143 6.17 -26.04 -0.06
N LEU A 1144 6.05 -24.92 -0.79
CA LEU A 1144 4.96 -24.80 -1.75
C LEU A 1144 5.36 -24.15 -3.08
N PHE A 1145 6.54 -24.51 -3.64
CA PHE A 1145 7.28 -23.77 -4.71
C PHE A 1145 6.48 -23.02 -5.76
N PHE A 1146 5.56 -23.75 -6.41
CA PHE A 1146 4.76 -23.22 -7.49
C PHE A 1146 3.35 -22.90 -7.03
N LEU A 1147 2.92 -23.43 -5.90
CA LEU A 1147 1.65 -23.08 -5.30
C LEU A 1147 1.64 -21.61 -4.90
N SER A 1148 0.45 -21.03 -4.84
CA SER A 1148 0.35 -19.59 -4.61
C SER A 1148 0.61 -19.23 -3.16
N ASP A 1149 1.20 -18.06 -2.96
CA ASP A 1149 1.32 -17.43 -1.66
C ASP A 1149 -0.03 -16.95 -1.14
N ASN A 1150 -0.92 -16.51 -2.01
CA ASN A 1150 -2.00 -15.63 -1.61
C ASN A 1150 -3.21 -16.45 -1.25
N PRO A 1151 -3.92 -16.09 -0.18
CA PRO A 1151 -5.24 -16.67 0.04
C PRO A 1151 -6.32 -16.10 -0.87
N VAL A 1152 -5.98 -15.10 -1.69
CA VAL A 1152 -6.90 -14.55 -2.67
C VAL A 1152 -7.26 -15.59 -3.73
N SER A 1153 -6.32 -16.47 -4.08
CA SER A 1153 -6.59 -17.47 -5.11
C SER A 1153 -7.53 -18.57 -4.63
N ALA A 1154 -7.73 -18.66 -3.31
CA ALA A 1154 -8.59 -19.72 -2.80
C ALA A 1154 -10.02 -19.24 -2.57
N GLU A 1155 -10.25 -17.94 -2.60
CA GLU A 1155 -11.60 -17.41 -2.48
C GLU A 1155 -12.45 -17.69 -3.71
N ARG A 1156 -11.80 -18.00 -4.84
CA ARG A 1156 -12.49 -18.49 -6.02
C ARG A 1156 -13.12 -19.87 -5.78
N LEU A 1157 -12.62 -20.59 -4.78
CA LEU A 1157 -12.96 -22.00 -4.62
C LEU A 1157 -14.02 -22.23 -3.54
N VAL A 1158 -14.29 -21.26 -2.68
CA VAL A 1158 -15.26 -21.43 -1.60
C VAL A 1158 -16.19 -20.23 -1.58
N ARG A 1159 -17.49 -20.48 -1.73
CA ARG A 1159 -18.50 -19.45 -1.52
C ARG A 1159 -18.72 -19.31 -0.03
N ILE A 1160 -18.95 -18.07 0.41
CA ILE A 1160 -19.36 -17.76 1.76
C ILE A 1160 -20.70 -17.05 1.64
N PRO A 1161 -21.77 -17.53 2.24
CA PRO A 1161 -23.05 -16.81 2.18
C PRO A 1161 -22.95 -15.49 2.92
N PRO A 1162 -23.23 -14.37 2.24
CA PRO A 1162 -22.68 -13.09 2.68
C PRO A 1162 -23.36 -12.48 3.90
N LYS A 1163 -24.15 -13.22 4.66
CA LYS A 1163 -24.49 -12.80 6.01
C LYS A 1163 -23.36 -13.04 6.99
N TYR A 1164 -22.29 -13.72 6.56
CA TYR A 1164 -21.16 -14.00 7.43
C TYR A 1164 -20.12 -12.90 7.42
N TYR A 1165 -20.15 -12.01 6.44
CA TYR A 1165 -19.21 -10.90 6.38
C TYR A 1165 -19.60 -9.91 7.45
N VAL A 1166 -18.87 -9.92 8.57
CA VAL A 1166 -19.35 -9.37 9.82
C VAL A 1166 -18.31 -8.51 10.54
N SER A 1167 -17.18 -8.19 9.90
CA SER A 1167 -16.19 -7.28 10.46
C SER A 1167 -15.33 -6.72 9.35
N THR A 1168 -14.51 -5.71 9.67
CA THR A 1168 -13.83 -4.95 8.64
C THR A 1168 -12.67 -5.73 8.03
N GLN A 1169 -12.04 -6.59 8.82
CA GLN A 1169 -10.99 -7.47 8.33
C GLN A 1169 -11.53 -8.84 7.92
N CYS A 1170 -12.83 -9.06 8.09
CA CYS A 1170 -13.42 -10.39 8.08
C CYS A 1170 -13.53 -11.00 6.69
N ARG A 1171 -13.52 -10.18 5.64
CA ARG A 1171 -13.34 -10.72 4.30
C ARG A 1171 -11.93 -11.27 4.16
N ALA A 1172 -10.94 -10.55 4.67
CA ALA A 1172 -9.55 -10.93 4.54
C ALA A 1172 -9.17 -12.08 5.46
N LEU A 1173 -9.99 -12.37 6.45
CA LEU A 1173 -9.74 -13.49 7.36
C LEU A 1173 -10.35 -14.79 6.85
N TYR A 1174 -11.50 -14.72 6.18
CA TYR A 1174 -12.11 -15.92 5.61
C TYR A 1174 -11.32 -16.50 4.45
N ASN A 1175 -10.40 -15.72 3.87
CA ASN A 1175 -9.60 -16.24 2.77
C ASN A 1175 -8.62 -17.29 3.27
N ILE A 1176 -7.98 -17.05 4.42
CA ILE A 1176 -7.03 -18.01 5.00
C ILE A 1176 -7.74 -19.30 5.38
N PHE A 1177 -9.00 -19.20 5.83
CA PHE A 1177 -9.82 -20.40 6.06
C PHE A 1177 -10.01 -21.18 4.77
N SER A 1178 -10.30 -20.46 3.68
CA SER A 1178 -10.40 -21.10 2.38
C SER A 1178 -9.02 -21.50 1.86
N TYR A 1179 -7.97 -20.84 2.34
CA TYR A 1179 -6.64 -21.10 1.79
C TYR A 1179 -6.07 -22.38 2.35
N LEU A 1180 -6.26 -22.61 3.64
CA LEU A 1180 -5.52 -23.69 4.26
C LEU A 1180 -6.18 -25.03 4.03
N HIS A 1181 -7.51 -25.10 4.19
CA HIS A 1181 -8.23 -26.37 4.11
C HIS A 1181 -8.19 -26.99 2.72
N ILE A 1182 -7.92 -26.19 1.70
CA ILE A 1182 -7.60 -26.77 0.40
C ILE A 1182 -6.22 -27.41 0.43
N LEU A 1183 -5.24 -26.72 1.02
CA LEU A 1183 -3.89 -27.27 1.09
C LEU A 1183 -3.79 -28.39 2.12
N ARG A 1184 -4.55 -28.28 3.22
CA ARG A 1184 -4.54 -29.35 4.22
C ARG A 1184 -5.19 -30.62 3.67
N SER A 1185 -6.42 -30.51 3.18
CA SER A 1185 -7.13 -31.63 2.59
C SER A 1185 -7.05 -31.50 1.08
N ILE A 1186 -5.93 -31.93 0.52
CA ILE A 1186 -5.78 -32.03 -0.92
C ILE A 1186 -5.83 -33.47 -1.41
N ALA A 1187 -5.51 -34.45 -0.56
CA ALA A 1187 -5.62 -35.85 -0.92
C ALA A 1187 -7.06 -36.35 -0.98
N ASN A 1188 -8.00 -35.58 -0.43
CA ASN A 1188 -9.42 -35.87 -0.50
C ASN A 1188 -10.15 -34.73 -1.21
N ASN A 1189 -9.63 -34.33 -2.36
CA ASN A 1189 -10.27 -33.27 -3.16
C ASN A 1189 -10.64 -33.85 -4.51
N ARG A 1190 -11.94 -34.15 -4.68
CA ARG A 1190 -12.45 -34.63 -5.96
C ARG A 1190 -12.45 -33.56 -7.04
N GLY A 1191 -12.27 -32.31 -6.64
CA GLY A 1191 -12.55 -31.22 -7.55
C GLY A 1191 -13.93 -30.65 -7.40
N LYS A 1192 -14.62 -31.04 -6.33
CA LYS A 1192 -15.80 -30.30 -5.85
C LYS A 1192 -15.46 -28.94 -5.25
N ARG A 1193 -16.45 -28.07 -5.17
CA ARG A 1193 -16.25 -26.82 -4.46
C ARG A 1193 -16.88 -26.78 -3.09
N LEU A 1194 -16.07 -26.69 -2.05
CA LEU A 1194 -16.57 -26.71 -0.69
C LEU A 1194 -17.16 -25.39 -0.22
N LYS A 1195 -18.04 -25.43 0.78
CA LYS A 1195 -18.70 -24.23 1.29
C LYS A 1195 -18.59 -24.09 2.82
N MET A 1196 -18.49 -22.88 3.33
CA MET A 1196 -18.08 -22.65 4.70
C MET A 1196 -19.31 -22.45 5.58
N VAL A 1197 -19.36 -23.16 6.71
CA VAL A 1197 -20.31 -22.86 7.78
C VAL A 1197 -19.52 -22.52 9.03
N LEU A 1198 -20.11 -21.71 9.91
CA LEU A 1198 -19.38 -21.14 11.03
C LEU A 1198 -20.14 -21.33 12.33
N HIS A 1199 -19.39 -21.38 13.42
CA HIS A 1199 -19.96 -21.29 14.74
C HIS A 1199 -20.36 -19.83 15.03
N PRO A 1200 -21.51 -19.59 15.67
CA PRO A 1200 -21.95 -18.20 15.89
C PRO A 1200 -21.10 -17.45 16.91
N GLY A 1201 -20.36 -18.14 17.76
CA GLY A 1201 -19.33 -17.48 18.55
C GLY A 1201 -18.16 -17.01 17.71
N LEU A 1202 -17.82 -17.74 16.64
CA LEU A 1202 -16.81 -17.22 15.72
C LEU A 1202 -17.33 -15.99 14.99
N ILE A 1203 -18.62 -15.95 14.70
CA ILE A 1203 -19.25 -14.70 14.27
C ILE A 1203 -19.15 -13.67 15.40
N ALA A 1204 -19.39 -14.10 16.64
CA ALA A 1204 -19.38 -13.19 17.77
C ALA A 1204 -17.99 -12.74 18.17
N TYR A 1205 -16.96 -13.57 17.94
CA TYR A 1205 -15.63 -13.16 18.38
C TYR A 1205 -15.01 -12.10 17.50
N VAL A 1206 -15.17 -12.21 16.17
CA VAL A 1206 -14.58 -11.22 15.29
C VAL A 1206 -15.32 -9.90 15.29
N ARG A 1207 -16.47 -9.84 15.96
CA ARG A 1207 -17.12 -8.56 16.13
C ARG A 1207 -16.49 -7.88 17.33
N GLY A 1208 -15.36 -7.25 17.04
CA GLY A 1208 -14.57 -6.58 18.06
C GLY A 1208 -13.10 -6.56 17.70
N PHE B 1 51.22 18.02 20.12
CA PHE B 1 51.74 16.87 19.38
C PHE B 1 51.00 15.60 19.75
N ALA B 2 51.24 14.54 18.98
CA ALA B 2 50.69 13.24 19.33
C ALA B 2 51.44 12.64 20.52
N ILE B 3 52.77 12.66 20.47
CA ILE B 3 53.60 12.32 21.60
C ILE B 3 54.20 13.60 22.14
N ASP B 4 54.08 13.84 23.45
CA ASP B 4 54.55 15.12 24.00
C ASP B 4 56.07 15.17 24.01
N PRO B 5 56.68 16.30 23.67
CA PRO B 5 58.13 16.38 23.56
C PRO B 5 58.86 16.80 24.84
N LEU B 6 58.19 16.84 25.98
CA LEU B 6 58.91 17.09 27.22
C LEU B 6 58.98 15.88 28.13
N LYS B 7 58.01 14.97 28.08
CA LYS B 7 58.10 13.71 28.79
C LYS B 7 58.75 12.61 27.96
N HIS B 8 58.88 12.83 26.65
CA HIS B 8 59.31 11.81 25.71
C HIS B 8 60.29 12.44 24.71
N SER B 9 61.28 13.16 25.25
CA SER B 9 62.04 14.10 24.43
C SER B 9 63.07 13.44 23.55
N LYS B 10 63.44 12.19 23.83
CA LYS B 10 64.55 11.57 23.11
C LYS B 10 64.16 11.15 21.70
N LEU B 11 62.87 10.90 21.45
CA LEU B 11 62.44 10.52 20.11
C LEU B 11 62.60 11.66 19.13
N TYR B 12 62.29 12.89 19.55
CA TYR B 12 62.58 14.05 18.73
C TYR B 12 64.08 14.30 18.61
N GLU B 13 64.86 13.89 19.61
CA GLU B 13 66.32 13.97 19.49
C GLU B 13 66.85 12.99 18.46
N GLU B 14 66.15 11.88 18.21
CA GLU B 14 66.57 10.94 17.19
C GLU B 14 66.34 11.46 15.78
N TYR B 15 65.44 12.42 15.60
CA TYR B 15 65.12 12.95 14.29
C TYR B 15 65.93 14.19 13.94
N GLY B 16 66.76 14.67 14.85
CA GLY B 16 67.47 15.93 14.63
C GLY B 16 66.72 17.14 15.11
N LEU B 17 65.83 16.97 16.09
CA LEU B 17 64.84 17.97 16.48
C LEU B 17 64.92 18.18 18.00
N TYR B 18 65.79 19.08 18.44
CA TYR B 18 66.02 19.22 19.88
C TYR B 18 65.11 20.28 20.47
N LEU B 19 64.76 20.09 21.74
CA LEU B 19 63.75 20.91 22.40
C LEU B 19 64.34 22.23 22.88
N ARG B 20 63.67 23.32 22.52
CA ARG B 20 64.14 24.67 22.81
C ARG B 20 64.10 24.94 24.32
N PRO B 21 65.15 25.56 24.88
CA PRO B 21 65.18 25.78 26.33
C PRO B 21 64.20 26.87 26.76
N HIS B 22 63.73 26.74 27.99
CA HIS B 22 62.70 27.63 28.52
C HIS B 22 63.30 28.92 29.04
N ALA B 39 56.53 34.33 27.23
CA ALA B 39 56.71 33.41 26.12
C ALA B 39 55.38 32.73 25.80
N PRO B 40 54.90 32.86 24.56
CA PRO B 40 53.59 32.30 24.23
C PRO B 40 53.57 30.89 23.62
N THR B 41 54.69 30.35 23.16
CA THR B 41 54.72 28.97 22.70
C THR B 41 55.50 28.05 23.62
N ILE B 42 56.45 28.60 24.39
CA ILE B 42 57.05 27.86 25.49
C ILE B 42 56.00 27.56 26.55
N ARG B 43 55.03 28.45 26.71
CA ARG B 43 53.93 28.23 27.64
C ARG B 43 52.89 27.28 27.06
N SER B 44 52.75 27.23 25.74
CA SER B 44 51.75 26.39 25.12
C SER B 44 52.16 24.93 25.01
N ILE B 45 53.46 24.66 24.95
CA ILE B 45 53.93 23.28 24.88
C ILE B 45 53.87 22.61 26.24
N LYS B 46 53.88 23.40 27.32
CA LYS B 46 53.59 22.86 28.64
C LYS B 46 52.09 22.64 28.82
N TYR B 47 51.27 23.47 28.18
CA TYR B 47 49.82 23.28 28.23
C TYR B 47 49.38 22.01 27.51
N ALA B 48 50.04 21.66 26.42
CA ALA B 48 49.62 20.47 25.66
C ALA B 48 50.02 19.19 26.38
N SER B 49 51.19 19.20 27.03
CA SER B 49 51.63 18.03 27.77
C SER B 49 50.84 17.82 29.05
N LEU B 50 50.18 18.86 29.57
CA LEU B 50 49.26 18.69 30.68
C LEU B 50 48.00 17.95 30.27
N ILE B 51 47.57 18.09 29.01
CA ILE B 51 46.40 17.38 28.52
C ILE B 51 46.68 15.89 28.42
N HIS B 52 47.91 15.52 28.04
CA HIS B 52 48.25 14.11 27.87
C HIS B 52 48.26 13.35 29.19
N SER B 53 48.58 14.03 30.30
CA SER B 53 48.43 13.39 31.60
C SER B 53 46.97 13.27 32.01
N MET B 54 46.11 14.13 31.47
CA MET B 54 44.68 14.04 31.76
C MET B 54 44.01 12.98 30.89
N LEU B 55 44.38 13.01 29.61
CA LEU B 55 43.88 12.11 28.60
C LEU B 55 44.27 10.69 28.86
N ALA B 56 45.52 10.47 29.24
CA ALA B 56 46.00 9.12 29.50
C ALA B 56 45.26 8.52 30.67
N GLU B 57 45.01 9.31 31.71
CA GLU B 57 44.25 8.80 32.84
C GLU B 57 42.88 8.37 32.41
N HIS B 58 42.22 9.17 31.59
CA HIS B 58 40.86 8.89 31.22
C HIS B 58 40.70 7.56 30.49
N ALA B 59 41.65 7.23 29.64
CA ALA B 59 41.60 5.96 28.96
C ALA B 59 42.28 4.83 29.71
N ALA B 60 42.85 5.09 30.88
CA ALA B 60 42.82 4.06 31.91
C ALA B 60 41.42 3.76 32.42
N ARG B 61 40.63 4.79 32.67
CA ARG B 61 39.57 4.60 33.65
C ARG B 61 38.75 3.49 33.09
N HIS B 62 38.47 3.56 31.80
CA HIS B 62 37.84 2.46 31.13
C HIS B 62 38.73 1.99 30.02
N ASN B 63 39.18 0.75 30.10
CA ASN B 63 40.34 0.32 29.34
C ASN B 63 39.98 0.29 27.88
N GLY B 64 40.93 0.55 26.98
CA GLY B 64 41.72 1.76 26.91
C GLY B 64 40.97 3.02 26.58
N THR B 65 39.79 2.90 25.96
CA THR B 65 39.28 3.86 25.02
C THR B 65 38.47 4.96 25.69
N LEU B 66 38.98 6.18 25.66
CA LEU B 66 38.35 7.29 26.35
C LEU B 66 37.04 7.59 25.72
N ILE B 67 36.03 7.93 26.51
CA ILE B 67 34.69 7.56 26.13
C ILE B 67 33.81 8.73 25.84
N ASN B 68 33.29 8.72 24.64
CA ASN B 68 32.96 9.88 23.84
C ASN B 68 34.22 10.62 23.39
N PRO B 69 34.96 10.10 22.40
CA PRO B 69 36.09 10.87 21.86
C PRO B 69 35.65 12.02 20.99
N ARG B 70 34.42 12.05 20.54
CA ARG B 70 33.98 13.21 19.78
C ARG B 70 33.91 14.50 20.57
N MET B 71 33.34 14.47 21.77
CA MET B 71 33.38 15.65 22.61
C MET B 71 34.78 15.87 23.19
N TYR B 72 35.62 14.83 23.22
CA TYR B 72 37.03 15.04 23.54
C TYR B 72 37.73 15.83 22.44
N ALA B 73 37.61 15.37 21.19
CA ALA B 73 38.32 15.97 20.09
C ALA B 73 37.81 17.36 19.74
N ASP B 74 36.59 17.69 20.13
CA ASP B 74 36.09 19.05 20.00
C ASP B 74 36.42 19.93 21.19
N MET B 75 37.41 19.54 21.98
CA MET B 75 37.93 20.39 23.04
C MET B 75 39.39 20.76 22.84
N ILE B 76 40.25 19.77 22.59
CA ILE B 76 41.66 20.05 22.33
C ILE B 76 41.82 20.80 21.02
N THR B 77 41.18 20.30 19.96
CA THR B 77 41.36 20.89 18.63
C THR B 77 40.60 22.21 18.50
N LEU B 78 39.45 22.33 19.16
CA LEU B 78 38.55 23.45 18.97
C LEU B 78 38.20 24.03 20.33
N GLY B 79 38.25 25.36 20.44
CA GLY B 79 37.97 26.04 21.70
C GLY B 79 36.49 26.04 21.97
N ASN B 80 35.99 24.89 22.43
CA ASN B 80 34.64 24.47 22.12
C ASN B 80 34.17 23.46 23.16
N THR B 81 32.84 23.43 23.35
CA THR B 81 32.11 22.51 24.25
C THR B 81 32.61 22.59 25.69
N LYS B 82 32.39 23.75 26.30
CA LYS B 82 32.41 23.81 27.75
C LYS B 82 31.24 23.01 28.30
N VAL B 83 31.51 22.20 29.32
CA VAL B 83 30.48 21.33 29.88
C VAL B 83 30.60 21.34 31.39
N THR B 84 29.46 21.32 32.08
CA THR B 84 29.42 21.32 33.54
C THR B 84 28.19 20.58 34.05
N ALA B 130 22.71 11.05 34.68
CA ALA B 130 23.47 12.05 35.42
C ALA B 130 24.92 11.60 35.61
N ILE B 131 25.69 12.36 36.38
CA ILE B 131 26.87 13.01 35.84
C ILE B 131 27.92 12.02 35.34
N VAL B 132 28.11 10.90 36.03
CA VAL B 132 29.37 10.18 36.01
C VAL B 132 29.76 9.68 34.63
N THR B 133 28.78 9.27 33.84
CA THR B 133 28.87 9.39 32.38
C THR B 133 29.73 10.56 31.87
N TYR B 134 29.24 11.78 32.07
CA TYR B 134 29.87 13.04 31.67
C TYR B 134 30.82 13.56 32.75
N LYS B 135 31.43 12.65 33.52
CA LYS B 135 32.34 13.06 34.58
C LYS B 135 33.68 13.50 34.01
N ALA B 136 34.28 12.66 33.15
CA ALA B 136 35.58 12.98 32.58
C ALA B 136 35.51 14.17 31.63
N LEU B 137 34.34 14.44 31.07
CA LEU B 137 34.17 15.69 30.32
C LEU B 137 34.14 16.88 31.27
N THR B 138 33.51 16.73 32.44
CA THR B 138 33.38 17.84 33.37
C THR B 138 34.71 18.18 34.02
N GLU B 139 35.50 17.15 34.35
CA GLU B 139 36.84 17.35 34.88
C GLU B 139 37.76 18.02 33.86
N MET B 140 37.51 17.80 32.57
CA MET B 140 38.38 18.34 31.53
C MET B 140 37.98 19.76 31.12
N SER B 141 36.70 20.12 31.18
CA SER B 141 36.29 21.46 30.79
C SER B 141 36.75 22.51 31.78
N THR B 142 37.11 22.10 33.00
CA THR B 142 37.80 22.98 33.92
C THR B 142 39.30 22.98 33.72
N LEU B 143 39.82 22.11 32.83
CA LEU B 143 41.25 22.03 32.59
C LEU B 143 41.67 22.78 31.34
N ILE B 144 40.84 22.80 30.30
CA ILE B 144 41.22 23.48 29.06
C ILE B 144 40.68 24.91 28.99
N GLU B 145 39.58 25.21 29.69
CA GLU B 145 39.22 26.59 29.95
C GLU B 145 40.04 27.20 31.07
N SER B 146 40.91 26.41 31.71
CA SER B 146 41.80 26.94 32.72
C SER B 146 42.85 27.85 32.11
N PHE B 147 43.66 27.33 31.20
CA PHE B 147 44.58 28.16 30.45
C PHE B 147 43.85 28.84 29.32
N ARG B 148 44.02 30.15 29.22
CA ARG B 148 43.23 30.96 28.30
C ARG B 148 43.82 30.88 26.90
N LEU B 149 43.20 30.09 26.03
CA LEU B 149 43.58 30.13 24.64
C LEU B 149 42.47 30.76 23.81
N PRO B 150 42.83 31.46 22.73
CA PRO B 150 41.80 31.96 21.81
C PRO B 150 41.32 30.93 20.80
N SER B 151 42.10 29.88 20.53
CA SER B 151 41.60 28.75 19.74
C SER B 151 42.04 27.44 20.35
N GLY B 152 41.94 26.37 19.59
CA GLY B 152 42.29 25.03 20.03
C GLY B 152 43.79 24.90 20.12
N LEU B 153 44.25 23.85 20.78
CA LEU B 153 45.39 23.06 20.32
C LEU B 153 45.13 22.15 19.10
N THR B 154 46.20 21.78 18.42
CA THR B 154 46.14 21.09 17.14
C THR B 154 47.01 19.85 17.24
N LEU B 155 46.73 18.84 16.44
CA LEU B 155 47.57 17.65 16.38
C LEU B 155 48.85 17.84 15.54
N ILE B 156 49.72 16.85 15.52
CA ILE B 156 50.91 16.90 14.67
C ILE B 156 51.55 15.51 14.47
N ILE B 157 50.80 14.49 14.02
CA ILE B 157 51.47 13.35 13.40
C ILE B 157 52.37 13.85 12.28
N PHE B 158 53.59 13.32 12.18
CA PHE B 158 54.41 13.62 11.01
C PHE B 158 54.95 12.36 10.33
N ASP B 159 54.04 11.43 10.02
CA ASP B 159 54.10 10.59 8.80
C ASP B 159 55.36 9.70 8.78
N ASP B 160 55.56 8.96 9.86
CA ASP B 160 56.79 8.21 10.03
C ASP B 160 56.46 6.94 10.80
N GLU B 161 56.83 5.79 10.23
CA GLU B 161 56.46 4.50 10.78
C GLU B 161 57.08 4.24 12.14
N LYS B 162 58.19 4.90 12.48
CA LYS B 162 58.64 4.89 13.86
C LYS B 162 57.79 5.81 14.72
N TYR B 163 57.47 7.00 14.21
CA TYR B 163 56.68 7.96 14.97
C TYR B 163 55.21 7.56 15.04
N GLN B 164 54.67 6.98 13.97
CA GLN B 164 53.27 6.60 13.96
C GLN B 164 53.01 5.36 14.81
N SER B 165 54.02 4.51 14.98
CA SER B 165 53.84 3.33 15.83
C SER B 165 53.88 3.69 17.30
N LEU B 166 54.61 4.73 17.67
CA LEU B 166 54.73 5.13 19.07
C LEU B 166 53.63 6.06 19.52
N ILE B 167 52.63 6.32 18.70
CA ILE B 167 51.48 7.09 19.15
C ILE B 167 50.66 6.25 20.11
N PRO B 168 50.33 6.74 21.31
CA PRO B 168 49.52 5.94 22.24
C PRO B 168 48.09 5.80 21.73
N ASN B 169 47.38 4.85 22.35
CA ASN B 169 46.06 4.45 21.88
C ASN B 169 45.04 5.58 21.98
N TYR B 170 45.15 6.41 23.01
CA TYR B 170 44.15 7.43 23.22
C TYR B 170 44.30 8.61 22.28
N ILE B 171 45.49 8.81 21.70
CA ILE B 171 45.63 9.85 20.70
C ILE B 171 45.07 9.40 19.35
N ASN B 172 45.26 8.11 19.02
CA ASN B 172 44.81 7.60 17.72
C ASN B 172 43.29 7.59 17.61
N GLN B 173 42.58 7.47 18.73
CA GLN B 173 41.13 7.51 18.68
C GLN B 173 40.60 8.92 18.45
N LEU B 174 41.43 9.93 18.65
CA LEU B 174 41.04 11.29 18.32
C LEU B 174 41.27 11.64 16.86
N ILE B 175 42.01 10.81 16.12
CA ILE B 175 42.43 11.15 14.78
C ILE B 175 41.26 11.08 13.81
N ALA B 176 40.25 10.28 14.13
CA ALA B 176 39.07 10.20 13.29
C ALA B 176 38.26 11.49 13.31
N TYR B 177 38.33 12.28 14.39
CA TYR B 177 37.42 13.41 14.60
C TYR B 177 38.18 14.72 14.80
N THR B 178 39.27 14.94 14.09
CA THR B 178 40.13 16.08 14.40
C THR B 178 40.42 16.99 13.23
N GLN B 179 40.69 16.42 12.04
CA GLN B 179 41.43 17.01 10.92
C GLN B 179 42.82 17.42 11.42
N PRO B 180 43.71 16.45 11.65
CA PRO B 180 45.01 16.80 12.23
C PRO B 180 45.95 17.39 11.19
N HIS B 181 46.99 18.03 11.69
CA HIS B 181 48.00 18.69 10.86
C HIS B 181 49.12 17.70 10.59
N ILE B 182 49.43 17.49 9.32
CA ILE B 182 50.35 16.45 8.88
C ILE B 182 51.60 17.12 8.33
N ILE B 183 52.76 16.68 8.78
CA ILE B 183 54.03 17.30 8.39
C ILE B 183 54.77 16.29 7.52
N PRO B 184 55.00 16.58 6.24
CA PRO B 184 55.48 15.53 5.34
C PRO B 184 56.99 15.36 5.42
N THR B 185 57.40 14.15 5.77
CA THR B 185 58.81 13.79 5.90
C THR B 185 59.43 13.72 4.52
N TRP B 186 60.61 14.32 4.36
CA TRP B 186 61.30 14.24 3.07
C TRP B 186 61.88 12.84 2.86
N GLN B 187 62.71 12.39 3.78
CA GLN B 187 63.21 11.03 3.77
C GLN B 187 63.21 10.43 5.17
N GLY B 188 62.45 10.98 6.10
CA GLY B 188 62.88 10.99 7.48
C GLY B 188 62.81 12.38 8.12
N ILE B 189 63.85 13.19 7.96
CA ILE B 189 64.41 13.89 9.11
C ILE B 189 63.32 14.68 9.81
N ALA B 190 62.44 15.30 9.03
CA ALA B 190 61.32 16.05 9.60
C ALA B 190 61.42 17.57 9.51
N ASP B 191 62.46 18.07 8.82
CA ASP B 191 62.53 19.14 7.81
C ASP B 191 62.01 20.58 8.05
N PHE B 192 61.40 20.91 9.20
CA PHE B 192 61.51 22.23 9.86
C PHE B 192 60.89 23.48 9.15
N SER B 193 59.65 23.46 8.66
CA SER B 193 58.79 24.64 8.47
C SER B 193 57.86 24.84 9.64
N ASP B 194 56.74 25.52 9.35
CA ASP B 194 55.48 25.26 10.03
C ASP B 194 55.46 25.71 11.48
N THR B 195 54.94 26.93 11.69
CA THR B 195 54.84 27.66 12.97
C THR B 195 54.72 26.77 14.21
N TYR B 196 54.08 25.60 14.10
CA TYR B 196 54.29 24.55 15.10
C TYR B 196 55.76 24.15 15.19
N LEU B 197 56.31 23.55 14.13
CA LEU B 197 57.64 22.94 14.23
C LEU B 197 58.78 23.96 14.26
N ARG B 198 58.49 25.21 13.92
CA ARG B 198 59.54 26.23 13.85
C ARG B 198 59.53 27.27 14.96
N SER B 199 58.41 27.42 15.65
CA SER B 199 58.37 28.29 16.82
C SER B 199 58.44 27.48 18.11
N TYR B 200 58.24 26.17 18.04
CA TYR B 200 58.35 25.40 19.27
C TYR B 200 59.80 25.10 19.61
N PHE B 201 60.57 24.55 18.66
CA PHE B 201 61.92 24.12 18.99
C PHE B 201 62.86 24.09 17.78
N LYS B 202 63.86 24.99 17.83
CA LYS B 202 65.22 24.83 17.30
C LYS B 202 65.27 24.51 15.81
N ARG B 203 64.90 25.52 15.03
CA ARG B 203 65.24 25.58 13.61
C ARG B 203 66.75 25.49 13.42
N PRO B 204 67.26 24.46 12.75
CA PRO B 204 68.70 24.19 12.77
C PRO B 204 69.46 24.95 11.69
N PHE B 205 70.78 24.73 11.67
CA PHE B 205 71.71 25.44 10.80
C PHE B 205 72.67 24.43 10.20
N GLU B 206 72.68 24.34 8.87
CA GLU B 206 73.59 23.43 8.21
C GLU B 206 75.00 23.98 8.27
N LEU B 207 75.98 23.06 8.29
CA LEU B 207 77.36 23.41 8.56
C LEU B 207 78.25 22.67 7.55
N THR B 208 77.91 22.84 6.27
CA THR B 208 78.62 22.23 5.15
C THR B 208 80.01 22.87 4.97
N ALA B 209 80.71 22.49 3.90
CA ALA B 209 82.09 22.95 3.73
C ALA B 209 82.20 24.43 3.34
N SER B 210 81.07 25.14 3.17
CA SER B 210 81.14 26.53 2.72
C SER B 210 81.01 27.51 3.87
N ASN B 211 80.23 27.20 4.89
CA ASN B 211 79.97 28.16 5.97
C ASN B 211 80.89 27.89 7.14
N LEU B 212 82.12 28.39 7.02
CA LEU B 212 83.15 28.24 8.03
C LEU B 212 83.68 29.63 8.37
N ALA B 213 84.06 29.86 9.64
CA ALA B 213 84.00 28.92 10.76
C ALA B 213 83.56 29.55 12.08
N ALA B 214 82.54 30.40 12.07
CA ALA B 214 82.26 31.14 13.30
C ALA B 214 80.77 31.19 13.57
N PRO B 215 80.36 31.19 14.85
CA PRO B 215 78.95 31.44 15.15
C PRO B 215 78.58 32.90 15.14
N GLN B 216 79.56 33.78 15.31
CA GLN B 216 79.33 35.22 15.22
C GLN B 216 79.15 35.68 13.79
N LYS B 217 79.73 34.94 12.86
CA LYS B 217 79.65 35.25 11.46
C LYS B 217 78.28 35.12 10.84
N HIS B 218 77.56 34.07 11.19
CA HIS B 218 76.26 33.83 10.58
C HIS B 218 75.13 34.23 11.49
N ASN B 219 75.48 34.90 12.59
CA ASN B 219 74.54 35.41 13.60
C ASN B 219 73.64 34.39 14.31
N LEU B 220 74.17 33.20 14.56
CA LEU B 220 73.48 32.17 15.33
C LEU B 220 73.48 32.40 16.83
N SER B 221 72.57 31.74 17.54
CA SER B 221 72.38 31.84 18.97
C SER B 221 72.07 30.45 19.50
N PRO B 222 72.59 30.06 20.65
CA PRO B 222 72.39 28.69 21.14
C PRO B 222 70.98 28.38 21.57
N MET B 223 70.15 29.40 21.80
CA MET B 223 68.77 29.18 22.23
C MET B 223 67.79 29.06 21.08
N THR B 224 68.21 29.35 19.85
CA THR B 224 67.33 29.28 18.71
C THR B 224 67.77 28.28 17.65
N ARG B 225 69.06 28.18 17.37
CA ARG B 225 69.51 27.35 16.26
C ARG B 225 70.50 26.28 16.71
N SER B 226 70.28 25.06 16.24
CA SER B 226 71.20 23.95 16.42
C SER B 226 71.96 23.71 15.13
N ILE B 227 72.99 22.88 15.17
CA ILE B 227 73.98 22.83 14.10
C ILE B 227 74.10 21.41 13.56
N PHE B 228 74.07 21.29 12.24
CA PHE B 228 74.13 20.00 11.56
C PHE B 228 75.51 19.84 10.93
N ASN B 229 76.31 18.92 11.47
CA ASN B 229 77.68 18.71 11.00
C ASN B 229 77.66 18.11 9.60
N ASN B 230 78.21 18.86 8.64
CA ASN B 230 78.33 18.43 7.27
C ASN B 230 79.74 18.76 6.74
N THR B 231 80.73 18.74 7.63
CA THR B 231 82.11 19.04 7.23
C THR B 231 82.79 17.84 6.60
N GLY B 232 82.74 16.70 7.29
CA GLY B 232 83.72 15.65 7.08
C GLY B 232 84.89 15.73 8.03
N ARG B 233 84.92 16.77 8.86
CA ARG B 233 85.89 16.88 9.95
C ARG B 233 85.42 16.06 11.13
N GLU B 234 86.23 16.06 12.19
CA GLU B 234 85.85 15.38 13.42
C GLU B 234 84.81 16.21 14.16
N ASP B 235 83.93 15.51 14.88
CA ASP B 235 82.86 16.18 15.61
C ASP B 235 83.38 17.03 16.76
N ALA B 236 84.38 16.54 17.50
CA ALA B 236 84.79 17.18 18.74
C ALA B 236 85.54 18.48 18.51
N VAL B 237 86.15 18.68 17.34
CA VAL B 237 86.94 19.89 17.16
C VAL B 237 86.06 21.07 16.78
N ILE B 238 84.92 20.82 16.13
CA ILE B 238 84.11 21.92 15.59
C ILE B 238 83.44 22.70 16.70
N ARG B 239 83.16 22.07 17.84
CA ARG B 239 82.75 22.81 19.02
C ARG B 239 83.89 22.99 20.01
N LYS B 240 85.13 22.95 19.53
CA LYS B 240 86.28 23.26 20.37
C LYS B 240 86.97 24.54 19.93
N LEU B 241 87.46 24.64 18.70
CA LEU B 241 88.23 25.80 18.30
C LEU B 241 87.44 26.80 17.48
N TYR B 242 86.33 26.40 16.87
CA TYR B 242 85.54 27.33 16.08
C TYR B 242 84.50 28.07 16.92
N GLY B 243 84.43 27.82 18.22
CA GLY B 243 83.53 28.56 19.08
C GLY B 243 82.14 28.02 19.21
N TYR B 244 81.89 26.77 18.79
CA TYR B 244 80.55 26.19 18.86
C TYR B 244 80.27 25.49 20.18
N GLY B 245 80.98 25.84 21.24
CA GLY B 245 80.55 25.44 22.57
C GLY B 245 79.26 26.13 22.94
N GLU B 246 78.44 25.44 23.76
CA GLU B 246 77.07 25.74 24.20
C GLU B 246 76.07 25.51 23.06
N TYR B 247 76.56 25.27 21.85
CA TYR B 247 75.71 24.97 20.69
C TYR B 247 75.56 23.45 20.61
N VAL B 248 74.36 22.96 20.86
CA VAL B 248 74.15 21.53 20.90
C VAL B 248 74.02 20.99 19.47
N PHE B 249 74.52 19.78 19.25
CA PHE B 249 74.66 19.21 17.90
C PHE B 249 73.76 17.99 17.67
N ILE B 250 73.00 17.97 16.57
CA ILE B 250 72.17 16.81 16.26
C ILE B 250 72.98 15.60 15.84
N LYS B 251 72.50 14.43 16.20
CA LYS B 251 73.26 13.19 16.03
C LYS B 251 72.56 12.35 15.00
N TYR B 252 73.26 12.07 13.91
CA TYR B 252 72.73 11.20 12.89
C TYR B 252 73.71 10.08 12.73
N GLU B 253 73.21 8.86 12.67
CA GLU B 253 74.09 7.70 12.68
C GLU B 253 74.09 6.91 11.37
N GLY B 254 73.33 7.33 10.37
CA GLY B 254 73.45 6.83 9.02
C GLY B 254 73.99 7.89 8.09
N CYS B 255 73.94 7.58 6.78
CA CYS B 255 74.37 8.57 5.80
C CYS B 255 73.60 8.38 4.50
N LEU B 256 73.61 9.43 3.69
CA LEU B 256 72.92 9.47 2.41
C LEU B 256 73.95 9.67 1.30
N ILE B 257 73.86 8.88 0.25
CA ILE B 257 74.79 8.96 -0.87
C ILE B 257 74.02 9.44 -2.08
N THR B 258 74.57 10.42 -2.79
CA THR B 258 74.03 10.87 -4.07
C THR B 258 74.98 10.34 -5.14
N TRP B 259 74.60 9.25 -5.78
CA TRP B 259 75.43 8.64 -6.82
C TRP B 259 75.22 9.32 -8.16
N THR B 260 76.19 9.14 -9.04
CA THR B 260 75.94 9.34 -10.45
C THR B 260 75.12 8.18 -10.99
N GLY B 261 74.52 8.38 -12.15
CA GLY B 261 73.69 7.35 -12.74
C GLY B 261 73.74 7.41 -14.26
N ILE B 262 73.27 6.32 -14.87
CA ILE B 262 73.03 6.32 -16.31
C ILE B 262 71.90 7.28 -16.65
N TYR B 263 70.95 7.45 -15.74
CA TYR B 263 69.74 8.25 -15.98
C TYR B 263 69.76 9.59 -15.27
N GLY B 264 70.47 9.71 -14.16
CA GLY B 264 70.55 10.99 -13.49
C GLY B 264 71.02 10.83 -12.07
N GLU B 265 70.78 11.88 -11.28
CA GLU B 265 71.18 11.88 -9.88
C GLU B 265 70.30 10.92 -9.09
N VAL B 266 70.92 9.98 -8.39
CA VAL B 266 70.21 8.96 -7.65
C VAL B 266 70.64 9.04 -6.19
N THR B 267 69.67 9.29 -5.30
CA THR B 267 69.95 9.45 -3.88
C THR B 267 69.54 8.18 -3.14
N MET B 268 70.52 7.44 -2.65
CA MET B 268 70.27 6.29 -1.80
C MET B 268 70.82 6.54 -0.41
N MET B 269 70.33 5.77 0.56
CA MET B 269 70.78 5.89 1.93
C MET B 269 71.14 4.53 2.49
N VAL B 270 72.10 4.52 3.40
CA VAL B 270 72.45 3.34 4.17
C VAL B 270 72.40 3.73 5.63
N ASN B 271 72.12 2.76 6.49
CA ASN B 271 72.15 3.02 7.92
C ASN B 271 73.49 2.58 8.50
N LEU B 272 74.54 3.12 7.91
CA LEU B 272 75.90 3.08 8.43
C LEU B 272 76.41 4.52 8.47
N SER B 273 77.23 4.81 9.46
CA SER B 273 77.81 6.14 9.52
C SER B 273 78.91 6.28 8.47
N LYS B 274 79.39 7.52 8.30
CA LYS B 274 80.42 7.80 7.32
C LYS B 274 81.75 7.14 7.67
N ARG B 275 81.96 6.79 8.94
CA ARG B 275 83.16 6.07 9.33
C ARG B 275 83.04 4.57 9.11
N ASP B 276 81.83 4.01 9.23
CA ASP B 276 81.66 2.56 9.22
C ASP B 276 81.94 1.95 7.85
N LEU B 277 81.74 2.71 6.78
CA LEU B 277 82.11 2.28 5.45
C LEU B 277 82.98 3.35 4.82
N GLY B 278 83.68 2.98 3.75
CA GLY B 278 84.61 3.91 3.14
C GLY B 278 83.92 4.85 2.18
N LEU B 279 84.41 4.87 0.93
CA LEU B 279 83.80 5.54 -0.23
C LEU B 279 83.53 7.03 -0.01
N ASP B 280 84.57 7.85 0.05
CA ASP B 280 84.39 9.29 -0.06
C ASP B 280 85.58 9.92 -0.78
N VAL B 281 85.33 10.96 -1.57
CA VAL B 281 84.05 11.28 -2.19
C VAL B 281 84.28 11.07 -3.68
N GLY B 282 83.42 10.31 -4.33
CA GLY B 282 83.63 10.04 -5.73
C GLY B 282 84.42 8.78 -5.99
N ASP B 283 84.22 7.76 -5.15
CA ASP B 283 84.72 6.43 -5.42
C ASP B 283 83.65 5.67 -6.19
N ASP B 284 84.04 4.56 -6.81
CA ASP B 284 83.10 3.89 -7.69
C ASP B 284 82.13 3.03 -6.90
N TYR B 285 81.31 2.29 -7.64
CA TYR B 285 80.19 1.56 -7.06
C TYR B 285 80.58 0.17 -6.60
N LEU B 286 81.68 -0.37 -7.11
CA LEU B 286 82.16 -1.68 -6.69
C LEU B 286 83.03 -1.63 -5.45
N LYS B 287 83.52 -0.45 -5.06
CA LYS B 287 84.29 -0.33 -3.82
C LYS B 287 83.32 -0.32 -2.65
N GLU B 288 83.50 -1.28 -1.73
CA GLU B 288 82.57 -1.56 -0.63
C GLU B 288 81.15 -1.77 -1.13
N TYR B 289 81.03 -2.54 -2.22
CA TYR B 289 79.71 -2.94 -2.71
C TYR B 289 79.02 -3.87 -1.74
N LYS B 290 79.79 -4.65 -0.99
CA LYS B 290 79.21 -5.65 -0.11
C LYS B 290 78.49 -5.03 1.08
N LYS B 291 78.98 -3.89 1.57
CA LYS B 291 78.30 -3.24 2.68
C LYS B 291 77.07 -2.46 2.21
N LEU B 292 77.06 -1.98 0.96
CA LEU B 292 75.91 -1.22 0.48
C LEU B 292 74.72 -2.12 0.22
N LEU B 293 74.96 -3.35 -0.24
CA LEU B 293 73.88 -4.29 -0.48
C LEU B 293 73.22 -4.70 0.83
N PHE B 294 74.01 -4.83 1.89
CA PHE B 294 73.50 -5.27 3.18
C PHE B 294 72.65 -4.22 3.87
N TYR B 295 72.79 -2.94 3.51
CA TYR B 295 72.20 -1.89 4.32
C TYR B 295 71.55 -0.76 3.55
N GLY B 296 71.33 -0.87 2.24
CA GLY B 296 70.93 0.27 1.44
C GLY B 296 69.48 0.23 0.97
N VAL B 297 68.90 1.42 0.83
CA VAL B 297 67.67 1.62 0.07
C VAL B 297 67.93 2.68 -0.98
N ILE B 298 67.59 2.37 -2.22
CA ILE B 298 67.73 3.32 -3.32
C ILE B 298 66.38 4.01 -3.49
N THR B 299 66.21 5.13 -2.78
CA THR B 299 64.93 5.84 -2.74
C THR B 299 64.72 6.56 -4.06
N ASP B 300 64.21 5.81 -5.02
CA ASP B 300 63.99 6.27 -6.38
C ASP B 300 63.04 5.28 -7.03
N ALA B 301 62.23 5.78 -7.96
CA ALA B 301 61.36 4.91 -8.72
C ALA B 301 62.19 4.03 -9.63
N ILE B 302 61.98 2.72 -9.55
CA ILE B 302 62.68 1.80 -10.44
C ILE B 302 62.08 2.00 -11.83
N PRO B 303 62.90 2.03 -12.89
CA PRO B 303 64.34 1.96 -12.97
C PRO B 303 65.10 3.20 -12.49
N SER B 304 65.88 2.99 -11.44
CA SER B 304 66.74 4.05 -10.93
C SER B 304 67.94 4.26 -11.85
N GLY B 305 68.60 3.17 -12.23
CA GLY B 305 69.67 3.26 -13.20
C GLY B 305 71.05 3.53 -12.64
N ILE B 306 71.43 2.88 -11.57
CA ILE B 306 72.81 2.94 -11.11
C ILE B 306 73.55 1.74 -11.66
N SER B 307 74.85 1.88 -11.83
CA SER B 307 75.65 0.89 -12.52
C SER B 307 76.99 0.73 -11.80
N THR B 308 77.75 -0.28 -12.22
CA THR B 308 79.05 -0.54 -11.63
C THR B 308 80.09 0.52 -12.00
N ARG B 309 79.81 1.35 -13.00
CA ARG B 309 80.70 2.45 -13.34
C ARG B 309 80.28 3.77 -12.72
N SER B 310 79.30 3.77 -11.84
CA SER B 310 78.80 5.01 -11.24
C SER B 310 79.60 5.39 -10.00
N THR B 311 79.72 6.71 -9.77
CA THR B 311 80.52 7.26 -8.69
C THR B 311 79.65 8.13 -7.79
N ILE B 312 80.26 8.70 -6.74
CA ILE B 312 79.56 9.49 -5.74
C ILE B 312 79.62 10.95 -6.12
N MET B 313 78.52 11.68 -5.96
CA MET B 313 78.56 13.13 -6.02
C MET B 313 78.82 13.75 -4.65
N LYS B 314 78.04 13.37 -3.64
CA LYS B 314 78.16 14.01 -2.33
C LYS B 314 77.65 13.06 -1.24
N ILE B 315 78.09 13.33 -0.01
CA ILE B 315 77.74 12.52 1.15
C ILE B 315 77.33 13.45 2.28
N SER B 316 76.18 13.18 2.89
CA SER B 316 75.76 13.89 4.08
C SER B 316 75.23 12.84 5.05
N PRO B 317 75.49 12.99 6.34
CA PRO B 317 74.92 12.06 7.34
C PRO B 317 73.41 12.22 7.41
N HIS B 318 72.72 11.09 7.45
CA HIS B 318 71.27 11.04 7.38
C HIS B 318 70.77 10.19 8.53
N LYS B 319 69.49 10.32 8.83
CA LYS B 319 68.87 9.52 9.87
C LYS B 319 68.83 8.04 9.49
N MET B 320 69.19 7.19 10.45
CA MET B 320 69.02 5.75 10.35
C MET B 320 67.55 5.41 10.14
N MET B 321 67.20 4.90 8.96
CA MET B 321 65.81 4.66 8.62
C MET B 321 65.28 3.44 9.37
N ASN B 322 63.98 3.42 9.57
CA ASN B 322 63.40 2.44 10.48
C ASN B 322 62.66 1.37 9.71
N PRO B 323 62.88 0.11 10.04
CA PRO B 323 62.27 -0.97 9.27
C PRO B 323 60.81 -1.26 9.58
N SER B 324 59.91 -0.77 8.73
CA SER B 324 58.79 -1.50 8.15
C SER B 324 58.00 -2.44 9.07
N GLY B 325 57.22 -1.88 10.02
CA GLY B 325 56.39 -2.67 10.92
C GLY B 325 55.42 -3.62 10.23
N GLY B 326 55.01 -3.32 9.01
CA GLY B 326 54.22 -4.27 8.24
C GLY B 326 55.06 -5.36 7.59
N ALA B 327 56.34 -5.09 7.33
CA ALA B 327 57.22 -6.07 6.71
C ALA B 327 58.22 -6.66 7.68
N LEU B 328 58.26 -6.19 8.92
CA LEU B 328 59.04 -6.84 9.95
C LEU B 328 58.34 -8.10 10.45
N ALA B 329 57.00 -8.07 10.54
CA ALA B 329 56.26 -9.14 11.18
C ALA B 329 56.05 -10.34 10.26
N VAL B 330 56.00 -10.12 8.95
CA VAL B 330 55.87 -11.24 8.02
C VAL B 330 57.14 -12.08 8.04
N LEU B 331 58.29 -11.42 8.03
CA LEU B 331 59.57 -12.10 8.19
C LEU B 331 59.74 -12.67 9.59
N SER B 332 59.04 -12.12 10.58
CA SER B 332 59.11 -12.63 11.95
C SER B 332 58.34 -13.93 12.14
N LYS B 333 57.49 -14.32 11.20
CA LYS B 333 56.88 -15.65 11.29
C LYS B 333 57.90 -16.74 11.04
N PHE B 334 58.79 -16.53 10.06
CA PHE B 334 59.82 -17.52 9.78
C PHE B 334 60.86 -17.56 10.89
N LEU B 335 61.10 -16.43 11.54
CA LEU B 335 62.01 -16.39 12.66
C LEU B 335 61.35 -16.83 13.97
N GLU B 336 60.09 -17.26 13.93
CA GLU B 336 59.48 -18.02 14.99
C GLU B 336 59.38 -19.49 14.68
N ALA B 337 59.08 -19.84 13.43
CA ALA B 337 58.95 -21.24 13.03
C ALA B 337 60.30 -21.94 12.90
N VAL B 338 61.40 -21.19 12.84
CA VAL B 338 62.71 -21.83 12.91
C VAL B 338 63.06 -22.19 14.36
N VAL B 339 62.46 -21.51 15.33
CA VAL B 339 62.84 -21.68 16.73
C VAL B 339 62.08 -22.83 17.37
N SER B 340 60.78 -22.90 17.15
CA SER B 340 59.94 -23.85 17.86
C SER B 340 60.18 -25.26 17.38
N THR B 341 60.21 -26.20 18.34
CA THR B 341 60.35 -27.61 18.03
C THR B 341 59.06 -28.23 17.49
N ASN B 342 57.96 -27.48 17.53
CA ASN B 342 56.69 -27.92 16.98
C ASN B 342 56.76 -28.04 15.46
N VAL B 343 57.11 -26.95 14.78
CA VAL B 343 57.01 -26.87 13.33
C VAL B 343 58.17 -27.61 12.70
N ILE B 344 57.88 -28.75 12.09
CA ILE B 344 58.86 -29.44 11.24
C ILE B 344 59.04 -28.63 9.97
N ASN B 345 60.31 -28.53 9.52
CA ASN B 345 60.82 -27.99 8.25
C ASN B 345 60.12 -26.72 7.75
N ALA B 346 60.30 -25.65 8.53
CA ALA B 346 59.91 -24.31 8.11
C ALA B 346 60.70 -23.89 6.87
N THR B 347 60.13 -22.98 6.09
CA THR B 347 60.70 -22.61 4.80
C THR B 347 60.47 -21.13 4.56
N LEU B 348 61.54 -20.44 4.16
CA LEU B 348 61.48 -19.03 3.78
C LEU B 348 61.58 -18.92 2.27
N VAL B 349 60.65 -18.19 1.66
CA VAL B 349 60.58 -18.07 0.21
C VAL B 349 60.81 -16.61 -0.15
N VAL B 350 61.81 -16.37 -1.00
CA VAL B 350 62.25 -15.01 -1.29
C VAL B 350 62.13 -14.80 -2.80
N TYR B 351 61.23 -13.91 -3.20
CA TYR B 351 61.08 -13.56 -4.59
C TYR B 351 61.82 -12.27 -4.89
N ALA B 352 62.48 -12.21 -6.04
CA ALA B 352 63.09 -10.98 -6.50
C ALA B 352 63.19 -11.04 -8.01
N GLU B 353 63.75 -9.99 -8.59
CA GLU B 353 64.05 -10.06 -10.00
C GLU B 353 65.31 -10.88 -10.22
N LYS B 354 65.61 -11.11 -11.50
CA LYS B 354 66.75 -11.96 -11.84
C LYS B 354 68.07 -11.26 -11.54
N GLY B 355 68.08 -9.93 -11.53
CA GLY B 355 69.31 -9.22 -11.27
C GLY B 355 69.38 -8.52 -9.93
N ALA B 356 68.62 -8.97 -8.94
CA ALA B 356 68.63 -8.31 -7.65
C ALA B 356 69.90 -8.58 -6.86
N GLY B 357 70.67 -9.59 -7.26
CA GLY B 357 71.90 -9.92 -6.58
C GLY B 357 71.66 -10.49 -5.21
N LYS B 358 70.82 -11.51 -5.14
CA LYS B 358 70.46 -12.10 -3.86
C LYS B 358 71.15 -13.42 -3.58
N THR B 359 71.66 -14.11 -4.60
CA THR B 359 72.46 -15.32 -4.35
C THR B 359 73.79 -14.97 -3.67
N SER B 360 74.32 -13.78 -3.92
CA SER B 360 75.40 -13.25 -3.12
C SER B 360 74.91 -12.65 -1.81
N PHE B 361 73.60 -12.45 -1.65
CA PHE B 361 73.09 -11.85 -0.43
C PHE B 361 72.59 -12.88 0.58
N LEU B 362 71.67 -13.75 0.17
CA LEU B 362 71.13 -14.72 1.12
C LEU B 362 72.01 -15.95 1.28
N SER B 363 73.25 -15.90 0.79
CA SER B 363 74.27 -16.87 1.18
C SER B 363 74.87 -16.53 2.54
N THR B 364 74.91 -15.24 2.89
CA THR B 364 75.39 -14.86 4.21
C THR B 364 74.27 -14.64 5.21
N TYR B 365 73.01 -14.61 4.76
CA TYR B 365 71.89 -14.57 5.69
C TYR B 365 71.60 -15.95 6.24
N ALA B 366 71.94 -16.98 5.48
CA ALA B 366 72.08 -18.31 6.07
C ALA B 366 73.21 -18.33 7.10
N GLU B 367 74.26 -17.54 6.88
CA GLU B 367 75.35 -17.48 7.83
C GLU B 367 75.02 -16.62 9.05
N GLN B 368 74.01 -15.74 8.94
CA GLN B 368 73.61 -14.95 10.10
C GLN B 368 72.53 -15.64 10.90
N LEU B 369 71.72 -16.49 10.26
CA LEU B 369 70.66 -17.18 10.98
C LEU B 369 71.17 -18.44 11.66
N SER B 370 72.06 -19.20 11.01
CA SER B 370 72.52 -20.46 11.56
C SER B 370 73.45 -20.24 12.76
N LEU B 371 74.17 -19.11 12.77
CA LEU B 371 75.02 -18.82 13.91
C LEU B 371 74.22 -18.28 15.08
N ALA B 372 73.02 -17.73 14.82
CA ALA B 372 72.18 -17.25 15.91
C ALA B 372 71.25 -18.35 16.41
N SER B 373 70.77 -19.21 15.52
CA SER B 373 69.86 -20.26 15.92
C SER B 373 70.56 -21.47 16.49
N GLY B 374 71.83 -21.70 16.15
CA GLY B 374 72.49 -22.93 16.53
C GLY B 374 72.05 -24.12 15.72
N GLN B 375 71.45 -23.89 14.56
CA GLN B 375 70.98 -24.96 13.69
C GLN B 375 71.74 -24.91 12.36
N VAL B 376 71.33 -25.76 11.44
CA VAL B 376 71.91 -25.83 10.11
C VAL B 376 70.84 -25.40 9.12
N VAL B 377 71.12 -24.37 8.35
CA VAL B 377 70.21 -23.90 7.31
C VAL B 377 70.93 -24.02 5.97
N GLY B 378 70.15 -24.03 4.90
CA GLY B 378 70.73 -24.05 3.58
C GLY B 378 69.81 -23.49 2.54
N HIS B 379 70.28 -22.52 1.76
CA HIS B 379 69.47 -21.90 0.73
C HIS B 379 69.64 -22.69 -0.56
N LEU B 380 68.56 -22.81 -1.32
CA LEU B 380 68.53 -23.67 -2.48
C LEU B 380 69.02 -22.97 -3.73
N SER B 381 69.39 -21.69 -3.63
CA SER B 381 70.13 -20.87 -4.59
C SER B 381 69.34 -20.58 -5.88
N SER B 382 68.01 -20.71 -5.85
CA SER B 382 67.03 -20.03 -6.71
C SER B 382 66.97 -20.44 -8.17
N ASP B 383 67.97 -21.15 -8.65
CA ASP B 383 68.00 -21.55 -10.04
C ASP B 383 68.21 -23.05 -10.12
N ALA B 384 68.16 -23.70 -8.95
CA ALA B 384 68.54 -25.10 -8.83
C ALA B 384 67.50 -26.03 -9.44
N TYR B 385 66.34 -25.49 -9.83
CA TYR B 385 65.51 -26.26 -10.74
C TYR B 385 66.10 -26.21 -12.13
N GLY B 386 66.55 -25.03 -12.55
CA GLY B 386 66.95 -24.85 -13.93
C GLY B 386 68.29 -25.49 -14.25
N ARG B 387 69.22 -25.46 -13.29
CA ARG B 387 70.50 -26.12 -13.47
C ARG B 387 70.33 -27.63 -13.48
N TRP B 388 69.38 -28.13 -12.70
CA TRP B 388 69.29 -29.56 -12.48
C TRP B 388 68.53 -30.27 -13.58
N LEU B 389 67.46 -29.65 -14.07
CA LEU B 389 66.63 -30.28 -15.09
C LEU B 389 67.35 -30.37 -16.42
N ALA B 390 68.34 -29.51 -16.66
CA ALA B 390 69.12 -29.60 -17.88
C ALA B 390 70.05 -30.81 -17.86
N LYS B 391 70.52 -31.14 -16.66
CA LYS B 391 71.38 -32.31 -16.47
C LYS B 391 70.70 -33.66 -16.63
N THR B 392 69.46 -33.77 -16.14
CA THR B 392 68.71 -35.01 -16.21
C THR B 392 67.30 -34.76 -16.72
N LYS B 393 67.18 -34.26 -17.93
CA LYS B 393 65.93 -34.37 -18.65
C LYS B 393 65.62 -35.84 -18.92
N ASP B 394 66.67 -36.60 -19.21
CA ASP B 394 66.53 -37.89 -19.87
C ASP B 394 66.37 -39.06 -18.90
N ILE B 395 66.51 -38.82 -17.61
CA ILE B 395 66.87 -39.90 -16.71
C ILE B 395 65.64 -40.33 -15.92
N GLU B 396 65.32 -41.61 -16.02
CA GLU B 396 64.04 -42.13 -15.54
C GLU B 396 63.88 -42.08 -14.03
N GLU B 397 64.93 -42.43 -13.30
CA GLU B 397 65.04 -42.22 -11.86
C GLU B 397 66.17 -41.23 -11.57
N PRO B 398 65.86 -39.98 -11.27
CA PRO B 398 66.90 -39.02 -10.89
C PRO B 398 67.11 -38.99 -9.39
N SER B 399 68.27 -38.48 -9.00
CA SER B 399 68.66 -38.41 -7.60
C SER B 399 68.20 -37.09 -7.01
N PHE B 400 67.24 -37.17 -6.09
CA PHE B 400 66.64 -36.00 -5.45
C PHE B 400 67.40 -35.56 -4.21
N ALA B 401 68.63 -36.03 -4.02
CA ALA B 401 69.33 -35.79 -2.77
C ALA B 401 69.77 -34.34 -2.65
N TYR B 402 69.91 -33.88 -1.40
CA TYR B 402 70.25 -32.49 -1.13
C TYR B 402 71.68 -32.17 -1.54
N ASP B 403 72.61 -33.07 -1.25
CA ASP B 403 74.01 -32.84 -1.58
C ASP B 403 74.27 -32.88 -3.08
N TYR B 404 73.41 -33.53 -3.84
CA TYR B 404 73.58 -33.55 -5.29
C TYR B 404 73.13 -32.23 -5.92
N VAL B 405 72.14 -31.57 -5.31
CA VAL B 405 71.61 -30.34 -5.88
C VAL B 405 72.61 -29.20 -5.71
N LEU B 406 73.21 -29.10 -4.53
CA LEU B 406 74.07 -27.96 -4.23
C LEU B 406 75.46 -28.09 -4.84
N SER B 407 75.89 -29.29 -5.21
CA SER B 407 77.16 -29.49 -5.89
C SER B 407 77.00 -29.48 -7.40
N LEU B 408 75.99 -28.76 -7.88
CA LEU B 408 75.62 -28.82 -9.28
C LEU B 408 75.53 -27.42 -9.88
N ASP B 409 75.03 -26.45 -9.13
CA ASP B 409 74.75 -25.13 -9.67
C ASP B 409 75.95 -24.19 -9.49
N THR B 410 75.71 -22.90 -9.77
CA THR B 410 76.57 -21.72 -9.55
C THR B 410 78.04 -21.91 -9.96
N ASP B 411 78.34 -21.91 -11.26
CA ASP B 411 77.49 -21.36 -12.31
C ASP B 411 77.53 -22.23 -13.56
N ASP B 412 78.53 -23.11 -13.63
CA ASP B 412 79.01 -23.67 -14.90
C ASP B 412 77.97 -24.53 -15.59
N ASN B 413 77.04 -25.10 -14.84
CA ASN B 413 75.91 -25.80 -15.46
C ASN B 413 74.87 -24.79 -15.91
N GLU B 414 74.53 -24.83 -17.19
CA GLU B 414 73.57 -23.90 -17.76
C GLU B 414 72.16 -24.22 -17.25
N SER B 415 71.33 -23.19 -17.18
CA SER B 415 69.96 -23.40 -16.75
C SER B 415 69.15 -24.01 -17.89
N TYR B 416 68.05 -24.67 -17.52
CA TYR B 416 67.18 -25.25 -18.52
C TYR B 416 66.36 -24.19 -19.22
N TYR B 417 65.89 -23.19 -18.48
CA TYR B 417 65.14 -22.11 -19.10
C TYR B 417 66.04 -21.23 -19.96
N GLU B 418 67.33 -21.18 -19.66
CA GLU B 418 68.27 -20.44 -20.46
C GLU B 418 68.72 -21.22 -21.71
N GLN B 419 68.53 -22.52 -21.71
CA GLN B 419 68.45 -23.25 -22.96
C GLN B 419 67.19 -22.94 -23.75
N LYS B 420 66.04 -22.96 -23.09
CA LYS B 420 64.78 -22.72 -23.80
C LYS B 420 64.67 -21.28 -24.30
N ALA B 421 65.01 -20.34 -23.44
CA ALA B 421 65.02 -18.95 -23.84
C ALA B 421 66.07 -18.74 -24.91
N SER B 422 67.22 -19.36 -24.78
CA SER B 422 68.23 -19.19 -25.77
C SER B 422 67.76 -19.68 -27.12
N GLU B 423 67.09 -20.83 -27.17
CA GLU B 423 66.63 -21.29 -28.47
C GLU B 423 65.59 -20.35 -29.03
N LEU B 424 64.70 -19.87 -28.17
CA LEU B 424 63.61 -19.00 -28.59
C LEU B 424 64.01 -17.65 -29.18
N LEU B 425 64.98 -16.97 -28.56
CA LEU B 425 65.42 -15.70 -29.04
C LEU B 425 65.90 -15.89 -30.47
N MET B 426 66.53 -17.02 -30.76
CA MET B 426 67.00 -17.25 -32.12
C MET B 426 65.85 -17.25 -33.11
N SER B 427 64.74 -17.86 -32.76
CA SER B 427 63.70 -18.06 -33.75
C SER B 427 63.17 -16.74 -34.26
N HIS B 428 62.93 -15.79 -33.37
CA HIS B 428 62.77 -14.40 -33.77
C HIS B 428 64.12 -13.71 -33.77
N GLY B 429 64.94 -14.14 -34.71
CA GLY B 429 66.40 -14.04 -34.65
C GLY B 429 67.05 -12.81 -34.05
N ILE B 430 67.73 -13.00 -32.92
CA ILE B 430 68.34 -11.92 -32.17
C ILE B 430 69.47 -12.46 -31.32
N SER B 431 70.59 -11.73 -31.26
CA SER B 431 71.70 -12.10 -30.40
C SER B 431 72.37 -10.92 -29.71
N GLU B 432 71.94 -9.69 -29.96
CA GLU B 432 72.60 -8.51 -29.42
C GLU B 432 71.67 -7.76 -28.49
N VAL B 433 72.23 -7.23 -27.40
CA VAL B 433 71.45 -6.49 -26.42
C VAL B 433 70.94 -5.18 -27.03
N ALA B 434 71.77 -4.53 -27.84
CA ALA B 434 71.34 -3.34 -28.54
C ALA B 434 70.28 -3.64 -29.61
N GLN B 435 70.25 -4.86 -30.12
CA GLN B 435 69.18 -5.29 -31.01
C GLN B 435 67.87 -5.49 -30.26
N TYR B 436 67.94 -5.78 -28.96
CA TYR B 436 66.74 -5.97 -28.14
C TYR B 436 66.03 -4.66 -27.87
N GLU B 437 66.76 -3.55 -27.79
CA GLU B 437 66.14 -2.24 -27.68
C GLU B 437 65.35 -1.86 -28.92
N LEU B 438 65.80 -2.33 -30.09
CA LEU B 438 65.10 -2.04 -31.33
C LEU B 438 63.73 -2.71 -31.36
N LEU B 439 63.62 -3.89 -30.77
CA LEU B 439 62.31 -4.50 -30.56
C LEU B 439 61.52 -3.67 -29.56
N SER B 440 60.20 -3.68 -29.74
CA SER B 440 59.29 -2.89 -28.93
C SER B 440 58.09 -3.73 -28.53
N VAL B 441 57.19 -3.11 -27.75
CA VAL B 441 56.57 -3.75 -26.59
C VAL B 441 55.70 -4.93 -26.98
N ARG B 442 54.67 -4.70 -27.79
CA ARG B 442 53.73 -5.76 -28.12
C ARG B 442 54.40 -6.81 -29.00
N LYS B 443 55.34 -6.39 -29.85
CA LYS B 443 56.16 -7.37 -30.58
C LYS B 443 57.07 -8.11 -29.63
N LYS B 444 57.55 -7.45 -28.58
CA LYS B 444 58.18 -8.15 -27.46
C LYS B 444 57.29 -9.05 -26.61
N ILE B 445 56.12 -8.53 -26.29
CA ILE B 445 55.22 -9.22 -25.38
C ILE B 445 54.68 -10.52 -25.94
N LYS B 446 54.47 -10.59 -27.24
CA LYS B 446 54.17 -11.86 -27.87
C LYS B 446 55.31 -12.89 -27.70
N MET B 447 56.55 -12.44 -27.77
CA MET B 447 57.64 -13.34 -27.40
C MET B 447 57.54 -13.77 -25.96
N MET B 448 57.19 -12.88 -25.05
CA MET B 448 57.01 -13.36 -23.68
C MET B 448 55.89 -14.38 -23.56
N ASP B 449 54.79 -14.18 -24.27
CA ASP B 449 53.74 -15.18 -24.21
C ASP B 449 54.20 -16.52 -24.76
N GLU B 450 54.98 -16.51 -25.82
CA GLU B 450 55.56 -17.77 -26.31
C GLU B 450 56.49 -18.42 -25.31
N MET B 451 57.25 -17.58 -24.61
CA MET B 451 58.13 -18.02 -23.53
C MET B 451 57.37 -18.67 -22.40
N ASN B 452 56.17 -18.22 -22.09
CA ASN B 452 55.41 -18.88 -21.03
C ASN B 452 55.10 -20.36 -21.26
N GLU B 453 54.73 -20.76 -22.46
CA GLU B 453 54.23 -22.12 -22.63
C GLU B 453 55.28 -23.18 -22.33
N VAL B 454 56.57 -22.82 -22.32
CA VAL B 454 57.57 -23.74 -21.82
C VAL B 454 57.73 -23.60 -20.32
N LEU B 455 57.18 -22.54 -19.73
CA LEU B 455 57.08 -22.49 -18.27
C LEU B 455 56.08 -23.50 -17.76
N ILE B 456 54.81 -23.40 -18.19
CA ILE B 456 53.70 -24.16 -17.62
C ILE B 456 53.84 -25.67 -17.77
N ALA B 457 54.67 -26.14 -18.71
CA ALA B 457 54.89 -27.58 -18.85
C ALA B 457 55.63 -28.18 -17.67
N GLN B 458 56.30 -27.36 -16.86
CA GLN B 458 56.93 -27.84 -15.64
C GLN B 458 56.18 -27.46 -14.37
N LEU B 459 55.10 -26.70 -14.49
CA LEU B 459 54.33 -26.28 -13.32
C LEU B 459 52.98 -27.00 -13.17
N GLU B 460 52.45 -27.58 -14.26
CA GLU B 460 51.05 -27.99 -14.26
C GLU B 460 50.84 -29.28 -13.46
N ASN B 461 51.47 -30.37 -13.88
CA ASN B 461 51.28 -31.66 -13.24
C ASN B 461 52.44 -31.99 -12.31
N ALA B 462 52.24 -33.02 -11.50
CA ALA B 462 53.28 -33.50 -10.60
C ALA B 462 53.95 -34.75 -11.18
N ASP B 463 54.62 -34.55 -12.32
CA ASP B 463 55.37 -35.64 -12.91
C ASP B 463 56.68 -35.85 -12.14
N THR B 464 57.48 -36.80 -12.63
CA THR B 464 58.72 -37.11 -11.94
C THR B 464 59.86 -36.16 -12.28
N HIS B 465 59.70 -35.31 -13.30
CA HIS B 465 60.67 -34.27 -13.58
C HIS B 465 60.11 -32.87 -13.37
N SER B 466 58.88 -32.76 -12.89
CA SER B 466 58.22 -31.47 -12.79
C SER B 466 58.80 -30.68 -11.62
N GLU B 467 58.41 -29.40 -11.55
CA GLU B 467 58.90 -28.54 -10.49
C GLU B 467 58.30 -28.90 -9.15
N ARG B 468 57.07 -29.39 -9.13
CA ARG B 468 56.40 -29.69 -7.87
C ARG B 468 57.05 -30.88 -7.18
N ASN B 469 57.53 -31.86 -7.95
CA ASN B 469 58.20 -32.99 -7.36
C ASN B 469 59.57 -32.62 -6.83
N PHE B 470 60.23 -31.64 -7.45
CA PHE B 470 61.59 -31.31 -7.06
C PHE B 470 61.62 -30.58 -5.72
N TYR B 471 60.80 -29.54 -5.57
CA TYR B 471 60.78 -28.81 -4.30
C TYR B 471 60.10 -29.58 -3.18
N TYR B 472 59.41 -30.68 -3.49
CA TYR B 472 58.89 -31.57 -2.46
C TYR B 472 59.99 -32.48 -1.92
N MET B 473 60.56 -33.32 -2.78
CA MET B 473 61.47 -34.37 -2.34
C MET B 473 62.82 -33.84 -1.87
N VAL B 474 63.22 -32.66 -2.35
CA VAL B 474 64.37 -31.99 -1.74
C VAL B 474 64.02 -31.52 -0.34
N SER B 475 62.79 -31.06 -0.14
CA SER B 475 62.41 -30.56 1.18
C SER B 475 62.16 -31.69 2.17
N THR B 476 61.72 -32.85 1.70
CA THR B 476 61.38 -33.91 2.63
C THR B 476 62.58 -34.76 3.01
N GLY B 477 63.25 -35.37 2.03
CA GLY B 477 64.27 -36.39 2.20
C GLY B 477 65.40 -36.09 3.17
N LYS B 478 65.62 -37.01 4.13
CA LYS B 478 66.21 -36.72 5.44
C LYS B 478 67.60 -36.07 5.39
N THR B 479 68.32 -36.22 4.27
CA THR B 479 69.63 -35.60 4.11
C THR B 479 69.56 -34.07 4.13
N THR B 480 68.41 -33.49 3.75
CA THR B 480 68.25 -32.04 3.72
C THR B 480 68.27 -31.47 5.15
N PRO B 481 68.55 -30.18 5.26
CA PRO B 481 68.64 -29.39 6.47
C PRO B 481 67.27 -29.11 7.00
N ARG B 482 67.15 -28.78 8.27
CA ARG B 482 65.82 -28.64 8.82
C ARG B 482 65.02 -27.55 8.17
N ILE B 483 65.65 -26.42 7.86
CA ILE B 483 64.91 -25.24 7.43
C ILE B 483 65.42 -24.57 6.16
N LEU B 484 65.19 -25.18 5.00
CA LEU B 484 65.76 -24.64 3.79
C LEU B 484 65.13 -23.32 3.43
N ILE B 485 65.91 -22.44 2.82
CA ILE B 485 65.38 -21.27 2.15
C ILE B 485 65.39 -21.42 0.64
N VAL B 486 64.23 -21.60 0.02
CA VAL B 486 64.10 -21.54 -1.42
C VAL B 486 63.99 -20.08 -1.81
N GLU B 487 64.33 -19.79 -3.07
CA GLU B 487 64.08 -18.48 -3.65
C GLU B 487 63.44 -18.72 -4.99
N GLY B 488 62.43 -17.94 -5.31
CA GLY B 488 61.73 -18.06 -6.57
C GLY B 488 61.92 -16.82 -7.40
N HIS B 489 61.94 -17.00 -8.71
CA HIS B 489 62.00 -15.85 -9.60
C HIS B 489 60.61 -15.27 -9.85
N PHE B 490 59.71 -16.06 -10.42
CA PHE B 490 58.43 -15.57 -10.86
C PHE B 490 57.33 -16.00 -9.90
N ASN B 491 56.37 -15.11 -9.70
CA ASN B 491 55.16 -15.39 -8.94
C ASN B 491 54.33 -16.42 -9.71
N ALA B 492 53.39 -17.06 -9.00
CA ALA B 492 52.77 -18.34 -9.34
C ALA B 492 53.80 -19.44 -9.53
N GLN B 493 54.86 -19.39 -8.73
CA GLN B 493 55.62 -20.55 -8.31
C GLN B 493 55.17 -20.96 -6.91
N ASP B 494 54.18 -20.24 -6.37
CA ASP B 494 53.66 -20.47 -5.03
C ASP B 494 52.96 -21.81 -4.89
N ALA B 495 52.41 -22.33 -5.99
CA ALA B 495 51.83 -23.67 -6.01
C ALA B 495 52.88 -24.76 -6.14
N THR B 496 54.16 -24.41 -6.10
CA THR B 496 55.23 -25.36 -6.30
C THR B 496 56.16 -25.45 -5.09
N ILE B 497 56.66 -24.30 -4.61
CA ILE B 497 57.44 -24.25 -3.38
C ILE B 497 56.59 -24.75 -2.22
N ALA B 498 57.22 -25.47 -1.31
CA ALA B 498 56.44 -26.17 -0.29
C ALA B 498 57.29 -26.37 0.96
N ARG B 499 56.72 -26.07 2.13
CA ARG B 499 55.39 -25.46 2.30
C ARG B 499 55.56 -24.42 3.39
N THR B 500 54.89 -23.27 3.27
CA THR B 500 55.23 -22.18 4.16
C THR B 500 54.07 -21.23 4.36
N ASP B 501 54.24 -20.36 5.35
CA ASP B 501 53.38 -19.21 5.58
C ASP B 501 54.11 -17.89 5.40
N THR B 502 55.32 -17.93 4.83
CA THR B 502 56.21 -16.77 4.85
C THR B 502 56.87 -16.65 3.48
N THR B 503 56.31 -15.82 2.62
CA THR B 503 56.89 -15.50 1.34
C THR B 503 57.12 -14.00 1.29
N VAL B 504 58.38 -13.59 1.09
CA VAL B 504 58.73 -12.19 1.04
C VAL B 504 59.19 -11.86 -0.37
N LEU B 505 59.52 -10.59 -0.58
CA LEU B 505 59.78 -10.04 -1.90
C LEU B 505 60.97 -9.10 -1.77
N LEU B 506 62.08 -9.44 -2.41
CA LEU B 506 63.34 -8.77 -2.10
C LEU B 506 63.61 -7.69 -3.14
N ARG B 507 63.81 -6.46 -2.67
CA ARG B 507 64.17 -5.33 -3.52
C ARG B 507 65.49 -4.74 -3.03
N THR B 508 66.56 -5.01 -3.76
CA THR B 508 67.91 -4.65 -3.35
C THR B 508 68.34 -3.35 -4.00
N ILE B 509 69.59 -2.95 -3.76
CA ILE B 509 70.10 -1.72 -4.37
C ILE B 509 70.73 -2.13 -5.69
N ASN B 510 69.87 -2.33 -6.68
CA ASN B 510 70.34 -2.80 -7.97
C ASN B 510 69.24 -2.51 -8.96
N ASP B 511 69.51 -1.63 -9.92
CA ASP B 511 68.73 -1.59 -11.14
C ASP B 511 69.03 -2.90 -11.86
N THR B 512 68.07 -3.82 -11.83
CA THR B 512 68.37 -5.20 -12.19
C THR B 512 68.61 -5.35 -13.68
N THR B 513 67.94 -4.54 -14.50
CA THR B 513 68.18 -4.60 -15.93
C THR B 513 69.50 -3.94 -16.31
N GLN B 514 70.02 -3.07 -15.44
CA GLN B 514 71.37 -2.56 -15.65
C GLN B 514 72.39 -3.64 -15.34
N ALA B 515 72.08 -4.49 -14.36
CA ALA B 515 73.00 -5.57 -13.99
C ALA B 515 72.95 -6.70 -15.00
N MET B 516 71.94 -6.72 -15.88
CA MET B 516 71.88 -7.76 -16.89
C MET B 516 72.55 -7.31 -18.18
N ARG B 517 72.70 -6.01 -18.38
CA ARG B 517 73.63 -5.54 -19.40
C ARG B 517 75.04 -5.52 -18.85
N ASP B 518 75.17 -5.50 -17.52
CA ASP B 518 76.47 -5.70 -16.90
C ASP B 518 76.95 -7.13 -17.12
N ARG B 519 76.09 -8.12 -16.86
CA ARG B 519 76.40 -9.39 -16.16
C ARG B 519 77.82 -9.95 -16.44
N GLN B 520 78.31 -9.79 -17.68
CA GLN B 520 79.64 -10.10 -18.21
C GLN B 520 79.85 -11.57 -18.56
N ARG B 521 78.76 -12.32 -18.68
CA ARG B 521 78.47 -13.09 -19.90
C ARG B 521 76.94 -13.07 -20.03
N GLY B 522 76.36 -11.88 -19.90
CA GLY B 522 74.92 -11.74 -19.86
C GLY B 522 74.24 -12.10 -21.16
N GLY B 523 74.53 -11.36 -22.22
CA GLY B 523 73.86 -11.56 -23.47
C GLY B 523 72.40 -11.16 -23.40
N VAL B 524 71.62 -11.68 -24.36
CA VAL B 524 70.20 -11.40 -24.33
C VAL B 524 69.45 -12.44 -23.50
N VAL B 525 70.08 -13.58 -23.21
CA VAL B 525 69.38 -14.66 -22.54
C VAL B 525 69.10 -14.30 -21.08
N GLN B 526 70.04 -13.64 -20.42
CA GLN B 526 69.80 -13.15 -19.07
C GLN B 526 68.76 -12.04 -19.08
N LEU B 527 68.80 -11.19 -20.10
CA LEU B 527 68.00 -9.97 -20.09
C LEU B 527 66.58 -10.22 -20.58
N PHE B 528 66.39 -11.21 -21.46
CA PHE B 528 65.05 -11.62 -21.85
C PHE B 528 64.29 -12.25 -20.70
N LEU B 529 64.98 -12.98 -19.82
CA LEU B 529 64.32 -13.69 -18.74
C LEU B 529 64.01 -12.82 -17.54
N ARG B 530 64.83 -11.79 -17.27
CA ARG B 530 64.44 -10.79 -16.27
C ARG B 530 63.16 -10.11 -16.68
N ASP B 531 63.09 -9.68 -17.95
CA ASP B 531 61.91 -9.12 -18.56
C ASP B 531 60.74 -10.11 -18.57
N THR B 532 60.98 -11.39 -18.86
CA THR B 532 59.92 -12.38 -18.80
C THR B 532 59.44 -12.57 -17.36
N TYR B 533 60.36 -12.62 -16.40
CA TYR B 533 59.96 -12.87 -15.02
C TYR B 533 59.31 -11.65 -14.39
N TYR B 534 59.70 -10.43 -14.79
CA TYR B 534 59.00 -9.25 -14.29
C TYR B 534 57.57 -9.20 -14.79
N ARG B 535 57.30 -9.77 -15.97
CA ARG B 535 55.94 -9.92 -16.45
C ARG B 535 55.17 -10.97 -15.65
N LEU B 536 55.86 -11.82 -14.91
CA LEU B 536 55.18 -12.82 -14.09
C LEU B 536 55.26 -12.52 -12.61
N LEU B 537 56.04 -11.54 -12.19
CA LEU B 537 56.26 -11.24 -10.78
C LEU B 537 55.77 -9.82 -10.49
N PRO B 538 54.55 -9.65 -10.02
CA PRO B 538 54.14 -8.33 -9.51
C PRO B 538 54.47 -8.24 -8.03
N ALA B 539 54.26 -7.07 -7.45
CA ALA B 539 54.58 -6.86 -6.03
C ALA B 539 53.37 -7.17 -5.16
N LEU B 540 52.85 -8.39 -5.32
CA LEU B 540 51.72 -8.86 -4.54
C LEU B 540 52.13 -9.57 -3.27
N HIS B 541 53.38 -9.46 -2.86
CA HIS B 541 53.82 -9.95 -1.57
C HIS B 541 54.53 -8.83 -0.82
N THR B 542 55.00 -9.14 0.38
CA THR B 542 55.59 -8.12 1.23
C THR B 542 57.00 -7.84 0.74
N THR B 543 57.25 -6.59 0.32
CA THR B 543 58.60 -6.14 0.06
C THR B 543 59.40 -6.17 1.35
N VAL B 544 60.66 -6.62 1.27
CA VAL B 544 61.36 -7.02 2.47
C VAL B 544 62.66 -6.24 2.70
N TYR B 545 63.27 -5.61 1.68
CA TYR B 545 64.34 -4.61 1.82
C TYR B 545 65.56 -5.06 2.62
N PRO B 546 66.55 -5.68 1.95
CA PRO B 546 67.53 -6.59 2.56
C PRO B 546 68.22 -6.24 3.88
N PHE B 547 68.18 -4.98 4.31
CA PHE B 547 68.67 -4.63 5.64
C PHE B 547 67.68 -5.02 6.74
N GLU B 548 66.43 -5.31 6.37
CA GLU B 548 65.41 -5.59 7.38
C GLU B 548 65.47 -7.04 7.83
N MET B 549 65.94 -7.94 6.95
CA MET B 549 66.16 -9.31 7.39
C MET B 549 67.39 -9.41 8.28
N LEU B 550 68.40 -8.58 8.02
CA LEU B 550 69.54 -8.49 8.93
C LEU B 550 69.19 -7.78 10.23
N GLU B 551 68.14 -6.96 10.24
CA GLU B 551 67.67 -6.29 11.43
C GLU B 551 66.83 -7.19 12.31
N SER B 552 66.03 -8.08 11.71
CA SER B 552 65.12 -8.91 12.46
C SER B 552 65.81 -10.09 13.15
N ILE B 553 66.98 -10.49 12.67
CA ILE B 553 67.70 -11.54 13.36
C ILE B 553 68.06 -10.97 14.69
N LYS B 554 68.53 -9.74 14.67
CA LYS B 554 69.04 -9.11 15.86
C LYS B 554 67.95 -8.86 16.89
N ARG B 555 66.77 -8.41 16.46
CA ARG B 555 65.71 -8.12 17.40
C ARG B 555 65.19 -9.35 18.13
N TRP B 556 65.01 -10.41 17.40
CA TRP B 556 64.47 -11.65 17.93
C TRP B 556 65.22 -12.03 19.20
N LYS B 557 64.49 -12.57 20.17
CA LYS B 557 65.06 -12.97 21.45
C LYS B 557 65.36 -14.46 21.42
N TRP B 558 66.63 -14.82 21.49
CA TRP B 558 67.05 -16.20 21.35
C TRP B 558 67.16 -16.86 22.71
N VAL B 559 67.50 -18.15 22.72
CA VAL B 559 67.59 -18.92 23.95
C VAL B 559 68.99 -18.82 24.53
N VAL E 1 72.87 4.34 -25.29
CA VAL E 1 72.33 5.52 -24.61
C VAL E 1 70.83 5.40 -24.48
N GLN E 2 70.36 5.22 -23.23
CA GLN E 2 68.95 5.01 -22.96
C GLN E 2 68.55 5.77 -21.71
N SER E 3 67.41 6.49 -21.80
CA SER E 3 66.89 7.26 -20.68
C SER E 3 65.41 7.58 -20.87
N ARG E 4 64.51 6.95 -20.12
CA ARG E 4 64.78 5.74 -19.34
C ARG E 4 63.85 4.67 -19.86
N THR E 5 63.18 5.01 -20.96
CA THR E 5 62.06 4.24 -21.49
C THR E 5 62.46 2.90 -22.09
N ASP E 6 63.75 2.65 -22.34
CA ASP E 6 64.16 1.37 -22.89
C ASP E 6 64.17 0.25 -21.85
N VAL E 7 64.18 0.59 -20.57
CA VAL E 7 64.06 -0.40 -19.50
C VAL E 7 62.61 -0.87 -19.47
N PHE E 8 62.40 -2.19 -19.36
CA PHE E 8 61.07 -2.77 -19.50
C PHE E 8 60.14 -2.42 -18.35
N ASN E 9 60.68 -1.95 -17.22
CA ASN E 9 59.83 -1.57 -16.09
C ASN E 9 59.08 -0.26 -16.37
N GLU E 10 59.66 0.64 -17.14
CA GLU E 10 58.99 1.86 -17.54
C GLU E 10 58.35 1.78 -18.92
N GLN E 11 58.82 0.87 -19.78
CA GLN E 11 58.20 0.69 -21.09
C GLN E 11 56.84 0.02 -20.98
N PHE E 12 56.71 -0.95 -20.08
CA PHE E 12 55.46 -1.69 -19.89
C PHE E 12 54.37 -0.81 -19.31
N ALA E 13 54.72 0.24 -18.57
CA ALA E 13 53.73 1.18 -18.06
C ALA E 13 53.31 2.22 -19.08
N ASN E 14 54.17 2.52 -20.06
CA ASN E 14 53.83 3.46 -21.12
C ASN E 14 53.26 2.77 -22.35
N GLU E 15 52.88 1.50 -22.24
CA GLU E 15 52.14 0.82 -23.29
C GLU E 15 50.75 0.42 -22.85
N ALA E 16 50.49 0.36 -21.55
CA ALA E 16 49.11 0.27 -21.07
C ALA E 16 48.37 1.58 -21.36
N LEU E 17 49.10 2.70 -21.30
CA LEU E 17 48.59 3.96 -21.80
C LEU E 17 48.95 4.08 -23.27
N HIS E 18 47.96 4.49 -24.10
CA HIS E 18 47.93 4.52 -25.57
C HIS E 18 48.56 3.27 -26.18
N PRO E 19 47.84 2.14 -26.18
CA PRO E 19 48.40 0.90 -26.73
C PRO E 19 48.60 1.00 -28.23
N MET E 20 49.83 0.74 -28.67
CA MET E 20 50.16 0.84 -30.08
C MET E 20 49.59 -0.34 -30.86
N THR E 21 48.97 -0.03 -31.99
CA THR E 21 48.48 -1.04 -32.91
C THR E 21 49.11 -0.93 -34.28
N LYS E 22 49.08 0.26 -34.87
CA LYS E 22 49.47 0.44 -36.27
C LYS E 22 50.98 0.41 -36.42
N VAL E 23 51.45 -0.38 -37.38
CA VAL E 23 52.86 -0.43 -37.72
C VAL E 23 53.02 0.14 -39.12
N ILE E 24 54.26 0.52 -39.45
CA ILE E 24 54.57 1.02 -40.78
C ILE E 24 54.50 -0.14 -41.77
N PHE E 25 53.64 -0.02 -42.76
CA PHE E 25 53.56 -0.99 -43.84
C PHE E 25 53.52 -0.23 -45.16
N ASN E 26 54.61 -0.29 -45.91
CA ASN E 26 54.74 0.46 -47.16
C ASN E 26 54.10 -0.25 -48.35
N GLY E 27 53.17 -1.16 -48.13
CA GLY E 27 52.46 -1.81 -49.21
C GLY E 27 50.97 -1.54 -49.16
N LEU E 28 50.20 -2.55 -49.52
CA LEU E 28 48.75 -2.54 -49.43
C LEU E 28 48.35 -3.61 -48.42
N ASP E 29 47.59 -3.22 -47.40
CA ASP E 29 47.26 -4.13 -46.30
C ASP E 29 46.07 -4.98 -46.71
N VAL E 30 46.34 -6.17 -47.22
CA VAL E 30 45.30 -7.12 -47.59
C VAL E 30 44.69 -7.70 -46.33
N ASN E 31 43.38 -7.53 -46.18
CA ASN E 31 42.65 -8.11 -45.06
C ASN E 31 41.51 -9.03 -45.48
N THR E 32 40.97 -8.85 -46.69
CA THR E 32 39.94 -9.72 -47.23
C THR E 32 40.34 -10.23 -48.61
N GLU E 33 39.63 -11.26 -49.07
CA GLU E 33 39.77 -11.76 -50.43
C GLU E 33 38.39 -11.88 -51.07
N VAL E 34 38.36 -11.80 -52.39
CA VAL E 34 37.12 -11.79 -53.17
C VAL E 34 37.13 -13.02 -54.07
N GLN E 35 36.01 -13.70 -54.14
CA GLN E 35 35.83 -14.77 -55.09
C GLN E 35 35.30 -14.21 -56.41
N PRO E 36 35.47 -14.91 -57.53
CA PRO E 36 34.86 -14.42 -58.77
C PRO E 36 33.34 -14.51 -58.73
N LEU E 37 32.69 -13.61 -59.47
CA LEU E 37 31.24 -13.50 -59.35
C LEU E 37 30.50 -14.61 -60.07
N SER E 38 31.13 -15.25 -61.06
CA SER E 38 30.52 -16.38 -61.73
C SER E 38 31.62 -17.24 -62.32
N ASP E 39 31.72 -18.48 -61.85
CA ASP E 39 32.64 -19.47 -62.41
C ASP E 39 32.01 -19.95 -63.72
N ASP E 40 32.25 -19.20 -64.79
CA ASP E 40 31.50 -19.38 -66.02
C ASP E 40 32.27 -20.16 -67.09
N PHE E 41 33.58 -19.95 -67.21
CA PHE E 41 34.36 -20.58 -68.26
C PHE E 41 35.29 -21.63 -67.67
N LYS E 42 35.35 -22.78 -68.34
CA LYS E 42 36.41 -23.73 -68.08
C LYS E 42 37.67 -23.29 -68.82
N GLN E 43 38.82 -23.73 -68.34
CA GLN E 43 40.10 -23.20 -68.80
C GLN E 43 41.01 -24.31 -69.31
N ILE E 44 40.48 -25.14 -70.22
CA ILE E 44 41.27 -26.19 -70.83
C ILE E 44 42.35 -25.60 -71.73
N SER E 45 43.42 -26.36 -71.92
CA SER E 45 44.63 -25.90 -72.59
C SER E 45 44.70 -26.27 -74.06
N ASP E 46 44.56 -27.54 -74.40
CA ASP E 46 44.62 -27.98 -75.80
C ASP E 46 43.24 -28.42 -76.22
N PRO E 47 42.54 -27.63 -77.02
CA PRO E 47 41.12 -27.91 -77.29
C PRO E 47 40.94 -29.07 -78.25
N LYS E 48 39.79 -29.72 -78.11
CA LYS E 48 39.42 -30.86 -78.92
C LYS E 48 38.22 -30.48 -79.78
N GLY E 49 38.34 -30.71 -81.09
CA GLY E 49 37.32 -30.26 -82.01
C GLY E 49 36.07 -31.11 -81.99
N TYR E 50 35.11 -30.73 -82.82
CA TYR E 50 33.87 -31.49 -82.91
C TYR E 50 33.94 -32.52 -84.02
N LEU E 51 34.54 -32.14 -85.15
CA LEU E 51 34.70 -33.03 -86.29
C LEU E 51 36.17 -33.40 -86.41
N THR E 52 36.47 -34.69 -86.36
CA THR E 52 37.82 -35.19 -86.58
C THR E 52 37.79 -36.29 -87.63
N TYR E 53 38.98 -36.70 -88.07
CA TYR E 53 39.08 -37.73 -89.07
C TYR E 53 39.00 -39.12 -88.45
N SER E 54 38.44 -40.05 -89.22
CA SER E 54 38.39 -41.45 -88.81
C SER E 54 38.66 -42.29 -90.05
N VAL E 55 39.90 -42.76 -90.18
CA VAL E 55 40.39 -43.32 -91.42
C VAL E 55 40.49 -44.83 -91.28
N LYS E 56 39.80 -45.56 -92.15
CA LYS E 56 39.85 -47.02 -92.16
C LYS E 56 40.95 -47.43 -93.13
N TYR E 57 41.91 -48.19 -92.63
CA TYR E 57 43.01 -48.66 -93.48
C TYR E 57 42.62 -49.93 -94.20
N GLU E 58 43.34 -50.21 -95.27
CA GLU E 58 43.28 -51.51 -95.94
C GLU E 58 44.49 -52.30 -95.51
N ASP E 59 44.27 -53.46 -94.90
CA ASP E 59 45.32 -54.19 -94.20
C ASP E 59 46.18 -55.06 -95.10
N GLN E 60 46.16 -54.86 -96.41
CA GLN E 60 47.07 -55.61 -97.27
C GLN E 60 48.14 -54.72 -97.87
N PHE E 61 47.79 -53.51 -98.30
CA PHE E 61 48.75 -52.60 -98.91
C PHE E 61 49.37 -51.64 -97.92
N THR E 62 49.01 -51.72 -96.65
CA THR E 62 49.55 -50.83 -95.64
C THR E 62 50.87 -51.38 -95.09
N LYS E 63 51.61 -50.52 -94.41
CA LYS E 63 52.83 -50.90 -93.72
C LYS E 63 52.70 -50.48 -92.27
N LYS E 64 52.79 -51.45 -91.37
CA LYS E 64 52.28 -51.29 -90.01
C LYS E 64 53.14 -50.41 -89.12
N ASP E 65 54.40 -50.17 -89.46
CA ASP E 65 55.23 -49.38 -88.57
C ASP E 65 54.94 -47.88 -88.72
N LYS E 66 55.47 -47.10 -87.80
CA LYS E 66 55.32 -45.65 -87.85
C LYS E 66 56.31 -45.09 -88.85
N LEU E 67 55.84 -44.18 -89.71
CA LEU E 67 56.69 -43.56 -90.72
C LEU E 67 57.64 -42.58 -90.05
N ARG E 68 58.89 -42.54 -90.53
CA ARG E 68 59.96 -41.78 -89.89
C ARG E 68 60.49 -40.74 -90.87
N ALA E 69 60.06 -39.50 -90.70
CA ALA E 69 60.55 -38.38 -91.49
C ALA E 69 61.73 -37.74 -90.75
N SER E 70 62.11 -36.52 -91.15
CA SER E 70 63.11 -35.76 -90.42
C SER E 70 62.61 -35.40 -89.02
N GLU E 71 63.54 -35.11 -88.12
CA GLU E 71 63.20 -34.98 -86.71
C GLU E 71 62.43 -33.70 -86.42
N ALA E 72 62.79 -32.60 -87.06
CA ALA E 72 62.03 -31.37 -86.89
C ALA E 72 60.67 -31.45 -87.57
N ASP E 73 60.55 -32.21 -88.65
CA ASP E 73 59.27 -32.40 -89.31
C ASP E 73 58.44 -33.49 -88.65
N ASP E 74 59.01 -34.28 -87.74
CA ASP E 74 58.25 -35.35 -87.12
C ASP E 74 57.28 -34.82 -86.08
N ARG E 75 57.51 -33.61 -85.57
CA ARG E 75 56.57 -33.05 -84.62
C ARG E 75 55.50 -32.18 -85.27
N ILE E 76 55.58 -31.98 -86.58
CA ILE E 76 54.58 -31.21 -87.32
C ILE E 76 53.87 -32.08 -88.35
N VAL E 77 54.63 -32.63 -89.28
CA VAL E 77 54.07 -33.48 -90.33
C VAL E 77 53.81 -34.89 -89.82
N GLY E 78 54.49 -35.30 -88.74
CA GLY E 78 54.49 -36.64 -88.21
C GLY E 78 53.17 -37.35 -87.99
N PRO E 79 52.30 -36.81 -87.12
CA PRO E 79 51.00 -37.46 -86.91
C PRO E 79 50.03 -37.25 -88.07
N THR E 80 50.36 -36.46 -89.08
CA THR E 80 49.52 -36.40 -90.26
C THR E 80 49.85 -37.52 -91.23
N VAL E 81 51.13 -37.73 -91.52
CA VAL E 81 51.53 -38.84 -92.38
C VAL E 81 51.39 -40.20 -91.72
N ASN E 82 51.18 -40.23 -90.40
CA ASN E 82 50.85 -41.48 -89.73
C ASN E 82 49.34 -41.74 -89.70
N LEU E 83 48.52 -40.77 -90.10
CA LEU E 83 47.09 -41.02 -90.20
C LEU E 83 46.64 -41.16 -91.64
N PHE E 84 47.28 -40.45 -92.58
CA PHE E 84 47.04 -40.65 -94.00
C PHE E 84 48.15 -41.49 -94.62
N LYS E 85 48.56 -42.52 -93.87
CA LYS E 85 49.56 -43.50 -94.28
C LYS E 85 49.16 -44.17 -95.58
N TYR E 86 50.17 -44.59 -96.34
CA TYR E 86 49.97 -45.22 -97.65
C TYR E 86 49.16 -46.49 -97.52
N GLY E 87 47.93 -46.45 -98.01
CA GLY E 87 47.00 -47.55 -97.84
C GLY E 87 45.70 -47.16 -97.19
N ALA E 88 45.39 -45.87 -97.12
CA ALA E 88 44.11 -45.44 -96.57
C ALA E 88 43.00 -45.69 -97.58
N ALA E 89 42.06 -46.55 -97.23
CA ALA E 89 40.98 -46.89 -98.15
C ALA E 89 39.96 -45.76 -98.24
N VAL E 90 39.31 -45.44 -97.12
CA VAL E 90 38.37 -44.34 -97.05
C VAL E 90 38.77 -43.43 -95.91
N VAL E 91 38.39 -42.16 -96.01
CA VAL E 91 38.67 -41.16 -95.00
C VAL E 91 37.37 -40.44 -94.66
N ASN E 92 36.91 -40.59 -93.43
CA ASN E 92 35.62 -40.06 -93.01
C ASN E 92 35.80 -38.83 -92.12
N ILE E 93 34.78 -37.98 -92.15
CA ILE E 93 34.67 -36.83 -91.24
C ILE E 93 33.45 -37.10 -90.37
N ASP E 94 33.67 -37.46 -89.12
CA ASP E 94 32.59 -37.80 -88.22
C ASP E 94 32.69 -36.95 -86.96
N LEU E 95 31.71 -37.14 -86.06
CA LEU E 95 31.76 -36.47 -84.77
C LEU E 95 32.91 -37.02 -83.94
N ASN E 96 33.49 -36.16 -83.11
CA ASN E 96 34.66 -36.57 -82.34
C ASN E 96 34.22 -37.44 -81.17
N ARG E 97 34.98 -38.51 -80.92
CA ARG E 97 34.56 -39.52 -79.97
C ARG E 97 35.07 -39.27 -78.55
N ASP E 98 36.16 -38.51 -78.39
CA ASP E 98 36.62 -38.23 -77.05
C ASP E 98 36.04 -36.95 -76.47
N PHE E 99 35.40 -36.12 -77.30
CA PHE E 99 34.64 -35.00 -76.77
C PHE E 99 33.21 -35.41 -76.47
N PHE E 100 32.54 -36.03 -77.45
CA PHE E 100 31.20 -36.58 -77.24
C PHE E 100 31.36 -38.01 -76.70
N ASP E 101 31.87 -38.09 -75.48
CA ASP E 101 32.31 -39.35 -74.90
C ASP E 101 31.12 -40.07 -74.27
N THR E 102 31.40 -41.14 -73.52
CA THR E 102 30.35 -41.94 -72.90
C THR E 102 29.79 -41.28 -71.64
N ALA E 103 30.37 -40.16 -71.19
CA ALA E 103 29.82 -39.47 -70.03
C ALA E 103 28.50 -38.79 -70.36
N THR E 104 28.39 -38.20 -71.54
CA THR E 104 27.16 -37.50 -71.92
C THR E 104 26.13 -38.42 -72.56
N GLY E 105 26.40 -39.72 -72.63
CA GLY E 105 25.41 -40.64 -73.15
C GLY E 105 25.19 -40.57 -74.63
N ILE E 106 26.19 -40.14 -75.39
CA ILE E 106 26.12 -40.12 -76.85
C ILE E 106 26.95 -41.28 -77.38
N ASP E 107 26.30 -42.20 -78.08
CA ASP E 107 26.93 -43.42 -78.57
C ASP E 107 27.24 -43.24 -80.04
N LEU E 108 28.50 -42.94 -80.36
CA LEU E 108 28.95 -42.69 -81.72
C LEU E 108 29.52 -43.94 -82.38
N THR E 109 29.07 -45.12 -81.97
CA THR E 109 29.64 -46.36 -82.49
C THR E 109 29.17 -46.63 -83.91
N LYS E 110 27.88 -46.42 -84.16
CA LYS E 110 27.27 -46.74 -85.45
C LYS E 110 27.34 -45.60 -86.45
N GLY E 111 28.14 -44.56 -86.17
CA GLY E 111 28.30 -43.45 -87.05
C GLY E 111 27.45 -42.24 -86.69
N ILE E 112 26.21 -42.46 -86.30
CA ILE E 112 25.31 -41.36 -85.94
C ILE E 112 25.26 -41.26 -84.42
N PRO E 113 24.98 -40.09 -83.85
CA PRO E 113 24.80 -40.01 -82.39
C PRO E 113 23.50 -40.68 -81.97
N LEU E 114 23.55 -41.40 -80.84
CA LEU E 114 22.41 -42.17 -80.35
C LEU E 114 22.29 -41.95 -78.86
N VAL E 115 21.11 -41.50 -78.42
CA VAL E 115 20.78 -41.38 -77.00
C VAL E 115 19.62 -42.33 -76.71
N GLN E 116 19.69 -43.04 -75.59
CA GLN E 116 18.78 -44.15 -75.35
C GLN E 116 17.36 -43.67 -75.01
N ASP E 117 17.21 -42.91 -73.95
CA ASP E 117 15.89 -42.71 -73.34
C ASP E 117 15.54 -41.24 -73.23
N LEU E 118 15.69 -40.49 -74.32
CA LEU E 118 15.42 -39.06 -74.28
C LEU E 118 14.07 -38.71 -74.90
N LEU E 119 13.82 -39.13 -76.14
CA LEU E 119 12.50 -38.97 -76.77
C LEU E 119 12.07 -40.33 -77.32
N VAL E 120 11.45 -41.13 -76.47
CA VAL E 120 10.97 -42.43 -76.93
C VAL E 120 9.52 -42.29 -77.37
N PRO E 121 9.13 -42.89 -78.49
CA PRO E 121 7.72 -42.89 -78.88
C PRO E 121 6.93 -43.91 -78.08
N ILE E 122 5.72 -43.53 -77.69
CA ILE E 122 4.86 -44.39 -76.92
C ILE E 122 3.81 -44.98 -77.85
N GLY E 123 3.25 -46.12 -77.43
CA GLY E 123 2.23 -46.78 -78.22
C GLY E 123 2.73 -47.55 -79.41
N VAL E 124 3.97 -48.02 -79.37
CA VAL E 124 4.54 -48.81 -80.46
C VAL E 124 4.99 -50.15 -79.90
N THR E 125 5.48 -51.00 -80.81
CA THR E 125 6.15 -52.23 -80.41
C THR E 125 7.45 -51.87 -79.69
N ALA E 126 7.81 -52.68 -78.69
CA ALA E 126 8.94 -52.44 -77.79
C ALA E 126 10.31 -52.42 -78.49
N GLY E 127 10.47 -52.67 -79.78
CA GLY E 127 11.76 -52.53 -80.43
C GLY E 127 11.74 -51.50 -81.53
N ALA E 128 10.75 -50.59 -81.49
CA ALA E 128 10.54 -49.61 -82.55
C ALA E 128 10.96 -48.21 -82.16
N GLU E 129 11.76 -48.08 -81.09
CA GLU E 129 12.16 -46.77 -80.58
C GLU E 129 13.55 -46.38 -81.04
N GLN E 130 14.20 -47.19 -81.88
CA GLN E 130 15.59 -46.93 -82.23
C GLN E 130 15.71 -45.79 -83.24
N SER E 131 14.69 -45.56 -84.07
CA SER E 131 14.78 -44.48 -85.04
C SER E 131 14.67 -43.12 -84.39
N ALA E 132 13.99 -43.02 -83.24
CA ALA E 132 13.93 -41.77 -82.51
C ALA E 132 15.17 -41.51 -81.66
N GLU E 133 16.11 -42.46 -81.62
CA GLU E 133 17.36 -42.22 -80.91
C GLU E 133 18.28 -41.26 -81.66
N TYR E 134 18.22 -41.28 -83.00
CA TYR E 134 19.02 -40.34 -83.78
C TYR E 134 18.55 -38.91 -83.59
N VAL E 135 17.25 -38.71 -83.40
CA VAL E 135 16.72 -37.37 -83.20
C VAL E 135 17.12 -36.86 -81.83
N SER E 136 17.05 -37.73 -80.83
CA SER E 136 17.57 -37.40 -79.52
C SER E 136 19.09 -37.33 -79.50
N GLY E 137 19.75 -37.99 -80.46
CA GLY E 137 21.19 -37.86 -80.57
C GLY E 137 21.59 -36.50 -81.10
N LEU E 138 20.79 -35.94 -82.01
CA LEU E 138 21.08 -34.61 -82.51
C LEU E 138 20.80 -33.54 -81.46
N LEU E 139 19.94 -33.83 -80.49
CA LEU E 139 19.68 -32.86 -79.44
C LEU E 139 20.86 -32.77 -78.48
N MET E 140 21.37 -33.90 -78.02
CA MET E 140 22.51 -33.88 -77.10
C MET E 140 23.79 -33.44 -77.75
N VAL E 141 23.92 -33.57 -79.08
CA VAL E 141 25.02 -32.91 -79.76
C VAL E 141 24.81 -31.41 -79.77
N LEU E 142 23.57 -30.98 -80.05
CA LEU E 142 23.23 -29.57 -79.99
C LEU E 142 23.29 -29.02 -78.57
N PHE E 143 22.97 -29.85 -77.58
CA PHE E 143 23.00 -29.41 -76.19
C PHE E 143 24.42 -29.30 -75.67
N LYS E 144 25.34 -30.12 -76.20
CA LYS E 144 26.70 -30.10 -75.68
C LYS E 144 27.50 -28.95 -76.28
N VAL E 145 27.21 -28.58 -77.53
CA VAL E 145 27.84 -27.40 -78.12
C VAL E 145 27.31 -26.14 -77.48
N MET E 146 26.03 -26.13 -77.15
CA MET E 146 25.41 -24.98 -76.49
C MET E 146 25.94 -24.79 -75.08
N THR E 147 26.30 -25.88 -74.41
CA THR E 147 26.83 -25.78 -73.05
C THR E 147 28.35 -25.66 -73.07
N ASP E 148 28.97 -25.78 -74.24
CA ASP E 148 30.43 -25.77 -74.33
C ASP E 148 31.02 -24.39 -74.07
N ASN E 149 31.38 -24.13 -72.82
CA ASN E 149 31.92 -22.85 -72.40
C ASN E 149 33.42 -22.91 -72.17
N ARG E 150 34.14 -23.61 -73.04
CA ARG E 150 35.59 -23.70 -72.90
C ARG E 150 36.25 -22.37 -73.28
N LEU E 151 37.47 -22.19 -72.79
CA LEU E 151 38.20 -20.94 -72.97
C LEU E 151 39.68 -21.30 -73.05
N VAL E 152 40.26 -21.17 -74.23
CA VAL E 152 41.55 -21.79 -74.51
C VAL E 152 42.67 -20.93 -73.93
N ILE E 153 43.56 -21.57 -73.16
CA ILE E 153 44.79 -20.97 -72.69
C ILE E 153 45.93 -21.63 -73.46
N VAL E 154 46.96 -20.84 -73.79
CA VAL E 154 48.15 -21.31 -74.52
C VAL E 154 48.85 -22.39 -73.70
N GLY E 155 48.85 -23.61 -74.23
CA GLY E 155 49.43 -24.75 -73.54
C GLY E 155 50.93 -24.87 -73.76
N GLU E 156 51.39 -26.10 -73.81
CA GLU E 156 52.81 -26.37 -74.03
C GLU E 156 53.10 -26.18 -75.52
N THR E 157 53.67 -25.04 -75.87
CA THR E 157 53.97 -24.71 -77.26
C THR E 157 55.47 -24.68 -77.45
N THR E 158 55.93 -25.21 -78.57
CA THR E 158 57.34 -25.22 -78.91
C THR E 158 57.62 -24.27 -80.06
N THR E 159 58.88 -23.89 -80.19
CA THR E 159 59.33 -22.98 -81.24
C THR E 159 60.56 -23.58 -81.90
N PRO E 160 60.47 -24.03 -83.14
CA PRO E 160 61.62 -24.67 -83.78
C PRO E 160 62.52 -23.64 -84.43
N MET E 161 63.71 -24.10 -84.81
CA MET E 161 64.62 -23.25 -85.56
C MET E 161 64.19 -23.21 -87.01
N SER E 162 64.60 -22.16 -87.72
CA SER E 162 64.22 -22.06 -89.12
C SER E 162 65.08 -22.92 -90.03
N ASN E 163 66.25 -23.37 -89.58
CA ASN E 163 67.13 -24.18 -90.40
C ASN E 163 67.01 -25.67 -90.12
N THR E 164 66.14 -26.06 -89.19
CA THR E 164 65.87 -27.47 -88.94
C THR E 164 64.65 -27.98 -89.69
N LEU E 165 63.65 -27.14 -89.92
CA LEU E 165 62.52 -27.51 -90.73
C LEU E 165 62.90 -27.48 -92.21
N SER E 166 62.10 -28.16 -93.03
CA SER E 166 62.30 -28.14 -94.46
C SER E 166 61.83 -26.82 -95.06
N THR E 167 62.02 -26.68 -96.37
CA THR E 167 61.59 -25.45 -97.04
C THR E 167 60.08 -25.40 -97.24
N VAL E 168 59.39 -26.54 -97.17
CA VAL E 168 57.95 -26.55 -97.39
C VAL E 168 57.17 -26.46 -96.09
N VAL E 169 57.83 -26.66 -94.94
CA VAL E 169 57.17 -26.53 -93.65
C VAL E 169 57.43 -25.12 -93.14
N ASN E 170 58.59 -24.57 -93.52
CA ASN E 170 58.92 -23.21 -93.09
C ASN E 170 58.07 -22.16 -93.80
N ASN E 171 57.58 -22.46 -95.00
CA ASN E 171 56.63 -21.57 -95.64
C ASN E 171 55.24 -21.68 -95.04
N VAL E 172 55.01 -22.72 -94.24
CA VAL E 172 53.74 -22.93 -93.56
C VAL E 172 53.74 -22.30 -92.16
N LEU E 173 54.84 -22.48 -91.43
CA LEU E 173 54.83 -22.37 -89.99
C LEU E 173 54.86 -20.91 -89.55
N ARG E 174 53.90 -20.54 -88.69
CA ARG E 174 53.80 -19.17 -88.16
C ARG E 174 54.52 -19.08 -86.81
N THR E 175 55.82 -19.39 -86.84
CA THR E 175 56.87 -19.03 -85.88
C THR E 175 56.76 -19.78 -84.54
N THR E 176 55.64 -20.46 -84.28
CA THR E 176 55.49 -21.38 -83.15
C THR E 176 54.21 -22.17 -83.39
N TYR E 177 54.02 -23.22 -82.58
CA TYR E 177 52.89 -24.12 -82.74
C TYR E 177 52.71 -24.93 -81.47
N HIS E 178 51.49 -25.42 -81.27
CA HIS E 178 51.20 -26.29 -80.13
C HIS E 178 51.79 -27.68 -80.34
N ASN E 179 52.11 -28.34 -79.23
CA ASN E 179 52.72 -29.67 -79.32
C ASN E 179 51.75 -30.72 -79.84
N ASN E 180 50.47 -30.56 -79.60
CA ASN E 180 49.45 -31.45 -80.18
C ASN E 180 48.96 -30.76 -81.45
N VAL E 181 49.65 -31.05 -82.56
CA VAL E 181 49.39 -30.31 -83.80
C VAL E 181 48.11 -30.74 -84.49
N GLY E 182 47.54 -31.88 -84.12
CA GLY E 182 46.40 -32.38 -84.85
C GLY E 182 46.79 -32.92 -86.21
N VAL E 183 45.76 -33.24 -86.99
CA VAL E 183 45.93 -33.84 -88.31
C VAL E 183 45.25 -32.93 -89.33
N ASN E 184 45.95 -32.67 -90.44
CA ASN E 184 45.46 -31.72 -91.43
C ASN E 184 46.09 -32.06 -92.78
N PRO E 185 45.28 -32.29 -93.83
CA PRO E 185 45.83 -32.78 -95.11
C PRO E 185 46.72 -31.79 -95.85
N ALA E 186 46.85 -30.54 -95.42
CA ALA E 186 47.77 -29.63 -96.08
C ALA E 186 49.22 -29.91 -95.71
N LEU E 187 49.46 -30.67 -94.65
CA LEU E 187 50.81 -31.05 -94.26
C LEU E 187 51.31 -32.26 -95.02
N LEU E 188 50.49 -32.88 -95.85
CA LEU E 188 50.93 -33.97 -96.72
C LEU E 188 51.66 -33.49 -97.96
N ARG E 189 51.87 -32.18 -98.10
CA ARG E 189 52.56 -31.63 -99.25
C ARG E 189 54.03 -32.03 -99.23
N ASP E 190 54.43 -32.83 -100.22
CA ASP E 190 55.81 -33.31 -100.41
C ASP E 190 56.31 -34.09 -99.20
N PHE E 191 55.44 -34.87 -98.59
CA PHE E 191 55.83 -35.83 -97.57
C PHE E 191 55.13 -37.17 -97.80
N THR E 192 54.14 -37.18 -98.66
CA THR E 192 53.42 -38.42 -98.93
C THR E 192 54.07 -39.19 -100.06
N GLN E 193 53.79 -40.49 -100.08
CA GLN E 193 54.33 -41.38 -101.11
C GLN E 193 53.49 -41.37 -102.38
N VAL E 194 52.28 -40.86 -102.31
CA VAL E 194 51.33 -40.95 -103.41
C VAL E 194 51.54 -39.77 -104.35
N ASN E 195 51.66 -40.06 -105.65
CA ASN E 195 51.99 -39.04 -106.62
C ASN E 195 50.83 -38.09 -106.92
N TRP E 196 49.62 -38.61 -107.05
CA TRP E 196 48.52 -37.72 -107.40
C TRP E 196 48.05 -36.90 -106.21
N LEU E 197 48.15 -37.44 -104.99
CA LEU E 197 47.78 -36.65 -103.82
C LEU E 197 48.78 -35.55 -103.56
N ASN E 198 50.05 -35.79 -103.87
CA ASN E 198 51.05 -34.73 -103.77
C ASN E 198 50.81 -33.68 -104.85
N ARG E 199 50.25 -34.07 -105.99
CA ARG E 199 49.93 -33.10 -107.02
C ARG E 199 48.66 -32.34 -106.67
N ASP E 200 47.58 -33.05 -106.30
CA ASP E 200 46.29 -32.40 -106.06
C ASP E 200 46.23 -31.63 -104.75
N ILE E 201 47.32 -31.54 -103.99
CA ILE E 201 47.43 -30.59 -102.89
C ILE E 201 48.34 -29.43 -103.27
N THR E 202 49.42 -29.70 -103.99
CA THR E 202 50.26 -28.63 -104.52
C THR E 202 49.53 -27.83 -105.59
N ASN E 203 48.66 -28.47 -106.37
CA ASN E 203 47.89 -27.72 -107.36
C ASN E 203 46.78 -26.91 -106.69
N MET E 204 46.41 -27.26 -105.46
CA MET E 204 45.42 -26.46 -104.74
C MET E 204 46.06 -25.36 -103.93
N LEU E 205 47.11 -25.67 -103.16
CA LEU E 205 47.68 -24.68 -102.26
C LEU E 205 48.49 -23.60 -102.97
N GLN E 206 48.79 -23.76 -104.26
CA GLN E 206 49.43 -22.71 -105.02
C GLN E 206 48.42 -21.76 -105.66
N GLN E 207 47.13 -22.02 -105.53
CA GLN E 207 46.12 -21.08 -105.96
C GLN E 207 46.07 -19.92 -104.99
N ALA E 208 45.61 -18.77 -105.48
CA ALA E 208 45.53 -17.58 -104.63
C ALA E 208 44.32 -17.59 -103.72
N GLY E 209 43.32 -18.43 -104.00
CA GLY E 209 42.12 -18.47 -103.20
C GLY E 209 42.26 -19.17 -101.87
N THR E 210 43.39 -19.81 -101.61
CA THR E 210 43.61 -20.52 -100.36
C THR E 210 45.08 -20.40 -99.96
N LYS E 211 45.32 -20.45 -98.66
CA LYS E 211 46.64 -20.23 -98.10
C LYS E 211 46.70 -20.90 -96.74
N TYR E 212 47.68 -21.77 -96.54
CA TYR E 212 47.76 -22.56 -95.33
C TYR E 212 48.84 -22.03 -94.39
N GLY E 213 48.56 -22.12 -93.09
CA GLY E 213 49.49 -21.72 -92.06
C GLY E 213 49.26 -22.55 -90.82
N LEU E 214 50.13 -22.36 -89.83
CA LEU E 214 50.04 -23.12 -88.60
C LEU E 214 50.71 -22.33 -87.49
N GLY E 215 49.92 -21.72 -86.61
CA GLY E 215 50.48 -21.10 -85.44
C GLY E 215 50.23 -19.62 -85.22
N LEU E 216 51.20 -18.93 -84.62
CA LEU E 216 51.02 -17.59 -84.10
C LEU E 216 50.85 -16.57 -85.21
N THR E 217 49.64 -15.99 -85.32
CA THR E 217 49.35 -14.98 -86.31
C THR E 217 49.12 -13.61 -85.68
N GLU E 218 48.16 -13.50 -84.77
CA GLU E 218 47.82 -12.23 -84.17
C GLU E 218 48.50 -12.08 -82.82
N THR E 219 48.69 -10.83 -82.40
CA THR E 219 49.28 -10.53 -81.11
C THR E 219 48.73 -9.19 -80.63
N ARG E 220 48.12 -9.18 -79.45
CA ARG E 220 47.55 -7.98 -78.87
C ARG E 220 48.31 -7.64 -77.59
N LEU E 221 49.26 -6.71 -77.69
CA LEU E 221 49.99 -6.25 -76.53
C LEU E 221 49.11 -5.39 -75.65
N ASP E 222 49.38 -5.44 -74.35
CA ASP E 222 48.65 -4.60 -73.41
C ASP E 222 49.06 -3.15 -73.58
N TYR E 223 48.16 -2.25 -73.21
CA TYR E 223 48.38 -0.82 -73.41
C TYR E 223 49.29 -0.21 -72.35
N VAL E 224 49.31 -0.76 -71.14
CA VAL E 224 50.03 -0.17 -70.02
C VAL E 224 51.20 -1.05 -69.57
N ARG E 225 50.97 -2.34 -69.43
CA ARG E 225 52.03 -3.25 -68.98
C ARG E 225 52.93 -3.73 -70.12
N LEU E 226 52.47 -3.61 -71.38
CA LEU E 226 53.25 -3.92 -72.58
C LEU E 226 53.68 -5.38 -72.64
N VAL E 227 52.81 -6.31 -72.24
CA VAL E 227 53.06 -7.72 -72.43
C VAL E 227 51.99 -8.28 -73.37
N LYS E 228 52.27 -9.46 -73.91
CA LYS E 228 51.32 -10.11 -74.80
C LYS E 228 50.16 -10.69 -74.00
N THR E 229 48.94 -10.43 -74.48
CA THR E 229 47.73 -10.82 -73.77
C THR E 229 46.92 -11.85 -74.52
N ILE E 230 46.50 -11.54 -75.74
CA ILE E 230 45.61 -12.40 -76.53
C ILE E 230 46.30 -12.70 -77.84
N VAL E 231 46.67 -13.95 -78.05
CA VAL E 231 47.30 -14.37 -79.28
C VAL E 231 46.30 -15.19 -80.08
N GLY E 232 46.51 -15.23 -81.39
CA GLY E 232 45.70 -16.07 -82.24
C GLY E 232 46.52 -17.14 -82.92
N HIS E 233 46.35 -18.39 -82.50
CA HIS E 233 47.05 -19.50 -83.11
C HIS E 233 46.16 -20.17 -84.14
N ALA E 234 46.75 -20.54 -85.28
CA ALA E 234 46.04 -21.26 -86.32
C ALA E 234 46.18 -22.75 -86.01
N LEU E 235 45.21 -23.29 -85.29
CA LEU E 235 45.23 -24.69 -84.91
C LEU E 235 44.80 -25.57 -86.09
N ASN E 236 44.72 -26.86 -85.84
CA ASN E 236 44.14 -27.80 -86.78
C ASN E 236 42.87 -28.30 -86.12
N ILE E 237 41.79 -27.55 -86.30
CA ILE E 237 40.54 -27.79 -85.61
C ILE E 237 39.42 -27.30 -86.52
N ASP E 238 38.27 -27.96 -86.44
CA ASP E 238 37.16 -27.63 -87.31
C ASP E 238 36.55 -26.28 -86.93
N HIS E 239 35.88 -25.66 -87.90
CA HIS E 239 35.37 -24.31 -87.72
C HIS E 239 34.10 -24.25 -86.89
N PHE E 240 33.50 -25.39 -86.57
CA PHE E 240 32.38 -25.36 -85.64
C PHE E 240 32.87 -25.23 -84.22
N ALA E 241 33.93 -25.96 -83.85
CA ALA E 241 34.49 -25.82 -82.51
C ALA E 241 35.25 -24.52 -82.37
N ALA E 242 35.92 -24.07 -83.43
CA ALA E 242 36.74 -22.87 -83.32
C ALA E 242 35.91 -21.60 -83.27
N SER E 243 34.72 -21.62 -83.86
CA SER E 243 33.83 -20.47 -83.74
C SER E 243 33.25 -20.37 -82.33
N VAL E 244 33.01 -21.51 -81.70
CA VAL E 244 32.53 -21.51 -80.32
C VAL E 244 33.63 -21.02 -79.39
N LEU E 245 34.87 -21.40 -79.65
CA LEU E 245 35.98 -20.95 -78.82
C LEU E 245 36.34 -19.48 -79.05
N ASN E 246 35.84 -18.87 -80.13
CA ASN E 246 36.04 -17.45 -80.33
C ASN E 246 34.88 -16.61 -79.82
N ILE E 247 33.69 -17.19 -79.69
CA ILE E 247 32.59 -16.48 -79.04
C ILE E 247 32.85 -16.34 -77.55
N ASN E 248 33.43 -17.37 -76.94
CA ASN E 248 33.73 -17.31 -75.51
C ASN E 248 34.85 -16.34 -75.21
N LEU E 249 35.71 -16.06 -76.19
CA LEU E 249 36.80 -15.13 -75.95
C LEU E 249 36.40 -13.70 -76.30
N ARG E 250 35.52 -13.53 -77.29
CA ARG E 250 35.12 -12.18 -77.67
C ARG E 250 34.10 -11.56 -76.73
N ALA E 251 33.61 -12.33 -75.76
CA ALA E 251 32.82 -11.77 -74.68
C ALA E 251 33.63 -11.49 -73.45
N LEU E 252 34.69 -12.25 -73.22
CA LEU E 252 35.53 -12.08 -72.05
C LEU E 252 36.53 -10.94 -72.20
N MET E 253 36.77 -10.49 -73.44
CA MET E 253 37.67 -9.37 -73.67
C MET E 253 36.99 -8.08 -74.07
N GLU E 254 35.87 -8.14 -74.78
CA GLU E 254 35.15 -6.93 -75.18
C GLU E 254 34.04 -6.54 -74.21
N ALA E 255 33.94 -7.20 -73.06
CA ALA E 255 33.05 -6.70 -72.02
C ALA E 255 33.66 -5.50 -71.30
N ASN E 256 34.99 -5.37 -71.35
CA ASN E 256 35.77 -4.24 -70.85
C ASN E 256 35.62 -4.00 -69.35
N VAL E 257 35.15 -4.98 -68.60
CA VAL E 257 35.19 -4.91 -67.15
C VAL E 257 36.25 -5.89 -66.67
N THR E 258 36.85 -5.58 -65.54
CA THR E 258 38.01 -6.28 -65.03
C THR E 258 37.65 -6.98 -63.73
N ALA E 259 38.66 -7.53 -63.07
CA ALA E 259 38.49 -8.05 -61.72
C ALA E 259 38.39 -6.93 -60.69
N ASP E 260 38.74 -5.71 -61.05
CA ASP E 260 38.62 -4.57 -60.15
C ASP E 260 37.17 -4.10 -60.00
N ASP E 261 36.26 -4.57 -60.83
CA ASP E 261 34.85 -4.24 -60.68
C ASP E 261 34.10 -5.27 -59.85
N ARG E 262 34.81 -6.20 -59.21
CA ARG E 262 34.25 -7.00 -58.14
C ARG E 262 34.09 -6.19 -56.86
N ILE E 263 34.79 -5.06 -56.77
CA ILE E 263 34.71 -4.17 -55.61
C ILE E 263 33.33 -3.54 -55.52
N LYS E 264 32.69 -3.27 -56.66
CA LYS E 264 31.34 -2.71 -56.65
C LYS E 264 30.32 -3.72 -56.12
N ALA E 265 30.60 -5.01 -56.24
CA ALA E 265 29.75 -6.00 -55.60
C ALA E 265 30.04 -6.11 -54.10
N LEU E 266 31.15 -5.55 -53.64
CA LEU E 266 31.43 -5.53 -52.21
C LEU E 266 30.89 -4.27 -51.55
N GLN E 267 30.77 -3.17 -52.28
CA GLN E 267 30.22 -1.95 -51.70
C GLN E 267 28.72 -2.08 -51.47
N ALA E 268 28.07 -3.04 -52.11
CA ALA E 268 26.66 -3.30 -51.86
C ALA E 268 26.43 -4.17 -50.64
N HIS E 269 27.19 -5.24 -50.48
CA HIS E 269 27.01 -6.21 -49.41
C HIS E 269 27.73 -5.83 -48.12
N SER E 270 28.14 -4.57 -47.99
CA SER E 270 28.75 -4.06 -46.77
C SER E 270 28.04 -2.77 -46.38
N MET E 271 28.47 -2.18 -45.27
CA MET E 271 27.86 -0.98 -44.74
C MET E 271 28.03 0.20 -45.70
N ILE E 272 27.08 1.15 -45.59
CA ILE E 272 27.09 2.32 -46.46
C ILE E 272 28.27 3.21 -46.08
N SER E 273 28.88 3.85 -47.09
CA SER E 273 30.04 4.74 -46.97
C SER E 273 31.25 3.99 -46.40
N THR E 274 31.37 2.72 -46.76
CA THR E 274 32.62 2.02 -46.54
C THR E 274 33.59 2.37 -47.65
N GLN E 275 34.86 2.03 -47.45
CA GLN E 275 35.89 2.37 -48.42
C GLN E 275 36.73 1.15 -48.73
N PHE E 276 36.95 0.89 -50.01
CA PHE E 276 37.83 -0.17 -50.47
C PHE E 276 38.99 0.44 -51.23
N HIS E 277 40.14 -0.23 -51.17
CA HIS E 277 41.34 0.27 -51.82
C HIS E 277 42.06 -0.87 -52.52
N GLY E 278 42.63 -0.54 -53.68
CA GLY E 278 43.49 -1.44 -54.42
C GLY E 278 42.75 -2.62 -55.02
N PRO E 279 43.49 -3.54 -55.65
CA PRO E 279 44.91 -3.48 -55.93
C PRO E 279 45.22 -2.80 -57.25
N ASN E 280 44.15 -2.48 -58.00
CA ASN E 280 44.22 -1.91 -59.35
C ASN E 280 45.01 -2.82 -60.30
N GLN E 281 44.47 -4.02 -60.50
CA GLN E 281 45.12 -5.00 -61.37
C GLN E 281 45.06 -4.58 -62.84
N GLY E 282 44.04 -3.82 -63.22
CA GLY E 282 43.98 -3.33 -64.58
C GLY E 282 43.32 -4.33 -65.52
N ALA E 283 43.58 -4.12 -66.81
CA ALA E 283 42.96 -4.93 -67.86
C ALA E 283 43.70 -6.24 -68.13
N LEU E 284 44.73 -6.57 -67.36
CA LEU E 284 45.32 -7.89 -67.47
C LEU E 284 44.49 -8.96 -66.80
N ARG E 285 43.54 -8.59 -65.93
CA ARG E 285 42.68 -9.55 -65.22
C ARG E 285 41.23 -9.31 -65.60
N PRO E 286 40.79 -9.78 -66.76
CA PRO E 286 39.41 -9.50 -67.18
C PRO E 286 38.42 -10.47 -66.58
N GLU E 287 37.13 -10.18 -66.78
CA GLU E 287 36.02 -10.94 -66.24
C GLU E 287 34.78 -10.51 -67.02
N LEU E 288 33.80 -11.43 -67.14
CA LEU E 288 32.50 -11.02 -67.62
C LEU E 288 31.84 -10.06 -66.64
N ALA E 289 30.99 -9.20 -67.18
CA ALA E 289 30.09 -8.45 -66.32
C ALA E 289 29.06 -9.39 -65.71
N PHE E 290 28.51 -8.98 -64.58
CA PHE E 290 27.45 -9.77 -63.96
C PHE E 290 26.19 -9.67 -64.81
N ASP E 291 25.68 -10.82 -65.26
CA ASP E 291 24.65 -10.87 -66.28
C ASP E 291 23.32 -10.42 -65.68
N HIS E 292 22.91 -9.19 -66.03
CA HIS E 292 21.75 -8.58 -65.40
C HIS E 292 20.45 -9.16 -65.93
N ASP E 293 20.35 -9.34 -67.25
CA ASP E 293 19.09 -9.76 -67.85
C ASP E 293 18.77 -11.22 -67.57
N HIS E 294 19.78 -12.03 -67.27
CA HIS E 294 19.54 -13.46 -67.07
C HIS E 294 19.13 -13.82 -65.65
N ILE E 295 19.77 -13.20 -64.65
CA ILE E 295 19.54 -13.59 -63.27
C ILE E 295 18.17 -13.13 -62.80
N ILE E 296 17.77 -11.93 -63.18
CA ILE E 296 16.44 -11.45 -62.83
C ILE E 296 15.37 -12.18 -63.62
N ARG E 297 15.72 -12.80 -64.75
CA ARG E 297 14.75 -13.57 -65.49
C ARG E 297 14.59 -14.98 -64.91
N CYS E 298 15.64 -15.51 -64.29
CA CYS E 298 15.57 -16.84 -63.68
C CYS E 298 15.18 -16.81 -62.21
N LEU E 299 15.28 -15.65 -61.54
CA LEU E 299 14.67 -15.52 -60.23
C LEU E 299 13.15 -15.50 -60.30
N MET E 300 12.58 -15.19 -61.47
CA MET E 300 11.13 -15.21 -61.61
C MET E 300 10.60 -16.57 -62.02
N LEU E 301 11.46 -17.46 -62.53
CA LEU E 301 11.07 -18.88 -62.59
C LEU E 301 11.29 -19.58 -61.27
N ALA E 302 12.35 -19.20 -60.55
CA ALA E 302 12.61 -19.81 -59.25
C ALA E 302 11.56 -19.41 -58.23
N ALA E 303 11.00 -18.20 -58.34
CA ALA E 303 9.92 -17.80 -57.47
C ALA E 303 8.61 -18.49 -57.78
N ALA E 304 8.37 -18.85 -59.03
CA ALA E 304 7.13 -19.50 -59.42
C ALA E 304 7.14 -20.99 -59.17
N ASN E 305 8.24 -21.65 -59.51
CA ASN E 305 8.29 -23.11 -59.37
C ASN E 305 8.66 -23.52 -57.94
N TYR E 306 9.38 -22.67 -57.22
CA TYR E 306 9.88 -22.99 -55.89
C TYR E 306 9.49 -21.86 -54.94
N PRO E 307 8.29 -21.92 -54.36
CA PRO E 307 7.86 -20.85 -53.45
C PRO E 307 8.54 -20.88 -52.09
N ARG E 308 9.35 -21.89 -51.80
CA ARG E 308 10.17 -21.92 -50.59
C ARG E 308 11.41 -21.05 -50.71
N LEU E 309 11.63 -20.39 -51.86
CA LEU E 309 12.80 -19.55 -52.07
C LEU E 309 12.81 -18.34 -51.15
N GLU E 310 11.65 -17.90 -50.68
CA GLU E 310 11.60 -16.86 -49.65
C GLU E 310 12.28 -17.30 -48.37
N GLY E 311 12.23 -18.58 -48.04
CA GLY E 311 12.99 -19.08 -46.91
C GLY E 311 14.49 -19.07 -47.12
N ILE E 312 14.94 -19.10 -48.37
CA ILE E 312 16.37 -18.96 -48.64
C ILE E 312 16.81 -17.52 -48.49
N ILE E 313 16.03 -16.59 -49.04
CA ILE E 313 16.44 -15.19 -49.08
C ILE E 313 16.35 -14.55 -47.70
N VAL E 314 15.34 -14.91 -46.91
CA VAL E 314 15.19 -14.35 -45.58
C VAL E 314 16.30 -14.86 -44.66
N GLN E 315 16.68 -16.15 -44.81
CA GLN E 315 17.75 -16.73 -44.00
C GLN E 315 19.09 -16.06 -44.26
N ILE E 316 19.32 -15.57 -45.49
CA ILE E 316 20.49 -14.76 -45.75
C ILE E 316 20.36 -13.41 -45.07
N ASN E 317 19.18 -12.79 -45.18
CA ASN E 317 18.95 -11.49 -44.57
C ASN E 317 18.89 -11.56 -43.05
N THR E 318 18.41 -12.68 -42.49
CA THR E 318 18.47 -12.86 -41.05
C THR E 318 19.92 -13.04 -40.60
N GLY E 319 20.73 -13.73 -41.40
CA GLY E 319 22.13 -13.93 -41.08
C GLY E 319 22.96 -12.68 -41.12
N TYR E 320 22.51 -11.64 -41.82
CA TYR E 320 23.23 -10.37 -41.78
C TYR E 320 22.87 -9.58 -40.54
N VAL E 321 21.62 -9.72 -40.08
CA VAL E 321 21.16 -8.96 -38.92
C VAL E 321 21.81 -9.49 -37.65
N ALA E 322 21.84 -10.81 -37.47
CA ALA E 322 22.42 -11.38 -36.26
C ALA E 322 23.93 -11.26 -36.25
N SER E 323 24.57 -11.14 -37.41
CA SER E 323 25.99 -10.91 -37.46
C SER E 323 26.38 -9.45 -37.35
N ALA E 324 25.39 -8.55 -37.28
CA ALA E 324 25.68 -7.13 -37.17
C ALA E 324 25.69 -6.63 -35.73
N ASN E 325 25.26 -7.46 -34.77
CA ASN E 325 25.17 -7.13 -33.34
C ASN E 325 24.32 -5.87 -33.15
N VAL E 326 23.11 -5.92 -33.69
CA VAL E 326 22.30 -4.73 -33.87
C VAL E 326 21.15 -4.66 -32.85
N ILE E 327 20.54 -5.80 -32.51
CA ILE E 327 19.52 -5.89 -31.47
C ILE E 327 19.74 -7.19 -30.74
N ARG E 328 19.93 -7.13 -29.43
CA ARG E 328 20.24 -8.31 -28.66
C ARG E 328 19.30 -8.39 -27.47
N PRO E 329 18.73 -9.56 -27.16
CA PRO E 329 17.79 -9.67 -26.04
C PRO E 329 18.50 -9.54 -24.69
N VAL E 330 17.68 -9.42 -23.65
CA VAL E 330 18.19 -9.29 -22.29
C VAL E 330 17.09 -9.80 -21.35
N SER E 331 17.47 -10.05 -20.10
CA SER E 331 16.55 -10.62 -19.12
C SER E 331 15.76 -9.58 -18.35
N GLU E 332 16.18 -8.33 -18.34
CA GLU E 332 15.53 -7.33 -17.50
C GLU E 332 14.27 -6.81 -18.17
N LYS E 333 13.16 -6.89 -17.45
CA LYS E 333 11.89 -6.35 -17.92
C LYS E 333 11.74 -4.92 -17.39
N ARG E 334 11.43 -3.98 -18.28
CA ARG E 334 11.03 -2.64 -17.85
C ARG E 334 9.74 -2.21 -18.55
N TYR E 335 8.76 -3.12 -18.60
CA TYR E 335 7.45 -2.79 -19.18
C TYR E 335 6.70 -1.76 -18.34
N PHE E 336 7.02 -1.66 -17.06
CA PHE E 336 6.26 -0.80 -16.16
C PHE E 336 7.22 0.10 -15.40
N PRO E 337 6.76 1.29 -15.00
CA PRO E 337 7.61 2.14 -14.16
C PRO E 337 7.71 1.66 -12.73
N GLU E 338 8.32 2.47 -11.87
CA GLU E 338 8.57 2.10 -10.48
C GLU E 338 7.25 2.03 -9.72
N ASN E 339 6.92 0.82 -9.23
CA ASN E 339 5.73 0.53 -8.43
C ASN E 339 4.44 0.87 -9.18
N LEU E 340 4.22 0.19 -10.30
CA LEU E 340 2.93 0.18 -10.95
C LEU E 340 2.35 -1.23 -11.04
N GLU E 341 3.20 -2.25 -11.13
CA GLU E 341 2.73 -3.62 -11.08
C GLU E 341 2.18 -3.95 -9.70
N GLN E 342 2.79 -3.40 -8.65
CA GLN E 342 2.33 -3.58 -7.29
C GLN E 342 1.09 -2.76 -6.97
N ASN E 343 0.77 -1.76 -7.78
CA ASN E 343 -0.39 -0.90 -7.53
C ASN E 343 -1.67 -1.67 -7.81
N GLN E 344 -2.68 -1.47 -6.96
CA GLN E 344 -3.89 -2.28 -7.03
C GLN E 344 -4.83 -1.78 -8.12
N SER E 345 -4.90 -0.47 -8.34
CA SER E 345 -5.89 0.07 -9.25
C SER E 345 -5.51 -0.17 -10.71
N ALA E 346 -4.22 -0.41 -10.98
CA ALA E 346 -3.77 -0.70 -12.33
C ALA E 346 -3.66 -2.19 -12.60
N ALA E 347 -4.32 -3.02 -11.81
CA ALA E 347 -4.26 -4.47 -12.05
C ALA E 347 -5.06 -4.86 -13.29
N ARG E 348 -6.03 -4.04 -13.68
CA ARG E 348 -6.73 -4.23 -14.94
C ARG E 348 -5.83 -3.93 -16.13
N LEU E 349 -4.87 -3.01 -15.96
CA LEU E 349 -3.98 -2.68 -17.05
C LEU E 349 -2.85 -3.69 -17.20
N VAL E 350 -2.22 -4.08 -16.08
CA VAL E 350 -1.05 -4.94 -16.17
C VAL E 350 -1.41 -6.37 -16.51
N SER E 351 -2.67 -6.75 -16.42
CA SER E 351 -3.11 -8.05 -16.87
C SER E 351 -3.33 -8.10 -18.37
N ALA E 352 -3.33 -6.95 -19.05
CA ALA E 352 -3.41 -6.90 -20.49
C ALA E 352 -2.07 -6.60 -21.15
N VAL E 353 -1.13 -6.02 -20.41
CA VAL E 353 0.20 -5.80 -20.95
C VAL E 353 1.01 -7.08 -20.89
N LYS E 354 1.01 -7.71 -19.73
CA LYS E 354 1.69 -8.95 -19.61
C LYS E 354 1.01 -9.90 -20.55
N ALA E 355 -0.30 -9.87 -20.58
CA ALA E 355 -1.00 -10.87 -21.36
C ALA E 355 -0.70 -10.78 -22.84
N ARG E 356 -0.66 -9.58 -23.39
CA ARG E 356 -0.06 -9.36 -24.69
C ARG E 356 1.43 -9.60 -24.74
N ALA E 357 2.15 -9.14 -23.75
CA ALA E 357 3.60 -9.11 -23.85
C ALA E 357 4.19 -10.50 -23.93
N SER E 358 3.61 -11.44 -23.21
CA SER E 358 4.22 -12.70 -22.95
C SER E 358 4.47 -13.44 -24.22
N GLU E 359 3.51 -13.45 -25.12
CA GLU E 359 3.78 -13.88 -26.47
C GLU E 359 3.87 -12.69 -27.36
N ALA E 360 5.09 -12.27 -27.64
CA ALA E 360 5.73 -12.56 -28.89
C ALA E 360 7.06 -13.23 -28.59
N ASP E 361 7.42 -14.19 -29.43
CA ASP E 361 8.68 -14.88 -29.29
C ASP E 361 9.79 -13.87 -29.47
N ILE E 362 10.80 -13.94 -28.62
CA ILE E 362 12.17 -13.81 -29.02
C ILE E 362 12.65 -15.09 -29.71
N SER E 363 13.78 -15.10 -30.43
CA SER E 363 14.22 -14.11 -31.43
C SER E 363 13.64 -14.30 -32.83
N SER E 364 12.33 -14.28 -32.83
CA SER E 364 11.59 -13.63 -33.88
C SER E 364 11.81 -12.14 -34.01
N ILE E 365 12.23 -11.43 -32.98
CA ILE E 365 12.69 -10.08 -33.21
C ILE E 365 13.87 -10.05 -34.17
N HIS E 366 14.83 -10.94 -34.03
CA HIS E 366 15.86 -11.02 -35.04
C HIS E 366 15.33 -11.42 -36.37
N LEU E 367 14.38 -12.33 -36.41
CA LEU E 367 13.83 -12.62 -37.72
C LEU E 367 13.19 -11.42 -38.35
N ALA E 368 12.40 -10.65 -37.61
CA ALA E 368 11.49 -9.74 -38.27
C ALA E 368 12.27 -8.69 -39.00
N ILE E 369 13.19 -8.09 -38.30
CA ILE E 369 14.04 -7.16 -39.00
C ILE E 369 14.42 -7.60 -40.40
N ALA E 370 14.63 -8.88 -40.65
CA ALA E 370 14.81 -9.37 -42.00
C ALA E 370 13.59 -9.31 -42.90
N ARG E 371 12.40 -9.33 -42.33
CA ARG E 371 11.19 -8.94 -43.05
C ARG E 371 11.04 -7.44 -43.36
N GLU E 372 11.83 -6.56 -42.85
CA GLU E 372 11.49 -5.27 -43.37
C GLU E 372 12.33 -4.97 -44.67
N VAL E 373 12.82 -5.99 -45.40
CA VAL E 373 13.47 -5.71 -46.67
C VAL E 373 13.68 -6.97 -47.50
N SER E 374 12.93 -8.01 -47.24
CA SER E 374 12.94 -9.21 -48.05
C SER E 374 11.92 -9.10 -49.17
N PRO E 375 12.03 -9.94 -50.21
CA PRO E 375 10.92 -10.05 -51.15
C PRO E 375 9.79 -10.85 -50.54
N MET E 376 8.62 -10.75 -51.16
CA MET E 376 7.42 -11.45 -50.71
C MET E 376 6.98 -12.41 -51.80
N PHE E 377 7.03 -13.71 -51.49
CA PHE E 377 6.58 -14.76 -52.39
C PHE E 377 5.35 -15.48 -51.89
N ASN E 378 5.25 -15.66 -50.57
CA ASN E 378 4.02 -16.10 -49.93
C ASN E 378 3.38 -14.89 -49.27
N VAL E 379 2.06 -14.80 -49.33
CA VAL E 379 1.36 -13.66 -48.75
C VAL E 379 1.37 -13.79 -47.24
N HIS E 380 1.90 -12.78 -46.56
CA HIS E 380 1.96 -12.80 -45.11
C HIS E 380 0.56 -12.59 -44.54
N GLU E 381 0.38 -13.03 -43.29
CA GLU E 381 -0.91 -12.87 -42.64
C GLU E 381 -0.70 -12.74 -41.14
N LEU E 382 -1.69 -12.17 -40.47
CA LEU E 382 -1.55 -11.79 -39.09
C LEU E 382 -1.84 -12.94 -38.15
N LYS E 383 -1.01 -13.07 -37.11
CA LYS E 383 -1.30 -13.95 -35.98
C LYS E 383 -2.57 -13.45 -35.30
N LYS E 384 -3.52 -14.36 -35.10
CA LYS E 384 -4.88 -13.98 -34.71
C LYS E 384 -4.91 -13.38 -33.31
N ILE E 385 -5.15 -12.07 -33.24
CA ILE E 385 -5.31 -11.37 -31.98
C ILE E 385 -6.80 -11.27 -31.73
N ALA E 386 -7.32 -12.16 -30.91
CA ALA E 386 -8.75 -12.20 -30.58
C ALA E 386 -8.98 -11.30 -29.37
N GLU E 387 -9.50 -10.10 -29.61
CA GLU E 387 -9.81 -9.17 -28.55
C GLU E 387 -11.24 -8.68 -28.67
N SER E 388 -11.69 -8.00 -27.62
CA SER E 388 -13.06 -7.57 -27.49
C SER E 388 -13.24 -6.07 -27.42
N PHE E 389 -12.21 -5.33 -26.98
CA PHE E 389 -12.22 -3.87 -26.79
C PHE E 389 -13.36 -3.44 -25.87
N GLU E 390 -13.31 -3.99 -24.66
CA GLU E 390 -14.28 -3.77 -23.61
C GLU E 390 -13.86 -2.68 -22.64
N ASP E 391 -12.73 -2.84 -22.02
CA ASP E 391 -12.19 -1.95 -21.01
C ASP E 391 -11.29 -0.92 -21.68
N PRO E 392 -11.06 0.24 -21.05
CA PRO E 392 -10.00 1.13 -21.54
C PRO E 392 -8.59 0.58 -21.44
N SER E 393 -8.37 -0.52 -20.73
CA SER E 393 -7.06 -1.16 -20.69
C SER E 393 -6.72 -1.87 -21.99
N SER E 394 -7.67 -2.06 -22.89
CA SER E 394 -7.40 -2.69 -24.19
C SER E 394 -6.89 -1.70 -25.22
N ILE E 395 -6.35 -0.56 -24.80
CA ILE E 395 -5.68 0.34 -25.73
C ILE E 395 -4.26 -0.17 -26.00
N VAL E 396 -3.81 -1.16 -25.23
CA VAL E 396 -2.51 -1.76 -25.42
C VAL E 396 -2.43 -2.51 -26.75
N VAL E 397 -3.54 -3.13 -27.17
CA VAL E 397 -3.58 -3.80 -28.47
C VAL E 397 -3.49 -2.78 -29.60
N VAL E 398 -4.05 -1.59 -29.40
CA VAL E 398 -3.89 -0.50 -30.36
C VAL E 398 -2.46 0.03 -30.35
N LEU E 399 -1.85 0.15 -29.17
CA LEU E 399 -0.45 0.56 -29.09
C LEU E 399 0.48 -0.50 -29.64
N GLU E 400 0.04 -1.76 -29.67
CA GLU E 400 0.79 -2.79 -30.39
C GLU E 400 0.80 -2.53 -31.88
N PHE E 401 -0.25 -1.91 -32.41
CA PHE E 401 -0.35 -1.64 -33.84
C PHE E 401 0.30 -0.33 -34.25
N ILE E 402 0.37 0.65 -33.37
CA ILE E 402 1.07 1.89 -33.69
C ILE E 402 2.57 1.64 -33.78
N LEU E 403 3.12 0.95 -32.79
CA LEU E 403 4.54 0.62 -32.77
C LEU E 403 4.92 -0.31 -33.90
N PHE E 404 4.00 -1.19 -34.31
CA PHE E 404 4.28 -2.04 -35.45
C PHE E 404 4.18 -1.26 -36.75
N ALA E 405 3.51 -0.11 -36.75
CA ALA E 405 3.45 0.74 -37.92
C ALA E 405 4.58 1.74 -37.99
N LEU E 406 5.27 1.98 -36.88
CA LEU E 406 6.42 2.87 -36.89
C LEU E 406 7.73 2.12 -37.05
N PHE E 407 7.88 0.98 -36.40
CA PHE E 407 9.10 0.20 -36.52
C PHE E 407 9.17 -0.54 -37.85
N PHE E 408 8.07 -1.18 -38.25
CA PHE E 408 8.06 -2.03 -39.44
C PHE E 408 6.93 -1.58 -40.37
N PRO E 409 7.10 -0.45 -41.07
CA PRO E 409 6.01 0.02 -41.93
C PRO E 409 5.85 -0.79 -43.20
N THR E 410 6.87 -1.54 -43.62
CA THR E 410 6.70 -2.41 -44.77
C THR E 410 5.84 -3.61 -44.42
N GLU E 411 6.17 -4.30 -43.34
CA GLU E 411 5.35 -5.40 -42.84
C GLU E 411 4.02 -4.94 -42.28
N PHE E 412 3.88 -3.66 -41.95
CA PHE E 412 2.56 -3.15 -41.60
C PHE E 412 1.65 -3.12 -42.80
N ASN E 413 2.21 -2.88 -44.00
CA ASN E 413 1.39 -2.80 -45.20
C ASN E 413 0.87 -4.18 -45.60
N ARG E 414 1.69 -5.21 -45.42
CA ARG E 414 1.32 -6.55 -45.87
C ARG E 414 0.19 -7.14 -45.05
N ILE E 415 -0.01 -6.66 -43.82
CA ILE E 415 -1.08 -7.17 -42.98
C ILE E 415 -1.97 -6.02 -42.51
N LYS E 416 -2.02 -4.92 -43.27
CA LYS E 416 -2.87 -3.80 -42.86
C LYS E 416 -4.34 -4.12 -43.00
N GLY E 417 -4.70 -5.14 -43.76
CA GLY E 417 -6.09 -5.53 -43.85
C GLY E 417 -6.57 -6.29 -42.63
N ASP E 418 -5.72 -7.16 -42.06
CA ASP E 418 -6.13 -7.87 -40.85
C ASP E 418 -6.09 -6.95 -39.63
N ILE E 419 -5.33 -5.86 -39.70
CA ILE E 419 -5.37 -4.87 -38.64
C ILE E 419 -6.65 -4.05 -38.72
N GLN E 420 -7.25 -3.97 -39.92
CA GLN E 420 -8.58 -3.37 -40.03
C GLN E 420 -9.63 -4.21 -39.33
N ASN E 421 -9.55 -5.54 -39.47
CA ASN E 421 -10.55 -6.43 -38.88
C ASN E 421 -10.53 -6.38 -37.36
N VAL E 422 -9.36 -6.11 -36.77
CA VAL E 422 -9.32 -5.87 -35.33
C VAL E 422 -9.84 -4.48 -35.01
N LEU E 423 -9.46 -3.47 -35.79
CA LEU E 423 -9.86 -2.10 -35.52
C LEU E 423 -11.31 -1.79 -35.86
N LEU E 424 -11.95 -2.57 -36.73
CA LEU E 424 -13.38 -2.36 -36.91
C LEU E 424 -14.19 -2.94 -35.76
N LEU E 425 -13.56 -3.67 -34.84
CA LEU E 425 -14.16 -3.93 -33.55
C LEU E 425 -13.82 -2.84 -32.55
N PHE E 426 -12.74 -2.10 -32.77
CA PHE E 426 -12.36 -0.99 -31.90
C PHE E 426 -13.32 0.18 -32.08
N PHE E 427 -13.53 0.60 -33.32
CA PHE E 427 -14.34 1.79 -33.56
C PHE E 427 -15.83 1.50 -33.46
N SER E 428 -16.24 0.24 -33.61
CA SER E 428 -17.66 -0.07 -33.53
C SER E 428 -18.17 -0.13 -32.10
N ARG E 429 -17.28 -0.07 -31.11
CA ARG E 429 -17.70 -0.02 -29.72
C ARG E 429 -17.40 1.31 -29.04
N TRP E 430 -16.25 1.94 -29.33
CA TRP E 430 -15.92 3.18 -28.67
C TRP E 430 -16.51 4.40 -29.36
N TYR E 431 -16.69 4.36 -30.68
CA TYR E 431 -17.31 5.45 -31.43
C TYR E 431 -18.46 4.90 -32.27
N PRO E 432 -19.61 4.59 -31.65
CA PRO E 432 -20.69 3.97 -32.43
C PRO E 432 -21.36 4.92 -33.41
N VAL E 433 -21.35 6.22 -33.12
CA VAL E 433 -21.94 7.19 -34.05
C VAL E 433 -21.06 7.34 -35.27
N GLU E 434 -19.75 7.42 -35.07
CA GLU E 434 -18.83 7.63 -36.17
C GLU E 434 -18.59 6.34 -36.95
N TYR E 435 -18.90 5.19 -36.34
CA TYR E 435 -18.74 3.93 -37.05
C TYR E 435 -19.81 3.75 -38.11
N GLY E 436 -21.03 4.21 -37.84
CA GLY E 436 -22.09 4.09 -38.82
C GLY E 436 -21.89 5.02 -40.00
N ILE E 437 -21.18 6.12 -39.78
CA ILE E 437 -20.85 7.01 -40.89
C ILE E 437 -19.72 6.41 -41.71
N PHE E 438 -18.83 5.65 -41.06
CA PHE E 438 -17.64 5.17 -41.75
C PHE E 438 -17.95 4.00 -42.66
N ILE E 439 -18.75 3.04 -42.19
CA ILE E 439 -19.14 1.90 -43.01
C ILE E 439 -20.26 2.25 -43.97
N GLN E 440 -20.85 3.45 -43.85
CA GLN E 440 -21.73 3.96 -44.88
C GLN E 440 -20.95 4.17 -46.17
N ARG E 441 -19.70 4.62 -46.06
CA ARG E 441 -18.87 4.79 -47.23
C ARG E 441 -18.41 3.44 -47.76
N GLY E 442 -17.95 2.55 -46.89
CA GLY E 442 -17.56 1.21 -47.28
C GLY E 442 -16.36 0.70 -46.51
N ALA E 443 -16.21 -0.62 -46.49
CA ALA E 443 -15.09 -1.24 -45.81
C ALA E 443 -13.95 -1.58 -46.76
N THR E 444 -14.21 -1.66 -48.05
CA THR E 444 -13.19 -1.85 -49.06
C THR E 444 -13.39 -0.82 -50.16
N TYR E 445 -12.31 -0.48 -50.86
CA TYR E 445 -12.44 0.41 -52.01
C TYR E 445 -11.47 -0.01 -53.10
N THR E 446 -11.86 0.26 -54.33
CA THR E 446 -11.06 -0.07 -55.50
C THR E 446 -10.49 1.20 -56.11
N ILE E 447 -9.57 1.01 -57.05
CA ILE E 447 -8.95 2.12 -57.76
C ILE E 447 -9.54 2.19 -59.16
N ASN E 448 -10.25 3.27 -59.45
CA ASN E 448 -10.70 3.50 -60.81
C ASN E 448 -9.50 3.84 -61.68
N ALA E 449 -9.60 3.49 -62.98
CA ALA E 449 -8.50 3.71 -63.90
C ALA E 449 -8.25 5.18 -64.19
N ALA E 450 -9.24 6.03 -63.94
CA ALA E 450 -9.05 7.48 -64.04
C ALA E 450 -8.43 8.07 -62.78
N GLY E 451 -8.39 7.31 -61.67
CA GLY E 451 -7.74 7.76 -60.47
C GLY E 451 -8.66 8.09 -59.31
N GLU E 452 -9.94 7.79 -59.40
CA GLU E 452 -10.85 8.06 -58.30
C GLU E 452 -11.01 6.83 -57.43
N PHE E 453 -11.38 7.06 -56.17
CA PHE E 453 -11.61 5.98 -55.21
C PHE E 453 -13.07 5.58 -55.28
N GLU E 454 -13.33 4.36 -55.75
CA GLU E 454 -14.69 3.82 -55.81
C GLU E 454 -14.89 2.96 -54.55
N PHE E 455 -15.47 3.57 -53.53
CA PHE E 455 -15.80 2.85 -52.32
C PHE E 455 -16.93 1.86 -52.57
N SER E 456 -16.84 0.69 -51.97
CA SER E 456 -17.80 -0.37 -52.25
C SER E 456 -19.15 -0.12 -51.59
N GLY E 457 -19.14 0.37 -50.35
CA GLY E 457 -20.38 0.58 -49.65
C GLY E 457 -20.94 -0.64 -48.96
N ARG E 458 -20.12 -1.67 -48.76
CA ARG E 458 -20.54 -2.87 -48.05
C ARG E 458 -19.70 -3.03 -46.79
N ASN E 459 -20.27 -3.70 -45.80
CA ASN E 459 -19.58 -3.99 -44.56
C ASN E 459 -19.14 -5.46 -44.60
N GLU E 460 -17.88 -5.68 -44.92
CA GLU E 460 -17.33 -7.02 -45.06
C GLU E 460 -16.06 -7.13 -44.24
N LYS E 461 -15.79 -8.33 -43.73
CA LYS E 461 -14.50 -8.56 -43.09
C LYS E 461 -13.43 -8.78 -44.14
N TRP E 462 -12.23 -8.29 -43.85
CA TRP E 462 -11.10 -8.45 -44.74
C TRP E 462 -10.51 -9.84 -44.60
N ASP E 463 -10.03 -10.38 -45.70
CA ASP E 463 -9.20 -11.58 -45.69
C ASP E 463 -7.95 -11.29 -46.53
N GLN E 464 -6.89 -12.04 -46.26
CA GLN E 464 -5.65 -11.84 -47.01
C GLN E 464 -5.72 -12.41 -48.42
N SER E 465 -6.80 -13.09 -48.77
CA SER E 465 -7.01 -13.44 -50.17
C SER E 465 -7.38 -12.21 -50.98
N LEU E 466 -7.88 -11.16 -50.32
CA LEU E 466 -8.16 -9.91 -51.02
C LEU E 466 -6.92 -9.03 -51.12
N TYR E 467 -5.79 -9.44 -50.55
CA TYR E 467 -4.59 -8.62 -50.64
C TYR E 467 -4.03 -8.62 -52.06
N LEU E 468 -4.23 -9.71 -52.79
CA LEU E 468 -3.75 -9.73 -54.16
C LEU E 468 -4.73 -9.04 -55.10
N SER E 469 -5.98 -8.94 -54.70
CA SER E 469 -7.03 -8.41 -55.58
C SER E 469 -7.00 -6.89 -55.56
N GLU E 470 -8.05 -6.28 -56.12
CA GLU E 470 -8.10 -4.84 -56.33
C GLU E 470 -8.62 -4.06 -55.12
N HIS E 471 -9.16 -4.74 -54.12
CA HIS E 471 -9.76 -4.05 -52.99
C HIS E 471 -8.70 -3.65 -51.98
N PHE E 472 -8.89 -2.50 -51.33
CA PHE E 472 -7.97 -1.99 -50.34
C PHE E 472 -8.66 -1.97 -48.98
N PRO E 473 -7.90 -1.85 -47.89
CA PRO E 473 -8.53 -1.54 -46.59
C PRO E 473 -8.93 -0.07 -46.54
N ALA E 474 -10.16 0.18 -46.08
CA ALA E 474 -10.73 1.52 -46.15
C ALA E 474 -10.31 2.43 -45.01
N LEU E 475 -9.73 1.90 -43.93
CA LEU E 475 -9.20 2.75 -42.88
C LEU E 475 -7.97 3.52 -43.32
N PHE E 476 -7.23 3.00 -44.30
CA PHE E 476 -5.97 3.58 -44.71
C PHE E 476 -6.10 4.37 -46.00
N SER E 477 -7.31 4.82 -46.31
CA SER E 477 -7.51 5.61 -47.52
C SER E 477 -6.98 7.03 -47.36
N ASP E 478 -6.89 7.52 -46.12
CA ASP E 478 -6.49 8.90 -45.78
C ASP E 478 -7.37 9.92 -46.49
N VAL E 479 -8.64 9.58 -46.68
CA VAL E 479 -9.62 10.46 -47.30
C VAL E 479 -10.56 10.94 -46.21
N PRO E 480 -10.62 12.24 -45.93
CA PRO E 480 -11.51 12.73 -44.87
C PRO E 480 -12.96 12.65 -45.31
N LEU E 481 -13.79 12.13 -44.42
CA LEU E 481 -15.22 11.98 -44.65
C LEU E 481 -15.96 12.85 -43.64
N ALA E 482 -17.09 13.42 -44.06
CA ALA E 482 -17.86 14.30 -43.20
C ALA E 482 -18.49 13.51 -42.07
N GLY E 483 -18.17 13.89 -40.83
CA GLY E 483 -18.76 13.32 -39.65
C GLY E 483 -17.91 12.27 -38.97
N ALA E 484 -17.00 11.63 -39.68
CA ALA E 484 -16.16 10.58 -39.13
C ALA E 484 -14.71 11.03 -39.09
N ASN E 485 -14.48 12.29 -38.72
CA ASN E 485 -13.14 12.85 -38.77
C ASN E 485 -12.26 12.31 -37.64
N THR E 486 -12.86 11.74 -36.59
CA THR E 486 -12.05 11.22 -35.50
C THR E 486 -11.47 9.86 -35.84
N ILE E 487 -12.20 9.03 -36.59
CA ILE E 487 -11.66 7.75 -37.04
C ILE E 487 -10.55 7.98 -38.06
N ILE E 488 -10.70 8.99 -38.91
CA ILE E 488 -9.66 9.33 -39.88
C ILE E 488 -8.44 9.90 -39.17
N ALA E 489 -8.64 10.69 -38.11
CA ALA E 489 -7.51 11.30 -37.41
C ALA E 489 -6.71 10.29 -36.62
N ILE E 490 -7.33 9.20 -36.17
CA ILE E 490 -6.57 8.14 -35.52
C ILE E 490 -5.78 7.35 -36.57
N MET E 491 -6.34 7.20 -37.77
CA MET E 491 -5.61 6.52 -38.83
C MET E 491 -4.50 7.36 -39.45
N ARG E 492 -4.40 8.64 -39.10
CA ARG E 492 -3.23 9.42 -39.45
C ARG E 492 -2.01 9.05 -38.60
N LEU E 493 -2.23 8.39 -37.48
CA LEU E 493 -1.13 8.02 -36.59
C LEU E 493 -0.35 6.83 -37.11
N PHE E 494 -0.89 6.09 -38.05
CA PHE E 494 -0.25 4.92 -38.60
C PHE E 494 0.69 5.24 -39.77
N THR E 495 0.89 6.51 -40.09
CA THR E 495 1.71 6.84 -41.24
C THR E 495 3.18 6.60 -40.93
N PRO E 496 3.97 6.16 -41.90
CA PRO E 496 5.40 5.92 -41.65
C PRO E 496 6.16 7.22 -41.53
N GLN E 497 7.35 7.12 -40.94
CA GLN E 497 8.24 8.25 -40.74
C GLN E 497 9.54 8.07 -41.51
N GLY E 498 9.46 7.51 -42.70
CA GLY E 498 10.66 7.18 -43.45
C GLY E 498 10.88 7.96 -44.71
N PHE E 499 11.57 7.35 -45.66
CA PHE E 499 11.92 7.99 -46.92
C PHE E 499 12.16 6.91 -47.95
N LEU E 500 11.98 7.27 -49.21
CA LEU E 500 12.08 6.33 -50.32
C LEU E 500 13.49 6.43 -50.89
N ARG E 501 14.36 5.53 -50.45
CA ARG E 501 15.76 5.55 -50.84
C ARG E 501 15.99 4.75 -52.11
N THR E 502 16.67 5.37 -53.07
CA THR E 502 17.04 4.67 -54.29
C THR E 502 18.23 3.75 -54.03
N ASP E 503 18.37 2.74 -54.88
CA ASP E 503 19.43 1.74 -54.76
C ASP E 503 20.57 2.14 -55.69
N ASP E 504 21.42 3.06 -55.21
CA ASP E 504 22.53 3.53 -56.02
C ASP E 504 23.66 2.51 -56.09
N LEU E 505 23.92 1.80 -54.98
CA LEU E 505 24.99 0.83 -54.98
C LEU E 505 24.57 -0.53 -55.53
N ALA E 506 23.31 -0.70 -55.89
CA ALA E 506 22.88 -1.93 -56.53
C ALA E 506 22.95 -1.84 -58.05
N ILE E 507 22.64 -0.66 -58.61
CA ILE E 507 22.69 -0.49 -60.06
C ILE E 507 24.13 -0.47 -60.54
N ALA E 508 25.03 0.18 -59.80
CA ALA E 508 26.44 0.20 -60.17
C ALA E 508 27.08 -1.17 -60.00
N ALA E 509 26.56 -1.98 -59.08
CA ALA E 509 26.96 -3.37 -58.96
C ALA E 509 26.26 -4.27 -59.97
N ASN E 510 25.31 -3.72 -60.72
CA ASN E 510 24.56 -4.39 -61.79
C ASN E 510 23.79 -5.59 -61.25
N PHE E 511 23.34 -5.49 -60.01
CA PHE E 511 22.60 -6.57 -59.36
C PHE E 511 21.19 -6.67 -59.95
N PRO E 512 20.58 -7.86 -59.90
CA PRO E 512 19.24 -8.02 -60.47
C PRO E 512 18.18 -7.31 -59.64
N ARG E 513 17.36 -6.50 -60.30
CA ARG E 513 16.22 -5.84 -59.68
C ARG E 513 15.01 -6.00 -60.57
N ALA E 514 13.86 -6.28 -59.97
CA ALA E 514 12.65 -6.61 -60.70
C ALA E 514 11.76 -5.40 -60.98
N SER E 515 12.34 -4.21 -61.12
CA SER E 515 11.56 -3.03 -61.46
C SER E 515 12.44 -2.06 -62.22
N ARG E 516 11.82 -0.98 -62.71
CA ARG E 516 12.58 0.03 -63.44
C ARG E 516 13.45 0.86 -62.52
N ASN E 517 12.86 1.55 -61.55
CA ASN E 517 13.63 2.24 -60.54
C ASN E 517 13.61 1.46 -59.24
N PRO E 518 14.72 0.85 -58.83
CA PRO E 518 14.73 0.11 -57.57
C PRO E 518 14.71 1.07 -56.39
N GLN E 519 13.57 1.21 -55.75
CA GLN E 519 13.38 2.20 -54.70
C GLN E 519 12.85 1.48 -53.47
N THR E 520 13.75 0.96 -52.66
CA THR E 520 13.38 0.34 -51.41
C THR E 520 13.01 1.41 -50.39
N TYR E 521 12.37 0.98 -49.31
CA TYR E 521 11.84 1.91 -48.32
C TYR E 521 12.56 1.71 -47.00
N ILE E 522 13.19 2.77 -46.52
CA ILE E 522 13.87 2.81 -45.23
C ILE E 522 12.85 3.29 -44.20
N PRO E 523 12.74 2.66 -43.03
CA PRO E 523 11.64 3.02 -42.13
C PRO E 523 11.78 4.37 -41.43
N TYR E 524 13.00 4.87 -41.22
CA TYR E 524 13.20 6.14 -40.52
C TYR E 524 14.58 6.72 -40.82
N THR E 525 14.65 8.05 -40.71
CA THR E 525 15.77 8.85 -41.19
C THR E 525 16.91 8.82 -40.19
N ASN E 526 18.11 9.10 -40.66
CA ASN E 526 19.24 9.27 -39.78
C ASN E 526 19.14 10.61 -39.06
N GLN E 527 19.61 10.65 -37.82
CA GLN E 527 19.37 11.78 -36.92
C GLN E 527 20.64 12.32 -36.27
N ARG E 528 21.68 12.58 -37.04
CA ARG E 528 22.91 13.12 -36.46
C ARG E 528 22.72 14.57 -36.03
N GLY E 529 23.56 14.99 -35.09
CA GLY E 529 23.74 16.39 -34.74
C GLY E 529 22.55 17.13 -34.19
N THR E 530 21.57 16.43 -33.62
CA THR E 530 20.37 17.08 -33.11
C THR E 530 20.21 16.84 -31.62
N VAL E 531 19.57 17.79 -30.95
CA VAL E 531 19.25 17.62 -29.53
C VAL E 531 18.03 16.73 -29.37
N THR E 532 16.89 17.17 -29.90
CA THR E 532 15.69 16.36 -29.89
C THR E 532 15.76 15.33 -31.01
N ASN E 533 14.97 14.27 -30.88
CA ASN E 533 14.90 13.25 -31.91
C ASN E 533 13.60 13.37 -32.67
N GLU E 534 13.70 13.67 -33.98
CA GLU E 534 12.51 13.86 -34.80
C GLU E 534 11.73 12.58 -35.07
N PHE E 535 12.30 11.41 -34.78
CA PHE E 535 11.48 10.20 -34.84
C PHE E 535 10.85 9.88 -33.49
N ALA E 536 11.56 10.14 -32.40
CA ALA E 536 11.00 9.92 -31.08
C ALA E 536 10.05 11.03 -30.66
N SER E 537 10.05 12.17 -31.34
CA SER E 537 9.07 13.21 -31.07
C SER E 537 7.78 13.00 -31.83
N ARG E 538 7.80 12.18 -32.89
CA ARG E 538 6.55 11.75 -33.51
C ARG E 538 5.76 10.88 -32.55
N PHE E 539 6.44 10.02 -31.78
CA PHE E 539 5.75 9.20 -30.81
C PHE E 539 5.24 10.01 -29.63
N ARG E 540 5.81 11.19 -29.39
CA ARG E 540 5.29 12.08 -28.35
C ARG E 540 3.90 12.58 -28.70
N THR E 541 3.69 12.92 -29.97
CA THR E 541 2.41 13.44 -30.41
C THR E 541 1.41 12.35 -30.79
N ILE E 542 1.82 11.08 -30.77
CA ILE E 542 0.85 10.00 -30.91
C ILE E 542 0.21 9.68 -29.58
N VAL E 543 1.04 9.57 -28.52
CA VAL E 543 0.53 9.30 -27.19
C VAL E 543 -0.21 10.52 -26.64
N ALA E 544 0.12 11.71 -27.13
CA ALA E 544 -0.67 12.90 -26.80
C ALA E 544 -2.08 12.82 -27.37
N THR E 545 -2.27 12.04 -28.45
CA THR E 545 -3.61 11.75 -28.92
C THR E 545 -4.19 10.54 -28.22
N LEU E 546 -3.39 9.49 -28.01
CA LEU E 546 -3.89 8.26 -27.40
C LEU E 546 -4.17 8.41 -25.91
N ALA E 547 -3.52 9.34 -25.21
CA ALA E 547 -3.90 9.59 -23.84
C ALA E 547 -5.11 10.51 -23.73
N ASN E 548 -5.61 11.02 -24.85
CA ASN E 548 -6.87 11.73 -24.85
C ASN E 548 -8.01 10.88 -25.39
N VAL E 549 -7.72 9.85 -26.19
CA VAL E 549 -8.74 8.89 -26.58
C VAL E 549 -9.14 8.03 -25.39
N VAL E 550 -8.15 7.58 -24.62
CA VAL E 550 -8.44 6.77 -23.45
C VAL E 550 -8.98 7.61 -22.30
N ASN E 551 -8.79 8.93 -22.35
CA ASN E 551 -9.34 9.79 -21.31
C ASN E 551 -10.79 10.14 -21.63
N GLU E 552 -11.11 10.33 -22.92
CA GLU E 552 -12.50 10.54 -23.31
C GLU E 552 -13.32 9.26 -23.17
N ARG E 553 -12.66 8.10 -23.16
CA ARG E 553 -13.37 6.84 -23.04
C ARG E 553 -13.66 6.52 -21.57
N ALA E 554 -12.67 6.73 -20.70
CA ALA E 554 -12.80 6.29 -19.31
C ALA E 554 -13.72 7.19 -18.50
N VAL E 555 -13.85 8.46 -18.87
CA VAL E 555 -14.80 9.31 -18.16
C VAL E 555 -16.22 9.06 -18.62
N GLN E 556 -16.40 8.43 -19.78
CA GLN E 556 -17.73 8.07 -20.23
C GLN E 556 -18.25 6.86 -19.45
N ASP E 557 -17.34 5.98 -19.03
CA ASP E 557 -17.67 4.86 -18.18
C ASP E 557 -17.49 5.18 -16.70
N ASP E 558 -17.39 6.47 -16.37
CA ASP E 558 -17.23 7.13 -15.06
C ASP E 558 -16.41 6.32 -14.06
N MET E 559 -15.27 5.83 -14.50
CA MET E 559 -14.41 5.00 -13.67
C MET E 559 -13.47 5.88 -12.85
N GLN E 560 -12.68 5.24 -11.99
CA GLN E 560 -11.90 5.92 -10.96
C GLN E 560 -10.83 6.83 -11.55
N LYS E 561 -10.50 7.87 -10.79
CA LYS E 561 -9.32 8.67 -11.09
C LYS E 561 -8.05 7.85 -10.89
N ALA E 562 -8.05 6.91 -9.94
CA ALA E 562 -6.87 6.10 -9.68
C ALA E 562 -6.64 5.08 -10.79
N THR E 563 -7.72 4.49 -11.31
CA THR E 563 -7.58 3.53 -12.39
C THR E 563 -7.26 4.18 -13.72
N ARG E 564 -7.46 5.49 -13.84
CA ARG E 564 -7.18 6.18 -15.09
C ARG E 564 -5.82 6.86 -15.07
N SER E 565 -5.43 7.43 -13.93
CA SER E 565 -4.12 8.07 -13.84
C SER E 565 -2.99 7.06 -13.92
N CYS E 566 -3.21 5.85 -13.40
CA CYS E 566 -2.18 4.82 -13.50
C CYS E 566 -2.03 4.30 -14.92
N THR E 567 -3.08 4.43 -15.74
CA THR E 567 -2.93 4.16 -17.16
C THR E 567 -2.07 5.23 -17.82
N LYS E 568 -2.34 6.50 -17.50
CA LYS E 568 -1.59 7.59 -18.12
C LYS E 568 -0.17 7.70 -17.59
N GLN E 569 0.11 7.14 -16.41
CA GLN E 569 1.51 6.99 -15.99
C GLN E 569 2.25 5.99 -16.87
N TRP E 570 1.54 5.00 -17.43
CA TRP E 570 2.18 4.02 -18.29
C TRP E 570 2.33 4.52 -19.71
N LEU E 571 1.40 5.36 -20.18
CA LEU E 571 1.51 5.89 -21.54
C LEU E 571 2.67 6.84 -21.69
N ARG E 572 3.03 7.56 -20.62
CA ARG E 572 4.25 8.35 -20.69
C ARG E 572 5.46 7.55 -20.23
N HIS E 573 5.26 6.33 -19.72
CA HIS E 573 6.39 5.45 -19.54
C HIS E 573 6.86 4.84 -20.84
N LEU E 574 5.96 4.68 -21.82
CA LEU E 574 6.40 4.32 -23.15
C LEU E 574 7.19 5.45 -23.79
N GLU E 575 6.93 6.69 -23.38
CA GLU E 575 7.69 7.83 -23.88
C GLU E 575 9.14 7.76 -23.46
N THR E 576 9.39 7.39 -22.19
CA THR E 576 10.75 7.34 -21.70
C THR E 576 11.50 6.15 -22.30
N GLN E 577 10.80 5.04 -22.53
CA GLN E 577 11.45 3.91 -23.16
C GLN E 577 11.55 4.06 -24.68
N PHE E 578 10.82 5.00 -25.27
CA PHE E 578 10.98 5.22 -26.70
C PHE E 578 12.11 6.20 -26.96
N ASP E 579 12.28 7.19 -26.08
CA ASP E 579 13.35 8.16 -26.23
C ASP E 579 14.73 7.56 -25.99
N ASN E 580 14.80 6.42 -25.32
CA ASN E 580 16.10 5.80 -25.08
C ASN E 580 16.54 4.97 -26.27
N ILE E 581 15.62 4.26 -26.90
CA ILE E 581 15.99 3.29 -27.92
C ILE E 581 15.84 3.84 -29.34
N ALA E 582 15.24 5.02 -29.50
CA ALA E 582 15.17 5.59 -30.83
C ALA E 582 16.50 6.19 -31.26
N VAL E 583 17.42 6.41 -30.31
CA VAL E 583 18.77 6.83 -30.67
C VAL E 583 19.50 5.71 -31.40
N ALA E 584 19.23 4.45 -31.00
CA ALA E 584 19.88 3.33 -31.65
C ALA E 584 19.16 2.88 -32.90
N HIS E 585 17.86 3.14 -33.01
CA HIS E 585 17.17 2.83 -34.26
C HIS E 585 17.56 3.80 -35.36
N THR E 586 17.46 5.10 -35.10
CA THR E 586 17.69 6.06 -36.15
C THR E 586 19.17 6.33 -36.41
N ASP E 587 20.08 5.66 -35.71
CA ASP E 587 21.50 5.78 -36.03
C ASP E 587 22.15 4.46 -36.37
N HIS E 588 21.63 3.33 -35.89
CA HIS E 588 22.31 2.06 -36.12
C HIS E 588 21.40 1.05 -36.80
N LEU E 589 20.08 1.12 -36.58
CA LEU E 589 19.21 0.27 -37.37
C LEU E 589 19.06 0.77 -38.79
N SER E 590 19.07 2.08 -39.00
CA SER E 590 18.78 2.64 -40.31
C SER E 590 19.88 2.32 -41.31
N VAL E 591 21.13 2.32 -40.86
CA VAL E 591 22.24 1.98 -41.75
C VAL E 591 22.30 0.51 -42.07
N VAL E 592 21.61 -0.33 -41.30
CA VAL E 592 21.51 -1.74 -41.66
C VAL E 592 20.43 -1.93 -42.72
N TYR E 593 19.34 -1.17 -42.64
CA TYR E 593 18.33 -1.24 -43.70
C TYR E 593 18.83 -0.62 -44.99
N ALA E 594 19.75 0.34 -44.91
CA ALA E 594 20.27 0.94 -46.13
C ALA E 594 21.25 0.00 -46.84
N THR E 595 21.82 -0.96 -46.12
CA THR E 595 22.73 -1.90 -46.76
C THR E 595 22.14 -3.28 -46.95
N MET E 596 21.02 -3.61 -46.30
CA MET E 596 20.31 -4.82 -46.64
C MET E 596 19.46 -4.64 -47.88
N SER E 597 19.14 -3.40 -48.23
CA SER E 597 18.36 -3.15 -49.42
C SER E 597 19.24 -3.08 -50.68
N ASN E 598 20.55 -3.20 -50.52
CA ASN E 598 21.45 -3.29 -51.67
C ASN E 598 21.93 -4.71 -51.92
N PHE E 599 21.37 -5.71 -51.23
CA PHE E 599 21.79 -7.08 -51.43
C PHE E 599 21.30 -7.61 -52.78
N MET E 600 21.84 -8.75 -53.18
CA MET E 600 21.55 -9.30 -54.49
C MET E 600 20.14 -9.86 -54.58
N LEU E 601 19.72 -10.66 -53.60
CA LEU E 601 18.48 -11.39 -53.70
C LEU E 601 17.28 -10.66 -53.11
N ASN E 602 17.45 -9.43 -52.66
CA ASN E 602 16.31 -8.64 -52.20
C ASN E 602 15.77 -7.78 -53.35
N PHE E 603 15.33 -8.47 -54.40
CA PHE E 603 15.22 -7.86 -55.72
C PHE E 603 13.86 -7.23 -56.02
N THR E 604 13.00 -7.03 -55.04
CA THR E 604 11.71 -6.41 -55.29
C THR E 604 11.57 -5.12 -54.49
N ASN E 605 10.81 -4.18 -55.04
CA ASN E 605 10.41 -3.02 -54.27
C ASN E 605 9.42 -3.45 -53.19
N ASN E 606 9.56 -2.87 -52.01
CA ASN E 606 8.82 -3.36 -50.86
C ASN E 606 7.73 -2.41 -50.38
N PHE E 607 7.94 -1.10 -50.49
CA PHE E 607 6.94 -0.12 -50.03
C PHE E 607 7.23 1.19 -50.73
N SER E 608 6.19 2.03 -50.86
CA SER E 608 6.32 3.29 -51.58
C SER E 608 5.66 4.42 -50.80
N GLY E 609 5.98 4.55 -49.52
CA GLY E 609 5.51 5.70 -48.75
C GLY E 609 4.06 5.71 -48.31
N ASN E 610 3.12 5.65 -49.25
CA ASN E 610 1.71 5.80 -48.95
C ASN E 610 1.06 4.43 -48.82
N HIS E 611 0.37 4.19 -47.70
CA HIS E 611 -0.41 2.97 -47.55
C HIS E 611 -1.66 2.98 -48.40
N ALA E 612 -2.08 4.14 -48.89
CA ALA E 612 -3.38 4.26 -49.53
C ALA E 612 -3.41 3.70 -50.94
N THR E 613 -2.27 3.58 -51.62
CA THR E 613 -2.25 3.18 -53.02
C THR E 613 -1.32 2.03 -53.35
N PHE E 614 -0.35 1.70 -52.50
CA PHE E 614 0.71 0.77 -52.90
C PHE E 614 0.24 -0.67 -52.89
N LYS E 615 0.53 -1.38 -53.97
CA LYS E 615 0.35 -2.80 -54.17
C LYS E 615 1.61 -3.38 -54.80
N PRO E 616 1.98 -4.61 -54.45
CA PRO E 616 3.13 -5.23 -55.11
C PRO E 616 2.77 -5.63 -56.53
N ASP E 617 3.73 -5.44 -57.44
CA ASP E 617 3.51 -5.74 -58.85
C ASP E 617 3.43 -7.24 -59.04
N GLN E 618 2.30 -7.72 -59.56
CA GLN E 618 2.04 -9.16 -59.61
C GLN E 618 2.49 -9.70 -60.95
N TYR E 619 3.74 -10.13 -61.00
CA TYR E 619 4.23 -10.80 -62.20
C TYR E 619 3.73 -12.25 -62.22
N VAL E 620 3.56 -12.78 -63.43
CA VAL E 620 3.19 -14.18 -63.61
C VAL E 620 4.11 -14.79 -64.66
N ILE E 621 4.16 -16.11 -64.67
CA ILE E 621 4.78 -16.87 -65.75
C ILE E 621 3.63 -17.35 -66.61
N THR E 622 3.25 -16.54 -67.59
CA THR E 622 2.13 -16.91 -68.43
C THR E 622 2.58 -17.92 -69.48
N SER E 623 1.60 -18.62 -70.04
CA SER E 623 1.86 -19.61 -71.07
C SER E 623 0.58 -19.84 -71.86
N PRO E 624 0.65 -19.76 -73.20
CA PRO E 624 -0.55 -20.07 -74.00
C PRO E 624 -0.94 -21.54 -73.98
N GLU E 625 -0.06 -22.44 -73.57
CA GLU E 625 -0.33 -23.87 -73.53
C GLU E 625 -0.40 -24.38 -72.10
N GLY E 626 -0.96 -23.58 -71.21
CA GLY E 626 -1.10 -23.99 -69.82
C GLY E 626 -1.66 -22.86 -69.00
N SER E 627 -1.75 -23.13 -67.70
CA SER E 627 -2.23 -22.13 -66.75
C SER E 627 -1.06 -21.31 -66.23
N TYR E 628 -1.29 -20.01 -66.09
CA TYR E 628 -0.26 -19.12 -65.58
C TYR E 628 -0.06 -19.34 -64.08
N LYS E 629 1.19 -19.25 -63.64
CA LYS E 629 1.51 -19.46 -62.24
C LYS E 629 2.00 -18.15 -61.64
N PRO E 630 1.26 -17.54 -60.72
CA PRO E 630 1.67 -16.24 -60.18
C PRO E 630 2.86 -16.37 -59.24
N ILE E 631 3.53 -15.23 -59.04
CA ILE E 631 4.67 -15.17 -58.15
C ILE E 631 4.18 -14.94 -56.73
N ILE E 632 3.51 -13.82 -56.51
CA ILE E 632 3.01 -13.46 -55.18
C ILE E 632 1.63 -14.08 -55.05
N GLU E 633 1.53 -15.16 -54.28
CA GLU E 633 0.32 -15.97 -54.30
C GLU E 633 0.08 -16.54 -52.91
N ARG E 634 -1.07 -16.20 -52.32
CA ARG E 634 -1.44 -16.79 -51.03
C ARG E 634 -1.82 -18.23 -51.24
N GLN E 635 -0.96 -19.13 -50.80
CA GLN E 635 -1.25 -20.55 -50.80
C GLN E 635 -1.14 -21.17 -49.43
N GLY E 636 -0.77 -20.38 -48.42
CA GLY E 636 -0.67 -20.88 -47.07
C GLY E 636 0.52 -21.78 -46.81
N GLU E 637 1.44 -21.91 -47.76
CA GLU E 637 2.62 -22.75 -47.57
C GLU E 637 3.56 -22.05 -46.59
N THR E 638 3.40 -22.37 -45.31
CA THR E 638 4.25 -21.78 -44.29
C THR E 638 5.65 -22.37 -44.39
N VAL E 639 6.63 -21.57 -43.97
CA VAL E 639 8.04 -21.86 -44.16
C VAL E 639 8.59 -22.08 -42.74
N ASP E 640 7.78 -22.76 -41.92
CA ASP E 640 8.01 -22.99 -40.48
C ASP E 640 8.05 -21.66 -39.72
N GLY E 641 6.93 -20.96 -39.75
CA GLY E 641 6.73 -19.75 -38.97
C GLY E 641 7.13 -18.47 -39.65
N LEU E 642 7.14 -18.41 -40.97
CA LEU E 642 7.59 -17.21 -41.67
C LEU E 642 6.42 -16.28 -41.98
N THR E 643 5.35 -16.82 -42.55
CA THR E 643 4.25 -15.97 -43.00
C THR E 643 3.38 -15.49 -41.85
N ILE E 644 3.41 -16.20 -40.73
CA ILE E 644 2.62 -15.80 -39.57
C ILE E 644 3.31 -14.63 -38.89
N ILE E 645 2.75 -13.42 -39.07
CA ILE E 645 3.35 -12.20 -38.57
C ILE E 645 2.83 -11.97 -37.16
N ASP E 646 3.73 -11.83 -36.19
CA ASP E 646 3.37 -11.62 -34.80
C ASP E 646 3.67 -10.17 -34.45
N THR E 647 2.62 -9.42 -34.21
CA THR E 647 2.74 -8.02 -33.89
C THR E 647 2.72 -7.84 -32.39
N SER E 648 3.08 -8.89 -31.68
CA SER E 648 3.66 -8.77 -30.37
C SER E 648 4.97 -8.03 -30.43
N ILE E 649 5.77 -8.26 -31.44
CA ILE E 649 7.14 -8.54 -31.27
C ILE E 649 7.70 -7.16 -31.26
N VAL E 650 6.83 -6.19 -31.00
CA VAL E 650 7.27 -4.82 -30.74
C VAL E 650 7.47 -4.56 -29.26
N TRP E 651 6.93 -5.40 -28.39
CA TRP E 651 7.15 -5.21 -26.95
C TRP E 651 8.53 -5.69 -26.49
N PRO E 652 9.11 -6.80 -26.99
CA PRO E 652 10.54 -7.02 -26.68
C PRO E 652 11.46 -6.01 -27.32
N ILE E 653 11.09 -5.46 -28.48
CA ILE E 653 11.90 -4.43 -29.13
C ILE E 653 11.88 -3.16 -28.29
N LEU E 654 10.74 -2.86 -27.67
CA LEU E 654 10.62 -1.62 -26.92
C LEU E 654 11.24 -1.74 -25.54
N CYS E 655 11.10 -2.90 -24.88
CA CYS E 655 11.58 -2.95 -23.51
C CYS E 655 12.75 -3.89 -23.27
N GLN E 656 12.60 -5.19 -23.48
CA GLN E 656 13.58 -6.14 -22.95
C GLN E 656 14.66 -6.47 -23.98
N CYS E 657 15.25 -5.41 -24.53
CA CYS E 657 16.43 -5.55 -25.37
C CYS E 657 17.41 -4.42 -25.11
N THR E 658 18.69 -4.78 -25.08
CA THR E 658 19.77 -3.82 -25.01
C THR E 658 20.38 -3.65 -26.39
N TYR E 659 20.63 -2.41 -26.75
CA TYR E 659 21.13 -2.06 -28.07
C TYR E 659 22.56 -1.59 -27.94
N PRO E 660 23.33 -1.58 -29.04
CA PRO E 660 24.67 -0.98 -28.99
C PRO E 660 24.71 0.50 -28.65
N LEU E 661 23.89 1.32 -29.29
CA LEU E 661 23.87 2.75 -29.01
C LEU E 661 22.87 3.14 -27.94
N VAL E 662 22.35 2.17 -27.21
CA VAL E 662 21.64 2.41 -25.97
C VAL E 662 22.50 2.07 -24.77
N ARG E 663 23.49 1.19 -24.94
CA ARG E 663 24.35 0.76 -23.84
C ARG E 663 25.29 1.88 -23.42
N GLN E 664 25.49 2.87 -24.28
CA GLN E 664 25.68 4.26 -23.85
C GLN E 664 24.42 5.02 -24.22
N SER E 665 23.89 5.85 -23.32
CA SER E 665 24.58 6.55 -22.21
C SER E 665 25.02 5.85 -20.90
N GLY E 666 24.37 4.82 -20.34
CA GLY E 666 22.99 4.39 -20.56
C GLY E 666 22.26 4.61 -19.23
N LYS E 667 21.00 4.23 -19.00
CA LYS E 667 19.99 3.56 -19.84
C LYS E 667 20.34 2.17 -20.39
N GLY E 668 20.42 1.17 -19.51
CA GLY E 668 20.48 -0.21 -19.94
C GLY E 668 20.81 -1.19 -18.83
N VAL E 669 21.47 -2.29 -19.17
CA VAL E 669 21.94 -3.26 -18.18
C VAL E 669 23.46 -3.21 -18.27
N ASP E 670 23.98 -2.03 -18.62
CA ASP E 670 25.43 -1.83 -18.71
C ASP E 670 26.17 -1.95 -17.35
N ALA E 671 25.80 -1.20 -16.29
CA ALA E 671 24.64 -0.35 -16.01
C ALA E 671 24.95 1.13 -16.03
N VAL E 672 26.14 1.52 -16.49
CA VAL E 672 26.48 2.93 -16.43
C VAL E 672 26.71 3.54 -17.81
N SER E 673 27.85 3.21 -18.46
CA SER E 673 28.17 3.89 -19.71
C SER E 673 29.01 3.12 -20.72
N ILE E 674 29.25 1.82 -20.54
CA ILE E 674 30.59 1.23 -20.71
C ILE E 674 31.31 1.44 -22.06
N MET E 675 30.88 0.75 -23.12
CA MET E 675 31.53 0.63 -24.43
C MET E 675 30.63 -0.27 -25.28
N GLU E 676 30.78 -0.16 -26.60
CA GLU E 676 30.28 -1.27 -27.41
C GLU E 676 31.26 -1.71 -28.50
N GLU E 677 31.96 -0.74 -29.13
CA GLU E 677 32.83 -0.96 -30.29
C GLU E 677 32.03 -1.61 -31.42
N ILE E 678 31.18 -0.80 -32.07
CA ILE E 678 30.23 -1.17 -33.13
C ILE E 678 30.81 -2.12 -34.16
N VAL E 679 30.12 -3.22 -34.41
CA VAL E 679 30.62 -4.29 -35.28
C VAL E 679 30.16 -4.05 -36.70
N TYR E 680 31.11 -3.95 -37.61
CA TYR E 680 30.82 -3.85 -39.04
C TYR E 680 31.01 -5.21 -39.67
N PRO E 681 29.96 -5.91 -40.08
CA PRO E 681 30.11 -7.28 -40.56
C PRO E 681 30.75 -7.34 -41.94
N ASP E 682 31.44 -8.44 -42.18
CA ASP E 682 32.16 -8.63 -43.42
C ASP E 682 31.23 -8.96 -44.57
N PRO E 683 31.60 -8.58 -45.80
CA PRO E 683 30.75 -8.94 -46.95
C PRO E 683 30.78 -10.41 -47.30
N SER E 684 31.84 -11.13 -46.94
CA SER E 684 32.05 -12.47 -47.47
C SER E 684 31.12 -13.50 -46.85
N THR E 685 30.42 -13.16 -45.77
CA THR E 685 29.43 -14.08 -45.24
C THR E 685 28.11 -14.03 -46.00
N THR E 686 27.78 -12.88 -46.60
CA THR E 686 26.54 -12.75 -47.36
C THR E 686 26.76 -12.65 -48.86
N LEU E 687 27.97 -12.35 -49.32
CA LEU E 687 28.23 -12.36 -50.75
C LEU E 687 28.29 -13.79 -51.26
N SER E 688 28.99 -14.67 -50.54
CA SER E 688 29.09 -16.05 -50.98
C SER E 688 27.80 -16.83 -50.76
N GLN E 689 26.90 -16.34 -49.91
CA GLN E 689 25.59 -16.96 -49.80
C GLN E 689 24.61 -16.40 -50.81
N SER E 690 24.93 -15.26 -51.42
CA SER E 690 24.05 -14.72 -52.46
C SER E 690 24.44 -15.19 -53.85
N LEU E 691 25.74 -15.32 -54.11
CA LEU E 691 26.21 -15.86 -55.38
C LEU E 691 25.83 -17.32 -55.53
N SER E 692 25.97 -18.10 -54.45
CA SER E 692 25.72 -19.52 -54.52
C SER E 692 24.24 -19.87 -54.56
N VAL E 693 23.34 -18.89 -54.44
CA VAL E 693 21.95 -19.10 -54.81
C VAL E 693 21.73 -18.71 -56.25
N ALA E 694 22.30 -17.58 -56.67
CA ALA E 694 22.14 -17.11 -58.04
C ALA E 694 22.91 -17.99 -59.03
N GLN E 695 23.93 -18.70 -58.57
CA GLN E 695 24.61 -19.64 -59.45
C GLN E 695 23.78 -20.90 -59.65
N VAL E 696 23.11 -21.36 -58.61
CA VAL E 696 22.42 -22.64 -58.67
C VAL E 696 21.15 -22.54 -59.51
N LEU E 697 20.28 -21.58 -59.20
CA LEU E 697 19.01 -21.51 -59.92
C LEU E 697 19.16 -20.94 -61.33
N SER E 698 20.32 -20.39 -61.68
CA SER E 698 20.59 -20.06 -63.08
C SER E 698 20.73 -21.31 -63.93
N LYS E 699 21.21 -22.41 -63.34
CA LYS E 699 21.36 -23.67 -64.04
C LYS E 699 20.35 -24.71 -63.60
N LEU E 700 19.34 -24.32 -62.83
CA LEU E 700 18.35 -25.29 -62.38
C LEU E 700 17.26 -25.47 -63.43
N THR E 701 16.91 -24.41 -64.15
CA THR E 701 16.02 -24.50 -65.29
C THR E 701 16.76 -24.63 -66.60
N LEU E 702 17.97 -25.17 -66.57
CA LEU E 702 18.75 -25.30 -67.81
C LEU E 702 18.23 -26.42 -68.71
N PRO E 703 17.92 -27.64 -68.23
CA PRO E 703 17.25 -28.59 -69.13
C PRO E 703 15.77 -28.30 -69.32
N ASP E 704 15.17 -27.47 -68.46
CA ASP E 704 13.82 -26.99 -68.72
C ASP E 704 13.79 -26.11 -69.96
N ALA E 705 14.86 -25.36 -70.18
CA ALA E 705 14.88 -24.35 -71.22
C ALA E 705 15.20 -24.91 -72.59
N PHE E 706 16.03 -25.95 -72.66
CA PHE E 706 16.55 -26.45 -73.93
C PHE E 706 15.48 -27.13 -74.78
N ILE E 707 14.68 -28.01 -74.17
CA ILE E 707 13.66 -28.73 -74.94
C ILE E 707 12.57 -27.77 -75.39
N ASN E 708 12.16 -26.85 -74.52
CA ASN E 708 11.14 -25.88 -74.89
C ASN E 708 11.65 -24.79 -75.82
N MET E 709 12.97 -24.69 -76.03
CA MET E 709 13.46 -23.86 -77.11
C MET E 709 13.36 -24.58 -78.45
N ILE E 710 13.55 -25.89 -78.45
CA ILE E 710 13.41 -26.67 -79.67
C ILE E 710 11.95 -26.76 -80.08
N LEU E 711 11.07 -27.03 -79.11
CA LEU E 711 9.66 -27.24 -79.37
C LEU E 711 8.83 -25.97 -79.25
N SER E 712 9.44 -24.80 -79.40
CA SER E 712 8.73 -23.55 -79.20
C SER E 712 7.70 -23.30 -80.30
N GLY E 713 7.89 -23.91 -81.47
CA GLY E 713 6.91 -23.84 -82.53
C GLY E 713 6.15 -25.13 -82.77
N GLY E 714 6.20 -26.08 -81.85
CA GLY E 714 5.58 -27.37 -82.07
C GLY E 714 4.08 -27.37 -82.01
N ASP E 715 3.48 -26.31 -81.46
CA ASP E 715 2.04 -26.20 -81.36
C ASP E 715 1.45 -25.98 -82.75
N SER E 716 0.20 -26.39 -82.94
CA SER E 716 -0.40 -26.32 -84.26
C SER E 716 -1.90 -26.10 -84.16
N VAL E 717 -2.45 -25.48 -85.20
CA VAL E 717 -3.88 -25.28 -85.33
C VAL E 717 -4.39 -26.13 -86.48
N VAL E 718 -5.70 -26.31 -86.53
CA VAL E 718 -6.35 -27.11 -87.56
C VAL E 718 -7.06 -26.16 -88.51
N MET E 719 -6.47 -25.95 -89.68
CA MET E 719 -7.04 -25.05 -90.67
C MET E 719 -7.64 -25.88 -91.81
N ARG E 720 -8.45 -25.22 -92.62
CA ARG E 720 -8.95 -25.77 -93.86
C ARG E 720 -8.52 -24.89 -95.02
N THR E 721 -8.42 -25.48 -96.19
CA THR E 721 -7.96 -24.78 -97.39
C THR E 721 -9.00 -24.98 -98.49
N TYR E 722 -9.88 -24.00 -98.63
CA TYR E 722 -10.90 -24.03 -99.68
C TYR E 722 -10.27 -23.61 -101.00
N GLN E 723 -10.22 -24.53 -101.96
CA GLN E 723 -9.71 -24.20 -103.28
C GLN E 723 -10.68 -23.28 -104.00
N THR E 724 -10.15 -22.45 -104.89
CA THR E 724 -10.92 -21.38 -105.50
C THR E 724 -11.11 -21.51 -107.00
N GLU E 725 -10.19 -22.15 -107.72
CA GLU E 725 -10.29 -22.25 -109.17
C GLU E 725 -9.96 -23.67 -109.61
N ALA E 726 -9.92 -23.87 -110.92
CA ALA E 726 -9.84 -25.21 -111.49
C ALA E 726 -8.42 -25.76 -111.43
N ASP E 727 -8.32 -27.04 -111.04
CA ASP E 727 -7.08 -27.81 -110.96
C ASP E 727 -6.05 -27.13 -110.06
N ASP E 728 -6.41 -27.01 -108.79
CA ASP E 728 -5.52 -26.47 -107.78
C ASP E 728 -4.93 -27.59 -106.94
N ASP E 729 -4.00 -27.22 -106.07
CA ASP E 729 -3.35 -28.16 -105.18
C ASP E 729 -4.20 -28.39 -103.94
N LEU E 730 -3.65 -29.14 -102.98
CA LEU E 730 -4.33 -29.31 -101.71
C LEU E 730 -4.17 -28.08 -100.82
N ASP E 731 -3.12 -27.29 -101.05
CA ASP E 731 -2.86 -26.14 -100.20
C ASP E 731 -3.07 -24.80 -100.89
N GLU E 732 -3.22 -24.77 -102.21
CA GLU E 732 -3.51 -23.51 -102.89
C GLU E 732 -4.96 -23.13 -102.67
N GLY E 733 -5.16 -21.99 -102.01
CA GLY E 733 -6.52 -21.54 -101.75
C GLY E 733 -6.66 -20.73 -100.49
N ILE E 734 -7.89 -20.41 -100.11
CA ILE E 734 -8.16 -19.58 -98.94
C ILE E 734 -7.98 -20.45 -97.69
N ARG E 735 -7.10 -20.00 -96.79
CA ARG E 735 -6.72 -20.78 -95.62
C ARG E 735 -7.58 -20.32 -94.45
N MET E 736 -8.40 -21.23 -93.91
CA MET E 736 -9.46 -20.86 -92.98
C MET E 736 -9.47 -21.75 -91.76
N THR E 737 -9.64 -21.13 -90.59
CA THR E 737 -9.73 -21.84 -89.31
C THR E 737 -10.84 -21.22 -88.49
N THR E 738 -11.21 -21.90 -87.41
CA THR E 738 -12.38 -21.50 -86.64
C THR E 738 -12.01 -20.51 -85.54
N TYR E 739 -13.03 -19.85 -85.00
CA TYR E 739 -12.82 -18.90 -83.92
C TYR E 739 -12.50 -19.60 -82.61
N ASP E 740 -13.04 -20.81 -82.41
CA ASP E 740 -12.69 -21.58 -81.22
C ASP E 740 -11.24 -22.06 -81.28
N GLN E 741 -10.72 -22.29 -82.49
CA GLN E 741 -9.32 -22.64 -82.63
C GLN E 741 -8.43 -21.41 -82.52
N TYR E 742 -8.91 -20.26 -83.02
CA TYR E 742 -8.18 -19.01 -82.93
C TYR E 742 -8.02 -18.54 -81.49
N LEU E 743 -9.05 -18.73 -80.67
CA LEU E 743 -9.06 -18.15 -79.33
C LEU E 743 -8.10 -18.87 -78.41
N SER E 744 -7.81 -20.14 -78.68
CA SER E 744 -6.93 -20.92 -77.81
C SER E 744 -5.46 -20.62 -78.10
N HIS E 745 -5.03 -20.84 -79.34
CA HIS E 745 -3.62 -20.83 -79.69
C HIS E 745 -3.14 -19.48 -80.19
N ILE E 746 -3.84 -18.87 -81.14
CA ILE E 746 -3.28 -17.72 -81.84
C ILE E 746 -3.50 -16.43 -81.06
N ARG E 747 -4.68 -16.27 -80.45
CA ARG E 747 -5.01 -14.99 -79.79
C ARG E 747 -4.17 -14.78 -78.54
N GLU E 748 -3.87 -15.86 -77.81
CA GLU E 748 -3.06 -15.74 -76.59
C GLU E 748 -1.62 -15.37 -76.92
N ARG E 749 -1.17 -15.62 -78.14
CA ARG E 749 0.18 -15.28 -78.55
C ARG E 749 0.27 -13.93 -79.25
N LEU E 750 -0.86 -13.31 -79.59
CA LEU E 750 -0.81 -11.94 -80.08
C LEU E 750 -0.83 -10.93 -78.95
N HIS E 751 -1.39 -11.30 -77.79
CA HIS E 751 -1.27 -10.45 -76.61
C HIS E 751 0.10 -10.55 -75.95
N ILE E 752 0.96 -11.44 -76.41
CA ILE E 752 2.33 -11.48 -75.92
C ILE E 752 3.26 -10.65 -76.79
N THR E 753 3.13 -10.77 -78.12
CA THR E 753 4.02 -10.08 -79.04
C THR E 753 3.69 -8.59 -79.21
N ASN E 754 2.67 -8.09 -78.51
CA ASN E 754 2.35 -6.66 -78.37
C ASN E 754 2.05 -6.02 -79.72
N VAL E 755 1.03 -6.56 -80.37
CA VAL E 755 0.54 -6.03 -81.65
C VAL E 755 -0.90 -5.59 -81.41
N PRO E 756 -1.48 -4.78 -82.32
CA PRO E 756 -2.92 -4.51 -82.22
C PRO E 756 -3.79 -5.72 -82.47
N ASP E 757 -5.09 -5.56 -82.32
CA ASP E 757 -5.98 -6.65 -82.70
C ASP E 757 -6.13 -6.70 -84.21
N PRO E 758 -6.29 -7.89 -84.78
CA PRO E 758 -6.61 -7.97 -86.21
C PRO E 758 -8.01 -7.45 -86.48
N ILE E 759 -8.21 -6.99 -87.72
CA ILE E 759 -9.43 -6.29 -88.05
C ILE E 759 -10.53 -7.26 -88.45
N TYR E 760 -11.76 -6.80 -88.39
CA TYR E 760 -12.93 -7.55 -88.82
C TYR E 760 -13.21 -7.20 -90.27
N ILE E 761 -12.96 -8.14 -91.18
CA ILE E 761 -13.32 -7.93 -92.57
C ILE E 761 -14.80 -8.23 -92.73
N THR E 762 -15.53 -7.29 -93.34
CA THR E 762 -16.98 -7.28 -93.29
C THR E 762 -17.63 -7.35 -94.67
N GLY E 763 -16.89 -7.77 -95.69
CA GLY E 763 -17.42 -7.85 -97.03
C GLY E 763 -17.22 -6.60 -97.86
N ALA E 764 -17.32 -5.43 -97.24
CA ALA E 764 -16.97 -4.17 -97.90
C ALA E 764 -15.50 -3.82 -97.73
N SER E 765 -14.68 -4.75 -97.27
CA SER E 765 -13.27 -4.48 -97.04
C SER E 765 -12.49 -4.56 -98.33
N THR E 766 -11.76 -3.49 -98.63
CA THR E 766 -10.84 -3.46 -99.75
C THR E 766 -9.57 -4.24 -99.42
N PRO E 767 -8.86 -4.75 -100.42
CA PRO E 767 -7.58 -5.43 -100.14
C PRO E 767 -6.47 -4.51 -99.65
N ASP E 768 -6.65 -3.19 -99.68
CA ASP E 768 -5.72 -2.31 -98.99
C ASP E 768 -5.89 -2.42 -97.48
N GLN E 769 -7.13 -2.59 -97.03
CA GLN E 769 -7.39 -2.65 -95.59
C GLN E 769 -6.89 -3.94 -94.98
N ILE E 770 -6.93 -5.04 -95.74
CA ILE E 770 -6.34 -6.28 -95.26
C ILE E 770 -4.82 -6.16 -95.21
N ALA E 771 -4.24 -5.41 -96.15
CA ALA E 771 -2.81 -5.12 -96.09
C ALA E 771 -2.48 -4.20 -94.92
N ALA E 772 -3.45 -3.40 -94.46
CA ALA E 772 -3.22 -2.58 -93.28
C ALA E 772 -3.26 -3.42 -92.00
N SER E 773 -3.78 -4.65 -92.08
CA SER E 773 -3.81 -5.53 -90.92
C SER E 773 -2.66 -6.52 -90.91
N VAL E 774 -2.13 -6.88 -92.07
CA VAL E 774 -0.93 -7.71 -92.12
C VAL E 774 0.30 -6.89 -91.76
N GLN E 775 0.30 -5.60 -92.09
CA GLN E 775 1.45 -4.78 -91.74
C GLN E 775 1.39 -4.30 -90.30
N ALA E 776 0.20 -4.26 -89.70
CA ALA E 776 0.10 -3.91 -88.28
C ALA E 776 0.37 -5.12 -87.40
N THR E 777 -0.47 -6.14 -87.51
CA THR E 777 -0.23 -7.41 -86.85
C THR E 777 0.60 -8.26 -87.79
N HIS E 778 1.81 -8.62 -87.38
CA HIS E 778 2.80 -9.20 -88.29
C HIS E 778 2.48 -10.62 -88.74
N VAL E 779 1.34 -11.18 -88.35
CA VAL E 779 0.85 -12.43 -88.91
C VAL E 779 -0.34 -12.12 -89.81
N ALA E 780 -0.50 -12.92 -90.86
CA ALA E 780 -1.58 -12.71 -91.83
C ALA E 780 -2.86 -13.39 -91.32
N VAL E 781 -3.44 -12.78 -90.29
CA VAL E 781 -4.65 -13.28 -89.65
C VAL E 781 -5.68 -12.16 -89.62
N VAL E 782 -6.87 -12.42 -90.15
CA VAL E 782 -7.98 -11.49 -90.11
C VAL E 782 -9.23 -12.23 -89.61
N LEU E 783 -10.08 -11.49 -88.91
CA LEU E 783 -11.30 -12.02 -88.34
C LEU E 783 -12.48 -11.72 -89.24
N TYR E 784 -13.45 -12.63 -89.26
CA TYR E 784 -14.69 -12.44 -90.01
C TYR E 784 -15.78 -11.97 -89.07
N GLN E 785 -16.63 -11.07 -89.55
CA GLN E 785 -17.79 -10.64 -88.78
C GLN E 785 -19.10 -11.00 -89.46
N SER E 786 -19.35 -10.49 -90.66
CA SER E 786 -20.57 -10.74 -91.42
C SER E 786 -20.33 -10.28 -92.86
N GLY E 787 -21.39 -10.27 -93.66
CA GLY E 787 -21.31 -9.80 -95.02
C GLY E 787 -20.79 -10.85 -95.97
N VAL E 788 -20.63 -10.44 -97.22
CA VAL E 788 -20.15 -11.29 -98.29
C VAL E 788 -18.86 -10.69 -98.83
N ILE E 789 -17.74 -11.38 -98.62
CA ILE E 789 -16.43 -10.88 -98.97
C ILE E 789 -16.28 -10.94 -100.49
N ASN E 790 -16.00 -9.80 -101.10
CA ASN E 790 -16.02 -9.68 -102.54
C ASN E 790 -14.80 -10.36 -103.18
N GLY E 791 -14.88 -10.52 -104.51
CA GLY E 791 -13.84 -11.24 -105.22
C GLY E 791 -12.57 -10.44 -105.41
N SER E 792 -12.64 -9.13 -105.17
CA SER E 792 -11.43 -8.32 -105.16
C SER E 792 -10.56 -8.66 -103.98
N ALA E 793 -11.18 -8.88 -102.81
CA ALA E 793 -10.42 -9.29 -101.65
C ALA E 793 -10.11 -10.78 -101.70
N SER E 794 -10.89 -11.55 -102.45
CA SER E 794 -10.65 -12.98 -102.55
C SER E 794 -9.38 -13.30 -103.32
N THR E 795 -9.01 -12.44 -104.26
CA THR E 795 -7.72 -12.59 -104.93
C THR E 795 -6.59 -12.19 -104.02
N TYR E 796 -6.87 -11.32 -103.04
CA TYR E 796 -5.83 -10.95 -102.08
C TYR E 796 -5.62 -12.06 -101.05
N LEU E 797 -6.70 -12.71 -100.62
CA LEU E 797 -6.60 -13.77 -99.63
C LEU E 797 -5.97 -15.04 -100.19
N ARG E 798 -5.89 -15.17 -101.51
CA ARG E 798 -5.24 -16.33 -102.11
C ARG E 798 -3.74 -16.13 -102.25
N GLU E 799 -3.31 -14.94 -102.64
CA GLU E 799 -1.91 -14.72 -102.99
C GLU E 799 -1.02 -14.61 -101.76
N ASN E 800 -1.52 -13.99 -100.70
CA ASN E 800 -0.73 -13.76 -99.49
C ASN E 800 -0.99 -14.77 -98.39
N GLU E 801 -1.90 -15.73 -98.64
CA GLU E 801 -2.19 -16.86 -97.75
C GLU E 801 -2.68 -16.40 -96.37
N VAL E 802 -3.54 -15.39 -96.37
CA VAL E 802 -3.99 -14.76 -95.13
C VAL E 802 -5.00 -15.68 -94.45
N LEU E 803 -4.76 -15.97 -93.17
CA LEU E 803 -5.60 -16.91 -92.43
C LEU E 803 -6.89 -16.23 -92.03
N VAL E 804 -8.01 -16.69 -92.60
CA VAL E 804 -9.33 -16.11 -92.32
C VAL E 804 -9.97 -16.89 -91.19
N VAL E 805 -10.34 -16.20 -90.13
CA VAL E 805 -10.92 -16.82 -88.95
C VAL E 805 -12.44 -16.67 -89.02
N MET E 806 -13.13 -17.79 -89.14
CA MET E 806 -14.59 -17.86 -89.13
C MET E 806 -15.10 -18.23 -87.75
N PRO E 807 -16.32 -17.82 -87.40
CA PRO E 807 -16.90 -18.29 -86.14
C PRO E 807 -17.42 -19.72 -86.21
N ASP E 808 -17.62 -20.27 -87.41
CA ASP E 808 -18.22 -21.59 -87.56
C ASP E 808 -17.98 -22.10 -88.97
N TYR E 809 -18.00 -23.43 -89.11
CA TYR E 809 -18.03 -24.07 -90.43
C TYR E 809 -19.47 -24.39 -90.83
N TYR E 810 -20.29 -23.34 -90.86
CA TYR E 810 -21.72 -23.46 -91.19
C TYR E 810 -21.98 -22.66 -92.46
N ASP E 811 -22.09 -23.37 -93.59
CA ASP E 811 -22.36 -22.80 -94.92
C ASP E 811 -21.29 -21.77 -95.29
N VAL E 812 -20.07 -22.30 -95.44
CA VAL E 812 -18.87 -21.47 -95.57
C VAL E 812 -18.79 -20.78 -96.93
N VAL E 813 -19.29 -21.41 -98.00
CA VAL E 813 -19.13 -20.85 -99.33
C VAL E 813 -20.05 -19.66 -99.54
N SER E 814 -21.19 -19.65 -98.86
CA SER E 814 -22.14 -18.52 -98.97
C SER E 814 -21.59 -17.23 -98.38
N ARG E 815 -20.55 -17.30 -97.54
CA ARG E 815 -19.96 -16.10 -96.99
C ARG E 815 -19.03 -15.41 -97.96
N PHE E 816 -18.64 -16.06 -99.05
CA PHE E 816 -17.77 -15.46 -100.05
C PHE E 816 -18.54 -15.17 -101.32
N ALA E 817 -18.11 -14.14 -102.04
CA ALA E 817 -18.66 -13.81 -103.34
C ALA E 817 -17.97 -14.71 -104.35
N ASN E 818 -18.47 -15.93 -104.47
CA ASN E 818 -17.90 -16.92 -105.38
C ASN E 818 -18.32 -16.55 -106.79
N ALA E 819 -17.54 -15.68 -107.43
CA ALA E 819 -17.82 -15.31 -108.80
C ALA E 819 -17.33 -16.39 -109.77
N ASN E 820 -16.19 -17.00 -109.47
CA ASN E 820 -15.61 -18.02 -110.33
C ASN E 820 -16.40 -19.33 -110.26
N LEU E 821 -17.16 -19.54 -109.18
CA LEU E 821 -18.10 -20.66 -109.01
C LEU E 821 -17.40 -22.02 -109.02
N GLN E 822 -16.12 -22.06 -108.64
CA GLN E 822 -15.41 -23.32 -108.49
C GLN E 822 -15.29 -23.77 -107.03
N MET E 823 -15.59 -22.88 -106.08
CA MET E 823 -15.47 -23.19 -104.67
C MET E 823 -16.72 -23.95 -104.20
N ASN E 824 -16.50 -25.10 -103.57
CA ASN E 824 -17.59 -25.98 -103.14
C ASN E 824 -17.53 -26.17 -101.63
N ASN E 825 -18.68 -26.53 -101.05
CA ASN E 825 -18.79 -26.78 -99.62
C ASN E 825 -17.97 -27.99 -99.18
N ASN E 826 -17.71 -28.92 -100.08
CA ASN E 826 -17.01 -30.16 -99.76
C ASN E 826 -15.73 -30.29 -100.58
N ARG E 827 -14.96 -29.21 -100.68
CA ARG E 827 -13.72 -29.20 -101.43
C ARG E 827 -12.66 -28.52 -100.58
N TYR E 828 -11.96 -29.30 -99.77
CA TYR E 828 -10.89 -28.77 -98.93
C TYR E 828 -9.90 -29.87 -98.57
N HIS E 829 -8.89 -29.48 -97.81
CA HIS E 829 -7.90 -30.42 -97.27
C HIS E 829 -7.58 -29.97 -95.85
N GLU E 830 -8.23 -30.59 -94.87
CA GLU E 830 -8.08 -30.22 -93.47
C GLU E 830 -6.71 -30.65 -92.96
N SER E 831 -5.74 -29.74 -93.03
CA SER E 831 -4.36 -30.04 -92.66
C SER E 831 -3.94 -29.14 -91.51
N VAL E 832 -2.85 -29.53 -90.85
CA VAL E 832 -2.39 -28.80 -89.68
C VAL E 832 -1.55 -27.60 -90.12
N LEU E 833 -1.44 -26.63 -89.22
CA LEU E 833 -0.66 -25.43 -89.46
C LEU E 833 0.09 -25.11 -88.17
N GLU E 834 1.39 -25.31 -88.17
CA GLU E 834 2.18 -25.08 -86.97
C GLU E 834 2.31 -23.59 -86.69
N ILE E 835 2.53 -23.26 -85.42
CA ILE E 835 2.61 -21.87 -85.00
C ILE E 835 3.88 -21.22 -85.53
N ALA E 836 4.96 -22.00 -85.68
CA ALA E 836 6.20 -21.47 -86.22
C ALA E 836 6.09 -21.15 -87.71
N ASP E 837 5.10 -21.69 -88.40
CA ASP E 837 4.91 -21.39 -89.82
C ASP E 837 4.28 -20.03 -90.07
N ILE E 838 3.67 -19.41 -89.05
CA ILE E 838 2.99 -18.14 -89.21
C ILE E 838 3.60 -17.05 -88.34
N PHE E 839 4.37 -17.42 -87.32
CA PHE E 839 5.08 -16.46 -86.50
C PHE E 839 6.58 -16.53 -86.77
N ASP E 840 7.26 -15.43 -86.49
CA ASP E 840 8.70 -15.36 -86.59
C ASP E 840 9.21 -14.25 -85.69
N GLN E 841 9.84 -14.63 -84.59
CA GLN E 841 10.51 -13.69 -83.73
C GLN E 841 11.88 -14.25 -83.40
N ALA E 842 12.81 -13.34 -83.10
CA ALA E 842 14.17 -13.75 -82.80
C ALA E 842 14.25 -14.48 -81.47
N ASP E 843 13.40 -14.12 -80.50
CA ASP E 843 13.54 -14.64 -79.15
C ASP E 843 12.21 -15.16 -78.59
N PHE E 844 11.24 -15.49 -79.43
CA PHE E 844 9.95 -15.99 -78.95
C PHE E 844 9.64 -17.37 -79.49
N ILE E 845 9.79 -17.58 -80.80
CA ILE E 845 9.60 -18.88 -81.42
C ILE E 845 10.80 -19.19 -82.27
N GLN E 846 11.55 -20.22 -81.89
CA GLN E 846 12.71 -20.69 -82.64
C GLN E 846 12.23 -21.41 -83.87
N THR E 847 12.43 -20.81 -85.04
CA THR E 847 11.87 -21.32 -86.28
C THR E 847 12.87 -21.25 -87.43
N SER E 848 14.15 -21.47 -87.15
CA SER E 848 15.15 -21.45 -88.20
C SER E 848 15.10 -22.72 -89.04
N ASP E 849 16.05 -22.84 -89.96
CA ASP E 849 16.05 -23.95 -90.90
C ASP E 849 16.43 -25.26 -90.23
N ALA E 850 17.25 -25.19 -89.19
CA ALA E 850 17.71 -26.40 -88.50
C ALA E 850 16.58 -27.02 -87.68
N VAL E 851 15.94 -26.20 -86.85
CA VAL E 851 14.91 -26.71 -85.95
C VAL E 851 13.64 -27.10 -86.71
N ARG E 852 13.43 -26.51 -87.89
CA ARG E 852 12.34 -26.93 -88.77
C ARG E 852 12.52 -28.38 -89.22
N GLN E 853 13.76 -28.83 -89.35
CA GLN E 853 14.02 -30.21 -89.75
C GLN E 853 13.80 -31.17 -88.59
N LEU E 854 14.21 -30.77 -87.38
CA LEU E 854 14.19 -31.71 -86.25
C LEU E 854 12.78 -32.02 -85.77
N ARG E 855 11.85 -31.07 -85.88
CA ARG E 855 10.47 -31.39 -85.56
C ARG E 855 9.84 -32.31 -86.60
N ALA E 856 10.38 -32.36 -87.82
CA ALA E 856 9.91 -33.32 -88.79
C ALA E 856 10.49 -34.71 -88.55
N LEU E 857 11.58 -34.81 -87.80
CA LEU E 857 12.14 -36.11 -87.44
C LEU E 857 11.63 -36.64 -86.11
N MET E 858 11.09 -35.77 -85.25
CA MET E 858 10.58 -36.21 -83.98
C MET E 858 9.30 -37.01 -84.15
N PRO E 859 9.04 -37.98 -83.28
CA PRO E 859 7.76 -38.69 -83.29
C PRO E 859 6.66 -37.84 -82.70
N THR E 860 5.46 -38.42 -82.64
CA THR E 860 4.31 -37.74 -82.08
C THR E 860 4.50 -37.57 -80.58
N LEU E 861 4.68 -36.33 -80.13
CA LEU E 861 5.05 -36.04 -78.78
C LEU E 861 3.82 -35.88 -77.89
N SER E 862 4.06 -35.54 -76.63
CA SER E 862 3.02 -35.45 -75.61
C SER E 862 3.59 -34.65 -74.44
N THR E 863 2.75 -34.35 -73.46
CA THR E 863 3.22 -33.71 -72.26
C THR E 863 3.83 -34.69 -71.27
N SER E 864 3.75 -36.00 -71.55
CA SER E 864 4.44 -36.98 -70.72
C SER E 864 5.80 -37.35 -71.28
N GLN E 865 6.00 -37.15 -72.58
CA GLN E 865 7.31 -37.43 -73.18
C GLN E 865 8.27 -36.27 -73.03
N ILE E 866 7.77 -35.04 -73.10
CA ILE E 866 8.62 -33.88 -72.89
C ILE E 866 9.08 -33.84 -71.44
N ARG E 867 8.22 -34.25 -70.51
CA ARG E 867 8.62 -34.38 -69.11
C ARG E 867 9.63 -35.50 -68.93
N HIS E 868 9.58 -36.54 -69.78
CA HIS E 868 10.60 -37.57 -69.75
C HIS E 868 11.91 -37.07 -70.33
N ALA E 869 11.83 -36.17 -71.31
CA ALA E 869 13.04 -35.64 -71.92
C ALA E 869 13.80 -34.71 -70.98
N ILE E 870 13.09 -33.99 -70.12
CA ILE E 870 13.74 -33.11 -69.18
C ILE E 870 14.42 -33.92 -68.08
N GLU E 871 13.76 -34.97 -67.61
CA GLU E 871 14.35 -35.82 -66.58
C GLU E 871 15.52 -36.66 -67.07
N ARG E 872 15.74 -36.75 -68.37
CA ARG E 872 16.89 -37.48 -68.89
C ARG E 872 18.10 -36.57 -69.07
N ILE E 873 17.88 -35.31 -69.48
CA ILE E 873 18.99 -34.38 -69.58
C ILE E 873 19.46 -33.96 -68.19
N ALA E 874 18.53 -33.89 -67.23
CA ALA E 874 18.91 -33.65 -65.84
C ALA E 874 19.68 -34.82 -65.24
N GLN E 875 19.50 -36.03 -65.77
CA GLN E 875 20.29 -37.18 -65.38
C GLN E 875 21.67 -37.17 -66.00
N ILE E 876 21.80 -36.68 -67.22
CA ILE E 876 23.10 -36.64 -67.89
C ILE E 876 23.99 -35.57 -67.28
N THR E 877 23.53 -34.33 -67.26
CA THR E 877 24.35 -33.21 -66.81
C THR E 877 24.00 -32.86 -65.36
N ASP E 878 24.67 -33.55 -64.44
CA ASP E 878 24.60 -33.20 -63.04
C ASP E 878 25.42 -31.93 -62.81
N VAL E 879 24.77 -30.89 -62.26
CA VAL E 879 25.38 -29.57 -62.22
C VAL E 879 26.39 -29.48 -61.09
N ASP E 880 27.27 -28.49 -61.19
CA ASP E 880 28.17 -28.20 -60.10
C ASP E 880 27.44 -27.46 -58.98
N SER E 881 27.99 -27.57 -57.77
CA SER E 881 27.38 -26.96 -56.59
C SER E 881 28.44 -26.87 -55.51
N THR E 882 28.42 -25.78 -54.76
CA THR E 882 29.36 -25.59 -53.66
C THR E 882 28.79 -26.21 -52.38
N ASP E 883 29.39 -25.88 -51.23
CA ASP E 883 28.88 -26.36 -49.95
C ASP E 883 27.52 -25.76 -49.63
N TYR E 884 27.30 -24.50 -50.00
CA TYR E 884 26.03 -23.85 -49.72
C TYR E 884 24.99 -24.15 -50.81
N GLY E 885 25.43 -24.57 -51.99
CA GLY E 885 24.50 -24.82 -53.08
C GLY E 885 23.67 -26.07 -52.87
N LYS E 886 24.25 -27.13 -52.30
CA LYS E 886 23.47 -28.32 -52.02
C LYS E 886 22.50 -28.09 -50.87
N LEU E 887 22.78 -27.12 -50.01
CA LEU E 887 21.90 -26.85 -48.87
C LEU E 887 20.62 -26.16 -49.31
N THR E 888 20.65 -25.48 -50.45
CA THR E 888 19.45 -24.83 -50.94
C THR E 888 18.57 -25.79 -51.73
N LEU E 889 19.16 -26.70 -52.50
CA LEU E 889 18.37 -27.58 -53.35
C LEU E 889 17.65 -28.64 -52.55
N ARG E 890 18.15 -29.00 -51.37
CA ARG E 890 17.42 -29.89 -50.50
C ARG E 890 16.52 -29.14 -49.53
N PHE E 891 16.36 -27.84 -49.72
CA PHE E 891 15.47 -27.03 -48.90
C PHE E 891 14.18 -26.66 -49.62
N LEU E 892 14.18 -26.65 -50.95
CA LEU E 892 13.03 -26.14 -51.68
C LEU E 892 11.90 -27.18 -51.84
N GLY E 893 12.14 -28.43 -52.28
CA GLY E 893 13.31 -29.04 -52.90
C GLY E 893 13.05 -30.06 -53.99
N THR E 894 11.78 -30.32 -54.30
CA THR E 894 11.49 -31.42 -55.22
C THR E 894 10.57 -31.08 -56.39
N LEU E 895 9.57 -30.23 -56.18
CA LEU E 895 8.52 -30.03 -57.18
C LEU E 895 9.00 -29.06 -58.26
N THR E 896 9.08 -29.55 -59.49
CA THR E 896 9.50 -28.71 -60.60
C THR E 896 8.57 -28.94 -61.79
N ARG E 897 7.93 -30.10 -61.82
CA ARG E 897 7.26 -30.59 -63.01
C ARG E 897 5.80 -30.19 -63.10
N SER E 898 5.38 -29.13 -62.41
CA SER E 898 3.97 -28.72 -62.47
C SER E 898 3.70 -27.74 -63.59
N LEU E 899 4.59 -26.76 -63.77
CA LEU E 899 4.32 -25.65 -64.67
C LEU E 899 4.76 -25.97 -66.09
N LYS E 900 3.88 -25.67 -67.05
CA LYS E 900 4.24 -25.75 -68.47
C LYS E 900 5.11 -24.57 -68.85
N MET E 901 5.99 -24.80 -69.82
CA MET E 901 7.00 -23.83 -70.21
C MET E 901 7.06 -23.68 -71.72
N GLN E 902 5.89 -23.66 -72.37
CA GLN E 902 5.85 -23.83 -73.82
C GLN E 902 6.32 -22.57 -74.54
N ASN E 903 5.61 -21.47 -74.36
CA ASN E 903 6.03 -20.15 -74.81
C ASN E 903 6.01 -19.20 -73.62
N ALA E 904 6.64 -19.63 -72.54
CA ALA E 904 6.52 -18.97 -71.25
C ALA E 904 7.21 -17.60 -71.27
N GLN E 905 6.46 -16.58 -70.86
CA GLN E 905 6.98 -15.22 -70.76
C GLN E 905 6.71 -14.71 -69.35
N ILE E 906 7.25 -13.55 -69.05
CA ILE E 906 7.02 -12.90 -67.76
C ILE E 906 6.20 -11.65 -68.02
N ARG E 907 4.94 -11.66 -67.57
CA ARG E 907 4.04 -10.54 -67.78
C ARG E 907 3.39 -10.17 -66.46
N ARG E 908 2.87 -8.95 -66.40
CA ARG E 908 2.08 -8.55 -65.26
C ARG E 908 0.63 -8.96 -65.47
N ILE E 909 -0.12 -9.00 -64.38
CA ILE E 909 -1.56 -9.18 -64.45
C ILE E 909 -2.24 -8.05 -63.69
N ARG E 910 -3.49 -7.80 -64.07
CA ARG E 910 -4.35 -6.95 -63.28
C ARG E 910 -4.66 -7.63 -61.96
N PRO E 911 -5.08 -6.88 -60.95
CA PRO E 911 -5.70 -7.51 -59.78
C PRO E 911 -7.04 -8.18 -60.08
N ASP E 912 -7.64 -7.90 -61.24
CA ASP E 912 -8.78 -8.69 -61.72
C ASP E 912 -8.38 -10.15 -61.91
N GLY E 913 -7.28 -10.39 -62.63
CA GLY E 913 -6.87 -11.75 -62.92
C GLY E 913 -6.69 -11.99 -64.40
N THR E 914 -6.50 -10.91 -65.17
CA THR E 914 -6.28 -11.00 -66.60
C THR E 914 -4.87 -10.55 -66.93
N VAL E 915 -4.26 -11.21 -67.91
CA VAL E 915 -2.87 -10.94 -68.27
C VAL E 915 -2.81 -9.66 -69.08
N LEU E 916 -2.05 -8.69 -68.58
CA LEU E 916 -1.83 -7.45 -69.31
C LEU E 916 -0.78 -7.65 -70.39
N ARG E 917 -0.81 -6.76 -71.37
CA ARG E 917 0.22 -6.72 -72.39
C ARG E 917 1.51 -6.14 -71.79
N TYR E 918 2.59 -6.26 -72.55
CA TYR E 918 3.84 -5.65 -72.15
C TYR E 918 3.75 -4.14 -72.32
N ASP E 919 4.37 -3.40 -71.41
CA ASP E 919 4.47 -1.95 -71.53
C ASP E 919 5.94 -1.55 -71.43
N ASP E 920 6.36 -0.67 -72.33
CA ASP E 920 7.74 -0.20 -72.38
C ASP E 920 8.16 0.64 -71.20
N GLN E 921 7.20 1.15 -70.42
CA GLN E 921 7.48 2.16 -69.42
C GLN E 921 7.27 1.67 -68.00
N ILE E 922 6.69 0.49 -67.81
CA ILE E 922 6.41 -0.05 -66.48
C ILE E 922 7.32 -1.22 -66.15
N ASP E 923 7.47 -2.16 -67.08
CA ASP E 923 8.29 -3.34 -66.85
C ASP E 923 9.73 -3.08 -67.26
N ILE E 924 10.63 -3.87 -66.67
CA ILE E 924 12.04 -3.81 -67.04
C ILE E 924 12.21 -4.41 -68.43
N GLU E 925 13.29 -4.01 -69.12
CA GLU E 925 13.54 -4.48 -70.48
C GLU E 925 13.81 -5.97 -70.55
N ALA E 926 14.25 -6.59 -69.46
CA ALA E 926 14.58 -8.00 -69.48
C ALA E 926 13.35 -8.91 -69.45
N PHE E 927 12.16 -8.35 -69.29
CA PHE E 927 10.93 -9.15 -69.26
C PHE E 927 10.16 -9.10 -70.56
N ARG E 928 10.62 -8.32 -71.55
CA ARG E 928 9.88 -8.18 -72.79
C ARG E 928 9.90 -9.48 -73.58
N TRP E 929 11.09 -9.96 -73.92
CA TRP E 929 11.25 -11.28 -74.52
C TRP E 929 12.07 -12.11 -73.54
N SER E 930 11.43 -13.05 -72.87
CA SER E 930 12.16 -14.05 -72.12
C SER E 930 12.86 -14.92 -73.14
N ARG E 931 14.18 -14.77 -73.26
CA ARG E 931 14.97 -15.38 -74.33
C ARG E 931 15.21 -16.86 -74.03
N TYR E 932 14.10 -17.59 -73.92
CA TYR E 932 14.03 -19.00 -73.52
C TYR E 932 14.67 -19.27 -72.17
N PHE E 933 14.78 -18.23 -71.32
CA PHE E 933 15.37 -18.29 -69.98
C PHE E 933 16.80 -18.83 -70.02
N LEU E 934 17.62 -18.22 -70.86
CA LEU E 934 18.98 -18.65 -71.14
C LEU E 934 19.90 -17.44 -71.09
N ASP E 935 21.20 -17.71 -71.19
CA ASP E 935 22.18 -16.65 -71.12
C ASP E 935 22.23 -15.86 -72.42
N GLU E 936 22.94 -14.74 -72.39
CA GLU E 936 23.17 -13.98 -73.62
C GLU E 936 24.24 -14.67 -74.46
N LEU E 937 25.17 -15.37 -73.83
CA LEU E 937 26.21 -16.06 -74.59
C LEU E 937 25.74 -17.41 -75.06
N ARG E 938 24.76 -17.98 -74.37
CA ARG E 938 24.35 -19.34 -74.66
C ARG E 938 23.51 -19.38 -75.94
N LEU E 939 22.86 -18.26 -76.28
CA LEU E 939 22.20 -18.18 -77.58
C LEU E 939 23.21 -17.95 -78.70
N ARG E 940 24.32 -17.28 -78.39
CA ARG E 940 25.33 -17.04 -79.41
C ARG E 940 26.06 -18.31 -79.79
N ARG E 941 26.24 -19.21 -78.83
CA ARG E 941 26.81 -20.52 -79.16
C ARG E 941 25.78 -21.42 -79.81
N LEU E 942 24.50 -21.11 -79.61
CA LEU E 942 23.44 -21.93 -80.18
C LEU E 942 23.29 -21.67 -81.68
N SER E 943 23.65 -20.45 -82.11
CA SER E 943 23.55 -20.13 -83.53
C SER E 943 24.65 -20.84 -84.33
N VAL E 944 25.76 -21.17 -83.68
CA VAL E 944 26.80 -21.96 -84.32
C VAL E 944 26.41 -23.43 -84.32
N GLY E 945 25.80 -23.88 -83.23
CA GLY E 945 25.45 -25.29 -83.10
C GLY E 945 24.37 -25.75 -84.04
N LEU E 946 23.48 -24.84 -84.46
CA LEU E 946 22.47 -25.22 -85.43
C LEU E 946 23.05 -25.40 -86.82
N ARG E 947 24.16 -24.71 -87.12
CA ARG E 947 24.90 -24.97 -88.35
C ARG E 947 25.57 -26.34 -88.33
N LEU E 948 25.85 -26.87 -87.14
CA LEU E 948 26.49 -28.16 -87.02
C LEU E 948 25.48 -29.29 -87.20
N ILE E 949 24.21 -29.06 -86.88
CA ILE E 949 23.23 -30.14 -86.93
C ILE E 949 22.73 -30.35 -88.35
N THR E 950 22.43 -29.29 -89.08
CA THR E 950 21.93 -29.39 -90.45
C THR E 950 23.05 -29.57 -91.47
N ASN E 951 24.27 -29.80 -91.01
CA ASN E 951 25.39 -30.03 -91.91
C ASN E 951 25.25 -31.39 -92.58
N PRO E 952 25.38 -31.49 -93.90
CA PRO E 952 25.29 -32.81 -94.55
C PRO E 952 26.46 -33.72 -94.30
N ARG E 953 27.52 -33.27 -93.65
CA ARG E 953 28.66 -34.14 -93.39
C ARG E 953 28.43 -35.09 -92.22
N ILE E 954 27.41 -34.86 -91.40
CA ILE E 954 27.11 -35.75 -90.29
C ILE E 954 25.76 -36.42 -90.43
N ALA E 955 24.92 -36.00 -91.38
CA ALA E 955 23.58 -36.54 -91.53
C ALA E 955 23.68 -37.89 -92.24
N ARG E 956 24.03 -38.90 -91.46
CA ARG E 956 24.21 -40.25 -91.98
C ARG E 956 23.12 -41.19 -91.49
N ARG E 957 21.91 -40.68 -91.29
CA ARG E 957 20.75 -41.50 -91.04
C ARG E 957 20.06 -41.66 -92.39
N PHE E 958 20.27 -42.80 -93.04
CA PHE E 958 19.81 -43.00 -94.40
C PHE E 958 18.43 -43.63 -94.38
N ASP E 959 17.46 -42.96 -95.01
CA ASP E 959 16.13 -43.52 -95.16
C ASP E 959 15.88 -43.82 -96.63
N GLY E 960 15.19 -44.94 -96.87
CA GLY E 960 14.98 -45.40 -98.22
C GLY E 960 15.92 -46.52 -98.59
N VAL E 961 15.40 -47.56 -99.25
CA VAL E 961 16.20 -48.73 -99.57
C VAL E 961 15.59 -49.38 -100.81
N ARG E 962 16.36 -50.20 -101.53
CA ARG E 962 15.89 -50.75 -102.80
C ARG E 962 16.32 -52.20 -102.91
N ILE E 963 15.34 -53.10 -102.90
CA ILE E 963 15.60 -54.52 -103.11
C ILE E 963 15.63 -54.78 -104.60
N MET E 964 16.73 -55.32 -105.10
CA MET E 964 16.95 -55.50 -106.52
C MET E 964 18.00 -56.61 -106.69
N TYR E 965 17.88 -57.37 -107.77
CA TYR E 965 18.70 -58.57 -107.90
C TYR E 965 19.71 -58.39 -109.04
N LEU E 966 20.39 -57.25 -109.03
CA LEU E 966 21.47 -57.01 -109.98
C LEU E 966 22.79 -57.49 -109.40
N THR E 967 23.71 -57.82 -110.30
CA THR E 967 24.98 -58.44 -109.93
C THR E 967 25.90 -57.42 -109.25
N ASP E 968 27.05 -57.91 -108.79
CA ASP E 968 28.03 -57.10 -108.08
C ASP E 968 29.42 -57.39 -108.64
N ASP E 969 29.92 -56.48 -109.47
CA ASP E 969 31.27 -56.59 -110.01
C ASP E 969 32.20 -55.52 -109.44
N ASP E 970 31.78 -54.25 -109.46
CA ASP E 970 32.57 -53.20 -108.84
C ASP E 970 31.85 -52.61 -107.63
N PRO E 971 32.14 -53.08 -106.41
CA PRO E 971 31.44 -52.59 -105.21
C PRO E 971 31.88 -51.18 -104.87
N ASP E 972 30.91 -50.29 -104.71
CA ASP E 972 31.12 -48.97 -104.12
C ASP E 972 29.80 -48.52 -103.51
N PRO E 973 29.86 -47.84 -102.35
CA PRO E 973 28.61 -47.46 -101.68
C PRO E 973 27.85 -46.35 -102.38
N ASP E 974 28.48 -45.62 -103.31
CA ASP E 974 27.76 -44.59 -104.06
C ASP E 974 26.83 -45.17 -105.13
N PHE E 975 26.92 -46.46 -105.41
CA PHE E 975 26.21 -47.07 -106.52
C PHE E 975 24.73 -47.18 -106.17
N VAL E 976 23.90 -46.36 -106.82
CA VAL E 976 22.45 -46.48 -106.75
C VAL E 976 21.98 -47.03 -108.09
N PRO E 977 21.47 -48.26 -108.15
CA PRO E 977 21.26 -48.92 -109.44
C PRO E 977 20.07 -48.32 -110.20
N ASP E 978 20.29 -48.10 -111.49
CA ASP E 978 19.28 -47.44 -112.31
C ASP E 978 18.13 -48.40 -112.60
N VAL E 979 16.93 -47.86 -112.57
CA VAL E 979 15.76 -48.62 -113.00
C VAL E 979 15.82 -48.79 -114.51
N PRO E 980 15.65 -50.01 -115.02
CA PRO E 980 15.73 -50.24 -116.48
C PRO E 980 14.63 -49.56 -117.28
N GLU E 981 14.70 -49.70 -118.60
CA GLU E 981 13.95 -48.82 -119.49
C GLU E 981 12.46 -49.14 -119.55
N GLY E 982 12.08 -50.40 -119.37
CA GLY E 982 10.69 -50.75 -119.59
C GLY E 982 9.92 -51.20 -118.36
N TYR E 983 10.08 -50.53 -117.23
CA TYR E 983 9.40 -50.97 -116.01
C TYR E 983 8.23 -50.04 -115.72
N VAL E 984 7.21 -50.60 -115.06
CA VAL E 984 5.98 -49.88 -114.75
C VAL E 984 5.91 -49.69 -113.24
N ALA E 985 5.70 -48.46 -112.80
CA ALA E 985 5.60 -48.17 -111.37
C ALA E 985 4.21 -48.50 -110.86
N VAL E 986 4.16 -49.24 -109.76
CA VAL E 986 2.91 -49.63 -109.12
C VAL E 986 3.01 -49.32 -107.64
N GLN E 987 2.10 -48.49 -107.14
CA GLN E 987 2.06 -48.21 -105.71
C GLN E 987 1.50 -49.42 -104.97
N TYR E 988 2.14 -49.75 -103.85
CA TYR E 988 1.75 -50.94 -103.11
C TYR E 988 0.53 -50.68 -102.23
N ALA E 989 -0.38 -51.65 -102.22
CA ALA E 989 -1.49 -51.67 -101.30
C ALA E 989 -1.79 -53.12 -100.95
N HIS E 990 -2.69 -53.32 -99.99
CA HIS E 990 -3.07 -54.67 -99.60
C HIS E 990 -4.03 -55.31 -100.59
N ARG E 991 -4.63 -54.51 -101.47
CA ARG E 991 -5.63 -54.99 -102.42
C ARG E 991 -5.01 -55.87 -103.49
N LEU E 992 -3.72 -55.72 -103.77
CA LEU E 992 -3.12 -56.40 -104.92
C LEU E 992 -2.91 -57.89 -104.65
N PHE E 993 -2.29 -58.24 -103.53
CA PHE E 993 -1.92 -59.60 -103.25
C PHE E 993 -3.05 -60.30 -102.51
N SER E 994 -3.46 -61.45 -103.03
CA SER E 994 -4.55 -62.23 -102.44
C SER E 994 -4.40 -63.67 -102.88
N SER E 995 -4.93 -64.58 -102.07
CA SER E 995 -4.84 -65.99 -102.37
C SER E 995 -5.83 -66.36 -103.48
N SER E 996 -5.44 -67.32 -104.32
CA SER E 996 -6.28 -67.78 -105.41
C SER E 996 -5.90 -69.20 -105.78
N LEU E 997 -6.91 -70.03 -106.05
CA LEU E 997 -6.69 -71.40 -106.49
C LEU E 997 -6.20 -71.35 -107.93
N ALA E 998 -4.95 -71.79 -108.16
CA ALA E 998 -4.35 -71.64 -109.48
C ALA E 998 -4.14 -72.96 -110.19
N ASN E 999 -3.32 -73.86 -109.64
CA ASN E 999 -3.13 -75.19 -110.24
C ASN E 999 -3.04 -76.19 -109.10
N LYS E 1000 -4.22 -76.64 -108.64
CA LYS E 1000 -4.38 -77.60 -107.53
C LYS E 1000 -3.66 -77.17 -106.25
N ARG E 1001 -3.48 -75.86 -106.05
CA ARG E 1001 -2.71 -75.33 -104.93
C ARG E 1001 -2.99 -73.86 -104.76
N ASN E 1002 -3.28 -73.42 -103.53
CA ASN E 1002 -3.57 -72.02 -103.29
C ASN E 1002 -2.30 -71.19 -103.34
N ARG E 1003 -2.17 -70.39 -104.39
CA ARG E 1003 -1.00 -69.55 -104.60
C ARG E 1003 -1.37 -68.09 -104.37
N VAL E 1004 -0.43 -67.32 -103.84
CA VAL E 1004 -0.64 -65.89 -103.63
C VAL E 1004 -0.52 -65.18 -104.98
N THR E 1005 -1.56 -64.45 -105.36
CA THR E 1005 -1.71 -63.95 -106.71
C THR E 1005 -1.65 -62.43 -106.74
N TYR E 1006 -0.81 -61.90 -107.62
CA TYR E 1006 -0.68 -60.47 -107.87
C TYR E 1006 -1.58 -60.05 -109.02
N THR E 1007 -2.23 -58.90 -108.86
CA THR E 1007 -3.10 -58.32 -109.88
C THR E 1007 -2.52 -56.99 -110.31
N HIS E 1008 -1.98 -56.94 -111.52
CA HIS E 1008 -1.24 -55.78 -111.99
C HIS E 1008 -2.20 -54.65 -112.35
N PRO E 1009 -2.13 -53.51 -111.67
CA PRO E 1009 -3.20 -52.48 -111.76
C PRO E 1009 -3.33 -51.80 -113.13
N PRO E 1010 -2.29 -51.72 -113.99
CA PRO E 1010 -2.60 -51.35 -115.39
C PRO E 1010 -3.52 -52.31 -116.12
N THR E 1011 -3.17 -53.59 -116.20
CA THR E 1011 -3.98 -54.50 -117.01
C THR E 1011 -5.08 -55.16 -116.20
N GLY E 1012 -4.78 -55.62 -114.99
CA GLY E 1012 -5.74 -56.34 -114.20
C GLY E 1012 -5.66 -57.85 -114.29
N MET E 1013 -4.65 -58.38 -114.97
CA MET E 1013 -4.48 -59.82 -115.10
C MET E 1013 -4.05 -60.44 -113.79
N ALA E 1014 -4.30 -61.73 -113.65
CA ALA E 1014 -3.92 -62.49 -112.47
C ALA E 1014 -2.64 -63.25 -112.74
N TYR E 1015 -1.69 -63.14 -111.82
CA TYR E 1015 -0.33 -63.64 -112.00
C TYR E 1015 0.04 -64.52 -110.81
N PRO E 1016 -0.28 -65.81 -110.83
CA PRO E 1016 -0.14 -66.63 -109.63
C PRO E 1016 1.28 -67.09 -109.35
N SER E 1017 2.09 -67.22 -110.38
CA SER E 1017 3.43 -67.72 -110.12
C SER E 1017 4.44 -66.59 -110.24
N PRO E 1018 5.46 -66.58 -109.37
CA PRO E 1018 6.51 -65.54 -109.50
C PRO E 1018 7.48 -65.79 -110.64
N THR E 1019 7.39 -66.90 -111.35
CA THR E 1019 8.31 -67.16 -112.46
C THR E 1019 8.02 -66.33 -113.70
N GLY E 1020 6.82 -65.75 -113.80
CA GLY E 1020 6.47 -65.05 -115.02
C GLY E 1020 5.77 -63.73 -114.84
N ARG E 1021 5.95 -63.10 -113.68
CA ARG E 1021 5.35 -61.80 -113.47
C ARG E 1021 6.02 -60.73 -114.32
N PRO E 1022 5.29 -59.72 -114.76
CA PRO E 1022 5.89 -58.62 -115.53
C PRO E 1022 6.73 -57.73 -114.62
N HIS E 1023 7.52 -56.87 -115.26
CA HIS E 1023 8.54 -56.09 -114.59
C HIS E 1023 7.89 -54.90 -113.90
N VAL E 1024 7.77 -54.97 -112.58
CA VAL E 1024 7.02 -53.99 -111.80
C VAL E 1024 7.98 -53.27 -110.86
N HIS E 1025 7.94 -51.94 -110.89
CA HIS E 1025 8.72 -51.11 -109.98
C HIS E 1025 7.82 -50.70 -108.81
N MET E 1026 7.67 -51.63 -107.87
CA MET E 1026 6.77 -51.43 -106.75
C MET E 1026 7.41 -50.53 -105.71
N THR E 1027 6.63 -49.60 -105.17
CA THR E 1027 7.12 -48.60 -104.21
C THR E 1027 6.34 -48.75 -102.92
N ILE E 1028 6.87 -49.54 -101.99
CA ILE E 1028 6.22 -49.76 -100.70
C ILE E 1028 6.39 -48.52 -99.83
N ASN E 1029 5.27 -47.97 -99.35
CA ASN E 1029 5.32 -46.74 -98.56
C ASN E 1029 4.95 -46.93 -97.10
N GLU E 1030 4.31 -48.04 -96.72
CA GLU E 1030 3.83 -48.18 -95.37
C GLU E 1030 4.42 -49.38 -94.64
N ARG E 1031 4.39 -50.56 -95.26
CA ARG E 1031 4.85 -51.84 -94.73
C ARG E 1031 4.18 -52.18 -93.39
N ALA E 1032 2.93 -51.78 -93.20
CA ALA E 1032 2.20 -52.06 -91.99
C ALA E 1032 0.89 -52.77 -92.34
N GLY E 1033 0.53 -53.74 -91.52
CA GLY E 1033 -0.60 -54.59 -91.86
C GLY E 1033 -0.31 -55.56 -92.97
N MET E 1034 0.96 -55.82 -93.24
CA MET E 1034 1.39 -56.60 -94.39
C MET E 1034 1.71 -58.02 -93.95
N SER E 1035 1.19 -59.00 -94.69
CA SER E 1035 1.39 -60.40 -94.32
C SER E 1035 2.81 -60.84 -94.57
N LYS E 1036 3.16 -61.97 -93.98
CA LYS E 1036 4.50 -62.52 -94.17
C LYS E 1036 4.58 -63.31 -95.47
N LEU E 1037 3.45 -63.86 -95.93
CA LEU E 1037 3.43 -64.53 -97.23
C LEU E 1037 3.48 -63.52 -98.36
N VAL E 1038 2.86 -62.35 -98.17
CA VAL E 1038 2.93 -61.29 -99.16
C VAL E 1038 4.35 -60.76 -99.28
N ALA E 1039 5.02 -60.59 -98.14
CA ALA E 1039 6.43 -60.22 -98.17
C ALA E 1039 7.32 -61.36 -98.65
N ASP E 1040 6.86 -62.60 -98.55
CA ASP E 1040 7.60 -63.70 -99.16
C ASP E 1040 7.44 -63.67 -100.67
N ASN E 1041 6.26 -63.28 -101.15
CA ASN E 1041 6.01 -63.34 -102.58
C ASN E 1041 6.69 -62.20 -103.32
N ILE E 1042 6.91 -61.06 -102.65
CA ILE E 1042 7.57 -59.95 -103.31
C ILE E 1042 9.06 -60.20 -103.46
N ILE E 1043 9.70 -60.69 -102.39
CA ILE E 1043 11.13 -60.99 -102.46
C ILE E 1043 11.38 -62.19 -103.36
N ALA E 1044 10.40 -63.09 -103.48
CA ALA E 1044 10.49 -64.13 -104.51
C ALA E 1044 10.31 -63.54 -105.90
N SER E 1045 9.50 -62.49 -106.04
CA SER E 1045 9.30 -61.85 -107.33
C SER E 1045 10.49 -61.02 -107.77
N VAL E 1046 11.34 -60.59 -106.83
CA VAL E 1046 12.53 -59.85 -107.20
C VAL E 1046 13.56 -60.80 -107.81
N ILE E 1047 13.75 -61.96 -107.21
CA ILE E 1047 14.76 -62.90 -107.67
C ILE E 1047 14.31 -63.57 -108.96
N LYS E 1048 13.04 -63.99 -109.02
CA LYS E 1048 12.55 -64.74 -110.16
C LYS E 1048 12.13 -63.87 -111.34
N SER E 1049 11.51 -62.72 -111.09
CA SER E 1049 10.94 -61.92 -112.17
C SER E 1049 11.61 -60.56 -112.33
N ASN E 1050 12.75 -60.34 -111.67
CA ASN E 1050 13.58 -59.14 -111.81
C ASN E 1050 12.83 -57.85 -111.46
N TRP E 1051 12.07 -57.91 -110.37
CA TRP E 1051 11.43 -56.69 -109.89
C TRP E 1051 12.42 -55.77 -109.22
N VAL E 1052 12.00 -54.51 -109.06
CA VAL E 1052 12.75 -53.50 -108.32
C VAL E 1052 11.77 -52.93 -107.31
N VAL E 1053 12.08 -53.10 -106.02
CA VAL E 1053 11.16 -52.72 -104.96
C VAL E 1053 11.80 -51.62 -104.13
N ASP E 1054 11.23 -50.43 -104.17
CA ASP E 1054 11.65 -49.37 -103.27
C ASP E 1054 10.87 -49.44 -101.97
N ILE E 1055 11.57 -49.28 -100.85
CA ILE E 1055 10.95 -49.20 -99.53
C ILE E 1055 11.43 -47.93 -98.86
N HIS E 1056 10.50 -47.07 -98.48
CA HIS E 1056 10.86 -45.75 -97.95
C HIS E 1056 10.66 -45.61 -96.45
N ASP E 1057 10.57 -46.71 -95.70
CA ASP E 1057 10.45 -46.58 -94.26
C ASP E 1057 11.67 -47.13 -93.53
N ILE E 1058 12.57 -47.79 -94.25
CA ILE E 1058 13.72 -48.40 -93.61
C ILE E 1058 14.77 -47.33 -93.34
N GLU E 1059 15.07 -47.12 -92.05
CA GLU E 1059 16.17 -46.26 -91.64
C GLU E 1059 17.36 -47.13 -91.26
N TYR E 1060 18.56 -46.67 -91.61
CA TYR E 1060 19.75 -47.48 -91.37
C TYR E 1060 20.97 -46.57 -91.36
N THR E 1061 22.04 -47.09 -90.74
CA THR E 1061 23.36 -46.51 -90.86
C THR E 1061 24.18 -47.30 -91.86
N ALA E 1062 25.36 -46.79 -92.18
CA ALA E 1062 26.23 -47.48 -93.11
C ALA E 1062 27.67 -47.30 -92.70
N GLU E 1063 28.42 -48.40 -92.68
CA GLU E 1063 29.86 -48.39 -92.50
C GLU E 1063 30.51 -48.98 -93.73
N VAL E 1064 31.39 -48.22 -94.36
CA VAL E 1064 32.05 -48.66 -95.58
C VAL E 1064 33.16 -49.65 -95.20
N MET E 1065 32.93 -50.92 -95.49
CA MET E 1065 33.86 -51.98 -95.15
C MET E 1065 35.03 -51.99 -96.13
N THR E 1066 36.24 -52.00 -95.58
CA THR E 1066 37.42 -52.19 -96.39
C THR E 1066 37.45 -53.62 -96.93
N PRO E 1067 38.01 -53.85 -98.13
CA PRO E 1067 37.87 -55.17 -98.77
C PRO E 1067 38.64 -56.28 -98.08
N SER E 1068 39.70 -55.98 -97.34
CA SER E 1068 40.37 -57.04 -96.58
C SER E 1068 39.60 -57.39 -95.32
N GLU E 1069 38.79 -56.47 -94.80
CA GLU E 1069 37.99 -56.76 -93.62
C GLU E 1069 36.86 -57.73 -93.94
N GLY E 1070 36.14 -57.49 -95.03
CA GLY E 1070 35.02 -58.32 -95.41
C GLY E 1070 33.77 -58.01 -94.61
N TYR E 1071 32.66 -58.54 -95.09
CA TYR E 1071 31.38 -58.34 -94.43
C TYR E 1071 31.33 -59.10 -93.13
N THR E 1072 31.34 -58.38 -92.01
CA THR E 1072 31.32 -59.02 -90.70
C THR E 1072 29.95 -59.61 -90.38
N GLN E 1073 28.90 -58.84 -90.64
CA GLN E 1073 27.53 -59.30 -90.39
C GLN E 1073 26.64 -58.92 -91.56
N HIS E 1074 25.66 -59.77 -91.83
CA HIS E 1074 24.72 -59.60 -92.92
C HIS E 1074 23.40 -59.05 -92.38
N VAL E 1075 22.47 -58.77 -93.29
CA VAL E 1075 21.12 -58.33 -92.95
C VAL E 1075 20.14 -59.16 -93.75
N ASP E 1076 19.29 -59.90 -93.06
CA ASP E 1076 18.37 -60.82 -93.72
C ASP E 1076 17.23 -60.07 -94.39
N ALA E 1077 16.69 -60.66 -95.47
CA ALA E 1077 15.54 -60.07 -96.12
C ALA E 1077 14.26 -60.30 -95.33
N GLU E 1078 14.28 -61.22 -94.37
CA GLU E 1078 13.17 -61.33 -93.43
C GLU E 1078 13.08 -60.11 -92.53
N SER E 1079 14.23 -59.56 -92.13
CA SER E 1079 14.23 -58.37 -91.31
C SER E 1079 13.98 -57.09 -92.10
N ILE E 1080 14.27 -57.09 -93.40
CA ILE E 1080 14.02 -55.87 -94.19
C ILE E 1080 12.53 -55.75 -94.54
N MET E 1081 11.76 -56.81 -94.37
CA MET E 1081 10.33 -56.82 -94.71
C MET E 1081 9.43 -56.96 -93.51
N THR E 1082 9.77 -57.82 -92.56
CA THR E 1082 8.95 -58.08 -91.38
C THR E 1082 9.67 -57.46 -90.18
N ALA E 1083 9.40 -56.20 -89.93
CA ALA E 1083 10.06 -55.45 -88.87
C ALA E 1083 9.13 -54.34 -88.43
N PRO E 1084 9.22 -53.89 -87.18
CA PRO E 1084 8.50 -52.68 -86.77
C PRO E 1084 9.05 -51.46 -87.47
N LYS E 1085 8.25 -50.39 -87.46
CA LYS E 1085 8.52 -49.24 -88.32
C LYS E 1085 9.76 -48.48 -87.89
N GLY E 1086 9.91 -48.21 -86.59
CA GLY E 1086 10.98 -47.36 -86.15
C GLY E 1086 12.26 -48.07 -85.74
N LYS E 1087 12.62 -49.13 -86.45
CA LYS E 1087 13.82 -49.88 -86.12
C LYS E 1087 14.97 -49.41 -86.98
N LEU E 1088 16.11 -49.14 -86.35
CA LEU E 1088 17.26 -48.53 -87.02
C LEU E 1088 18.25 -49.64 -87.37
N PHE E 1089 18.40 -49.93 -88.66
CA PHE E 1089 19.20 -51.05 -89.10
C PHE E 1089 20.68 -50.67 -89.17
N HIS E 1090 21.48 -51.55 -89.75
CA HIS E 1090 22.90 -51.29 -89.95
C HIS E 1090 23.36 -52.10 -91.15
N LEU E 1091 23.45 -51.46 -92.30
CA LEU E 1091 23.93 -52.11 -93.51
C LEU E 1091 25.43 -51.88 -93.65
N GLN E 1092 26.12 -52.92 -94.14
CA GLN E 1092 27.55 -52.85 -94.38
C GLN E 1092 27.81 -52.82 -95.88
N PHE E 1093 28.50 -51.80 -96.34
CA PHE E 1093 28.82 -51.63 -97.75
C PHE E 1093 30.32 -51.76 -97.92
N MET E 1094 30.77 -52.21 -99.08
CA MET E 1094 32.19 -52.46 -99.29
C MET E 1094 32.74 -51.60 -100.43
N ASP E 1095 33.88 -50.95 -100.16
CA ASP E 1095 34.60 -50.19 -101.18
C ASP E 1095 35.50 -51.17 -101.92
N GLY E 1096 35.08 -51.54 -103.13
CA GLY E 1096 35.81 -52.53 -103.90
C GLY E 1096 36.88 -51.93 -104.79
N LEU E 1097 37.45 -50.80 -104.38
CA LEU E 1097 38.47 -50.17 -105.19
C LEU E 1097 39.82 -50.85 -104.98
N LEU E 1098 40.12 -51.26 -103.75
CA LEU E 1098 41.42 -51.81 -103.40
C LEU E 1098 41.42 -53.33 -103.35
N ARG E 1099 40.58 -53.99 -104.16
CA ARG E 1099 40.61 -55.43 -104.21
C ARG E 1099 41.85 -55.91 -104.97
N PRO E 1100 42.46 -57.02 -104.53
CA PRO E 1100 43.64 -57.53 -105.23
C PRO E 1100 43.27 -58.16 -106.56
N GLU E 1101 43.97 -57.73 -107.60
CA GLU E 1101 43.71 -58.24 -108.95
C GLU E 1101 44.28 -59.64 -109.07
N PRO E 1102 43.54 -60.59 -109.66
CA PRO E 1102 44.06 -61.97 -109.73
C PRO E 1102 45.16 -62.10 -110.76
N SER E 1103 45.94 -63.17 -110.60
CA SER E 1103 47.05 -63.43 -111.49
C SER E 1103 46.57 -63.87 -112.86
N ALA E 1104 47.43 -63.69 -113.85
CA ALA E 1104 47.06 -63.87 -115.25
C ALA E 1104 47.05 -65.32 -115.70
N PHE E 1105 47.17 -66.27 -114.79
CA PHE E 1105 47.13 -67.69 -115.15
C PHE E 1105 46.26 -68.49 -114.19
N ASP E 1106 45.62 -67.84 -113.23
CA ASP E 1106 44.78 -68.52 -112.26
C ASP E 1106 43.48 -68.95 -112.93
N PRO E 1107 43.13 -70.23 -112.89
CA PRO E 1107 41.82 -70.67 -113.38
C PRO E 1107 40.70 -70.08 -112.53
N PRO E 1108 39.56 -69.78 -113.13
CA PRO E 1108 38.54 -68.99 -112.43
C PRO E 1108 37.83 -69.77 -111.33
N ALA E 1109 37.11 -69.02 -110.50
CA ALA E 1109 36.27 -69.61 -109.47
C ALA E 1109 34.92 -69.96 -110.08
N SER E 1110 33.94 -70.28 -109.24
CA SER E 1110 32.66 -70.76 -109.73
C SER E 1110 31.52 -69.77 -109.48
N GLY E 1111 31.29 -69.40 -108.22
CA GLY E 1111 30.12 -68.59 -107.90
C GLY E 1111 30.39 -67.10 -108.05
N GLU E 1112 29.31 -66.35 -108.28
CA GLU E 1112 29.38 -64.90 -108.39
C GLU E 1112 28.83 -64.27 -107.12
N ASP E 1113 29.42 -63.13 -106.73
CA ASP E 1113 28.88 -62.35 -105.62
C ASP E 1113 27.65 -61.59 -106.08
N MET E 1114 26.48 -61.99 -105.62
CA MET E 1114 25.25 -61.29 -105.92
C MET E 1114 24.99 -60.23 -104.86
N ARG E 1115 23.83 -59.57 -104.99
CA ARG E 1115 23.53 -58.41 -104.15
C ARG E 1115 22.03 -58.19 -104.18
N LEU E 1116 21.42 -58.00 -103.02
CA LEU E 1116 19.98 -57.85 -102.95
C LEU E 1116 19.53 -56.45 -102.54
N ILE E 1117 20.26 -55.80 -101.63
CA ILE E 1117 19.80 -54.56 -101.00
C ILE E 1117 20.71 -53.42 -101.42
N TYR E 1118 20.12 -52.34 -101.92
CA TYR E 1118 20.80 -51.15 -102.41
C TYR E 1118 20.23 -49.89 -101.77
N PRO E 1119 21.02 -48.83 -101.69
CA PRO E 1119 20.50 -47.55 -101.18
C PRO E 1119 19.82 -46.70 -102.24
N LEU E 1120 19.03 -45.73 -101.77
CA LEU E 1120 18.41 -44.74 -102.63
C LEU E 1120 19.27 -43.49 -102.77
N GLN E 1121 19.58 -42.86 -101.65
CA GLN E 1121 20.36 -41.64 -101.63
C GLN E 1121 21.83 -41.97 -101.50
N PRO E 1122 22.74 -41.06 -101.90
CA PRO E 1122 24.17 -41.41 -101.88
C PRO E 1122 24.73 -41.59 -100.49
N ILE E 1123 25.40 -42.72 -100.30
CA ILE E 1123 26.12 -43.06 -99.09
C ILE E 1123 27.44 -42.30 -99.09
N SER E 1124 28.11 -42.26 -97.93
CA SER E 1124 29.44 -41.67 -97.74
C SER E 1124 29.43 -40.17 -98.02
N VAL E 1125 28.48 -39.49 -97.37
CA VAL E 1125 28.51 -38.03 -97.35
C VAL E 1125 29.60 -37.52 -96.43
N ALA E 1126 30.11 -38.36 -95.54
CA ALA E 1126 31.20 -38.03 -94.64
C ALA E 1126 32.57 -38.24 -95.28
N ARG E 1127 32.61 -38.69 -96.52
CA ARG E 1127 33.87 -39.04 -97.16
C ARG E 1127 34.64 -37.79 -97.55
N SER E 1128 35.93 -37.77 -97.24
CA SER E 1128 36.81 -36.67 -97.61
C SER E 1128 37.87 -37.08 -98.63
N MET E 1129 38.67 -38.09 -98.31
CA MET E 1129 39.58 -38.69 -99.27
C MET E 1129 39.26 -40.17 -99.39
N ARG E 1130 39.73 -40.76 -100.49
CA ARG E 1130 39.48 -42.17 -100.73
C ARG E 1130 40.60 -42.71 -101.60
N ALA E 1131 41.08 -43.90 -101.24
CA ALA E 1131 42.07 -44.69 -101.98
C ALA E 1131 43.38 -43.93 -102.18
N ILE E 1132 44.08 -43.72 -101.06
CA ILE E 1132 45.36 -43.01 -101.09
C ILE E 1132 46.40 -44.06 -101.44
N VAL E 1133 46.49 -44.34 -102.74
CA VAL E 1133 47.47 -45.25 -103.33
C VAL E 1133 47.89 -44.67 -104.68
N ASN E 1134 48.85 -45.32 -105.32
CA ASN E 1134 49.27 -44.94 -106.65
C ASN E 1134 49.25 -46.14 -107.59
N HIS E 1135 48.29 -46.13 -108.51
CA HIS E 1135 48.12 -47.20 -109.48
C HIS E 1135 49.26 -47.19 -110.48
N ASN E 1136 49.63 -48.38 -110.95
CA ASN E 1136 50.87 -48.49 -111.72
C ASN E 1136 50.68 -48.16 -113.20
N GLU E 1137 49.46 -48.28 -113.73
CA GLU E 1137 49.23 -48.02 -115.14
C GLU E 1137 48.89 -46.56 -115.41
N VAL E 1138 47.86 -46.07 -114.74
CA VAL E 1138 47.37 -44.72 -114.96
C VAL E 1138 47.85 -43.84 -113.81
N ASP E 1139 47.73 -42.51 -113.98
CA ASP E 1139 48.25 -41.56 -113.00
C ASP E 1139 47.50 -41.65 -111.67
N ARG E 1140 46.20 -41.40 -111.68
CA ARG E 1140 45.38 -41.52 -110.49
C ARG E 1140 44.33 -42.61 -110.67
N PRO E 1141 43.99 -43.34 -109.61
CA PRO E 1141 43.08 -44.49 -109.75
C PRO E 1141 41.66 -44.06 -110.09
N ARG E 1142 40.87 -45.06 -110.49
CA ARG E 1142 39.51 -44.83 -110.97
C ARG E 1142 38.62 -44.44 -109.79
N GLY E 1143 38.12 -43.21 -109.82
CA GLY E 1143 37.20 -42.75 -108.81
C GLY E 1143 37.82 -42.35 -107.48
N ALA E 1144 39.15 -42.30 -107.39
CA ALA E 1144 39.77 -41.79 -106.18
C ALA E 1144 39.59 -40.28 -106.09
N VAL E 1145 39.30 -39.80 -104.89
CA VAL E 1145 39.03 -38.38 -104.69
C VAL E 1145 40.09 -37.78 -103.79
N ALA E 1146 40.36 -36.57 -104.02
CA ALA E 1146 41.24 -35.55 -103.48
C ALA E 1146 40.52 -34.81 -102.36
N PRO E 1147 41.24 -34.21 -101.40
CA PRO E 1147 40.54 -33.40 -100.41
C PRO E 1147 40.12 -32.08 -101.01
N SER E 1148 39.00 -31.55 -100.54
CA SER E 1148 38.51 -30.29 -101.06
C SER E 1148 39.40 -29.15 -100.59
N SER E 1149 39.45 -28.08 -101.39
CA SER E 1149 40.34 -26.97 -101.10
C SER E 1149 39.88 -26.15 -99.90
N TYR E 1150 38.64 -26.31 -99.47
CA TYR E 1150 38.19 -25.64 -98.27
C TYR E 1150 38.63 -26.34 -96.99
N GLU E 1151 39.12 -27.57 -97.07
CA GLU E 1151 39.59 -28.25 -95.86
C GLU E 1151 40.96 -27.78 -95.42
N MET E 1152 41.69 -27.11 -96.32
CA MET E 1152 43.05 -26.68 -96.02
C MET E 1152 43.15 -25.18 -95.85
N ASP E 1153 42.09 -24.44 -96.13
CA ASP E 1153 42.13 -22.98 -96.10
C ASP E 1153 42.01 -22.53 -94.65
N THR E 1154 43.06 -21.93 -94.12
CA THR E 1154 42.97 -21.32 -92.80
C THR E 1154 42.17 -20.04 -92.87
N GLY E 1155 42.55 -19.15 -93.78
CA GLY E 1155 41.97 -17.85 -93.82
C GLY E 1155 42.53 -17.00 -92.69
N THR E 1156 41.92 -15.83 -92.53
CA THR E 1156 42.30 -14.93 -91.48
C THR E 1156 41.28 -15.02 -90.36
N LEU E 1157 41.43 -14.12 -89.38
CA LEU E 1157 40.46 -13.94 -88.32
C LEU E 1157 39.90 -12.54 -88.44
N SER E 1158 38.58 -12.44 -88.47
CA SER E 1158 37.95 -11.15 -88.67
C SER E 1158 37.99 -10.32 -87.39
N ARG E 1159 37.47 -9.10 -87.49
CA ARG E 1159 37.47 -8.20 -86.35
C ARG E 1159 36.34 -8.53 -85.39
N ASN E 1160 35.24 -9.05 -85.93
CA ASN E 1160 34.10 -9.42 -85.09
C ASN E 1160 34.40 -10.69 -84.32
N GLY E 1161 34.93 -11.70 -85.01
CA GLY E 1161 35.19 -12.98 -84.38
C GLY E 1161 34.69 -14.12 -85.23
N ASP E 1162 34.24 -13.81 -86.44
CA ASP E 1162 33.81 -14.82 -87.39
C ASP E 1162 34.98 -15.28 -88.23
N LEU E 1163 35.06 -16.58 -88.46
CA LEU E 1163 36.18 -17.16 -89.18
C LEU E 1163 35.99 -16.97 -90.68
N LEU E 1164 36.94 -16.32 -91.32
CA LEU E 1164 36.88 -16.04 -92.75
C LEU E 1164 37.79 -17.01 -93.51
N TYR E 1165 37.48 -17.24 -94.78
CA TYR E 1165 38.40 -17.95 -95.65
C TYR E 1165 39.42 -16.96 -96.21
N SER E 1166 40.27 -17.43 -97.09
CA SER E 1166 41.18 -16.55 -97.78
C SER E 1166 40.42 -15.78 -98.87
N PRO E 1167 40.83 -14.56 -99.17
CA PRO E 1167 40.16 -13.82 -100.24
C PRO E 1167 40.48 -14.42 -101.61
N VAL E 1168 39.43 -14.57 -102.42
CA VAL E 1168 39.59 -15.24 -103.71
C VAL E 1168 40.30 -14.37 -104.73
N ALA E 1169 40.39 -13.07 -104.50
CA ALA E 1169 41.09 -12.15 -105.41
C ALA E 1169 41.58 -10.95 -104.61
N ASN E 1170 41.96 -9.90 -105.32
CA ASN E 1170 42.33 -8.66 -104.66
C ASN E 1170 41.10 -7.80 -104.39
N GLY E 1171 41.06 -7.23 -103.19
CA GLY E 1171 39.96 -6.36 -102.81
C GLY E 1171 38.64 -7.09 -102.61
N GLN E 1172 38.72 -8.37 -102.27
CA GLN E 1172 37.54 -9.19 -102.02
C GLN E 1172 37.48 -9.53 -100.54
N VAL E 1173 36.38 -9.18 -99.90
CA VAL E 1173 36.16 -9.60 -98.52
C VAL E 1173 35.92 -11.10 -98.50
N GLY E 1174 36.66 -11.81 -97.63
CA GLY E 1174 36.62 -13.25 -97.64
C GLY E 1174 35.29 -13.82 -97.17
N ILE E 1175 35.02 -15.04 -97.61
CA ILE E 1175 33.76 -15.70 -97.29
C ILE E 1175 33.79 -16.17 -95.83
N PRO E 1176 32.81 -15.83 -95.00
CA PRO E 1176 32.79 -16.35 -93.64
C PRO E 1176 32.44 -17.83 -93.62
N LYS E 1177 33.11 -18.57 -92.74
CA LYS E 1177 33.06 -20.02 -92.78
C LYS E 1177 31.73 -20.60 -92.29
N LEU E 1178 30.90 -19.81 -91.63
CA LEU E 1178 29.63 -20.32 -91.16
C LEU E 1178 28.48 -20.08 -92.13
N GLU E 1179 28.75 -19.44 -93.28
CA GLU E 1179 27.71 -19.27 -94.27
C GLU E 1179 27.65 -20.45 -95.23
N VAL E 1180 28.80 -20.82 -95.80
CA VAL E 1180 28.88 -21.97 -96.70
C VAL E 1180 28.89 -23.24 -95.84
N ASP E 1181 28.70 -24.39 -96.49
CA ASP E 1181 28.55 -25.65 -95.79
C ASP E 1181 29.76 -26.57 -95.93
N HIS E 1182 30.89 -26.04 -96.37
CA HIS E 1182 32.11 -26.83 -96.41
C HIS E 1182 32.73 -26.91 -95.01
N ILE E 1183 33.74 -27.75 -94.87
CA ILE E 1183 34.43 -27.96 -93.60
C ILE E 1183 35.86 -27.44 -93.74
N SER E 1184 36.29 -26.65 -92.77
CA SER E 1184 37.66 -26.16 -92.71
C SER E 1184 38.33 -26.74 -91.48
N PHE E 1185 39.43 -27.47 -91.69
CA PHE E 1185 40.17 -28.09 -90.61
C PHE E 1185 41.42 -27.31 -90.22
N SER E 1186 41.40 -25.99 -90.40
CA SER E 1186 42.46 -25.15 -89.87
C SER E 1186 41.87 -23.76 -89.64
N ASN E 1187 41.96 -23.27 -88.41
CA ASN E 1187 41.21 -22.08 -88.03
C ASN E 1187 42.00 -21.30 -87.00
N VAL E 1188 41.83 -19.99 -87.02
CA VAL E 1188 42.53 -19.10 -86.10
C VAL E 1188 41.70 -18.98 -84.83
N VAL E 1189 42.24 -19.48 -83.72
CA VAL E 1189 41.55 -19.45 -82.43
C VAL E 1189 42.22 -18.42 -81.55
N SER E 1190 41.45 -17.42 -81.11
CA SER E 1190 41.96 -16.43 -80.17
C SER E 1190 42.06 -17.07 -78.80
N MET E 1191 43.28 -17.22 -78.29
CA MET E 1191 43.49 -17.82 -76.99
C MET E 1191 44.38 -16.91 -76.15
N MET E 1192 44.14 -16.96 -74.84
CA MET E 1192 44.89 -16.14 -73.91
C MET E 1192 46.17 -16.83 -73.47
N THR E 1193 47.18 -16.03 -73.17
CA THR E 1193 48.48 -16.54 -72.75
C THR E 1193 48.50 -16.67 -71.23
N ALA E 1194 49.70 -16.85 -70.66
CA ALA E 1194 49.86 -16.97 -69.22
C ALA E 1194 49.85 -15.63 -68.50
N ASN E 1195 49.54 -14.52 -69.19
CA ASN E 1195 49.52 -13.20 -68.58
C ASN E 1195 48.10 -12.66 -68.39
N ILE E 1196 47.11 -13.54 -68.36
CA ILE E 1196 45.71 -13.13 -68.21
C ILE E 1196 45.13 -13.60 -66.87
N ARG E 1197 45.06 -14.91 -66.65
CA ARG E 1197 44.56 -15.55 -65.42
C ARG E 1197 43.13 -15.10 -65.11
N THR E 1198 42.21 -15.51 -65.97
CA THR E 1198 40.81 -15.18 -65.79
C THR E 1198 40.22 -15.96 -64.63
N GLY E 1199 39.69 -15.25 -63.63
CA GLY E 1199 38.90 -15.88 -62.59
C GLY E 1199 39.65 -16.36 -61.37
N ASP E 1200 40.71 -15.67 -61.00
CA ASP E 1200 41.39 -15.98 -59.74
C ASP E 1200 40.81 -15.09 -58.63
N ASP E 1201 41.44 -15.11 -57.46
CA ASP E 1201 40.92 -14.45 -56.28
C ASP E 1201 41.74 -13.19 -56.01
N MET E 1202 41.21 -12.05 -56.42
CA MET E 1202 41.88 -10.78 -56.17
C MET E 1202 41.64 -10.32 -54.74
N ALA E 1203 42.60 -9.58 -54.20
CA ALA E 1203 42.64 -9.26 -52.78
C ALA E 1203 42.54 -7.76 -52.59
N VAL E 1204 41.59 -7.32 -51.76
CA VAL E 1204 41.36 -5.90 -51.52
C VAL E 1204 41.60 -5.55 -50.06
N GLU E 1205 41.62 -4.24 -49.78
CA GLU E 1205 41.63 -3.72 -48.41
C GLU E 1205 40.27 -3.12 -48.13
N ARG E 1206 39.72 -3.41 -46.95
CA ARG E 1206 38.45 -2.85 -46.52
C ARG E 1206 38.69 -1.95 -45.32
N VAL E 1207 38.19 -0.72 -45.38
CA VAL E 1207 38.28 0.22 -44.28
C VAL E 1207 36.88 0.55 -43.81
N ASN E 1208 36.56 0.19 -42.58
CA ASN E 1208 35.28 0.51 -41.97
C ASN E 1208 35.16 2.01 -41.75
N PRO E 1209 33.95 2.56 -41.71
CA PRO E 1209 33.80 3.97 -41.37
C PRO E 1209 34.11 4.22 -39.91
N ASP E 1210 34.24 5.51 -39.58
CA ASP E 1210 34.69 5.89 -38.24
C ASP E 1210 33.58 5.73 -37.21
N ASP E 1211 32.48 6.46 -37.39
CA ASP E 1211 31.32 6.32 -36.54
C ASP E 1211 30.16 5.74 -37.34
N VAL E 1212 29.31 4.98 -36.65
CA VAL E 1212 28.08 4.52 -37.29
C VAL E 1212 27.04 5.62 -37.33
N ARG E 1213 27.17 6.63 -36.47
CA ARG E 1213 26.26 7.77 -36.47
C ARG E 1213 26.65 8.82 -37.50
N ALA E 1214 27.72 8.61 -38.24
CA ALA E 1214 28.21 9.56 -39.22
C ALA E 1214 27.94 9.14 -40.65
N ILE E 1215 27.25 8.03 -40.86
CA ILE E 1215 27.02 7.47 -42.19
C ILE E 1215 25.82 8.18 -42.79
N ASN E 1216 26.03 8.87 -43.91
CA ASN E 1216 24.93 9.48 -44.63
C ASN E 1216 24.16 8.43 -45.43
N ILE E 1217 22.84 8.61 -45.49
CA ILE E 1217 21.98 7.65 -46.16
C ILE E 1217 21.27 8.35 -47.31
N ARG E 1218 20.46 9.34 -46.98
CA ARG E 1218 19.78 10.19 -47.95
C ARG E 1218 20.48 11.55 -47.98
N ASN E 1219 20.58 12.15 -49.18
CA ASN E 1219 19.93 11.76 -50.43
C ASN E 1219 20.81 10.88 -51.30
N ALA E 1220 22.12 10.94 -51.05
CA ALA E 1220 23.16 10.16 -51.74
C ALA E 1220 23.15 10.33 -53.26
N ALA F 1 54.75 31.49 31.33
CA ALA F 1 55.40 32.44 32.22
C ALA F 1 54.55 32.69 33.46
N LEU F 2 53.24 32.49 33.34
CA LEU F 2 52.28 32.76 34.41
C LEU F 2 51.61 31.46 34.82
N HIS F 3 50.60 31.56 35.67
CA HIS F 3 50.00 30.43 36.35
C HIS F 3 48.50 30.37 36.12
N PRO F 4 47.92 29.16 36.19
CA PRO F 4 46.45 29.01 36.16
C PRO F 4 45.78 29.67 37.35
N MET F 5 44.46 29.94 37.25
CA MET F 5 43.58 29.77 36.08
C MET F 5 42.66 30.97 35.82
N THR F 6 42.28 31.66 36.90
CA THR F 6 41.03 32.42 36.96
C THR F 6 41.21 33.90 36.68
N LYS F 7 42.06 34.25 35.71
CA LYS F 7 42.30 35.61 35.22
C LYS F 7 42.83 36.52 36.33
N VAL F 8 44.08 36.23 36.72
CA VAL F 8 44.80 37.15 37.59
C VAL F 8 45.16 38.41 36.83
N ILE F 9 45.45 39.47 37.59
CA ILE F 9 45.89 40.73 37.01
C ILE F 9 47.24 40.55 36.34
N PHE F 10 47.32 40.91 35.07
CA PHE F 10 48.57 40.89 34.33
C PHE F 10 48.78 42.30 33.76
N ASN F 11 49.75 43.01 34.31
CA ASN F 11 50.08 44.37 33.90
C ASN F 11 51.01 44.42 32.71
N GLY F 12 51.03 43.39 31.88
CA GLY F 12 51.80 43.43 30.65
C GLY F 12 50.90 43.33 29.44
N LEU F 13 51.36 42.58 28.44
CA LEU F 13 50.59 42.35 27.23
C LEU F 13 50.36 40.85 27.13
N ASP F 14 49.09 40.44 27.13
CA ASP F 14 48.73 39.02 27.22
C ASP F 14 49.00 38.34 25.88
N VAL F 15 50.27 38.02 25.67
CA VAL F 15 50.71 37.43 24.41
C VAL F 15 50.26 35.98 24.36
N ASN F 16 49.58 35.60 23.28
CA ASN F 16 49.15 34.23 23.08
C ASN F 16 49.64 33.59 21.78
N THR F 17 50.01 34.37 20.78
CA THR F 17 50.58 33.84 19.54
C THR F 17 51.91 34.50 19.25
N GLU F 18 52.68 33.85 18.38
CA GLU F 18 53.97 34.36 17.93
C GLU F 18 54.00 34.27 16.41
N VAL F 19 54.51 35.31 15.76
CA VAL F 19 54.37 35.49 14.32
C VAL F 19 55.72 35.30 13.66
N GLN F 20 55.76 34.43 12.66
CA GLN F 20 56.95 34.19 11.86
C GLN F 20 57.18 35.37 10.93
N PRO F 21 58.38 35.53 10.39
CA PRO F 21 58.58 36.58 9.37
C PRO F 21 57.90 36.22 8.06
N LEU F 22 57.60 37.25 7.27
CA LEU F 22 56.83 37.02 6.05
C LEU F 22 57.70 36.56 4.90
N SER F 23 59.02 36.77 4.97
CA SER F 23 59.90 36.40 3.87
C SER F 23 61.29 36.15 4.43
N ASP F 24 61.82 34.95 4.21
CA ASP F 24 63.18 34.61 4.59
C ASP F 24 64.07 35.04 3.42
N ASP F 25 64.35 36.34 3.37
CA ASP F 25 64.93 36.94 2.17
C ASP F 25 66.42 37.19 2.26
N PHE F 26 66.93 37.59 3.42
CA PHE F 26 68.33 37.97 3.54
C PHE F 26 69.14 36.92 4.29
N LYS F 27 70.39 36.75 3.89
CA LYS F 27 71.39 36.20 4.80
C LYS F 27 71.86 37.30 5.74
N GLN F 28 72.54 36.90 6.81
CA GLN F 28 72.93 37.85 7.85
C GLN F 28 74.38 37.67 8.23
N ILE F 29 75.27 37.67 7.23
CA ILE F 29 76.69 37.50 7.48
C ILE F 29 77.25 38.72 8.23
N SER F 30 78.34 38.49 8.96
CA SER F 30 78.96 39.52 9.79
C SER F 30 80.27 40.04 9.20
N ASP F 31 81.19 39.16 8.88
CA ASP F 31 82.42 39.56 8.20
C ASP F 31 82.23 39.36 6.71
N PRO F 32 82.09 40.41 5.91
CA PRO F 32 81.75 40.22 4.50
C PRO F 32 82.95 39.77 3.68
N LYS F 33 82.67 38.92 2.70
CA LYS F 33 83.68 38.45 1.76
C LYS F 33 83.47 39.16 0.44
N GLY F 34 84.55 39.72 -0.11
CA GLY F 34 84.43 40.50 -1.32
C GLY F 34 84.37 39.63 -2.57
N TYR F 35 84.20 40.30 -3.71
CA TYR F 35 84.18 39.60 -4.98
C TYR F 35 85.56 39.52 -5.61
N LEU F 36 86.42 40.50 -5.37
CA LEU F 36 87.77 40.52 -5.92
C LEU F 36 88.76 40.67 -4.78
N THR F 37 89.73 39.78 -4.72
CA THR F 37 90.79 39.83 -3.72
C THR F 37 92.15 39.84 -4.41
N TYR F 38 93.16 40.30 -3.69
CA TYR F 38 94.51 40.26 -4.21
C TYR F 38 95.07 38.84 -4.15
N SER F 39 95.89 38.50 -5.13
CA SER F 39 96.59 37.22 -5.16
C SER F 39 98.03 37.48 -5.55
N VAL F 40 98.96 37.11 -4.66
CA VAL F 40 100.36 37.48 -4.79
C VAL F 40 101.16 36.22 -5.11
N LYS F 41 102.01 36.32 -6.13
CA LYS F 41 102.98 35.27 -6.44
C LYS F 41 104.34 35.74 -5.97
N TYR F 42 104.83 35.14 -4.88
CA TYR F 42 106.11 35.52 -4.31
C TYR F 42 107.27 35.00 -5.14
N GLU F 43 108.34 35.77 -5.19
CA GLU F 43 109.58 35.32 -5.79
C GLU F 43 110.40 34.64 -4.69
N ASP F 44 110.77 33.38 -4.93
CA ASP F 44 111.28 32.54 -3.86
C ASP F 44 112.70 32.86 -3.42
N GLN F 45 113.41 33.72 -4.13
CA GLN F 45 114.80 34.01 -3.77
C GLN F 45 114.91 35.23 -2.87
N PHE F 46 114.42 36.38 -3.35
CA PHE F 46 114.53 37.63 -2.62
C PHE F 46 113.68 37.69 -1.35
N THR F 47 112.65 36.85 -1.24
CA THR F 47 111.73 36.96 -0.13
C THR F 47 112.35 36.43 1.15
N LYS F 48 111.66 36.70 2.27
CA LYS F 48 112.04 36.17 3.56
C LYS F 48 110.83 35.45 4.12
N LYS F 49 110.99 34.18 4.46
CA LYS F 49 109.90 33.28 4.81
C LYS F 49 109.36 33.48 6.22
N ASP F 50 109.77 34.52 6.94
CA ASP F 50 109.29 34.76 8.29
C ASP F 50 107.92 35.46 8.24
N LYS F 51 107.43 35.86 9.41
CA LYS F 51 106.25 36.68 9.52
C LYS F 51 106.67 38.03 10.08
N LEU F 52 106.36 39.11 9.37
CA LEU F 52 106.78 40.44 9.77
C LEU F 52 106.00 40.91 10.99
N ARG F 53 106.71 41.50 11.95
CA ARG F 53 106.14 41.88 13.24
C ARG F 53 106.43 43.35 13.51
N ALA F 54 105.39 44.17 13.45
CA ALA F 54 105.45 45.58 13.80
C ALA F 54 105.08 45.73 15.28
N SER F 55 104.74 46.95 15.70
CA SER F 55 104.12 47.17 17.00
C SER F 55 102.81 46.39 17.10
N GLU F 56 102.48 45.96 18.32
CA GLU F 56 101.40 45.00 18.50
C GLU F 56 100.04 45.64 18.28
N ALA F 57 99.88 46.91 18.66
CA ALA F 57 98.65 47.61 18.34
C ALA F 57 98.55 47.91 16.85
N ASP F 58 99.70 48.11 16.19
CA ASP F 58 99.71 48.24 14.73
C ASP F 58 99.63 46.90 14.03
N ASP F 59 99.84 45.80 14.75
CA ASP F 59 99.88 44.49 14.11
C ASP F 59 98.49 43.97 13.76
N ARG F 60 97.45 44.54 14.35
CA ARG F 60 96.10 44.08 14.02
C ARG F 60 95.52 44.87 12.85
N ILE F 61 96.05 46.05 12.56
CA ILE F 61 95.57 46.85 11.45
C ILE F 61 96.43 46.57 10.23
N VAL F 62 97.74 46.78 10.38
CA VAL F 62 98.65 46.73 9.25
C VAL F 62 99.10 45.30 8.96
N GLY F 63 98.95 44.39 9.92
CA GLY F 63 99.51 43.06 9.92
C GLY F 63 99.35 42.19 8.70
N PRO F 64 98.11 41.83 8.34
CA PRO F 64 97.90 41.02 7.14
C PRO F 64 98.07 41.79 5.82
N THR F 65 98.40 43.08 5.86
CA THR F 65 98.77 43.78 4.64
C THR F 65 100.26 43.68 4.38
N VAL F 66 101.09 43.90 5.40
CA VAL F 66 102.54 43.78 5.21
C VAL F 66 103.00 42.34 5.14
N ASN F 67 102.18 41.37 5.53
CA ASN F 67 102.51 39.97 5.31
C ASN F 67 101.92 39.43 4.02
N LEU F 68 101.30 40.27 3.20
CA LEU F 68 100.89 39.87 1.87
C LEU F 68 101.65 40.62 0.77
N PHE F 69 102.04 41.86 1.03
CA PHE F 69 102.94 42.59 0.13
C PHE F 69 104.35 42.61 0.69
N LYS F 70 104.73 41.45 1.23
CA LYS F 70 106.04 41.22 1.83
C LYS F 70 107.15 41.46 0.82
N TYR F 71 108.33 41.81 1.32
CA TYR F 71 109.47 42.19 0.49
C TYR F 71 109.92 41.04 -0.40
N GLY F 72 109.69 41.20 -1.70
CA GLY F 72 109.99 40.16 -2.66
C GLY F 72 108.80 39.70 -3.49
N ALA F 73 107.72 40.47 -3.50
CA ALA F 73 106.55 40.10 -4.29
C ALA F 73 106.81 40.41 -5.76
N ALA F 74 106.71 39.38 -6.60
CA ALA F 74 106.98 39.56 -8.02
C ALA F 74 105.82 40.23 -8.73
N VAL F 75 104.67 39.57 -8.78
CA VAL F 75 103.48 40.13 -9.38
C VAL F 75 102.36 40.10 -8.35
N VAL F 76 101.42 41.03 -8.48
CA VAL F 76 100.25 41.10 -7.62
C VAL F 76 99.04 41.24 -8.52
N ASN F 77 98.23 40.19 -8.62
CA ASN F 77 97.09 40.17 -9.51
C ASN F 77 95.81 40.44 -8.75
N ILE F 78 94.79 40.88 -9.49
CA ILE F 78 93.45 41.08 -8.97
C ILE F 78 92.57 40.05 -9.68
N ASP F 79 92.18 39.02 -8.97
CA ASP F 79 91.41 37.93 -9.55
C ASP F 79 90.11 37.74 -8.77
N LEU F 80 89.30 36.79 -9.24
CA LEU F 80 88.05 36.50 -8.58
C LEU F 80 88.30 35.83 -7.23
N ASN F 81 87.33 35.95 -6.34
CA ASN F 81 87.52 35.50 -4.97
C ASN F 81 87.29 34.01 -4.88
N ARG F 82 88.24 33.31 -4.25
CA ARG F 82 88.10 31.86 -4.16
C ARG F 82 87.10 31.42 -3.09
N ASP F 83 87.15 32.02 -1.90
CA ASP F 83 86.22 31.61 -0.86
C ASP F 83 84.91 32.37 -0.87
N PHE F 84 84.58 33.04 -1.98
CA PHE F 84 83.19 33.40 -2.25
C PHE F 84 82.65 32.57 -3.42
N PHE F 85 83.40 32.53 -4.53
CA PHE F 85 83.03 31.71 -5.68
C PHE F 85 83.67 30.34 -5.52
N ASP F 86 83.25 29.65 -4.45
CA ASP F 86 83.87 28.39 -4.06
C ASP F 86 83.38 27.25 -4.94
N THR F 87 83.87 26.05 -4.65
CA THR F 87 83.55 24.87 -5.43
C THR F 87 82.16 24.32 -5.15
N ALA F 88 81.42 24.91 -4.21
CA ALA F 88 80.04 24.51 -4.00
C ALA F 88 79.13 25.03 -5.12
N THR F 89 79.53 26.11 -5.79
CA THR F 89 78.74 26.67 -6.88
C THR F 89 79.35 26.34 -8.25
N GLY F 90 80.20 25.33 -8.33
CA GLY F 90 80.69 24.83 -9.60
C GLY F 90 81.77 25.64 -10.27
N ILE F 91 82.03 26.87 -9.83
CA ILE F 91 82.99 27.73 -10.49
C ILE F 91 84.40 27.30 -10.13
N ASP F 92 85.23 27.05 -11.13
CA ASP F 92 86.63 26.72 -10.94
C ASP F 92 87.48 27.93 -11.29
N LEU F 93 88.44 28.24 -10.42
CA LEU F 93 89.26 29.43 -10.56
C LEU F 93 90.75 29.10 -10.46
N THR F 94 91.15 27.96 -11.04
CA THR F 94 92.55 27.58 -10.98
C THR F 94 93.38 28.28 -12.04
N LYS F 95 92.82 28.37 -13.25
CA LYS F 95 93.54 28.89 -14.40
C LYS F 95 93.29 30.38 -14.64
N GLY F 96 92.64 31.06 -13.68
CA GLY F 96 92.44 32.48 -13.75
C GLY F 96 91.02 32.91 -14.11
N ILE F 97 90.37 32.19 -15.02
CA ILE F 97 89.03 32.56 -15.48
C ILE F 97 88.02 31.63 -14.80
N PRO F 98 86.77 32.05 -14.63
CA PRO F 98 85.76 31.12 -14.11
C PRO F 98 85.38 30.08 -15.14
N LEU F 99 85.22 28.84 -14.69
CA LEU F 99 84.95 27.70 -15.57
C LEU F 99 83.86 26.84 -14.94
N VAL F 100 82.75 26.67 -15.66
CA VAL F 100 81.67 25.79 -15.25
C VAL F 100 81.59 24.68 -16.29
N GLN F 101 81.36 23.45 -15.82
CA GLN F 101 81.58 22.27 -16.65
C GLN F 101 80.56 22.13 -17.77
N ASP F 102 79.29 21.92 -17.40
CA ASP F 102 78.30 21.50 -18.38
C ASP F 102 77.08 22.41 -18.44
N LEU F 103 77.31 23.71 -18.56
CA LEU F 103 76.22 24.67 -18.53
C LEU F 103 75.79 25.09 -19.94
N LEU F 104 76.71 25.63 -20.74
CA LEU F 104 76.45 25.93 -22.14
C LEU F 104 77.48 25.19 -22.99
N VAL F 105 77.14 23.99 -23.43
CA VAL F 105 78.04 23.21 -24.26
C VAL F 105 77.57 23.23 -25.70
N PRO F 106 78.47 23.28 -26.68
CA PRO F 106 78.07 23.13 -28.07
C PRO F 106 77.90 21.67 -28.43
N ILE F 107 77.27 21.44 -29.57
CA ILE F 107 77.02 20.10 -30.06
C ILE F 107 77.61 19.96 -31.45
N GLY F 108 77.80 18.71 -31.87
CA GLY F 108 78.37 18.43 -33.17
C GLY F 108 79.83 18.80 -33.29
N VAL F 109 80.61 18.64 -32.21
CA VAL F 109 82.02 18.97 -32.22
C VAL F 109 82.81 17.75 -31.76
N THR F 110 84.13 17.84 -31.92
CA THR F 110 85.03 16.82 -31.41
C THR F 110 85.07 16.90 -29.90
N ALA F 111 85.36 15.77 -29.25
CA ALA F 111 85.17 15.53 -27.81
C ALA F 111 85.93 16.47 -26.89
N GLY F 112 86.89 17.25 -27.38
CA GLY F 112 87.58 18.21 -26.55
C GLY F 112 87.25 19.67 -26.80
N ALA F 113 86.23 19.95 -27.60
CA ALA F 113 85.95 21.31 -28.07
C ALA F 113 84.90 22.04 -27.25
N GLU F 114 84.58 21.55 -26.06
CA GLU F 114 83.64 22.24 -25.18
C GLU F 114 84.34 23.08 -24.13
N GLN F 115 85.68 23.12 -24.14
CA GLN F 115 86.41 23.82 -23.10
C GLN F 115 86.37 25.33 -23.26
N SER F 116 86.28 25.82 -24.50
CA SER F 116 86.25 27.26 -24.70
C SER F 116 84.92 27.87 -24.29
N ALA F 117 83.84 27.09 -24.34
CA ALA F 117 82.55 27.56 -23.87
C ALA F 117 82.37 27.38 -22.37
N GLU F 118 83.41 26.97 -21.65
CA GLU F 118 83.35 26.96 -20.20
C GLU F 118 83.67 28.32 -19.60
N TYR F 119 84.20 29.24 -20.39
CA TYR F 119 84.41 30.61 -19.91
C TYR F 119 83.12 31.42 -19.93
N VAL F 120 82.31 31.24 -20.97
CA VAL F 120 81.06 31.98 -21.08
C VAL F 120 80.07 31.51 -20.04
N SER F 121 80.01 30.19 -19.83
CA SER F 121 79.22 29.63 -18.76
C SER F 121 79.78 29.97 -17.40
N GLY F 122 81.08 30.27 -17.31
CA GLY F 122 81.62 30.78 -16.07
C GLY F 122 81.11 32.18 -15.77
N LEU F 123 81.07 33.03 -16.79
CA LEU F 123 80.57 34.39 -16.60
C LEU F 123 79.07 34.47 -16.40
N LEU F 124 78.33 33.38 -16.65
CA LEU F 124 76.94 33.37 -16.23
C LEU F 124 76.82 33.11 -14.74
N MET F 125 77.54 32.11 -14.23
CA MET F 125 77.44 31.78 -12.82
C MET F 125 78.10 32.82 -11.93
N VAL F 126 79.11 33.54 -12.44
CA VAL F 126 79.62 34.68 -11.70
C VAL F 126 78.60 35.81 -11.71
N LEU F 127 77.90 35.98 -12.83
CA LEU F 127 76.78 36.91 -12.85
C LEU F 127 75.62 36.41 -11.99
N PHE F 128 75.41 35.09 -11.97
CA PHE F 128 74.29 34.52 -11.25
C PHE F 128 74.49 34.57 -9.74
N LYS F 129 75.73 34.41 -9.28
CA LYS F 129 75.96 34.41 -7.84
C LYS F 129 75.92 35.82 -7.27
N VAL F 130 76.30 36.82 -8.06
CA VAL F 130 76.11 38.21 -7.64
C VAL F 130 74.63 38.58 -7.68
N MET F 131 73.89 38.03 -8.64
CA MET F 131 72.48 38.36 -8.80
C MET F 131 71.63 37.81 -7.67
N THR F 132 71.99 36.63 -7.15
CA THR F 132 71.30 36.04 -6.02
C THR F 132 72.14 36.18 -4.75
N ASP F 133 72.86 37.29 -4.60
CA ASP F 133 73.61 37.58 -3.39
C ASP F 133 72.74 38.47 -2.52
N ASN F 134 72.04 37.84 -1.58
CA ASN F 134 71.15 38.56 -0.68
C ASN F 134 71.73 38.75 0.71
N ARG F 135 73.02 39.05 0.80
CA ARG F 135 73.66 39.22 2.09
C ARG F 135 73.29 40.58 2.69
N LEU F 136 73.28 40.62 4.02
CA LEU F 136 72.90 41.82 4.77
C LEU F 136 73.82 41.90 5.97
N VAL F 137 74.70 42.89 5.99
CA VAL F 137 75.86 42.88 6.87
C VAL F 137 75.46 43.36 8.27
N ILE F 138 75.80 42.57 9.28
CA ILE F 138 75.64 42.94 10.67
C ILE F 138 77.03 43.18 11.25
N VAL F 139 77.13 44.17 12.15
CA VAL F 139 78.40 44.58 12.74
C VAL F 139 79.02 43.42 13.50
N GLY F 140 80.21 43.00 13.07
CA GLY F 140 80.87 41.86 13.67
C GLY F 140 81.69 42.20 14.89
N GLU F 141 82.84 41.54 15.04
CA GLU F 141 83.69 41.69 16.21
C GLU F 141 84.59 42.91 16.02
N THR F 142 83.98 44.09 16.10
CA THR F 142 84.72 45.34 15.96
C THR F 142 85.44 45.64 17.26
N THR F 143 86.73 45.93 17.14
CA THR F 143 87.54 46.35 18.27
C THR F 143 87.82 47.85 18.16
N THR F 144 88.18 48.44 19.28
CA THR F 144 88.42 49.88 19.36
C THR F 144 89.80 50.12 19.97
N PRO F 145 90.73 50.71 19.25
CA PRO F 145 92.08 50.92 19.78
C PRO F 145 92.20 52.24 20.52
N MET F 146 93.19 52.29 21.40
CA MET F 146 93.57 53.56 22.01
C MET F 146 94.36 54.37 21.01
N SER F 147 94.20 55.69 21.05
CA SER F 147 94.94 56.52 20.10
C SER F 147 96.41 56.61 20.48
N ASN F 148 96.75 56.47 21.76
CA ASN F 148 98.14 56.53 22.20
C ASN F 148 98.84 55.18 22.13
N THR F 149 98.23 54.19 21.47
CA THR F 149 98.91 52.95 21.17
C THR F 149 99.21 52.80 19.68
N LEU F 150 98.64 53.65 18.84
CA LEU F 150 98.83 53.58 17.40
C LEU F 150 99.79 54.68 16.97
N SER F 151 100.68 54.34 16.04
CA SER F 151 101.59 55.31 15.45
C SER F 151 100.81 56.30 14.60
N THR F 152 101.40 57.49 14.42
CA THR F 152 100.65 58.62 13.87
C THR F 152 100.37 58.50 12.38
N VAL F 153 100.99 57.55 11.69
CA VAL F 153 100.62 57.30 10.30
C VAL F 153 99.34 56.48 10.21
N VAL F 154 98.96 55.81 11.30
CA VAL F 154 97.75 54.98 11.31
C VAL F 154 96.64 55.77 11.98
N ASN F 155 97.01 56.71 12.85
CA ASN F 155 96.01 57.50 13.57
C ASN F 155 95.30 58.48 12.66
N ASN F 156 95.97 58.94 11.59
CA ASN F 156 95.29 59.75 10.60
C ASN F 156 94.40 58.93 9.68
N VAL F 157 94.54 57.61 9.73
CA VAL F 157 93.79 56.71 8.87
C VAL F 157 92.55 56.19 9.59
N LEU F 158 92.73 55.78 10.84
CA LEU F 158 91.72 54.99 11.53
C LEU F 158 90.59 55.87 12.03
N ARG F 159 89.36 55.51 11.65
CA ARG F 159 88.15 56.21 12.11
C ARG F 159 87.53 55.45 13.28
N THR F 160 88.16 55.60 14.45
CA THR F 160 87.60 55.39 15.79
C THR F 160 87.37 53.92 16.15
N THR F 161 87.41 53.01 15.16
CA THR F 161 87.24 51.57 15.35
C THR F 161 87.54 50.89 14.03
N TYR F 162 87.56 49.55 14.07
CA TYR F 162 87.81 48.73 12.88
C TYR F 162 87.41 47.29 13.18
N HIS F 163 86.98 46.58 12.14
CA HIS F 163 86.73 45.15 12.26
C HIS F 163 88.03 44.40 12.42
N ASN F 164 87.98 43.25 13.11
CA ASN F 164 89.18 42.44 13.30
C ASN F 164 89.69 41.87 11.99
N ASN F 165 88.79 41.50 11.08
CA ASN F 165 89.19 41.06 9.75
C ASN F 165 89.38 42.32 8.91
N VAL F 166 90.56 42.93 9.03
CA VAL F 166 90.80 44.24 8.40
C VAL F 166 90.95 44.17 6.90
N GLY F 167 91.13 42.99 6.33
CA GLY F 167 91.34 42.93 4.90
C GLY F 167 92.75 43.36 4.52
N VAL F 168 92.93 43.58 3.23
CA VAL F 168 94.23 43.87 2.62
C VAL F 168 94.05 45.06 1.70
N ASN F 169 94.88 46.10 1.87
CA ASN F 169 94.76 47.28 1.05
C ASN F 169 96.13 47.97 1.02
N PRO F 170 96.69 48.25 -0.16
CA PRO F 170 98.03 48.84 -0.23
C PRO F 170 98.16 50.25 0.32
N ALA F 171 97.07 50.92 0.70
CA ALA F 171 97.20 52.23 1.34
C ALA F 171 97.75 52.12 2.75
N LEU F 172 97.66 50.95 3.38
CA LEU F 172 98.23 50.75 4.71
C LEU F 172 99.73 50.55 4.68
N LEU F 173 100.34 50.41 3.50
CA LEU F 173 101.78 50.26 3.37
C LEU F 173 102.53 51.58 3.51
N ARG F 174 101.85 52.67 3.84
CA ARG F 174 102.50 53.95 4.07
C ARG F 174 103.32 53.87 5.34
N ASP F 175 104.65 53.98 5.20
CA ASP F 175 105.63 53.93 6.29
C ASP F 175 105.54 52.63 7.08
N PHE F 176 105.41 51.52 6.37
CA PHE F 176 105.58 50.19 6.95
C PHE F 176 106.37 49.23 6.10
N THR F 177 106.62 49.54 4.83
CA THR F 177 107.34 48.61 3.98
C THR F 177 108.83 48.95 3.96
N GLN F 178 109.63 47.95 3.60
CA GLN F 178 111.06 48.12 3.44
C GLN F 178 111.41 48.80 2.13
N VAL F 179 110.51 48.78 1.17
CA VAL F 179 110.78 49.25 -0.19
C VAL F 179 110.64 50.76 -0.22
N ASN F 180 111.64 51.44 -0.77
CA ASN F 180 111.68 52.90 -0.65
C ASN F 180 110.92 53.60 -1.77
N TRP F 181 110.93 53.06 -3.00
CA TRP F 181 110.20 53.71 -4.07
C TRP F 181 108.69 53.48 -3.93
N LEU F 182 108.29 52.35 -3.36
CA LEU F 182 106.87 52.12 -3.10
C LEU F 182 106.37 53.05 -2.02
N ASN F 183 107.18 53.28 -0.99
CA ASN F 183 106.78 54.17 0.10
C ASN F 183 106.72 55.61 -0.36
N ARG F 184 107.49 55.95 -1.39
CA ARG F 184 107.41 57.31 -1.94
C ARG F 184 106.21 57.46 -2.86
N ASP F 185 105.90 56.43 -3.65
CA ASP F 185 104.82 56.54 -4.62
C ASP F 185 103.45 56.47 -3.96
N ILE F 186 103.32 55.74 -2.85
CA ILE F 186 102.05 55.71 -2.15
C ILE F 186 101.84 56.99 -1.36
N THR F 187 102.89 57.51 -0.73
CA THR F 187 102.78 58.76 0.02
C THR F 187 102.53 59.95 -0.91
N ASN F 188 103.09 59.91 -2.12
CA ASN F 188 102.82 60.97 -3.08
C ASN F 188 101.39 60.88 -3.60
N MET F 189 100.84 59.67 -3.70
CA MET F 189 99.46 59.52 -4.13
C MET F 189 98.48 59.87 -3.00
N LEU F 190 98.74 59.43 -1.77
CA LEU F 190 97.79 59.67 -0.69
C LEU F 190 97.78 61.12 -0.22
N GLN F 191 98.80 61.91 -0.55
CA GLN F 191 98.79 63.33 -0.27
C GLN F 191 98.20 64.16 -1.40
N GLN F 192 97.56 63.52 -2.38
CA GLN F 192 96.78 64.27 -3.35
C GLN F 192 95.46 64.73 -2.73
N ALA F 193 94.78 65.63 -3.43
CA ALA F 193 93.48 66.09 -2.96
C ALA F 193 92.36 65.13 -3.32
N GLY F 194 92.49 64.41 -4.43
CA GLY F 194 91.41 63.58 -4.93
C GLY F 194 91.28 62.23 -4.27
N THR F 195 92.08 61.94 -3.25
CA THR F 195 91.96 60.68 -2.54
C THR F 195 92.31 60.88 -1.07
N LYS F 196 91.62 60.14 -0.22
CA LYS F 196 91.82 60.26 1.23
C LYS F 196 91.38 58.92 1.84
N TYR F 197 92.36 58.09 2.20
CA TYR F 197 92.08 56.77 2.71
C TYR F 197 91.68 56.80 4.18
N GLY F 198 90.63 56.05 4.50
CA GLY F 198 90.16 55.93 5.87
C GLY F 198 89.78 54.48 6.16
N LEU F 199 89.54 54.21 7.44
CA LEU F 199 89.27 52.85 7.88
C LEU F 199 88.42 52.92 9.13
N GLY F 200 87.15 52.50 9.03
CA GLY F 200 86.32 52.42 10.21
C GLY F 200 85.06 53.27 10.22
N LEU F 201 84.64 53.68 11.41
CA LEU F 201 83.32 54.27 11.63
C LEU F 201 83.23 55.65 11.00
N THR F 202 82.41 55.79 9.96
CA THR F 202 82.21 57.06 9.28
C THR F 202 80.90 57.73 9.67
N GLU F 203 79.78 57.04 9.50
CA GLU F 203 78.46 57.60 9.75
C GLU F 203 77.76 56.81 10.84
N THR F 204 76.91 57.50 11.60
CA THR F 204 76.21 56.88 12.73
C THR F 204 74.82 57.46 12.80
N ARG F 205 73.82 56.67 12.42
CA ARG F 205 72.43 57.11 12.40
C ARG F 205 71.79 56.74 13.73
N LEU F 206 71.62 57.72 14.61
CA LEU F 206 70.90 57.50 15.85
C LEU F 206 69.41 57.36 15.56
N ASP F 207 68.71 56.62 16.41
CA ASP F 207 67.30 56.41 16.21
C ASP F 207 66.52 57.65 16.65
N TYR F 208 65.37 57.86 16.00
CA TYR F 208 64.61 59.08 16.21
C TYR F 208 63.85 59.09 17.53
N VAL F 209 63.52 57.93 18.10
CA VAL F 209 62.73 57.85 19.31
C VAL F 209 63.54 57.27 20.46
N ARG F 210 64.14 56.10 20.25
CA ARG F 210 64.88 55.43 21.32
C ARG F 210 66.24 56.06 21.60
N LEU F 211 66.80 56.80 20.63
CA LEU F 211 68.14 57.40 20.69
C LEU F 211 69.23 56.36 20.96
N VAL F 212 69.22 55.28 20.20
CA VAL F 212 70.33 54.33 20.16
C VAL F 212 70.86 54.28 18.74
N LYS F 213 72.05 53.72 18.59
CA LYS F 213 72.64 53.60 17.28
C LYS F 213 71.99 52.45 16.51
N THR F 214 71.65 52.72 15.25
CA THR F 214 70.99 51.72 14.41
C THR F 214 71.82 51.32 13.20
N ILE F 215 72.22 52.27 12.36
CA ILE F 215 72.88 52.00 11.10
C ILE F 215 74.21 52.73 11.08
N VAL F 216 75.29 51.99 10.94
CA VAL F 216 76.62 52.58 10.83
C VAL F 216 77.22 52.18 9.49
N GLY F 217 78.19 52.98 9.05
CA GLY F 217 78.93 52.67 7.85
C GLY F 217 80.42 52.59 8.10
N HIS F 218 80.98 51.39 8.06
CA HIS F 218 82.40 51.18 8.31
C HIS F 218 83.17 51.15 7.00
N ALA F 219 84.24 51.93 6.94
CA ALA F 219 85.12 51.91 5.78
C ALA F 219 85.92 50.61 5.80
N LEU F 220 85.45 49.63 5.04
CA LEU F 220 86.06 48.30 5.04
C LEU F 220 87.21 48.25 4.05
N ASN F 221 87.67 47.05 3.75
CA ASN F 221 88.65 46.81 2.69
C ASN F 221 88.04 45.74 1.79
N ILE F 222 87.26 46.20 0.82
CA ILE F 222 86.44 45.34 -0.01
C ILE F 222 86.17 46.09 -1.31
N ASP F 223 86.11 45.34 -2.42
CA ASP F 223 85.93 45.95 -3.73
C ASP F 223 84.53 46.54 -3.87
N HIS F 224 84.40 47.51 -4.77
CA HIS F 224 83.16 48.25 -4.90
C HIS F 224 82.07 47.48 -5.61
N PHE F 225 82.38 46.35 -6.24
CA PHE F 225 81.33 45.51 -6.80
C PHE F 225 80.60 44.74 -5.72
N ALA F 226 81.33 44.26 -4.71
CA ALA F 226 80.66 43.60 -3.60
C ALA F 226 80.04 44.61 -2.64
N ALA F 227 80.65 45.79 -2.55
CA ALA F 227 80.13 46.77 -1.60
C ALA F 227 78.87 47.46 -2.12
N SER F 228 78.71 47.55 -3.44
CA SER F 228 77.48 48.11 -3.98
C SER F 228 76.33 47.13 -3.84
N VAL F 229 76.61 45.83 -3.86
CA VAL F 229 75.57 44.84 -3.63
C VAL F 229 75.15 44.86 -2.16
N LEU F 230 76.11 45.01 -1.25
CA LEU F 230 75.78 45.06 0.17
C LEU F 230 75.11 46.37 0.58
N ASN F 231 75.20 47.40 -0.25
CA ASN F 231 74.50 48.65 0.04
C ASN F 231 73.12 48.73 -0.60
N ILE F 232 72.88 47.98 -1.67
CA ILE F 232 71.54 47.90 -2.23
C ILE F 232 70.62 47.10 -1.31
N ASN F 233 71.15 46.03 -0.71
CA ASN F 233 70.35 45.24 0.22
C ASN F 233 70.04 46.00 1.50
N LEU F 234 70.82 47.03 1.82
CA LEU F 234 70.53 47.80 3.02
C LEU F 234 69.69 49.03 2.69
N ARG F 235 69.84 49.60 1.49
CA ARG F 235 69.06 50.79 1.16
C ARG F 235 67.60 50.48 0.83
N ALA F 236 67.25 49.20 0.69
CA ALA F 236 65.86 48.84 0.49
C ALA F 236 65.24 48.18 1.72
N LEU F 237 66.05 47.79 2.70
CA LEU F 237 65.54 47.27 3.94
C LEU F 237 65.18 48.39 4.90
N MET F 238 65.96 49.46 4.92
CA MET F 238 65.70 50.58 5.81
C MET F 238 64.81 51.64 5.20
N GLU F 239 64.92 51.88 3.89
CA GLU F 239 64.05 52.83 3.20
C GLU F 239 62.81 52.17 2.62
N ALA F 240 62.40 51.02 3.14
CA ALA F 240 61.07 50.51 2.85
C ALA F 240 60.03 51.08 3.80
N ASN F 241 60.47 51.56 4.98
CA ASN F 241 59.66 52.27 5.97
C ASN F 241 58.50 51.44 6.50
N VAL F 242 58.63 50.12 6.47
CA VAL F 242 57.62 49.22 7.04
C VAL F 242 58.30 48.35 8.09
N THR F 243 57.69 48.28 9.26
CA THR F 243 58.30 47.61 10.40
C THR F 243 57.87 46.14 10.40
N ALA F 244 58.16 45.46 11.50
CA ALA F 244 57.64 44.11 11.68
C ALA F 244 56.21 44.11 12.21
N ASP F 245 55.66 45.28 12.55
CA ASP F 245 54.28 45.36 12.99
C ASP F 245 53.28 45.31 11.83
N ASP F 246 53.74 45.29 10.59
CA ASP F 246 52.86 45.12 9.45
C ASP F 246 52.62 43.66 9.10
N ARG F 247 53.21 42.74 9.88
CA ARG F 247 52.79 41.36 9.87
C ARG F 247 51.39 41.20 10.43
N ILE F 248 50.97 42.13 11.29
CA ILE F 248 49.63 42.14 11.87
C ILE F 248 48.58 42.35 10.78
N LYS F 249 48.91 43.16 9.77
CA LYS F 249 48.02 43.35 8.62
C LYS F 249 47.84 42.04 7.86
N ALA F 250 48.88 41.21 7.80
CA ALA F 250 48.73 39.90 7.17
C ALA F 250 48.00 38.92 8.08
N LEU F 251 47.88 39.23 9.38
CA LEU F 251 47.10 38.37 10.26
C LEU F 251 45.63 38.73 10.27
N GLN F 252 45.31 40.03 10.16
CA GLN F 252 43.92 40.46 10.07
C GLN F 252 43.23 39.96 8.82
N ALA F 253 43.99 39.63 7.78
CA ALA F 253 43.40 39.05 6.60
C ALA F 253 43.11 37.58 6.79
N HIS F 254 44.01 36.84 7.45
CA HIS F 254 43.87 35.40 7.58
C HIS F 254 43.06 34.97 8.80
N SER F 255 42.72 35.88 9.69
CA SER F 255 41.84 35.55 10.80
C SER F 255 40.42 36.03 10.47
N MET F 256 39.52 35.90 11.44
CA MET F 256 38.13 36.28 11.24
C MET F 256 37.99 37.79 11.10
N ILE F 257 36.83 38.20 10.60
CA ILE F 257 36.57 39.60 10.33
C ILE F 257 36.27 40.31 11.65
N SER F 258 36.69 41.58 11.75
CA SER F 258 36.50 42.47 12.90
C SER F 258 37.13 41.90 14.17
N THR F 259 38.25 41.20 14.03
CA THR F 259 39.05 40.81 15.17
C THR F 259 40.05 41.93 15.50
N GLN F 260 40.78 41.75 16.60
CA GLN F 260 41.72 42.76 17.05
C GLN F 260 43.07 42.13 17.35
N PHE F 261 44.12 42.93 17.19
CA PHE F 261 45.48 42.53 17.51
C PHE F 261 46.17 43.68 18.21
N HIS F 262 46.61 43.46 19.45
CA HIS F 262 47.17 44.52 20.26
C HIS F 262 48.67 44.33 20.44
N GLY F 263 49.42 45.42 20.33
CA GLY F 263 50.83 45.41 20.58
C GLY F 263 51.62 44.74 19.47
N PRO F 264 52.94 44.62 19.65
CA PRO F 264 53.73 45.11 20.78
C PRO F 264 54.27 46.52 20.58
N ASN F 265 54.02 47.10 19.39
CA ASN F 265 54.52 48.42 18.98
C ASN F 265 56.04 48.50 19.08
N GLN F 266 56.70 47.69 18.27
CA GLN F 266 58.16 47.61 18.28
C GLN F 266 58.81 48.85 17.67
N GLY F 267 58.11 49.57 16.80
CA GLY F 267 58.72 50.74 16.24
C GLY F 267 59.66 50.40 15.09
N ALA F 268 60.49 51.38 14.74
CA ALA F 268 61.37 51.26 13.58
C ALA F 268 62.66 50.51 13.87
N LEU F 269 62.87 50.04 15.10
CA LEU F 269 64.06 49.24 15.38
C LEU F 269 63.97 47.84 14.79
N ARG F 270 62.78 47.36 14.43
CA ARG F 270 62.59 46.03 13.86
C ARG F 270 61.99 46.17 12.47
N PRO F 271 62.81 46.40 11.44
CA PRO F 271 62.29 46.55 10.08
C PRO F 271 62.19 45.20 9.37
N GLU F 272 61.36 45.20 8.33
CA GLU F 272 61.15 44.03 7.49
C GLU F 272 60.75 44.56 6.12
N LEU F 273 61.11 43.82 5.07
CA LEU F 273 60.66 44.18 3.74
C LEU F 273 59.15 44.04 3.63
N ALA F 274 58.55 44.88 2.80
CA ALA F 274 57.14 44.73 2.50
C ALA F 274 56.93 43.47 1.67
N PHE F 275 55.78 42.83 1.88
CA PHE F 275 55.46 41.64 1.11
C PHE F 275 55.20 42.04 -0.33
N ASP F 276 56.08 41.57 -1.22
CA ASP F 276 56.21 42.13 -2.57
C ASP F 276 54.98 41.80 -3.39
N HIS F 277 54.28 42.83 -3.85
CA HIS F 277 53.05 42.62 -4.59
C HIS F 277 53.33 42.22 -6.03
N ASP F 278 54.24 42.93 -6.70
CA ASP F 278 54.42 42.79 -8.13
C ASP F 278 55.14 41.51 -8.52
N HIS F 279 55.90 40.90 -7.62
CA HIS F 279 56.66 39.71 -7.95
C HIS F 279 55.91 38.42 -7.64
N ILE F 280 55.04 38.43 -6.63
CA ILE F 280 54.33 37.21 -6.26
C ILE F 280 53.17 36.96 -7.22
N ILE F 281 52.47 38.03 -7.63
CA ILE F 281 51.38 37.87 -8.58
C ILE F 281 51.93 37.57 -9.97
N ARG F 282 53.17 37.96 -10.27
CA ARG F 282 53.72 37.67 -11.58
C ARG F 282 54.24 36.25 -11.66
N CYS F 283 54.62 35.67 -10.53
CA CYS F 283 55.11 34.30 -10.51
C CYS F 283 54.02 33.28 -10.23
N LEU F 284 52.89 33.68 -9.66
CA LEU F 284 51.74 32.79 -9.60
C LEU F 284 51.14 32.52 -10.97
N MET F 285 51.36 33.40 -11.94
CA MET F 285 50.80 33.14 -13.26
C MET F 285 51.67 32.17 -14.05
N LEU F 286 52.97 32.09 -13.77
CA LEU F 286 53.74 30.97 -14.31
C LEU F 286 53.40 29.69 -13.58
N ALA F 287 53.24 29.76 -12.26
CA ALA F 287 52.96 28.57 -11.48
C ALA F 287 51.55 28.05 -11.74
N ALA F 288 50.65 28.91 -12.23
CA ALA F 288 49.38 28.43 -12.73
C ALA F 288 49.49 27.92 -14.17
N ALA F 289 50.57 28.23 -14.86
CA ALA F 289 50.74 27.78 -16.24
C ALA F 289 51.52 26.47 -16.31
N ASN F 290 52.72 26.45 -15.72
CA ASN F 290 53.57 25.26 -15.82
C ASN F 290 53.04 24.13 -14.95
N TYR F 291 52.50 24.42 -13.77
CA TYR F 291 52.07 23.41 -12.81
C TYR F 291 50.58 23.56 -12.58
N PRO F 292 49.74 22.91 -13.39
CA PRO F 292 48.29 23.05 -13.21
C PRO F 292 47.72 22.29 -12.03
N ARG F 293 48.56 21.61 -11.24
CA ARG F 293 48.11 21.02 -9.98
C ARG F 293 48.05 22.04 -8.86
N LEU F 294 48.35 23.32 -9.14
CA LEU F 294 48.40 24.35 -8.11
C LEU F 294 47.03 24.64 -7.53
N GLU F 295 45.95 24.37 -8.28
CA GLU F 295 44.62 24.45 -7.71
C GLU F 295 44.42 23.43 -6.60
N GLY F 296 45.08 22.28 -6.70
CA GLY F 296 45.00 21.26 -5.68
C GLY F 296 45.62 21.67 -4.35
N ILE F 297 46.53 22.63 -4.37
CA ILE F 297 47.09 23.14 -3.11
C ILE F 297 46.17 24.21 -2.52
N ILE F 298 45.76 25.17 -3.34
CA ILE F 298 45.02 26.33 -2.85
C ILE F 298 43.62 25.93 -2.38
N VAL F 299 43.04 24.90 -2.99
CA VAL F 299 41.82 24.33 -2.44
C VAL F 299 42.10 23.64 -1.11
N GLN F 300 43.22 22.92 -1.01
CA GLN F 300 43.52 22.16 0.19
C GLN F 300 43.88 23.06 1.36
N ILE F 301 44.44 24.24 1.09
CA ILE F 301 44.61 25.23 2.15
C ILE F 301 43.24 25.76 2.58
N ASN F 302 42.36 26.02 1.62
CA ASN F 302 41.03 26.54 1.94
C ASN F 302 40.13 25.46 2.52
N THR F 303 40.36 24.18 2.16
CA THR F 303 39.60 23.10 2.77
C THR F 303 40.00 22.93 4.23
N GLY F 304 41.30 23.02 4.52
CA GLY F 304 41.78 22.92 5.89
C GLY F 304 41.37 24.08 6.78
N TYR F 305 40.94 25.19 6.18
CA TYR F 305 40.41 26.27 6.99
C TYR F 305 38.96 26.00 7.40
N VAL F 306 38.16 25.47 6.47
CA VAL F 306 36.74 25.24 6.76
C VAL F 306 36.57 24.12 7.76
N ALA F 307 37.35 23.04 7.62
CA ALA F 307 37.25 21.92 8.54
C ALA F 307 37.78 22.26 9.92
N SER F 308 38.67 23.25 10.02
CA SER F 308 39.18 23.68 11.31
C SER F 308 38.27 24.69 11.99
N ALA F 309 37.34 25.29 11.25
CA ALA F 309 36.42 26.25 11.83
C ALA F 309 35.23 25.61 12.52
N ASN F 310 34.97 24.32 12.24
CA ASN F 310 33.87 23.53 12.79
C ASN F 310 32.53 24.20 12.50
N VAL F 311 32.24 24.31 11.21
CA VAL F 311 31.14 25.11 10.72
C VAL F 311 29.94 24.27 10.32
N ILE F 312 30.16 23.04 9.86
CA ILE F 312 29.09 22.10 9.52
C ILE F 312 29.50 20.72 10.02
N ARG F 313 28.68 20.13 10.87
CA ARG F 313 28.92 18.79 11.38
C ARG F 313 27.78 17.89 10.92
N PRO F 314 28.07 16.80 10.22
CA PRO F 314 26.99 15.91 9.76
C PRO F 314 26.44 15.07 10.89
N VAL F 315 25.12 14.93 10.93
CA VAL F 315 24.44 14.16 11.95
C VAL F 315 23.82 12.95 11.27
N SER F 316 23.42 11.96 12.07
CA SER F 316 22.87 10.71 11.56
C SER F 316 21.35 10.65 11.65
N GLU F 317 20.68 11.79 11.58
CA GLU F 317 19.23 11.84 11.58
C GLU F 317 18.74 12.51 10.30
N LYS F 318 17.80 11.85 9.62
CA LYS F 318 17.33 12.29 8.30
C LYS F 318 15.92 12.82 8.42
N ARG F 319 15.70 14.07 8.02
CA ARG F 319 14.36 14.66 8.04
C ARG F 319 13.99 15.19 6.65
N TYR F 320 14.19 14.34 5.63
CA TYR F 320 13.80 14.69 4.27
C TYR F 320 12.29 14.82 4.10
N PHE F 321 11.51 14.19 4.95
CA PHE F 321 10.06 14.17 4.79
C PHE F 321 9.39 14.54 6.09
N PRO F 322 8.22 15.19 6.04
CA PRO F 322 7.50 15.49 7.28
C PRO F 322 6.88 14.24 7.88
N GLU F 323 6.26 14.38 9.05
CA GLU F 323 5.79 13.23 9.80
C GLU F 323 4.60 12.59 9.12
N ASN F 324 4.80 11.33 8.76
CA ASN F 324 3.80 10.50 8.14
C ASN F 324 3.26 11.15 6.90
N LEU F 325 4.16 11.68 6.08
CA LEU F 325 4.10 11.49 4.63
C LEU F 325 5.01 10.46 4.03
N GLU F 326 5.95 9.91 4.77
CA GLU F 326 6.83 8.91 4.17
C GLU F 326 6.09 7.67 3.72
N GLN F 327 5.11 7.26 4.52
CA GLN F 327 4.47 5.98 4.45
C GLN F 327 3.16 6.07 3.70
N ASN F 328 2.91 7.19 3.07
CA ASN F 328 1.57 7.47 2.63
C ASN F 328 1.48 7.26 1.14
N GLN F 329 0.54 6.45 0.71
CA GLN F 329 0.70 5.62 -0.46
C GLN F 329 0.87 6.47 -1.68
N SER F 330 0.12 7.56 -1.71
CA SER F 330 0.11 8.43 -2.87
C SER F 330 1.47 9.07 -3.12
N ALA F 331 2.29 9.22 -2.08
CA ALA F 331 3.59 9.84 -2.20
C ALA F 331 4.69 8.84 -2.50
N ALA F 332 4.34 7.63 -2.94
CA ALA F 332 5.36 6.62 -3.23
C ALA F 332 6.17 6.97 -4.47
N ARG F 333 5.58 7.71 -5.40
CA ARG F 333 6.32 8.17 -6.56
C ARG F 333 7.26 9.32 -6.19
N LEU F 334 6.91 10.09 -5.17
CA LEU F 334 7.72 11.25 -4.79
C LEU F 334 8.89 10.85 -3.88
N VAL F 335 8.68 9.90 -2.97
CA VAL F 335 9.75 9.53 -2.04
C VAL F 335 10.86 8.75 -2.73
N SER F 336 10.60 8.16 -3.90
CA SER F 336 11.67 7.50 -4.62
C SER F 336 12.57 8.49 -5.33
N ALA F 337 12.02 9.63 -5.78
CA ALA F 337 12.83 10.61 -6.49
C ALA F 337 13.73 11.38 -5.54
N VAL F 338 13.26 11.64 -4.31
CA VAL F 338 14.07 12.37 -3.35
C VAL F 338 15.19 11.50 -2.82
N LYS F 339 14.89 10.25 -2.47
CA LYS F 339 15.90 9.37 -1.90
C LYS F 339 16.94 8.93 -2.93
N ALA F 340 16.61 8.96 -4.22
CA ALA F 340 17.61 8.65 -5.24
C ALA F 340 18.60 9.79 -5.39
N ARG F 341 18.12 11.04 -5.31
CA ARG F 341 19.02 12.18 -5.47
C ARG F 341 19.82 12.45 -4.21
N ALA F 342 19.14 12.47 -3.08
CA ALA F 342 19.80 12.85 -1.84
C ALA F 342 20.81 11.80 -1.53
N SER F 343 21.94 12.22 -0.99
CA SER F 343 23.02 11.28 -0.74
C SER F 343 23.64 11.55 0.61
N GLU F 344 24.28 10.55 1.19
CA GLU F 344 24.68 10.63 2.57
C GLU F 344 25.70 11.76 2.75
N ALA F 345 25.60 12.44 3.88
CA ALA F 345 26.34 13.67 4.12
C ALA F 345 27.74 13.37 4.62
N ASP F 346 28.59 12.94 3.72
CA ASP F 346 30.03 12.85 3.93
C ASP F 346 30.60 14.21 4.34
N ILE F 347 31.38 14.20 5.42
CA ILE F 347 31.95 15.43 5.93
C ILE F 347 33.04 15.99 5.02
N SER F 348 33.63 15.15 4.17
CA SER F 348 34.78 15.55 3.37
C SER F 348 34.41 16.43 2.19
N SER F 349 33.20 16.30 1.64
CA SER F 349 32.84 17.03 0.43
C SER F 349 31.94 18.22 0.67
N ILE F 350 31.29 18.31 1.83
CA ILE F 350 30.61 19.54 2.20
C ILE F 350 31.65 20.63 2.49
N HIS F 351 32.78 20.23 3.06
CA HIS F 351 33.87 21.17 3.27
C HIS F 351 34.58 21.50 1.97
N LEU F 352 34.46 20.63 0.97
CA LEU F 352 35.08 20.91 -0.32
C LEU F 352 34.26 21.91 -1.12
N ALA F 353 32.93 21.80 -1.06
CA ALA F 353 32.07 22.66 -1.86
C ALA F 353 32.08 24.09 -1.35
N ILE F 354 32.29 24.27 -0.04
CA ILE F 354 32.45 25.60 0.50
C ILE F 354 33.77 26.21 0.04
N ALA F 355 34.84 25.41 0.05
CA ALA F 355 36.15 25.93 -0.28
C ALA F 355 36.32 26.15 -1.78
N ARG F 356 35.51 25.48 -2.61
CA ARG F 356 35.60 25.72 -4.04
C ARG F 356 35.00 27.06 -4.44
N GLU F 357 34.22 27.67 -3.56
CA GLU F 357 33.48 28.87 -3.93
C GLU F 357 34.40 30.09 -4.02
N VAL F 358 35.42 30.17 -3.18
CA VAL F 358 36.37 31.27 -3.23
C VAL F 358 37.73 30.82 -3.71
N SER F 359 37.85 29.56 -4.15
CA SER F 359 39.10 29.09 -4.73
C SER F 359 39.26 29.64 -6.13
N PRO F 360 40.49 29.78 -6.61
CA PRO F 360 40.71 30.05 -8.02
C PRO F 360 40.45 28.80 -8.85
N MET F 361 39.73 28.97 -9.95
CA MET F 361 39.43 27.88 -10.87
C MET F 361 40.47 27.88 -11.97
N PHE F 362 41.27 26.82 -12.03
CA PHE F 362 42.24 26.64 -13.11
C PHE F 362 41.82 25.55 -14.08
N ASN F 363 41.47 24.37 -13.58
CA ASN F 363 40.82 23.35 -14.38
C ASN F 363 39.34 23.67 -14.47
N VAL F 364 38.79 23.67 -15.68
CA VAL F 364 37.40 24.05 -15.89
C VAL F 364 36.50 22.97 -15.32
N HIS F 365 35.61 23.36 -14.42
CA HIS F 365 34.73 22.42 -13.74
C HIS F 365 33.68 21.88 -14.70
N GLU F 366 33.15 20.71 -14.37
CA GLU F 366 32.10 20.12 -15.17
C GLU F 366 31.14 19.36 -14.28
N LEU F 367 29.90 19.24 -14.73
CA LEU F 367 28.83 18.71 -13.91
C LEU F 367 28.81 17.19 -13.97
N LYS F 368 28.44 16.58 -12.84
CA LYS F 368 28.14 15.15 -12.80
C LYS F 368 26.95 14.86 -13.70
N LYS F 369 27.07 13.84 -14.53
CA LYS F 369 26.08 13.57 -15.58
C LYS F 369 24.78 13.09 -14.93
N ILE F 370 23.84 14.02 -14.74
CA ILE F 370 22.56 13.70 -14.13
C ILE F 370 21.65 13.12 -15.20
N ALA F 371 21.31 11.85 -15.06
CA ALA F 371 20.46 11.16 -16.01
C ALA F 371 19.06 11.08 -15.41
N GLU F 372 18.24 12.08 -15.72
CA GLU F 372 16.85 12.06 -15.32
C GLU F 372 15.97 12.26 -16.55
N SER F 373 14.67 12.02 -16.35
CA SER F 373 13.73 11.98 -17.45
C SER F 373 12.87 13.22 -17.57
N PHE F 374 12.51 13.85 -16.45
CA PHE F 374 11.47 14.87 -16.35
C PHE F 374 10.18 14.36 -17.00
N GLU F 375 9.74 13.20 -16.51
CA GLU F 375 8.56 12.49 -16.99
C GLU F 375 7.36 12.67 -16.09
N ASP F 376 7.50 12.30 -14.82
CA ASP F 376 6.39 12.41 -13.89
C ASP F 376 6.44 13.81 -13.26
N PRO F 377 5.31 14.29 -12.73
CA PRO F 377 5.35 15.50 -11.90
C PRO F 377 6.02 15.33 -10.54
N SER F 378 6.61 14.17 -10.24
CA SER F 378 7.47 14.00 -9.09
C SER F 378 8.93 14.34 -9.41
N SER F 379 9.21 14.77 -10.63
CA SER F 379 10.57 15.07 -11.06
C SER F 379 10.93 16.54 -10.87
N ILE F 380 10.23 17.24 -9.98
CA ILE F 380 10.60 18.60 -9.63
C ILE F 380 11.73 18.63 -8.61
N VAL F 381 12.11 17.46 -8.11
CA VAL F 381 13.17 17.34 -7.11
C VAL F 381 14.51 17.72 -7.71
N VAL F 382 14.68 17.49 -9.01
CA VAL F 382 15.92 17.88 -9.68
C VAL F 382 15.96 19.39 -9.87
N VAL F 383 14.82 20.04 -10.11
CA VAL F 383 14.80 21.48 -10.27
C VAL F 383 14.99 22.18 -8.92
N LEU F 384 14.39 21.64 -7.86
CA LEU F 384 14.64 22.15 -6.51
C LEU F 384 16.07 21.90 -6.06
N GLU F 385 16.72 20.88 -6.63
CA GLU F 385 18.13 20.66 -6.37
C GLU F 385 18.98 21.77 -6.98
N PHE F 386 18.55 22.30 -8.12
CA PHE F 386 19.33 23.34 -8.79
C PHE F 386 19.07 24.73 -8.23
N ILE F 387 17.88 24.96 -7.67
CA ILE F 387 17.63 26.23 -7.01
C ILE F 387 18.45 26.35 -5.74
N LEU F 388 18.49 25.27 -4.96
CA LEU F 388 19.31 25.25 -3.74
C LEU F 388 20.80 25.26 -4.06
N PHE F 389 21.18 24.76 -5.23
CA PHE F 389 22.58 24.87 -5.62
C PHE F 389 22.88 26.25 -6.18
N ALA F 390 21.85 27.00 -6.57
CA ALA F 390 22.06 28.36 -7.04
C ALA F 390 22.03 29.38 -5.91
N LEU F 391 21.34 29.08 -4.82
CA LEU F 391 21.30 29.99 -3.70
C LEU F 391 22.50 29.80 -2.78
N PHE F 392 22.83 28.55 -2.45
CA PHE F 392 23.92 28.27 -1.53
C PHE F 392 25.28 28.55 -2.15
N PHE F 393 25.50 28.09 -3.37
CA PHE F 393 26.80 28.20 -4.03
C PHE F 393 26.63 28.89 -5.38
N PRO F 394 26.37 30.21 -5.39
CA PRO F 394 26.14 30.89 -6.67
C PRO F 394 27.40 31.06 -7.50
N THR F 395 28.58 31.02 -6.88
CA THR F 395 29.81 31.05 -7.65
C THR F 395 30.01 29.75 -8.40
N GLU F 396 29.93 28.62 -7.69
CA GLU F 396 30.04 27.33 -8.36
C GLU F 396 28.80 27.00 -9.17
N PHE F 397 27.70 27.74 -8.99
CA PHE F 397 26.59 27.62 -9.94
C PHE F 397 26.98 28.19 -11.29
N ASN F 398 27.77 29.27 -11.30
CA ASN F 398 28.10 29.93 -12.55
C ASN F 398 29.05 29.08 -13.39
N ARG F 399 29.96 28.37 -12.73
CA ARG F 399 30.99 27.61 -13.43
C ARG F 399 30.41 26.39 -14.12
N ILE F 400 29.25 25.90 -13.70
CA ILE F 400 28.59 24.80 -14.37
C ILE F 400 27.16 25.16 -14.74
N LYS F 401 26.90 26.45 -14.99
CA LYS F 401 25.55 26.84 -15.38
C LYS F 401 25.20 26.38 -16.78
N GLY F 402 26.18 26.06 -17.60
CA GLY F 402 25.90 25.61 -18.94
C GLY F 402 25.41 24.18 -19.00
N ASP F 403 25.98 23.30 -18.16
CA ASP F 403 25.52 21.91 -18.15
C ASP F 403 24.17 21.78 -17.48
N ILE F 404 23.77 22.77 -16.69
CA ILE F 404 22.42 22.78 -16.15
C ILE F 404 21.41 23.13 -17.24
N GLN F 405 21.84 23.86 -18.27
CA GLN F 405 20.96 24.08 -19.42
C GLN F 405 20.77 22.78 -20.21
N ASN F 406 21.79 21.92 -20.26
CA ASN F 406 21.63 20.62 -20.90
C ASN F 406 20.66 19.72 -20.14
N VAL F 407 20.46 19.97 -18.85
CA VAL F 407 19.44 19.26 -18.09
C VAL F 407 18.10 19.95 -18.20
N LEU F 408 18.06 21.28 -18.06
CA LEU F 408 16.79 21.99 -18.00
C LEU F 408 16.13 22.15 -19.37
N LEU F 409 16.83 21.99 -20.47
CA LEU F 409 16.12 21.97 -21.74
C LEU F 409 15.40 20.66 -21.99
N LEU F 410 15.69 19.62 -21.22
CA LEU F 410 14.80 18.47 -21.17
C LEU F 410 13.60 18.73 -20.29
N PHE F 411 13.72 19.64 -19.32
CA PHE F 411 12.59 20.02 -18.48
C PHE F 411 11.56 20.84 -19.24
N PHE F 412 12.01 21.91 -19.91
CA PHE F 412 11.08 22.80 -20.59
C PHE F 412 10.50 22.19 -21.85
N SER F 413 11.20 21.26 -22.48
CA SER F 413 10.67 20.64 -23.69
C SER F 413 9.70 19.51 -23.41
N ARG F 414 9.39 19.25 -22.14
CA ARG F 414 8.42 18.23 -21.77
C ARG F 414 7.28 18.74 -20.93
N TRP F 415 7.39 19.93 -20.33
CA TRP F 415 6.28 20.50 -19.58
C TRP F 415 5.66 21.72 -20.23
N TYR F 416 6.46 22.53 -20.93
CA TYR F 416 5.97 23.68 -21.67
C TYR F 416 6.35 23.49 -23.13
N PRO F 417 5.61 22.68 -23.88
CA PRO F 417 6.06 22.32 -25.23
C PRO F 417 5.96 23.47 -26.23
N VAL F 418 4.96 24.33 -26.07
CA VAL F 418 4.82 25.46 -26.99
C VAL F 418 5.79 26.57 -26.60
N GLU F 419 6.03 26.74 -25.31
CA GLU F 419 6.94 27.78 -24.83
C GLU F 419 8.38 27.45 -25.18
N TYR F 420 8.72 26.16 -25.21
CA TYR F 420 10.06 25.74 -25.59
C TYR F 420 10.35 26.02 -27.05
N GLY F 421 9.34 25.87 -27.91
CA GLY F 421 9.54 26.14 -29.32
C GLY F 421 9.70 27.62 -29.61
N ILE F 422 9.11 28.46 -28.78
CA ILE F 422 9.31 29.90 -28.92
C ILE F 422 10.70 30.28 -28.43
N PHE F 423 11.20 29.57 -27.41
CA PHE F 423 12.47 29.94 -26.82
C PHE F 423 13.65 29.41 -27.64
N ILE F 424 13.51 28.22 -28.23
CA ILE F 424 14.67 27.58 -28.82
C ILE F 424 14.91 28.10 -30.23
N GLN F 425 13.95 28.83 -30.79
CA GLN F 425 14.18 29.44 -32.10
C GLN F 425 15.01 30.69 -31.94
N ARG F 426 15.01 31.27 -30.74
CA ARG F 426 15.87 32.43 -30.50
C ARG F 426 17.32 32.00 -30.39
N GLY F 427 17.57 30.92 -29.67
CA GLY F 427 18.90 30.36 -29.60
C GLY F 427 19.16 29.65 -28.28
N ALA F 428 20.02 28.65 -28.33
CA ALA F 428 20.48 27.96 -27.13
C ALA F 428 21.79 28.52 -26.60
N THR F 429 22.50 29.30 -27.41
CA THR F 429 23.69 30.02 -26.97
C THR F 429 23.62 31.45 -27.51
N TYR F 430 24.34 32.36 -26.87
CA TYR F 430 24.42 33.71 -27.39
C TYR F 430 25.78 34.30 -27.05
N THR F 431 26.20 35.27 -27.85
CA THR F 431 27.47 35.96 -27.67
C THR F 431 27.20 37.38 -27.21
N ILE F 432 28.26 38.16 -27.08
CA ILE F 432 28.17 39.57 -26.74
C ILE F 432 28.73 40.37 -27.90
N ASN F 433 27.94 41.30 -28.41
CA ASN F 433 28.42 42.19 -29.45
C ASN F 433 29.39 43.21 -28.84
N ALA F 434 30.23 43.80 -29.69
CA ALA F 434 31.25 44.73 -29.21
C ALA F 434 30.63 46.01 -28.65
N ALA F 435 29.47 46.41 -29.18
CA ALA F 435 28.79 47.61 -28.71
C ALA F 435 27.88 47.34 -27.52
N GLY F 436 27.73 46.08 -27.12
CA GLY F 436 26.91 45.76 -25.98
C GLY F 436 25.59 45.10 -26.29
N GLU F 437 25.33 44.76 -27.56
CA GLU F 437 24.12 44.04 -27.90
C GLU F 437 24.26 42.57 -27.54
N PHE F 438 23.15 41.86 -27.51
CA PHE F 438 23.15 40.41 -27.40
C PHE F 438 22.89 39.83 -28.78
N GLU F 439 23.79 38.97 -29.25
CA GLU F 439 23.65 38.30 -30.53
C GLU F 439 23.28 36.85 -30.25
N PHE F 440 22.01 36.53 -30.34
CA PHE F 440 21.57 35.16 -30.17
C PHE F 440 21.91 34.32 -31.39
N SER F 441 22.30 33.07 -31.15
CA SER F 441 22.80 32.24 -32.24
C SER F 441 21.66 31.72 -33.11
N GLY F 442 20.59 31.25 -32.50
CA GLY F 442 19.50 30.68 -33.26
C GLY F 442 19.64 29.22 -33.57
N ARG F 443 20.52 28.51 -32.88
CA ARG F 443 20.73 27.09 -33.09
C ARG F 443 20.33 26.33 -31.84
N ASN F 444 20.08 25.04 -32.01
CA ASN F 444 19.71 24.16 -30.91
C ASN F 444 20.88 23.22 -30.66
N GLU F 445 21.76 23.61 -29.75
CA GLU F 445 22.98 22.85 -29.46
C GLU F 445 23.01 22.45 -28.01
N LYS F 446 23.52 21.24 -27.74
CA LYS F 446 23.84 20.86 -26.38
C LYS F 446 25.09 21.59 -25.93
N TRP F 447 25.02 22.17 -24.74
CA TRP F 447 26.16 22.87 -24.16
C TRP F 447 27.25 21.88 -23.76
N ASP F 448 28.49 22.30 -23.92
CA ASP F 448 29.60 21.59 -23.32
C ASP F 448 30.51 22.60 -22.65
N GLN F 449 31.30 22.12 -21.68
CA GLN F 449 32.22 22.99 -20.95
C GLN F 449 33.41 23.43 -21.79
N SER F 450 33.57 22.89 -22.99
CA SER F 450 34.49 23.48 -23.97
C SER F 450 34.06 24.89 -24.33
N LEU F 451 32.76 25.14 -24.38
CA LEU F 451 32.26 26.46 -24.76
C LEU F 451 32.39 27.47 -23.63
N TYR F 452 32.75 27.01 -22.43
CA TYR F 452 32.85 27.91 -21.28
C TYR F 452 33.98 28.92 -21.43
N LEU F 453 35.05 28.57 -22.13
CA LEU F 453 36.13 29.51 -22.35
C LEU F 453 35.97 30.32 -23.62
N SER F 454 34.95 30.03 -24.42
CA SER F 454 34.72 30.75 -25.66
C SER F 454 33.72 31.88 -25.43
N GLU F 455 33.27 32.49 -26.52
CA GLU F 455 32.42 33.67 -26.46
C GLU F 455 30.94 33.34 -26.37
N HIS F 456 30.58 32.08 -26.19
CA HIS F 456 29.18 31.69 -26.09
C HIS F 456 28.74 31.64 -24.64
N PHE F 457 27.51 32.06 -24.39
CA PHE F 457 26.90 31.99 -23.06
C PHE F 457 25.76 30.99 -23.09
N PRO F 458 25.34 30.50 -21.92
CA PRO F 458 24.07 29.77 -21.85
C PRO F 458 22.91 30.75 -22.04
N ALA F 459 21.91 30.34 -22.82
CA ALA F 459 20.86 31.28 -23.20
C ALA F 459 19.65 31.26 -22.28
N LEU F 460 19.54 30.28 -21.37
CA LEU F 460 18.54 30.39 -20.32
C LEU F 460 18.86 31.53 -19.37
N PHE F 461 20.14 31.84 -19.20
CA PHE F 461 20.57 32.85 -18.24
C PHE F 461 20.85 34.19 -18.91
N SER F 462 20.12 34.51 -19.98
CA SER F 462 20.29 35.81 -20.59
C SER F 462 19.54 36.90 -19.83
N ASP F 463 18.49 36.48 -19.09
CA ASP F 463 17.58 37.38 -18.36
C ASP F 463 16.95 38.42 -19.28
N VAL F 464 16.61 38.00 -20.49
CA VAL F 464 15.99 38.86 -21.48
C VAL F 464 14.56 38.37 -21.69
N PRO F 465 13.54 39.21 -21.47
CA PRO F 465 12.15 38.76 -21.69
C PRO F 465 11.87 38.61 -23.19
N LEU F 466 11.54 37.38 -23.58
CA LEU F 466 11.14 37.10 -24.95
C LEU F 466 9.64 37.26 -25.07
N ALA F 467 9.21 37.98 -26.11
CA ALA F 467 7.79 38.26 -26.32
C ALA F 467 7.11 36.97 -26.74
N GLY F 468 6.45 36.31 -25.80
CA GLY F 468 5.81 35.04 -26.03
C GLY F 468 6.33 33.92 -25.17
N ALA F 469 7.37 34.15 -24.39
CA ALA F 469 7.98 33.14 -23.53
C ALA F 469 8.11 33.68 -22.11
N ASN F 470 7.02 34.25 -21.59
CA ASN F 470 7.05 34.88 -20.28
C ASN F 470 6.97 33.88 -19.13
N THR F 471 6.93 32.58 -19.40
CA THR F 471 6.89 31.60 -18.32
C THR F 471 8.28 31.04 -18.05
N ILE F 472 9.04 30.75 -19.11
CA ILE F 472 10.39 30.22 -18.95
C ILE F 472 11.32 31.27 -18.35
N ILE F 473 11.15 32.53 -18.76
CA ILE F 473 11.97 33.61 -18.23
C ILE F 473 11.67 33.87 -16.77
N ALA F 474 10.40 33.71 -16.36
CA ALA F 474 10.03 33.95 -14.97
C ALA F 474 10.58 32.85 -14.05
N ILE F 475 10.74 31.63 -14.55
CA ILE F 475 11.38 30.59 -13.75
C ILE F 475 12.88 30.88 -13.63
N MET F 476 13.48 31.40 -14.69
CA MET F 476 14.90 31.75 -14.67
C MET F 476 15.21 32.98 -13.83
N ARG F 477 14.21 33.68 -13.32
CA ARG F 477 14.46 34.72 -12.33
C ARG F 477 14.59 34.17 -10.92
N LEU F 478 14.48 32.86 -10.75
CA LEU F 478 14.65 32.22 -9.44
C LEU F 478 16.07 31.74 -9.23
N PHE F 479 16.88 31.71 -10.28
CA PHE F 479 18.28 31.33 -10.18
C PHE F 479 19.20 32.51 -9.88
N THR F 480 18.65 33.68 -9.60
CA THR F 480 19.47 34.82 -9.27
C THR F 480 20.11 34.61 -7.89
N PRO F 481 21.32 35.11 -7.67
CA PRO F 481 21.93 35.01 -6.35
C PRO F 481 21.28 35.98 -5.37
N GLN F 482 21.59 35.76 -4.09
CA GLN F 482 21.09 36.65 -3.05
C GLN F 482 22.23 37.16 -2.19
N GLY F 483 23.27 37.69 -2.82
CA GLY F 483 24.46 38.10 -2.10
C GLY F 483 24.79 39.56 -2.34
N PHE F 484 26.08 39.85 -2.26
CA PHE F 484 26.60 41.20 -2.41
C PHE F 484 28.04 41.07 -2.88
N LEU F 485 28.68 42.21 -3.07
CA LEU F 485 30.00 42.24 -3.69
C LEU F 485 30.95 43.00 -2.76
N ARG F 486 31.73 42.26 -1.98
CA ARG F 486 32.60 42.86 -0.98
C ARG F 486 33.99 43.09 -1.54
N THR F 487 34.47 44.33 -1.37
CA THR F 487 35.85 44.63 -1.71
C THR F 487 36.80 43.98 -0.71
N ASP F 488 38.00 43.63 -1.19
CA ASP F 488 38.99 42.97 -0.36
C ASP F 488 39.87 44.01 0.33
N ASP F 489 39.26 44.67 1.32
CA ASP F 489 39.95 45.73 2.04
C ASP F 489 41.06 45.20 2.95
N LEU F 490 40.95 43.97 3.43
CA LEU F 490 41.97 43.45 4.33
C LEU F 490 43.17 42.91 3.56
N ALA F 491 42.98 42.50 2.30
CA ALA F 491 44.09 41.98 1.53
C ALA F 491 44.94 43.10 0.94
N ILE F 492 44.31 44.16 0.46
CA ILE F 492 45.05 45.27 -0.16
C ILE F 492 45.84 46.05 0.88
N ALA F 493 45.28 46.22 2.07
CA ALA F 493 46.02 46.84 3.15
C ALA F 493 47.16 45.95 3.65
N ALA F 494 47.05 44.64 3.44
CA ALA F 494 48.13 43.72 3.71
C ALA F 494 48.99 43.47 2.48
N ASN F 495 48.62 44.10 1.36
CA ASN F 495 49.38 44.11 0.10
C ASN F 495 49.57 42.70 -0.47
N PHE F 496 48.52 41.90 -0.41
CA PHE F 496 48.50 40.56 -0.96
C PHE F 496 48.40 40.60 -2.49
N PRO F 497 48.86 39.55 -3.18
CA PRO F 497 48.72 39.51 -4.64
C PRO F 497 47.28 39.31 -5.07
N ARG F 498 46.82 40.14 -5.99
CA ARG F 498 45.51 40.03 -6.60
C ARG F 498 45.65 40.17 -8.10
N ALA F 499 44.72 39.58 -8.83
CA ALA F 499 44.79 39.59 -10.29
C ALA F 499 43.85 40.61 -10.92
N SER F 500 43.36 41.57 -10.16
CA SER F 500 42.40 42.54 -10.66
C SER F 500 42.85 43.96 -10.34
N ARG F 501 42.05 44.92 -10.77
CA ARG F 501 42.20 46.30 -10.35
C ARG F 501 41.41 46.58 -9.09
N ASN F 502 40.16 46.12 -9.03
CA ASN F 502 39.38 46.15 -7.80
C ASN F 502 39.12 44.72 -7.32
N PRO F 503 39.80 44.26 -6.29
CA PRO F 503 39.60 42.88 -5.82
C PRO F 503 38.27 42.70 -5.13
N GLN F 504 37.34 42.04 -5.82
CA GLN F 504 35.96 41.93 -5.37
C GLN F 504 35.51 40.48 -5.51
N THR F 505 35.31 39.81 -4.37
CA THR F 505 34.76 38.46 -4.33
C THR F 505 33.27 38.54 -4.06
N TYR F 506 32.56 37.47 -4.39
CA TYR F 506 31.12 37.45 -4.26
C TYR F 506 30.74 36.57 -3.08
N ILE F 507 30.43 37.19 -1.95
CA ILE F 507 29.94 36.50 -0.77
C ILE F 507 28.49 36.07 -1.05
N PRO F 508 28.12 34.81 -0.80
CA PRO F 508 26.83 34.31 -1.33
C PRO F 508 25.59 34.90 -0.68
N TYR F 509 25.64 35.28 0.60
CA TYR F 509 24.46 35.83 1.27
C TYR F 509 24.82 36.71 2.47
N THR F 510 23.96 37.69 2.70
CA THR F 510 24.19 38.82 3.58
C THR F 510 24.15 38.37 5.04
N ASN F 511 24.97 39.01 5.88
CA ASN F 511 24.80 38.90 7.31
C ASN F 511 23.48 39.54 7.73
N GLN F 512 22.73 38.83 8.56
CA GLN F 512 21.31 39.11 8.78
C GLN F 512 20.97 39.21 10.26
N ARG F 513 21.74 40.01 11.00
CA ARG F 513 21.52 40.10 12.44
C ARG F 513 20.25 40.88 12.76
N GLY F 514 19.72 40.64 13.95
CA GLY F 514 18.69 41.49 14.54
C GLY F 514 17.33 41.45 13.88
N THR F 515 17.10 40.51 12.98
CA THR F 515 15.86 40.45 12.22
C THR F 515 14.96 39.35 12.77
N VAL F 516 13.66 39.56 12.69
CA VAL F 516 12.70 38.50 13.00
C VAL F 516 12.52 37.59 11.81
N THR F 517 12.05 38.14 10.69
CA THR F 517 12.03 37.40 9.44
C THR F 517 13.39 37.52 8.78
N ASN F 518 13.92 36.39 8.35
CA ASN F 518 15.22 36.36 7.69
C ASN F 518 15.04 36.64 6.20
N GLU F 519 15.65 37.73 5.73
CA GLU F 519 15.49 38.14 4.34
C GLU F 519 16.19 37.24 3.33
N PHE F 520 16.98 36.27 3.78
CA PHE F 520 17.43 35.23 2.87
C PHE F 520 16.48 34.04 2.87
N ALA F 521 15.85 33.74 4.00
CA ALA F 521 14.89 32.66 4.06
C ALA F 521 13.61 33.00 3.33
N SER F 522 13.17 34.26 3.39
CA SER F 522 11.94 34.65 2.72
C SER F 522 12.09 34.71 1.21
N ARG F 523 13.32 34.76 0.68
CA ARG F 523 13.52 34.58 -0.74
C ARG F 523 13.15 33.17 -1.16
N PHE F 524 13.48 32.18 -0.33
CA PHE F 524 13.13 30.80 -0.65
C PHE F 524 11.63 30.55 -0.43
N ARG F 525 10.94 31.41 0.31
CA ARG F 525 9.49 31.32 0.39
C ARG F 525 8.85 31.62 -0.96
N THR F 526 9.30 32.69 -1.61
CA THR F 526 8.73 33.11 -2.88
C THR F 526 9.16 32.22 -4.03
N ILE F 527 10.16 31.36 -3.84
CA ILE F 527 10.54 30.42 -4.87
C ILE F 527 9.64 29.19 -4.82
N VAL F 528 9.42 28.65 -3.63
CA VAL F 528 8.50 27.52 -3.46
C VAL F 528 7.07 27.92 -3.81
N ALA F 529 6.67 29.14 -3.45
CA ALA F 529 5.36 29.66 -3.85
C ALA F 529 5.26 29.86 -5.35
N THR F 530 6.37 30.01 -6.05
CA THR F 530 6.36 29.98 -7.51
C THR F 530 6.40 28.54 -8.01
N LEU F 531 7.20 27.69 -7.37
CA LEU F 531 7.29 26.29 -7.77
C LEU F 531 6.05 25.49 -7.42
N ALA F 532 5.23 25.97 -6.48
CA ALA F 532 3.98 25.27 -6.18
C ALA F 532 2.98 25.41 -7.31
N ASN F 533 2.99 26.56 -8.00
CA ASN F 533 2.09 26.77 -9.12
C ASN F 533 2.57 26.11 -10.41
N VAL F 534 3.87 25.87 -10.53
CA VAL F 534 4.39 25.18 -11.71
C VAL F 534 4.02 23.70 -11.65
N VAL F 535 4.18 23.08 -10.48
CA VAL F 535 3.79 21.69 -10.33
C VAL F 535 2.27 21.55 -10.22
N ASN F 536 1.56 22.65 -9.95
CA ASN F 536 0.10 22.60 -9.94
C ASN F 536 -0.44 22.45 -11.36
N GLU F 537 0.12 23.19 -12.32
CA GLU F 537 -0.33 23.10 -13.70
C GLU F 537 0.03 21.76 -14.32
N ARG F 538 1.20 21.20 -13.97
CA ARG F 538 1.62 19.95 -14.58
C ARG F 538 0.83 18.78 -14.02
N ALA F 539 0.34 18.89 -12.78
CA ALA F 539 -0.47 17.83 -12.22
C ALA F 539 -1.89 17.84 -12.79
N VAL F 540 -2.46 19.04 -12.97
CA VAL F 540 -3.84 19.12 -13.44
C VAL F 540 -3.97 19.06 -14.96
N GLN F 541 -2.88 19.31 -15.70
CA GLN F 541 -2.93 19.07 -17.14
C GLN F 541 -2.94 17.58 -17.43
N ASP F 542 -2.29 16.79 -16.60
CA ASP F 542 -2.19 15.36 -16.77
C ASP F 542 -2.88 14.61 -15.64
N ASP F 543 -3.99 15.19 -15.18
CA ASP F 543 -5.11 14.63 -14.40
C ASP F 543 -4.76 13.53 -13.39
N MET F 544 -3.75 13.78 -12.57
CA MET F 544 -3.34 12.81 -11.56
C MET F 544 -4.18 13.03 -10.30
N GLN F 545 -3.82 12.37 -9.19
CA GLN F 545 -4.66 12.28 -8.02
C GLN F 545 -4.79 13.62 -7.28
N LYS F 546 -5.79 13.70 -6.41
CA LYS F 546 -5.88 14.82 -5.48
C LYS F 546 -4.84 14.66 -4.36
N ALA F 547 -4.56 13.42 -3.97
CA ALA F 547 -3.62 13.18 -2.88
C ALA F 547 -2.17 13.29 -3.32
N THR F 548 -1.86 12.94 -4.57
CA THR F 548 -0.50 13.09 -5.06
C THR F 548 -0.13 14.56 -5.25
N ARG F 549 -1.10 15.41 -5.55
CA ARG F 549 -0.81 16.83 -5.63
C ARG F 549 -0.68 17.45 -4.24
N SER F 550 -1.43 16.92 -3.28
CA SER F 550 -1.36 17.45 -1.92
C SER F 550 -0.08 17.00 -1.22
N CYS F 551 0.31 15.74 -1.41
CA CYS F 551 1.54 15.25 -0.79
C CYS F 551 2.79 15.79 -1.48
N THR F 552 2.66 16.32 -2.69
CA THR F 552 3.77 17.08 -3.27
C THR F 552 3.91 18.43 -2.59
N LYS F 553 2.79 19.16 -2.47
CA LYS F 553 2.84 20.50 -1.88
C LYS F 553 3.06 20.46 -0.38
N GLN F 554 2.72 19.35 0.29
CA GLN F 554 3.11 19.21 1.70
C GLN F 554 4.60 18.96 1.83
N TRP F 555 5.25 18.44 0.78
CA TRP F 555 6.69 18.31 0.82
C TRP F 555 7.39 19.61 0.50
N LEU F 556 6.80 20.43 -0.38
CA LEU F 556 7.43 21.70 -0.76
C LEU F 556 7.47 22.68 0.42
N ARG F 557 6.54 22.56 1.36
CA ARG F 557 6.62 23.38 2.55
C ARG F 557 7.21 22.64 3.75
N HIS F 558 7.69 21.42 3.57
CA HIS F 558 8.61 20.87 4.55
C HIS F 558 10.03 21.35 4.29
N LEU F 559 10.36 21.64 3.04
CA LEU F 559 11.60 22.33 2.76
C LEU F 559 11.54 23.79 3.18
N GLU F 560 10.34 24.33 3.37
CA GLU F 560 10.21 25.67 3.93
C GLU F 560 10.61 25.72 5.39
N THR F 561 10.12 24.75 6.17
CA THR F 561 10.42 24.70 7.59
C THR F 561 11.91 24.44 7.83
N GLN F 562 12.49 23.51 7.07
CA GLN F 562 13.89 23.20 7.25
C GLN F 562 14.81 24.31 6.74
N PHE F 563 14.33 25.15 5.83
CA PHE F 563 15.17 26.24 5.35
C PHE F 563 15.18 27.40 6.34
N ASP F 564 14.08 27.60 7.05
CA ASP F 564 14.04 28.65 8.06
C ASP F 564 14.93 28.32 9.24
N ASN F 565 15.06 27.04 9.59
CA ASN F 565 15.80 26.65 10.78
C ASN F 565 17.30 26.75 10.58
N ILE F 566 17.79 26.72 9.34
CA ILE F 566 19.23 26.71 9.11
C ILE F 566 19.74 27.98 8.46
N ALA F 567 18.85 28.86 7.98
CA ALA F 567 19.31 30.11 7.39
C ALA F 567 19.76 31.09 8.46
N VAL F 568 19.37 30.85 9.71
CA VAL F 568 19.91 31.63 10.82
C VAL F 568 21.39 31.32 11.00
N ALA F 569 21.81 30.09 10.67
CA ALA F 569 23.19 29.69 10.81
C ALA F 569 24.02 29.88 9.55
N HIS F 570 23.40 29.89 8.38
CA HIS F 570 24.15 30.26 7.17
C HIS F 570 24.46 31.75 7.15
N THR F 571 23.44 32.59 7.35
CA THR F 571 23.63 34.02 7.22
C THR F 571 24.23 34.67 8.45
N ASP F 572 24.68 33.90 9.42
CA ASP F 572 25.44 34.47 10.53
C ASP F 572 26.82 33.86 10.70
N HIS F 573 27.04 32.64 10.28
CA HIS F 573 28.30 31.98 10.57
C HIS F 573 28.98 31.40 9.35
N LEU F 574 28.24 31.10 8.28
CA LEU F 574 28.90 30.79 7.01
C LEU F 574 29.38 32.05 6.31
N SER F 575 28.61 33.14 6.42
CA SER F 575 28.93 34.34 5.65
C SER F 575 30.16 35.05 6.19
N VAL F 576 30.47 34.90 7.49
CA VAL F 576 31.71 35.46 7.99
C VAL F 576 32.91 34.58 7.67
N VAL F 577 32.68 33.36 7.20
CA VAL F 577 33.80 32.53 6.76
C VAL F 577 34.12 32.83 5.29
N TYR F 578 33.11 33.05 4.46
CA TYR F 578 33.36 33.46 3.08
C TYR F 578 33.93 34.86 2.98
N ALA F 579 33.76 35.68 4.01
CA ALA F 579 34.44 36.97 4.03
C ALA F 579 35.92 36.81 4.34
N THR F 580 36.26 35.97 5.33
CA THR F 580 37.64 35.84 5.72
C THR F 580 38.42 34.86 4.86
N MET F 581 37.76 34.00 4.09
CA MET F 581 38.47 33.21 3.10
C MET F 581 38.78 34.01 1.85
N SER F 582 38.05 35.09 1.63
CA SER F 582 38.30 35.95 0.48
C SER F 582 39.55 36.80 0.64
N ASN F 583 40.01 36.99 1.87
CA ASN F 583 41.18 37.81 2.14
C ASN F 583 42.45 36.99 2.29
N PHE F 584 42.42 35.71 1.93
CA PHE F 584 43.61 34.88 2.02
C PHE F 584 44.62 35.27 0.96
N MET F 585 45.82 34.70 1.08
CA MET F 585 46.90 35.08 0.19
C MET F 585 46.74 34.49 -1.20
N LEU F 586 46.48 33.19 -1.30
CA LEU F 586 46.50 32.51 -2.59
C LEU F 586 45.15 32.50 -3.29
N ASN F 587 44.13 33.14 -2.71
CA ASN F 587 42.83 33.21 -3.37
C ASN F 587 42.74 34.49 -4.20
N PHE F 588 43.58 34.54 -5.25
CA PHE F 588 43.91 35.81 -5.88
C PHE F 588 42.98 36.19 -7.02
N THR F 589 42.39 35.22 -7.71
CA THR F 589 41.48 35.58 -8.80
C THR F 589 40.14 36.04 -8.25
N ASN F 590 39.47 36.88 -9.03
CA ASN F 590 38.04 37.07 -8.82
C ASN F 590 37.29 35.82 -9.24
N ASN F 591 36.16 35.59 -8.61
CA ASN F 591 35.37 34.40 -8.89
C ASN F 591 34.03 34.69 -9.53
N PHE F 592 33.37 35.78 -9.16
CA PHE F 592 32.02 36.05 -9.62
C PHE F 592 31.75 37.53 -9.47
N SER F 593 30.87 38.06 -10.32
CA SER F 593 30.60 39.48 -10.35
C SER F 593 29.11 39.75 -10.46
N GLY F 594 28.32 39.12 -9.60
CA GLY F 594 26.91 39.47 -9.50
C GLY F 594 25.94 38.90 -10.51
N ASN F 595 26.19 39.11 -11.80
CA ASN F 595 25.25 38.77 -12.86
C ASN F 595 25.69 37.50 -13.57
N HIS F 596 24.77 36.54 -13.70
CA HIS F 596 25.05 35.35 -14.48
C HIS F 596 25.05 35.64 -15.97
N ALA F 597 24.40 36.74 -16.38
CA ALA F 597 24.19 37.00 -17.79
C ALA F 597 25.43 37.51 -18.51
N THR F 598 26.43 38.02 -17.78
CA THR F 598 27.55 38.70 -18.40
C THR F 598 28.93 38.17 -18.03
N PHE F 599 29.07 37.34 -17.00
CA PHE F 599 30.38 37.07 -16.44
C PHE F 599 31.11 36.00 -17.23
N LYS F 600 32.39 36.25 -17.50
CA LYS F 600 33.42 35.28 -17.85
C LYS F 600 34.68 35.58 -17.07
N PRO F 601 35.41 34.55 -16.62
CA PRO F 601 36.66 34.80 -15.90
C PRO F 601 37.73 35.31 -16.85
N ASP F 602 38.53 36.25 -16.35
CA ASP F 602 39.50 36.96 -17.18
C ASP F 602 40.63 36.02 -17.57
N GLN F 603 40.68 35.67 -18.85
CA GLN F 603 41.61 34.63 -19.32
C GLN F 603 42.97 35.27 -19.55
N TYR F 604 43.87 35.11 -18.59
CA TYR F 604 45.25 35.46 -18.82
C TYR F 604 45.98 34.27 -19.42
N VAL F 605 46.96 34.55 -20.28
CA VAL F 605 47.80 33.52 -20.86
C VAL F 605 49.24 33.92 -20.66
N ILE F 606 50.14 33.00 -20.97
CA ILE F 606 51.56 33.31 -21.01
C ILE F 606 51.96 33.30 -22.48
N THR F 607 51.89 34.46 -23.13
CA THR F 607 52.22 34.54 -24.54
C THR F 607 53.72 34.49 -24.73
N SER F 608 54.12 34.23 -25.96
CA SER F 608 55.53 34.20 -26.32
C SER F 608 55.67 34.45 -27.81
N PRO F 609 56.58 35.33 -28.22
CA PRO F 609 56.81 35.54 -29.66
C PRO F 609 57.48 34.36 -30.33
N GLU F 610 58.16 33.49 -29.58
CA GLU F 610 58.81 32.33 -30.15
C GLU F 610 58.24 31.02 -29.62
N GLY F 611 56.92 30.91 -29.58
CA GLY F 611 56.30 29.66 -29.18
C GLY F 611 54.80 29.81 -29.13
N SER F 612 54.17 28.80 -28.57
CA SER F 612 52.74 28.84 -28.35
C SER F 612 52.42 29.54 -27.03
N TYR F 613 51.17 29.94 -26.87
CA TYR F 613 50.70 30.54 -25.64
C TYR F 613 50.00 29.50 -24.78
N LYS F 614 50.32 29.48 -23.50
CA LYS F 614 49.77 28.48 -22.58
C LYS F 614 48.73 29.15 -21.69
N PRO F 615 47.45 28.80 -21.82
CA PRO F 615 46.42 29.48 -21.03
C PRO F 615 46.45 29.04 -19.57
N ILE F 616 45.89 29.89 -18.71
CA ILE F 616 45.79 29.58 -17.30
C ILE F 616 44.57 28.71 -17.06
N ILE F 617 43.39 29.24 -17.36
CA ILE F 617 42.16 28.50 -17.21
C ILE F 617 41.94 27.70 -18.49
N GLU F 618 41.83 26.39 -18.35
CA GLU F 618 41.89 25.51 -19.52
C GLU F 618 41.23 24.19 -19.18
N ARG F 619 40.20 23.81 -19.93
CA ARG F 619 39.61 22.49 -19.76
C ARG F 619 40.56 21.46 -20.35
N GLN F 620 41.29 20.78 -19.48
CA GLN F 620 42.14 19.68 -19.89
C GLN F 620 41.75 18.37 -19.23
N GLY F 621 40.72 18.38 -18.40
CA GLY F 621 40.25 17.17 -17.75
C GLY F 621 41.19 16.61 -16.70
N GLU F 622 42.19 17.37 -16.29
CA GLU F 622 43.15 16.91 -15.29
C GLU F 622 42.48 16.92 -13.94
N THR F 623 41.88 15.78 -13.58
CA THR F 623 41.24 15.67 -12.29
C THR F 623 42.30 15.60 -11.20
N VAL F 624 41.92 16.03 -10.00
CA VAL F 624 42.79 16.05 -8.83
C VAL F 624 42.14 15.04 -7.90
N ASP F 625 41.63 13.96 -8.52
CA ASP F 625 40.89 12.88 -7.87
C ASP F 625 39.59 13.39 -7.23
N GLY F 626 38.74 13.98 -8.07
CA GLY F 626 37.43 14.43 -7.65
C GLY F 626 37.21 15.92 -7.65
N LEU F 627 38.08 16.70 -8.29
CA LEU F 627 38.01 18.14 -8.14
C LEU F 627 37.20 18.79 -9.26
N THR F 628 37.37 18.31 -10.49
CA THR F 628 36.64 18.93 -11.61
C THR F 628 35.19 18.49 -11.69
N ILE F 629 34.87 17.29 -11.21
CA ILE F 629 33.48 16.85 -11.17
C ILE F 629 32.80 17.52 -9.99
N ILE F 630 31.67 18.16 -10.25
CA ILE F 630 30.94 18.92 -9.23
C ILE F 630 29.64 18.19 -8.94
N ASP F 631 29.38 17.94 -7.66
CA ASP F 631 28.23 17.16 -7.22
C ASP F 631 27.15 18.12 -6.78
N THR F 632 26.04 18.15 -7.52
CA THR F 632 24.90 18.96 -7.12
C THR F 632 24.01 18.28 -6.09
N SER F 633 24.27 17.03 -5.74
CA SER F 633 23.55 16.39 -4.66
C SER F 633 24.17 16.68 -3.30
N ILE F 634 24.95 17.76 -3.18
CA ILE F 634 25.52 18.15 -1.92
C ILE F 634 24.60 19.10 -1.16
N VAL F 635 23.60 19.68 -1.84
CA VAL F 635 22.69 20.59 -1.14
C VAL F 635 21.62 19.86 -0.36
N TRP F 636 21.44 18.56 -0.59
CA TRP F 636 20.51 17.80 0.23
C TRP F 636 21.07 17.42 1.60
N PRO F 637 22.35 17.06 1.78
CA PRO F 637 22.85 16.94 3.16
C PRO F 637 22.99 18.27 3.88
N ILE F 638 23.26 19.36 3.15
CA ILE F 638 23.37 20.67 3.78
C ILE F 638 22.03 21.14 4.32
N LEU F 639 20.96 20.90 3.58
CA LEU F 639 19.64 21.38 4.00
C LEU F 639 19.04 20.52 5.11
N CYS F 640 19.26 19.21 5.07
CA CYS F 640 18.52 18.31 5.94
C CYS F 640 19.36 17.68 7.03
N GLN F 641 20.37 16.88 6.70
CA GLN F 641 20.98 16.00 7.69
C GLN F 641 22.31 16.53 8.21
N CYS F 642 22.40 17.84 8.45
CA CYS F 642 23.54 18.41 9.15
C CYS F 642 23.06 19.34 10.24
N THR F 643 23.72 19.27 11.39
CA THR F 643 23.47 20.19 12.49
C THR F 643 24.56 21.24 12.53
N TYR F 644 24.15 22.47 12.85
CA TYR F 644 25.04 23.61 12.77
C TYR F 644 25.33 24.13 14.18
N PRO F 645 26.42 24.86 14.39
CA PRO F 645 26.70 25.38 15.73
C PRO F 645 25.80 26.55 16.17
N LEU F 646 24.87 27.00 15.34
CA LEU F 646 23.87 27.96 15.78
C LEU F 646 22.44 27.43 15.73
N VAL F 647 22.20 26.33 15.00
CA VAL F 647 20.90 25.67 15.07
C VAL F 647 20.75 24.95 16.41
N ARG F 648 21.86 24.47 16.97
CA ARG F 648 21.88 23.89 18.31
C ARG F 648 21.92 24.94 19.41
N GLN F 649 21.78 26.22 19.08
CA GLN F 649 21.84 27.37 19.99
C GLN F 649 23.14 27.41 20.81
N SER F 658 19.93 23.41 22.37
CA SER F 658 20.24 24.47 23.32
C SER F 658 21.47 24.10 24.15
N ILE F 659 22.52 23.62 23.48
CA ILE F 659 23.73 23.16 24.13
C ILE F 659 24.83 24.19 23.93
N MET F 660 25.75 24.23 24.90
CA MET F 660 26.79 25.27 24.94
C MET F 660 27.86 24.95 23.90
N GLU F 661 28.19 25.94 23.07
CA GLU F 661 28.93 25.70 21.84
C GLU F 661 30.28 26.38 21.79
N GLU F 662 30.33 27.69 22.10
CA GLU F 662 31.55 28.53 22.06
C GLU F 662 32.15 28.51 20.66
N ILE F 663 31.50 29.24 19.73
CA ILE F 663 31.83 29.37 18.30
C ILE F 663 33.31 29.49 18.03
N VAL F 664 33.83 28.62 17.17
CA VAL F 664 35.27 28.44 17.03
C VAL F 664 35.83 29.48 16.09
N TYR F 665 36.76 30.29 16.58
CA TYR F 665 37.50 31.25 15.76
C TYR F 665 38.89 30.70 15.59
N PRO F 666 39.23 30.18 14.42
CA PRO F 666 40.51 29.49 14.24
C PRO F 666 41.67 30.47 14.22
N ASP F 667 42.85 29.94 14.42
CA ASP F 667 44.09 30.71 14.51
C ASP F 667 44.53 31.21 13.14
N PRO F 668 45.23 32.34 13.10
CA PRO F 668 45.68 32.85 11.80
C PRO F 668 46.87 32.11 11.25
N SER F 669 47.71 31.56 12.11
CA SER F 669 49.03 31.06 11.73
C SER F 669 49.00 29.80 10.92
N THR F 670 47.96 28.98 10.81
CA THR F 670 48.04 27.77 10.02
C THR F 670 47.82 28.03 8.54
N THR F 671 46.78 28.80 8.19
CA THR F 671 46.57 29.16 6.80
C THR F 671 47.49 30.27 6.32
N LEU F 672 48.20 30.92 7.24
CA LEU F 672 49.23 31.87 6.83
C LEU F 672 50.51 31.16 6.47
N SER F 673 50.93 30.20 7.30
CA SER F 673 52.21 29.53 7.09
C SER F 673 52.17 28.58 5.90
N GLN F 674 51.00 28.01 5.61
CA GLN F 674 50.89 27.23 4.39
C GLN F 674 50.89 28.12 3.16
N SER F 675 50.34 29.33 3.27
CA SER F 675 50.28 30.22 2.13
C SER F 675 51.62 30.90 1.84
N LEU F 676 52.44 31.13 2.86
CA LEU F 676 53.80 31.59 2.61
C LEU F 676 54.63 30.52 1.95
N SER F 677 54.61 29.30 2.49
CA SER F 677 55.42 28.19 2.00
C SER F 677 55.05 27.72 0.61
N VAL F 678 53.94 28.21 0.04
CA VAL F 678 53.73 28.08 -1.40
C VAL F 678 54.24 29.32 -2.12
N ALA F 679 53.93 30.50 -1.59
CA ALA F 679 54.36 31.75 -2.21
C ALA F 679 55.82 32.08 -1.97
N GLN F 680 56.53 31.29 -1.15
CA GLN F 680 57.97 31.44 -1.06
C GLN F 680 58.69 30.48 -2.00
N VAL F 681 58.12 29.30 -2.23
CA VAL F 681 58.73 28.33 -3.13
C VAL F 681 58.63 28.79 -4.57
N LEU F 682 57.43 29.12 -5.04
CA LEU F 682 57.28 29.51 -6.43
C LEU F 682 57.77 30.93 -6.71
N SER F 683 58.13 31.70 -5.67
CA SER F 683 58.81 32.96 -5.90
C SER F 683 60.23 32.75 -6.43
N LYS F 684 60.84 31.61 -6.08
CA LYS F 684 62.18 31.28 -6.56
C LYS F 684 62.21 29.99 -7.37
N LEU F 685 61.06 29.46 -7.77
CA LEU F 685 61.06 28.22 -8.53
C LEU F 685 61.35 28.46 -10.01
N THR F 686 60.90 29.59 -10.54
CA THR F 686 61.18 29.97 -11.92
C THR F 686 62.48 30.75 -12.06
N LEU F 687 63.33 30.71 -11.05
CA LEU F 687 64.51 31.56 -11.03
C LEU F 687 65.64 31.09 -11.95
N PRO F 688 65.95 29.80 -12.13
CA PRO F 688 66.87 29.44 -13.22
C PRO F 688 66.26 29.57 -14.60
N ASP F 689 64.94 29.53 -14.73
CA ASP F 689 64.31 29.93 -15.98
C ASP F 689 64.52 31.40 -16.27
N ALA F 690 64.56 32.21 -15.21
CA ALA F 690 64.56 33.65 -15.33
C ALA F 690 65.92 34.24 -15.64
N PHE F 691 66.98 33.44 -15.65
CA PHE F 691 68.31 33.98 -15.87
C PHE F 691 68.83 33.73 -17.27
N ILE F 692 68.72 32.49 -17.78
CA ILE F 692 69.18 32.20 -19.11
C ILE F 692 68.28 32.86 -20.15
N ASN F 693 66.97 32.93 -19.86
CA ASN F 693 66.07 33.66 -20.75
C ASN F 693 66.16 35.17 -20.59
N MET F 694 66.97 35.67 -19.65
CA MET F 694 67.22 37.11 -19.57
C MET F 694 68.46 37.49 -20.37
N ILE F 695 69.46 36.61 -20.39
CA ILE F 695 70.64 36.85 -21.22
C ILE F 695 70.28 36.69 -22.69
N LEU F 696 69.32 35.82 -23.00
CA LEU F 696 68.97 35.49 -24.37
C LEU F 696 67.68 36.16 -24.82
N SER F 697 67.33 37.31 -24.24
CA SER F 697 66.05 37.94 -24.54
C SER F 697 66.03 38.52 -25.94
N GLY F 698 67.15 39.08 -26.38
CA GLY F 698 67.27 39.58 -27.73
C GLY F 698 68.08 38.70 -28.64
N GLY F 699 68.32 37.45 -28.25
CA GLY F 699 69.08 36.52 -29.08
C GLY F 699 68.36 36.05 -30.32
N ASP F 700 67.06 36.28 -30.42
CA ASP F 700 66.30 36.00 -31.62
C ASP F 700 66.79 36.89 -32.76
N SER F 701 66.62 36.40 -33.99
CA SER F 701 67.15 37.12 -35.13
C SER F 701 66.22 36.99 -36.33
N VAL F 702 66.26 38.00 -37.18
CA VAL F 702 65.55 38.01 -38.46
C VAL F 702 66.58 38.01 -39.57
N VAL F 703 66.13 37.64 -40.77
CA VAL F 703 66.99 37.57 -41.94
C VAL F 703 66.66 38.75 -42.84
N MET F 704 67.59 39.69 -42.95
CA MET F 704 67.40 40.88 -43.77
C MET F 704 68.39 40.87 -44.92
N ARG F 705 68.19 41.80 -45.84
CA ARG F 705 69.17 42.10 -46.87
C ARG F 705 69.51 43.58 -46.84
N THR F 706 70.56 43.94 -47.56
CA THR F 706 71.03 45.32 -47.60
C THR F 706 71.46 45.63 -49.03
N TYR F 707 70.69 46.46 -49.71
CA TYR F 707 70.95 46.81 -51.10
C TYR F 707 71.76 48.10 -51.12
N GLN F 708 72.95 48.03 -51.70
CA GLN F 708 73.82 49.20 -51.80
C GLN F 708 73.24 50.16 -52.83
N THR F 709 73.11 51.43 -52.44
CA THR F 709 72.40 52.41 -53.25
C THR F 709 73.32 53.42 -53.94
N GLU F 710 74.62 53.32 -53.75
CA GLU F 710 75.56 54.21 -54.45
C GLU F 710 76.87 53.47 -54.63
N ALA F 711 77.87 54.17 -55.16
CA ALA F 711 79.20 53.62 -55.28
C ALA F 711 79.96 53.80 -53.98
N ASP F 712 81.05 53.03 -53.85
CA ASP F 712 81.95 53.03 -52.69
C ASP F 712 81.20 52.72 -51.38
N ASP F 713 80.37 51.69 -51.42
CA ASP F 713 79.64 51.24 -50.25
C ASP F 713 80.25 49.98 -49.67
N ASP F 714 79.86 49.69 -48.44
CA ASP F 714 80.28 48.47 -47.76
C ASP F 714 79.10 47.49 -47.72
N LEU F 715 79.27 46.39 -47.00
CA LEU F 715 78.23 45.36 -46.92
C LEU F 715 77.06 45.80 -46.05
N ASP F 716 77.24 46.82 -45.20
CA ASP F 716 76.24 47.18 -44.21
C ASP F 716 75.41 48.40 -44.58
N GLU F 717 75.96 49.35 -45.32
CA GLU F 717 75.23 50.57 -45.64
C GLU F 717 74.28 50.31 -46.80
N GLY F 718 73.14 50.99 -46.77
CA GLY F 718 72.17 50.89 -47.84
C GLY F 718 70.76 50.92 -47.29
N ILE F 719 69.87 50.25 -47.99
CA ILE F 719 68.48 50.12 -47.57
C ILE F 719 68.30 48.72 -47.00
N ARG F 720 67.79 48.63 -45.78
CA ARG F 720 67.71 47.37 -45.05
C ARG F 720 66.32 46.77 -45.26
N MET F 721 66.27 45.58 -45.85
CA MET F 721 65.02 45.02 -46.35
C MET F 721 64.87 43.57 -45.93
N THR F 722 63.65 43.20 -45.53
CA THR F 722 63.32 41.86 -45.10
C THR F 722 61.96 41.47 -45.63
N THR F 723 61.67 40.17 -45.61
CA THR F 723 60.43 39.69 -46.20
C THR F 723 59.28 39.83 -45.23
N TYR F 724 58.06 39.70 -45.77
CA TYR F 724 56.87 39.84 -44.95
C TYR F 724 56.64 38.63 -44.05
N ASP F 725 57.08 37.44 -44.50
CA ASP F 725 56.95 36.27 -43.64
C ASP F 725 57.97 36.29 -42.51
N GLN F 726 59.15 36.88 -42.76
CA GLN F 726 60.13 37.07 -41.71
C GLN F 726 59.64 38.09 -40.69
N TYR F 727 58.92 39.11 -41.16
CA TYR F 727 58.32 40.09 -40.26
C TYR F 727 57.20 39.51 -39.43
N LEU F 728 56.36 38.67 -40.02
CA LEU F 728 55.10 38.29 -39.39
C LEU F 728 55.33 37.28 -38.27
N SER F 729 56.42 36.54 -38.33
CA SER F 729 56.70 35.51 -37.34
C SER F 729 57.50 36.04 -36.15
N HIS F 730 58.20 37.15 -36.32
CA HIS F 730 59.15 37.63 -35.32
C HIS F 730 58.84 39.02 -34.80
N ILE F 731 58.56 39.98 -35.68
CA ILE F 731 58.48 41.37 -35.27
C ILE F 731 57.04 41.80 -34.97
N ARG F 732 56.06 41.24 -35.69
CA ARG F 732 54.67 41.63 -35.48
C ARG F 732 54.17 41.19 -34.11
N GLU F 733 54.58 40.01 -33.66
CA GLU F 733 54.17 39.56 -32.33
C GLU F 733 54.87 40.32 -31.21
N ARG F 734 55.96 41.03 -31.51
CA ARG F 734 56.65 41.85 -30.53
C ARG F 734 56.29 43.32 -30.65
N LEU F 735 55.34 43.68 -31.50
CA LEU F 735 54.78 45.02 -31.48
C LEU F 735 53.42 45.09 -30.81
N HIS F 736 52.67 43.98 -30.79
CA HIS F 736 51.46 43.95 -29.99
C HIS F 736 51.78 43.86 -28.50
N ILE F 737 52.98 43.41 -28.16
CA ILE F 737 53.38 43.36 -26.76
C ILE F 737 53.79 44.74 -26.27
N THR F 738 54.61 45.46 -27.05
CA THR F 738 55.17 46.72 -26.61
C THR F 738 54.20 47.89 -26.70
N ASN F 739 52.96 47.64 -27.14
CA ASN F 739 51.84 48.60 -27.11
C ASN F 739 52.16 49.84 -27.95
N VAL F 740 52.47 49.62 -29.21
CA VAL F 740 52.67 50.71 -30.16
C VAL F 740 51.65 50.51 -31.27
N PRO F 741 51.35 51.52 -32.10
CA PRO F 741 50.48 51.28 -33.26
C PRO F 741 51.15 50.43 -34.34
N ASP F 742 50.42 50.15 -35.39
CA ASP F 742 51.00 49.41 -36.49
C ASP F 742 51.92 50.33 -37.30
N PRO F 743 52.96 49.77 -37.92
CA PRO F 743 53.78 50.59 -38.82
C PRO F 743 53.04 50.92 -40.08
N ILE F 744 53.37 52.08 -40.66
CA ILE F 744 52.61 52.62 -41.78
C ILE F 744 52.97 51.90 -43.07
N TYR F 745 52.14 52.07 -44.08
CA TYR F 745 52.41 51.56 -45.42
C TYR F 745 52.87 52.72 -46.28
N ILE F 746 54.07 52.61 -46.84
CA ILE F 746 54.59 53.61 -47.76
C ILE F 746 54.23 53.20 -49.19
N THR F 747 53.68 54.15 -49.95
CA THR F 747 53.03 53.83 -51.22
C THR F 747 53.74 54.37 -52.45
N GLY F 748 54.97 54.87 -52.31
CA GLY F 748 55.67 55.39 -53.47
C GLY F 748 55.63 56.89 -53.54
N ALA F 749 54.47 57.47 -53.24
CA ALA F 749 54.35 58.91 -53.13
C ALA F 749 54.55 59.41 -51.70
N SER F 750 55.16 58.60 -50.85
CA SER F 750 55.29 58.95 -49.44
C SER F 750 56.43 59.92 -49.23
N THR F 751 56.17 60.96 -48.45
CA THR F 751 57.20 61.90 -48.05
C THR F 751 58.05 61.29 -46.94
N PRO F 752 59.32 61.72 -46.81
CA PRO F 752 60.13 61.22 -45.68
C PRO F 752 59.68 61.74 -44.33
N ASP F 753 58.82 62.76 -44.27
CA ASP F 753 58.25 63.18 -43.00
C ASP F 753 57.21 62.19 -42.49
N GLN F 754 56.51 61.50 -43.40
CA GLN F 754 55.57 60.47 -42.98
C GLN F 754 56.29 59.28 -42.38
N ILE F 755 57.46 58.94 -42.92
CA ILE F 755 58.26 57.85 -42.37
C ILE F 755 58.80 58.22 -41.00
N ALA F 756 59.18 59.49 -40.82
CA ALA F 756 59.58 59.97 -39.51
C ALA F 756 58.41 60.02 -38.53
N ALA F 757 57.19 60.13 -39.04
CA ALA F 757 56.02 60.11 -38.16
C ALA F 757 55.71 58.72 -37.64
N SER F 758 56.16 57.69 -38.34
CA SER F 758 55.93 56.32 -37.89
C SER F 758 57.04 55.82 -36.99
N VAL F 759 58.29 56.22 -37.24
CA VAL F 759 59.40 55.83 -36.39
C VAL F 759 59.31 56.51 -35.04
N GLN F 760 58.85 57.75 -35.01
CA GLN F 760 58.69 58.44 -33.73
C GLN F 760 57.38 58.09 -33.02
N ALA F 761 56.51 57.30 -33.64
CA ALA F 761 55.33 56.78 -32.97
C ALA F 761 55.47 55.31 -32.62
N THR F 762 55.87 54.48 -33.59
CA THR F 762 56.28 53.11 -33.34
C THR F 762 57.78 53.12 -33.19
N HIS F 763 58.28 52.89 -31.97
CA HIS F 763 59.65 53.24 -31.61
C HIS F 763 60.73 52.41 -32.30
N VAL F 764 60.38 51.46 -33.16
CA VAL F 764 61.34 50.75 -33.98
C VAL F 764 61.28 51.29 -35.41
N ALA F 765 62.42 51.34 -36.08
CA ALA F 765 62.49 51.88 -37.44
C ALA F 765 62.07 50.81 -38.44
N VAL F 766 60.76 50.55 -38.47
CA VAL F 766 60.16 49.55 -39.34
C VAL F 766 59.01 50.19 -40.08
N VAL F 767 59.04 50.16 -41.40
CA VAL F 767 57.92 50.57 -42.24
C VAL F 767 57.57 49.42 -43.18
N LEU F 768 56.30 49.33 -43.53
CA LEU F 768 55.80 48.28 -44.40
C LEU F 768 55.66 48.81 -45.83
N TYR F 769 56.02 47.99 -46.79
CA TYR F 769 55.81 48.32 -48.20
C TYR F 769 54.41 47.87 -48.60
N GLN F 770 53.74 48.70 -49.43
CA GLN F 770 52.45 48.31 -49.96
C GLN F 770 52.48 48.17 -51.47
N SER F 771 52.82 49.23 -52.21
CA SER F 771 52.85 49.25 -53.67
C SER F 771 53.58 50.51 -54.10
N GLY F 772 53.67 50.72 -55.41
CA GLY F 772 54.22 51.94 -55.95
C GLY F 772 55.73 51.91 -56.13
N VAL F 773 56.27 53.05 -56.53
CA VAL F 773 57.68 53.24 -56.76
C VAL F 773 58.16 54.35 -55.83
N ILE F 774 58.97 53.98 -54.84
CA ILE F 774 59.35 54.90 -53.77
C ILE F 774 60.40 55.87 -54.29
N ASN F 775 60.10 57.17 -54.15
CA ASN F 775 60.89 58.23 -54.76
C ASN F 775 62.25 58.38 -54.07
N GLY F 776 63.11 59.19 -54.67
CA GLY F 776 64.49 59.28 -54.19
C GLY F 776 64.63 60.12 -52.93
N SER F 777 63.60 60.90 -52.62
CA SER F 777 63.64 61.70 -51.40
C SER F 777 63.51 60.82 -50.16
N ALA F 778 62.60 59.84 -50.19
CA ALA F 778 62.48 58.92 -49.07
C ALA F 778 63.58 57.86 -49.12
N SER F 779 64.14 57.61 -50.29
CA SER F 779 65.18 56.59 -50.42
C SER F 779 66.48 57.03 -49.77
N THR F 780 66.72 58.35 -49.70
CA THR F 780 67.85 58.83 -48.92
C THR F 780 67.54 58.82 -47.43
N TYR F 781 66.25 58.92 -47.07
CA TYR F 781 65.88 58.84 -45.66
C TYR F 781 65.99 57.41 -45.15
N LEU F 782 65.67 56.44 -46.00
CA LEU F 782 65.80 55.04 -45.60
C LEU F 782 67.24 54.59 -45.54
N ARG F 783 68.17 55.36 -46.11
CA ARG F 783 69.59 55.04 -46.06
C ARG F 783 70.27 55.59 -44.82
N GLU F 784 70.03 56.86 -44.50
CA GLU F 784 70.71 57.52 -43.40
C GLU F 784 70.05 57.29 -42.05
N ASN F 785 69.08 56.38 -41.96
CA ASN F 785 68.42 56.12 -40.69
C ASN F 785 68.20 54.65 -40.39
N GLU F 786 68.67 53.74 -41.27
CA GLU F 786 68.63 52.29 -41.08
C GLU F 786 67.22 51.77 -40.84
N VAL F 787 66.25 52.32 -41.57
CA VAL F 787 64.85 51.96 -41.39
C VAL F 787 64.57 50.67 -42.14
N LEU F 788 64.05 49.68 -41.43
CA LEU F 788 63.82 48.36 -42.01
C LEU F 788 62.55 48.38 -42.86
N VAL F 789 62.67 48.05 -44.13
CA VAL F 789 61.55 48.01 -45.06
C VAL F 789 61.11 46.56 -45.22
N VAL F 790 59.82 46.32 -45.01
CA VAL F 790 59.27 44.97 -45.06
C VAL F 790 58.59 44.78 -46.41
N MET F 791 59.17 43.93 -47.25
CA MET F 791 58.65 43.60 -48.56
C MET F 791 57.81 42.34 -48.52
N PRO F 792 56.85 42.18 -49.44
CA PRO F 792 56.14 40.90 -49.53
C PRO F 792 57.00 39.77 -50.05
N ASP F 793 57.76 40.00 -51.12
CA ASP F 793 58.65 39.00 -51.68
C ASP F 793 59.75 39.69 -52.48
N TYR F 794 60.76 38.93 -52.86
CA TYR F 794 61.94 39.45 -53.57
C TYR F 794 61.83 39.22 -55.07
N TYR F 795 60.84 39.87 -55.70
CA TYR F 795 60.65 39.79 -57.14
C TYR F 795 60.88 41.17 -57.74
N ASP F 796 62.07 41.37 -58.33
CA ASP F 796 62.50 42.59 -59.00
C ASP F 796 62.44 43.78 -58.05
N VAL F 797 63.26 43.68 -56.99
CA VAL F 797 63.24 44.64 -55.91
C VAL F 797 63.90 45.97 -56.27
N VAL F 798 64.62 46.04 -57.39
CA VAL F 798 65.04 47.35 -57.90
C VAL F 798 63.83 48.12 -58.40
N SER F 799 62.91 47.44 -59.07
CA SER F 799 61.78 48.11 -59.73
C SER F 799 60.77 48.67 -58.74
N ARG F 800 60.81 48.27 -57.48
CA ARG F 800 59.93 48.87 -56.49
C ARG F 800 60.47 50.21 -55.98
N PHE F 801 61.74 50.51 -56.23
CA PHE F 801 62.32 51.78 -55.85
C PHE F 801 62.61 52.62 -57.09
N ALA F 802 62.62 53.94 -56.92
CA ALA F 802 63.08 54.84 -57.97
C ALA F 802 64.60 54.91 -57.90
N ASN F 803 65.24 54.02 -58.66
CA ASN F 803 66.70 53.91 -58.69
C ASN F 803 67.23 55.01 -59.61
N ALA F 804 67.19 56.24 -59.12
CA ALA F 804 67.64 57.37 -59.92
C ALA F 804 69.15 57.44 -60.03
N ASN F 805 69.88 56.89 -59.07
CA ASN F 805 71.33 56.88 -59.15
C ASN F 805 71.82 55.83 -60.13
N LEU F 806 70.98 54.83 -60.42
CA LEU F 806 71.27 53.72 -61.33
C LEU F 806 72.51 52.94 -60.90
N GLN F 807 72.67 52.77 -59.60
CA GLN F 807 73.72 51.93 -59.02
C GLN F 807 73.18 50.77 -58.21
N MET F 808 71.94 50.86 -57.74
CA MET F 808 71.30 49.77 -57.02
C MET F 808 70.90 48.66 -57.98
N ASN F 809 71.35 47.45 -57.70
CA ASN F 809 71.14 46.30 -58.59
C ASN F 809 70.54 45.15 -57.80
N ASN F 810 69.87 44.24 -58.53
CA ASN F 810 69.23 43.09 -57.89
C ASN F 810 70.25 42.13 -57.30
N ASN F 811 71.40 41.96 -57.94
CA ASN F 811 72.36 40.93 -57.55
C ASN F 811 73.53 41.51 -56.76
N ARG F 812 73.27 42.51 -55.93
CA ARG F 812 74.31 43.19 -55.14
C ARG F 812 73.77 43.39 -53.73
N TYR F 813 74.04 42.43 -52.84
CA TYR F 813 73.57 42.51 -51.46
C TYR F 813 74.39 41.60 -50.58
N HIS F 814 74.33 41.88 -49.28
CA HIS F 814 74.97 41.08 -48.25
C HIS F 814 73.88 40.58 -47.31
N GLU F 815 73.43 39.35 -47.52
CA GLU F 815 72.40 38.77 -46.67
C GLU F 815 72.99 38.38 -45.32
N SER F 816 72.53 39.03 -44.26
CA SER F 816 73.03 38.78 -42.92
C SER F 816 71.87 38.83 -41.95
N VAL F 817 72.09 38.28 -40.76
CA VAL F 817 71.04 38.22 -39.76
C VAL F 817 71.04 39.49 -38.93
N LEU F 818 69.90 39.77 -38.30
CA LEU F 818 69.71 40.98 -37.51
C LEU F 818 69.00 40.62 -36.22
N GLU F 819 69.66 40.84 -35.09
CA GLU F 819 69.10 40.48 -33.80
C GLU F 819 68.00 41.44 -33.39
N ILE F 820 67.11 40.96 -32.52
CA ILE F 820 66.00 41.78 -32.06
C ILE F 820 66.48 42.81 -31.04
N ALA F 821 67.57 42.52 -30.34
CA ALA F 821 68.17 43.47 -29.40
C ALA F 821 68.86 44.63 -30.09
N ASP F 822 69.03 44.59 -31.41
CA ASP F 822 69.56 45.70 -32.16
C ASP F 822 68.50 46.72 -32.54
N ILE F 823 67.26 46.29 -32.76
CA ILE F 823 66.19 47.17 -33.21
C ILE F 823 65.23 47.51 -32.07
N PHE F 824 65.24 46.75 -30.99
CA PHE F 824 64.48 47.09 -29.80
C PHE F 824 65.45 47.43 -28.67
N ASP F 825 65.30 48.63 -28.12
CA ASP F 825 66.01 49.02 -26.91
C ASP F 825 64.98 49.46 -25.89
N GLN F 826 64.40 48.48 -25.20
CA GLN F 826 63.38 48.72 -24.19
C GLN F 826 63.94 48.20 -22.88
N ALA F 827 63.59 48.85 -21.77
CA ALA F 827 64.28 48.60 -20.51
C ALA F 827 63.95 47.23 -19.92
N ASP F 828 62.68 46.93 -19.74
CA ASP F 828 62.28 45.73 -19.01
C ASP F 828 61.85 44.59 -19.92
N PHE F 829 62.11 44.68 -21.21
CA PHE F 829 61.67 43.65 -22.14
C PHE F 829 62.82 42.93 -22.81
N ILE F 830 63.78 43.66 -23.38
CA ILE F 830 64.94 43.07 -24.01
C ILE F 830 66.18 43.68 -23.37
N GLN F 831 67.02 42.82 -22.77
CA GLN F 831 68.23 43.28 -22.10
C GLN F 831 69.25 43.69 -23.16
N THR F 832 69.48 45.00 -23.27
CA THR F 832 70.30 45.55 -24.34
C THR F 832 71.57 46.22 -23.85
N SER F 833 72.04 45.88 -22.66
CA SER F 833 73.20 46.54 -22.10
C SER F 833 74.48 46.16 -22.83
N ASP F 834 75.55 46.90 -22.54
CA ASP F 834 76.81 46.69 -23.23
C ASP F 834 77.48 45.40 -22.77
N ALA F 835 77.14 44.93 -21.57
CA ALA F 835 77.73 43.70 -21.05
C ALA F 835 77.11 42.47 -21.71
N VAL F 836 75.78 42.42 -21.75
CA VAL F 836 75.08 41.25 -22.27
C VAL F 836 75.25 41.13 -23.79
N ARG F 837 75.46 42.26 -24.48
CA ARG F 837 75.75 42.24 -25.91
C ARG F 837 77.05 41.51 -26.21
N GLN F 838 78.00 41.56 -25.28
CA GLN F 838 79.27 40.88 -25.50
C GLN F 838 79.15 39.37 -25.32
N LEU F 839 78.26 38.93 -24.42
CA LEU F 839 78.12 37.50 -24.16
C LEU F 839 77.49 36.75 -25.33
N ARG F 840 76.58 37.37 -26.05
CA ARG F 840 75.93 36.69 -27.16
C ARG F 840 76.79 36.64 -28.41
N ALA F 841 77.99 37.22 -28.38
CA ALA F 841 79.02 36.97 -29.38
C ALA F 841 80.06 35.98 -28.91
N LEU F 842 80.14 35.72 -27.60
CA LEU F 842 81.00 34.69 -27.06
C LEU F 842 80.30 33.34 -26.93
N MET F 843 78.98 33.32 -26.86
CA MET F 843 78.24 32.06 -26.83
C MET F 843 78.35 31.33 -28.16
N PRO F 844 78.35 30.00 -28.13
CA PRO F 844 78.21 29.25 -29.38
C PRO F 844 76.78 29.31 -29.89
N THR F 845 76.58 28.72 -31.07
CA THR F 845 75.26 28.71 -31.68
C THR F 845 74.32 27.83 -30.86
N LEU F 846 73.43 28.47 -30.12
CA LEU F 846 72.56 27.78 -29.18
C LEU F 846 71.36 27.20 -29.92
N SER F 847 70.44 26.64 -29.15
CA SER F 847 69.25 25.99 -29.68
C SER F 847 68.23 25.91 -28.56
N THR F 848 67.04 25.42 -28.90
CA THR F 848 66.01 25.27 -27.88
C THR F 848 66.16 23.99 -27.08
N SER F 849 67.19 23.19 -27.36
CA SER F 849 67.53 22.05 -26.53
C SER F 849 68.80 22.26 -25.73
N GLN F 850 69.55 23.32 -26.00
CA GLN F 850 70.71 23.65 -25.18
C GLN F 850 70.37 24.66 -24.09
N ILE F 851 69.30 25.44 -24.27
CA ILE F 851 68.81 26.25 -23.18
C ILE F 851 68.16 25.36 -22.12
N ARG F 852 67.53 24.27 -22.56
CA ARG F 852 66.95 23.30 -21.63
C ARG F 852 68.02 22.63 -20.78
N HIS F 853 69.18 22.34 -21.37
CA HIS F 853 70.29 21.79 -20.59
C HIS F 853 70.93 22.85 -19.71
N ALA F 854 70.84 24.12 -20.11
CA ALA F 854 71.42 25.19 -19.30
C ALA F 854 70.59 25.48 -18.06
N ILE F 855 69.28 25.33 -18.15
CA ILE F 855 68.42 25.60 -17.00
C ILE F 855 68.58 24.50 -15.95
N GLU F 856 68.58 23.24 -16.38
CA GLU F 856 68.68 22.12 -15.46
C GLU F 856 70.09 21.97 -14.87
N ARG F 857 71.07 22.74 -15.34
CA ARG F 857 72.37 22.71 -14.71
C ARG F 857 72.48 23.78 -13.61
N ILE F 858 71.78 24.90 -13.78
CA ILE F 858 71.74 25.91 -12.73
C ILE F 858 70.92 25.43 -11.54
N ALA F 859 69.79 24.77 -11.81
CA ALA F 859 68.94 24.27 -10.74
C ALA F 859 69.60 23.15 -9.95
N GLN F 860 70.57 22.46 -10.53
CA GLN F 860 71.34 21.48 -9.76
C GLN F 860 72.33 22.18 -8.84
N ILE F 861 72.80 23.36 -9.22
CA ILE F 861 73.74 24.12 -8.39
C ILE F 861 73.02 24.76 -7.22
N THR F 862 71.88 25.40 -7.47
CA THR F 862 71.14 26.15 -6.46
C THR F 862 70.53 25.19 -5.44
N ASP F 863 70.98 25.30 -4.19
CA ASP F 863 70.38 24.57 -3.08
C ASP F 863 69.64 25.58 -2.20
N VAL F 864 68.39 25.85 -2.54
CA VAL F 864 67.62 26.87 -1.84
C VAL F 864 67.02 26.28 -0.58
N ASP F 865 66.65 27.16 0.35
CA ASP F 865 66.11 26.75 1.65
C ASP F 865 64.60 26.55 1.55
N SER F 866 64.15 25.30 1.69
CA SER F 866 62.75 24.96 1.78
C SER F 866 62.38 24.77 3.25
N THR F 867 61.12 24.38 3.47
CA THR F 867 60.67 24.01 4.80
C THR F 867 59.97 22.67 4.70
N ASP F 868 59.42 22.23 5.83
CA ASP F 868 58.80 20.91 5.91
C ASP F 868 57.46 20.84 5.19
N TYR F 869 56.94 22.00 4.78
CA TYR F 869 55.84 22.06 3.81
C TYR F 869 56.35 22.43 2.42
N GLY F 870 57.58 22.92 2.31
CA GLY F 870 58.07 23.42 1.02
C GLY F 870 58.34 22.32 0.02
N LYS F 871 59.22 21.42 0.45
CA LYS F 871 59.57 20.31 -0.38
C LYS F 871 58.31 19.50 -0.61
N LEU F 872 57.47 19.32 0.41
CA LEU F 872 56.20 18.66 0.17
C LEU F 872 55.37 19.45 -0.82
N THR F 873 55.29 20.75 -0.65
CA THR F 873 54.65 21.55 -1.66
C THR F 873 55.43 21.42 -2.96
N LEU F 874 56.74 21.54 -2.88
CA LEU F 874 57.52 21.55 -4.09
C LEU F 874 57.32 20.26 -4.89
N ARG F 875 57.29 19.15 -4.16
CA ARG F 875 57.07 17.84 -4.73
C ARG F 875 55.70 17.73 -5.35
N PHE F 876 54.68 18.37 -4.79
CA PHE F 876 53.32 18.09 -5.19
C PHE F 876 53.08 18.40 -6.66
N LEU F 877 53.65 19.48 -7.14
CA LEU F 877 53.25 20.01 -8.42
C LEU F 877 53.45 19.13 -9.67
N GLY F 878 54.58 18.45 -9.93
CA GLY F 878 55.88 18.59 -9.26
C GLY F 878 57.09 18.26 -10.10
N THR F 879 56.90 18.00 -11.40
CA THR F 879 58.04 17.57 -12.22
C THR F 879 58.08 18.15 -13.62
N LEU F 880 57.03 18.74 -14.16
CA LEU F 880 56.97 19.13 -15.56
C LEU F 880 57.04 20.65 -15.68
N THR F 881 58.08 21.15 -16.34
CA THR F 881 58.24 22.59 -16.52
C THR F 881 58.66 22.88 -17.94
N ARG F 882 59.25 21.88 -18.60
CA ARG F 882 59.97 22.07 -19.85
C ARG F 882 59.07 22.05 -21.09
N SER F 883 57.78 22.33 -20.93
CA SER F 883 56.89 22.37 -22.08
C SER F 883 56.75 23.79 -22.62
N LEU F 884 56.77 24.79 -21.73
CA LEU F 884 56.52 26.16 -22.13
C LEU F 884 57.81 26.85 -22.57
N LYS F 885 57.75 27.50 -23.73
CA LYS F 885 58.82 28.38 -24.16
C LYS F 885 58.75 29.70 -23.40
N MET F 886 59.87 30.12 -22.86
CA MET F 886 59.97 31.29 -21.98
C MET F 886 60.84 32.36 -22.60
N GLN F 887 60.63 32.64 -23.89
CA GLN F 887 61.56 33.50 -24.62
C GLN F 887 61.36 34.97 -24.23
N ASN F 888 60.19 35.51 -24.50
CA ASN F 888 59.79 36.84 -24.06
C ASN F 888 58.42 36.79 -23.44
N ALA F 889 58.29 35.89 -22.46
CA ALA F 889 56.99 35.54 -21.88
C ALA F 889 56.39 36.71 -21.14
N GLN F 890 55.24 37.17 -21.62
CA GLN F 890 54.49 38.24 -21.00
C GLN F 890 53.15 37.68 -20.54
N ILE F 891 52.38 38.50 -19.84
CA ILE F 891 51.09 38.08 -19.31
C ILE F 891 50.03 39.00 -19.92
N ARG F 892 49.23 38.46 -20.84
CA ARG F 892 48.28 39.23 -21.61
C ARG F 892 46.91 38.55 -21.59
N ARG F 893 45.85 39.35 -21.59
CA ARG F 893 44.52 38.78 -21.76
C ARG F 893 44.30 38.40 -23.22
N ILE F 894 43.44 37.41 -23.43
CA ILE F 894 43.04 37.02 -24.77
C ILE F 894 41.55 37.21 -24.94
N ARG F 895 41.14 37.38 -26.19
CA ARG F 895 39.73 37.32 -26.52
C ARG F 895 39.24 35.88 -26.33
N PRO F 896 37.94 35.71 -26.09
CA PRO F 896 37.37 34.35 -26.13
C PRO F 896 37.37 33.73 -27.53
N ASP F 897 37.61 34.50 -28.59
CA ASP F 897 37.91 33.90 -29.88
C ASP F 897 39.25 33.17 -29.84
N GLY F 898 40.26 33.81 -29.25
CA GLY F 898 41.56 33.15 -29.13
C GLY F 898 42.73 33.95 -29.65
N THR F 899 42.55 35.25 -29.83
CA THR F 899 43.64 36.13 -30.22
C THR F 899 44.14 36.89 -29.01
N VAL F 900 45.45 37.13 -28.98
CA VAL F 900 46.08 37.77 -27.83
C VAL F 900 45.85 39.28 -27.91
N LEU F 901 45.10 39.81 -26.96
CA LEU F 901 44.89 41.25 -26.89
C LEU F 901 46.16 41.97 -26.47
N ARG F 902 46.20 43.26 -26.75
CA ARG F 902 47.29 44.10 -26.29
C ARG F 902 47.12 44.39 -24.82
N TYR F 903 48.14 45.01 -24.23
CA TYR F 903 48.03 45.48 -22.86
C TYR F 903 47.08 46.66 -22.81
N ASP F 904 45.95 46.50 -22.13
CA ASP F 904 45.03 47.60 -21.94
C ASP F 904 45.33 48.27 -20.60
N ASP F 905 45.46 49.60 -20.63
CA ASP F 905 45.95 50.34 -19.47
C ASP F 905 44.97 50.36 -18.31
N GLN F 906 43.70 50.07 -18.55
CA GLN F 906 42.65 50.32 -17.58
C GLN F 906 41.93 49.05 -17.14
N ILE F 907 42.39 47.87 -17.56
CA ILE F 907 41.81 46.61 -17.17
C ILE F 907 42.82 45.72 -16.45
N ASP F 908 44.01 45.57 -17.02
CA ASP F 908 45.03 44.73 -16.42
C ASP F 908 45.71 45.45 -15.26
N ILE F 909 46.35 44.66 -14.40
CA ILE F 909 47.08 45.22 -13.28
C ILE F 909 48.40 45.78 -13.78
N GLU F 910 49.03 46.66 -12.97
CA GLU F 910 50.29 47.30 -13.34
C GLU F 910 51.42 46.30 -13.49
N ALA F 911 51.42 45.21 -12.74
CA ALA F 911 52.53 44.27 -12.77
C ALA F 911 52.49 43.31 -13.95
N PHE F 912 51.48 43.40 -14.81
CA PHE F 912 51.43 42.58 -16.01
C PHE F 912 51.89 43.31 -17.26
N ARG F 913 52.28 44.58 -17.15
CA ARG F 913 52.64 45.35 -18.32
C ARG F 913 53.98 44.90 -18.88
N TRP F 914 55.04 45.02 -18.10
CA TRP F 914 56.33 44.45 -18.46
C TRP F 914 56.64 43.38 -17.42
N SER F 915 56.53 42.12 -17.82
CA SER F 915 56.97 41.03 -16.97
C SER F 915 58.49 41.11 -16.91
N ARG F 916 59.01 41.61 -15.80
CA ARG F 916 60.42 41.97 -15.70
C ARG F 916 61.30 40.74 -15.57
N TYR F 917 61.32 39.91 -16.63
CA TYR F 917 62.01 38.62 -16.72
C TYR F 917 61.61 37.65 -15.62
N PHE F 918 60.44 37.86 -15.01
CA PHE F 918 59.94 37.14 -13.84
C PHE F 918 60.97 37.11 -12.72
N LEU F 919 61.33 38.31 -12.28
CA LEU F 919 62.38 38.50 -11.28
C LEU F 919 61.87 39.41 -10.18
N ASP F 920 62.77 39.73 -9.25
CA ASP F 920 62.43 40.49 -8.05
C ASP F 920 62.76 41.95 -8.28
N GLU F 921 62.16 42.82 -7.46
CA GLU F 921 62.50 44.23 -7.47
C GLU F 921 63.96 44.45 -7.04
N LEU F 922 64.43 43.64 -6.10
CA LEU F 922 65.82 43.74 -5.68
C LEU F 922 66.76 43.10 -6.69
N ARG F 923 66.30 42.04 -7.37
CA ARG F 923 67.22 41.20 -8.11
C ARG F 923 67.63 41.85 -9.42
N LEU F 924 66.88 42.84 -9.88
CA LEU F 924 67.36 43.66 -10.99
C LEU F 924 68.42 44.65 -10.53
N ARG F 925 68.29 45.15 -9.30
CA ARG F 925 69.24 46.14 -8.80
C ARG F 925 70.60 45.51 -8.53
N ARG F 926 70.62 44.25 -8.11
CA ARG F 926 71.89 43.55 -7.99
C ARG F 926 72.42 43.14 -9.36
N LEU F 927 71.55 43.11 -10.37
CA LEU F 927 71.96 42.63 -11.68
C LEU F 927 72.75 43.69 -12.44
N SER F 928 72.36 44.96 -12.32
CA SER F 928 73.07 46.03 -13.02
C SER F 928 74.44 46.27 -12.41
N VAL F 929 74.58 46.00 -11.12
CA VAL F 929 75.90 46.02 -10.50
C VAL F 929 76.70 44.81 -10.93
N GLY F 930 76.03 43.68 -11.12
CA GLY F 930 76.71 42.48 -11.58
C GLY F 930 77.20 42.58 -13.01
N LEU F 931 76.46 43.29 -13.86
CA LEU F 931 76.90 43.45 -15.25
C LEU F 931 78.10 44.37 -15.36
N ARG F 932 78.31 45.24 -14.38
CA ARG F 932 79.54 46.02 -14.33
C ARG F 932 80.72 45.17 -13.90
N LEU F 933 80.48 44.06 -13.21
CA LEU F 933 81.58 43.18 -12.85
C LEU F 933 82.00 42.30 -14.02
N ILE F 934 81.09 41.99 -14.94
CA ILE F 934 81.40 41.09 -16.03
C ILE F 934 82.15 41.81 -17.14
N THR F 935 81.75 43.03 -17.47
CA THR F 935 82.41 43.79 -18.52
C THR F 935 83.72 44.45 -18.05
N ASN F 936 84.13 44.19 -16.83
CA ASN F 936 85.36 44.75 -16.27
C ASN F 936 86.57 44.22 -17.03
N PRO F 937 87.47 45.07 -17.50
CA PRO F 937 88.68 44.57 -18.17
C PRO F 937 89.69 43.90 -17.24
N ARG F 938 89.50 43.96 -15.92
CA ARG F 938 90.47 43.36 -15.01
C ARG F 938 90.31 41.85 -14.90
N ILE F 939 89.12 41.30 -15.19
CA ILE F 939 88.91 39.87 -15.09
C ILE F 939 88.69 39.22 -16.45
N ALA F 940 88.73 39.97 -17.54
CA ALA F 940 88.56 39.41 -18.88
C ALA F 940 89.89 38.83 -19.35
N ARG F 941 90.22 37.67 -18.80
CA ARG F 941 91.51 37.02 -19.05
C ARG F 941 91.36 35.77 -19.90
N ARG F 942 90.35 35.71 -20.76
CA ARG F 942 90.24 34.65 -21.75
C ARG F 942 90.83 35.25 -23.02
N PHE F 943 92.06 34.88 -23.32
CA PHE F 943 92.86 35.53 -24.35
C PHE F 943 92.73 34.79 -25.67
N ASP F 944 92.37 35.50 -26.72
CA ASP F 944 92.26 34.90 -28.05
C ASP F 944 93.25 35.56 -29.00
N GLY F 945 93.78 34.75 -29.89
CA GLY F 945 94.82 35.19 -30.81
C GLY F 945 96.21 34.92 -30.26
N VAL F 946 97.03 34.26 -31.09
CA VAL F 946 98.36 33.83 -30.65
C VAL F 946 99.32 33.94 -31.83
N ARG F 947 100.61 34.07 -31.55
CA ARG F 947 101.60 34.34 -32.60
C ARG F 947 102.79 33.41 -32.44
N ILE F 948 103.18 32.76 -33.53
CA ILE F 948 104.36 31.90 -33.58
C ILE F 948 105.49 32.67 -34.25
N MET F 949 106.61 32.78 -33.55
CA MET F 949 107.76 33.53 -34.03
C MET F 949 108.99 32.98 -33.31
N TYR F 950 110.15 33.12 -33.93
CA TYR F 950 111.33 32.41 -33.44
C TYR F 950 112.38 33.38 -32.92
N LEU F 951 111.97 34.32 -32.09
CA LEU F 951 112.91 35.23 -31.45
C LEU F 951 113.48 34.61 -30.18
N THR F 952 114.51 35.26 -29.63
CA THR F 952 115.18 34.76 -28.45
C THR F 952 114.48 35.23 -27.19
N ASP F 953 114.52 34.40 -26.15
CA ASP F 953 113.94 34.73 -24.86
C ASP F 953 115.06 35.16 -23.93
N ASP F 954 115.42 36.45 -24.02
CA ASP F 954 116.51 37.01 -23.24
C ASP F 954 116.04 37.93 -22.12
N ASP F 955 115.07 38.81 -22.37
CA ASP F 955 114.49 39.67 -21.33
C ASP F 955 112.98 39.41 -21.25
N PRO F 956 112.58 38.33 -20.57
CA PRO F 956 111.18 37.88 -20.64
C PRO F 956 110.27 38.74 -19.78
N ASP F 957 109.18 39.18 -20.37
CA ASP F 957 108.02 39.71 -19.65
C ASP F 957 106.76 39.35 -20.42
N PRO F 958 105.64 39.12 -19.73
CA PRO F 958 104.43 38.71 -20.43
C PRO F 958 103.80 39.78 -21.30
N ASP F 959 104.18 41.05 -21.12
CA ASP F 959 103.66 42.11 -21.98
C ASP F 959 104.29 42.11 -23.36
N PHE F 960 105.34 41.32 -23.59
CA PHE F 960 106.16 41.41 -24.80
C PHE F 960 105.39 40.87 -25.99
N VAL F 961 105.00 41.76 -26.89
CA VAL F 961 104.40 41.40 -28.17
C VAL F 961 105.44 41.70 -29.25
N PRO F 962 106.00 40.68 -29.91
CA PRO F 962 107.09 40.92 -30.85
C PRO F 962 106.59 41.55 -32.14
N ASP F 963 107.20 42.67 -32.51
CA ASP F 963 106.77 43.41 -33.68
C ASP F 963 107.27 42.74 -34.95
N VAL F 964 106.39 42.71 -35.94
CA VAL F 964 106.73 42.18 -37.26
C VAL F 964 107.70 43.15 -37.93
N PRO F 965 108.86 42.68 -38.41
CA PRO F 965 109.83 43.59 -39.04
C PRO F 965 109.32 44.17 -40.35
N GLU F 966 110.11 45.10 -40.88
CA GLU F 966 109.67 45.95 -41.99
C GLU F 966 109.56 45.21 -43.30
N GLY F 967 110.28 44.13 -43.49
CA GLY F 967 110.35 43.50 -44.79
C GLY F 967 109.49 42.28 -44.99
N TYR F 968 108.39 42.12 -44.26
CA TYR F 968 107.57 40.93 -44.42
C TYR F 968 106.36 41.24 -45.28
N VAL F 969 105.71 40.18 -45.75
CA VAL F 969 104.58 40.27 -46.67
C VAL F 969 103.37 39.63 -46.00
N ALA F 970 102.26 40.36 -45.94
CA ALA F 970 101.03 39.84 -45.37
C ALA F 970 100.39 38.87 -46.36
N VAL F 971 100.15 37.63 -45.91
CA VAL F 971 99.59 36.57 -46.75
C VAL F 971 98.45 35.92 -45.98
N GLN F 972 97.25 35.96 -46.55
CA GLN F 972 96.13 35.22 -45.99
C GLN F 972 96.31 33.73 -46.25
N TYR F 973 95.95 32.92 -45.26
CA TYR F 973 96.10 31.49 -45.36
C TYR F 973 94.89 30.84 -46.00
N ALA F 974 95.15 29.91 -46.92
CA ALA F 974 94.11 29.11 -47.54
C ALA F 974 94.65 27.70 -47.73
N HIS F 975 93.81 26.83 -48.27
CA HIS F 975 94.22 25.47 -48.58
C HIS F 975 94.71 25.31 -50.00
N ARG F 976 94.63 26.38 -50.79
CA ARG F 976 95.12 26.36 -52.16
C ARG F 976 96.63 26.54 -52.24
N LEU F 977 97.24 27.12 -51.20
CA LEU F 977 98.65 27.46 -51.25
C LEU F 977 99.57 26.25 -51.18
N PHE F 978 99.27 25.28 -50.33
CA PHE F 978 100.18 24.18 -50.07
C PHE F 978 99.73 22.94 -50.84
N SER F 979 100.67 22.34 -51.56
CA SER F 979 100.38 21.17 -52.37
C SER F 979 101.67 20.38 -52.55
N SER F 980 101.52 19.07 -52.71
CA SER F 980 102.67 18.20 -52.91
C SER F 980 103.19 18.37 -54.33
N SER F 981 104.52 18.34 -54.49
CA SER F 981 105.13 18.50 -55.80
C SER F 981 106.46 17.76 -55.84
N LEU F 982 106.74 17.13 -56.98
CA LEU F 982 108.02 16.46 -57.17
C LEU F 982 109.11 17.51 -57.32
N ALA F 983 110.01 17.59 -56.35
CA ALA F 983 111.01 18.66 -56.32
C ALA F 983 112.42 18.16 -56.60
N ASN F 984 112.95 17.25 -55.80
CA ASN F 984 114.24 16.63 -56.10
C ASN F 984 114.15 15.19 -55.61
N LYS F 985 113.65 14.31 -56.48
CA LYS F 985 113.51 12.86 -56.25
C LYS F 985 112.74 12.55 -54.96
N ARG F 986 111.81 13.43 -54.58
CA ARG F 986 111.10 13.37 -53.31
C ARG F 986 109.94 14.34 -53.37
N ASN F 987 108.75 13.86 -53.03
CA ASN F 987 107.59 14.74 -53.03
C ASN F 987 107.62 15.66 -51.83
N ARG F 988 107.81 16.95 -52.09
CA ARG F 988 107.92 17.94 -51.04
C ARG F 988 106.65 18.80 -51.01
N VAL F 989 106.31 19.27 -49.83
CA VAL F 989 105.16 20.17 -49.68
C VAL F 989 105.58 21.56 -50.14
N THR F 990 104.92 22.07 -51.17
CA THR F 990 105.36 23.27 -51.86
C THR F 990 104.43 24.43 -51.57
N TYR F 991 104.99 25.52 -51.06
CA TYR F 991 104.28 26.77 -50.84
C TYR F 991 104.31 27.61 -52.09
N THR F 992 103.16 28.19 -52.45
CA THR F 992 103.04 29.06 -53.61
C THR F 992 102.76 30.47 -53.13
N HIS F 993 103.74 31.34 -53.23
CA HIS F 993 103.65 32.70 -52.71
C HIS F 993 102.68 33.52 -53.53
N PRO F 994 101.61 34.07 -52.95
CA PRO F 994 100.50 34.62 -53.75
C PRO F 994 100.83 35.88 -54.54
N PRO F 995 101.63 36.86 -54.05
CA PRO F 995 101.96 37.97 -54.96
C PRO F 995 102.86 37.59 -56.12
N THR F 996 103.99 36.94 -55.86
CA THR F 996 104.94 36.68 -56.94
C THR F 996 104.57 35.44 -57.76
N GLY F 997 103.72 34.58 -57.23
CA GLY F 997 103.27 33.42 -57.96
C GLY F 997 104.26 32.27 -58.04
N MET F 998 105.40 32.37 -57.35
CA MET F 998 106.46 31.38 -57.49
C MET F 998 106.14 30.13 -56.67
N ALA F 999 107.05 29.17 -56.68
CA ALA F 999 106.90 27.95 -55.91
C ALA F 999 108.16 27.73 -55.09
N TYR F 1000 107.97 27.30 -53.84
CA TYR F 1000 109.07 27.18 -52.88
C TYR F 1000 108.99 25.81 -52.23
N PRO F 1001 109.77 24.84 -52.70
CA PRO F 1001 109.65 23.47 -52.18
C PRO F 1001 110.24 23.28 -50.80
N SER F 1002 111.42 23.82 -50.54
CA SER F 1002 112.07 23.54 -49.27
C SER F 1002 111.85 24.69 -48.30
N PRO F 1003 111.64 24.44 -47.01
CA PRO F 1003 111.33 25.51 -46.07
C PRO F 1003 112.50 26.39 -45.67
N THR F 1004 113.66 26.27 -46.30
CA THR F 1004 114.78 27.14 -45.99
C THR F 1004 114.82 28.38 -46.87
N GLY F 1005 114.50 28.25 -48.15
CA GLY F 1005 114.61 29.36 -49.06
C GLY F 1005 113.28 30.05 -49.32
N ARG F 1006 112.35 29.91 -48.40
CA ARG F 1006 111.06 30.56 -48.56
C ARG F 1006 111.16 32.04 -48.24
N PRO F 1007 110.37 32.89 -48.90
CA PRO F 1007 110.47 34.33 -48.64
C PRO F 1007 109.88 34.69 -47.29
N HIS F 1008 110.10 35.94 -46.92
CA HIS F 1008 109.67 36.47 -45.63
C HIS F 1008 108.17 36.73 -45.67
N VAL F 1009 107.40 35.92 -44.95
CA VAL F 1009 105.95 35.90 -45.05
C VAL F 1009 105.34 36.13 -43.67
N HIS F 1010 104.39 37.06 -43.58
CA HIS F 1010 103.57 37.24 -42.40
C HIS F 1010 102.22 36.56 -42.64
N MET F 1011 102.18 35.26 -42.36
CA MET F 1011 100.99 34.47 -42.63
C MET F 1011 99.97 34.65 -41.51
N THR F 1012 98.72 34.88 -41.88
CA THR F 1012 97.64 35.05 -40.92
C THR F 1012 96.62 33.94 -41.11
N ILE F 1013 96.49 33.07 -40.12
CA ILE F 1013 95.55 31.95 -40.19
C ILE F 1013 94.26 32.38 -39.50
N ASN F 1014 93.16 32.38 -40.25
CA ASN F 1014 91.86 32.72 -39.70
C ASN F 1014 90.98 31.51 -39.39
N GLU F 1015 91.19 30.39 -40.08
CA GLU F 1015 90.24 29.29 -40.05
C GLU F 1015 90.80 28.06 -39.35
N ARG F 1016 91.88 27.48 -39.86
CA ARG F 1016 92.46 26.21 -39.41
C ARG F 1016 91.38 25.12 -39.28
N ALA F 1017 90.70 24.84 -40.39
CA ALA F 1017 89.70 23.78 -40.45
C ALA F 1017 89.96 22.99 -41.70
N GLY F 1018 90.17 21.68 -41.54
CA GLY F 1018 90.58 20.88 -42.67
C GLY F 1018 92.02 21.09 -43.05
N MET F 1019 92.82 21.61 -42.14
CA MET F 1019 94.23 21.84 -42.39
C MET F 1019 95.00 20.55 -42.21
N SER F 1020 95.82 20.22 -43.21
CA SER F 1020 96.56 18.97 -43.16
C SER F 1020 97.65 19.01 -42.10
N LYS F 1021 98.05 17.84 -41.64
CA LYS F 1021 99.06 17.78 -40.59
C LYS F 1021 100.46 17.95 -41.17
N LEU F 1022 100.68 17.54 -42.42
CA LEU F 1022 101.96 17.81 -43.07
C LEU F 1022 102.11 19.29 -43.40
N VAL F 1023 101.00 19.94 -43.74
CA VAL F 1023 101.02 21.38 -43.99
C VAL F 1023 101.25 22.14 -42.69
N ALA F 1024 100.63 21.68 -41.60
CA ALA F 1024 100.84 22.31 -40.31
C ALA F 1024 102.24 22.04 -39.77
N ASP F 1025 102.90 20.97 -40.23
CA ASP F 1025 104.30 20.77 -39.92
C ASP F 1025 105.16 21.75 -40.70
N ASN F 1026 104.85 21.96 -41.98
CA ASN F 1026 105.70 22.75 -42.87
C ASN F 1026 105.69 24.22 -42.48
N ILE F 1027 104.61 24.70 -41.88
CA ILE F 1027 104.56 26.10 -41.48
C ILE F 1027 105.39 26.34 -40.23
N ILE F 1028 105.29 25.43 -39.25
CA ILE F 1028 106.15 25.53 -38.07
C ILE F 1028 107.59 25.25 -38.44
N ALA F 1029 107.83 24.41 -39.45
CA ALA F 1029 109.18 24.27 -40.00
C ALA F 1029 109.62 25.52 -40.72
N SER F 1030 108.68 26.30 -41.26
CA SER F 1030 109.03 27.53 -41.94
C SER F 1030 109.32 28.66 -40.97
N VAL F 1031 108.79 28.61 -39.75
CA VAL F 1031 109.12 29.62 -38.76
C VAL F 1031 110.55 29.45 -38.28
N ILE F 1032 110.98 28.20 -38.08
CA ILE F 1032 112.30 27.92 -37.54
C ILE F 1032 113.38 28.17 -38.60
N LYS F 1033 113.12 27.77 -39.84
CA LYS F 1033 114.14 27.83 -40.89
C LYS F 1033 114.15 29.15 -41.64
N SER F 1034 112.98 29.72 -41.94
CA SER F 1034 112.89 30.88 -42.83
C SER F 1034 112.35 32.12 -42.14
N ASN F 1035 112.11 32.06 -40.82
CA ASN F 1035 111.74 33.20 -39.97
C ASN F 1035 110.43 33.86 -40.42
N TRP F 1036 109.37 33.05 -40.50
CA TRP F 1036 108.05 33.62 -40.70
C TRP F 1036 107.49 34.17 -39.40
N VAL F 1037 106.34 34.84 -39.53
CA VAL F 1037 105.51 35.21 -38.40
C VAL F 1037 104.11 34.72 -38.70
N VAL F 1038 103.60 33.82 -37.86
CA VAL F 1038 102.33 33.17 -38.09
C VAL F 1038 101.37 33.58 -36.98
N ASP F 1039 100.29 34.26 -37.37
CA ASP F 1039 99.24 34.64 -36.43
C ASP F 1039 98.08 33.65 -36.54
N ILE F 1040 97.67 33.10 -35.41
CA ILE F 1040 96.49 32.24 -35.34
C ILE F 1040 95.41 32.99 -34.58
N HIS F 1041 94.27 33.21 -35.21
CA HIS F 1041 93.16 33.92 -34.59
C HIS F 1041 92.13 33.01 -33.96
N ASP F 1042 92.43 31.73 -33.76
CA ASP F 1042 91.42 30.81 -33.25
C ASP F 1042 91.71 30.40 -31.81
N ILE F 1043 92.98 30.41 -31.42
CA ILE F 1043 93.39 29.81 -30.15
C ILE F 1043 92.94 30.67 -28.97
N GLU F 1044 92.15 30.07 -28.09
CA GLU F 1044 91.84 30.64 -26.79
C GLU F 1044 92.80 30.06 -25.77
N TYR F 1045 93.25 30.88 -24.82
CA TYR F 1045 94.22 30.42 -23.85
C TYR F 1045 94.15 31.28 -22.60
N THR F 1046 94.47 30.67 -21.47
CA THR F 1046 94.73 31.39 -20.23
C THR F 1046 96.23 31.61 -20.11
N ALA F 1047 96.63 32.31 -19.05
CA ALA F 1047 98.04 32.63 -18.87
C ALA F 1047 98.32 32.88 -17.39
N GLU F 1048 99.20 32.08 -16.81
CA GLU F 1048 99.80 32.41 -15.52
C GLU F 1048 101.16 33.05 -15.76
N VAL F 1049 101.46 34.05 -14.94
CA VAL F 1049 102.74 34.74 -15.00
C VAL F 1049 103.67 34.07 -14.00
N MET F 1050 104.64 33.32 -14.50
CA MET F 1050 105.55 32.59 -13.64
C MET F 1050 106.64 33.50 -13.10
N THR F 1051 106.99 33.29 -11.85
CA THR F 1051 108.15 33.92 -11.25
C THR F 1051 109.43 33.21 -11.72
N PRO F 1052 110.56 33.92 -11.80
CA PRO F 1052 111.77 33.28 -12.33
C PRO F 1052 112.39 32.25 -11.41
N SER F 1053 112.03 32.22 -10.13
CA SER F 1053 112.52 31.18 -9.24
C SER F 1053 111.71 29.91 -9.32
N GLU F 1054 110.40 30.00 -9.57
CA GLU F 1054 109.57 28.82 -9.73
C GLU F 1054 109.91 28.08 -11.01
N GLY F 1055 110.11 28.81 -12.10
CA GLY F 1055 110.39 28.20 -13.39
C GLY F 1055 109.12 27.67 -14.05
N TYR F 1056 109.29 27.31 -15.32
CA TYR F 1056 108.18 26.75 -16.09
C TYR F 1056 107.84 25.36 -15.57
N THR F 1057 106.55 25.13 -15.33
CA THR F 1057 106.11 23.81 -14.88
C THR F 1057 105.76 22.89 -16.05
N GLN F 1058 104.84 23.31 -16.90
CA GLN F 1058 104.45 22.54 -18.06
C GLN F 1058 104.74 23.32 -19.33
N HIS F 1059 104.57 22.66 -20.48
CA HIS F 1059 104.84 23.26 -21.76
C HIS F 1059 103.73 22.92 -22.73
N VAL F 1060 103.64 23.71 -23.79
CA VAL F 1060 102.68 23.51 -24.86
C VAL F 1060 103.46 23.09 -26.10
N ASP F 1061 103.19 21.89 -26.60
CA ASP F 1061 103.84 21.41 -27.80
C ASP F 1061 103.36 22.20 -29.02
N ALA F 1062 104.16 22.17 -30.08
CA ALA F 1062 103.72 22.76 -31.33
C ALA F 1062 102.71 21.89 -32.06
N GLU F 1063 102.60 20.62 -31.68
CA GLU F 1063 101.57 19.77 -32.26
C GLU F 1063 100.19 20.17 -31.76
N SER F 1064 100.10 20.60 -30.51
CA SER F 1064 98.80 21.00 -29.97
C SER F 1064 98.37 22.36 -30.47
N ILE F 1065 99.31 23.28 -30.69
CA ILE F 1065 98.95 24.62 -31.13
C ILE F 1065 98.49 24.64 -32.59
N MET F 1066 98.76 23.58 -33.35
CA MET F 1066 98.40 23.52 -34.76
C MET F 1066 97.33 22.48 -35.07
N THR F 1067 97.31 21.37 -34.34
CA THR F 1067 96.36 20.29 -34.59
C THR F 1067 95.47 20.15 -33.36
N ALA F 1068 94.38 20.91 -33.33
CA ALA F 1068 93.49 20.94 -32.19
C ALA F 1068 92.10 21.31 -32.68
N PRO F 1069 91.05 20.92 -31.95
CA PRO F 1069 89.72 21.42 -32.29
C PRO F 1069 89.59 22.90 -31.96
N LYS F 1070 88.51 23.49 -32.48
CA LYS F 1070 88.31 24.93 -32.38
C LYS F 1070 88.05 25.38 -30.96
N GLY F 1071 87.42 24.53 -30.15
CA GLY F 1071 87.05 24.93 -28.81
C GLY F 1071 87.91 24.35 -27.71
N LYS F 1072 89.22 24.25 -27.91
CA LYS F 1072 90.12 23.79 -26.86
C LYS F 1072 90.77 25.00 -26.21
N LEU F 1073 90.85 24.97 -24.88
CA LEU F 1073 91.31 26.10 -24.08
C LEU F 1073 92.69 25.77 -23.53
N PHE F 1074 93.70 26.50 -24.00
CA PHE F 1074 95.08 26.20 -23.65
C PHE F 1074 95.48 26.90 -22.35
N HIS F 1075 96.73 26.66 -21.95
CA HIS F 1075 97.26 27.25 -20.71
C HIS F 1075 98.74 27.51 -20.94
N LEU F 1076 99.07 28.73 -21.34
CA LEU F 1076 100.45 29.14 -21.53
C LEU F 1076 101.03 29.65 -20.21
N GLN F 1077 102.33 29.46 -20.04
CA GLN F 1077 103.03 29.96 -18.87
C GLN F 1077 104.12 30.93 -19.32
N PHE F 1078 104.03 32.16 -18.84
CA PHE F 1078 104.95 33.22 -19.20
C PHE F 1078 105.77 33.58 -17.97
N MET F 1079 107.01 34.03 -18.19
CA MET F 1079 107.93 34.28 -17.08
C MET F 1079 108.23 35.76 -16.97
N ASP F 1080 107.96 36.33 -15.81
CA ASP F 1080 108.31 37.72 -15.53
C ASP F 1080 109.78 37.73 -15.14
N GLY F 1081 110.63 37.94 -16.13
CA GLY F 1081 112.07 37.89 -15.89
C GLY F 1081 112.66 39.19 -15.39
N LEU F 1082 112.02 39.80 -14.38
CA LEU F 1082 112.56 41.03 -13.83
C LEU F 1082 113.41 40.76 -12.60
N LEU F 1083 113.06 39.74 -11.83
CA LEU F 1083 113.80 39.40 -10.62
C LEU F 1083 114.74 38.22 -10.83
N ARG F 1084 115.33 38.12 -12.01
CA ARG F 1084 116.27 37.05 -12.28
C ARG F 1084 117.61 37.36 -11.61
N PRO F 1085 118.34 36.34 -11.13
CA PRO F 1085 119.63 36.60 -10.49
C PRO F 1085 120.68 36.99 -11.52
N GLU F 1086 121.31 38.12 -11.32
CA GLU F 1086 122.41 38.53 -12.17
C GLU F 1086 123.64 37.70 -11.84
N PRO F 1087 124.29 37.09 -12.83
CA PRO F 1087 125.42 36.21 -12.54
C PRO F 1087 126.66 37.01 -12.15
N SER F 1088 127.59 36.32 -11.50
CA SER F 1088 128.83 36.94 -11.07
C SER F 1088 129.69 37.29 -12.27
N ALA F 1089 130.53 38.31 -12.09
CA ALA F 1089 131.29 38.85 -13.21
C ALA F 1089 132.44 37.97 -13.65
N PHE F 1090 132.86 37.02 -12.81
CA PHE F 1090 133.98 36.15 -13.11
C PHE F 1090 133.54 34.75 -13.53
N ASP F 1091 132.27 34.58 -13.78
CA ASP F 1091 131.73 33.27 -14.12
C ASP F 1091 131.94 33.01 -15.61
N PRO F 1092 132.51 31.88 -16.01
CA PRO F 1092 132.56 31.53 -17.43
C PRO F 1092 131.17 31.25 -17.97
N PRO F 1093 130.91 31.61 -19.22
CA PRO F 1093 129.53 31.64 -19.71
C PRO F 1093 128.96 30.24 -19.96
N ALA F 1094 127.63 30.19 -20.07
CA ALA F 1094 126.95 28.97 -20.42
C ALA F 1094 127.02 28.74 -21.92
N SER F 1095 126.46 27.61 -22.36
CA SER F 1095 126.60 27.22 -23.75
C SER F 1095 125.45 27.75 -24.61
N GLY F 1096 124.22 27.36 -24.29
CA GLY F 1096 123.11 27.58 -25.20
C GLY F 1096 122.29 28.82 -24.89
N GLU F 1097 121.30 29.07 -25.75
CA GLU F 1097 120.40 30.20 -25.63
C GLU F 1097 119.01 29.72 -25.23
N ASP F 1098 118.18 30.69 -24.84
CA ASP F 1098 116.79 30.42 -24.48
C ASP F 1098 115.90 30.90 -25.62
N MET F 1099 115.29 29.95 -26.33
CA MET F 1099 114.39 30.28 -27.42
C MET F 1099 112.95 30.33 -26.93
N ARG F 1100 112.06 30.76 -27.81
CA ARG F 1100 110.68 31.06 -27.45
C ARG F 1100 109.85 31.07 -28.71
N LEU F 1101 108.91 30.15 -28.83
CA LEU F 1101 108.18 29.96 -30.08
C LEU F 1101 106.82 30.62 -30.09
N ILE F 1102 106.11 30.62 -28.96
CA ILE F 1102 104.73 31.08 -28.89
C ILE F 1102 104.69 32.43 -28.19
N TYR F 1103 104.05 33.41 -28.82
CA TYR F 1103 103.91 34.75 -28.30
C TYR F 1103 102.45 35.18 -28.30
N PRO F 1104 102.06 36.11 -27.44
CA PRO F 1104 100.69 36.63 -27.45
C PRO F 1104 100.51 37.80 -28.42
N LEU F 1105 99.23 38.09 -28.69
CA LEU F 1105 98.85 39.27 -29.46
C LEU F 1105 98.49 40.44 -28.54
N GLN F 1106 97.50 40.26 -27.71
CA GLN F 1106 96.99 41.29 -26.81
C GLN F 1106 97.70 41.21 -25.47
N PRO F 1107 97.83 42.33 -24.75
CA PRO F 1107 98.71 42.36 -23.56
C PRO F 1107 98.25 41.46 -22.42
N ILE F 1108 99.14 40.55 -22.03
CA ILE F 1108 98.92 39.67 -20.90
C ILE F 1108 99.02 40.48 -19.60
N SER F 1109 98.39 39.95 -18.55
CA SER F 1109 98.35 40.52 -17.20
C SER F 1109 97.67 41.88 -17.21
N VAL F 1110 96.41 41.86 -17.63
CA VAL F 1110 95.55 43.03 -17.44
C VAL F 1110 95.08 43.11 -15.99
N ALA F 1111 95.21 42.03 -15.23
CA ALA F 1111 94.83 41.98 -13.83
C ALA F 1111 95.94 42.42 -12.90
N ARG F 1112 97.08 42.83 -13.43
CA ARG F 1112 98.25 43.16 -12.62
C ARG F 1112 98.06 44.51 -11.94
N SER F 1113 98.19 44.54 -10.61
CA SER F 1113 98.10 45.77 -9.86
C SER F 1113 99.46 46.34 -9.49
N MET F 1114 100.28 45.57 -8.78
CA MET F 1114 101.66 45.91 -8.52
C MET F 1114 102.58 44.86 -9.11
N ARG F 1115 103.81 45.26 -9.39
CA ARG F 1115 104.79 44.34 -9.95
C ARG F 1115 106.16 44.69 -9.41
N ALA F 1116 106.87 43.66 -8.93
CA ALA F 1116 108.27 43.72 -8.47
C ALA F 1116 108.46 44.70 -7.31
N ILE F 1117 107.88 44.33 -6.17
CA ILE F 1117 108.01 45.15 -4.97
C ILE F 1117 109.34 44.77 -4.31
N VAL F 1118 110.43 45.35 -4.81
CA VAL F 1118 111.75 45.28 -4.21
C VAL F 1118 112.39 46.66 -4.37
N ASN F 1119 113.60 46.79 -3.85
CA ASN F 1119 114.40 47.98 -4.09
C ASN F 1119 115.70 47.59 -4.78
N HIS F 1120 116.12 48.43 -5.73
CA HIS F 1120 117.27 48.14 -6.55
C HIS F 1120 118.49 48.84 -5.98
N ASN F 1121 119.61 48.13 -5.97
CA ASN F 1121 120.80 48.58 -5.28
C ASN F 1121 121.65 49.57 -6.06
N GLU F 1122 121.28 49.90 -7.28
CA GLU F 1122 122.03 50.93 -7.98
C GLU F 1122 121.15 52.07 -8.47
N VAL F 1123 119.94 51.78 -8.96
CA VAL F 1123 119.04 52.78 -9.48
C VAL F 1123 117.92 52.98 -8.45
N ASP F 1124 117.21 54.11 -8.56
CA ASP F 1124 116.24 54.50 -7.54
C ASP F 1124 115.01 53.59 -7.56
N ARG F 1125 114.37 53.45 -8.71
CA ARG F 1125 113.27 52.49 -8.80
C ARG F 1125 113.55 51.50 -9.93
N PRO F 1126 113.10 50.25 -9.80
CA PRO F 1126 113.46 49.23 -10.77
C PRO F 1126 112.81 49.46 -12.12
N ARG F 1127 113.40 48.83 -13.13
CA ARG F 1127 112.97 49.01 -14.52
C ARG F 1127 111.65 48.27 -14.71
N GLY F 1128 110.58 49.04 -14.93
CA GLY F 1128 109.30 48.47 -15.24
C GLY F 1128 108.44 48.14 -14.05
N ALA F 1129 108.92 48.35 -12.83
CA ALA F 1129 108.09 48.12 -11.64
C ALA F 1129 107.02 49.18 -11.54
N VAL F 1130 105.79 48.75 -11.35
CA VAL F 1130 104.65 49.66 -11.32
C VAL F 1130 104.19 49.87 -9.90
N ALA F 1131 103.62 50.98 -9.68
CA ALA F 1131 102.97 51.48 -8.49
C ALA F 1131 101.51 51.04 -8.48
N PRO F 1132 100.88 50.89 -7.32
CA PRO F 1132 99.44 50.61 -7.31
C PRO F 1132 98.67 51.85 -7.74
N SER F 1133 97.62 51.62 -8.51
CA SER F 1133 96.86 52.72 -9.07
C SER F 1133 96.10 53.47 -7.98
N SER F 1134 96.08 54.80 -8.11
CA SER F 1134 95.59 55.68 -7.05
C SER F 1134 94.10 55.58 -6.81
N TYR F 1135 93.35 54.83 -7.61
CA TYR F 1135 91.96 54.56 -7.32
C TYR F 1135 91.77 53.34 -6.44
N GLU F 1136 92.82 52.53 -6.24
CA GLU F 1136 92.72 51.38 -5.36
C GLU F 1136 92.86 51.74 -3.89
N MET F 1137 93.09 53.02 -3.57
CA MET F 1137 93.32 53.44 -2.21
C MET F 1137 92.35 54.50 -1.75
N ASP F 1138 91.29 54.76 -2.53
CA ASP F 1138 90.35 55.84 -2.24
C ASP F 1138 89.07 55.25 -1.69
N THR F 1139 88.78 55.55 -0.43
CA THR F 1139 87.48 55.19 0.12
C THR F 1139 86.40 56.09 -0.44
N GLY F 1140 86.64 57.40 -0.40
CA GLY F 1140 85.60 58.34 -0.72
C GLY F 1140 84.57 58.36 0.39
N THR F 1141 83.36 58.75 0.03
CA THR F 1141 82.24 58.74 0.94
C THR F 1141 81.17 57.82 0.40
N LEU F 1142 80.06 57.75 1.11
CA LEU F 1142 78.86 57.09 0.65
C LEU F 1142 77.83 58.16 0.33
N SER F 1143 77.19 58.04 -0.83
CA SER F 1143 76.19 59.02 -1.22
C SER F 1143 74.91 58.85 -0.42
N ARG F 1144 74.00 59.80 -0.60
CA ARG F 1144 72.71 59.70 0.06
C ARG F 1144 71.84 58.64 -0.58
N ASN F 1145 72.05 58.38 -1.88
CA ASN F 1145 71.25 57.39 -2.59
C ASN F 1145 71.66 55.98 -2.18
N GLY F 1146 72.96 55.75 -2.03
CA GLY F 1146 73.46 54.41 -1.77
C GLY F 1146 74.54 54.03 -2.75
N ASP F 1147 74.88 54.96 -3.64
CA ASP F 1147 75.99 54.76 -4.57
C ASP F 1147 77.31 55.07 -3.87
N LEU F 1148 78.36 54.41 -4.32
CA LEU F 1148 79.69 54.63 -3.78
C LEU F 1148 80.42 55.69 -4.58
N LEU F 1149 80.80 56.76 -3.93
CA LEU F 1149 81.50 57.86 -4.58
C LEU F 1149 82.99 57.82 -4.23
N TYR F 1150 83.82 58.33 -5.15
CA TYR F 1150 85.21 58.56 -4.82
C TYR F 1150 85.35 59.84 -4.02
N SER F 1151 86.58 60.23 -3.75
CA SER F 1151 86.78 61.51 -3.12
C SER F 1151 86.75 62.62 -4.16
N PRO F 1152 86.27 63.81 -3.82
CA PRO F 1152 86.26 64.91 -4.78
C PRO F 1152 87.66 65.45 -5.00
N VAL F 1153 87.91 65.95 -6.20
CA VAL F 1153 89.23 66.48 -6.53
C VAL F 1153 89.37 67.96 -6.20
N ALA F 1154 88.27 68.66 -5.96
CA ALA F 1154 88.30 70.08 -5.63
C ALA F 1154 87.04 70.43 -4.88
N ASN F 1155 86.97 71.67 -4.42
CA ASN F 1155 85.80 72.15 -3.69
C ASN F 1155 84.60 72.32 -4.63
N GLY F 1156 83.41 72.04 -4.09
CA GLY F 1156 82.19 72.15 -4.87
C GLY F 1156 82.08 71.15 -6.00
N GLN F 1157 82.67 69.96 -5.84
CA GLN F 1157 82.64 68.92 -6.85
C GLN F 1157 82.00 67.68 -6.26
N VAL F 1158 80.90 67.24 -6.85
CA VAL F 1158 80.34 65.94 -6.53
C VAL F 1158 81.31 64.88 -7.04
N GLY F 1159 81.68 63.95 -6.16
CA GLY F 1159 82.68 62.96 -6.51
C GLY F 1159 82.18 61.96 -7.53
N ILE F 1160 83.13 61.36 -8.24
CA ILE F 1160 82.80 60.41 -9.30
C ILE F 1160 82.30 59.11 -8.67
N PRO F 1161 81.14 58.59 -9.10
CA PRO F 1161 80.68 57.30 -8.56
C PRO F 1161 81.56 56.17 -9.05
N LYS F 1162 81.79 55.20 -8.16
CA LYS F 1162 82.76 54.15 -8.41
C LYS F 1162 82.32 53.15 -9.47
N LEU F 1163 81.05 53.14 -9.86
CA LEU F 1163 80.59 52.26 -10.91
C LEU F 1163 80.64 52.89 -12.30
N GLU F 1164 80.86 54.20 -12.38
CA GLU F 1164 80.89 54.86 -13.67
C GLU F 1164 82.20 54.60 -14.40
N VAL F 1165 83.31 54.56 -13.67
CA VAL F 1165 84.59 54.24 -14.25
C VAL F 1165 84.92 52.78 -13.95
N ASP F 1166 85.93 52.25 -14.63
CA ASP F 1166 86.26 50.84 -14.54
C ASP F 1166 87.47 50.57 -13.65
N HIS F 1167 87.88 51.53 -12.83
CA HIS F 1167 88.96 51.27 -11.90
C HIS F 1167 88.42 50.65 -10.61
N ILE F 1168 89.27 49.88 -9.94
CA ILE F 1168 88.87 49.06 -8.82
C ILE F 1168 89.24 49.79 -7.54
N SER F 1169 88.29 49.94 -6.63
CA SER F 1169 88.53 50.57 -5.34
C SER F 1169 88.38 49.53 -4.23
N PHE F 1170 89.47 49.25 -3.53
CA PHE F 1170 89.50 48.24 -2.49
C PHE F 1170 89.26 48.81 -1.10
N SER F 1171 88.53 49.90 -0.97
CA SER F 1171 88.07 50.34 0.34
C SER F 1171 86.79 51.14 0.15
N ASN F 1172 85.76 50.81 0.92
CA ASN F 1172 84.43 51.32 0.65
C ASN F 1172 83.67 51.48 1.95
N VAL F 1173 82.74 52.43 1.95
CA VAL F 1173 81.86 52.62 3.10
C VAL F 1173 80.65 51.72 2.89
N VAL F 1174 80.51 50.71 3.74
CA VAL F 1174 79.42 49.75 3.67
C VAL F 1174 78.50 49.99 4.84
N SER F 1175 77.25 50.36 4.55
CA SER F 1175 76.26 50.55 5.60
C SER F 1175 75.85 49.21 6.17
N MET F 1176 76.10 49.01 7.46
CA MET F 1176 75.79 47.77 8.12
C MET F 1176 75.02 48.07 9.40
N MET F 1177 74.07 47.20 9.71
CA MET F 1177 73.24 47.39 10.89
C MET F 1177 73.92 46.88 12.15
N THR F 1178 73.65 47.55 13.26
CA THR F 1178 74.26 47.21 14.54
C THR F 1178 73.44 46.10 15.19
N ALA F 1179 73.72 45.82 16.46
CA ALA F 1179 73.01 44.79 17.19
C ALA F 1179 71.65 45.23 17.71
N ASN F 1180 71.24 46.47 17.43
CA ASN F 1180 69.97 46.99 17.89
C ASN F 1180 68.87 46.90 16.83
N ILE F 1181 69.07 46.06 15.81
CA ILE F 1181 68.11 45.98 14.71
C ILE F 1181 67.40 44.63 14.72
N ARG F 1182 68.16 43.55 14.55
CA ARG F 1182 67.67 42.16 14.62
C ARG F 1182 66.56 41.90 13.60
N THR F 1183 66.93 41.98 12.33
CA THR F 1183 65.96 41.80 11.25
C THR F 1183 65.60 40.33 11.10
N GLY F 1184 64.31 40.02 11.13
CA GLY F 1184 63.85 38.67 10.89
C GLY F 1184 63.67 37.84 12.15
N ASP F 1185 62.96 38.39 13.14
CA ASP F 1185 62.70 37.68 14.37
C ASP F 1185 61.26 37.17 14.41
N ASP F 1186 60.86 36.65 15.56
CA ASP F 1186 59.49 36.18 15.79
C ASP F 1186 58.83 37.13 16.79
N MET F 1187 58.15 38.15 16.27
CA MET F 1187 57.49 39.12 17.12
C MET F 1187 56.24 38.51 17.74
N ALA F 1188 55.67 39.22 18.71
CA ALA F 1188 54.68 38.61 19.59
C ALA F 1188 53.49 39.54 19.76
N VAL F 1189 52.29 39.04 19.48
CA VAL F 1189 51.08 39.85 19.51
C VAL F 1189 50.08 39.25 20.48
N GLU F 1190 49.01 40.01 20.73
CA GLU F 1190 47.85 39.56 21.49
C GLU F 1190 46.66 39.47 20.55
N ARG F 1191 46.18 38.27 20.31
CA ARG F 1191 45.00 38.14 19.48
C ARG F 1191 43.81 38.07 20.36
N VAL F 1192 42.80 38.86 20.02
CA VAL F 1192 41.54 38.90 20.76
C VAL F 1192 40.43 38.50 19.81
N ASN F 1193 39.76 37.40 20.11
CA ASN F 1193 38.63 36.95 19.31
C ASN F 1193 37.46 37.92 19.46
N PRO F 1194 36.60 38.02 18.45
CA PRO F 1194 35.38 38.80 18.61
C PRO F 1194 34.41 38.09 19.55
N ASP F 1195 33.43 38.86 20.03
CA ASP F 1195 32.53 38.36 21.06
C ASP F 1195 31.51 37.38 20.47
N ASP F 1196 30.69 37.85 19.55
CA ASP F 1196 29.68 37.02 18.91
C ASP F 1196 29.93 36.94 17.41
N VAL F 1197 29.49 35.83 16.83
CA VAL F 1197 29.57 35.67 15.39
C VAL F 1197 28.44 36.43 14.69
N ARG F 1198 27.39 36.80 15.41
CA ARG F 1198 26.30 37.55 14.83
C ARG F 1198 26.54 39.05 14.87
N ALA F 1199 27.56 39.50 15.61
CA ALA F 1199 27.89 40.91 15.72
C ALA F 1199 28.93 41.35 14.71
N ILE F 1200 29.50 40.44 13.94
CA ILE F 1200 30.58 40.73 13.01
C ILE F 1200 29.98 41.35 11.76
N ASN F 1201 30.40 42.57 11.42
CA ASN F 1201 29.93 43.21 10.21
C ASN F 1201 30.78 42.82 9.01
N ILE F 1202 30.12 42.73 7.85
CA ILE F 1202 30.80 42.30 6.64
C ILE F 1202 30.70 43.43 5.62
N ARG F 1203 29.48 43.84 5.31
CA ARG F 1203 29.22 44.94 4.40
C ARG F 1203 28.58 46.08 5.17
N ASN F 1204 28.80 47.34 4.74
CA ASN F 1204 29.56 47.75 3.57
C ASN F 1204 31.00 48.14 3.89
N ALA F 1205 31.14 49.22 4.67
CA ALA F 1205 32.41 49.82 5.04
C ALA F 1205 33.34 50.08 3.86
N LYS G 7 -31.26 17.04 63.80
CA LYS G 7 -31.11 15.64 64.18
C LYS G 7 -31.52 15.41 65.62
N VAL G 8 -30.83 16.06 66.54
CA VAL G 8 -31.21 16.04 67.95
C VAL G 8 -31.58 17.44 68.38
N ILE G 9 -32.45 17.52 69.39
CA ILE G 9 -32.87 18.80 69.92
C ILE G 9 -31.76 19.37 70.79
N PHE G 10 -31.27 20.54 70.44
CA PHE G 10 -30.25 21.24 71.22
C PHE G 10 -30.78 22.64 71.46
N ASN G 11 -31.07 22.96 72.72
CA ASN G 11 -31.65 24.25 73.09
C ASN G 11 -30.60 25.32 73.32
N GLY G 12 -29.44 25.21 72.69
CA GLY G 12 -28.44 26.26 72.76
C GLY G 12 -27.86 26.53 71.39
N LEU G 13 -26.81 27.35 71.33
CA LEU G 13 -26.12 27.60 70.08
C LEU G 13 -25.31 26.37 69.70
N ASP G 14 -25.54 25.84 68.51
CA ASP G 14 -24.89 24.62 68.06
C ASP G 14 -23.46 24.94 67.63
N VAL G 15 -22.60 25.09 68.63
CA VAL G 15 -21.23 25.52 68.40
C VAL G 15 -20.40 24.37 67.87
N ASN G 16 -19.69 24.60 66.76
CA ASN G 16 -18.86 23.57 66.17
C ASN G 16 -17.40 23.96 65.99
N THR G 17 -17.10 25.21 65.62
CA THR G 17 -15.72 25.62 65.37
C THR G 17 -15.28 26.66 66.39
N GLU G 18 -13.98 26.96 66.38
CA GLU G 18 -13.39 27.95 67.26
C GLU G 18 -12.57 28.95 66.46
N VAL G 19 -12.45 30.15 67.00
CA VAL G 19 -11.78 31.26 66.33
C VAL G 19 -10.61 31.71 67.19
N GLN G 20 -9.44 31.74 66.62
CA GLN G 20 -8.27 32.27 67.32
C GLN G 20 -8.33 33.79 67.31
N PRO G 21 -7.63 34.46 68.23
CA PRO G 21 -7.53 35.92 68.14
C PRO G 21 -6.69 36.36 66.95
N LEU G 22 -6.98 37.56 66.46
CA LEU G 22 -6.36 38.02 65.22
C LEU G 22 -4.91 38.46 65.40
N SER G 23 -4.54 38.92 66.61
CA SER G 23 -3.17 39.39 66.83
C SER G 23 -2.87 39.33 68.32
N ASP G 24 -1.85 38.56 68.69
CA ASP G 24 -1.33 38.54 70.05
C ASP G 24 -0.49 39.80 70.23
N ASP G 25 -1.16 40.89 70.56
CA ASP G 25 -0.52 42.20 70.61
C ASP G 25 -0.12 42.63 72.02
N PHE G 26 -0.91 42.29 73.03
CA PHE G 26 -0.68 42.76 74.39
C PHE G 26 -0.29 41.62 75.30
N LYS G 27 0.79 41.80 76.06
CA LYS G 27 1.00 40.99 77.24
C LYS G 27 -0.04 41.33 78.30
N GLN G 28 -0.29 40.40 79.21
CA GLN G 28 -1.36 40.53 80.17
C GLN G 28 -0.84 40.36 81.59
N ILE G 29 0.19 41.14 81.93
CA ILE G 29 0.75 41.13 83.28
C ILE G 29 -0.26 41.65 84.30
N SER G 30 -0.04 41.27 85.56
CA SER G 30 -0.96 41.58 86.64
C SER G 30 -0.47 42.73 87.52
N ASP G 31 0.74 42.61 88.06
CA ASP G 31 1.32 43.70 88.84
C ASP G 31 2.33 44.43 87.98
N PRO G 32 2.09 45.69 87.61
CA PRO G 32 3.00 46.37 86.70
C PRO G 32 4.25 46.86 87.40
N LYS G 33 5.36 46.78 86.68
CA LYS G 33 6.64 47.29 87.15
C LYS G 33 6.98 48.56 86.40
N GLY G 34 7.50 49.55 87.13
CA GLY G 34 7.73 50.86 86.57
C GLY G 34 9.04 50.99 85.84
N TYR G 35 9.27 52.19 85.34
CA TYR G 35 10.52 52.53 84.68
C TYR G 35 11.54 53.11 85.64
N LEU G 36 11.12 53.98 86.54
CA LEU G 36 12.02 54.59 87.51
C LEU G 36 11.58 54.18 88.90
N THR G 37 12.48 53.57 89.66
CA THR G 37 12.25 53.20 91.03
C THR G 37 13.28 53.85 91.93
N TYR G 38 12.97 53.94 93.21
CA TYR G 38 13.90 54.50 94.17
C TYR G 38 15.03 53.54 94.45
N SER G 39 16.14 54.06 94.95
CA SER G 39 17.29 53.27 95.36
C SER G 39 18.02 54.02 96.47
N VAL G 40 18.17 53.38 97.62
CA VAL G 40 18.62 54.03 98.83
C VAL G 40 19.97 53.46 99.23
N LYS G 41 20.95 54.34 99.42
CA LYS G 41 22.23 53.96 100.00
C LYS G 41 22.22 54.34 101.47
N TYR G 42 22.31 53.33 102.34
CA TYR G 42 22.21 53.53 103.77
C TYR G 42 23.57 53.85 104.37
N GLU G 43 23.54 54.61 105.46
CA GLU G 43 24.74 54.87 106.25
C GLU G 43 24.78 53.81 107.35
N ASP G 44 25.86 53.05 107.42
CA ASP G 44 25.92 51.83 108.22
C ASP G 44 26.09 52.07 109.72
N GLN G 45 26.14 53.32 110.18
CA GLN G 45 26.23 53.58 111.61
C GLN G 45 24.89 54.01 112.19
N PHE G 46 24.22 54.97 111.58
CA PHE G 46 22.95 55.47 112.10
C PHE G 46 21.77 54.56 111.79
N THR G 47 21.93 53.61 110.87
CA THR G 47 20.82 52.74 110.51
C THR G 47 20.60 51.68 111.58
N LYS G 48 19.54 50.89 111.41
CA LYS G 48 19.25 49.77 112.27
C LYS G 48 18.66 48.66 111.43
N LYS G 49 19.31 47.50 111.44
CA LYS G 49 19.05 46.44 110.46
C LYS G 49 17.82 45.60 110.75
N ASP G 50 16.92 46.03 111.63
CA ASP G 50 15.68 45.31 111.85
C ASP G 50 14.57 45.88 110.97
N LYS G 51 13.53 45.09 110.76
CA LYS G 51 12.33 45.53 110.05
C LYS G 51 11.44 46.28 111.04
N LEU G 52 11.21 47.57 110.78
CA LEU G 52 10.40 48.39 111.66
C LEU G 52 8.94 47.98 111.54
N ARG G 53 8.35 47.59 112.67
CA ARG G 53 7.00 47.01 112.70
C ARG G 53 6.03 48.00 113.33
N ALA G 54 5.11 48.50 112.52
CA ALA G 54 3.96 49.25 113.01
C ALA G 54 2.81 48.26 113.23
N SER G 55 1.58 48.75 113.32
CA SER G 55 0.41 47.88 113.45
C SER G 55 0.24 47.01 112.21
N GLU G 56 -0.56 45.96 112.36
CA GLU G 56 -0.60 44.89 111.36
C GLU G 56 -1.35 45.32 110.11
N ALA G 57 -2.49 45.99 110.26
CA ALA G 57 -3.25 46.43 109.10
C ALA G 57 -2.59 47.60 108.39
N ASP G 58 -1.75 48.35 109.09
CA ASP G 58 -1.00 49.42 108.47
C ASP G 58 0.28 48.93 107.80
N ASP G 59 0.79 47.76 108.21
CA ASP G 59 2.04 47.25 107.69
C ASP G 59 1.91 46.74 106.26
N ARG G 60 0.69 46.52 105.78
CA ARG G 60 0.52 46.11 104.39
C ARG G 60 0.49 47.31 103.45
N ILE G 61 0.36 48.51 103.96
CA ILE G 61 0.35 49.73 103.16
C ILE G 61 1.62 50.54 103.38
N VAL G 62 1.93 50.87 104.62
CA VAL G 62 3.06 51.73 104.92
C VAL G 62 4.35 50.93 105.04
N GLY G 63 4.25 49.60 105.08
CA GLY G 63 5.34 48.69 105.38
C GLY G 63 6.56 48.76 104.49
N PRO G 64 6.42 48.47 103.19
CA PRO G 64 7.57 48.62 102.28
C PRO G 64 7.89 50.05 101.88
N THR G 65 7.30 51.05 102.52
CA THR G 65 7.71 52.44 102.36
C THR G 65 8.63 52.90 103.48
N VAL G 66 8.23 52.65 104.73
CA VAL G 66 9.10 53.01 105.85
C VAL G 66 10.29 52.09 105.97
N ASN G 67 10.23 50.89 105.38
CA ASN G 67 11.39 50.01 105.41
C ASN G 67 12.38 50.29 104.29
N LEU G 68 12.09 51.26 103.43
CA LEU G 68 13.05 51.73 102.44
C LEU G 68 13.65 53.07 102.80
N PHE G 69 12.87 53.96 103.41
CA PHE G 69 13.37 55.23 103.92
C PHE G 69 13.57 55.18 105.42
N LYS G 70 14.08 54.03 105.87
CA LYS G 70 14.41 53.75 107.25
C LYS G 70 15.39 54.79 107.81
N TYR G 71 15.31 55.02 109.13
CA TYR G 71 16.07 56.06 109.80
C TYR G 71 17.57 55.82 109.65
N GLY G 72 18.21 56.67 108.85
CA GLY G 72 19.60 56.50 108.51
C GLY G 72 19.88 56.49 107.02
N ALA G 73 18.91 56.87 106.19
CA ALA G 73 19.12 56.93 104.75
C ALA G 73 19.97 58.15 104.41
N ALA G 74 21.14 57.90 103.82
CA ALA G 74 22.03 59.01 103.47
C ALA G 74 21.56 59.71 102.21
N VAL G 75 21.50 58.98 101.10
CA VAL G 75 21.01 59.53 99.84
C VAL G 75 19.89 58.65 99.33
N VAL G 76 19.04 59.25 98.49
CA VAL G 76 17.95 58.55 97.83
C VAL G 76 17.95 58.97 96.36
N ASN G 77 18.20 58.01 95.47
CA ASN G 77 18.27 58.30 94.05
C ASN G 77 17.03 57.83 93.32
N ILE G 78 16.85 58.34 92.11
CA ILE G 78 15.81 57.89 91.19
C ILE G 78 16.54 57.41 89.94
N ASP G 79 16.69 56.10 89.81
CA ASP G 79 17.37 55.51 88.68
C ASP G 79 16.41 54.64 87.88
N LEU G 80 16.91 54.12 86.75
CA LEU G 80 16.12 53.21 85.95
C LEU G 80 15.91 51.90 86.71
N ASN G 81 14.82 51.22 86.38
CA ASN G 81 14.45 50.02 87.11
C ASN G 81 15.32 48.85 86.66
N ARG G 82 15.84 48.09 87.63
CA ARG G 82 16.77 47.03 87.29
C ARG G 82 16.08 45.74 86.88
N ASP G 83 14.93 45.41 87.49
CA ASP G 83 14.28 44.16 87.13
C ASP G 83 13.36 44.30 85.91
N PHE G 84 13.14 45.51 85.42
CA PHE G 84 12.46 45.70 84.15
C PHE G 84 13.47 45.71 83.00
N PHE G 85 14.51 46.54 83.13
CA PHE G 85 15.59 46.58 82.15
C PHE G 85 16.69 45.61 82.60
N ASP G 86 16.34 44.33 82.61
CA ASP G 86 17.19 43.31 83.21
C ASP G 86 18.31 42.91 82.24
N THR G 87 19.04 41.84 82.59
CA THR G 87 20.16 41.39 81.80
C THR G 87 19.74 40.66 80.53
N ALA G 88 18.46 40.33 80.39
CA ALA G 88 18.00 39.69 79.17
C ALA G 88 17.99 40.65 77.99
N THR G 89 17.85 41.95 78.26
CA THR G 89 17.81 42.96 77.21
C THR G 89 19.13 43.69 77.04
N GLY G 90 20.23 43.11 77.51
CA GLY G 90 21.55 43.63 77.24
C GLY G 90 21.91 44.94 77.89
N ILE G 91 21.12 45.39 78.87
CA ILE G 91 21.36 46.66 79.55
C ILE G 91 21.96 46.35 80.91
N ASP G 92 23.10 46.96 81.21
CA ASP G 92 23.70 46.88 82.54
C ASP G 92 23.50 48.23 83.22
N LEU G 93 22.99 48.20 84.44
CA LEU G 93 22.69 49.41 85.20
C LEU G 93 23.50 49.52 86.47
N THR G 94 24.64 48.83 86.56
CA THR G 94 25.43 48.83 87.77
C THR G 94 26.32 50.06 87.90
N LYS G 95 26.33 50.94 86.91
CA LYS G 95 27.13 52.16 86.95
C LYS G 95 26.29 53.41 86.75
N GLY G 96 24.98 53.33 86.98
CA GLY G 96 24.11 54.48 86.93
C GLY G 96 23.42 54.73 85.60
N ILE G 97 24.11 54.50 84.49
CA ILE G 97 23.55 54.76 83.17
C ILE G 97 23.36 53.43 82.45
N PRO G 98 22.49 53.34 81.43
CA PRO G 98 22.43 52.11 80.63
C PRO G 98 23.68 51.95 79.79
N LEU G 99 24.17 50.70 79.70
CA LEU G 99 25.38 50.38 78.96
C LEU G 99 25.13 49.14 78.13
N VAL G 100 24.98 49.32 76.82
CA VAL G 100 24.83 48.22 75.88
C VAL G 100 26.14 48.09 75.11
N GLN G 101 26.59 46.86 74.88
CA GLN G 101 27.98 46.62 74.51
C GLN G 101 28.29 47.04 73.07
N ASP G 102 27.68 46.37 72.10
CA ASP G 102 28.14 46.49 70.72
C ASP G 102 27.01 46.90 69.79
N LEU G 103 26.30 47.97 70.16
CA LEU G 103 25.20 48.44 69.35
C LEU G 103 25.65 49.54 68.39
N LEU G 104 26.18 50.64 68.92
CA LEU G 104 26.79 51.70 68.12
C LEU G 104 28.24 51.82 68.55
N VAL G 105 29.13 51.10 67.87
CA VAL G 105 30.55 51.17 68.19
C VAL G 105 31.26 52.05 67.16
N PRO G 106 32.16 52.92 67.59
CA PRO G 106 32.96 53.69 66.63
C PRO G 106 34.13 52.86 66.12
N ILE G 107 34.50 53.12 64.87
CA ILE G 107 35.60 52.41 64.25
C ILE G 107 36.74 53.39 64.01
N GLY G 108 37.93 52.84 63.81
CA GLY G 108 39.11 53.67 63.64
C GLY G 108 39.64 54.27 64.92
N VAL G 109 39.29 53.68 66.07
CA VAL G 109 39.75 54.20 67.35
C VAL G 109 40.59 53.14 68.05
N THR G 110 41.14 53.49 69.21
CA THR G 110 41.90 52.56 70.01
C THR G 110 40.95 51.56 70.67
N ALA G 111 41.48 50.40 71.07
CA ALA G 111 40.70 49.28 71.56
C ALA G 111 39.99 49.54 72.89
N GLY G 112 40.29 50.64 73.58
CA GLY G 112 39.57 50.94 74.79
C GLY G 112 38.67 52.17 74.65
N ALA G 113 38.45 52.60 73.41
CA ALA G 113 37.77 53.86 73.14
C ALA G 113 36.33 53.69 72.69
N GLU G 114 35.72 52.55 72.95
CA GLU G 114 34.33 52.32 72.57
C GLU G 114 33.38 52.36 73.76
N GLN G 115 33.88 52.62 74.97
CA GLN G 115 33.02 52.55 76.15
C GLN G 115 32.14 53.79 76.29
N SER G 116 32.57 54.93 75.75
CA SER G 116 31.76 56.14 75.87
C SER G 116 30.53 56.09 74.97
N ALA G 117 30.61 55.34 73.87
CA ALA G 117 29.48 55.14 72.99
C ALA G 117 28.55 54.03 73.46
N GLU G 118 28.77 53.50 74.66
CA GLU G 118 27.80 52.58 75.25
C GLU G 118 26.62 53.30 75.88
N TYR G 119 26.80 54.56 76.28
CA TYR G 119 25.70 55.33 76.84
C TYR G 119 24.69 55.73 75.79
N VAL G 120 25.17 56.11 74.60
CA VAL G 120 24.27 56.51 73.53
C VAL G 120 23.52 55.30 72.99
N SER G 121 24.20 54.16 72.92
CA SER G 121 23.53 52.92 72.57
C SER G 121 22.64 52.44 73.70
N GLY G 122 22.94 52.83 74.94
CA GLY G 122 22.10 52.43 76.05
C GLY G 122 20.76 53.13 76.05
N LEU G 123 20.74 54.41 75.66
CA LEU G 123 19.48 55.13 75.62
C LEU G 123 18.60 54.66 74.49
N LEU G 124 19.18 54.05 73.45
CA LEU G 124 18.35 53.46 72.40
C LEU G 124 17.61 52.23 72.92
N MET G 125 18.31 51.34 73.63
CA MET G 125 17.65 50.14 74.16
C MET G 125 16.71 50.45 75.31
N VAL G 126 16.88 51.60 75.97
CA VAL G 126 15.83 52.06 76.89
C VAL G 126 14.65 52.60 76.08
N LEU G 127 14.94 53.34 75.01
CA LEU G 127 13.88 53.82 74.13
C LEU G 127 13.21 52.67 73.39
N PHE G 128 13.97 51.65 73.02
CA PHE G 128 13.40 50.52 72.30
C PHE G 128 12.54 49.65 73.20
N LYS G 129 12.79 49.67 74.51
CA LYS G 129 12.00 48.85 75.41
C LYS G 129 10.69 49.54 75.79
N VAL G 130 10.72 50.86 75.95
CA VAL G 130 9.48 51.62 76.19
C VAL G 130 8.58 51.57 74.97
N MET G 131 9.18 51.64 73.79
CA MET G 131 8.44 51.60 72.54
C MET G 131 7.79 50.25 72.31
N THR G 132 8.45 49.17 72.71
CA THR G 132 7.90 47.84 72.52
C THR G 132 7.05 47.40 73.71
N ASP G 133 6.95 48.24 74.75
CA ASP G 133 6.29 47.86 75.98
C ASP G 133 4.78 47.80 75.78
N ASN G 134 4.30 46.63 75.37
CA ASN G 134 2.89 46.40 75.07
C ASN G 134 2.15 45.74 76.23
N ARG G 135 2.47 46.09 77.47
CA ARG G 135 1.78 45.51 78.61
C ARG G 135 0.36 46.04 78.70
N LEU G 136 -0.47 45.30 79.44
CA LEU G 136 -1.89 45.63 79.56
C LEU G 136 -2.33 45.17 80.94
N VAL G 137 -2.68 46.09 81.81
CA VAL G 137 -2.77 45.78 83.23
C VAL G 137 -4.09 45.12 83.55
N ILE G 138 -4.04 44.00 84.26
CA ILE G 138 -5.20 43.31 84.80
C ILE G 138 -5.14 43.45 86.31
N VAL G 139 -6.31 43.62 86.94
CA VAL G 139 -6.40 43.70 88.39
C VAL G 139 -5.91 42.41 89.02
N GLY G 140 -4.82 42.51 89.78
CA GLY G 140 -4.22 41.33 90.38
C GLY G 140 -4.79 41.02 91.74
N GLU G 141 -3.91 40.76 92.71
CA GLU G 141 -4.34 40.42 94.06
C GLU G 141 -4.53 41.70 94.85
N THR G 142 -5.71 42.30 94.74
CA THR G 142 -6.05 43.48 95.52
C THR G 142 -6.77 43.05 96.78
N THR G 143 -6.43 43.70 97.89
CA THR G 143 -7.10 43.43 99.15
C THR G 143 -7.80 44.69 99.64
N THR G 144 -8.83 44.50 100.45
CA THR G 144 -9.67 45.58 100.94
C THR G 144 -9.68 45.52 102.46
N PRO G 145 -9.16 46.53 103.13
CA PRO G 145 -9.11 46.50 104.59
C PRO G 145 -10.42 47.01 105.19
N MET G 146 -10.59 46.72 106.48
CA MET G 146 -11.66 47.37 107.22
C MET G 146 -11.27 48.80 107.49
N SER G 147 -12.22 49.72 107.30
CA SER G 147 -11.91 51.14 107.44
C SER G 147 -11.76 51.59 108.88
N ASN G 148 -11.93 50.71 109.86
CA ASN G 148 -11.61 51.07 111.24
C ASN G 148 -10.24 50.55 111.64
N THR G 149 -9.75 49.51 110.96
CA THR G 149 -8.46 48.93 111.33
C THR G 149 -7.29 49.79 110.90
N LEU G 150 -7.47 50.66 109.91
CA LEU G 150 -6.42 51.57 109.51
C LEU G 150 -6.38 52.75 110.47
N SER G 151 -5.40 53.63 110.31
CA SER G 151 -5.27 54.80 111.17
C SER G 151 -6.16 55.91 110.64
N THR G 152 -5.97 57.13 111.14
CA THR G 152 -6.67 58.28 110.59
C THR G 152 -5.81 59.07 109.61
N VAL G 153 -4.59 58.61 109.34
CA VAL G 153 -3.71 59.29 108.40
C VAL G 153 -3.56 58.48 107.11
N VAL G 154 -4.02 57.24 107.10
CA VAL G 154 -3.99 56.41 105.90
C VAL G 154 -5.41 56.34 105.36
N ASN G 155 -6.40 56.52 106.23
CA ASN G 155 -7.79 56.42 105.82
C ASN G 155 -8.26 57.60 104.98
N ASN G 156 -7.63 58.76 105.09
CA ASN G 156 -7.89 59.83 104.13
C ASN G 156 -7.13 59.65 102.83
N VAL G 157 -6.24 58.65 102.79
CA VAL G 157 -5.46 58.34 101.61
C VAL G 157 -6.01 57.13 100.88
N LEU G 158 -6.37 56.09 101.61
CA LEU G 158 -6.68 54.79 101.02
C LEU G 158 -8.04 54.85 100.34
N ARG G 159 -8.04 54.74 99.02
CA ARG G 159 -9.29 54.72 98.23
C ARG G 159 -9.91 53.32 98.20
N THR G 160 -10.21 52.81 99.41
CA THR G 160 -11.15 51.72 99.70
C THR G 160 -10.62 50.33 99.29
N THR G 161 -9.50 50.27 98.56
CA THR G 161 -8.85 49.02 98.16
C THR G 161 -7.47 49.36 97.64
N TYR G 162 -6.61 48.35 97.55
CA TYR G 162 -5.23 48.54 97.11
C TYR G 162 -4.64 47.20 96.71
N HIS G 163 -3.67 47.26 95.78
CA HIS G 163 -2.90 46.08 95.40
C HIS G 163 -1.97 45.65 96.51
N ASN G 164 -1.62 44.36 96.52
CA ASN G 164 -0.65 43.88 97.51
C ASN G 164 0.75 44.37 97.24
N ASN G 165 1.07 44.76 96.01
CA ASN G 165 2.31 45.44 95.70
C ASN G 165 2.03 46.94 95.74
N VAL G 166 2.09 47.51 96.95
CA VAL G 166 1.70 48.90 97.13
C VAL G 166 2.74 49.86 96.60
N GLY G 167 3.95 49.39 96.31
CA GLY G 167 4.98 50.28 95.86
C GLY G 167 5.54 51.13 96.98
N VAL G 168 6.40 52.06 96.59
CA VAL G 168 7.09 52.96 97.52
C VAL G 168 6.76 54.39 97.10
N ASN G 169 6.37 55.21 98.07
CA ASN G 169 6.08 56.61 97.79
C ASN G 169 6.22 57.41 99.09
N PRO G 170 7.05 58.46 99.11
CA PRO G 170 7.31 59.19 100.36
C PRO G 170 6.13 59.96 100.94
N ALA G 171 4.94 59.92 100.35
CA ALA G 171 3.78 60.50 101.00
C ALA G 171 3.22 59.61 102.10
N LEU G 172 3.64 58.35 102.14
CA LEU G 172 3.21 57.43 103.19
C LEU G 172 4.05 57.56 104.45
N LEU G 173 5.07 58.39 104.44
CA LEU G 173 5.89 58.66 105.62
C LEU G 173 5.24 59.65 106.58
N ARG G 174 4.03 60.11 106.28
CA ARG G 174 3.34 61.05 107.15
C ARG G 174 2.92 60.36 108.44
N ASP G 175 3.48 60.84 109.57
CA ASP G 175 3.24 60.32 110.91
C ASP G 175 3.61 58.85 111.04
N PHE G 176 4.66 58.43 110.34
CA PHE G 176 5.23 57.10 110.52
C PHE G 176 6.74 57.09 110.60
N THR G 177 7.42 58.21 110.43
CA THR G 177 8.86 58.22 110.48
C THR G 177 9.35 58.87 111.78
N GLN G 178 10.57 58.50 112.16
CA GLN G 178 11.20 59.05 113.35
C GLN G 178 11.70 60.47 113.14
N VAL G 179 11.82 60.89 111.89
CA VAL G 179 12.46 62.16 111.54
C VAL G 179 11.43 63.27 111.61
N ASN G 180 11.73 64.31 112.37
CA ASN G 180 10.74 65.36 112.62
C ASN G 180 10.65 66.35 111.47
N TRP G 181 11.77 66.70 110.85
CA TRP G 181 11.70 67.68 109.77
C TRP G 181 11.14 67.08 108.49
N LEU G 182 11.36 65.80 108.26
CA LEU G 182 10.73 65.14 107.12
C LEU G 182 9.23 64.98 107.36
N ASN G 183 8.84 64.75 108.61
CA ASN G 183 7.42 64.75 108.95
C ASN G 183 6.83 66.14 108.85
N ARG G 184 7.66 67.17 108.99
CA ARG G 184 7.17 68.54 108.80
C ARG G 184 7.02 68.88 107.32
N ASP G 185 8.05 68.59 106.52
CA ASP G 185 8.06 69.00 105.12
C ASP G 185 7.16 68.17 104.23
N ILE G 186 6.56 67.10 104.74
CA ILE G 186 5.54 66.38 103.99
C ILE G 186 4.15 66.80 104.43
N THR G 187 3.98 67.04 105.74
CA THR G 187 2.71 67.59 106.23
C THR G 187 2.54 69.04 105.78
N ASN G 188 3.65 69.74 105.53
CA ASN G 188 3.57 71.05 104.90
C ASN G 188 3.04 70.94 103.48
N MET G 189 3.48 69.91 102.73
CA MET G 189 3.10 69.81 101.33
C MET G 189 1.71 69.22 101.16
N LEU G 190 1.39 68.14 101.89
CA LEU G 190 0.09 67.48 101.71
C LEU G 190 -1.08 68.29 102.23
N GLN G 191 -0.83 69.37 102.96
CA GLN G 191 -1.88 70.30 103.36
C GLN G 191 -1.98 71.50 102.42
N GLN G 192 -1.13 71.58 101.40
CA GLN G 192 -1.32 72.57 100.35
C GLN G 192 -2.43 72.12 99.41
N ALA G 193 -2.84 73.03 98.54
CA ALA G 193 -3.76 72.65 97.47
C ALA G 193 -3.04 72.12 96.24
N GLY G 194 -1.72 72.29 96.19
CA GLY G 194 -0.97 71.89 95.00
C GLY G 194 -0.81 70.41 94.83
N THR G 195 -0.98 69.64 95.91
CA THR G 195 -0.91 68.20 95.83
C THR G 195 -1.97 67.56 96.72
N LYS G 196 -2.31 66.32 96.38
CA LYS G 196 -3.30 65.53 97.12
C LYS G 196 -3.06 64.07 96.80
N TYR G 197 -2.66 63.30 97.80
CA TYR G 197 -2.24 61.92 97.59
C TYR G 197 -3.34 60.94 97.97
N GLY G 198 -3.54 59.96 97.10
CA GLY G 198 -4.49 58.89 97.31
C GLY G 198 -3.87 57.58 96.89
N LEU G 199 -4.57 56.49 97.21
CA LEU G 199 -4.02 55.16 96.96
C LEU G 199 -5.19 54.20 96.76
N GLY G 200 -5.48 53.86 95.50
CA GLY G 200 -6.46 52.84 95.20
C GLY G 200 -7.51 53.32 94.21
N LEU G 201 -8.74 52.84 94.41
CA LEU G 201 -9.80 52.87 93.41
C LEU G 201 -10.31 54.29 93.21
N THR G 202 -10.14 54.84 92.01
CA THR G 202 -10.68 56.15 91.67
C THR G 202 -11.94 56.04 90.81
N GLU G 203 -11.83 55.41 89.65
CA GLU G 203 -12.93 55.31 88.70
C GLU G 203 -13.49 53.89 88.71
N THR G 204 -14.73 53.77 88.22
CA THR G 204 -15.36 52.47 88.05
C THR G 204 -16.31 52.57 86.87
N ARG G 205 -15.91 52.02 85.73
CA ARG G 205 -16.69 52.09 84.51
C ARG G 205 -17.52 50.83 84.38
N LEU G 206 -18.82 50.94 84.67
CA LEU G 206 -19.71 49.79 84.54
C LEU G 206 -20.04 49.53 83.07
N ASP G 207 -20.48 48.31 82.80
CA ASP G 207 -20.98 48.00 81.46
C ASP G 207 -22.40 48.56 81.32
N TYR G 208 -22.79 48.79 80.07
CA TYR G 208 -24.08 49.42 79.79
C TYR G 208 -25.23 48.43 79.79
N VAL G 209 -24.99 47.16 79.45
CA VAL G 209 -26.03 46.17 79.32
C VAL G 209 -25.96 45.11 80.41
N ARG G 210 -24.79 44.51 80.62
CA ARG G 210 -24.65 43.49 81.66
C ARG G 210 -24.60 44.08 83.06
N LEU G 211 -24.25 45.36 83.19
CA LEU G 211 -24.10 46.08 84.46
C LEU G 211 -23.09 45.42 85.39
N VAL G 212 -21.94 45.03 84.85
CA VAL G 212 -20.82 44.58 85.65
C VAL G 212 -19.68 45.58 85.49
N LYS G 213 -18.77 45.57 86.45
CA LYS G 213 -17.61 46.45 86.39
C LYS G 213 -16.64 45.95 85.32
N THR G 214 -16.16 46.89 84.49
CA THR G 214 -15.32 46.55 83.35
C THR G 214 -13.92 47.12 83.46
N ILE G 215 -13.81 48.45 83.55
CA ILE G 215 -12.52 49.14 83.58
C ILE G 215 -12.48 49.98 84.84
N VAL G 216 -11.56 49.66 85.73
CA VAL G 216 -11.38 50.43 86.95
C VAL G 216 -10.05 51.16 86.85
N GLY G 217 -9.93 52.22 87.64
CA GLY G 217 -8.66 52.94 87.69
C GLY G 217 -8.12 52.99 89.10
N HIS G 218 -7.01 52.31 89.35
CA HIS G 218 -6.39 52.31 90.67
C HIS G 218 -5.26 53.34 90.69
N ALA G 219 -5.09 53.98 91.84
CA ALA G 219 -4.00 54.93 92.05
C ALA G 219 -2.80 54.13 92.54
N LEU G 220 -1.96 53.69 91.60
CA LEU G 220 -0.78 52.92 91.95
C LEU G 220 0.33 53.85 92.44
N ASN G 221 1.44 53.25 92.86
CA ASN G 221 2.64 54.00 93.21
C ASN G 221 3.69 53.64 92.15
N ILE G 222 3.70 54.42 91.07
CA ILE G 222 4.50 54.11 89.90
C ILE G 222 4.75 55.42 89.17
N ASP G 223 5.89 55.51 88.50
CA ASP G 223 6.27 56.74 87.82
C ASP G 223 5.38 57.00 86.60
N HIS G 224 5.25 58.27 86.23
CA HIS G 224 4.29 58.66 85.22
C HIS G 224 4.74 58.36 83.80
N PHE G 225 5.98 57.93 83.61
CA PHE G 225 6.36 57.45 82.29
C PHE G 225 5.82 56.05 82.07
N ALA G 226 5.97 55.18 83.06
CA ALA G 226 5.48 53.82 82.91
C ALA G 226 3.97 53.74 83.04
N ALA G 227 3.36 54.67 83.76
CA ALA G 227 1.90 54.66 83.86
C ALA G 227 1.24 55.27 82.64
N SER G 228 1.96 56.07 81.86
CA SER G 228 1.35 56.64 80.67
C SER G 228 1.28 55.62 79.54
N VAL G 229 2.28 54.75 79.43
CA VAL G 229 2.28 53.74 78.39
C VAL G 229 1.20 52.70 78.66
N LEU G 230 0.94 52.42 79.95
CA LEU G 230 -0.11 51.48 80.31
C LEU G 230 -1.50 52.04 80.06
N ASN G 231 -1.65 53.36 79.99
CA ASN G 231 -2.93 53.95 79.64
C ASN G 231 -3.11 54.14 78.15
N ILE G 232 -2.03 54.30 77.39
CA ILE G 232 -2.12 54.34 75.93
C ILE G 232 -2.53 52.98 75.40
N ASN G 233 -2.01 51.91 76.00
CA ASN G 233 -2.41 50.56 75.60
C ASN G 233 -3.84 50.26 76.00
N LEU G 234 -4.39 50.98 76.98
CA LEU G 234 -5.76 50.72 77.39
C LEU G 234 -6.74 51.66 76.70
N ARG G 235 -6.34 52.90 76.40
CA ARG G 235 -7.24 53.78 75.67
C ARG G 235 -7.37 53.43 74.21
N ALA G 236 -6.46 52.60 73.68
CA ALA G 236 -6.57 52.14 72.31
C ALA G 236 -7.18 50.77 72.21
N LEU G 237 -7.50 50.16 73.34
CA LEU G 237 -8.13 48.84 73.33
C LEU G 237 -9.63 48.96 73.58
N MET G 238 -10.01 49.70 74.62
CA MET G 238 -11.42 49.87 74.93
C MET G 238 -12.09 50.85 73.97
N GLU G 239 -11.44 51.96 73.67
CA GLU G 239 -12.00 52.99 72.80
C GLU G 239 -11.72 52.76 71.33
N ALA G 240 -11.52 51.52 70.91
CA ALA G 240 -11.50 51.18 69.50
C ALA G 240 -12.87 50.66 69.02
N ASN G 241 -13.76 50.33 69.96
CA ASN G 241 -15.18 50.03 69.72
C ASN G 241 -15.41 48.82 68.82
N VAL G 242 -14.42 47.97 68.62
CA VAL G 242 -14.60 46.69 67.95
C VAL G 242 -14.47 45.58 68.98
N THR G 243 -15.32 44.58 68.86
CA THR G 243 -15.40 43.50 69.83
C THR G 243 -14.72 42.27 69.29
N ALA G 244 -14.81 41.17 70.04
CA ALA G 244 -14.34 39.89 69.54
C ALA G 244 -15.30 39.27 68.54
N ASP G 245 -16.50 39.84 68.39
CA ASP G 245 -17.47 39.35 67.42
C ASP G 245 -17.22 39.88 66.02
N ASP G 246 -16.25 40.76 65.82
CA ASP G 246 -15.83 41.17 64.49
C ASP G 246 -14.80 40.23 63.89
N ARG G 247 -14.43 39.17 64.61
CA ARG G 247 -13.70 38.06 64.02
C ARG G 247 -14.56 37.26 63.06
N ILE G 248 -15.88 37.36 63.20
CA ILE G 248 -16.81 36.73 62.27
C ILE G 248 -16.65 37.31 60.87
N LYS G 249 -16.46 38.63 60.77
CA LYS G 249 -16.22 39.24 59.47
C LYS G 249 -14.88 38.81 58.88
N ALA G 250 -13.91 38.46 59.73
CA ALA G 250 -12.65 37.93 59.24
C ALA G 250 -12.75 36.45 58.88
N LEU G 251 -13.90 35.81 59.10
CA LEU G 251 -14.10 34.43 58.69
C LEU G 251 -14.96 34.31 57.44
N GLN G 252 -15.88 35.24 57.21
CA GLN G 252 -16.68 35.23 55.99
C GLN G 252 -15.83 35.50 54.76
N ALA G 253 -14.68 36.15 54.92
CA ALA G 253 -13.77 36.34 53.82
C ALA G 253 -12.98 35.07 53.50
N HIS G 254 -12.62 34.29 54.51
CA HIS G 254 -11.84 33.07 54.31
C HIS G 254 -12.71 31.82 54.22
N SER G 255 -13.96 31.96 53.86
CA SER G 255 -14.87 30.85 53.66
C SER G 255 -15.64 31.05 52.36
N MET G 256 -16.51 30.11 52.04
CA MET G 256 -17.30 30.19 50.81
C MET G 256 -18.27 31.37 50.88
N ILE G 257 -18.61 31.86 49.69
CA ILE G 257 -19.44 33.06 49.56
C ILE G 257 -20.86 32.74 50.03
N SER G 258 -21.43 33.66 50.81
CA SER G 258 -22.77 33.56 51.40
C SER G 258 -22.88 32.33 52.30
N THR G 259 -21.97 32.23 53.26
CA THR G 259 -22.11 31.31 54.37
C THR G 259 -22.56 32.10 55.59
N GLN G 260 -22.95 31.38 56.63
CA GLN G 260 -23.53 32.01 57.80
C GLN G 260 -22.73 31.67 59.06
N PHE G 261 -22.62 32.65 59.94
CA PHE G 261 -22.01 32.45 61.25
C PHE G 261 -22.95 33.00 62.30
N HIS G 262 -23.30 32.17 63.28
CA HIS G 262 -24.29 32.53 64.28
C HIS G 262 -23.63 32.67 65.64
N GLY G 263 -24.05 33.70 66.39
CA GLY G 263 -23.63 33.90 67.75
C GLY G 263 -22.17 34.29 67.87
N PRO G 264 -21.63 34.24 69.09
CA PRO G 264 -22.35 33.91 70.33
C PRO G 264 -22.86 35.15 71.05
N ASN G 265 -22.72 36.32 70.41
CA ASN G 265 -23.09 37.63 70.96
C ASN G 265 -22.42 37.89 72.30
N GLN G 266 -21.09 37.92 72.28
CA GLN G 266 -20.35 38.21 73.49
C GLN G 266 -20.46 39.68 73.87
N GLY G 267 -20.53 40.56 72.88
CA GLY G 267 -20.80 41.95 73.16
C GLY G 267 -19.58 42.76 73.52
N ALA G 268 -19.79 43.85 74.26
CA ALA G 268 -18.72 44.78 74.57
C ALA G 268 -17.83 44.33 75.72
N LEU G 269 -18.19 43.24 76.42
CA LEU G 269 -17.33 42.75 77.49
C LEU G 269 -16.05 42.09 76.97
N ARG G 270 -16.00 41.74 75.68
CA ARG G 270 -14.84 41.09 75.07
C ARG G 270 -14.27 42.00 73.99
N PRO G 271 -13.44 42.98 74.35
CA PRO G 271 -12.89 43.90 73.35
C PRO G 271 -11.63 43.32 72.72
N GLU G 272 -11.21 43.99 71.65
CA GLU G 272 -10.07 43.56 70.85
C GLU G 272 -9.64 44.75 70.01
N LEU G 273 -8.35 44.79 69.67
CA LEU G 273 -7.89 45.75 68.68
C LEU G 273 -8.53 45.46 67.33
N ALA G 274 -8.73 46.53 66.56
CA ALA G 274 -9.03 46.35 65.15
C ALA G 274 -7.81 45.80 64.44
N PHE G 275 -8.04 45.07 63.36
CA PHE G 275 -6.93 44.59 62.55
C PHE G 275 -6.30 45.79 61.84
N ASP G 276 -5.02 46.03 62.13
CA ASP G 276 -4.38 47.27 61.73
C ASP G 276 -4.15 47.27 60.21
N HIS G 277 -4.98 48.03 59.49
CA HIS G 277 -4.93 48.01 58.03
C HIS G 277 -3.70 48.72 57.51
N ASP G 278 -3.41 49.91 58.04
CA ASP G 278 -2.38 50.75 57.46
C ASP G 278 -0.97 50.22 57.74
N HIS G 279 -0.83 49.29 58.67
CA HIS G 279 0.50 48.77 58.98
C HIS G 279 0.81 47.51 58.18
N ILE G 280 -0.19 46.66 57.92
CA ILE G 280 0.11 45.38 57.28
C ILE G 280 0.33 45.56 55.79
N ILE G 281 -0.43 46.44 55.14
CA ILE G 281 -0.16 46.73 53.74
C ILE G 281 1.13 47.52 53.58
N ARG G 282 1.53 48.27 54.60
CA ARG G 282 2.79 48.98 54.55
C ARG G 282 3.97 48.05 54.72
N CYS G 283 3.79 46.95 55.46
CA CYS G 283 4.88 46.02 55.73
C CYS G 283 4.89 44.79 54.84
N LEU G 284 3.81 44.53 54.09
CA LEU G 284 3.91 43.53 53.03
C LEU G 284 4.78 44.01 51.89
N MET G 285 4.90 45.33 51.70
CA MET G 285 5.69 45.84 50.59
C MET G 285 7.18 45.76 50.89
N LEU G 286 7.58 45.91 52.16
CA LEU G 286 8.98 45.65 52.50
C LEU G 286 9.29 44.16 52.41
N ALA G 287 8.31 43.32 52.73
CA ALA G 287 8.54 41.89 52.58
C ALA G 287 8.58 41.50 51.11
N ALA G 288 7.89 42.25 50.26
CA ALA G 288 7.91 41.95 48.84
C ALA G 288 9.20 42.39 48.17
N ALA G 289 9.80 43.49 48.62
CA ALA G 289 11.01 43.98 47.99
C ALA G 289 12.24 43.25 48.51
N ASN G 290 12.29 42.97 49.80
CA ASN G 290 13.46 42.33 50.38
C ASN G 290 13.43 40.83 50.22
N TYR G 291 12.26 40.21 50.33
CA TYR G 291 12.11 38.76 50.28
C TYR G 291 11.18 38.39 49.13
N PRO G 292 11.71 38.27 47.90
CA PRO G 292 10.86 37.93 46.75
C PRO G 292 10.43 36.47 46.71
N ARG G 293 10.80 35.66 47.70
CA ARG G 293 10.24 34.33 47.87
C ARG G 293 8.86 34.35 48.48
N LEU G 294 8.33 35.53 48.81
CA LEU G 294 7.02 35.66 49.43
C LEU G 294 5.90 35.25 48.48
N GLU G 295 6.14 35.33 47.17
CA GLU G 295 5.21 34.79 46.20
C GLU G 295 5.06 33.28 46.35
N GLY G 296 6.15 32.59 46.73
CA GLY G 296 6.07 31.17 47.01
C GLY G 296 5.27 30.83 48.24
N ILE G 297 5.13 31.78 49.17
CA ILE G 297 4.29 31.54 50.35
C ILE G 297 2.82 31.70 49.99
N ILE G 298 2.47 32.81 49.33
CA ILE G 298 1.06 33.15 49.11
C ILE G 298 0.41 32.21 48.11
N VAL G 299 1.19 31.71 47.15
CA VAL G 299 0.65 30.68 46.26
C VAL G 299 0.48 29.36 47.00
N GLN G 300 1.41 29.05 47.92
CA GLN G 300 1.30 27.82 48.71
C GLN G 300 0.10 27.85 49.64
N ILE G 301 -0.26 29.03 50.14
CA ILE G 301 -1.48 29.16 50.93
C ILE G 301 -2.70 29.01 50.04
N ASN G 302 -2.66 29.61 48.85
CA ASN G 302 -3.80 29.52 47.93
C ASN G 302 -3.93 28.14 47.32
N THR G 303 -2.83 27.39 47.20
CA THR G 303 -2.93 26.03 46.71
C THR G 303 -3.58 25.12 47.75
N GLY G 304 -3.30 25.37 49.03
CA GLY G 304 -3.91 24.60 50.10
C GLY G 304 -5.41 24.79 50.21
N TYR G 305 -5.94 25.91 49.73
CA TYR G 305 -7.39 26.08 49.72
C TYR G 305 -8.00 25.31 48.56
N VAL G 306 -7.32 25.28 47.42
CA VAL G 306 -7.83 24.58 46.25
C VAL G 306 -7.77 23.07 46.46
N ALA G 307 -6.65 22.58 46.98
CA ALA G 307 -6.49 21.14 47.17
C ALA G 307 -7.33 20.60 48.31
N SER G 308 -7.82 21.46 49.20
CA SER G 308 -8.77 21.03 50.22
C SER G 308 -10.22 21.18 49.75
N ALA G 309 -10.47 21.97 48.71
CA ALA G 309 -11.82 22.15 48.22
C ALA G 309 -12.35 20.98 47.43
N ASN G 310 -11.45 20.07 47.00
CA ASN G 310 -11.77 18.88 46.20
C ASN G 310 -12.51 19.29 44.92
N VAL G 311 -11.86 20.15 44.15
CA VAL G 311 -12.50 20.85 43.05
C VAL G 311 -12.21 20.20 41.71
N ILE G 312 -11.03 19.59 41.55
CA ILE G 312 -10.64 18.91 40.31
C ILE G 312 -9.93 17.63 40.71
N ARG G 313 -10.39 16.50 40.18
CA ARG G 313 -9.72 15.23 40.43
C ARG G 313 -9.39 14.60 39.08
N PRO G 314 -8.17 14.10 38.89
CA PRO G 314 -7.82 13.50 37.61
C PRO G 314 -8.46 12.14 37.42
N VAL G 315 -8.32 11.62 36.20
CA VAL G 315 -8.80 10.28 35.86
C VAL G 315 -7.80 9.70 34.86
N SER G 316 -7.81 8.39 34.71
CA SER G 316 -6.84 7.69 33.87
C SER G 316 -7.32 7.48 32.45
N GLU G 317 -8.42 8.12 32.05
CA GLU G 317 -9.04 7.89 30.74
C GLU G 317 -8.89 9.14 29.88
N LYS G 318 -8.45 8.94 28.65
CA LYS G 318 -8.31 10.03 27.68
C LYS G 318 -9.49 10.01 26.72
N ARG G 319 -10.06 11.18 26.47
CA ARG G 319 -11.10 11.32 25.46
C ARG G 319 -10.83 12.53 24.58
N TYR G 320 -9.57 12.71 24.17
CA TYR G 320 -9.19 13.80 23.28
C TYR G 320 -9.79 13.67 21.89
N PHE G 321 -10.21 12.48 21.50
CA PHE G 321 -10.68 12.21 20.16
C PHE G 321 -12.01 11.48 20.24
N PRO G 322 -12.86 11.61 19.21
CA PRO G 322 -14.09 10.81 19.20
C PRO G 322 -13.84 9.35 18.84
N GLU G 323 -14.90 8.58 18.66
CA GLU G 323 -14.74 7.18 18.33
C GLU G 323 -14.24 7.03 16.90
N ASN G 324 -13.21 6.19 16.74
CA ASN G 324 -12.59 5.84 15.46
C ASN G 324 -12.04 7.06 14.73
N LEU G 325 -11.13 7.78 15.40
CA LEU G 325 -10.42 8.86 14.74
C LEU G 325 -8.93 8.79 15.06
N GLU G 326 -8.57 8.13 16.17
CA GLU G 326 -7.16 7.97 16.48
C GLU G 326 -6.49 7.01 15.50
N GLN G 327 -7.12 5.87 15.24
CA GLN G 327 -6.58 4.89 14.32
C GLN G 327 -6.93 5.18 12.86
N ASN G 328 -7.40 6.38 12.55
CA ASN G 328 -7.69 6.72 11.16
C ASN G 328 -6.43 7.25 10.49
N GLN G 329 -6.19 6.79 9.27
CA GLN G 329 -4.97 7.15 8.56
C GLN G 329 -5.03 8.58 8.04
N SER G 330 -6.24 9.10 7.77
CA SER G 330 -6.39 10.46 7.27
C SER G 330 -6.08 11.50 8.34
N ALA G 331 -6.37 11.21 9.61
CA ALA G 331 -6.14 12.16 10.69
C ALA G 331 -4.85 11.87 11.44
N ALA G 332 -3.88 11.22 10.80
CA ALA G 332 -2.62 10.91 11.49
C ALA G 332 -1.77 12.15 11.68
N ARG G 333 -1.94 13.16 10.83
CA ARG G 333 -1.19 14.40 10.97
C ARG G 333 -1.75 15.24 12.11
N LEU G 334 -3.02 15.05 12.45
CA LEU G 334 -3.67 15.80 13.52
C LEU G 334 -3.50 15.15 14.89
N VAL G 335 -3.59 13.82 14.97
CA VAL G 335 -3.45 13.14 16.24
C VAL G 335 -2.01 13.10 16.70
N SER G 336 -1.06 13.39 15.82
CA SER G 336 0.34 13.49 16.22
C SER G 336 0.70 14.87 16.72
N ALA G 337 -0.21 15.85 16.58
CA ALA G 337 0.03 17.17 17.14
C ALA G 337 -0.66 17.34 18.49
N VAL G 338 -1.78 16.66 18.71
CA VAL G 338 -2.51 16.81 19.96
C VAL G 338 -1.79 16.07 21.08
N LYS G 339 -1.35 14.85 20.82
CA LYS G 339 -0.63 14.06 21.83
C LYS G 339 0.75 14.62 22.16
N ALA G 340 1.31 15.48 21.32
CA ALA G 340 2.54 16.16 21.68
C ALA G 340 2.30 17.22 22.75
N ARG G 341 1.12 17.84 22.75
CA ARG G 341 0.83 18.89 23.71
C ARG G 341 0.12 18.35 24.95
N ALA G 342 -0.67 17.29 24.79
CA ALA G 342 -1.46 16.75 25.89
C ALA G 342 -0.57 16.02 26.87
N SER G 343 -0.35 16.61 28.04
CA SER G 343 0.46 16.01 29.07
C SER G 343 -0.43 15.22 30.03
N GLU G 344 0.14 14.71 31.11
CA GLU G 344 -0.64 13.97 32.09
C GLU G 344 -1.45 14.93 32.97
N ALA G 345 -2.38 14.35 33.71
CA ALA G 345 -3.24 15.11 34.61
C ALA G 345 -2.65 15.00 36.02
N ASP G 346 -1.60 15.76 36.28
CA ASP G 346 -1.06 15.83 37.63
C ASP G 346 -1.85 16.83 38.46
N ILE G 347 -2.19 16.42 39.68
CA ILE G 347 -3.08 17.21 40.52
C ILE G 347 -2.35 18.42 41.11
N SER G 348 -1.01 18.42 41.07
CA SER G 348 -0.26 19.55 41.61
C SER G 348 -0.33 20.76 40.69
N SER G 349 0.05 20.58 39.43
CA SER G 349 0.17 21.72 38.53
C SER G 349 -1.16 22.25 38.03
N ILE G 350 -2.26 21.50 38.19
CA ILE G 350 -3.57 22.07 37.92
C ILE G 350 -4.03 22.91 39.10
N HIS G 351 -3.81 22.42 40.32
CA HIS G 351 -4.04 23.25 41.50
C HIS G 351 -3.06 24.41 41.59
N LEU G 352 -1.89 24.29 40.99
CA LEU G 352 -0.96 25.41 40.96
C LEU G 352 -1.44 26.48 40.00
N ALA G 353 -2.07 26.07 38.88
CA ALA G 353 -2.48 27.02 37.87
C ALA G 353 -3.71 27.80 38.30
N ILE G 354 -4.60 27.18 39.08
CA ILE G 354 -5.71 27.93 39.66
C ILE G 354 -5.20 28.89 40.73
N ALA G 355 -4.24 28.44 41.54
CA ALA G 355 -3.74 29.26 42.62
C ALA G 355 -2.87 30.41 42.13
N ARG G 356 -2.22 30.27 40.97
CA ARG G 356 -1.41 31.37 40.45
C ARG G 356 -2.26 32.53 39.96
N GLU G 357 -3.55 32.31 39.74
CA GLU G 357 -4.36 33.32 39.08
C GLU G 357 -4.69 34.48 40.01
N VAL G 358 -5.29 34.20 41.16
CA VAL G 358 -5.71 35.25 42.08
C VAL G 358 -4.60 35.64 43.05
N SER G 359 -3.44 35.02 42.94
CA SER G 359 -2.31 35.35 43.78
C SER G 359 -1.60 36.59 43.26
N PRO G 360 -0.92 37.34 44.14
CA PRO G 360 -0.10 38.45 43.65
C PRO G 360 1.12 37.94 42.93
N MET G 361 1.59 38.72 41.97
CA MET G 361 2.77 38.42 41.18
C MET G 361 3.93 39.29 41.65
N PHE G 362 5.00 38.65 42.09
CA PHE G 362 6.22 39.35 42.45
C PHE G 362 7.37 39.09 41.50
N ASN G 363 7.60 37.84 41.14
CA ASN G 363 8.52 37.49 40.07
C ASN G 363 7.71 37.37 38.78
N VAL G 364 8.18 38.00 37.72
CA VAL G 364 7.40 38.09 36.49
C VAL G 364 7.35 36.74 35.81
N HIS G 365 6.13 36.27 35.54
CA HIS G 365 5.92 34.97 34.93
C HIS G 365 6.35 35.00 33.47
N GLU G 366 6.95 33.89 33.02
CA GLU G 366 7.33 33.78 31.62
C GLU G 366 6.82 32.46 31.06
N LEU G 367 6.70 32.41 29.75
CA LEU G 367 6.07 31.28 29.09
C LEU G 367 7.07 30.17 28.78
N LYS G 368 6.64 28.93 29.01
CA LYS G 368 7.37 27.76 28.56
C LYS G 368 7.48 27.78 27.03
N LYS G 369 8.71 27.61 26.52
CA LYS G 369 8.98 27.83 25.11
C LYS G 369 8.31 26.76 24.25
N ILE G 370 7.40 27.18 23.39
CA ILE G 370 6.67 26.29 22.49
C ILE G 370 7.32 26.40 21.12
N ALA G 371 7.95 25.33 20.68
CA ALA G 371 8.66 25.31 19.40
C ALA G 371 7.75 24.68 18.36
N GLU G 372 7.04 25.52 17.60
CA GLU G 372 6.16 25.08 16.54
C GLU G 372 6.54 25.76 15.24
N SER G 373 6.33 25.04 14.14
CA SER G 373 6.65 25.55 12.82
C SER G 373 5.45 26.17 12.12
N PHE G 374 4.23 25.76 12.50
CA PHE G 374 2.97 26.11 11.82
C PHE G 374 3.05 25.77 10.34
N GLU G 375 3.30 24.49 10.07
CA GLU G 375 3.53 23.97 8.73
C GLU G 375 2.23 23.58 8.04
N ASP G 376 1.52 22.66 8.61
CA ASP G 376 0.32 21.96 8.20
C ASP G 376 -0.91 22.63 8.82
N PRO G 377 -2.10 22.48 8.23
CA PRO G 377 -3.33 22.92 8.91
C PRO G 377 -3.63 22.19 10.22
N SER G 378 -2.97 21.07 10.52
CA SER G 378 -3.13 20.39 11.79
C SER G 378 -2.47 21.12 12.95
N SER G 379 -1.73 22.21 12.70
CA SER G 379 -1.12 23.00 13.75
C SER G 379 -2.04 24.06 14.31
N ILE G 380 -3.36 23.89 14.15
CA ILE G 380 -4.32 24.78 14.80
C ILE G 380 -4.51 24.41 16.26
N VAL G 381 -3.92 23.30 16.69
CA VAL G 381 -4.05 22.83 18.06
C VAL G 381 -3.37 23.79 19.03
N VAL G 382 -2.26 24.40 18.60
CA VAL G 382 -1.54 25.33 19.45
C VAL G 382 -2.32 26.62 19.63
N VAL G 383 -3.06 27.03 18.61
CA VAL G 383 -3.96 28.18 18.78
C VAL G 383 -5.15 27.80 19.66
N LEU G 384 -5.68 26.58 19.50
CA LEU G 384 -6.75 26.12 20.37
C LEU G 384 -6.25 25.90 21.80
N GLU G 385 -4.96 25.64 21.97
CA GLU G 385 -4.36 25.64 23.29
C GLU G 385 -4.38 27.03 23.90
N PHE G 386 -4.18 28.06 23.09
CA PHE G 386 -4.16 29.43 23.59
C PHE G 386 -5.55 30.00 23.80
N ILE G 387 -6.56 29.51 23.07
CA ILE G 387 -7.92 29.95 23.31
C ILE G 387 -8.42 29.35 24.63
N LEU G 388 -8.16 28.06 24.84
CA LEU G 388 -8.58 27.42 26.09
C LEU G 388 -7.77 27.90 27.27
N PHE G 389 -6.61 28.50 27.04
CA PHE G 389 -5.87 29.10 28.13
C PHE G 389 -6.30 30.53 28.40
N ALA G 390 -6.79 31.23 27.38
CA ALA G 390 -7.27 32.59 27.59
C ALA G 390 -8.64 32.62 28.23
N LEU G 391 -9.41 31.54 28.11
CA LEU G 391 -10.71 31.49 28.76
C LEU G 391 -10.59 30.97 30.19
N PHE G 392 -9.90 29.86 30.38
CA PHE G 392 -9.82 29.23 31.70
C PHE G 392 -8.97 30.01 32.67
N PHE G 393 -7.98 30.76 32.17
CA PHE G 393 -7.05 31.49 33.03
C PHE G 393 -6.78 32.85 32.41
N PRO G 394 -7.74 33.79 32.48
CA PRO G 394 -7.57 35.06 31.77
C PRO G 394 -6.55 35.98 32.42
N THR G 395 -6.33 35.86 33.73
CA THR G 395 -5.29 36.66 34.38
C THR G 395 -3.91 36.20 33.94
N GLU G 396 -3.65 34.88 34.05
CA GLU G 396 -2.37 34.35 33.63
C GLU G 396 -2.18 34.35 32.12
N PHE G 397 -3.23 34.56 31.33
CA PHE G 397 -3.03 34.81 29.92
C PHE G 397 -2.43 36.19 29.71
N ASN G 398 -2.82 37.16 30.54
CA ASN G 398 -2.33 38.53 30.38
C ASN G 398 -0.85 38.63 30.73
N ARG G 399 -0.40 37.87 31.73
CA ARG G 399 0.98 37.98 32.18
C ARG G 399 1.95 37.36 31.18
N ILE G 400 1.49 36.45 30.33
CA ILE G 400 2.33 35.88 29.29
C ILE G 400 1.78 36.15 27.90
N LYS G 401 0.95 37.20 27.74
CA LYS G 401 0.42 37.51 26.42
C LYS G 401 1.49 38.06 25.48
N GLY G 402 2.61 38.50 26.02
CA GLY G 402 3.68 38.96 25.17
C GLY G 402 4.42 37.81 24.53
N ASP G 403 4.66 36.73 25.28
CA ASP G 403 5.36 35.60 24.70
C ASP G 403 4.43 34.76 23.83
N ILE G 404 3.12 34.94 23.96
CA ILE G 404 2.19 34.28 23.05
C ILE G 404 2.15 35.01 21.72
N GLN G 405 2.45 36.32 21.72
CA GLN G 405 2.61 37.06 20.48
C GLN G 405 3.76 36.50 19.64
N ASN G 406 4.86 36.12 20.29
CA ASN G 406 6.00 35.57 19.57
C ASN G 406 5.70 34.21 18.95
N VAL G 407 4.70 33.50 19.45
CA VAL G 407 4.24 32.30 18.78
C VAL G 407 3.27 32.66 17.66
N LEU G 408 2.35 33.57 17.93
CA LEU G 408 1.32 33.91 16.96
C LEU G 408 1.84 34.74 15.80
N LEU G 409 2.95 35.48 15.96
CA LEU G 409 3.52 36.14 14.80
C LEU G 409 4.13 35.15 13.82
N LEU G 410 4.53 33.97 14.28
CA LEU G 410 4.87 32.90 13.36
C LEU G 410 3.63 32.25 12.76
N PHE G 411 2.48 32.36 13.43
CA PHE G 411 1.24 31.82 12.90
C PHE G 411 0.72 32.67 11.74
N PHE G 412 0.75 33.98 11.89
CA PHE G 412 0.20 34.85 10.86
C PHE G 412 1.17 35.10 9.72
N SER G 413 2.47 34.92 9.93
CA SER G 413 3.42 35.16 8.85
C SER G 413 3.46 34.01 7.86
N ARG G 414 2.77 32.91 8.14
CA ARG G 414 2.77 31.75 7.26
C ARG G 414 1.41 31.40 6.70
N TRP G 415 0.32 31.88 7.32
CA TRP G 415 -1.00 31.59 6.77
C TRP G 415 -1.64 32.79 6.11
N TYR G 416 -1.33 34.01 6.55
CA TYR G 416 -1.83 35.23 5.94
C TYR G 416 -0.67 36.15 5.63
N PRO G 417 0.09 35.89 4.55
CA PRO G 417 1.24 36.75 4.26
C PRO G 417 0.83 38.11 3.73
N VAL G 418 -0.39 38.23 3.22
CA VAL G 418 -0.87 39.51 2.69
C VAL G 418 -1.12 40.49 3.83
N GLU G 419 -1.72 40.00 4.92
CA GLU G 419 -2.13 40.89 5.99
C GLU G 419 -1.06 41.03 7.06
N TYR G 420 -0.11 40.10 7.09
CA TYR G 420 1.00 40.21 8.04
C TYR G 420 1.91 41.37 7.67
N GLY G 421 2.03 41.66 6.38
CA GLY G 421 2.82 42.81 5.97
C GLY G 421 2.17 44.13 6.34
N ILE G 422 0.83 44.14 6.38
CA ILE G 422 0.12 45.34 6.77
C ILE G 422 0.16 45.51 8.29
N PHE G 423 0.12 44.40 9.02
CA PHE G 423 0.05 44.47 10.47
C PHE G 423 1.39 44.88 11.09
N ILE G 424 2.49 44.44 10.50
CA ILE G 424 3.81 44.84 10.97
C ILE G 424 4.09 46.29 10.63
N GLN G 425 3.46 46.81 9.57
CA GLN G 425 3.57 48.22 9.22
C GLN G 425 3.07 49.13 10.33
N ARG G 426 2.06 48.69 11.09
CA ARG G 426 1.66 49.46 12.25
C ARG G 426 2.66 49.27 13.38
N GLY G 427 3.04 48.03 13.65
CA GLY G 427 4.07 47.73 14.62
C GLY G 427 3.84 46.45 15.40
N ALA G 428 4.87 46.02 16.12
CA ALA G 428 4.76 44.86 16.98
C ALA G 428 4.67 45.23 18.46
N THR G 429 5.02 46.45 18.83
CA THR G 429 4.88 46.94 20.19
C THR G 429 4.27 48.34 20.14
N TYR G 430 3.59 48.74 21.21
CA TYR G 430 3.07 50.10 21.25
C TYR G 430 3.05 50.62 22.68
N THR G 431 2.97 51.93 22.79
CA THR G 431 2.94 52.64 24.06
C THR G 431 1.56 53.26 24.26
N ILE G 432 1.40 53.97 25.37
CA ILE G 432 0.21 54.77 25.64
C ILE G 432 0.66 56.21 25.78
N ASN G 433 0.09 57.10 24.98
CA ASN G 433 0.39 58.51 25.12
C ASN G 433 -0.27 59.05 26.38
N ALA G 434 0.25 60.18 26.87
CA ALA G 434 -0.33 60.82 28.05
C ALA G 434 -1.73 61.36 27.79
N ALA G 435 -2.07 61.64 26.54
CA ALA G 435 -3.40 62.08 26.18
C ALA G 435 -4.32 60.93 25.81
N GLY G 436 -3.77 59.73 25.63
CA GLY G 436 -4.60 58.56 25.45
C GLY G 436 -4.56 57.91 24.07
N GLU G 437 -3.74 58.42 23.16
CA GLU G 437 -3.63 57.74 21.87
C GLU G 437 -2.70 56.53 21.99
N PHE G 438 -2.84 55.63 21.03
CA PHE G 438 -1.98 54.45 20.94
C PHE G 438 -0.85 54.77 19.98
N GLU G 439 0.31 55.14 20.51
CA GLU G 439 1.48 55.44 19.70
C GLU G 439 2.15 54.10 19.34
N PHE G 440 1.87 53.61 18.15
CA PHE G 440 2.52 52.39 17.69
C PHE G 440 3.96 52.68 17.27
N SER G 441 4.79 51.64 17.37
CA SER G 441 6.22 51.81 17.13
C SER G 441 6.59 51.63 15.67
N GLY G 442 6.09 50.60 15.00
CA GLY G 442 6.45 50.36 13.62
C GLY G 442 7.72 49.55 13.43
N ARG G 443 8.09 48.74 14.42
CA ARG G 443 9.29 47.93 14.35
C ARG G 443 8.92 46.47 14.58
N ASN G 444 9.50 45.59 13.78
CA ASN G 444 9.26 44.16 13.91
C ASN G 444 10.31 43.63 14.88
N GLU G 445 9.97 43.64 16.16
CA GLU G 445 10.88 43.17 17.20
C GLU G 445 10.20 42.05 17.98
N LYS G 446 10.98 41.01 18.28
CA LYS G 446 10.49 39.96 19.14
C LYS G 446 10.26 40.48 20.55
N TRP G 447 9.15 40.07 21.15
CA TRP G 447 8.83 40.42 22.52
C TRP G 447 9.70 39.58 23.44
N ASP G 448 10.13 40.17 24.54
CA ASP G 448 10.65 39.41 25.66
C ASP G 448 9.95 39.89 26.91
N GLN G 449 9.96 39.05 27.94
CA GLN G 449 9.15 39.33 29.12
C GLN G 449 9.77 40.42 30.00
N SER G 450 10.99 40.87 29.69
CA SER G 450 11.52 42.05 30.36
C SER G 450 10.86 43.33 29.89
N LEU G 451 10.11 43.29 28.78
CA LEU G 451 9.35 44.46 28.37
C LEU G 451 7.99 44.52 29.04
N TYR G 452 7.69 43.57 29.94
CA TYR G 452 6.40 43.58 30.62
C TYR G 452 6.30 44.75 31.59
N LEU G 453 7.42 45.13 32.20
CA LEU G 453 7.39 46.22 33.15
C LEU G 453 7.53 47.58 32.47
N SER G 454 7.88 47.59 31.19
CA SER G 454 8.04 48.83 30.46
C SER G 454 6.71 49.29 29.89
N GLU G 455 6.73 50.40 29.16
CA GLU G 455 5.51 50.97 28.60
C GLU G 455 5.13 50.35 27.26
N HIS G 456 5.83 49.32 26.81
CA HIS G 456 5.48 48.65 25.56
C HIS G 456 4.43 47.59 25.81
N PHE G 457 3.49 47.45 24.88
CA PHE G 457 2.44 46.43 24.96
C PHE G 457 2.59 45.47 23.78
N PRO G 458 2.00 44.28 23.85
CA PRO G 458 1.88 43.47 22.64
C PRO G 458 0.87 44.08 21.68
N ALA G 459 1.22 44.12 20.40
CA ALA G 459 0.38 44.82 19.43
C ALA G 459 -0.75 43.97 18.87
N LEU G 460 -0.75 42.66 19.13
CA LEU G 460 -1.88 41.84 18.72
C LEU G 460 -3.13 42.15 19.52
N PHE G 461 -2.98 42.70 20.73
CA PHE G 461 -4.07 42.83 21.68
C PHE G 461 -4.53 44.27 21.83
N SER G 462 -4.28 45.10 20.82
CA SER G 462 -4.69 46.49 20.90
C SER G 462 -6.18 46.65 20.59
N ASP G 463 -6.76 45.68 19.88
CA ASP G 463 -8.15 45.68 19.42
C ASP G 463 -8.49 46.91 18.58
N VAL G 464 -7.52 47.40 17.82
CA VAL G 464 -7.72 48.55 16.94
C VAL G 464 -7.95 48.02 15.53
N PRO G 465 -9.03 48.42 14.85
CA PRO G 465 -9.26 47.94 13.48
C PRO G 465 -8.24 48.51 12.52
N LEU G 466 -7.65 47.63 11.71
CA LEU G 466 -6.65 48.01 10.72
C LEU G 466 -7.21 47.79 9.33
N ALA G 467 -6.94 48.72 8.43
CA ALA G 467 -7.42 48.63 7.07
C ALA G 467 -6.65 47.56 6.30
N GLY G 468 -7.35 46.56 5.78
CA GLY G 468 -6.78 45.52 4.98
C GLY G 468 -6.41 44.27 5.74
N ALA G 469 -6.19 44.38 7.05
CA ALA G 469 -5.82 43.26 7.90
C ALA G 469 -6.90 42.95 8.92
N ASN G 470 -8.17 42.92 8.49
CA ASN G 470 -9.26 42.68 9.42
C ASN G 470 -9.34 41.22 9.86
N THR G 471 -8.76 40.30 9.09
CA THR G 471 -8.86 38.89 9.43
C THR G 471 -7.98 38.55 10.63
N ILE G 472 -6.85 39.24 10.80
CA ILE G 472 -6.00 39.02 11.96
C ILE G 472 -6.67 39.55 13.22
N ILE G 473 -7.31 40.73 13.12
CA ILE G 473 -7.98 41.33 14.27
C ILE G 473 -9.19 40.52 14.68
N ALA G 474 -9.91 39.96 13.70
CA ALA G 474 -11.09 39.14 13.99
C ALA G 474 -10.74 37.83 14.68
N ILE G 475 -9.49 37.36 14.57
CA ILE G 475 -9.07 36.20 15.33
C ILE G 475 -8.64 36.62 16.73
N MET G 476 -8.05 37.81 16.87
CA MET G 476 -7.67 38.32 18.18
C MET G 476 -8.85 38.76 19.04
N ARG G 477 -10.06 38.83 18.48
CA ARG G 477 -11.24 39.06 19.30
C ARG G 477 -11.65 37.81 20.07
N LEU G 478 -11.11 36.65 19.72
CA LEU G 478 -11.46 35.40 20.36
C LEU G 478 -10.74 35.17 21.67
N PHE G 479 -9.72 35.98 21.97
CA PHE G 479 -8.95 35.87 23.20
C PHE G 479 -9.50 36.72 24.32
N THR G 480 -10.66 37.34 24.14
CA THR G 480 -11.16 38.23 25.17
C THR G 480 -11.69 37.41 26.35
N PRO G 481 -11.51 37.90 27.58
CA PRO G 481 -12.03 37.18 28.74
C PRO G 481 -13.54 37.26 28.80
N GLN G 482 -14.13 36.21 29.37
CA GLN G 482 -15.58 36.09 29.41
C GLN G 482 -16.08 36.21 30.84
N GLY G 483 -15.49 37.11 31.61
CA GLY G 483 -15.83 37.20 33.01
C GLY G 483 -16.41 38.53 33.46
N PHE G 484 -16.16 38.89 34.70
CA PHE G 484 -16.69 40.12 35.27
C PHE G 484 -15.70 40.62 36.30
N LEU G 485 -15.98 41.80 36.84
CA LEU G 485 -15.08 42.47 37.76
C LEU G 485 -15.78 42.56 39.11
N ARG G 486 -15.40 41.70 40.04
CA ARG G 486 -16.02 41.65 41.35
C ARG G 486 -15.24 42.51 42.34
N THR G 487 -15.96 43.33 43.10
CA THR G 487 -15.35 44.05 44.20
C THR G 487 -15.17 43.12 45.40
N ASP G 488 -14.18 43.45 46.24
CA ASP G 488 -13.90 42.66 47.43
C ASP G 488 -14.64 43.25 48.62
N ASP G 489 -15.95 42.99 48.64
CA ASP G 489 -16.79 43.55 49.70
C ASP G 489 -16.59 42.85 51.03
N LEU G 490 -16.28 41.55 51.00
CA LEU G 490 -16.08 40.80 52.24
C LEU G 490 -14.74 41.10 52.91
N ALA G 491 -13.74 41.57 52.16
CA ALA G 491 -12.45 41.89 52.74
C ALA G 491 -12.35 43.32 53.23
N ILE G 492 -13.08 44.26 52.63
CA ILE G 492 -13.11 45.62 53.13
C ILE G 492 -13.87 45.68 54.45
N ALA G 493 -14.97 44.95 54.54
CA ALA G 493 -15.70 44.86 55.81
C ALA G 493 -14.92 44.10 56.87
N ALA G 494 -14.02 43.22 56.46
CA ALA G 494 -13.08 42.57 57.37
C ALA G 494 -11.83 43.42 57.59
N ASN G 495 -11.67 44.48 56.80
CA ASN G 495 -10.56 45.45 56.88
C ASN G 495 -9.21 44.76 56.72
N PHE G 496 -9.07 44.02 55.61
CA PHE G 496 -7.85 43.32 55.21
C PHE G 496 -6.96 44.25 54.40
N PRO G 497 -5.64 44.01 54.37
CA PRO G 497 -4.76 44.85 53.56
C PRO G 497 -4.98 44.63 52.07
N ARG G 498 -5.16 45.72 51.34
CA ARG G 498 -5.27 45.72 49.90
C ARG G 498 -4.41 46.85 49.34
N ALA G 499 -3.94 46.67 48.11
CA ALA G 499 -2.96 47.62 47.56
C ALA G 499 -3.64 48.89 47.07
N SER G 500 -4.51 48.78 46.07
CA SER G 500 -5.06 49.95 45.41
C SER G 500 -6.26 50.47 46.18
N ARG G 501 -6.97 51.44 45.60
CA ARG G 501 -8.05 52.11 46.29
C ARG G 501 -9.30 51.24 46.38
N ASN G 502 -9.82 50.76 45.26
CA ASN G 502 -10.91 49.79 45.30
C ASN G 502 -10.39 48.40 44.94
N PRO G 503 -10.55 47.41 45.80
CA PRO G 503 -10.07 46.07 45.47
C PRO G 503 -10.96 45.39 44.47
N GLN G 504 -10.53 45.32 43.22
CA GLN G 504 -11.32 44.73 42.14
C GLN G 504 -10.50 43.64 41.48
N THR G 505 -10.75 42.40 41.89
CA THR G 505 -10.16 41.23 41.26
C THR G 505 -11.05 40.77 40.12
N TYR G 506 -10.50 39.91 39.27
CA TYR G 506 -11.21 39.48 38.08
C TYR G 506 -11.54 38.00 38.20
N ILE G 507 -12.81 37.66 37.99
CA ILE G 507 -13.29 36.28 38.03
C ILE G 507 -13.52 35.83 36.60
N PRO G 508 -13.06 34.63 36.20
CA PRO G 508 -13.02 34.31 34.77
C PRO G 508 -14.38 34.10 34.11
N TYR G 509 -15.41 33.70 34.85
CA TYR G 509 -16.72 33.45 34.26
C TYR G 509 -17.84 33.56 35.29
N THR G 510 -18.96 34.11 34.84
CA THR G 510 -20.11 34.38 35.69
C THR G 510 -20.75 33.07 36.13
N ASN G 511 -21.30 33.06 37.35
CA ASN G 511 -22.14 31.96 37.78
C ASN G 511 -23.35 31.82 36.86
N GLN G 512 -23.65 30.58 36.47
CA GLN G 512 -24.64 30.28 35.45
C GLN G 512 -25.64 29.28 36.03
N ARG G 513 -26.70 29.78 36.66
CA ARG G 513 -27.74 28.91 37.15
C ARG G 513 -28.91 28.88 36.18
N GLY G 514 -29.66 27.78 36.22
CA GLY G 514 -30.99 27.71 35.63
C GLY G 514 -31.10 27.77 34.12
N THR G 515 -30.00 27.90 33.40
CA THR G 515 -30.05 28.04 31.95
C THR G 515 -29.93 26.66 31.29
N VAL G 516 -30.71 26.47 30.23
CA VAL G 516 -30.59 25.24 29.45
C VAL G 516 -29.28 25.23 28.68
N THR G 517 -29.08 26.22 27.82
CA THR G 517 -27.80 26.41 27.16
C THR G 517 -26.92 27.28 28.04
N ASN G 518 -25.71 26.81 28.30
CA ASN G 518 -24.78 27.55 29.14
C ASN G 518 -24.15 28.68 28.35
N GLU G 519 -24.23 29.90 28.88
CA GLU G 519 -23.70 31.06 28.17
C GLU G 519 -22.18 31.10 28.13
N PHE G 520 -21.49 30.39 29.01
CA PHE G 520 -20.04 30.29 28.86
C PHE G 520 -19.66 29.20 27.86
N ALA G 521 -20.49 28.16 27.75
CA ALA G 521 -20.24 27.10 26.78
C ALA G 521 -20.54 27.58 25.36
N SER G 522 -21.56 28.41 25.20
CA SER G 522 -21.94 28.89 23.88
C SER G 522 -20.99 29.93 23.34
N ARG G 523 -20.11 30.50 24.18
CA ARG G 523 -19.01 31.30 23.65
C ARG G 523 -18.04 30.43 22.86
N PHE G 524 -17.70 29.25 23.39
CA PHE G 524 -16.79 28.35 22.70
C PHE G 524 -17.43 27.72 21.47
N ARG G 525 -18.76 27.69 21.40
CA ARG G 525 -19.44 27.29 20.17
C ARG G 525 -19.16 28.27 19.04
N THR G 526 -19.04 29.55 19.36
CA THR G 526 -18.82 30.60 18.38
C THR G 526 -17.34 30.85 18.13
N ILE G 527 -16.46 30.29 18.95
CA ILE G 527 -15.03 30.39 18.68
C ILE G 527 -14.62 29.37 17.64
N VAL G 528 -15.06 28.11 17.81
CA VAL G 528 -14.75 27.05 16.86
C VAL G 528 -15.41 27.31 15.52
N ALA G 529 -16.58 27.95 15.52
CA ALA G 529 -17.21 28.36 14.27
C ALA G 529 -16.42 29.42 13.52
N THR G 530 -15.53 30.14 14.20
CA THR G 530 -14.58 30.99 13.49
C THR G 530 -13.33 30.20 13.11
N LEU G 531 -12.87 29.32 14.00
CA LEU G 531 -11.67 28.54 13.72
C LEU G 531 -11.88 27.47 12.65
N ALA G 532 -13.10 26.98 12.48
CA ALA G 532 -13.35 26.02 11.42
C ALA G 532 -13.32 26.66 10.05
N ASN G 533 -13.53 27.97 9.96
CA ASN G 533 -13.42 28.64 8.67
C ASN G 533 -12.02 29.15 8.40
N VAL G 534 -11.16 29.15 9.42
CA VAL G 534 -9.75 29.47 9.20
C VAL G 534 -9.00 28.24 8.71
N VAL G 535 -9.29 27.07 9.31
CA VAL G 535 -8.64 25.84 8.89
C VAL G 535 -9.22 25.33 7.58
N ASN G 536 -10.38 25.85 7.16
CA ASN G 536 -10.96 25.44 5.88
C ASN G 536 -10.30 26.18 4.72
N GLU G 537 -10.15 27.50 4.86
CA GLU G 537 -9.50 28.26 3.80
C GLU G 537 -8.00 28.00 3.76
N ARG G 538 -7.43 27.54 4.87
CA ARG G 538 -6.05 27.08 4.86
C ARG G 538 -5.90 25.78 4.09
N ALA G 539 -6.93 24.94 4.10
CA ALA G 539 -6.83 23.63 3.46
C ALA G 539 -7.12 23.70 1.97
N VAL G 540 -8.10 24.50 1.55
CA VAL G 540 -8.41 24.60 0.13
C VAL G 540 -7.38 25.44 -0.61
N GLN G 541 -6.59 26.24 0.11
CA GLN G 541 -5.47 26.93 -0.52
C GLN G 541 -4.38 25.96 -0.95
N ASP G 542 -4.16 24.91 -0.16
CA ASP G 542 -3.17 23.89 -0.47
C ASP G 542 -3.81 22.56 -0.82
N ASP G 543 -5.07 22.60 -1.30
CA ASP G 543 -5.90 21.54 -1.89
C ASP G 543 -5.70 20.14 -1.34
N MET G 544 -5.68 20.02 -0.01
CA MET G 544 -5.50 18.73 0.64
C MET G 544 -6.82 17.95 0.61
N GLN G 545 -6.80 16.77 1.24
CA GLN G 545 -7.84 15.77 1.03
C GLN G 545 -9.17 16.19 1.65
N LYS G 546 -10.23 15.54 1.16
CA LYS G 546 -11.56 15.70 1.74
C LYS G 546 -11.63 15.06 3.12
N ALA G 547 -10.93 13.94 3.30
CA ALA G 547 -10.97 13.24 4.59
C ALA G 547 -10.12 13.96 5.62
N THR G 548 -8.95 14.44 5.23
CA THR G 548 -8.06 15.12 6.16
C THR G 548 -8.58 16.47 6.61
N ARG G 549 -9.48 17.08 5.83
CA ARG G 549 -10.14 18.32 6.20
C ARG G 549 -11.39 18.07 7.02
N SER G 550 -12.07 16.96 6.78
CA SER G 550 -13.27 16.63 7.55
C SER G 550 -12.91 16.05 8.91
N CYS G 551 -11.82 15.29 8.99
CA CYS G 551 -11.39 14.75 10.28
C CYS G 551 -10.81 15.81 11.19
N THR G 552 -10.36 16.93 10.65
CA THR G 552 -10.05 18.07 11.49
C THR G 552 -11.31 18.66 12.09
N LYS G 553 -12.34 18.84 11.26
CA LYS G 553 -13.58 19.47 11.72
C LYS G 553 -14.40 18.55 12.60
N GLN G 554 -14.27 17.24 12.46
CA GLN G 554 -14.92 16.33 13.40
C GLN G 554 -14.26 16.39 14.78
N TRP G 555 -12.97 16.72 14.83
CA TRP G 555 -12.32 16.89 16.11
C TRP G 555 -12.66 18.23 16.76
N LEU G 556 -12.87 19.27 15.94
CA LEU G 556 -13.16 20.59 16.49
C LEU G 556 -14.53 20.66 17.15
N ARG G 557 -15.45 19.76 16.79
CA ARG G 557 -16.69 19.65 17.54
C ARG G 557 -16.71 18.48 18.51
N HIS G 558 -15.63 17.71 18.59
CA HIS G 558 -15.48 16.83 19.74
C HIS G 558 -14.99 17.61 20.95
N LEU G 559 -14.31 18.74 20.74
CA LEU G 559 -14.05 19.64 21.86
C LEU G 559 -15.33 20.27 22.36
N GLU G 560 -16.32 20.45 21.50
CA GLU G 560 -17.58 21.09 21.89
C GLU G 560 -18.35 20.26 22.91
N THR G 561 -18.45 18.96 22.68
CA THR G 561 -19.10 18.08 23.64
C THR G 561 -18.33 18.04 24.95
N GLN G 562 -17.00 17.98 24.87
CA GLN G 562 -16.20 18.01 26.08
C GLN G 562 -16.15 19.37 26.74
N PHE G 563 -16.47 20.44 26.02
CA PHE G 563 -16.55 21.74 26.66
C PHE G 563 -17.93 21.99 27.26
N ASP G 564 -18.99 21.47 26.62
CA ASP G 564 -20.32 21.63 27.17
C ASP G 564 -20.51 20.83 28.44
N ASN G 565 -19.86 19.67 28.57
CA ASN G 565 -20.08 18.81 29.72
C ASN G 565 -19.38 19.35 30.95
N ILE G 566 -18.33 20.15 30.79
CA ILE G 566 -17.58 20.61 31.96
C ILE G 566 -17.70 22.11 32.21
N ALA G 567 -18.32 22.88 31.31
CA ALA G 567 -18.54 24.29 31.59
C ALA G 567 -19.65 24.48 32.62
N VAL G 568 -20.48 23.46 32.82
CA VAL G 568 -21.42 23.47 33.94
C VAL G 568 -20.67 23.38 35.26
N ALA G 569 -19.53 22.69 35.26
CA ALA G 569 -18.78 22.50 36.50
C ALA G 569 -17.78 23.61 36.78
N HIS G 570 -17.32 24.34 35.76
CA HIS G 570 -16.52 25.53 36.01
C HIS G 570 -17.38 26.66 36.54
N THR G 571 -18.45 26.99 35.83
CA THR G 571 -19.19 28.20 36.18
C THR G 571 -20.08 28.03 37.41
N ASP G 572 -20.25 26.81 37.93
CA ASP G 572 -21.02 26.63 39.14
C ASP G 572 -20.17 26.35 40.37
N HIS G 573 -18.98 25.80 40.21
CA HIS G 573 -18.18 25.47 41.38
C HIS G 573 -16.76 26.05 41.34
N LEU G 574 -16.19 26.25 40.15
CA LEU G 574 -14.91 26.96 40.13
C LEU G 574 -15.07 28.44 40.37
N SER G 575 -16.18 29.03 39.96
CA SER G 575 -16.34 30.48 40.07
C SER G 575 -16.56 30.90 41.51
N VAL G 576 -17.20 30.06 42.33
CA VAL G 576 -17.33 30.41 43.74
C VAL G 576 -16.04 30.17 44.50
N VAL G 577 -15.11 29.40 43.94
CA VAL G 577 -13.80 29.27 44.57
C VAL G 577 -12.94 30.48 44.25
N TYR G 578 -13.00 30.99 43.02
CA TYR G 578 -12.30 32.23 42.70
C TYR G 578 -12.92 33.44 43.40
N ALA G 579 -14.22 33.37 43.72
CA ALA G 579 -14.85 34.47 44.42
C ALA G 579 -14.41 34.53 45.88
N THR G 580 -13.99 33.41 46.45
CA THR G 580 -13.58 33.39 47.85
C THR G 580 -12.08 33.32 48.03
N MET G 581 -11.31 33.10 46.97
CA MET G 581 -9.87 33.23 47.07
C MET G 581 -9.41 34.66 46.84
N SER G 582 -10.30 35.54 46.40
CA SER G 582 -9.95 36.94 46.28
C SER G 582 -10.29 37.73 47.52
N ASN G 583 -10.93 37.10 48.50
CA ASN G 583 -11.20 37.75 49.78
C ASN G 583 -10.16 37.42 50.83
N PHE G 584 -9.12 36.66 50.49
CA PHE G 584 -8.11 36.30 51.47
C PHE G 584 -7.26 37.51 51.84
N MET G 585 -6.51 37.35 52.92
CA MET G 585 -5.71 38.45 53.44
C MET G 585 -4.51 38.75 52.56
N LEU G 586 -3.84 37.73 52.06
CA LEU G 586 -2.56 37.92 51.40
C LEU G 586 -2.66 38.04 49.89
N ASN G 587 -3.86 38.00 49.32
CA ASN G 587 -4.01 38.17 47.87
C ASN G 587 -4.30 39.64 47.58
N PHE G 588 -3.35 40.49 47.99
CA PHE G 588 -3.62 41.91 48.21
C PHE G 588 -3.50 42.78 46.97
N THR G 589 -3.31 42.21 45.79
CA THR G 589 -3.15 43.06 44.62
C THR G 589 -4.32 42.89 43.65
N ASN G 590 -4.48 43.88 42.78
CA ASN G 590 -5.36 43.74 41.64
C ASN G 590 -4.65 42.98 40.53
N ASN G 591 -5.31 41.96 40.00
CA ASN G 591 -4.68 41.07 39.05
C ASN G 591 -4.99 41.38 37.60
N PHE G 592 -6.23 41.78 37.30
CA PHE G 592 -6.66 41.97 35.92
C PHE G 592 -7.91 42.84 35.96
N SER G 593 -7.97 43.83 35.06
CA SER G 593 -9.03 44.81 35.10
C SER G 593 -10.17 44.52 34.15
N GLY G 594 -9.95 43.77 33.08
CA GLY G 594 -11.01 43.47 32.15
C GLY G 594 -10.57 43.56 30.71
N ASN G 595 -9.43 44.20 30.48
CA ASN G 595 -8.92 44.42 29.14
C ASN G 595 -7.50 43.92 29.02
N HIS G 596 -7.20 43.24 27.92
CA HIS G 596 -5.81 43.00 27.57
C HIS G 596 -5.19 44.21 26.89
N ALA G 597 -6.01 45.19 26.50
CA ALA G 597 -5.52 46.29 25.70
C ALA G 597 -4.81 47.34 26.52
N THR G 598 -5.37 47.76 27.65
CA THR G 598 -4.83 48.89 28.40
C THR G 598 -4.49 48.57 29.84
N PHE G 599 -3.98 47.38 30.15
CA PHE G 599 -3.69 47.02 31.53
C PHE G 599 -2.21 46.77 31.73
N LYS G 600 -1.66 47.39 32.77
CA LYS G 600 -0.41 47.05 33.41
C LYS G 600 -0.61 47.08 34.92
N PRO G 601 0.05 46.20 35.67
CA PRO G 601 -0.06 46.26 37.13
C PRO G 601 0.66 47.48 37.68
N ASP G 602 0.13 47.98 38.79
CA ASP G 602 0.67 49.17 39.43
C ASP G 602 2.01 48.82 40.08
N GLN G 603 3.09 49.43 39.59
CA GLN G 603 4.45 49.03 39.96
C GLN G 603 4.93 49.94 41.09
N TYR G 604 4.72 49.50 42.32
CA TYR G 604 5.27 50.22 43.45
C TYR G 604 6.74 49.89 43.61
N VAL G 605 7.47 50.78 44.27
CA VAL G 605 8.86 50.54 44.63
C VAL G 605 9.06 50.91 46.09
N ILE G 606 10.29 50.72 46.56
CA ILE G 606 10.71 51.28 47.83
C ILE G 606 11.77 52.32 47.52
N THR G 607 11.34 53.57 47.31
CA THR G 607 12.30 54.60 46.96
C THR G 607 13.05 55.07 48.21
N SER G 608 14.22 55.63 47.98
CA SER G 608 15.06 56.09 49.06
C SER G 608 16.01 57.16 48.54
N PRO G 609 16.06 58.33 49.16
CA PRO G 609 16.98 59.37 48.70
C PRO G 609 18.46 59.03 48.91
N GLU G 610 18.77 58.08 49.78
CA GLU G 610 20.13 57.63 50.02
C GLU G 610 20.33 56.19 49.57
N GLY G 611 19.82 55.85 48.39
CA GLY G 611 20.01 54.52 47.87
C GLY G 611 19.28 54.33 46.57
N SER G 612 19.40 53.12 46.03
CA SER G 612 18.73 52.72 44.81
C SER G 612 17.38 52.11 45.15
N TYR G 613 16.37 52.40 44.33
CA TYR G 613 15.04 51.89 44.60
C TYR G 613 14.96 50.42 44.20
N LYS G 614 14.40 49.61 45.10
CA LYS G 614 14.20 48.19 44.83
C LYS G 614 12.77 47.97 44.41
N PRO G 615 12.50 47.57 43.17
CA PRO G 615 11.12 47.41 42.73
C PRO G 615 10.45 46.20 43.35
N ILE G 616 9.13 46.29 43.48
CA ILE G 616 8.35 45.16 43.99
C ILE G 616 8.25 44.07 42.94
N ILE G 617 7.63 44.39 41.80
CA ILE G 617 7.52 43.44 40.71
C ILE G 617 8.77 43.59 39.85
N GLU G 618 9.51 42.50 39.68
CA GLU G 618 10.81 42.58 39.04
C GLU G 618 11.15 41.23 38.45
N ARG G 619 11.33 41.16 37.14
CA ARG G 619 11.82 39.93 36.52
C ARG G 619 13.29 39.79 36.82
N GLN G 620 13.62 39.02 37.84
CA GLN G 620 14.98 38.61 38.08
C GLN G 620 15.16 37.12 37.81
N GLY G 621 14.16 36.48 37.21
CA GLY G 621 14.25 35.08 36.84
C GLY G 621 14.32 34.10 37.98
N GLU G 622 13.98 34.55 39.19
CA GLU G 622 14.13 33.71 40.37
C GLU G 622 13.05 32.64 40.38
N THR G 623 13.41 31.45 39.92
CA THR G 623 12.49 30.32 39.99
C THR G 623 12.29 29.92 41.44
N VAL G 624 11.06 29.52 41.77
CA VAL G 624 10.67 29.17 43.12
C VAL G 624 10.37 27.67 43.02
N ASP G 625 11.18 26.99 42.19
CA ASP G 625 11.03 25.58 41.82
C ASP G 625 9.68 25.32 41.15
N GLY G 626 9.51 25.91 39.97
CA GLY G 626 8.35 25.68 39.15
C GLY G 626 7.18 26.61 39.39
N LEU G 627 7.43 27.86 39.76
CA LEU G 627 6.34 28.78 40.02
C LEU G 627 6.24 29.85 38.94
N THR G 628 7.39 30.28 38.39
CA THR G 628 7.39 31.32 37.36
C THR G 628 7.15 30.77 35.96
N ILE G 629 7.55 29.53 35.69
CA ILE G 629 7.38 28.94 34.37
C ILE G 629 5.92 28.55 34.20
N ILE G 630 5.27 29.08 33.18
CA ILE G 630 3.83 28.90 32.96
C ILE G 630 3.67 27.82 31.89
N ASP G 631 2.83 26.84 32.16
CA ASP G 631 2.62 25.72 31.26
C ASP G 631 1.22 25.83 30.67
N THR G 632 1.14 26.27 29.42
CA THR G 632 -0.14 26.39 28.74
C THR G 632 -0.68 25.06 28.26
N SER G 633 0.11 23.99 28.32
CA SER G 633 -0.36 22.66 27.94
C SER G 633 -1.18 22.01 29.03
N ILE G 634 -1.46 22.71 30.13
CA ILE G 634 -2.24 22.16 31.22
C ILE G 634 -3.73 22.22 30.90
N VAL G 635 -4.13 22.96 29.87
CA VAL G 635 -5.56 23.09 29.59
C VAL G 635 -6.11 21.88 28.85
N TRP G 636 -5.26 21.00 28.35
CA TRP G 636 -5.76 19.77 27.75
C TRP G 636 -6.14 18.71 28.81
N PRO G 637 -5.39 18.50 29.91
CA PRO G 637 -5.95 17.62 30.95
C PRO G 637 -7.11 18.25 31.70
N ILE G 638 -7.20 19.57 31.78
CA ILE G 638 -8.35 20.21 32.42
C ILE G 638 -9.62 19.97 31.62
N LEU G 639 -9.49 20.03 30.29
CA LEU G 639 -10.66 19.83 29.44
C LEU G 639 -11.09 18.37 29.38
N CYS G 640 -10.16 17.43 29.37
CA CYS G 640 -10.49 16.06 29.03
C CYS G 640 -10.35 15.08 30.20
N GLN G 641 -9.16 14.90 30.77
CA GLN G 641 -8.93 13.80 31.69
C GLN G 641 -8.99 14.22 33.15
N CYS G 642 -9.93 15.09 33.50
CA CYS G 642 -10.21 15.39 34.90
C CYS G 642 -11.72 15.35 35.12
N THR G 643 -12.17 14.45 35.99
CA THR G 643 -13.58 14.39 36.36
C THR G 643 -13.85 15.36 37.49
N TYR G 644 -14.99 16.03 37.40
CA TYR G 644 -15.35 17.11 38.29
C TYR G 644 -16.47 16.67 39.22
N PRO G 645 -16.56 17.26 40.42
CA PRO G 645 -17.63 16.84 41.35
C PRO G 645 -19.01 17.38 41.03
N LEU G 646 -19.25 17.94 39.84
CA LEU G 646 -20.60 18.24 39.38
C LEU G 646 -20.96 17.54 38.09
N VAL G 647 -19.98 17.06 37.32
CA VAL G 647 -20.28 16.27 36.13
C VAL G 647 -20.80 14.89 36.54
N ARG G 648 -20.34 14.39 37.68
CA ARG G 648 -20.80 13.12 38.24
C ARG G 648 -22.04 13.28 39.12
N GLN G 649 -22.84 14.33 38.93
CA GLN G 649 -24.02 14.66 39.75
C GLN G 649 -23.67 14.79 41.23
N SER G 658 -25.40 7.97 39.20
CA SER G 658 -26.17 9.10 39.71
C SER G 658 -25.82 9.40 41.17
N ILE G 659 -24.54 9.22 41.51
CA ILE G 659 -24.07 9.49 42.87
C ILE G 659 -23.93 11.00 43.06
N MET G 660 -23.73 11.43 44.30
CA MET G 660 -23.45 12.83 44.59
C MET G 660 -22.17 12.89 45.42
N GLU G 661 -21.28 13.82 45.05
CA GLU G 661 -20.01 13.94 45.75
C GLU G 661 -20.17 14.60 47.12
N GLU G 662 -21.28 15.32 47.34
CA GLU G 662 -21.55 16.09 48.55
C GLU G 662 -20.43 17.10 48.74
N ILE G 663 -20.45 18.14 47.90
CA ILE G 663 -19.42 19.15 47.67
C ILE G 663 -18.75 19.65 48.94
N VAL G 664 -17.42 19.58 48.97
CA VAL G 664 -16.67 19.84 50.18
C VAL G 664 -16.54 21.35 50.38
N TYR G 665 -17.01 21.84 51.53
CA TYR G 665 -16.81 23.23 51.90
C TYR G 665 -15.71 23.28 52.93
N PRO G 666 -14.55 23.83 52.62
CA PRO G 666 -13.40 23.73 53.54
C PRO G 666 -13.57 24.61 54.76
N ASP G 667 -12.90 24.20 55.82
CA ASP G 667 -12.89 24.97 57.05
C ASP G 667 -12.01 26.22 56.91
N PRO G 668 -12.45 27.36 57.45
CA PRO G 668 -11.65 28.58 57.31
C PRO G 668 -10.45 28.63 58.22
N SER G 669 -10.36 27.75 59.21
CA SER G 669 -9.30 27.86 60.21
C SER G 669 -7.95 27.48 59.63
N THR G 670 -7.92 26.59 58.64
CA THR G 670 -6.65 26.19 58.04
C THR G 670 -6.05 27.28 57.18
N THR G 671 -6.89 28.14 56.57
CA THR G 671 -6.38 29.21 55.72
C THR G 671 -6.34 30.56 56.43
N LEU G 672 -7.04 30.71 57.55
CA LEU G 672 -6.91 31.93 58.33
C LEU G 672 -5.63 31.89 59.16
N SER G 673 -5.32 30.73 59.75
CA SER G 673 -4.13 30.65 60.59
C SER G 673 -2.86 30.67 59.78
N GLN G 674 -2.91 30.22 58.52
CA GLN G 674 -1.74 30.36 57.65
C GLN G 674 -1.53 31.82 57.25
N SER G 675 -2.61 32.56 57.03
CA SER G 675 -2.45 33.94 56.58
C SER G 675 -2.09 34.87 57.72
N LEU G 676 -2.59 34.60 58.93
CA LEU G 676 -2.20 35.40 60.08
C LEU G 676 -0.75 35.16 60.47
N SER G 677 -0.29 33.91 60.41
CA SER G 677 1.08 33.59 60.80
C SER G 677 2.10 34.18 59.83
N VAL G 678 1.72 34.42 58.58
CA VAL G 678 2.56 35.20 57.70
C VAL G 678 2.51 36.67 58.09
N ALA G 679 1.31 37.18 58.32
CA ALA G 679 1.14 38.60 58.63
C ALA G 679 1.56 38.95 60.05
N GLN G 680 1.78 37.96 60.91
CA GLN G 680 2.28 38.27 62.24
C GLN G 680 3.80 38.27 62.28
N VAL G 681 4.44 37.45 61.44
CA VAL G 681 5.89 37.32 61.48
C VAL G 681 6.56 38.47 60.75
N LEU G 682 6.22 38.69 59.48
CA LEU G 682 6.91 39.73 58.72
C LEU G 682 6.44 41.13 59.07
N SER G 683 5.42 41.28 59.90
CA SER G 683 5.09 42.59 60.45
C SER G 683 6.15 43.03 61.45
N LYS G 684 6.56 42.12 62.34
CA LYS G 684 7.56 42.39 63.35
C LYS G 684 8.94 41.88 62.98
N LEU G 685 9.16 41.56 61.70
CA LEU G 685 10.48 41.11 61.27
C LEU G 685 11.38 42.29 60.92
N THR G 686 10.81 43.32 60.30
CA THR G 686 11.55 44.50 59.92
C THR G 686 11.48 45.60 60.98
N LEU G 687 11.23 45.24 62.23
CA LEU G 687 11.12 46.22 63.28
C LEU G 687 12.48 46.71 63.80
N PRO G 688 13.53 45.88 63.95
CA PRO G 688 14.87 46.47 64.11
C PRO G 688 15.41 47.12 62.86
N ASP G 689 14.88 46.79 61.68
CA ASP G 689 15.20 47.56 60.47
C ASP G 689 14.62 48.96 60.57
N ALA G 690 13.56 49.12 61.35
CA ALA G 690 12.77 50.33 61.37
C ALA G 690 13.19 51.32 62.44
N PHE G 691 13.72 50.84 63.56
CA PHE G 691 13.95 51.71 64.70
C PHE G 691 15.22 52.55 64.53
N ILE G 692 16.31 51.92 64.07
CA ILE G 692 17.57 52.64 63.93
C ILE G 692 17.46 53.69 62.84
N ASN G 693 16.76 53.38 61.75
CA ASN G 693 16.54 54.35 60.70
C ASN G 693 15.49 55.40 61.06
N MET G 694 14.74 55.20 62.15
CA MET G 694 13.86 56.24 62.66
C MET G 694 14.64 57.29 63.43
N ILE G 695 15.62 56.85 64.23
CA ILE G 695 16.46 57.78 64.97
C ILE G 695 17.36 58.56 64.03
N LEU G 696 17.88 57.88 63.01
CA LEU G 696 18.78 58.49 62.03
C LEU G 696 18.06 59.00 60.80
N SER G 697 16.80 59.40 60.93
CA SER G 697 16.03 59.87 59.78
C SER G 697 16.57 61.20 59.26
N GLY G 698 17.04 62.07 60.15
CA GLY G 698 17.68 63.30 59.76
C GLY G 698 19.19 63.31 59.91
N GLY G 699 19.85 62.15 59.82
CA GLY G 699 21.29 62.13 59.94
C GLY G 699 22.03 62.55 58.69
N ASP G 700 21.34 62.66 57.56
CA ASP G 700 21.97 63.08 56.33
C ASP G 700 22.35 64.55 56.41
N SER G 701 23.41 64.92 55.69
CA SER G 701 23.94 66.27 55.80
C SER G 701 24.30 66.81 54.43
N VAL G 702 24.10 68.10 54.25
CA VAL G 702 24.54 68.82 53.07
C VAL G 702 25.67 69.75 53.48
N VAL G 703 26.48 70.14 52.51
CA VAL G 703 27.60 71.04 52.76
C VAL G 703 27.23 72.40 52.20
N MET G 704 27.38 73.43 53.03
CA MET G 704 27.03 74.79 52.63
C MET G 704 28.07 75.77 53.09
N ARG G 705 28.12 76.91 52.41
CA ARG G 705 28.93 78.05 52.80
C ARG G 705 28.03 79.17 53.27
N THR G 706 28.53 79.98 54.20
CA THR G 706 27.78 81.11 54.74
C THR G 706 28.61 82.37 54.52
N TYR G 707 28.24 83.12 53.49
CA TYR G 707 28.94 84.36 53.16
C TYR G 707 28.47 85.48 54.09
N GLN G 708 29.36 85.96 54.95
CA GLN G 708 29.05 87.08 55.81
C GLN G 708 29.07 88.36 55.00
N THR G 709 27.93 89.05 54.94
CA THR G 709 27.77 90.21 54.06
C THR G 709 27.92 91.55 54.77
N GLU G 710 27.95 91.57 56.10
CA GLU G 710 28.23 92.81 56.81
C GLU G 710 29.37 92.55 57.79
N ALA G 711 29.80 93.62 58.47
CA ALA G 711 30.93 93.53 59.37
C ALA G 711 30.53 92.93 60.70
N ASP G 712 31.51 92.31 61.36
CA ASP G 712 31.42 91.84 62.75
C ASP G 712 30.32 90.78 62.92
N ASP G 713 30.41 89.74 62.09
CA ASP G 713 29.46 88.64 62.13
C ASP G 713 30.12 87.37 62.69
N ASP G 714 29.28 86.38 62.93
CA ASP G 714 29.74 85.09 63.43
C ASP G 714 30.03 84.17 62.24
N LEU G 715 30.24 82.89 62.53
CA LEU G 715 30.50 81.92 61.47
C LEU G 715 29.21 81.33 60.89
N ASP G 716 28.05 81.75 61.39
CA ASP G 716 26.78 81.21 60.93
C ASP G 716 25.83 82.25 60.34
N GLU G 717 26.03 83.53 60.64
CA GLU G 717 25.20 84.57 60.08
C GLU G 717 25.66 84.90 58.66
N GLY G 718 24.72 85.17 57.78
CA GLY G 718 25.02 85.49 56.41
C GLY G 718 24.07 84.78 55.47
N ILE G 719 24.47 84.68 54.21
CA ILE G 719 23.63 84.08 53.18
C ILE G 719 24.06 82.63 52.99
N ARG G 720 23.21 81.71 53.43
CA ARG G 720 23.53 80.29 53.49
C ARG G 720 23.41 79.70 52.09
N MET G 721 24.51 79.21 51.54
CA MET G 721 24.61 78.87 50.12
C MET G 721 25.25 77.51 49.92
N THR G 722 24.66 76.72 49.01
CA THR G 722 25.18 75.40 48.68
C THR G 722 25.20 75.22 47.17
N THR G 723 25.95 74.22 46.72
CA THR G 723 26.11 73.98 45.30
C THR G 723 24.90 73.24 44.73
N TYR G 724 24.84 73.17 43.40
CA TYR G 724 23.69 72.58 42.75
C TYR G 724 23.67 71.07 42.83
N ASP G 725 24.83 70.44 42.73
CA ASP G 725 24.87 68.98 42.79
C ASP G 725 24.67 68.47 44.21
N GLN G 726 25.01 69.31 45.21
CA GLN G 726 24.66 68.99 46.59
C GLN G 726 23.16 69.05 46.81
N TYR G 727 22.48 70.04 46.18
CA TYR G 727 21.02 70.08 46.17
C TYR G 727 20.44 68.88 45.43
N LEU G 728 21.10 68.43 44.37
CA LEU G 728 20.51 67.43 43.50
C LEU G 728 20.57 66.04 44.12
N SER G 729 21.48 65.82 45.06
CA SER G 729 21.67 64.50 45.63
C SER G 729 21.00 64.31 46.99
N HIS G 730 20.64 65.39 47.66
CA HIS G 730 20.12 65.23 49.02
C HIS G 730 18.79 65.93 49.25
N ILE G 731 18.58 67.09 48.64
CA ILE G 731 17.39 67.89 48.91
C ILE G 731 16.30 67.65 47.87
N ARG G 732 16.68 67.50 46.59
CA ARG G 732 15.70 67.45 45.51
C ARG G 732 14.89 66.16 45.54
N GLU G 733 15.51 65.04 45.92
CA GLU G 733 14.75 63.80 46.05
C GLU G 733 13.84 63.81 47.27
N ARG G 734 14.09 64.69 48.23
CA ARG G 734 13.18 64.87 49.35
C ARG G 734 12.20 66.00 49.13
N LEU G 735 12.00 66.44 47.89
CA LEU G 735 10.90 67.31 47.56
C LEU G 735 9.86 66.64 46.69
N HIS G 736 10.25 65.63 45.91
CA HIS G 736 9.27 64.81 45.21
C HIS G 736 8.56 63.86 46.15
N ILE G 737 9.11 63.60 47.33
CA ILE G 737 8.44 62.73 48.28
C ILE G 737 7.46 63.52 49.12
N THR G 738 7.84 64.71 49.58
CA THR G 738 6.97 65.49 50.43
C THR G 738 5.87 66.21 49.68
N ASN G 739 5.80 66.05 48.35
CA ASN G 739 4.68 66.50 47.50
C ASN G 739 4.50 68.01 47.56
N VAL G 740 5.58 68.71 47.24
CA VAL G 740 5.56 70.17 47.16
C VAL G 740 5.95 70.53 45.74
N PRO G 741 5.65 71.76 45.29
CA PRO G 741 6.15 72.20 43.99
C PRO G 741 7.66 72.39 43.92
N ASP G 742 8.14 72.85 42.80
CA ASP G 742 9.56 73.12 42.68
C ASP G 742 9.87 74.54 43.13
N PRO G 743 11.01 74.76 43.76
CA PRO G 743 11.38 76.13 44.15
C PRO G 743 11.71 76.98 42.92
N ILE G 744 11.42 78.26 43.04
CA ILE G 744 11.55 79.18 41.91
C ILE G 744 13.00 79.57 41.71
N TYR G 745 13.32 80.14 40.55
CA TYR G 745 14.65 80.66 40.26
C TYR G 745 14.66 82.15 40.55
N ILE G 746 15.60 82.60 41.38
CA ILE G 746 15.77 84.02 41.66
C ILE G 746 16.87 84.57 40.76
N THR G 747 16.57 85.69 40.09
CA THR G 747 17.42 86.21 39.03
C THR G 747 17.84 87.65 39.23
N GLY G 748 17.40 88.32 40.29
CA GLY G 748 17.62 89.74 40.41
C GLY G 748 16.36 90.49 40.07
N ALA G 749 15.56 89.93 39.16
CA ALA G 749 14.22 90.42 38.91
C ALA G 749 13.21 89.86 39.89
N SER G 750 13.65 89.06 40.86
CA SER G 750 12.76 88.43 41.81
C SER G 750 12.57 89.34 43.02
N THR G 751 11.34 89.80 43.22
CA THR G 751 10.97 90.57 44.38
C THR G 751 11.04 89.70 45.64
N PRO G 752 11.21 90.30 46.81
CA PRO G 752 11.12 89.51 48.05
C PRO G 752 9.72 89.01 48.36
N ASP G 753 8.69 89.47 47.64
CA ASP G 753 7.38 88.87 47.72
C ASP G 753 7.28 87.56 46.94
N GLN G 754 8.10 87.39 45.90
CA GLN G 754 8.10 86.12 45.19
C GLN G 754 8.86 85.03 45.94
N ILE G 755 9.91 85.41 46.68
CA ILE G 755 10.67 84.43 47.43
C ILE G 755 9.85 83.93 48.62
N ALA G 756 9.05 84.83 49.21
CA ALA G 756 8.22 84.45 50.36
C ALA G 756 7.12 83.48 49.97
N ALA G 757 6.61 83.58 48.74
CA ALA G 757 5.63 82.62 48.26
C ALA G 757 6.25 81.26 47.96
N SER G 758 7.53 81.22 47.60
CA SER G 758 8.20 79.96 47.36
C SER G 758 8.57 79.27 48.66
N VAL G 759 8.68 80.02 49.75
CA VAL G 759 8.81 79.41 51.07
C VAL G 759 7.44 78.94 51.56
N GLN G 760 6.37 79.63 51.16
CA GLN G 760 5.04 79.17 51.54
C GLN G 760 4.53 78.04 50.67
N ALA G 761 5.10 77.85 49.48
CA ALA G 761 4.71 76.73 48.63
C ALA G 761 5.53 75.49 48.96
N THR G 762 6.84 75.59 48.82
CA THR G 762 7.76 74.55 49.28
C THR G 762 8.14 74.91 50.70
N HIS G 763 7.75 74.07 51.66
CA HIS G 763 7.89 74.41 53.07
C HIS G 763 9.33 74.45 53.54
N VAL G 764 10.27 73.89 52.76
CA VAL G 764 11.68 74.07 53.05
C VAL G 764 12.13 75.44 52.50
N ALA G 765 13.06 76.07 53.20
CA ALA G 765 13.53 77.41 52.81
C ALA G 765 14.70 77.31 51.83
N VAL G 766 14.41 76.78 50.65
CA VAL G 766 15.41 76.55 49.61
C VAL G 766 14.94 77.21 48.33
N VAL G 767 15.78 78.06 47.74
CA VAL G 767 15.52 78.66 46.44
C VAL G 767 16.70 78.38 45.52
N LEU G 768 16.43 78.34 44.23
CA LEU G 768 17.44 78.09 43.21
C LEU G 768 17.92 79.40 42.61
N TYR G 769 19.06 79.35 41.92
CA TYR G 769 19.63 80.48 41.22
C TYR G 769 19.67 80.19 39.73
N GLN G 770 19.42 81.21 38.91
CA GLN G 770 19.53 81.09 37.47
C GLN G 770 20.63 81.95 36.88
N SER G 771 20.55 83.27 37.05
CA SER G 771 21.49 84.23 36.46
C SER G 771 21.29 85.57 37.15
N GLY G 772 21.92 86.60 36.58
CA GLY G 772 21.71 87.96 37.01
C GLY G 772 22.36 88.30 38.34
N VAL G 773 22.29 89.58 38.68
CA VAL G 773 22.80 90.09 39.95
C VAL G 773 21.61 90.31 40.87
N ILE G 774 21.57 89.56 41.97
CA ILE G 774 20.44 89.64 42.88
C ILE G 774 20.53 90.91 43.71
N ASN G 775 19.46 91.70 43.68
CA ASN G 775 19.41 93.04 44.24
C ASN G 775 19.48 93.02 45.77
N GLY G 776 19.64 94.21 46.34
CA GLY G 776 19.78 94.33 47.78
C GLY G 776 18.46 94.19 48.51
N SER G 777 17.35 94.28 47.78
CA SER G 777 16.05 94.08 48.38
C SER G 777 15.83 92.60 48.74
N ALA G 778 16.46 91.69 47.99
CA ALA G 778 16.30 90.28 48.27
C ALA G 778 17.40 89.76 49.19
N SER G 779 18.58 90.39 49.15
CA SER G 779 19.70 89.91 49.96
C SER G 779 19.47 90.20 51.44
N THR G 780 18.65 91.19 51.76
CA THR G 780 18.23 91.37 53.15
C THR G 780 17.20 90.33 53.55
N TYR G 781 16.42 89.83 52.59
CA TYR G 781 15.45 88.79 52.89
C TYR G 781 16.12 87.43 53.02
N LEU G 782 17.10 87.15 52.14
CA LEU G 782 17.82 85.88 52.20
C LEU G 782 18.72 85.79 53.42
N ARG G 783 19.08 86.93 54.01
CA ARG G 783 19.95 86.91 55.18
C ARG G 783 19.19 86.55 56.45
N GLU G 784 18.08 87.25 56.71
CA GLU G 784 17.39 87.11 57.99
C GLU G 784 16.64 85.78 58.10
N ASN G 785 15.89 85.43 57.06
CA ASN G 785 15.07 84.23 57.09
C ASN G 785 15.85 82.95 56.80
N GLU G 786 17.17 83.08 56.60
CA GLU G 786 18.11 81.95 56.49
C GLU G 786 17.74 81.03 55.33
N VAL G 787 17.42 81.62 54.19
CA VAL G 787 16.95 80.86 53.04
C VAL G 787 18.17 80.29 52.31
N LEU G 788 18.15 78.97 52.08
CA LEU G 788 19.26 78.31 51.41
C LEU G 788 19.25 78.66 49.93
N VAL G 789 20.33 79.22 49.44
CA VAL G 789 20.44 79.65 48.05
C VAL G 789 21.31 78.64 47.31
N VAL G 790 20.71 77.96 46.34
CA VAL G 790 21.40 76.92 45.59
C VAL G 790 22.04 77.54 44.36
N MET G 791 23.34 77.53 44.31
CA MET G 791 24.17 78.02 43.22
C MET G 791 24.64 76.87 42.34
N PRO G 792 24.87 77.12 41.05
CA PRO G 792 25.44 76.05 40.22
C PRO G 792 26.90 75.76 40.53
N ASP G 793 27.67 76.79 40.88
CA ASP G 793 29.09 76.63 41.11
C ASP G 793 29.60 77.81 41.93
N TYR G 794 30.77 77.63 42.53
CA TYR G 794 31.42 78.67 43.33
C TYR G 794 32.44 79.46 42.51
N TYR G 795 31.99 80.07 41.42
CA TYR G 795 32.87 80.85 40.54
C TYR G 795 32.40 82.29 40.56
N ASP G 796 33.17 83.14 41.26
CA ASP G 796 32.94 84.59 41.38
C ASP G 796 31.55 84.89 41.96
N VAL G 797 31.38 84.45 43.21
CA VAL G 797 30.10 84.51 43.87
C VAL G 797 29.72 85.92 44.34
N VAL G 798 30.70 86.82 44.48
CA VAL G 798 30.36 88.19 44.82
C VAL G 798 29.71 88.89 43.64
N SER G 799 30.07 88.51 42.41
CA SER G 799 29.48 89.11 41.22
C SER G 799 28.02 88.69 41.01
N ARG G 800 27.54 87.69 41.75
CA ARG G 800 26.13 87.31 41.63
C ARG G 800 25.24 88.10 42.57
N PHE G 801 25.79 88.73 43.60
CA PHE G 801 25.01 89.54 44.52
C PHE G 801 25.35 91.01 44.37
N ALA G 802 24.35 91.86 44.57
CA ALA G 802 24.55 93.31 44.55
C ALA G 802 25.18 93.70 45.88
N ASN G 803 26.50 93.60 45.95
CA ASN G 803 27.25 93.90 47.18
C ASN G 803 27.31 95.42 47.34
N ALA G 804 26.18 95.99 47.80
CA ALA G 804 26.13 97.41 48.07
C ALA G 804 26.82 97.78 49.37
N ASN G 805 26.93 96.84 50.31
CA ASN G 805 27.66 97.09 51.54
C ASN G 805 29.16 97.04 51.32
N LEU G 806 29.59 96.39 50.23
CA LEU G 806 31.00 96.18 49.86
C LEU G 806 31.77 95.48 50.97
N GLN G 807 31.11 94.54 51.65
CA GLN G 807 31.74 93.72 52.67
C GLN G 807 31.80 92.24 52.30
N MET G 808 30.87 91.77 51.48
CA MET G 808 30.89 90.39 51.03
C MET G 808 32.06 90.13 50.09
N ASN G 809 32.89 89.16 50.44
CA ASN G 809 34.11 88.87 49.70
C ASN G 809 34.13 87.40 49.32
N ASN G 810 34.90 87.08 48.28
CA ASN G 810 35.04 85.70 47.82
C ASN G 810 35.73 84.82 48.86
N ASN G 811 36.54 85.42 49.72
CA ASN G 811 37.30 84.68 50.72
C ASN G 811 36.82 84.98 52.13
N ARG G 812 35.51 85.09 52.31
CA ARG G 812 34.92 85.32 53.64
C ARG G 812 33.72 84.38 53.79
N TYR G 813 33.95 83.21 54.36
CA TYR G 813 32.88 82.27 54.64
C TYR G 813 33.29 81.35 55.77
N HIS G 814 32.42 80.41 56.09
CA HIS G 814 32.70 79.34 57.03
C HIS G 814 31.97 78.09 56.54
N GLU G 815 32.68 77.22 55.83
CA GLU G 815 32.08 76.03 55.26
C GLU G 815 31.77 75.03 56.36
N SER G 816 30.49 74.91 56.70
CA SER G 816 30.04 74.01 57.76
C SER G 816 28.99 73.07 57.19
N VAL G 817 28.50 72.17 58.04
CA VAL G 817 27.54 71.17 57.59
C VAL G 817 26.13 71.63 57.94
N LEU G 818 25.15 70.97 57.37
CA LEU G 818 23.74 71.28 57.64
C LEU G 818 22.97 69.98 57.55
N GLU G 819 22.37 69.56 58.66
CA GLU G 819 21.61 68.32 58.64
C GLU G 819 20.28 68.52 57.92
N ILE G 820 19.74 67.43 57.38
CA ILE G 820 18.47 67.46 56.68
C ILE G 820 17.31 67.68 57.65
N ALA G 821 17.43 67.26 58.90
CA ALA G 821 16.41 67.52 59.90
C ALA G 821 16.37 68.96 60.37
N ASP G 822 17.26 69.83 59.88
CA ASP G 822 17.27 71.23 60.24
C ASP G 822 16.59 72.12 59.21
N ILE G 823 16.32 71.62 58.00
CA ILE G 823 15.54 72.37 57.02
C ILE G 823 14.21 71.71 56.70
N PHE G 824 14.02 70.44 56.99
CA PHE G 824 12.74 69.78 56.80
C PHE G 824 12.06 69.54 58.14
N ASP G 825 10.73 69.58 58.10
CA ASP G 825 9.91 69.30 59.27
C ASP G 825 8.65 68.60 58.77
N GLN G 826 8.46 67.36 59.22
CA GLN G 826 7.29 66.59 58.85
C GLN G 826 7.06 65.55 59.92
N ALA G 827 5.80 65.33 60.27
CA ALA G 827 5.42 64.52 61.42
C ALA G 827 5.83 63.06 61.30
N ASP G 828 5.85 62.50 60.10
CA ASP G 828 6.13 61.09 59.91
C ASP G 828 7.21 60.80 58.86
N PHE G 829 7.96 61.81 58.44
CA PHE G 829 8.95 61.65 57.39
C PHE G 829 10.36 61.77 57.92
N ILE G 830 10.64 62.83 58.67
CA ILE G 830 11.94 63.03 59.29
C ILE G 830 11.70 63.33 60.76
N GLN G 831 12.23 62.48 61.63
CA GLN G 831 12.09 62.67 63.07
C GLN G 831 12.92 63.87 63.49
N THR G 832 12.29 64.80 64.19
CA THR G 832 12.91 66.09 64.43
C THR G 832 12.64 66.62 65.84
N SER G 833 12.40 65.75 66.80
CA SER G 833 12.10 66.20 68.15
C SER G 833 13.36 66.68 68.85
N ASP G 834 13.17 67.22 70.05
CA ASP G 834 14.30 67.72 70.83
C ASP G 834 15.09 66.56 71.42
N ALA G 835 14.44 65.43 71.66
CA ALA G 835 15.12 64.29 72.28
C ALA G 835 16.04 63.60 71.29
N VAL G 836 15.56 63.38 70.07
CA VAL G 836 16.38 62.72 69.04
C VAL G 836 17.49 63.65 68.57
N ARG G 837 17.29 64.97 68.68
CA ARG G 837 18.35 65.93 68.38
C ARG G 837 19.52 65.78 69.35
N GLN G 838 19.24 65.41 70.60
CA GLN G 838 20.31 65.22 71.57
C GLN G 838 21.10 63.95 71.28
N LEU G 839 20.43 62.90 70.82
CA LEU G 839 21.12 61.62 70.60
C LEU G 839 22.09 61.69 69.43
N ARG G 840 21.71 62.37 68.35
CA ARG G 840 22.57 62.44 67.18
C ARG G 840 23.77 63.34 67.41
N ALA G 841 23.69 64.25 68.39
CA ALA G 841 24.86 65.03 68.74
C ALA G 841 25.81 64.23 69.63
N LEU G 842 25.33 63.16 70.24
CA LEU G 842 26.17 62.31 71.08
C LEU G 842 26.65 61.06 70.37
N MET G 843 26.05 60.71 69.23
CA MET G 843 26.51 59.55 68.47
C MET G 843 27.90 59.81 67.87
N PRO G 844 28.71 58.77 67.73
CA PRO G 844 29.98 58.93 67.01
C PRO G 844 29.75 59.04 65.52
N THR G 845 30.83 59.24 64.78
CA THR G 845 30.76 59.36 63.33
C THR G 845 30.38 58.02 62.73
N LEU G 846 29.18 57.95 62.18
CA LEU G 846 28.59 56.69 61.76
C LEU G 846 29.04 56.31 60.36
N SER G 847 28.39 55.31 59.80
CA SER G 847 28.69 54.82 58.46
C SER G 847 27.44 54.15 57.93
N THR G 848 27.58 53.49 56.78
CA THR G 848 26.56 52.60 56.27
C THR G 848 26.88 51.15 56.61
N SER G 849 27.92 50.93 57.41
CA SER G 849 28.25 49.61 57.94
C SER G 849 27.94 49.48 59.42
N GLN G 850 28.04 50.58 60.17
CA GLN G 850 27.70 50.53 61.58
C GLN G 850 26.19 50.48 61.79
N ILE G 851 25.42 51.05 60.88
CA ILE G 851 23.97 50.88 60.92
C ILE G 851 23.60 49.43 60.64
N ARG G 852 24.35 48.78 59.75
CA ARG G 852 24.17 47.35 59.53
C ARG G 852 24.51 46.55 60.78
N HIS G 853 25.53 46.97 61.54
CA HIS G 853 25.85 46.26 62.77
C HIS G 853 24.82 46.56 63.86
N ALA G 854 24.27 47.79 63.86
CA ALA G 854 23.31 48.16 64.89
C ALA G 854 21.97 47.46 64.71
N ILE G 855 21.60 47.14 63.48
CA ILE G 855 20.39 46.37 63.25
C ILE G 855 20.56 44.94 63.74
N GLU G 856 21.72 44.34 63.46
CA GLU G 856 21.94 42.95 63.82
C GLU G 856 22.12 42.75 65.31
N ARG G 857 22.39 43.82 66.07
CA ARG G 857 22.53 43.69 67.51
C ARG G 857 21.18 43.74 68.20
N ILE G 858 20.25 44.55 67.69
CA ILE G 858 18.91 44.60 68.27
C ILE G 858 18.14 43.34 67.92
N ALA G 859 18.26 42.87 66.68
CA ALA G 859 17.63 41.61 66.28
C ALA G 859 18.26 40.40 66.94
N GLN G 860 19.47 40.53 67.49
CA GLN G 860 20.03 39.47 68.31
C GLN G 860 19.36 39.41 69.68
N ILE G 861 19.04 40.57 70.26
CA ILE G 861 18.45 40.60 71.58
C ILE G 861 16.96 40.24 71.51
N THR G 862 16.19 41.04 70.79
CA THR G 862 14.73 40.94 70.83
C THR G 862 14.24 40.00 69.75
N ASP G 863 14.39 38.70 70.02
CA ASP G 863 13.84 37.68 69.13
C ASP G 863 12.33 37.67 69.25
N VAL G 864 11.65 37.83 68.12
CA VAL G 864 10.20 37.99 68.08
C VAL G 864 9.52 36.66 68.31
N ASP G 865 8.25 36.71 68.71
CA ASP G 865 7.47 35.50 68.86
C ASP G 865 7.06 34.96 67.50
N SER G 866 7.03 33.64 67.38
CA SER G 866 6.77 32.98 66.11
C SER G 866 6.15 31.62 66.40
N THR G 867 5.00 31.35 65.78
CA THR G 867 4.28 30.12 66.01
C THR G 867 4.83 29.00 65.13
N ASP G 868 4.11 27.86 65.10
CA ASP G 868 4.58 26.67 64.43
C ASP G 868 4.62 26.81 62.91
N TYR G 869 3.88 27.76 62.34
CA TYR G 869 3.96 28.02 60.92
C TYR G 869 4.86 29.20 60.59
N GLY G 870 5.12 30.07 61.57
CA GLY G 870 5.98 31.22 61.32
C GLY G 870 7.44 30.84 61.19
N LYS G 871 7.87 29.82 61.94
CA LYS G 871 9.24 29.34 61.81
C LYS G 871 9.47 28.61 60.49
N LEU G 872 8.41 28.10 59.85
CA LEU G 872 8.56 27.52 58.53
C LEU G 872 8.71 28.62 57.47
N THR G 873 8.02 29.74 57.66
CA THR G 873 8.14 30.84 56.71
C THR G 873 9.41 31.64 56.90
N LEU G 874 10.02 31.63 58.09
CA LEU G 874 11.27 32.34 58.28
C LEU G 874 12.44 31.62 57.61
N ARG G 875 12.33 30.31 57.42
CA ARG G 875 13.37 29.59 56.71
C ARG G 875 12.95 29.21 55.29
N PHE G 876 11.92 29.85 54.76
CA PHE G 876 11.58 29.72 53.35
C PHE G 876 11.99 30.95 52.54
N LEU G 877 12.15 32.10 53.21
CA LEU G 877 12.39 33.34 52.48
C LEU G 877 13.89 33.55 52.13
N GLY G 878 14.86 33.39 53.05
CA GLY G 878 14.80 33.31 54.50
C GLY G 878 15.96 33.92 55.27
N THR G 879 16.88 34.60 54.60
CA THR G 879 18.13 34.93 55.29
C THR G 879 18.55 36.39 55.25
N LEU G 880 18.39 37.09 54.13
CA LEU G 880 19.11 38.35 53.92
C LEU G 880 18.15 39.51 53.70
N THR G 881 18.48 40.64 54.32
CA THR G 881 17.74 41.88 54.19
C THR G 881 18.66 43.07 53.91
N ARG G 882 19.97 42.91 54.08
CA ARG G 882 20.92 44.00 54.22
C ARG G 882 21.29 44.68 52.89
N SER G 883 20.56 44.44 51.81
CA SER G 883 20.86 45.12 50.57
C SER G 883 20.18 46.48 50.48
N LEU G 884 18.90 46.54 50.85
CA LEU G 884 18.10 47.74 50.65
C LEU G 884 18.43 48.81 51.68
N LYS G 885 18.67 50.03 51.22
CA LYS G 885 18.78 51.16 52.12
C LYS G 885 17.39 51.57 52.61
N MET G 886 17.32 51.94 53.88
CA MET G 886 16.06 52.26 54.55
C MET G 886 16.13 53.65 55.18
N GLN G 887 16.77 54.59 54.47
CA GLN G 887 17.10 55.88 55.08
C GLN G 887 15.84 56.72 55.33
N ASN G 888 15.12 57.06 54.27
CA ASN G 888 13.82 57.71 54.37
C ASN G 888 12.85 57.01 53.44
N ALA G 889 12.81 55.69 53.56
CA ALA G 889 12.19 54.81 52.57
C ALA G 889 10.69 55.00 52.52
N GLN G 890 10.18 55.35 51.35
CA GLN G 890 8.76 55.54 51.12
C GLN G 890 8.30 54.61 50.00
N ILE G 891 7.00 54.44 49.90
CA ILE G 891 6.40 53.56 48.91
C ILE G 891 5.69 54.43 47.88
N ARG G 892 6.26 54.50 46.68
CA ARG G 892 5.75 55.34 45.62
C ARG G 892 5.63 54.53 44.33
N ARG G 893 4.72 54.95 43.46
CA ARG G 893 4.66 54.34 42.15
C ARG G 893 5.76 54.89 41.25
N ILE G 894 6.08 54.13 40.21
CA ILE G 894 7.00 54.60 39.18
C ILE G 894 6.31 54.56 37.83
N ARG G 895 6.77 55.43 36.95
CA ARG G 895 6.43 55.30 35.55
C ARG G 895 7.11 54.05 34.99
N PRO G 896 6.54 53.44 33.96
CA PRO G 896 7.24 52.33 33.28
C PRO G 896 8.52 52.76 32.56
N ASP G 897 8.77 54.05 32.40
CA ASP G 897 10.10 54.54 32.06
C ASP G 897 11.11 54.16 33.14
N GLY G 898 10.84 54.55 34.39
CA GLY G 898 11.74 54.23 35.47
C GLY G 898 11.92 55.33 36.48
N THR G 899 11.25 56.46 36.28
CA THR G 899 11.33 57.57 37.24
C THR G 899 10.27 57.40 38.31
N VAL G 900 10.59 57.88 39.52
CA VAL G 900 9.68 57.75 40.66
C VAL G 900 8.70 58.91 40.62
N LEU G 901 7.41 58.59 40.52
CA LEU G 901 6.38 59.62 40.56
C LEU G 901 6.23 60.19 41.98
N ARG G 902 5.55 61.31 42.05
CA ARG G 902 5.13 61.85 43.33
C ARG G 902 3.94 61.07 43.86
N TYR G 903 3.58 61.34 45.11
CA TYR G 903 2.38 60.75 45.68
C TYR G 903 1.16 61.39 45.05
N ASP G 904 0.38 60.61 44.31
CA ASP G 904 -0.84 61.10 43.71
C ASP G 904 -1.99 60.84 44.66
N ASP G 905 -2.68 61.90 45.07
CA ASP G 905 -3.70 61.84 46.11
C ASP G 905 -4.91 61.00 45.74
N GLN G 906 -5.12 60.69 44.47
CA GLN G 906 -6.31 60.01 44.01
C GLN G 906 -6.03 58.71 43.28
N ILE G 907 -4.81 58.16 43.40
CA ILE G 907 -4.46 56.87 42.82
C ILE G 907 -3.91 55.92 43.89
N ASP G 908 -2.90 56.37 44.64
CA ASP G 908 -2.33 55.52 45.67
C ASP G 908 -3.22 55.46 46.90
N ILE G 909 -3.08 54.38 47.66
CA ILE G 909 -3.81 54.25 48.91
C ILE G 909 -3.25 55.24 49.93
N GLU G 910 -4.09 55.67 50.87
CA GLU G 910 -3.74 56.71 51.83
C GLU G 910 -2.64 56.28 52.79
N ALA G 911 -2.40 54.99 52.96
CA ALA G 911 -1.33 54.53 53.85
C ALA G 911 0.03 54.55 53.18
N PHE G 912 0.12 54.89 51.90
CA PHE G 912 1.40 54.99 51.21
C PHE G 912 1.93 56.40 51.12
N ARG G 913 1.25 57.38 51.71
CA ARG G 913 1.77 58.75 51.64
C ARG G 913 3.00 58.90 52.51
N TRP G 914 2.87 58.60 53.79
CA TRP G 914 4.02 58.54 54.69
C TRP G 914 4.11 57.12 55.22
N SER G 915 5.14 56.40 54.81
CA SER G 915 5.50 55.19 55.53
C SER G 915 6.04 55.64 56.87
N ARG G 916 5.25 55.48 57.94
CA ARG G 916 5.57 56.07 59.23
C ARG G 916 6.69 55.31 59.91
N TYR G 917 7.88 55.33 59.30
CA TYR G 917 9.05 54.54 59.65
C TYR G 917 8.77 53.04 59.67
N PHE G 918 7.74 52.61 58.92
CA PHE G 918 7.25 51.23 58.86
C PHE G 918 6.94 50.68 60.26
N LEU G 919 6.31 51.52 61.07
CA LEU G 919 5.95 51.21 62.45
C LEU G 919 4.44 51.10 62.58
N ASP G 920 3.99 50.67 63.75
CA ASP G 920 2.56 50.56 63.98
C ASP G 920 1.94 51.95 64.13
N GLU G 921 0.62 51.98 64.07
CA GLU G 921 -0.09 53.22 64.36
C GLU G 921 -0.22 53.42 65.86
N LEU G 922 0.03 52.36 66.64
CA LEU G 922 -0.04 52.47 68.09
C LEU G 922 1.35 52.59 68.69
N ARG G 923 2.35 51.97 68.05
CA ARG G 923 3.71 51.93 68.59
C ARG G 923 4.36 53.30 68.52
N LEU G 924 3.94 54.14 67.57
CA LEU G 924 4.50 55.47 67.47
C LEU G 924 3.95 56.38 68.56
N ARG G 925 2.78 56.05 69.11
CA ARG G 925 2.21 56.85 70.18
C ARG G 925 2.97 56.63 71.48
N ARG G 926 3.50 55.42 71.68
CA ARG G 926 4.34 55.15 72.84
C ARG G 926 5.66 55.89 72.74
N LEU G 927 6.09 56.15 71.51
CA LEU G 927 7.38 56.78 71.26
C LEU G 927 7.38 58.25 71.67
N SER G 928 6.21 58.89 71.71
CA SER G 928 6.14 60.26 72.21
C SER G 928 6.29 60.29 73.72
N VAL G 929 5.96 59.21 74.41
CA VAL G 929 6.24 59.11 75.83
C VAL G 929 7.70 58.74 76.05
N GLY G 930 8.22 57.82 75.25
CA GLY G 930 9.58 57.32 75.44
C GLY G 930 10.65 58.36 75.18
N LEU G 931 10.38 59.31 74.29
CA LEU G 931 11.35 60.39 74.09
C LEU G 931 11.36 61.36 75.25
N ARG G 932 10.25 61.45 75.99
CA ARG G 932 10.25 62.26 77.21
C ARG G 932 11.04 61.58 78.31
N LEU G 933 11.10 60.25 78.30
CA LEU G 933 11.88 59.54 79.30
C LEU G 933 13.37 59.69 79.06
N ILE G 934 13.77 59.96 77.81
CA ILE G 934 15.18 60.09 77.49
C ILE G 934 15.69 61.50 77.77
N THR G 935 14.91 62.52 77.43
CA THR G 935 15.29 63.91 77.67
C THR G 935 15.06 64.35 79.11
N ASN G 936 14.63 63.44 79.97
CA ASN G 936 14.49 63.69 81.39
C ASN G 936 15.84 64.02 82.01
N PRO G 937 15.96 65.08 82.80
CA PRO G 937 17.22 65.34 83.51
C PRO G 937 17.53 64.34 84.62
N ARG G 938 16.55 63.56 85.09
CA ARG G 938 16.77 62.70 86.24
C ARG G 938 17.56 61.44 85.90
N ILE G 939 17.74 61.11 84.63
CA ILE G 939 18.49 59.92 84.25
C ILE G 939 19.78 60.23 83.53
N ALA G 940 20.00 61.47 83.11
CA ALA G 940 21.17 61.83 82.34
C ALA G 940 22.35 61.97 83.29
N ARG G 941 22.94 60.83 83.66
CA ARG G 941 24.08 60.82 84.55
C ARG G 941 25.36 60.40 83.83
N ARG G 942 25.52 60.80 82.57
CA ARG G 942 26.80 60.64 81.88
C ARG G 942 27.50 61.97 82.01
N PHE G 943 28.18 62.14 83.14
CA PHE G 943 28.78 63.43 83.46
C PHE G 943 30.00 63.70 82.58
N ASP G 944 30.15 64.94 82.17
CA ASP G 944 31.21 65.35 81.26
C ASP G 944 32.00 66.50 81.86
N GLY G 945 33.27 66.56 81.56
CA GLY G 945 34.16 67.60 82.06
C GLY G 945 34.69 67.27 83.44
N VAL G 946 35.98 67.54 83.64
CA VAL G 946 36.63 67.24 84.90
C VAL G 946 37.67 68.33 85.19
N ARG G 947 37.77 68.75 86.44
CA ARG G 947 38.61 69.85 86.85
C ARG G 947 39.62 69.39 87.89
N ILE G 948 40.89 69.37 87.50
CA ILE G 948 41.97 69.06 88.42
C ILE G 948 42.33 70.33 89.20
N MET G 949 42.31 70.22 90.53
CA MET G 949 42.58 71.33 91.42
C MET G 949 43.01 70.73 92.74
N TYR G 950 43.80 71.46 93.52
CA TYR G 950 44.44 70.89 94.68
C TYR G 950 43.93 71.53 95.97
N LEU G 951 42.62 71.65 96.09
CA LEU G 951 42.00 72.05 97.35
C LEU G 951 41.90 70.86 98.30
N THR G 952 41.93 71.17 99.59
CA THR G 952 41.74 70.15 100.60
C THR G 952 40.28 69.70 100.63
N ASP G 953 40.05 68.54 101.22
CA ASP G 953 38.71 67.95 101.27
C ASP G 953 38.29 67.88 102.72
N ASP G 954 37.58 68.90 103.17
CA ASP G 954 37.06 68.95 104.54
C ASP G 954 35.55 68.79 104.63
N ASP G 955 34.79 69.32 103.66
CA ASP G 955 33.33 69.12 103.62
C ASP G 955 32.94 68.37 102.36
N PRO G 956 33.01 67.04 102.38
CA PRO G 956 32.73 66.27 101.16
C PRO G 956 31.27 66.24 100.79
N ASP G 957 30.92 66.90 99.69
CA ASP G 957 29.62 66.77 99.06
C ASP G 957 29.79 66.75 97.55
N PRO G 958 28.97 65.97 96.84
CA PRO G 958 29.13 65.88 95.39
C PRO G 958 28.71 67.13 94.63
N ASP G 959 28.03 68.06 95.27
CA ASP G 959 27.62 69.31 94.63
C ASP G 959 28.69 70.39 94.70
N PHE G 960 29.91 70.05 95.11
CA PHE G 960 30.94 71.07 95.28
C PHE G 960 31.68 71.25 93.97
N VAL G 961 31.34 72.31 93.24
CA VAL G 961 32.16 72.78 92.13
C VAL G 961 33.14 73.79 92.71
N PRO G 962 34.45 73.57 92.60
CA PRO G 962 35.40 74.49 93.24
C PRO G 962 35.50 75.80 92.47
N ASP G 963 35.63 76.89 93.21
CA ASP G 963 35.67 78.20 92.60
C ASP G 963 37.10 78.55 92.18
N VAL G 964 37.25 78.91 90.92
CA VAL G 964 38.51 79.50 90.47
C VAL G 964 38.65 80.87 91.10
N PRO G 965 39.77 81.17 91.79
CA PRO G 965 39.88 82.43 92.54
C PRO G 965 39.89 83.70 91.69
N GLU G 966 39.96 84.85 92.35
CA GLU G 966 39.76 86.11 91.66
C GLU G 966 40.97 86.53 90.83
N GLY G 967 42.11 85.87 91.00
CA GLY G 967 43.31 86.31 90.34
C GLY G 967 44.01 85.31 89.44
N TYR G 968 43.25 84.52 88.68
CA TYR G 968 43.87 83.57 87.76
C TYR G 968 43.74 84.05 86.33
N VAL G 969 44.51 83.41 85.45
CA VAL G 969 44.62 83.80 84.05
C VAL G 969 44.12 82.65 83.19
N ALA G 970 43.21 82.94 82.27
CA ALA G 970 42.67 81.92 81.37
C ALA G 970 43.65 81.71 80.23
N VAL G 971 44.10 80.46 80.05
CA VAL G 971 45.05 80.09 79.01
C VAL G 971 44.53 78.85 78.31
N GLN G 972 44.28 78.96 77.01
CA GLN G 972 43.93 77.79 76.21
C GLN G 972 45.16 76.91 75.99
N TYR G 973 44.92 75.61 75.89
CA TYR G 973 46.01 74.65 75.75
C TYR G 973 46.30 74.38 74.29
N ALA G 974 47.59 74.32 73.96
CA ALA G 974 48.06 73.91 72.65
C ALA G 974 49.43 73.27 72.82
N HIS G 975 49.85 72.52 71.80
CA HIS G 975 51.16 71.87 71.87
C HIS G 975 52.31 72.83 71.69
N ARG G 976 52.03 74.06 71.26
CA ARG G 976 53.06 75.08 71.08
C ARG G 976 53.64 75.54 72.41
N LEU G 977 52.90 75.39 73.51
CA LEU G 977 53.31 75.97 74.78
C LEU G 977 54.44 75.19 75.42
N PHE G 978 54.25 73.89 75.62
CA PHE G 978 55.20 73.08 76.35
C PHE G 978 56.30 72.56 75.42
N SER G 979 57.54 72.69 75.87
CA SER G 979 58.70 72.23 75.11
C SER G 979 59.85 72.01 76.08
N SER G 980 60.96 71.48 75.57
CA SER G 980 62.12 71.22 76.40
C SER G 980 63.17 72.31 76.21
N SER G 981 63.85 72.67 77.30
CA SER G 981 64.89 73.68 77.25
C SER G 981 65.90 73.45 78.37
N LEU G 982 67.17 73.61 78.03
CA LEU G 982 68.25 73.45 78.99
C LEU G 982 68.19 74.60 79.99
N ALA G 983 67.87 74.30 81.25
CA ALA G 983 67.61 75.36 82.22
C ALA G 983 68.70 75.46 83.28
N ASN G 984 68.91 74.43 84.09
CA ASN G 984 70.03 74.41 85.03
C ASN G 984 70.62 73.00 84.98
N LYS G 985 71.50 72.78 84.00
CA LYS G 985 72.24 71.53 83.80
C LYS G 985 71.32 70.30 83.73
N ARG G 986 70.12 70.50 83.17
CA ARG G 986 69.12 69.44 83.08
C ARG G 986 68.03 69.86 82.09
N ASN G 987 67.68 68.97 81.17
CA ASN G 987 66.61 69.24 80.21
C ASN G 987 65.27 69.21 80.94
N ARG G 988 64.70 70.38 81.18
CA ARG G 988 63.41 70.50 81.83
C ARG G 988 62.33 70.81 80.81
N VAL G 989 61.10 70.46 81.15
CA VAL G 989 59.95 70.80 80.31
C VAL G 989 59.56 72.24 80.61
N THR G 990 59.46 73.06 79.58
CA THR G 990 59.37 74.50 79.72
C THR G 990 58.01 75.00 79.29
N TYR G 991 57.34 75.70 80.19
CA TYR G 991 56.07 76.36 79.91
C TYR G 991 56.33 77.80 79.50
N THR G 992 55.71 78.23 78.40
CA THR G 992 55.80 79.60 77.91
C THR G 992 54.43 80.24 78.07
N HIS G 993 54.33 81.21 78.96
CA HIS G 993 53.04 81.79 79.31
C HIS G 993 52.63 82.82 78.27
N PRO G 994 51.49 82.66 77.61
CA PRO G 994 51.15 83.51 76.45
C PRO G 994 50.86 84.98 76.77
N PRO G 995 50.27 85.37 77.92
CA PRO G 995 50.18 86.82 78.20
C PRO G 995 51.50 87.53 78.40
N THR G 996 52.56 86.84 78.81
CA THR G 996 53.84 87.51 79.02
C THR G 996 54.92 87.10 78.03
N GLY G 997 54.85 85.89 77.48
CA GLY G 997 55.92 85.37 76.65
C GLY G 997 57.08 84.79 77.43
N MET G 998 57.08 84.91 78.75
CA MET G 998 58.19 84.43 79.56
C MET G 998 58.17 82.90 79.64
N ALA G 999 59.35 82.34 79.90
CA ALA G 999 59.50 80.90 80.07
C ALA G 999 59.57 80.58 81.55
N TYR G 1000 59.03 79.43 81.94
CA TYR G 1000 59.02 79.00 83.33
C TYR G 1000 59.39 77.52 83.37
N PRO G 1001 60.67 77.20 83.51
CA PRO G 1001 61.09 75.80 83.36
C PRO G 1001 60.74 74.91 84.54
N SER G 1002 60.75 75.47 85.72
CA SER G 1002 60.45 74.62 86.86
C SER G 1002 59.00 74.81 87.30
N PRO G 1003 58.32 73.73 87.70
CA PRO G 1003 56.88 73.87 88.03
C PRO G 1003 56.59 74.49 89.39
N THR G 1004 57.58 75.04 90.09
CA THR G 1004 57.31 75.65 91.39
C THR G 1004 57.06 77.14 91.28
N GLY G 1005 57.80 77.83 90.45
CA GLY G 1005 57.63 79.26 90.32
C GLY G 1005 56.70 79.73 89.24
N ARG G 1006 55.90 78.84 88.67
CA ARG G 1006 55.03 79.17 87.55
C ARG G 1006 53.89 80.08 88.00
N PRO G 1007 53.43 80.99 87.14
CA PRO G 1007 52.33 81.87 87.52
C PRO G 1007 51.00 81.15 87.52
N HIS G 1008 49.98 81.82 88.06
CA HIS G 1008 48.66 81.24 88.22
C HIS G 1008 47.99 81.12 86.87
N VAL G 1009 47.68 79.89 86.44
CA VAL G 1009 47.14 79.60 85.13
C VAL G 1009 45.84 78.83 85.30
N HIS G 1010 44.80 79.23 84.58
CA HIS G 1010 43.57 78.46 84.45
C HIS G 1010 43.58 77.81 83.07
N MET G 1011 44.21 76.64 82.99
CA MET G 1011 44.38 75.97 81.71
C MET G 1011 43.14 75.15 81.37
N THR G 1012 42.72 75.21 80.10
CA THR G 1012 41.53 74.53 79.64
C THR G 1012 41.91 73.59 78.50
N ILE G 1013 42.08 72.32 78.81
CA ILE G 1013 42.45 71.32 77.82
C ILE G 1013 41.20 70.94 77.03
N ASN G 1014 41.27 71.06 75.70
CA ASN G 1014 40.11 70.79 74.85
C ASN G 1014 40.12 69.43 74.19
N GLU G 1015 41.21 69.02 73.56
CA GLU G 1015 41.23 67.82 72.75
C GLU G 1015 41.98 66.67 73.41
N ARG G 1016 43.16 66.96 73.98
CA ARG G 1016 44.04 65.98 74.65
C ARG G 1016 44.44 64.86 73.69
N ALA G 1017 44.68 65.22 72.44
CA ALA G 1017 45.12 64.26 71.43
C ALA G 1017 46.50 64.65 70.94
N GLY G 1018 47.37 63.67 70.78
CA GLY G 1018 48.75 63.95 70.44
C GLY G 1018 49.54 64.55 71.56
N MET G 1019 49.08 64.37 72.80
CA MET G 1019 49.69 65.00 73.95
C MET G 1019 50.75 64.09 74.54
N SER G 1020 51.91 64.66 74.86
CA SER G 1020 53.00 63.87 75.39
C SER G 1020 52.74 63.46 76.83
N LYS G 1021 53.41 62.39 77.25
CA LYS G 1021 53.26 61.92 78.62
C LYS G 1021 54.16 62.71 79.56
N LEU G 1022 55.26 63.27 79.05
CA LEU G 1022 56.09 64.16 79.85
C LEU G 1022 55.40 65.49 80.08
N VAL G 1023 54.62 65.95 79.10
CA VAL G 1023 53.90 67.21 79.25
C VAL G 1023 52.77 67.06 80.24
N ALA G 1024 52.02 65.95 80.16
CA ALA G 1024 50.94 65.68 81.10
C ALA G 1024 51.45 65.44 82.51
N ASP G 1025 52.71 65.06 82.68
CA ASP G 1025 53.32 65.05 84.00
C ASP G 1025 53.46 66.47 84.53
N ASN G 1026 53.97 67.37 83.69
CA ASN G 1026 54.31 68.71 84.15
C ASN G 1026 53.07 69.57 84.39
N ILE G 1027 51.93 69.22 83.80
CA ILE G 1027 50.72 69.95 84.12
C ILE G 1027 50.21 69.56 85.50
N ILE G 1028 50.16 68.27 85.79
CA ILE G 1028 49.73 67.81 87.11
C ILE G 1028 50.73 68.21 88.18
N ALA G 1029 52.02 68.26 87.83
CA ALA G 1029 53.02 68.77 88.76
C ALA G 1029 52.87 70.26 88.99
N SER G 1030 52.37 70.99 88.00
CA SER G 1030 52.11 72.41 88.18
C SER G 1030 50.88 72.67 89.04
N VAL G 1031 49.97 71.71 89.13
CA VAL G 1031 48.81 71.89 89.99
C VAL G 1031 49.20 71.72 91.46
N ILE G 1032 50.03 70.71 91.75
CA ILE G 1032 50.42 70.42 93.12
C ILE G 1032 51.37 71.49 93.64
N LYS G 1033 52.35 71.89 92.83
CA LYS G 1033 53.40 72.79 93.32
C LYS G 1033 53.02 74.26 93.20
N SER G 1034 52.32 74.64 92.12
CA SER G 1034 52.09 76.05 91.81
C SER G 1034 50.62 76.44 91.82
N ASN G 1035 49.72 75.53 92.23
CA ASN G 1035 48.29 75.79 92.46
C ASN G 1035 47.58 76.25 91.19
N TRP G 1036 47.70 75.46 90.12
CA TRP G 1036 46.92 75.74 88.93
C TRP G 1036 45.50 75.19 89.08
N VAL G 1037 44.67 75.50 88.08
CA VAL G 1037 43.35 74.91 87.90
C VAL G 1037 43.26 74.45 86.46
N VAL G 1038 43.04 73.16 86.24
CA VAL G 1038 43.04 72.59 84.91
C VAL G 1038 41.67 72.02 84.63
N ASP G 1039 40.92 72.68 83.74
CA ASP G 1039 39.67 72.13 83.22
C ASP G 1039 40.00 71.18 82.09
N ILE G 1040 39.61 69.92 82.22
CA ILE G 1040 39.76 68.95 81.15
C ILE G 1040 38.37 68.59 80.67
N HIS G 1041 38.03 69.03 79.47
CA HIS G 1041 36.82 68.54 78.84
C HIS G 1041 37.10 67.25 78.09
N ASP G 1042 36.04 66.67 77.50
CA ASP G 1042 36.07 65.39 76.80
C ASP G 1042 36.56 64.26 77.72
N ILE G 1043 36.14 64.31 78.97
CA ILE G 1043 36.22 63.14 79.84
C ILE G 1043 34.80 62.73 80.21
N GLU G 1044 34.41 61.53 79.79
CA GLU G 1044 33.11 60.98 80.10
C GLU G 1044 33.27 60.07 81.31
N TYR G 1045 32.43 60.28 82.32
CA TYR G 1045 32.52 59.47 83.53
C TYR G 1045 31.16 59.38 84.18
N THR G 1046 30.92 58.25 84.84
CA THR G 1046 29.79 58.13 85.74
C THR G 1046 30.23 58.46 87.15
N ALA G 1047 29.28 58.57 88.05
CA ALA G 1047 29.57 58.99 89.40
C ALA G 1047 28.75 58.19 90.39
N GLU G 1048 29.29 58.02 91.59
CA GLU G 1048 28.58 57.43 92.71
C GLU G 1048 28.75 58.30 93.93
N VAL G 1049 27.71 58.34 94.76
CA VAL G 1049 27.71 59.12 95.98
C VAL G 1049 27.81 58.13 97.14
N MET G 1050 29.00 58.02 97.72
CA MET G 1050 29.30 57.03 98.73
C MET G 1050 29.04 57.57 100.13
N THR G 1051 28.48 56.72 100.98
CA THR G 1051 28.26 57.08 102.37
C THR G 1051 29.59 57.10 103.11
N PRO G 1052 29.71 57.87 104.20
CA PRO G 1052 30.97 57.89 104.95
C PRO G 1052 31.30 56.61 105.68
N SER G 1053 30.33 55.72 105.90
CA SER G 1053 30.64 54.42 106.49
C SER G 1053 31.17 53.43 105.47
N GLU G 1054 30.76 53.54 104.21
CA GLU G 1054 31.20 52.62 103.17
C GLU G 1054 32.60 52.99 102.67
N GLY G 1055 32.92 54.27 102.62
CA GLY G 1055 34.24 54.72 102.23
C GLY G 1055 34.50 54.59 100.74
N TYR G 1056 35.65 55.11 100.34
CA TYR G 1056 36.08 55.02 98.95
C TYR G 1056 36.51 53.58 98.66
N THR G 1057 35.76 52.91 97.79
CA THR G 1057 36.04 51.51 97.51
C THR G 1057 37.23 51.35 96.57
N GLN G 1058 37.26 52.14 95.49
CA GLN G 1058 38.34 52.09 94.53
C GLN G 1058 38.63 53.47 93.97
N HIS G 1059 39.91 53.75 93.76
CA HIS G 1059 40.38 55.08 93.38
C HIS G 1059 40.47 55.20 91.86
N VAL G 1060 40.84 56.40 91.41
CA VAL G 1060 41.08 56.71 90.01
C VAL G 1060 42.42 57.45 89.94
N ASP G 1061 43.36 56.90 89.19
CA ASP G 1061 44.68 57.48 89.10
C ASP G 1061 44.68 58.75 88.25
N ALA G 1062 45.65 59.62 88.53
CA ALA G 1062 45.87 60.79 87.69
C ALA G 1062 46.67 60.46 86.44
N GLU G 1063 47.26 59.26 86.35
CA GLU G 1063 47.85 58.83 85.10
C GLU G 1063 46.78 58.50 84.08
N SER G 1064 45.69 57.86 84.52
CA SER G 1064 44.61 57.52 83.61
C SER G 1064 43.78 58.74 83.23
N ILE G 1065 43.79 59.79 84.05
CA ILE G 1065 42.99 60.96 83.71
C ILE G 1065 43.68 61.80 82.64
N MET G 1066 44.95 61.54 82.36
CA MET G 1066 45.70 62.28 81.36
C MET G 1066 46.03 61.47 80.13
N THR G 1067 46.44 60.22 80.29
CA THR G 1067 46.84 59.36 79.17
C THR G 1067 45.81 58.25 79.04
N ALA G 1068 44.74 58.54 78.31
CA ALA G 1068 43.66 57.61 78.04
C ALA G 1068 43.05 57.98 76.71
N PRO G 1069 42.51 57.02 75.97
CA PRO G 1069 41.82 57.36 74.73
C PRO G 1069 40.55 58.15 74.97
N LYS G 1070 40.03 58.73 73.89
CA LYS G 1070 38.95 59.70 73.99
C LYS G 1070 37.65 59.06 74.44
N GLY G 1071 37.43 57.79 74.09
CA GLY G 1071 36.18 57.13 74.36
C GLY G 1071 36.15 56.24 75.59
N LYS G 1072 37.04 56.42 76.54
CA LYS G 1072 37.02 55.59 77.74
C LYS G 1072 36.11 56.21 78.78
N LEU G 1073 35.29 55.38 79.43
CA LEU G 1073 34.27 55.82 80.36
C LEU G 1073 34.76 55.54 81.78
N PHE G 1074 35.10 56.59 82.51
CA PHE G 1074 35.67 56.45 83.84
C PHE G 1074 34.58 56.19 84.87
N HIS G 1075 34.99 56.07 86.13
CA HIS G 1075 34.03 55.84 87.21
C HIS G 1075 34.60 56.48 88.48
N LEU G 1076 34.19 57.70 88.74
CA LEU G 1076 34.63 58.41 89.94
C LEU G 1076 33.69 58.11 91.09
N GLN G 1077 34.23 58.09 92.30
CA GLN G 1077 33.45 57.86 93.50
C GLN G 1077 33.55 59.06 94.41
N PHE G 1078 32.41 59.65 94.74
CA PHE G 1078 32.35 60.84 95.56
C PHE G 1078 31.71 60.49 96.88
N MET G 1079 32.05 61.21 97.93
CA MET G 1079 31.57 60.89 99.27
C MET G 1079 30.70 62.02 99.80
N ASP G 1080 29.54 61.68 100.34
CA ASP G 1080 28.65 62.65 100.96
C ASP G 1080 28.93 62.65 102.45
N GLY G 1081 29.85 63.51 102.86
CA GLY G 1081 30.31 63.53 104.24
C GLY G 1081 29.45 64.35 105.18
N LEU G 1082 28.15 64.36 104.95
CA LEU G 1082 27.25 65.06 105.85
C LEU G 1082 27.01 64.25 107.12
N LEU G 1083 27.04 62.92 107.00
CA LEU G 1083 26.79 62.03 108.12
C LEU G 1083 28.08 61.43 108.66
N ARG G 1084 29.18 62.18 108.63
CA ARG G 1084 30.41 61.70 109.23
C ARG G 1084 30.29 61.72 110.75
N PRO G 1085 30.89 60.76 111.44
CA PRO G 1085 30.84 60.75 112.91
C PRO G 1085 31.64 61.89 113.49
N GLU G 1086 30.99 62.69 114.32
CA GLU G 1086 31.66 63.81 114.97
C GLU G 1086 32.62 63.29 116.02
N PRO G 1087 33.87 63.75 116.04
CA PRO G 1087 34.84 63.20 117.00
C PRO G 1087 34.57 63.68 118.40
N SER G 1088 35.19 62.99 119.36
CA SER G 1088 35.05 63.36 120.76
C SER G 1088 35.80 64.66 121.03
N ALA G 1089 35.33 65.40 122.04
CA ALA G 1089 35.87 66.72 122.30
C ALA G 1089 37.25 66.66 122.96
N PHE G 1090 37.62 65.52 123.49
CA PHE G 1090 38.89 65.36 124.20
C PHE G 1090 39.89 64.52 123.43
N ASP G 1091 39.61 64.24 122.16
CA ASP G 1091 40.50 63.42 121.35
C ASP G 1091 41.75 64.23 120.99
N PRO G 1092 42.95 63.72 121.23
CA PRO G 1092 44.13 64.34 120.63
C PRO G 1092 44.11 64.16 119.12
N PRO G 1093 44.55 65.17 118.37
CA PRO G 1093 44.31 65.17 116.92
C PRO G 1093 45.19 64.19 116.18
N ALA G 1094 44.81 63.93 114.93
CA ALA G 1094 45.58 63.09 114.03
C ALA G 1094 46.62 63.95 113.31
N SER G 1095 47.24 63.41 112.26
CA SER G 1095 48.33 64.08 111.59
C SER G 1095 48.08 64.33 110.11
N GLY G 1096 47.17 63.59 109.50
CA GLY G 1096 46.99 63.71 108.06
C GLY G 1096 45.93 64.73 107.68
N GLU G 1097 45.95 65.09 106.40
CA GLU G 1097 44.93 65.93 105.78
C GLU G 1097 44.31 65.16 104.61
N ASP G 1098 43.03 65.39 104.38
CA ASP G 1098 42.36 64.77 103.24
C ASP G 1098 42.48 65.68 102.02
N MET G 1099 43.38 65.33 101.11
CA MET G 1099 43.53 66.07 99.87
C MET G 1099 42.57 65.52 98.82
N ARG G 1100 42.44 66.26 97.72
CA ARG G 1100 41.43 65.95 96.72
C ARG G 1100 41.84 66.60 95.41
N LEU G 1101 42.11 65.77 94.40
CA LEU G 1101 42.67 66.26 93.16
C LEU G 1101 41.64 66.46 92.05
N ILE G 1102 40.61 65.64 91.99
CA ILE G 1102 39.66 65.60 90.88
C ILE G 1102 38.31 66.15 91.35
N TYR G 1103 37.78 67.11 90.62
CA TYR G 1103 36.48 67.71 90.88
C TYR G 1103 35.61 67.69 89.64
N PRO G 1104 34.28 67.70 89.79
CA PRO G 1104 33.39 67.81 88.64
C PRO G 1104 33.12 69.25 88.24
N LEU G 1105 32.56 69.39 87.03
CA LEU G 1105 32.16 70.68 86.48
C LEU G 1105 30.69 70.99 86.68
N GLN G 1106 29.82 70.08 86.32
CA GLN G 1106 28.38 70.21 86.51
C GLN G 1106 27.97 69.49 87.79
N PRO G 1107 26.85 69.87 88.41
CA PRO G 1107 26.47 69.28 89.71
C PRO G 1107 26.12 67.80 89.59
N ILE G 1108 26.79 67.00 90.44
CA ILE G 1108 26.54 65.57 90.54
C ILE G 1108 25.22 65.33 91.26
N SER G 1109 24.65 64.13 91.05
CA SER G 1109 23.45 63.64 91.71
C SER G 1109 22.23 64.50 91.38
N VAL G 1110 21.92 64.54 90.08
CA VAL G 1110 20.66 65.11 89.62
C VAL G 1110 19.48 64.21 89.90
N ALA G 1111 19.72 62.95 90.26
CA ALA G 1111 18.67 62.00 90.59
C ALA G 1111 18.34 62.00 92.07
N ARG G 1112 18.94 62.89 92.85
CA ARG G 1112 18.80 62.87 94.30
C ARG G 1112 17.45 63.43 94.70
N SER G 1113 16.60 62.59 95.29
CA SER G 1113 15.29 63.03 95.78
C SER G 1113 15.33 63.48 97.22
N MET G 1114 15.77 62.61 98.13
CA MET G 1114 15.96 62.96 99.53
C MET G 1114 17.39 62.67 99.94
N ARG G 1115 17.92 63.52 100.82
CA ARG G 1115 19.29 63.36 101.26
C ARG G 1115 19.33 63.57 102.76
N ALA G 1116 20.04 62.66 103.45
CA ALA G 1116 20.34 62.72 104.89
C ALA G 1116 19.05 62.73 105.73
N ILE G 1117 18.36 61.59 105.70
CA ILE G 1117 17.13 61.45 106.47
C ILE G 1117 17.50 61.05 107.89
N VAL G 1118 17.87 62.03 108.72
CA VAL G 1118 18.10 61.88 110.14
C VAL G 1118 17.51 63.09 110.84
N ASN G 1119 17.63 63.13 112.16
CA ASN G 1119 17.31 64.32 112.94
C ASN G 1119 18.50 64.73 113.77
N HIS G 1120 18.81 66.01 113.75
CA HIS G 1120 20.01 66.52 114.41
C HIS G 1120 19.63 67.03 115.79
N ASN G 1121 20.52 66.79 116.76
CA ASN G 1121 20.20 67.08 118.15
C ASN G 1121 20.31 68.56 118.51
N GLU G 1122 20.85 69.39 117.63
CA GLU G 1122 21.00 70.82 117.89
C GLU G 1122 20.09 71.66 117.01
N VAL G 1123 20.20 71.51 115.71
CA VAL G 1123 19.43 72.28 114.76
C VAL G 1123 18.20 71.48 114.38
N ASP G 1124 17.17 72.18 113.85
CA ASP G 1124 15.91 71.54 113.49
C ASP G 1124 16.12 70.52 112.36
N ARG G 1125 16.57 71.00 111.20
CA ARG G 1125 16.89 70.13 110.09
C ARG G 1125 18.37 70.23 109.77
N PRO G 1126 19.00 69.13 109.34
CA PRO G 1126 20.45 69.16 109.08
C PRO G 1126 20.80 70.04 107.90
N ARG G 1127 22.06 70.47 107.88
CA ARG G 1127 22.54 71.38 106.85
C ARG G 1127 22.63 70.64 105.52
N GLY G 1128 21.91 71.16 104.52
CA GLY G 1128 21.93 70.57 103.20
C GLY G 1128 21.01 69.39 102.99
N ALA G 1129 20.30 68.96 104.04
CA ALA G 1129 19.34 67.89 103.85
C ALA G 1129 18.11 68.40 103.11
N VAL G 1130 17.66 67.64 102.12
CA VAL G 1130 16.57 68.06 101.27
C VAL G 1130 15.34 67.21 101.55
N ALA G 1131 14.24 67.76 101.26
CA ALA G 1131 12.86 67.31 101.30
C ALA G 1131 12.44 66.82 99.92
N PRO G 1132 11.54 65.84 99.83
CA PRO G 1132 11.08 65.41 98.51
C PRO G 1132 10.16 66.45 97.91
N SER G 1133 10.24 66.58 96.59
CA SER G 1133 9.45 67.59 95.89
C SER G 1133 7.97 67.19 95.92
N SER G 1134 7.11 68.21 95.94
CA SER G 1134 5.68 68.00 96.07
C SER G 1134 5.06 67.33 94.84
N TYR G 1135 5.76 67.34 93.71
CA TYR G 1135 5.26 66.66 92.53
C TYR G 1135 5.54 65.16 92.56
N GLU G 1136 6.37 64.69 93.49
CA GLU G 1136 6.56 63.25 93.65
C GLU G 1136 5.43 62.60 94.44
N MET G 1137 4.57 63.38 95.07
CA MET G 1137 3.51 62.86 95.92
C MET G 1137 2.13 63.18 95.36
N ASP G 1138 2.03 63.62 94.12
CA ASP G 1138 0.80 64.12 93.56
C ASP G 1138 0.23 63.08 92.61
N THR G 1139 -0.92 62.50 92.99
CA THR G 1139 -1.61 61.60 92.07
C THR G 1139 -2.26 62.39 90.96
N GLY G 1140 -3.05 63.38 91.32
CA GLY G 1140 -3.87 64.06 90.34
C GLY G 1140 -5.01 63.16 89.91
N THR G 1141 -5.56 63.46 88.75
CA THR G 1141 -6.65 62.69 88.19
C THR G 1141 -6.19 62.03 86.90
N LEU G 1142 -7.12 61.35 86.25
CA LEU G 1142 -6.93 60.84 84.90
C LEU G 1142 -7.96 61.52 84.01
N SER G 1143 -7.50 62.11 82.91
CA SER G 1143 -8.41 62.84 82.04
C SER G 1143 -9.21 61.86 81.18
N ARG G 1144 -10.13 62.42 80.41
CA ARG G 1144 -10.98 61.60 79.56
C ARG G 1144 -10.19 61.07 78.36
N ASN G 1145 -9.14 61.78 77.96
CA ASN G 1145 -8.30 61.33 76.85
C ASN G 1145 -7.47 60.12 77.25
N GLY G 1146 -6.83 60.19 78.41
CA GLY G 1146 -5.98 59.10 78.85
C GLY G 1146 -4.60 59.59 79.27
N ASP G 1147 -4.47 60.90 79.43
CA ASP G 1147 -3.23 61.51 79.88
C ASP G 1147 -3.29 61.76 81.38
N LEU G 1148 -2.12 61.84 81.99
CA LEU G 1148 -2.02 61.97 83.45
C LEU G 1148 -1.88 63.43 83.82
N LEU G 1149 -2.84 63.95 84.58
CA LEU G 1149 -2.86 65.34 84.99
C LEU G 1149 -2.49 65.44 86.47
N TYR G 1150 -1.84 66.54 86.85
CA TYR G 1150 -1.63 66.80 88.26
C TYR G 1150 -2.89 67.33 88.91
N SER G 1151 -2.76 67.66 90.19
CA SER G 1151 -3.87 68.26 90.92
C SER G 1151 -4.06 69.71 90.49
N PRO G 1152 -5.30 70.17 90.41
CA PRO G 1152 -5.53 71.59 90.11
C PRO G 1152 -5.13 72.47 91.27
N VAL G 1153 -4.32 73.49 90.99
CA VAL G 1153 -3.78 74.34 92.05
C VAL G 1153 -4.78 75.34 92.61
N ALA G 1154 -5.97 75.44 92.01
CA ALA G 1154 -7.00 76.32 92.50
C ALA G 1154 -8.35 75.76 92.08
N ASN G 1155 -9.39 76.58 92.19
CA ASN G 1155 -10.67 76.24 91.61
C ASN G 1155 -10.80 76.80 90.20
N GLY G 1156 -11.49 76.07 89.34
CA GLY G 1156 -11.68 76.50 87.97
C GLY G 1156 -10.44 76.44 87.10
N GLN G 1157 -9.42 75.69 87.52
CA GLN G 1157 -8.18 75.56 86.76
C GLN G 1157 -7.98 74.10 86.40
N VAL G 1158 -7.53 73.86 85.18
CA VAL G 1158 -7.21 72.50 84.73
C VAL G 1158 -5.78 72.20 85.12
N GLY G 1159 -5.54 70.98 85.60
CA GLY G 1159 -4.22 70.63 86.09
C GLY G 1159 -3.19 70.49 84.98
N ILE G 1160 -1.94 70.66 85.38
CA ILE G 1160 -0.80 70.57 84.45
C ILE G 1160 -0.61 69.10 84.05
N PRO G 1161 -0.48 68.79 82.77
CA PRO G 1161 -0.24 67.39 82.38
C PRO G 1161 1.16 66.96 82.76
N LYS G 1162 1.27 65.71 83.23
CA LYS G 1162 2.52 65.22 83.81
C LYS G 1162 3.62 65.00 82.78
N LEU G 1163 3.30 64.96 81.50
CA LEU G 1163 4.33 64.81 80.48
C LEU G 1163 4.79 66.13 79.89
N GLU G 1164 4.39 67.26 80.49
CA GLU G 1164 4.87 68.56 80.02
C GLU G 1164 6.05 69.04 80.85
N VAL G 1165 5.96 68.96 82.17
CA VAL G 1165 7.04 69.37 83.05
C VAL G 1165 8.08 68.26 83.14
N ASP G 1166 9.23 68.56 83.73
CA ASP G 1166 10.29 67.57 83.90
C ASP G 1166 10.30 66.93 85.28
N HIS G 1167 9.29 67.21 86.11
CA HIS G 1167 9.19 66.58 87.42
C HIS G 1167 8.80 65.11 87.26
N ILE G 1168 9.06 64.33 88.31
CA ILE G 1168 8.72 62.91 88.33
C ILE G 1168 7.62 62.69 89.35
N SER G 1169 6.55 62.04 88.93
CA SER G 1169 5.41 61.78 89.80
C SER G 1169 5.30 60.29 90.06
N PHE G 1170 5.45 59.89 91.33
CA PHE G 1170 5.42 58.49 91.70
C PHE G 1170 4.06 58.02 92.20
N SER G 1171 2.97 58.64 91.75
CA SER G 1171 1.65 58.10 92.01
C SER G 1171 0.73 58.55 90.90
N ASN G 1172 0.01 57.61 90.30
CA ASN G 1172 -0.70 57.86 89.06
C ASN G 1172 -1.96 57.01 89.02
N VAL G 1173 -2.96 57.49 88.29
CA VAL G 1173 -4.17 56.71 88.06
C VAL G 1173 -3.94 55.87 86.82
N VAL G 1174 -3.93 54.55 86.99
CA VAL G 1174 -3.72 53.62 85.89
C VAL G 1174 -5.02 52.91 85.59
N SER G 1175 -5.48 53.01 84.36
CA SER G 1175 -6.66 52.25 83.95
C SER G 1175 -6.30 50.79 83.81
N MET G 1176 -7.08 49.92 84.45
CA MET G 1176 -6.81 48.50 84.39
C MET G 1176 -8.13 47.73 84.35
N MET G 1177 -8.13 46.65 83.57
CA MET G 1177 -9.33 45.85 83.40
C MET G 1177 -9.47 44.84 84.51
N THR G 1178 -10.71 44.58 84.88
CA THR G 1178 -11.03 43.64 85.95
C THR G 1178 -11.06 42.22 85.39
N ALA G 1179 -11.57 41.29 86.18
CA ALA G 1179 -11.67 39.90 85.75
C ALA G 1179 -12.88 39.62 84.88
N ASN G 1180 -13.60 40.64 84.44
CA ASN G 1180 -14.79 40.47 83.61
C ASN G 1180 -14.55 40.85 82.16
N ILE G 1181 -13.30 41.11 81.77
CA ILE G 1181 -13.02 41.56 80.41
C ILE G 1181 -12.50 40.41 79.54
N ARG G 1182 -11.34 39.85 79.91
CA ARG G 1182 -10.69 38.73 79.22
C ARG G 1182 -10.45 39.05 77.73
N THR G 1183 -9.53 39.98 77.51
CA THR G 1183 -9.13 40.33 76.16
C THR G 1183 -8.28 39.22 75.55
N GLY G 1184 -8.69 38.74 74.38
CA GLY G 1184 -7.86 37.79 73.65
C GLY G 1184 -8.06 36.35 74.04
N ASP G 1185 -9.28 35.83 73.90
CA ASP G 1185 -9.55 34.44 74.17
C ASP G 1185 -9.91 33.69 72.89
N ASP G 1186 -10.26 32.41 73.04
CA ASP G 1186 -10.61 31.57 71.91
C ASP G 1186 -12.13 31.53 71.82
N MET G 1187 -12.72 32.52 71.15
CA MET G 1187 -14.16 32.54 71.01
C MET G 1187 -14.59 31.54 69.94
N ALA G 1188 -15.81 31.03 70.07
CA ALA G 1188 -16.27 29.89 69.28
C ALA G 1188 -17.62 30.19 68.67
N VAL G 1189 -17.72 30.04 67.36
CA VAL G 1189 -18.93 30.38 66.60
C VAL G 1189 -19.44 29.14 65.88
N GLU G 1190 -20.69 29.24 65.44
CA GLU G 1190 -21.32 28.23 64.58
C GLU G 1190 -20.99 28.56 63.13
N ARG G 1191 -20.75 27.53 62.33
CA ARG G 1191 -20.55 27.68 60.90
C ARG G 1191 -21.54 26.80 60.18
N VAL G 1192 -22.35 27.39 59.30
CA VAL G 1192 -23.35 26.65 58.54
C VAL G 1192 -23.04 26.83 57.06
N ASN G 1193 -22.74 25.72 56.39
CA ASN G 1193 -22.47 25.75 54.97
C ASN G 1193 -23.76 26.04 54.19
N PRO G 1194 -23.66 26.67 53.02
CA PRO G 1194 -24.85 26.84 52.19
C PRO G 1194 -25.31 25.51 51.62
N ASP G 1195 -26.58 25.46 51.20
CA ASP G 1195 -27.17 24.20 50.77
C ASP G 1195 -26.64 23.77 49.41
N ASP G 1196 -26.94 24.54 48.37
CA ASP G 1196 -26.43 24.25 47.04
C ASP G 1196 -25.25 25.14 46.74
N VAL G 1197 -24.27 24.59 46.02
CA VAL G 1197 -23.17 25.41 45.53
C VAL G 1197 -23.60 26.17 44.29
N ARG G 1198 -24.67 25.74 43.64
CA ARG G 1198 -25.17 26.41 42.45
C ARG G 1198 -26.17 27.51 42.76
N ALA G 1199 -26.58 27.64 44.02
CA ALA G 1199 -27.55 28.65 44.43
C ALA G 1199 -26.88 29.85 45.12
N ILE G 1200 -25.62 30.10 44.83
CA ILE G 1200 -24.86 31.18 45.47
C ILE G 1200 -24.68 32.28 44.42
N ASN G 1201 -25.13 33.48 44.75
CA ASN G 1201 -24.88 34.62 43.89
C ASN G 1201 -23.48 35.16 44.11
N ILE G 1202 -22.91 35.76 43.06
CA ILE G 1202 -21.57 36.31 43.15
C ILE G 1202 -21.63 37.80 42.86
N ARG G 1203 -22.06 38.16 41.65
CA ARG G 1203 -22.27 39.54 41.26
C ARG G 1203 -23.77 39.81 41.23
N ASN G 1204 -24.20 41.04 41.58
CA ASN G 1204 -23.40 42.26 41.71
C ASN G 1204 -23.02 42.64 43.12
N ALA G 1205 -23.53 41.87 44.09
CA ALA G 1205 -23.20 41.98 45.52
C ALA G 1205 -23.44 43.38 46.11
N LYS H 7 -66.52 -31.77 11.26
CA LYS H 7 -65.91 -33.10 11.19
C LYS H 7 -66.98 -34.19 11.16
N VAL H 8 -67.73 -34.33 12.25
CA VAL H 8 -68.82 -35.29 12.31
C VAL H 8 -70.13 -34.53 12.48
N ILE H 9 -71.21 -35.20 12.13
CA ILE H 9 -72.54 -34.63 12.30
C ILE H 9 -72.89 -34.59 13.78
N PHE H 10 -73.16 -33.40 14.30
CA PHE H 10 -73.77 -33.22 15.60
C PHE H 10 -75.01 -32.36 15.37
N ASN H 11 -76.18 -32.92 15.65
CA ASN H 11 -77.42 -32.21 15.38
C ASN H 11 -77.59 -31.01 16.30
N GLY H 12 -77.35 -31.19 17.60
CA GLY H 12 -77.58 -30.13 18.56
C GLY H 12 -76.55 -29.03 18.52
N LEU H 13 -76.54 -28.24 19.59
CA LEU H 13 -75.62 -27.12 19.71
C LEU H 13 -74.25 -27.61 20.15
N ASP H 14 -73.21 -27.21 19.42
CA ASP H 14 -71.84 -27.66 19.69
C ASP H 14 -71.22 -26.74 20.74
N VAL H 15 -71.28 -27.16 22.00
CA VAL H 15 -70.76 -26.36 23.10
C VAL H 15 -69.27 -26.61 23.27
N ASN H 16 -68.48 -25.54 23.28
CA ASN H 16 -67.06 -25.63 23.60
C ASN H 16 -66.70 -24.98 24.93
N THR H 17 -67.17 -23.76 25.20
CA THR H 17 -66.78 -23.04 26.41
C THR H 17 -67.96 -22.95 27.37
N GLU H 18 -67.66 -22.51 28.59
CA GLU H 18 -68.67 -22.25 29.60
C GLU H 18 -68.40 -20.89 30.23
N VAL H 19 -69.46 -20.26 30.73
CA VAL H 19 -69.42 -18.89 31.21
C VAL H 19 -69.76 -18.87 32.69
N GLN H 20 -68.95 -18.20 33.47
CA GLN H 20 -69.27 -17.99 34.87
C GLN H 20 -70.26 -16.83 35.01
N PRO H 21 -71.04 -16.77 36.08
CA PRO H 21 -71.94 -15.61 36.25
C PRO H 21 -71.19 -14.32 36.51
N LEU H 22 -71.73 -13.22 35.99
CA LEU H 22 -70.99 -11.96 35.97
C LEU H 22 -70.90 -11.32 37.34
N SER H 23 -71.86 -11.59 38.22
CA SER H 23 -71.87 -10.94 39.53
C SER H 23 -72.51 -11.90 40.53
N ASP H 24 -71.67 -12.51 41.36
CA ASP H 24 -72.16 -13.38 42.43
C ASP H 24 -72.70 -12.49 43.54
N ASP H 25 -73.93 -12.01 43.38
CA ASP H 25 -74.48 -10.97 44.25
C ASP H 25 -75.35 -11.50 45.37
N PHE H 26 -76.18 -12.50 45.11
CA PHE H 26 -77.15 -12.96 46.09
C PHE H 26 -76.74 -14.30 46.69
N LYS H 27 -77.07 -14.48 47.96
CA LYS H 27 -77.17 -15.80 48.53
C LYS H 27 -78.52 -16.38 48.14
N GLN H 28 -78.66 -17.69 48.30
CA GLN H 28 -79.86 -18.39 47.86
C GLN H 28 -80.38 -19.33 48.93
N ILE H 29 -80.56 -18.79 50.14
CA ILE H 29 -81.08 -19.58 51.25
C ILE H 29 -82.53 -19.99 50.99
N SER H 30 -82.90 -21.16 51.51
CA SER H 30 -84.19 -21.76 51.21
C SER H 30 -85.29 -21.35 52.18
N ASP H 31 -85.13 -21.63 53.47
CA ASP H 31 -86.14 -21.28 54.47
C ASP H 31 -85.70 -20.03 55.20
N PRO H 32 -86.30 -18.88 54.95
CA PRO H 32 -85.74 -17.63 55.46
C PRO H 32 -86.08 -17.38 56.92
N LYS H 33 -85.14 -16.76 57.62
CA LYS H 33 -85.32 -16.38 59.01
C LYS H 33 -85.61 -14.88 59.08
N GLY H 34 -86.42 -14.50 60.05
CA GLY H 34 -86.83 -13.11 60.19
C GLY H 34 -85.81 -12.27 60.93
N TYR H 35 -86.15 -11.00 61.07
CA TYR H 35 -85.36 -10.08 61.89
C TYR H 35 -85.90 -9.97 63.31
N LEU H 36 -87.19 -10.21 63.50
CA LEU H 36 -87.82 -10.15 64.82
C LEU H 36 -88.62 -11.43 65.05
N THR H 37 -88.34 -12.09 66.16
CA THR H 37 -89.08 -13.28 66.56
C THR H 37 -89.68 -13.07 67.95
N TYR H 38 -90.56 -13.99 68.33
CA TYR H 38 -91.15 -13.99 69.65
C TYR H 38 -90.23 -14.65 70.66
N SER H 39 -90.34 -14.25 71.92
CA SER H 39 -89.63 -14.89 73.01
C SER H 39 -90.55 -14.89 74.22
N VAL H 40 -90.75 -16.06 74.82
CA VAL H 40 -91.77 -16.27 75.84
C VAL H 40 -91.09 -16.67 77.14
N LYS H 41 -91.44 -16.00 78.23
CA LYS H 41 -91.00 -16.39 79.57
C LYS H 41 -92.18 -17.04 80.28
N TYR H 42 -92.05 -18.31 80.62
CA TYR H 42 -93.13 -19.07 81.23
C TYR H 42 -93.12 -18.92 82.74
N GLU H 43 -94.25 -19.25 83.35
CA GLU H 43 -94.36 -19.36 84.79
C GLU H 43 -94.43 -20.83 85.15
N ASP H 44 -93.57 -21.26 86.06
CA ASP H 44 -93.33 -22.69 86.27
C ASP H 44 -94.45 -23.38 87.04
N GLN H 45 -95.25 -22.63 87.78
CA GLN H 45 -96.30 -23.28 88.57
C GLN H 45 -97.51 -23.64 87.71
N PHE H 46 -98.04 -22.67 86.95
CA PHE H 46 -99.25 -22.90 86.18
C PHE H 46 -99.01 -23.77 84.95
N THR H 47 -97.79 -23.82 84.43
CA THR H 47 -97.54 -24.51 83.17
C THR H 47 -97.49 -26.02 83.36
N LYS H 48 -97.42 -26.72 82.24
CA LYS H 48 -97.23 -28.17 82.22
C LYS H 48 -96.21 -28.45 81.11
N LYS H 49 -95.15 -29.17 81.44
CA LYS H 49 -94.01 -29.31 80.53
C LYS H 49 -94.21 -30.37 79.45
N ASP H 50 -95.44 -30.79 79.18
CA ASP H 50 -95.68 -31.72 78.10
C ASP H 50 -95.71 -30.98 76.77
N LYS H 51 -95.90 -31.70 75.68
CA LYS H 51 -96.09 -31.13 74.36
C LYS H 51 -97.51 -31.45 73.92
N LEU H 52 -98.32 -30.41 73.68
CA LEU H 52 -99.74 -30.59 73.44
C LEU H 52 -99.99 -31.22 72.08
N ARG H 53 -100.93 -32.15 72.03
CA ARG H 53 -101.14 -33.00 70.86
C ARG H 53 -102.55 -32.81 70.32
N ALA H 54 -102.66 -32.12 69.19
CA ALA H 54 -103.89 -32.02 68.43
C ALA H 54 -103.88 -33.14 67.38
N SER H 55 -104.74 -33.02 66.36
CA SER H 55 -104.71 -33.96 65.24
C SER H 55 -103.41 -33.83 64.46
N GLU H 56 -103.11 -34.87 63.67
CA GLU H 56 -101.80 -34.98 63.03
C GLU H 56 -101.63 -33.96 61.91
N ALA H 57 -102.65 -33.76 61.08
CA ALA H 57 -102.55 -32.77 60.02
C ALA H 57 -102.60 -31.35 60.58
N ASP H 58 -103.22 -31.17 61.73
CA ASP H 58 -103.22 -29.85 62.37
C ASP H 58 -101.91 -29.58 63.09
N ASP H 59 -101.20 -30.63 63.50
CA ASP H 59 -99.97 -30.46 64.27
C ASP H 59 -98.83 -29.94 63.42
N ARG H 60 -98.86 -30.16 62.11
CA ARG H 60 -97.81 -29.60 61.27
C ARG H 60 -98.02 -28.12 60.98
N ILE H 61 -99.19 -27.58 61.28
CA ILE H 61 -99.51 -26.17 61.04
C ILE H 61 -99.61 -25.41 62.35
N VAL H 62 -100.41 -25.90 63.29
CA VAL H 62 -100.69 -25.18 64.52
C VAL H 62 -99.70 -25.55 65.62
N GLY H 63 -98.93 -26.63 65.42
CA GLY H 63 -98.09 -27.24 66.41
C GLY H 63 -97.06 -26.39 67.12
N PRO H 64 -96.09 -25.81 66.39
CA PRO H 64 -95.12 -24.93 67.04
C PRO H 64 -95.68 -23.58 67.46
N THR H 65 -96.94 -23.27 67.12
CA THR H 65 -97.56 -22.09 67.68
C THR H 65 -98.13 -22.37 69.07
N VAL H 66 -98.90 -23.46 69.22
CA VAL H 66 -99.48 -23.76 70.51
C VAL H 66 -98.46 -24.31 71.50
N ASN H 67 -97.30 -24.76 71.03
CA ASN H 67 -96.24 -25.19 71.92
C ASN H 67 -95.30 -24.06 72.30
N LEU H 68 -95.56 -22.84 71.83
CA LEU H 68 -94.81 -21.67 72.26
C LEU H 68 -95.67 -20.69 73.03
N PHE H 69 -96.96 -20.61 72.73
CA PHE H 69 -97.92 -19.88 73.54
C PHE H 69 -98.73 -20.83 74.40
N LYS H 70 -98.03 -21.83 74.93
CA LYS H 70 -98.60 -22.85 75.80
C LYS H 70 -99.20 -22.21 77.05
N TYR H 71 -100.20 -22.88 77.63
CA TYR H 71 -100.97 -22.38 78.76
C TYR H 71 -100.09 -22.11 79.96
N GLY H 72 -99.90 -20.83 80.30
CA GLY H 72 -99.06 -20.46 81.42
C GLY H 72 -98.00 -19.46 81.03
N ALA H 73 -98.15 -18.85 79.85
CA ALA H 73 -97.18 -17.89 79.38
C ALA H 73 -97.33 -16.57 80.14
N ALA H 74 -96.28 -16.17 80.86
CA ALA H 74 -96.37 -14.95 81.65
C ALA H 74 -96.25 -13.71 80.78
N VAL H 75 -95.11 -13.53 80.13
CA VAL H 75 -94.90 -12.41 79.22
C VAL H 75 -94.48 -12.98 77.87
N VAL H 76 -94.76 -12.20 76.82
CA VAL H 76 -94.41 -12.55 75.45
C VAL H 76 -93.75 -11.33 74.83
N ASN H 77 -92.47 -11.43 74.50
CA ASN H 77 -91.72 -10.30 74.00
C ASN H 77 -91.51 -10.40 72.50
N ILE H 78 -91.20 -9.27 71.89
CA ILE H 78 -90.84 -9.17 70.48
C ILE H 78 -89.44 -8.57 70.43
N ASP H 79 -88.44 -9.41 70.27
CA ASP H 79 -87.05 -8.99 70.33
C ASP H 79 -86.36 -9.31 69.01
N LEU H 80 -85.08 -8.97 68.93
CA LEU H 80 -84.29 -9.27 67.74
C LEU H 80 -84.08 -10.77 67.62
N ASN H 81 -83.92 -11.23 66.40
CA ASN H 81 -83.75 -12.66 66.16
C ASN H 81 -82.35 -13.07 66.57
N ARG H 82 -82.24 -14.04 67.49
CA ARG H 82 -80.95 -14.38 68.04
C ARG H 82 -80.10 -15.20 67.08
N ASP H 83 -80.69 -16.21 66.43
CA ASP H 83 -79.90 -17.05 65.54
C ASP H 83 -79.73 -16.45 64.14
N PHE H 84 -80.30 -15.28 63.88
CA PHE H 84 -79.90 -14.52 62.69
C PHE H 84 -78.74 -13.60 63.02
N PHE H 85 -78.86 -12.82 64.10
CA PHE H 85 -77.77 -11.97 64.57
C PHE H 85 -76.94 -12.80 65.54
N ASP H 86 -76.23 -13.78 64.98
CA ASP H 86 -75.56 -14.81 65.76
C ASP H 86 -74.22 -14.30 66.29
N THR H 87 -73.43 -15.22 66.86
CA THR H 87 -72.17 -14.82 67.47
C THR H 87 -71.08 -14.57 66.45
N ALA H 88 -71.31 -14.88 65.17
CA ALA H 88 -70.32 -14.58 64.14
C ALA H 88 -70.21 -13.08 63.89
N THR H 89 -71.30 -12.35 64.06
CA THR H 89 -71.30 -10.90 63.88
C THR H 89 -70.99 -10.14 65.16
N GLY H 90 -70.73 -10.85 66.25
CA GLY H 90 -70.35 -10.22 67.50
C GLY H 90 -71.48 -9.60 68.30
N ILE H 91 -72.70 -9.57 67.76
CA ILE H 91 -73.84 -8.97 68.43
C ILE H 91 -74.28 -9.89 69.55
N ASP H 92 -74.29 -9.37 70.78
CA ASP H 92 -74.63 -10.15 71.96
C ASP H 92 -76.01 -9.71 72.41
N LEU H 93 -77.02 -10.50 72.05
CA LEU H 93 -78.42 -10.19 72.37
C LEU H 93 -78.87 -10.82 73.68
N THR H 94 -77.96 -11.04 74.63
CA THR H 94 -78.32 -11.75 75.85
C THR H 94 -79.04 -10.87 76.86
N LYS H 95 -79.00 -9.55 76.68
CA LYS H 95 -79.61 -8.62 77.63
C LYS H 95 -80.67 -7.75 76.98
N GLY H 96 -81.27 -8.19 75.90
CA GLY H 96 -82.35 -7.48 75.24
C GLY H 96 -81.94 -6.54 74.12
N ILE H 97 -80.86 -5.81 74.29
CA ILE H 97 -80.41 -4.86 73.28
C ILE H 97 -79.20 -5.46 72.57
N PRO H 98 -78.87 -5.04 71.34
CA PRO H 98 -77.62 -5.48 70.73
C PRO H 98 -76.43 -4.78 71.36
N LEU H 99 -75.31 -5.50 71.45
CA LEU H 99 -74.08 -4.98 72.04
C LEU H 99 -72.89 -5.47 71.24
N VAL H 100 -72.07 -4.54 70.76
CA VAL H 100 -70.82 -4.85 70.07
C VAL H 100 -69.69 -4.22 70.86
N GLN H 101 -68.58 -4.93 71.00
CA GLN H 101 -67.56 -4.57 71.99
C GLN H 101 -66.74 -3.36 71.55
N ASP H 102 -65.96 -3.49 70.49
CA ASP H 102 -64.95 -2.47 70.20
C ASP H 102 -65.24 -1.71 68.92
N LEU H 103 -66.48 -1.30 68.72
CA LEU H 103 -66.82 -0.59 67.49
C LEU H 103 -66.78 0.92 67.70
N LEU H 104 -67.59 1.45 68.61
CA LEU H 104 -67.54 2.86 68.97
C LEU H 104 -67.23 2.96 70.46
N VAL H 105 -65.98 3.28 70.79
CA VAL H 105 -65.59 3.45 72.18
C VAL H 105 -65.32 4.92 72.44
N PRO H 106 -65.71 5.45 73.61
CA PRO H 106 -65.31 6.81 73.96
C PRO H 106 -63.97 6.83 74.68
N ILE H 107 -63.13 7.78 74.30
CA ILE H 107 -61.81 7.93 74.88
C ILE H 107 -61.87 8.97 75.98
N GLY H 108 -60.86 8.95 76.85
CA GLY H 108 -60.79 9.94 77.89
C GLY H 108 -61.72 9.70 79.06
N VAL H 109 -62.16 8.46 79.25
CA VAL H 109 -63.06 8.11 80.34
C VAL H 109 -62.40 7.02 81.16
N THR H 110 -63.04 6.72 82.30
CA THR H 110 -62.64 5.58 83.11
C THR H 110 -62.90 4.30 82.32
N ALA H 111 -62.05 3.29 82.54
CA ALA H 111 -61.99 2.11 81.68
C ALA H 111 -63.23 1.21 81.75
N GLY H 112 -64.20 1.51 82.61
CA GLY H 112 -65.43 0.76 82.64
C GLY H 112 -66.63 1.57 82.19
N ALA H 113 -66.41 2.55 81.32
CA ALA H 113 -67.45 3.47 80.89
C ALA H 113 -67.63 3.50 79.38
N GLU H 114 -67.40 2.38 78.71
CA GLU H 114 -67.70 2.26 77.29
C GLU H 114 -68.92 1.39 77.03
N GLN H 115 -69.59 0.94 78.09
CA GLN H 115 -70.68 -0.01 77.93
C GLN H 115 -71.95 0.65 77.42
N SER H 116 -72.18 1.92 77.75
CA SER H 116 -73.37 2.59 77.24
C SER H 116 -73.21 2.92 75.76
N ALA H 117 -71.98 3.09 75.28
CA ALA H 117 -71.74 3.31 73.87
C ALA H 117 -71.82 2.03 73.05
N GLU H 118 -71.87 0.87 73.71
CA GLU H 118 -71.98 -0.38 72.97
C GLU H 118 -73.34 -0.55 72.32
N TYR H 119 -74.40 -0.03 72.93
CA TYR H 119 -75.73 -0.06 72.31
C TYR H 119 -75.79 0.76 71.03
N VAL H 120 -75.06 1.87 70.98
CA VAL H 120 -75.03 2.68 69.78
C VAL H 120 -74.25 1.96 68.68
N SER H 121 -73.18 1.26 69.08
CA SER H 121 -72.43 0.45 68.14
C SER H 121 -73.19 -0.78 67.71
N GLY H 122 -74.09 -1.28 68.55
CA GLY H 122 -74.88 -2.44 68.16
C GLY H 122 -75.93 -2.10 67.11
N LEU H 123 -76.52 -0.90 67.22
CA LEU H 123 -77.53 -0.51 66.25
C LEU H 123 -76.93 -0.23 64.88
N LEU H 124 -75.63 0.04 64.81
CA LEU H 124 -74.98 0.08 63.51
C LEU H 124 -74.90 -1.31 62.90
N MET H 125 -74.43 -2.29 63.68
CA MET H 125 -74.31 -3.66 63.16
C MET H 125 -75.65 -4.31 62.89
N VAL H 126 -76.71 -3.92 63.61
CA VAL H 126 -78.04 -4.35 63.22
C VAL H 126 -78.45 -3.68 61.92
N LEU H 127 -78.13 -2.40 61.76
CA LEU H 127 -78.34 -1.71 60.50
C LEU H 127 -77.41 -2.24 59.42
N PHE H 128 -76.22 -2.71 59.80
CA PHE H 128 -75.25 -3.19 58.83
C PHE H 128 -75.64 -4.55 58.28
N LYS H 129 -76.14 -5.44 59.15
CA LYS H 129 -76.49 -6.79 58.71
C LYS H 129 -77.73 -6.78 57.83
N VAL H 130 -78.67 -5.88 58.10
CA VAL H 130 -79.84 -5.72 57.24
C VAL H 130 -79.43 -5.13 55.89
N MET H 131 -78.43 -4.24 55.91
CA MET H 131 -78.07 -3.53 54.69
C MET H 131 -77.31 -4.44 53.73
N THR H 132 -76.51 -5.36 54.26
CA THR H 132 -75.79 -6.35 53.46
C THR H 132 -76.58 -7.65 53.35
N ASP H 133 -77.85 -7.65 53.78
CA ASP H 133 -78.66 -8.86 53.68
C ASP H 133 -79.09 -9.08 52.25
N ASN H 134 -78.30 -9.83 51.50
CA ASN H 134 -78.57 -10.11 50.09
C ASN H 134 -79.20 -11.47 49.87
N ARG H 135 -80.06 -11.90 50.80
CA ARG H 135 -80.70 -13.19 50.67
C ARG H 135 -81.76 -13.16 49.56
N LEU H 136 -82.06 -14.34 49.03
CA LEU H 136 -83.00 -14.47 47.93
C LEU H 136 -83.69 -15.81 48.09
N VAL H 137 -84.99 -15.78 48.36
CA VAL H 137 -85.69 -16.95 48.86
C VAL H 137 -86.04 -17.88 47.71
N ILE H 138 -85.74 -19.16 47.88
CA ILE H 138 -86.16 -20.22 46.97
C ILE H 138 -87.16 -21.10 47.71
N VAL H 139 -88.18 -21.58 46.98
CA VAL H 139 -89.19 -22.49 47.53
C VAL H 139 -88.53 -23.76 48.04
N GLY H 140 -88.65 -23.99 49.35
CA GLY H 140 -88.04 -25.14 49.98
C GLY H 140 -88.90 -26.37 49.97
N GLU H 141 -89.00 -27.06 51.11
CA GLU H 141 -89.78 -28.29 51.21
C GLU H 141 -91.20 -27.93 51.60
N THR H 142 -91.95 -27.41 50.63
CA THR H 142 -93.36 -27.11 50.83
C THR H 142 -94.16 -28.39 50.75
N THR H 143 -95.15 -28.52 51.63
CA THR H 143 -96.03 -29.67 51.62
C THR H 143 -97.45 -29.22 51.32
N THR H 144 -98.31 -30.20 51.04
CA THR H 144 -99.68 -29.94 50.61
C THR H 144 -100.62 -30.91 51.32
N PRO H 145 -101.50 -30.43 52.18
CA PRO H 145 -102.39 -31.33 52.91
C PRO H 145 -103.70 -31.52 52.18
N MET H 146 -104.39 -32.60 52.55
CA MET H 146 -105.73 -32.83 52.03
C MET H 146 -106.71 -31.95 52.79
N SER H 147 -107.67 -31.38 52.05
CA SER H 147 -108.59 -30.42 52.65
C SER H 147 -109.59 -31.08 53.58
N ASN H 148 -109.81 -32.40 53.46
CA ASN H 148 -110.70 -33.09 54.38
C ASN H 148 -109.97 -33.64 55.60
N THR H 149 -108.69 -33.32 55.75
CA THR H 149 -107.94 -33.66 56.95
C THR H 149 -107.76 -32.49 57.91
N LEU H 150 -107.78 -31.27 57.40
CA LEU H 150 -107.71 -30.09 58.25
C LEU H 150 -109.10 -29.68 58.68
N SER H 151 -109.19 -29.13 59.89
CA SER H 151 -110.46 -28.62 60.39
C SER H 151 -110.82 -27.32 59.69
N THR H 152 -112.07 -26.89 59.89
CA THR H 152 -112.59 -25.73 59.16
C THR H 152 -112.02 -24.40 59.65
N VAL H 153 -111.35 -24.38 60.80
CA VAL H 153 -110.69 -23.16 61.24
C VAL H 153 -109.31 -23.02 60.61
N VAL H 154 -108.74 -24.10 60.10
CA VAL H 154 -107.42 -24.06 59.49
C VAL H 154 -107.60 -24.06 57.98
N ASN H 155 -108.63 -24.75 57.50
CA ASN H 155 -108.87 -24.83 56.06
C ASN H 155 -109.36 -23.52 55.48
N ASN H 156 -109.89 -22.60 56.30
CA ASN H 156 -110.19 -21.26 55.83
C ASN H 156 -108.96 -20.37 55.80
N VAL H 157 -107.82 -20.88 56.28
CA VAL H 157 -106.60 -20.11 56.37
C VAL H 157 -105.57 -20.59 55.35
N LEU H 158 -105.48 -21.89 55.14
CA LEU H 158 -104.38 -22.48 54.38
C LEU H 158 -104.62 -22.31 52.89
N ARG H 159 -103.69 -21.63 52.22
CA ARG H 159 -103.77 -21.39 50.78
C ARG H 159 -103.06 -22.51 50.02
N THR H 160 -103.60 -23.72 50.19
CA THR H 160 -103.42 -24.91 49.36
C THR H 160 -102.03 -25.56 49.53
N THR H 161 -101.08 -24.88 50.17
CA THR H 161 -99.76 -25.43 50.46
C THR H 161 -99.08 -24.51 51.45
N TYR H 162 -98.01 -25.02 52.08
CA TYR H 162 -97.30 -24.27 53.11
C TYR H 162 -95.91 -24.88 53.31
N HIS H 163 -94.96 -24.05 53.72
CA HIS H 163 -93.63 -24.53 54.06
C HIS H 163 -93.68 -25.37 55.32
N ASN H 164 -92.78 -26.35 55.41
CA ASN H 164 -92.74 -27.20 56.60
C ASN H 164 -92.28 -26.42 57.83
N ASN H 165 -91.47 -25.39 57.64
CA ASN H 165 -91.12 -24.46 58.71
C ASN H 165 -92.21 -23.39 58.73
N VAL H 166 -93.28 -23.65 59.46
CA VAL H 166 -94.43 -22.74 59.41
C VAL H 166 -94.17 -21.46 60.19
N GLY H 167 -93.23 -21.48 61.12
CA GLY H 167 -93.04 -20.34 61.98
C GLY H 167 -94.10 -20.27 63.06
N VAL H 168 -94.05 -19.17 63.82
CA VAL H 168 -94.90 -18.95 64.96
C VAL H 168 -95.71 -17.68 64.72
N ASN H 169 -97.03 -17.76 64.90
CA ASN H 169 -97.88 -16.62 64.59
C ASN H 169 -99.18 -16.73 65.38
N PRO H 170 -99.51 -15.73 66.21
CA PRO H 170 -100.65 -15.88 67.14
C PRO H 170 -102.02 -15.92 66.50
N ALA H 171 -102.14 -15.78 65.18
CA ALA H 171 -103.45 -15.96 64.56
C ALA H 171 -103.84 -17.42 64.45
N LEU H 172 -102.89 -18.34 64.58
CA LEU H 172 -103.19 -19.76 64.54
C LEU H 172 -103.67 -20.30 65.88
N LEU H 173 -103.75 -19.46 66.91
CA LEU H 173 -104.30 -19.88 68.19
C LEU H 173 -105.82 -19.86 68.21
N ARG H 174 -106.47 -19.55 67.10
CA ARG H 174 -107.93 -19.55 67.02
C ARG H 174 -108.45 -20.97 67.13
N ASP H 175 -109.23 -21.21 68.20
CA ASP H 175 -109.84 -22.51 68.50
C ASP H 175 -108.79 -23.62 68.66
N PHE H 176 -107.64 -23.26 69.24
CA PHE H 176 -106.65 -24.26 69.64
C PHE H 176 -106.03 -23.99 70.99
N THR H 177 -106.43 -22.95 71.71
CA THR H 177 -105.89 -22.70 73.03
C THR H 177 -106.91 -23.03 74.11
N GLN H 178 -106.41 -23.18 75.33
CA GLN H 178 -107.24 -23.45 76.49
C GLN H 178 -107.88 -22.19 77.05
N VAL H 179 -107.42 -21.03 76.63
CA VAL H 179 -107.75 -19.77 77.27
C VAL H 179 -109.04 -19.22 76.66
N ASN H 180 -109.98 -18.83 77.51
CA ASN H 180 -111.25 -18.31 77.04
C ASN H 180 -111.11 -16.93 76.40
N TRP H 181 -110.46 -16.00 77.08
CA TRP H 181 -110.46 -14.62 76.61
C TRP H 181 -109.53 -14.39 75.43
N LEU H 182 -108.42 -15.13 75.35
CA LEU H 182 -107.55 -15.00 74.19
C LEU H 182 -108.23 -15.56 72.95
N ASN H 183 -108.98 -16.64 73.10
CA ASN H 183 -109.74 -17.19 71.99
C ASN H 183 -110.91 -16.27 71.63
N ARG H 184 -111.38 -15.45 72.57
CA ARG H 184 -112.46 -14.53 72.25
C ARG H 184 -111.94 -13.26 71.61
N ASP H 185 -110.73 -12.81 72.00
CA ASP H 185 -110.20 -11.58 71.42
C ASP H 185 -109.70 -11.78 70.00
N ILE H 186 -109.08 -12.92 69.72
CA ILE H 186 -108.60 -13.19 68.36
C ILE H 186 -109.77 -13.42 67.41
N THR H 187 -110.83 -14.08 67.90
CA THR H 187 -112.04 -14.23 67.09
C THR H 187 -112.73 -12.88 66.87
N ASN H 188 -112.63 -11.98 67.85
CA ASN H 188 -113.17 -10.64 67.69
C ASN H 188 -112.35 -9.83 66.70
N MET H 189 -111.07 -10.16 66.55
CA MET H 189 -110.21 -9.42 65.61
C MET H 189 -110.23 -10.03 64.22
N LEU H 190 -110.15 -11.36 64.12
CA LEU H 190 -110.10 -11.99 62.80
C LEU H 190 -111.42 -11.96 62.06
N GLN H 191 -112.53 -11.65 62.73
CA GLN H 191 -113.81 -11.48 62.06
C GLN H 191 -114.09 -10.04 61.69
N GLN H 192 -113.12 -9.15 61.86
CA GLN H 192 -113.24 -7.80 61.34
C GLN H 192 -113.01 -7.79 59.83
N ALA H 193 -113.44 -6.70 59.20
CA ALA H 193 -113.16 -6.54 57.78
C ALA H 193 -111.80 -5.93 57.53
N GLY H 194 -111.24 -5.26 58.55
CA GLY H 194 -109.98 -4.56 58.38
C GLY H 194 -108.74 -5.44 58.42
N THR H 195 -108.90 -6.72 58.74
CA THR H 195 -107.76 -7.62 58.78
C THR H 195 -108.21 -9.03 58.42
N LYS H 196 -107.26 -9.82 57.94
CA LYS H 196 -107.54 -11.15 57.43
C LYS H 196 -106.24 -11.93 57.41
N TYR H 197 -106.27 -13.16 57.89
CA TYR H 197 -105.08 -13.99 58.02
C TYR H 197 -105.15 -15.16 57.05
N GLY H 198 -104.04 -15.39 56.35
CA GLY H 198 -103.93 -16.50 55.42
C GLY H 198 -102.51 -16.99 55.38
N LEU H 199 -102.37 -18.30 55.23
CA LEU H 199 -101.08 -18.98 55.29
C LEU H 199 -100.87 -19.74 54.00
N GLY H 200 -99.86 -19.35 53.22
CA GLY H 200 -99.51 -20.14 52.05
C GLY H 200 -99.49 -19.42 50.73
N LEU H 201 -99.77 -20.17 49.66
CA LEU H 201 -99.53 -19.73 48.28
C LEU H 201 -100.60 -18.75 47.83
N THR H 202 -100.23 -17.50 47.65
CA THR H 202 -101.18 -16.48 47.19
C THR H 202 -101.15 -16.30 45.68
N GLU H 203 -100.02 -15.88 45.13
CA GLU H 203 -99.91 -15.58 43.71
C GLU H 203 -99.01 -16.58 43.01
N THR H 204 -99.24 -16.74 41.71
CA THR H 204 -98.43 -17.62 40.88
C THR H 204 -98.23 -16.96 39.53
N ARG H 205 -97.03 -16.47 39.28
CA ARG H 205 -96.68 -15.80 38.04
C ARG H 205 -96.14 -16.83 37.06
N LEU H 206 -96.95 -17.19 36.07
CA LEU H 206 -96.53 -18.16 35.07
C LEU H 206 -95.51 -17.53 34.12
N ASP H 207 -94.80 -18.39 33.40
CA ASP H 207 -93.95 -17.92 32.33
C ASP H 207 -94.79 -17.68 31.08
N TYR H 208 -94.25 -16.88 30.17
CA TYR H 208 -94.99 -16.49 28.98
C TYR H 208 -94.84 -17.47 27.83
N VAL H 209 -93.72 -18.19 27.75
CA VAL H 209 -93.45 -19.09 26.64
C VAL H 209 -93.37 -20.55 27.08
N ARG H 210 -92.65 -20.83 28.16
CA ARG H 210 -92.53 -22.20 28.65
C ARG H 210 -93.76 -22.68 29.41
N LEU H 211 -94.58 -21.75 29.91
CA LEU H 211 -95.82 -22.04 30.66
C LEU H 211 -95.55 -22.86 31.92
N VAL H 212 -94.45 -22.58 32.59
CA VAL H 212 -94.17 -23.16 33.90
C VAL H 212 -94.20 -22.02 34.92
N LYS H 213 -94.43 -22.39 36.17
CA LYS H 213 -94.50 -21.40 37.23
C LYS H 213 -93.10 -20.97 37.64
N THR H 214 -92.89 -19.66 37.73
CA THR H 214 -91.57 -19.10 37.96
C THR H 214 -91.47 -18.39 39.31
N ILE H 215 -92.29 -17.38 39.53
CA ILE H 215 -92.24 -16.59 40.75
C ILE H 215 -93.56 -16.75 41.47
N VAL H 216 -93.50 -17.27 42.69
CA VAL H 216 -94.70 -17.49 43.49
C VAL H 216 -94.58 -16.66 44.76
N GLY H 217 -95.73 -16.44 45.39
CA GLY H 217 -95.74 -15.71 46.64
C GLY H 217 -96.37 -16.51 47.77
N HIS H 218 -95.56 -16.92 48.74
CA HIS H 218 -96.04 -17.67 49.88
C HIS H 218 -96.20 -16.76 51.09
N ALA H 219 -97.37 -16.82 51.71
CA ALA H 219 -97.66 -16.05 52.91
C ALA H 219 -97.00 -16.73 54.09
N LEU H 220 -95.76 -16.32 54.38
CA LEU H 220 -95.01 -16.89 55.47
C LEU H 220 -95.49 -16.34 56.81
N ASN H 221 -94.83 -16.79 57.88
CA ASN H 221 -94.98 -16.20 59.21
C ASN H 221 -93.64 -15.56 59.54
N ILE H 222 -93.48 -14.32 59.10
CA ILE H 222 -92.20 -13.63 59.20
C ILE H 222 -92.50 -12.14 59.30
N ASP H 223 -91.65 -11.41 60.01
CA ASP H 223 -91.84 -9.99 60.20
C ASP H 223 -91.63 -9.23 58.89
N HIS H 224 -92.26 -8.06 58.80
CA HIS H 224 -92.26 -7.30 57.56
C HIS H 224 -90.95 -6.60 57.29
N PHE H 225 -90.06 -6.47 58.28
CA PHE H 225 -88.76 -5.90 58.02
C PHE H 225 -87.85 -6.87 57.29
N ALA H 226 -87.95 -8.16 57.59
CA ALA H 226 -87.24 -9.15 56.80
C ALA H 226 -87.93 -9.41 55.48
N ALA H 227 -89.26 -9.37 55.45
CA ALA H 227 -89.98 -9.64 54.22
C ALA H 227 -89.99 -8.47 53.25
N SER H 228 -89.54 -7.29 53.69
CA SER H 228 -89.34 -6.20 52.74
C SER H 228 -88.01 -6.35 52.01
N VAL H 229 -86.96 -6.75 52.73
CA VAL H 229 -85.66 -6.94 52.10
C VAL H 229 -85.71 -8.14 51.16
N LEU H 230 -86.48 -9.16 51.52
CA LEU H 230 -86.60 -10.33 50.66
C LEU H 230 -87.49 -10.07 49.45
N ASN H 231 -88.27 -8.99 49.47
CA ASN H 231 -89.03 -8.62 48.29
C ASN H 231 -88.33 -7.55 47.45
N ILE H 232 -87.50 -6.71 48.07
CA ILE H 232 -86.70 -5.77 47.31
C ILE H 232 -85.63 -6.49 46.49
N ASN H 233 -85.05 -7.56 47.04
CA ASN H 233 -84.05 -8.32 46.32
C ASN H 233 -84.65 -9.06 45.12
N LEU H 234 -85.93 -9.42 45.20
CA LEU H 234 -86.52 -10.19 44.12
C LEU H 234 -87.20 -9.27 43.10
N ARG H 235 -87.72 -8.12 43.53
CA ARG H 235 -88.36 -7.23 42.57
C ARG H 235 -87.38 -6.53 41.65
N ALA H 236 -86.09 -6.52 41.99
CA ALA H 236 -85.06 -6.01 41.10
C ALA H 236 -84.30 -7.12 40.40
N LEU H 237 -84.58 -8.37 40.73
CA LEU H 237 -83.98 -9.51 40.04
C LEU H 237 -84.88 -9.96 38.89
N MET H 238 -86.19 -9.80 39.04
CA MET H 238 -87.11 -10.22 37.99
C MET H 238 -87.49 -9.05 37.09
N GLU H 239 -87.68 -7.86 37.66
CA GLU H 239 -88.06 -6.69 36.86
C GLU H 239 -86.85 -5.84 36.49
N ALA H 240 -85.69 -6.47 36.28
CA ALA H 240 -84.61 -5.87 35.52
C ALA H 240 -84.61 -6.30 34.07
N ASN H 241 -85.32 -7.39 33.75
CA ASN H 241 -85.61 -7.88 32.40
C ASN H 241 -84.36 -8.23 31.61
N VAL H 242 -83.25 -8.50 32.27
CA VAL H 242 -82.04 -8.98 31.62
C VAL H 242 -81.83 -10.44 32.00
N THR H 243 -81.46 -11.25 31.03
CA THR H 243 -81.39 -12.69 31.16
C THR H 243 -79.94 -13.15 31.20
N ALA H 244 -79.76 -14.47 31.17
CA ALA H 244 -78.43 -15.04 31.10
C ALA H 244 -77.83 -14.95 29.70
N ASP H 245 -78.60 -14.56 28.69
CA ASP H 245 -78.06 -14.35 27.36
C ASP H 245 -77.20 -13.09 27.25
N ASP H 246 -77.25 -12.20 28.23
CA ASP H 246 -76.45 -10.98 28.20
C ASP H 246 -75.02 -11.21 28.66
N ARG H 247 -74.68 -12.42 29.10
CA ARG H 247 -73.29 -12.80 29.30
C ARG H 247 -72.54 -12.92 27.99
N ILE H 248 -73.27 -13.15 26.90
CA ILE H 248 -72.68 -13.12 25.56
C ILE H 248 -72.16 -11.73 25.23
N LYS H 249 -72.87 -10.70 25.68
CA LYS H 249 -72.47 -9.32 25.39
C LYS H 249 -71.18 -8.95 26.11
N ALA H 250 -70.91 -9.57 27.26
CA ALA H 250 -69.64 -9.35 27.93
C ALA H 250 -68.55 -10.28 27.41
N LEU H 251 -68.91 -11.35 26.71
CA LEU H 251 -67.88 -12.19 26.10
C LEU H 251 -67.36 -11.61 24.80
N GLN H 252 -68.22 -10.91 24.03
CA GLN H 252 -67.76 -10.31 22.79
C GLN H 252 -66.80 -9.17 23.04
N ALA H 253 -66.87 -8.56 24.22
CA ALA H 253 -65.94 -7.49 24.55
C ALA H 253 -64.55 -8.02 24.89
N HIS H 254 -64.46 -9.21 25.46
CA HIS H 254 -63.17 -9.79 25.84
C HIS H 254 -62.60 -10.72 24.79
N SER H 255 -63.33 -10.96 23.71
CA SER H 255 -62.86 -11.78 22.61
C SER H 255 -62.53 -10.87 21.42
N MET H 256 -62.12 -11.49 20.32
CA MET H 256 -61.73 -10.75 19.14
C MET H 256 -62.92 -10.04 18.51
N ILE H 257 -62.62 -9.03 17.68
CA ILE H 257 -63.66 -8.34 16.94
C ILE H 257 -64.21 -9.27 15.88
N SER H 258 -65.54 -9.22 15.70
CA SER H 258 -66.28 -9.99 14.69
C SER H 258 -66.16 -11.49 14.89
N THR H 259 -66.29 -11.92 16.14
CA THR H 259 -66.58 -13.31 16.44
C THR H 259 -68.03 -13.44 16.90
N GLN H 260 -68.56 -14.64 16.80
CA GLN H 260 -69.97 -14.88 17.11
C GLN H 260 -70.10 -15.91 18.23
N PHE H 261 -71.02 -15.65 19.14
CA PHE H 261 -71.37 -16.58 20.20
C PHE H 261 -72.81 -17.03 20.00
N HIS H 262 -73.02 -18.34 19.95
CA HIS H 262 -74.32 -18.89 19.62
C HIS H 262 -74.96 -19.55 20.84
N GLY H 263 -76.29 -19.47 20.89
CA GLY H 263 -77.08 -20.22 21.85
C GLY H 263 -76.90 -19.76 23.28
N PRO H 264 -77.50 -20.49 24.22
CA PRO H 264 -78.37 -21.64 23.99
C PRO H 264 -79.85 -21.28 23.98
N ASN H 265 -80.15 -19.98 23.95
CA ASN H 265 -81.51 -19.43 23.94
C ASN H 265 -82.31 -19.91 25.15
N GLN H 266 -81.81 -19.57 26.33
CA GLN H 266 -82.48 -19.98 27.56
C GLN H 266 -83.74 -19.18 27.81
N GLY H 267 -83.71 -17.89 27.52
CA GLY H 267 -84.88 -17.05 27.71
C GLY H 267 -84.91 -16.39 29.06
N ALA H 268 -86.14 -16.06 29.48
CA ALA H 268 -86.35 -15.37 30.74
C ALA H 268 -86.44 -16.30 31.93
N LEU H 269 -86.25 -17.62 31.74
CA LEU H 269 -86.20 -18.52 32.88
C LEU H 269 -84.89 -18.44 33.64
N ARG H 270 -83.88 -17.75 33.12
CA ARG H 270 -82.60 -17.58 33.80
C ARG H 270 -82.34 -16.09 34.01
N PRO H 271 -82.96 -15.48 35.02
CA PRO H 271 -82.71 -14.08 35.28
C PRO H 271 -81.39 -13.89 36.01
N GLU H 272 -80.90 -12.65 35.95
CA GLU H 272 -79.61 -12.27 36.50
C GLU H 272 -79.61 -10.75 36.53
N LEU H 273 -78.95 -10.18 37.52
CA LEU H 273 -78.81 -8.73 37.56
C LEU H 273 -77.94 -8.24 36.41
N ALA H 274 -78.24 -7.03 35.94
CA ALA H 274 -77.36 -6.38 34.99
C ALA H 274 -76.05 -6.02 35.67
N PHE H 275 -75.01 -5.89 34.85
CA PHE H 275 -73.71 -5.52 35.40
C PHE H 275 -73.77 -4.06 35.85
N ASP H 276 -73.55 -3.84 37.14
CA ASP H 276 -73.84 -2.54 37.76
C ASP H 276 -72.80 -1.53 37.31
N HIS H 277 -73.17 -0.70 36.33
CA HIS H 277 -72.23 0.27 35.78
C HIS H 277 -71.96 1.41 36.74
N ASP H 278 -73.00 1.88 37.44
CA ASP H 278 -72.85 3.05 38.30
C ASP H 278 -72.01 2.77 39.53
N HIS H 279 -71.93 1.53 39.98
CA HIS H 279 -71.18 1.22 41.19
C HIS H 279 -69.72 0.89 40.92
N ILE H 280 -69.43 0.20 39.81
CA ILE H 280 -68.07 -0.25 39.58
C ILE H 280 -67.18 0.92 39.14
N ILE H 281 -67.71 1.81 38.30
CA ILE H 281 -66.92 2.98 37.92
C ILE H 281 -66.79 3.95 39.07
N ARG H 282 -67.70 3.90 40.05
CA ARG H 282 -67.57 4.77 41.21
C ARG H 282 -66.56 4.22 42.20
N CYS H 283 -66.40 2.89 42.25
CA CYS H 283 -65.47 2.26 43.17
C CYS H 283 -64.08 2.04 42.59
N LEU H 284 -63.94 2.04 41.25
CA LEU H 284 -62.60 2.03 40.67
C LEU H 284 -61.89 3.36 40.89
N MET H 285 -62.62 4.43 41.17
CA MET H 285 -61.97 5.70 41.42
C MET H 285 -61.49 5.82 42.85
N LEU H 286 -62.12 5.13 43.81
CA LEU H 286 -61.51 5.01 45.12
C LEU H 286 -60.35 4.04 45.10
N ALA H 287 -60.47 2.97 44.31
CA ALA H 287 -59.41 1.98 44.25
C ALA H 287 -58.18 2.54 43.56
N ALA H 288 -58.36 3.47 42.62
CA ALA H 288 -57.20 4.13 42.02
C ALA H 288 -56.65 5.20 42.95
N ALA H 289 -57.43 5.64 43.94
CA ALA H 289 -56.96 6.68 44.84
C ALA H 289 -56.17 6.10 46.00
N ASN H 290 -56.76 5.16 46.74
CA ASN H 290 -56.08 4.62 47.90
C ASN H 290 -55.01 3.61 47.52
N TYR H 291 -55.20 2.88 46.41
CA TYR H 291 -54.28 1.82 46.00
C TYR H 291 -53.72 2.17 44.61
N PRO H 292 -52.65 2.95 44.55
CA PRO H 292 -52.08 3.34 43.25
C PRO H 292 -51.35 2.22 42.53
N ARG H 293 -51.21 1.06 43.15
CA ARG H 293 -50.67 -0.13 42.51
C ARG H 293 -51.68 -0.82 41.58
N LEU H 294 -52.88 -0.26 41.43
CA LEU H 294 -53.89 -0.85 40.57
C LEU H 294 -53.51 -0.78 39.10
N GLU H 295 -52.60 0.14 38.74
CA GLU H 295 -51.99 0.10 37.42
C GLU H 295 -51.21 -1.19 37.20
N GLY H 296 -50.62 -1.74 38.26
CA GLY H 296 -49.94 -3.02 38.15
C GLY H 296 -50.88 -4.18 37.94
N ILE H 297 -52.14 -4.05 38.36
CA ILE H 297 -53.12 -5.11 38.13
C ILE H 297 -53.62 -5.07 36.68
N ILE H 298 -53.97 -3.88 36.21
CA ILE H 298 -54.63 -3.76 34.91
C ILE H 298 -53.65 -4.01 33.77
N VAL H 299 -52.39 -3.61 33.94
CA VAL H 299 -51.39 -3.87 32.90
C VAL H 299 -51.04 -5.35 32.86
N GLN H 300 -50.98 -6.01 34.03
CA GLN H 300 -50.64 -7.44 34.07
C GLN H 300 -51.73 -8.30 33.45
N ILE H 301 -52.98 -7.85 33.53
CA ILE H 301 -54.05 -8.53 32.78
C ILE H 301 -53.92 -8.23 31.29
N ASN H 302 -53.60 -6.98 30.95
CA ASN H 302 -53.43 -6.62 29.55
C ASN H 302 -52.16 -7.21 28.95
N THR H 303 -51.12 -7.40 29.76
CA THR H 303 -49.96 -8.15 29.29
C THR H 303 -50.30 -9.62 29.11
N GLY H 304 -51.12 -10.17 30.02
CA GLY H 304 -51.55 -11.55 29.94
C GLY H 304 -52.43 -11.88 28.76
N TYR H 305 -53.04 -10.88 28.13
CA TYR H 305 -53.78 -11.12 26.91
C TYR H 305 -52.88 -11.10 25.69
N VAL H 306 -51.89 -10.20 25.67
CA VAL H 306 -50.99 -10.06 24.53
C VAL H 306 -50.10 -11.29 24.40
N ALA H 307 -49.57 -11.78 25.53
CA ALA H 307 -48.71 -12.96 25.50
C ALA H 307 -49.51 -14.22 25.18
N SER H 308 -50.80 -14.22 25.45
CA SER H 308 -51.65 -15.36 25.12
C SER H 308 -52.12 -15.35 23.67
N ALA H 309 -51.99 -14.22 22.99
CA ALA H 309 -52.39 -14.12 21.59
C ALA H 309 -51.33 -14.64 20.64
N ASN H 310 -50.10 -14.85 21.13
CA ASN H 310 -48.93 -15.28 20.36
C ASN H 310 -48.72 -14.34 19.17
N VAL H 311 -48.48 -13.08 19.49
CA VAL H 311 -48.59 -12.01 18.51
C VAL H 311 -47.20 -11.59 18.02
N ILE H 312 -46.19 -11.76 18.87
CA ILE H 312 -44.80 -11.45 18.53
C ILE H 312 -43.93 -12.53 19.15
N ARG H 313 -43.14 -13.22 18.33
CA ARG H 313 -42.18 -14.18 18.85
C ARG H 313 -40.79 -13.68 18.51
N PRO H 314 -39.96 -13.34 19.48
CA PRO H 314 -38.62 -12.86 19.19
C PRO H 314 -37.70 -13.99 18.73
N VAL H 315 -36.66 -13.58 18.02
CA VAL H 315 -35.70 -14.52 17.44
C VAL H 315 -34.32 -13.90 17.61
N SER H 316 -33.28 -14.73 17.54
CA SER H 316 -31.92 -14.30 17.83
C SER H 316 -31.11 -14.02 16.56
N GLU H 317 -31.72 -13.41 15.54
CA GLU H 317 -31.02 -13.03 14.33
C GLU H 317 -31.14 -11.52 14.11
N LYS H 318 -30.03 -10.81 14.28
CA LYS H 318 -29.96 -9.39 13.99
C LYS H 318 -30.05 -9.18 12.48
N ARG H 319 -30.78 -8.15 12.08
CA ARG H 319 -30.69 -7.66 10.70
C ARG H 319 -30.74 -6.13 10.67
N TYR H 320 -30.01 -5.49 11.59
CA TYR H 320 -30.00 -4.02 11.66
C TYR H 320 -29.28 -3.38 10.48
N PHE H 321 -28.45 -4.12 9.77
CA PHE H 321 -27.71 -3.55 8.67
C PHE H 321 -27.91 -4.40 7.42
N PRO H 322 -27.79 -3.83 6.23
CA PRO H 322 -27.80 -4.67 5.02
C PRO H 322 -26.48 -5.41 4.83
N GLU H 323 -26.34 -6.13 3.73
CA GLU H 323 -25.09 -6.82 3.48
C GLU H 323 -24.02 -5.82 3.08
N ASN H 324 -22.81 -6.03 3.62
CA ASN H 324 -21.63 -5.19 3.38
C ASN H 324 -21.85 -3.75 3.82
N LEU H 325 -22.29 -3.57 5.06
CA LEU H 325 -22.29 -2.27 5.70
C LEU H 325 -21.72 -2.33 7.11
N GLU H 326 -21.83 -3.48 7.78
CA GLU H 326 -21.20 -3.63 9.09
C GLU H 326 -19.69 -3.74 8.98
N GLN H 327 -19.18 -4.44 7.98
CA GLN H 327 -17.74 -4.48 7.78
C GLN H 327 -17.21 -3.11 7.44
N ASN H 328 -17.96 -2.41 6.62
CA ASN H 328 -17.50 -1.29 5.83
C ASN H 328 -16.89 -0.25 6.76
N GLN H 329 -15.68 0.21 6.43
CA GLN H 329 -14.91 1.02 7.36
C GLN H 329 -15.43 2.44 7.44
N SER H 330 -16.06 2.94 6.37
CA SER H 330 -16.60 4.29 6.39
C SER H 330 -17.80 4.41 7.32
N ALA H 331 -18.55 3.33 7.51
CA ALA H 331 -19.73 3.34 8.36
C ALA H 331 -19.41 2.93 9.80
N ALA H 332 -18.14 2.99 10.20
CA ALA H 332 -17.76 2.57 11.55
C ALA H 332 -18.29 3.51 12.62
N ARG H 333 -18.53 4.77 12.27
CA ARG H 333 -19.15 5.69 13.21
C ARG H 333 -20.66 5.45 13.31
N LEU H 334 -21.26 4.92 12.25
CA LEU H 334 -22.70 4.66 12.25
C LEU H 334 -23.05 3.33 12.93
N VAL H 335 -22.25 2.28 12.67
CA VAL H 335 -22.60 0.97 13.20
C VAL H 335 -22.37 0.85 14.69
N SER H 336 -21.64 1.79 15.29
CA SER H 336 -21.49 1.78 16.74
C SER H 336 -22.67 2.46 17.42
N ALA H 337 -23.27 3.45 16.78
CA ALA H 337 -24.42 4.13 17.36
C ALA H 337 -25.71 3.33 17.23
N VAL H 338 -25.80 2.45 16.23
CA VAL H 338 -26.98 1.59 16.11
C VAL H 338 -26.94 0.49 17.15
N LYS H 339 -25.80 -0.18 17.30
CA LYS H 339 -25.69 -1.28 18.25
C LYS H 339 -25.64 -0.80 19.69
N ALA H 340 -25.43 0.50 19.93
CA ALA H 340 -25.52 1.01 21.29
C ALA H 340 -26.97 1.18 21.72
N ARG H 341 -27.81 1.70 20.84
CA ARG H 341 -29.21 1.92 21.19
C ARG H 341 -29.99 0.61 21.21
N ALA H 342 -29.76 -0.25 20.24
CA ALA H 342 -30.56 -1.46 20.10
C ALA H 342 -30.16 -2.49 21.14
N SER H 343 -31.15 -2.99 21.87
CA SER H 343 -30.95 -4.01 22.89
C SER H 343 -31.43 -5.36 22.37
N GLU H 344 -31.19 -6.39 23.16
CA GLU H 344 -31.65 -7.73 22.81
C GLU H 344 -33.16 -7.83 22.95
N ALA H 345 -33.74 -8.75 22.20
CA ALA H 345 -35.20 -8.83 22.06
C ALA H 345 -35.76 -9.63 23.22
N ASP H 346 -35.97 -8.97 24.36
CA ASP H 346 -36.62 -9.59 25.50
C ASP H 346 -38.14 -9.49 25.36
N ILE H 347 -38.81 -10.64 25.51
CA ILE H 347 -40.24 -10.70 25.25
C ILE H 347 -41.07 -10.08 26.37
N SER H 348 -40.53 -10.03 27.60
CA SER H 348 -41.31 -9.51 28.72
C SER H 348 -41.41 -7.99 28.73
N SER H 349 -40.68 -7.30 27.85
CA SER H 349 -40.82 -5.86 27.72
C SER H 349 -41.40 -5.43 26.38
N ILE H 350 -41.45 -6.32 25.39
CA ILE H 350 -42.17 -5.98 24.16
C ILE H 350 -43.66 -6.16 24.36
N HIS H 351 -44.06 -7.24 25.03
CA HIS H 351 -45.47 -7.40 25.40
C HIS H 351 -45.91 -6.38 26.42
N LEU H 352 -44.98 -5.91 27.26
CA LEU H 352 -45.31 -4.84 28.21
C LEU H 352 -45.57 -3.53 27.48
N ALA H 353 -44.88 -3.30 26.37
CA ALA H 353 -45.04 -2.05 25.64
C ALA H 353 -46.36 -2.02 24.88
N ILE H 354 -46.82 -3.17 24.41
CA ILE H 354 -48.13 -3.23 23.76
C ILE H 354 -49.24 -3.00 24.78
N ALA H 355 -49.07 -3.52 25.99
CA ALA H 355 -50.12 -3.45 26.99
C ALA H 355 -50.25 -2.05 27.59
N ARG H 356 -49.19 -1.24 27.52
CA ARG H 356 -49.27 0.10 28.09
C ARG H 356 -50.07 1.05 27.22
N GLU H 357 -50.34 0.68 25.97
CA GLU H 357 -50.96 1.63 25.05
C GLU H 357 -52.45 1.79 25.32
N VAL H 358 -53.14 0.73 25.73
CA VAL H 358 -54.56 0.81 26.01
C VAL H 358 -54.86 0.65 27.49
N SER H 359 -53.85 0.70 28.33
CA SER H 359 -54.05 0.65 29.77
C SER H 359 -54.28 2.05 30.31
N PRO H 360 -54.95 2.18 31.45
CA PRO H 360 -54.96 3.47 32.14
C PRO H 360 -53.62 3.77 32.76
N MET H 361 -53.38 5.05 33.02
CA MET H 361 -52.17 5.49 33.68
C MET H 361 -52.55 6.12 35.02
N PHE H 362 -52.00 5.58 36.10
CA PHE H 362 -52.24 6.09 37.44
C PHE H 362 -51.02 6.76 38.05
N ASN H 363 -49.83 6.30 37.70
CA ASN H 363 -48.58 6.96 38.06
C ASN H 363 -47.96 7.50 36.78
N VAL H 364 -47.56 8.76 36.80
CA VAL H 364 -47.16 9.46 35.58
C VAL H 364 -45.82 8.90 35.11
N HIS H 365 -45.80 8.39 33.88
CA HIS H 365 -44.63 7.74 33.31
C HIS H 365 -43.54 8.76 33.02
N GLU H 366 -42.30 8.27 33.01
CA GLU H 366 -41.17 9.13 32.68
C GLU H 366 -40.18 8.34 31.84
N LEU H 367 -39.33 9.07 31.12
CA LEU H 367 -38.50 8.47 30.10
C LEU H 367 -37.19 7.97 30.67
N LYS H 368 -36.74 6.82 30.16
CA LYS H 368 -35.38 6.35 30.38
C LYS H 368 -34.40 7.35 29.78
N LYS H 369 -33.44 7.80 30.59
CA LYS H 369 -32.58 8.91 30.21
C LYS H 369 -31.64 8.51 29.07
N ILE H 370 -31.69 9.27 27.98
CA ILE H 370 -30.86 9.04 26.82
C ILE H 370 -29.77 10.09 26.84
N ALA H 371 -28.53 9.65 26.99
CA ALA H 371 -27.38 10.54 27.09
C ALA H 371 -26.73 10.63 25.72
N GLU H 372 -27.17 11.59 24.92
CA GLU H 372 -26.61 11.82 23.60
C GLU H 372 -26.23 13.29 23.45
N SER H 373 -25.23 13.53 22.62
CA SER H 373 -24.73 14.86 22.38
C SER H 373 -25.07 15.39 21.00
N PHE H 374 -25.52 14.52 20.08
CA PHE H 374 -25.85 14.85 18.69
C PHE H 374 -24.68 15.50 17.97
N GLU H 375 -23.48 14.98 18.26
CA GLU H 375 -22.23 15.43 17.67
C GLU H 375 -22.16 15.18 16.18
N ASP H 376 -22.29 13.97 15.78
CA ASP H 376 -22.05 13.44 14.46
C ASP H 376 -23.37 13.28 13.71
N PRO H 377 -23.36 13.28 12.37
CA PRO H 377 -24.58 12.89 11.62
C PRO H 377 -25.00 11.45 11.81
N SER H 378 -24.17 10.59 12.40
CA SER H 378 -24.56 9.23 12.75
C SER H 378 -25.45 9.18 13.99
N SER H 379 -25.68 10.31 14.64
CA SER H 379 -26.59 10.39 15.77
C SER H 379 -28.02 10.63 15.36
N ILE H 380 -28.36 10.35 14.10
CA ILE H 380 -29.76 10.42 13.65
C ILE H 380 -30.52 9.15 14.04
N VAL H 381 -29.81 8.17 14.60
CA VAL H 381 -30.41 6.92 15.05
C VAL H 381 -31.39 7.19 16.20
N VAL H 382 -31.01 8.08 17.12
CA VAL H 382 -31.87 8.44 18.23
C VAL H 382 -33.10 9.21 17.73
N VAL H 383 -32.96 9.97 16.65
CA VAL H 383 -34.10 10.65 16.06
C VAL H 383 -35.05 9.65 15.40
N LEU H 384 -34.50 8.67 14.66
CA LEU H 384 -35.33 7.61 14.10
C LEU H 384 -35.93 6.72 15.17
N GLU H 385 -35.28 6.63 16.33
CA GLU H 385 -35.85 5.93 17.46
C GLU H 385 -37.09 6.63 17.98
N PHE H 386 -37.13 7.96 17.89
CA PHE H 386 -38.30 8.71 18.36
C PHE H 386 -39.43 8.72 17.34
N ILE H 387 -39.12 8.60 16.05
CA ILE H 387 -40.17 8.53 15.04
C ILE H 387 -40.89 7.19 15.12
N LEU H 388 -40.12 6.10 15.17
CA LEU H 388 -40.68 4.77 15.29
C LEU H 388 -41.43 4.56 16.60
N PHE H 389 -41.03 5.28 17.66
CA PHE H 389 -41.78 5.19 18.90
C PHE H 389 -43.07 5.99 18.83
N ALA H 390 -43.12 7.01 17.96
CA ALA H 390 -44.33 7.80 17.82
C ALA H 390 -45.33 7.19 16.86
N LEU H 391 -44.93 6.18 16.08
CA LEU H 391 -45.83 5.49 15.19
C LEU H 391 -46.32 4.16 15.76
N PHE H 392 -45.44 3.41 16.41
CA PHE H 392 -45.84 2.14 16.98
C PHE H 392 -46.65 2.33 18.25
N PHE H 393 -46.31 3.31 19.07
CA PHE H 393 -46.96 3.52 20.37
C PHE H 393 -47.30 4.99 20.53
N PRO H 394 -48.29 5.49 19.79
CA PRO H 394 -48.58 6.93 19.85
C PRO H 394 -49.29 7.35 21.12
N THR H 395 -49.90 6.41 21.85
CA THR H 395 -50.50 6.77 23.12
C THR H 395 -49.43 7.05 24.16
N GLU H 396 -48.48 6.13 24.31
CA GLU H 396 -47.42 6.36 25.27
C GLU H 396 -46.32 7.28 24.73
N PHE H 397 -46.40 7.67 23.46
CA PHE H 397 -45.59 8.79 23.01
C PHE H 397 -46.09 10.09 23.59
N ASN H 398 -47.41 10.19 23.79
CA ASN H 398 -47.99 11.42 24.34
C ASN H 398 -47.60 11.63 25.78
N ARG H 399 -47.51 10.55 26.55
CA ARG H 399 -47.28 10.68 27.98
C ARG H 399 -45.84 10.99 28.30
N ILE H 400 -44.92 10.81 27.35
CA ILE H 400 -43.53 11.22 27.50
C ILE H 400 -43.09 12.19 26.41
N LYS H 401 -44.04 12.91 25.80
CA LYS H 401 -43.67 13.83 24.72
C LYS H 401 -42.92 15.05 25.23
N GLY H 402 -42.90 15.28 26.53
CA GLY H 402 -42.14 16.36 27.08
C GLY H 402 -40.68 16.01 27.35
N ASP H 403 -40.41 14.77 27.77
CA ASP H 403 -39.02 14.37 27.95
C ASP H 403 -38.31 14.23 26.62
N ILE H 404 -39.05 13.91 25.56
CA ILE H 404 -38.48 13.89 24.22
C ILE H 404 -38.19 15.30 23.74
N GLN H 405 -38.86 16.31 24.28
CA GLN H 405 -38.48 17.69 23.98
C GLN H 405 -37.11 18.02 24.58
N ASN H 406 -36.81 17.50 25.78
CA ASN H 406 -35.51 17.77 26.40
C ASN H 406 -34.37 17.13 25.63
N VAL H 407 -34.65 16.07 24.88
CA VAL H 407 -33.63 15.50 24.01
C VAL H 407 -33.58 16.22 22.67
N LEU H 408 -34.75 16.52 22.09
CA LEU H 408 -34.79 17.15 20.78
C LEU H 408 -34.41 18.61 20.78
N LEU H 409 -34.47 19.30 21.92
CA LEU H 409 -33.93 20.65 21.94
C LEU H 409 -32.41 20.67 21.98
N LEU H 410 -31.77 19.56 22.34
CA LEU H 410 -30.34 19.43 22.07
C LEU H 410 -30.07 19.14 20.61
N PHE H 411 -31.04 18.58 19.90
CA PHE H 411 -30.87 18.28 18.48
C PHE H 411 -30.91 19.56 17.65
N PHE H 412 -31.97 20.37 17.82
CA PHE H 412 -32.15 21.53 16.96
C PHE H 412 -31.25 22.70 17.35
N SER H 413 -30.84 22.80 18.61
CA SER H 413 -29.93 23.89 18.99
C SER H 413 -28.49 23.64 18.59
N ARG H 414 -28.18 22.47 18.04
CA ARG H 414 -26.86 22.21 17.48
C ARG H 414 -26.83 22.05 15.98
N TRP H 415 -27.91 21.56 15.36
CA TRP H 415 -27.93 21.44 13.91
C TRP H 415 -28.57 22.62 13.21
N TYR H 416 -29.41 23.39 13.90
CA TYR H 416 -30.03 24.58 13.32
C TYR H 416 -29.93 25.73 14.33
N PRO H 417 -28.76 26.34 14.46
CA PRO H 417 -28.61 27.42 15.45
C PRO H 417 -29.27 28.71 15.03
N VAL H 418 -29.50 28.91 13.72
CA VAL H 418 -30.16 30.13 13.26
C VAL H 418 -31.64 30.09 13.62
N GLU H 419 -32.27 28.93 13.43
CA GLU H 419 -33.71 28.81 13.63
C GLU H 419 -34.08 28.25 14.98
N TYR H 420 -33.11 27.93 15.83
CA TYR H 420 -33.44 27.55 17.20
C TYR H 420 -33.91 28.76 17.99
N GLY H 421 -33.19 29.88 17.90
CA GLY H 421 -33.55 31.07 18.66
C GLY H 421 -34.83 31.70 18.20
N ILE H 422 -35.22 31.47 16.95
CA ILE H 422 -36.54 31.89 16.49
C ILE H 422 -37.60 31.04 17.16
N PHE H 423 -37.27 29.77 17.46
CA PHE H 423 -38.26 28.87 18.05
C PHE H 423 -38.41 29.12 19.55
N ILE H 424 -37.32 29.44 20.25
CA ILE H 424 -37.39 29.55 21.71
C ILE H 424 -37.58 30.99 22.15
N GLN H 425 -37.93 31.89 21.23
CA GLN H 425 -38.46 33.17 21.68
C GLN H 425 -39.93 33.03 22.01
N ARG H 426 -40.60 32.05 21.38
CA ARG H 426 -41.95 31.69 21.77
C ARG H 426 -41.97 31.08 23.17
N GLY H 427 -41.06 30.17 23.43
CA GLY H 427 -41.00 29.48 24.71
C GLY H 427 -40.99 27.99 24.49
N ALA H 428 -40.51 27.27 25.50
CA ALA H 428 -40.55 25.81 25.46
C ALA H 428 -41.86 25.26 26.00
N THR H 429 -42.69 26.08 26.63
CA THR H 429 -43.99 25.68 27.11
C THR H 429 -45.04 26.64 26.59
N TYR H 430 -46.29 26.19 26.60
CA TYR H 430 -47.42 27.05 26.28
C TYR H 430 -48.65 26.51 26.97
N THR H 431 -49.55 27.42 27.35
CA THR H 431 -50.80 27.05 27.99
C THR H 431 -51.94 27.20 27.00
N ILE H 432 -53.13 26.82 27.44
CA ILE H 432 -54.34 26.98 26.66
C ILE H 432 -55.16 28.09 27.28
N ASN H 433 -55.43 29.13 26.49
CA ASN H 433 -56.31 30.19 26.95
C ASN H 433 -57.74 29.68 27.01
N ALA H 434 -58.58 30.37 27.79
CA ALA H 434 -59.99 30.02 27.86
C ALA H 434 -60.71 30.26 26.54
N ALA H 435 -60.21 31.16 25.70
CA ALA H 435 -60.77 31.38 24.38
C ALA H 435 -60.27 30.36 23.36
N GLY H 436 -59.09 29.78 23.57
CA GLY H 436 -58.58 28.76 22.68
C GLY H 436 -57.27 29.07 22.00
N GLU H 437 -56.71 30.26 22.19
CA GLU H 437 -55.43 30.56 21.58
C GLU H 437 -54.28 30.00 22.42
N PHE H 438 -53.13 29.87 21.79
CA PHE H 438 -51.95 29.32 22.43
C PHE H 438 -51.12 30.47 23.01
N GLU H 439 -51.24 30.70 24.31
CA GLU H 439 -50.43 31.71 24.98
C GLU H 439 -49.07 31.09 25.29
N PHE H 440 -48.10 31.32 24.42
CA PHE H 440 -46.75 30.80 24.62
C PHE H 440 -46.07 31.54 25.77
N SER H 441 -45.11 30.86 26.40
CA SER H 441 -44.51 31.40 27.62
C SER H 441 -43.51 32.50 27.31
N GLY H 442 -42.43 32.17 26.62
CA GLY H 442 -41.35 33.11 26.39
C GLY H 442 -40.08 32.84 27.14
N ARG H 443 -39.96 31.68 27.79
CA ARG H 443 -38.78 31.30 28.54
C ARG H 443 -38.19 30.03 27.94
N ASN H 444 -37.04 29.62 28.47
CA ASN H 444 -36.36 28.42 27.99
C ASN H 444 -36.25 27.48 29.18
N GLU H 445 -37.25 26.63 29.36
CA GLU H 445 -37.31 25.70 30.48
C GLU H 445 -37.03 24.28 30.01
N LYS H 446 -36.30 23.53 30.84
CA LYS H 446 -36.24 22.09 30.67
C LYS H 446 -37.52 21.46 31.19
N TRP H 447 -38.08 20.57 30.40
CA TRP H 447 -39.32 19.90 30.79
C TRP H 447 -39.04 18.86 31.86
N ASP H 448 -40.00 18.69 32.77
CA ASP H 448 -40.03 17.55 33.66
C ASP H 448 -41.45 17.00 33.68
N GLN H 449 -41.59 15.75 34.11
CA GLN H 449 -42.90 15.10 34.08
C GLN H 449 -43.82 15.61 35.17
N SER H 450 -43.34 16.45 36.08
CA SER H 450 -44.23 17.13 37.00
C SER H 450 -45.05 18.21 36.31
N LEU H 451 -44.63 18.65 35.12
CA LEU H 451 -45.43 19.61 34.37
C LEU H 451 -46.47 18.93 33.50
N TYR H 452 -46.45 17.60 33.45
CA TYR H 452 -47.41 16.85 32.63
C TYR H 452 -48.82 17.02 33.17
N LEU H 453 -48.95 17.06 34.48
CA LEU H 453 -50.24 17.28 35.09
C LEU H 453 -50.69 18.73 35.04
N SER H 454 -49.79 19.66 34.80
CA SER H 454 -50.13 21.07 34.81
C SER H 454 -50.63 21.48 33.42
N GLU H 455 -50.86 22.78 33.25
CA GLU H 455 -51.42 23.32 32.03
C GLU H 455 -50.36 23.72 31.02
N HIS H 456 -49.11 23.32 31.22
CA HIS H 456 -48.05 23.59 30.26
C HIS H 456 -47.97 22.44 29.28
N PHE H 457 -47.75 22.76 28.02
CA PHE H 457 -47.58 21.74 26.99
C PHE H 457 -46.15 21.78 26.47
N PRO H 458 -45.67 20.70 25.85
CA PRO H 458 -44.41 20.80 25.10
C PRO H 458 -44.61 21.59 23.82
N ALA H 459 -43.73 22.56 23.58
CA ALA H 459 -43.94 23.51 22.51
C ALA H 459 -43.51 23.00 21.14
N LEU H 460 -42.82 21.87 21.07
CA LEU H 460 -42.50 21.30 19.77
C LEU H 460 -43.73 20.78 19.06
N PHE H 461 -44.75 20.36 19.81
CA PHE H 461 -45.91 19.69 19.24
C PHE H 461 -47.08 20.64 19.08
N SER H 462 -46.83 21.92 18.86
CA SER H 462 -47.91 22.88 18.75
C SER H 462 -48.67 22.78 17.44
N ASP H 463 -48.01 22.29 16.38
CA ASP H 463 -48.50 22.29 15.00
C ASP H 463 -48.92 23.70 14.55
N VAL H 464 -48.15 24.68 14.98
CA VAL H 464 -48.40 26.09 14.65
C VAL H 464 -47.25 26.57 13.77
N PRO H 465 -47.53 27.11 12.59
CA PRO H 465 -46.45 27.61 11.74
C PRO H 465 -45.81 28.85 12.32
N LEU H 466 -44.49 28.92 12.24
CA LEU H 466 -43.73 30.05 12.72
C LEU H 466 -43.02 30.72 11.56
N ALA H 467 -43.10 32.05 11.51
CA ALA H 467 -42.38 32.80 10.49
C ALA H 467 -40.90 32.81 10.82
N GLY H 468 -40.16 31.87 10.24
CA GLY H 468 -38.71 31.82 10.39
C GLY H 468 -38.14 30.49 10.81
N ALA H 469 -38.97 29.52 11.18
CA ALA H 469 -38.51 28.21 11.63
C ALA H 469 -39.30 27.10 10.95
N ASN H 470 -39.39 27.18 9.63
CA ASN H 470 -40.18 26.18 8.90
C ASN H 470 -39.46 24.84 8.82
N THR H 471 -38.17 24.79 9.11
CA THR H 471 -37.48 23.51 9.12
C THR H 471 -37.86 22.68 10.33
N ILE H 472 -37.98 23.32 11.51
CA ILE H 472 -38.30 22.60 12.73
C ILE H 472 -39.74 22.12 12.71
N ILE H 473 -40.66 22.93 12.18
CA ILE H 473 -42.07 22.56 12.16
C ILE H 473 -42.33 21.46 11.14
N ALA H 474 -41.60 21.48 10.02
CA ALA H 474 -41.75 20.40 9.05
C ALA H 474 -41.12 19.10 9.50
N ILE H 475 -40.28 19.13 10.53
CA ILE H 475 -39.79 17.90 11.16
C ILE H 475 -40.76 17.44 12.23
N MET H 476 -41.43 18.37 12.92
CA MET H 476 -42.42 17.99 13.92
C MET H 476 -43.73 17.50 13.32
N ARG H 477 -43.90 17.54 12.01
CA ARG H 477 -45.04 16.87 11.38
C ARG H 477 -44.72 15.42 11.05
N LEU H 478 -43.56 14.91 11.44
CA LEU H 478 -43.21 13.52 11.25
C LEU H 478 -43.61 12.64 12.42
N PHE H 479 -44.01 13.24 13.53
CA PHE H 479 -44.38 12.50 14.73
C PHE H 479 -45.87 12.24 14.83
N THR H 480 -46.66 12.74 13.89
CA THR H 480 -48.10 12.63 13.99
C THR H 480 -48.53 11.18 13.77
N PRO H 481 -49.53 10.70 14.49
CA PRO H 481 -49.93 9.30 14.35
C PRO H 481 -50.63 9.01 13.04
N GLN H 482 -50.68 7.74 12.67
CA GLN H 482 -51.39 7.29 11.48
C GLN H 482 -52.58 6.41 11.86
N GLY H 483 -53.29 6.81 12.90
CA GLY H 483 -54.37 6.00 13.42
C GLY H 483 -55.74 6.64 13.33
N PHE H 484 -56.69 6.04 14.05
CA PHE H 484 -58.08 6.47 14.03
C PHE H 484 -58.63 6.42 15.44
N LEU H 485 -59.75 7.09 15.63
CA LEU H 485 -60.35 7.26 16.95
C LEU H 485 -61.61 6.41 17.00
N ARG H 486 -61.50 5.21 17.57
CA ARG H 486 -62.57 4.24 17.53
C ARG H 486 -63.39 4.27 18.82
N THR H 487 -64.71 4.29 18.66
CA THR H 487 -65.61 4.14 19.80
C THR H 487 -65.61 2.70 20.28
N ASP H 488 -66.03 2.50 21.53
CA ASP H 488 -66.10 1.18 22.13
C ASP H 488 -67.52 0.65 21.95
N ASP H 489 -67.76 -0.02 20.83
CA ASP H 489 -69.09 -0.53 20.54
C ASP H 489 -69.43 -1.75 21.40
N LEU H 490 -68.45 -2.60 21.66
CA LEU H 490 -68.71 -3.83 22.41
C LEU H 490 -68.60 -3.63 23.91
N ALA H 491 -68.19 -2.45 24.38
CA ALA H 491 -68.11 -2.23 25.81
C ALA H 491 -69.37 -1.56 26.34
N ILE H 492 -69.97 -0.66 25.55
CA ILE H 492 -71.20 0.00 25.98
C ILE H 492 -72.36 -0.98 25.98
N ALA H 493 -72.40 -1.88 24.99
CA ALA H 493 -73.42 -2.91 24.98
C ALA H 493 -73.23 -3.91 26.11
N ALA H 494 -71.99 -4.11 26.55
CA ALA H 494 -71.71 -4.91 27.72
C ALA H 494 -71.90 -4.15 29.01
N ASN H 495 -72.07 -2.82 28.91
CA ASN H 495 -72.31 -1.91 30.03
C ASN H 495 -71.16 -1.94 31.03
N PHE H 496 -69.94 -1.99 30.52
CA PHE H 496 -68.72 -2.01 31.30
C PHE H 496 -68.42 -0.62 31.88
N PRO H 497 -67.66 -0.54 32.97
CA PRO H 497 -67.33 0.79 33.53
C PRO H 497 -66.39 1.56 32.62
N ARG H 498 -66.78 2.80 32.32
CA ARG H 498 -65.96 3.70 31.51
C ARG H 498 -65.94 5.07 32.18
N ALA H 499 -64.80 5.75 32.12
CA ALA H 499 -64.56 6.94 32.90
C ALA H 499 -64.83 8.23 32.14
N SER H 500 -65.63 8.16 31.08
CA SER H 500 -66.00 9.38 30.35
C SER H 500 -67.35 9.15 29.68
N ARG H 501 -67.84 10.18 29.00
CA ARG H 501 -69.12 10.10 28.30
C ARG H 501 -69.03 9.22 27.07
N ASN H 502 -68.21 9.56 26.08
CA ASN H 502 -67.99 8.69 24.94
C ASN H 502 -66.64 7.99 25.06
N PRO H 503 -66.61 6.69 25.27
CA PRO H 503 -65.33 5.99 25.36
C PRO H 503 -64.66 5.85 24.01
N GLN H 504 -63.56 6.57 23.80
CA GLN H 504 -62.89 6.61 22.51
C GLN H 504 -61.41 6.31 22.73
N THR H 505 -61.05 5.04 22.57
CA THR H 505 -59.65 4.64 22.61
C THR H 505 -59.02 4.96 21.26
N TYR H 506 -57.69 4.91 21.22
CA TYR H 506 -56.96 5.27 20.01
C TYR H 506 -56.16 4.07 19.53
N ILE H 507 -56.60 3.48 18.41
CA ILE H 507 -55.91 2.39 17.77
C ILE H 507 -54.83 2.98 16.88
N PRO H 508 -53.58 2.51 16.95
CA PRO H 508 -52.48 3.24 16.30
C PRO H 508 -52.48 3.23 14.78
N TYR H 509 -53.11 2.23 14.14
CA TYR H 509 -53.11 2.13 12.69
C TYR H 509 -54.26 1.27 12.17
N THR H 510 -54.77 1.67 11.01
CA THR H 510 -55.94 1.09 10.37
C THR H 510 -55.60 -0.27 9.80
N ASN H 511 -56.59 -1.17 9.78
CA ASN H 511 -56.49 -2.39 9.01
C ASN H 511 -56.33 -2.06 7.53
N GLN H 512 -55.42 -2.79 6.88
CA GLN H 512 -54.94 -2.45 5.54
C GLN H 512 -55.06 -3.63 4.60
N ARG H 513 -56.24 -4.24 4.55
CA ARG H 513 -56.45 -5.40 3.69
C ARG H 513 -56.48 -4.99 2.22
N GLY H 514 -56.24 -5.96 1.35
CA GLY H 514 -56.60 -5.87 -0.05
C GLY H 514 -55.88 -4.84 -0.88
N THR H 515 -54.69 -4.41 -0.48
CA THR H 515 -53.95 -3.41 -1.23
C THR H 515 -52.60 -3.96 -1.66
N VAL H 516 -52.06 -3.35 -2.72
CA VAL H 516 -50.72 -3.71 -3.18
C VAL H 516 -49.67 -3.10 -2.27
N THR H 517 -49.65 -1.77 -2.19
CA THR H 517 -48.73 -1.07 -1.30
C THR H 517 -49.48 -0.72 -0.01
N ASN H 518 -48.77 -0.82 1.10
CA ASN H 518 -49.38 -0.53 2.39
C ASN H 518 -49.37 0.97 2.64
N GLU H 519 -50.55 1.52 2.97
CA GLU H 519 -50.66 2.94 3.29
C GLU H 519 -50.05 3.31 4.64
N PHE H 520 -49.70 2.34 5.47
CA PHE H 520 -48.93 2.63 6.67
C PHE H 520 -47.45 2.51 6.43
N ALA H 521 -47.03 1.67 5.49
CA ALA H 521 -45.61 1.57 5.15
C ALA H 521 -45.14 2.71 4.28
N SER H 522 -46.02 3.27 3.45
CA SER H 522 -45.65 4.41 2.63
C SER H 522 -45.53 5.70 3.43
N ARG H 523 -46.11 5.75 4.63
CA ARG H 523 -45.86 6.88 5.51
C ARG H 523 -44.41 6.89 5.97
N PHE H 524 -43.85 5.72 6.27
CA PHE H 524 -42.45 5.64 6.66
C PHE H 524 -41.53 5.98 5.51
N ARG H 525 -41.99 5.80 4.27
CA ARG H 525 -41.24 6.26 3.10
C ARG H 525 -41.10 7.78 3.10
N THR H 526 -42.20 8.49 3.32
CA THR H 526 -42.16 9.94 3.31
C THR H 526 -41.56 10.53 4.59
N ILE H 527 -41.18 9.70 5.56
CA ILE H 527 -40.46 10.20 6.73
C ILE H 527 -38.96 10.08 6.52
N VAL H 528 -38.52 8.94 5.99
CA VAL H 528 -37.11 8.77 5.65
C VAL H 528 -36.70 9.71 4.53
N ALA H 529 -37.61 9.97 3.59
CA ALA H 529 -37.33 10.93 2.53
C ALA H 529 -37.21 12.35 3.07
N THR H 530 -37.85 12.65 4.20
CA THR H 530 -37.58 13.90 4.89
C THR H 530 -36.30 13.79 5.73
N LEU H 531 -36.09 12.64 6.37
CA LEU H 531 -34.88 12.43 7.15
C LEU H 531 -33.65 12.22 6.28
N ALA H 532 -33.82 11.90 5.00
CA ALA H 532 -32.67 11.89 4.12
C ALA H 532 -32.13 13.30 3.90
N ASN H 533 -33.01 14.25 3.60
CA ASN H 533 -32.58 15.61 3.29
C ASN H 533 -32.07 16.37 4.51
N VAL H 534 -32.36 15.91 5.73
CA VAL H 534 -31.78 16.55 6.89
C VAL H 534 -30.34 16.09 7.11
N VAL H 535 -30.11 14.77 7.04
CA VAL H 535 -28.78 14.24 7.28
C VAL H 535 -27.87 14.47 6.08
N ASN H 536 -28.44 14.70 4.89
CA ASN H 536 -27.62 15.02 3.73
C ASN H 536 -27.09 16.44 3.82
N GLU H 537 -27.92 17.38 4.26
CA GLU H 537 -27.49 18.75 4.43
C GLU H 537 -26.59 18.92 5.64
N ARG H 538 -26.68 18.02 6.63
CA ARG H 538 -25.83 18.14 7.81
C ARG H 538 -24.43 17.63 7.52
N ALA H 539 -24.31 16.59 6.70
CA ALA H 539 -23.00 16.02 6.41
C ALA H 539 -22.20 16.93 5.49
N VAL H 540 -22.87 17.62 4.55
CA VAL H 540 -22.16 18.52 3.67
C VAL H 540 -21.80 19.83 4.35
N GLN H 541 -22.40 20.12 5.51
CA GLN H 541 -21.98 21.28 6.29
C GLN H 541 -20.61 21.03 6.92
N ASP H 542 -20.28 19.78 7.19
CA ASP H 542 -19.00 19.39 7.76
C ASP H 542 -18.11 18.69 6.74
N ASP H 543 -18.49 18.78 5.45
CA ASP H 543 -17.89 18.23 4.22
C ASP H 543 -17.21 16.88 4.41
N MET H 544 -17.89 15.96 5.07
CA MET H 544 -17.37 14.63 5.34
C MET H 544 -17.47 13.78 4.08
N GLN H 545 -16.96 12.55 4.16
CA GLN H 545 -16.72 11.66 3.02
C GLN H 545 -18.00 11.32 2.28
N LYS H 546 -17.83 11.01 0.99
CA LYS H 546 -18.94 10.52 0.18
C LYS H 546 -19.39 9.14 0.66
N ALA H 547 -18.44 8.31 1.09
CA ALA H 547 -18.78 6.97 1.54
C ALA H 547 -19.43 6.99 2.91
N THR H 548 -18.99 7.88 3.80
CA THR H 548 -19.60 8.01 5.12
C THR H 548 -20.98 8.63 5.07
N ARG H 549 -21.36 9.25 3.96
CA ARG H 549 -22.70 9.79 3.78
C ARG H 549 -23.61 8.83 3.04
N SER H 550 -23.09 8.08 2.07
CA SER H 550 -23.91 7.12 1.36
C SER H 550 -24.22 5.89 2.21
N CYS H 551 -23.28 5.48 3.07
CA CYS H 551 -23.54 4.37 3.98
C CYS H 551 -24.54 4.74 5.07
N THR H 552 -24.72 6.03 5.36
CA THR H 552 -25.87 6.44 6.15
C THR H 552 -27.15 6.24 5.36
N LYS H 553 -27.16 6.68 4.10
CA LYS H 553 -28.38 6.67 3.32
C LYS H 553 -28.71 5.28 2.80
N GLN H 554 -27.73 4.38 2.71
CA GLN H 554 -28.05 2.98 2.46
C GLN H 554 -28.67 2.32 3.68
N TRP H 555 -28.34 2.82 4.88
CA TRP H 555 -28.97 2.29 6.08
C TRP H 555 -30.38 2.82 6.27
N LEU H 556 -30.64 4.06 5.86
CA LEU H 556 -31.98 4.64 6.00
C LEU H 556 -33.01 3.91 5.16
N ARG H 557 -32.66 3.51 3.94
CA ARG H 557 -33.61 2.74 3.16
C ARG H 557 -33.43 1.24 3.30
N HIS H 558 -32.46 0.79 4.09
CA HIS H 558 -32.56 -0.58 4.59
C HIS H 558 -33.62 -0.69 5.66
N LEU H 559 -33.84 0.39 6.42
CA LEU H 559 -34.97 0.42 7.34
C LEU H 559 -36.30 0.50 6.61
N GLU H 560 -36.30 0.92 5.34
CA GLU H 560 -37.51 0.81 4.53
C GLU H 560 -37.88 -0.63 4.26
N THR H 561 -36.88 -1.42 3.86
CA THR H 561 -37.13 -2.82 3.50
C THR H 561 -37.54 -3.63 4.71
N GLN H 562 -36.95 -3.37 5.87
CA GLN H 562 -37.34 -4.09 7.08
C GLN H 562 -38.68 -3.59 7.60
N PHE H 563 -39.05 -2.35 7.30
CA PHE H 563 -40.36 -1.88 7.74
C PHE H 563 -41.47 -2.48 6.88
N ASP H 564 -41.23 -2.61 5.58
CA ASP H 564 -42.25 -3.12 4.66
C ASP H 564 -42.58 -4.58 4.92
N ASN H 565 -41.65 -5.36 5.45
CA ASN H 565 -41.93 -6.76 5.73
C ASN H 565 -42.78 -6.91 6.97
N ILE H 566 -42.59 -6.03 7.96
CA ILE H 566 -43.37 -6.14 9.19
C ILE H 566 -44.61 -5.28 9.19
N ALA H 567 -44.79 -4.41 8.20
CA ALA H 567 -45.94 -3.51 8.22
C ALA H 567 -47.23 -4.24 7.84
N VAL H 568 -47.13 -5.38 7.18
CA VAL H 568 -48.32 -6.17 6.90
C VAL H 568 -48.85 -6.79 8.19
N ALA H 569 -47.95 -7.25 9.05
CA ALA H 569 -48.38 -7.97 10.24
C ALA H 569 -48.77 -7.06 11.39
N HIS H 570 -48.28 -5.83 11.43
CA HIS H 570 -48.80 -4.89 12.43
C HIS H 570 -50.22 -4.46 12.08
N THR H 571 -50.46 -4.04 10.84
CA THR H 571 -51.76 -3.49 10.52
C THR H 571 -52.85 -4.54 10.37
N ASP H 572 -52.49 -5.80 10.13
CA ASP H 572 -53.48 -6.87 10.06
C ASP H 572 -53.69 -7.59 11.37
N HIS H 573 -52.65 -7.79 12.19
CA HIS H 573 -52.79 -8.66 13.34
C HIS H 573 -52.55 -7.94 14.66
N LEU H 574 -51.70 -6.92 14.69
CA LEU H 574 -51.62 -6.11 15.91
C LEU H 574 -52.81 -5.17 16.03
N SER H 575 -53.42 -4.78 14.91
CA SER H 575 -54.48 -3.77 14.96
C SER H 575 -55.78 -4.35 15.53
N VAL H 576 -56.00 -5.66 15.37
CA VAL H 576 -57.19 -6.25 15.95
C VAL H 576 -56.97 -6.55 17.42
N VAL H 577 -55.72 -6.61 17.88
CA VAL H 577 -55.45 -6.85 19.30
C VAL H 577 -55.71 -5.58 20.10
N TYR H 578 -55.31 -4.42 19.57
CA TYR H 578 -55.66 -3.16 20.24
C TYR H 578 -57.15 -2.87 20.16
N ALA H 579 -57.84 -3.43 19.17
CA ALA H 579 -59.28 -3.24 19.08
C ALA H 579 -60.01 -4.04 20.15
N THR H 580 -59.58 -5.26 20.39
CA THR H 580 -60.25 -6.09 21.40
C THR H 580 -59.77 -5.82 22.82
N MET H 581 -58.59 -5.22 22.99
CA MET H 581 -58.17 -4.83 24.33
C MET H 581 -58.79 -3.52 24.75
N SER H 582 -59.30 -2.74 23.80
CA SER H 582 -60.01 -1.52 24.15
C SER H 582 -61.38 -1.79 24.75
N ASN H 583 -61.94 -2.97 24.53
CA ASN H 583 -63.26 -3.31 25.05
C ASN H 583 -63.20 -4.06 26.37
N PHE H 584 -62.03 -4.12 27.01
CA PHE H 584 -61.94 -4.83 28.28
C PHE H 584 -62.62 -4.03 29.40
N MET H 585 -62.72 -4.65 30.56
CA MET H 585 -63.44 -4.02 31.66
C MET H 585 -62.60 -2.95 32.35
N LEU H 586 -61.37 -3.28 32.73
CA LEU H 586 -60.60 -2.37 33.57
C LEU H 586 -59.77 -1.38 32.77
N ASN H 587 -59.89 -1.35 31.44
CA ASN H 587 -59.23 -0.33 30.63
C ASN H 587 -60.16 0.87 30.46
N PHE H 588 -60.53 1.47 31.59
CA PHE H 588 -61.72 2.30 31.66
C PHE H 588 -61.50 3.77 31.33
N THR H 589 -60.27 4.21 31.14
CA THR H 589 -60.02 5.61 30.80
C THR H 589 -59.77 5.77 29.31
N ASN H 590 -60.12 6.95 28.80
CA ASN H 590 -59.69 7.34 27.46
C ASN H 590 -58.19 7.58 27.46
N ASN H 591 -57.49 7.01 26.49
CA ASN H 591 -56.04 7.04 26.51
C ASN H 591 -55.47 8.17 25.66
N PHE H 592 -56.10 8.48 24.53
CA PHE H 592 -55.56 9.44 23.59
C PHE H 592 -56.69 9.98 22.75
N SER H 593 -56.53 11.17 22.22
CA SER H 593 -57.57 11.82 21.44
C SER H 593 -57.34 11.77 19.94
N GLY H 594 -56.14 12.13 19.49
CA GLY H 594 -55.88 12.22 18.07
C GLY H 594 -54.89 13.31 17.73
N ASN H 595 -54.62 14.18 18.69
CA ASN H 595 -53.66 15.26 18.50
C ASN H 595 -52.65 15.24 19.63
N HIS H 596 -51.40 15.55 19.32
CA HIS H 596 -50.43 15.80 20.36
C HIS H 596 -50.39 17.26 20.78
N ALA H 597 -51.29 18.09 20.25
CA ALA H 597 -51.24 19.51 20.52
C ALA H 597 -52.19 19.93 21.63
N THR H 598 -53.24 19.15 21.92
CA THR H 598 -54.29 19.60 22.82
C THR H 598 -54.67 18.63 23.93
N PHE H 599 -54.19 17.39 23.93
CA PHE H 599 -54.74 16.38 24.83
C PHE H 599 -54.02 16.39 26.17
N LYS H 600 -54.81 16.38 27.24
CA LYS H 600 -54.40 16.07 28.60
C LYS H 600 -55.48 15.15 29.18
N PRO H 601 -55.09 14.17 29.97
CA PRO H 601 -56.10 13.25 30.54
C PRO H 601 -56.92 13.94 31.60
N ASP H 602 -58.18 13.50 31.71
CA ASP H 602 -59.12 14.07 32.66
C ASP H 602 -58.70 13.69 34.07
N GLN H 603 -58.34 14.70 34.87
CA GLN H 603 -57.75 14.48 36.18
C GLN H 603 -58.86 14.49 37.22
N TYR H 604 -59.42 13.32 37.49
CA TYR H 604 -60.43 13.23 38.53
C TYR H 604 -59.76 13.13 39.89
N VAL H 605 -60.41 13.72 40.90
CA VAL H 605 -59.91 13.67 42.27
C VAL H 605 -61.02 13.15 43.17
N ILE H 606 -60.62 12.71 44.36
CA ILE H 606 -61.56 12.36 45.41
C ILE H 606 -61.56 13.56 46.35
N THR H 607 -62.42 14.53 46.06
CA THR H 607 -62.47 15.71 46.90
C THR H 607 -63.26 15.42 48.18
N SER H 608 -63.05 16.28 49.17
CA SER H 608 -63.68 16.13 50.46
C SER H 608 -63.64 17.48 51.15
N PRO H 609 -64.74 17.93 51.75
CA PRO H 609 -64.69 19.19 52.49
C PRO H 609 -63.87 19.10 53.77
N GLU H 610 -63.72 17.91 54.34
CA GLU H 610 -63.01 17.78 55.60
C GLU H 610 -61.71 17.01 55.38
N GLY H 611 -60.98 17.37 54.33
CA GLY H 611 -59.72 16.72 54.07
C GLY H 611 -59.14 17.21 52.76
N SER H 612 -57.85 16.95 52.60
CA SER H 612 -57.16 17.25 51.35
C SER H 612 -57.64 16.31 50.25
N TYR H 613 -57.60 16.79 49.01
CA TYR H 613 -58.06 15.99 47.88
C TYR H 613 -56.94 15.09 47.37
N LYS H 614 -57.29 13.84 47.07
CA LYS H 614 -56.33 12.88 46.56
C LYS H 614 -56.54 12.69 45.06
N PRO H 615 -55.61 13.13 44.22
CA PRO H 615 -55.77 12.92 42.78
C PRO H 615 -55.56 11.46 42.39
N ILE H 616 -56.02 11.13 41.19
CA ILE H 616 -55.83 9.79 40.66
C ILE H 616 -54.51 9.75 39.89
N ILE H 617 -54.42 10.52 38.82
CA ILE H 617 -53.21 10.57 38.00
C ILE H 617 -52.26 11.55 38.70
N GLU H 618 -51.30 11.02 39.45
CA GLU H 618 -50.41 11.87 40.23
C GLU H 618 -49.02 11.24 40.24
N ARG H 619 -48.03 12.00 39.79
CA ARG H 619 -46.65 11.52 39.76
C ARG H 619 -46.12 11.39 41.19
N GLN H 620 -46.04 10.17 41.68
CA GLN H 620 -45.38 9.88 42.94
C GLN H 620 -44.17 8.98 42.75
N GLY H 621 -43.91 8.54 41.53
CA GLY H 621 -42.74 7.73 41.24
C GLY H 621 -42.75 6.34 41.82
N GLU H 622 -43.92 5.84 42.25
CA GLU H 622 -44.00 4.49 42.82
C GLU H 622 -43.86 3.49 41.69
N THR H 623 -42.63 3.09 41.41
CA THR H 623 -42.37 2.12 40.36
C THR H 623 -42.79 0.73 40.80
N VAL H 624 -43.10 -0.12 39.82
CA VAL H 624 -43.57 -1.47 40.06
C VAL H 624 -42.41 -2.36 39.59
N ASP H 625 -41.19 -1.85 39.79
CA ASP H 625 -39.92 -2.44 39.34
C ASP H 625 -39.91 -2.61 37.82
N GLY H 626 -40.08 -1.48 37.14
CA GLY H 626 -39.97 -1.44 35.69
C GLY H 626 -41.27 -1.21 34.94
N LEU H 627 -42.26 -0.57 35.57
CA LEU H 627 -43.51 -0.33 34.87
C LEU H 627 -43.62 1.12 34.39
N THR H 628 -43.24 2.07 35.24
CA THR H 628 -43.40 3.48 34.90
C THR H 628 -42.23 4.04 34.11
N ILE H 629 -41.13 3.31 34.00
CA ILE H 629 -39.98 3.77 33.22
C ILE H 629 -40.14 3.31 31.79
N ILE H 630 -40.41 4.24 30.88
CA ILE H 630 -40.65 3.93 29.48
C ILE H 630 -39.31 3.84 28.78
N ASP H 631 -39.08 2.75 28.06
CA ASP H 631 -37.85 2.52 27.32
C ASP H 631 -38.14 2.64 25.83
N THR H 632 -37.61 3.67 25.21
CA THR H 632 -37.79 3.86 23.77
C THR H 632 -36.83 3.04 22.94
N SER H 633 -35.89 2.31 23.55
CA SER H 633 -35.00 1.45 22.80
C SER H 633 -35.65 0.12 22.44
N ILE H 634 -36.93 -0.07 22.77
CA ILE H 634 -37.63 -1.29 22.46
C ILE H 634 -38.20 -1.29 21.05
N VAL H 635 -38.13 -0.15 20.35
CA VAL H 635 -38.62 -0.12 18.97
C VAL H 635 -37.65 -0.74 17.98
N TRP H 636 -36.39 -0.95 18.37
CA TRP H 636 -35.45 -1.65 17.49
C TRP H 636 -35.62 -3.18 17.49
N PRO H 637 -35.90 -3.87 18.61
CA PRO H 637 -36.28 -5.29 18.45
C PRO H 637 -37.62 -5.50 17.78
N ILE H 638 -38.56 -4.56 17.91
CA ILE H 638 -39.84 -4.67 17.22
C ILE H 638 -39.64 -4.51 15.72
N LEU H 639 -38.77 -3.60 15.32
CA LEU H 639 -38.55 -3.36 13.91
C LEU H 639 -37.78 -4.49 13.24
N CYS H 640 -36.74 -5.01 13.90
CA CYS H 640 -35.82 -5.90 13.22
C CYS H 640 -35.89 -7.34 13.70
N GLN H 641 -35.59 -7.62 14.96
CA GLN H 641 -35.29 -9.01 15.35
C GLN H 641 -36.47 -9.71 16.01
N CYS H 642 -37.68 -9.49 15.50
CA CYS H 642 -38.83 -10.29 15.88
C CYS H 642 -39.56 -10.77 14.63
N THR H 643 -39.80 -12.07 14.56
CA THR H 643 -40.59 -12.65 13.49
C THR H 643 -42.05 -12.70 13.91
N TYR H 644 -42.93 -12.43 12.98
CA TYR H 644 -44.36 -12.29 13.24
C TYR H 644 -45.12 -13.45 12.62
N PRO H 645 -46.30 -13.79 13.14
CA PRO H 645 -47.03 -14.94 12.58
C PRO H 645 -47.74 -14.68 11.26
N LEU H 646 -47.57 -13.52 10.63
CA LEU H 646 -48.08 -13.32 9.28
C LEU H 646 -47.02 -13.02 8.25
N VAL H 647 -45.80 -12.66 8.66
CA VAL H 647 -44.75 -12.34 7.71
C VAL H 647 -44.29 -13.59 6.98
N ARG H 648 -44.38 -14.75 7.62
CA ARG H 648 -44.00 -16.03 7.02
C ARG H 648 -45.10 -16.63 6.16
N GLN H 649 -46.08 -15.84 5.72
CA GLN H 649 -47.27 -16.27 4.96
C GLN H 649 -48.06 -17.37 5.67
N SER H 658 -43.79 -21.35 2.53
CA SER H 658 -44.83 -20.46 3.03
C SER H 658 -45.77 -21.20 3.97
N ILE H 659 -45.20 -21.72 5.06
CA ILE H 659 -45.99 -22.47 6.04
C ILE H 659 -46.90 -21.53 6.81
N MET H 660 -48.06 -22.06 7.21
CA MET H 660 -49.09 -21.28 7.87
C MET H 660 -48.93 -21.33 9.39
N GLU H 661 -49.66 -20.45 10.06
CA GLU H 661 -49.64 -20.37 11.52
C GLU H 661 -50.94 -20.83 12.17
N GLU H 662 -52.08 -20.55 11.52
CA GLU H 662 -53.43 -20.76 12.07
C GLU H 662 -53.53 -19.97 13.37
N ILE H 663 -53.58 -18.64 13.22
CA ILE H 663 -53.52 -17.60 14.25
C ILE H 663 -54.31 -17.92 15.50
N VAL H 664 -53.66 -17.87 16.66
CA VAL H 664 -54.26 -18.33 17.90
C VAL H 664 -55.18 -17.24 18.43
N TYR H 665 -56.48 -17.54 18.48
CA TYR H 665 -57.46 -16.65 19.06
C TYR H 665 -57.67 -17.06 20.50
N PRO H 666 -57.27 -16.24 21.47
CA PRO H 666 -57.34 -16.66 22.86
C PRO H 666 -58.76 -16.68 23.38
N ASP H 667 -58.97 -17.51 24.38
CA ASP H 667 -60.27 -17.67 25.01
C ASP H 667 -60.64 -16.45 25.84
N PRO H 668 -61.92 -16.08 25.85
CA PRO H 668 -62.34 -14.92 26.64
C PRO H 668 -62.30 -15.19 28.14
N SER H 669 -62.52 -16.43 28.55
CA SER H 669 -62.77 -16.77 29.95
C SER H 669 -61.54 -16.64 30.83
N THR H 670 -60.34 -16.39 30.30
CA THR H 670 -59.19 -16.18 31.15
C THR H 670 -59.01 -14.70 31.49
N THR H 671 -59.29 -13.81 30.55
CA THR H 671 -59.23 -12.39 30.84
C THR H 671 -60.59 -11.83 31.28
N LEU H 672 -61.67 -12.58 31.10
CA LEU H 672 -62.92 -12.20 31.72
C LEU H 672 -62.91 -12.52 33.20
N SER H 673 -62.35 -13.67 33.57
CA SER H 673 -62.36 -14.07 34.97
C SER H 673 -61.37 -13.27 35.80
N GLN H 674 -60.28 -12.81 35.19
CA GLN H 674 -59.35 -11.97 35.96
C GLN H 674 -59.89 -10.56 36.14
N SER H 675 -60.71 -10.06 35.22
CA SER H 675 -61.30 -8.75 35.42
C SER H 675 -62.43 -8.78 36.43
N LEU H 676 -63.23 -9.84 36.43
CA LEU H 676 -64.28 -9.99 37.44
C LEU H 676 -63.68 -10.21 38.82
N SER H 677 -62.55 -10.90 38.90
CA SER H 677 -61.90 -11.12 40.19
C SER H 677 -61.24 -9.87 40.74
N VAL H 678 -61.19 -8.78 39.98
CA VAL H 678 -60.77 -7.50 40.50
C VAL H 678 -61.97 -6.58 40.75
N ALA H 679 -62.95 -6.61 39.85
CA ALA H 679 -64.16 -5.80 40.04
C ALA H 679 -65.11 -6.37 41.08
N GLN H 680 -64.78 -7.49 41.72
CA GLN H 680 -65.55 -7.99 42.84
C GLN H 680 -64.84 -7.77 44.17
N VAL H 681 -63.51 -7.74 44.16
CA VAL H 681 -62.75 -7.53 45.39
C VAL H 681 -62.84 -6.09 45.85
N LEU H 682 -62.45 -5.14 44.99
CA LEU H 682 -62.44 -3.75 45.40
C LEU H 682 -63.83 -3.13 45.38
N SER H 683 -64.82 -3.81 44.81
CA SER H 683 -66.19 -3.32 44.89
C SER H 683 -66.73 -3.41 46.32
N LYS H 684 -66.27 -4.39 47.09
CA LYS H 684 -66.69 -4.55 48.48
C LYS H 684 -65.52 -4.35 49.44
N LEU H 685 -64.44 -3.74 48.99
CA LEU H 685 -63.32 -3.45 49.88
C LEU H 685 -63.52 -2.12 50.60
N THR H 686 -64.27 -1.20 50.00
CA THR H 686 -64.63 0.05 50.65
C THR H 686 -65.97 -0.03 51.36
N LEU H 687 -66.47 -1.24 51.61
CA LEU H 687 -67.79 -1.37 52.20
C LEU H 687 -67.82 -0.99 53.68
N PRO H 688 -66.86 -1.41 54.55
CA PRO H 688 -66.82 -0.77 55.87
C PRO H 688 -66.20 0.60 55.85
N ASP H 689 -65.48 0.96 54.78
CA ASP H 689 -64.87 2.28 54.67
C ASP H 689 -65.91 3.38 54.52
N ALA H 690 -67.10 3.05 54.04
CA ALA H 690 -68.08 4.05 53.69
C ALA H 690 -69.44 3.84 54.34
N PHE H 691 -69.61 2.82 55.17
CA PHE H 691 -70.85 2.68 55.92
C PHE H 691 -70.89 3.59 57.13
N ILE H 692 -69.76 3.73 57.83
CA ILE H 692 -69.70 4.63 58.98
C ILE H 692 -69.80 6.08 58.53
N ASN H 693 -69.19 6.40 57.39
CA ASN H 693 -69.28 7.75 56.86
C ASN H 693 -70.66 8.07 56.30
N MET H 694 -71.44 7.07 55.93
CA MET H 694 -72.83 7.31 55.55
C MET H 694 -73.66 7.70 56.77
N ILE H 695 -73.35 7.12 57.92
CA ILE H 695 -74.02 7.52 59.16
C ILE H 695 -73.52 8.88 59.62
N LEU H 696 -72.22 9.12 59.48
CA LEU H 696 -71.59 10.34 59.94
C LEU H 696 -71.44 11.37 58.83
N SER H 697 -72.36 11.39 57.86
CA SER H 697 -72.25 12.31 56.75
C SER H 697 -72.46 13.75 57.20
N GLY H 698 -73.61 14.04 57.78
CA GLY H 698 -73.88 15.38 58.26
C GLY H 698 -73.47 15.59 59.70
N GLY H 699 -72.48 14.83 60.17
CA GLY H 699 -72.04 14.98 61.54
C GLY H 699 -71.17 16.19 61.78
N ASP H 700 -70.69 16.83 60.72
CA ASP H 700 -69.85 18.02 60.84
C ASP H 700 -70.67 19.19 61.38
N SER H 701 -69.97 20.19 61.91
CA SER H 701 -70.66 21.25 62.62
C SER H 701 -69.95 22.59 62.43
N VAL H 702 -70.73 23.60 62.09
CA VAL H 702 -70.26 24.97 62.14
C VAL H 702 -70.59 25.55 63.51
N VAL H 703 -69.97 26.66 63.85
CA VAL H 703 -70.20 27.35 65.11
C VAL H 703 -70.97 28.63 64.81
N MET H 704 -72.19 28.73 65.30
CA MET H 704 -73.02 29.88 65.04
C MET H 704 -73.34 30.62 66.34
N ARG H 705 -73.67 31.90 66.19
CA ARG H 705 -74.24 32.69 67.27
C ARG H 705 -75.64 33.13 66.87
N THR H 706 -76.50 33.32 67.86
CA THR H 706 -77.89 33.69 67.63
C THR H 706 -78.23 34.83 68.58
N TYR H 707 -78.28 36.04 68.04
CA TYR H 707 -78.60 37.22 68.83
C TYR H 707 -80.11 37.37 68.91
N GLN H 708 -80.65 37.35 70.12
CA GLN H 708 -82.08 37.54 70.32
C GLN H 708 -82.43 39.00 70.07
N THR H 709 -83.42 39.24 69.22
CA THR H 709 -83.70 40.58 68.72
C THR H 709 -84.95 41.22 69.31
N GLU H 710 -85.74 40.49 70.09
CA GLU H 710 -86.94 41.06 70.68
C GLU H 710 -87.05 40.56 72.11
N ALA H 711 -88.19 40.84 72.75
CA ALA H 711 -88.43 40.37 74.10
C ALA H 711 -89.06 38.98 74.08
N ASP H 712 -88.99 38.31 75.24
CA ASP H 712 -89.54 36.97 75.46
C ASP H 712 -88.98 35.95 74.49
N ASP H 713 -87.65 35.83 74.44
CA ASP H 713 -86.99 34.90 73.53
C ASP H 713 -86.22 33.84 74.29
N ASP H 714 -86.15 32.65 73.71
CA ASP H 714 -85.38 31.56 74.27
C ASP H 714 -83.94 31.64 73.75
N LEU H 715 -83.16 30.59 73.95
CA LEU H 715 -81.77 30.55 73.52
C LEU H 715 -81.61 30.20 72.03
N ASP H 716 -82.71 30.08 71.28
CA ASP H 716 -82.65 29.63 69.90
C ASP H 716 -83.15 30.64 68.88
N GLU H 717 -84.09 31.50 69.26
CA GLU H 717 -84.68 32.44 68.30
C GLU H 717 -83.74 33.62 68.10
N GLY H 718 -83.78 34.19 66.91
CA GLY H 718 -82.98 35.37 66.63
C GLY H 718 -82.24 35.20 65.31
N ILE H 719 -81.49 36.25 64.98
CA ILE H 719 -80.73 36.29 63.73
C ILE H 719 -79.51 35.40 63.90
N ARG H 720 -79.52 34.25 63.23
CA ARG H 720 -78.48 33.24 63.40
C ARG H 720 -77.25 33.64 62.58
N MET H 721 -76.11 33.79 63.25
CA MET H 721 -74.95 34.43 62.67
C MET H 721 -73.69 33.61 62.93
N THR H 722 -72.73 33.69 62.00
CA THR H 722 -71.47 32.96 62.11
C THR H 722 -70.41 33.69 61.31
N THR H 723 -69.16 33.26 61.47
CA THR H 723 -68.05 33.99 60.90
C THR H 723 -67.76 33.54 59.47
N TYR H 724 -67.03 34.39 58.75
CA TYR H 724 -66.66 34.12 57.37
C TYR H 724 -65.60 33.03 57.27
N ASP H 725 -64.75 32.91 58.29
CA ASP H 725 -63.79 31.81 58.32
C ASP H 725 -64.48 30.48 58.55
N GLN H 726 -65.58 30.50 59.31
CA GLN H 726 -66.37 29.28 59.49
C GLN H 726 -67.13 28.93 58.21
N TYR H 727 -67.49 29.94 57.41
CA TYR H 727 -68.15 29.69 56.14
C TYR H 727 -67.19 29.10 55.12
N LEU H 728 -65.94 29.56 55.12
CA LEU H 728 -65.01 29.16 54.07
C LEU H 728 -64.50 27.75 54.31
N SER H 729 -64.49 27.31 55.56
CA SER H 729 -63.90 26.02 55.90
C SER H 729 -64.89 24.87 55.80
N HIS H 730 -66.19 25.15 55.92
CA HIS H 730 -67.17 24.08 56.06
C HIS H 730 -68.33 24.18 55.08
N ILE H 731 -68.78 25.39 54.75
CA ILE H 731 -70.00 25.51 53.96
C ILE H 731 -69.68 25.73 52.48
N ARG H 732 -68.67 26.56 52.18
CA ARG H 732 -68.38 26.93 50.79
C ARG H 732 -67.82 25.75 50.01
N GLU H 733 -67.11 24.84 50.66
CA GLU H 733 -66.65 23.64 49.96
C GLU H 733 -67.79 22.68 49.67
N ARG H 734 -68.93 22.82 50.37
CA ARG H 734 -70.09 22.02 50.09
C ARG H 734 -71.07 22.68 49.16
N LEU H 735 -71.00 23.99 48.98
CA LEU H 735 -71.86 24.63 47.98
C LEU H 735 -71.31 24.49 46.57
N HIS H 736 -70.04 24.13 46.42
CA HIS H 736 -69.55 23.79 45.09
C HIS H 736 -69.78 22.32 44.76
N ILE H 737 -69.98 21.49 45.78
CA ILE H 737 -70.36 20.11 45.52
C ILE H 737 -71.82 20.03 45.10
N THR H 738 -72.69 20.74 45.82
CA THR H 738 -74.12 20.67 45.51
C THR H 738 -74.51 21.48 44.29
N ASN H 739 -73.57 22.22 43.70
CA ASN H 739 -73.67 22.81 42.36
C ASN H 739 -74.80 23.84 42.29
N VAL H 740 -74.75 24.77 43.23
CA VAL H 740 -75.69 25.90 43.27
C VAL H 740 -74.88 27.15 42.98
N PRO H 741 -75.54 28.27 42.63
CA PRO H 741 -74.80 29.54 42.50
C PRO H 741 -74.25 30.08 43.81
N ASP H 742 -73.60 31.21 43.74
CA ASP H 742 -73.09 31.81 44.96
C ASP H 742 -74.22 32.49 45.72
N PRO H 743 -74.20 32.44 47.05
CA PRO H 743 -75.16 33.22 47.82
C PRO H 743 -74.83 34.70 47.73
N ILE H 744 -75.88 35.52 47.67
CA ILE H 744 -75.71 36.92 47.30
C ILE H 744 -75.23 37.73 48.51
N TYR H 745 -74.71 38.91 48.22
CA TYR H 745 -74.23 39.84 49.24
C TYR H 745 -75.33 40.85 49.52
N ILE H 746 -75.85 40.86 50.74
CA ILE H 746 -76.81 41.88 51.14
C ILE H 746 -76.05 43.06 51.76
N THR H 747 -76.49 44.28 51.41
CA THR H 747 -75.75 45.48 51.75
C THR H 747 -76.56 46.46 52.60
N GLY H 748 -77.73 46.06 53.08
CA GLY H 748 -78.58 46.95 53.84
C GLY H 748 -79.66 47.62 53.02
N ALA H 749 -79.40 47.85 51.73
CA ALA H 749 -80.42 48.26 50.78
C ALA H 749 -81.08 47.07 50.11
N SER H 750 -81.05 45.90 50.75
CA SER H 750 -81.54 44.66 50.17
C SER H 750 -82.93 44.36 50.69
N THR H 751 -83.87 44.13 49.79
CA THR H 751 -85.23 43.81 50.15
C THR H 751 -85.30 42.38 50.69
N PRO H 752 -86.33 42.05 51.47
CA PRO H 752 -86.55 40.64 51.82
C PRO H 752 -87.03 39.78 50.67
N ASP H 753 -87.38 40.36 49.51
CA ASP H 753 -87.64 39.56 48.33
C ASP H 753 -86.35 39.13 47.65
N GLN H 754 -85.29 39.95 47.73
CA GLN H 754 -84.00 39.53 47.19
C GLN H 754 -83.36 38.46 48.06
N ILE H 755 -83.61 38.50 49.37
CA ILE H 755 -83.11 37.45 50.25
C ILE H 755 -83.84 36.14 49.98
N ALA H 756 -85.12 36.22 49.63
CA ALA H 756 -85.85 35.03 49.23
C ALA H 756 -85.41 34.53 47.86
N ALA H 757 -84.81 35.40 47.05
CA ALA H 757 -84.33 34.97 45.73
C ALA H 757 -83.09 34.09 45.84
N SER H 758 -82.22 34.35 46.81
CA SER H 758 -81.04 33.50 46.97
C SER H 758 -81.36 32.19 47.67
N VAL H 759 -82.36 32.19 48.55
CA VAL H 759 -82.75 30.95 49.21
C VAL H 759 -83.47 30.03 48.24
N GLN H 760 -84.31 30.59 47.37
CA GLN H 760 -84.96 29.78 46.35
C GLN H 760 -84.00 29.34 45.24
N ALA H 761 -82.81 29.91 45.16
CA ALA H 761 -81.80 29.47 44.20
C ALA H 761 -80.77 28.56 44.88
N THR H 762 -80.13 29.04 45.92
CA THR H 762 -79.20 28.23 46.71
C THR H 762 -79.98 27.67 47.90
N HIS H 763 -80.10 26.35 47.96
CA HIS H 763 -81.08 25.75 48.86
C HIS H 763 -80.68 25.77 50.32
N VAL H 764 -79.49 26.21 50.65
CA VAL H 764 -79.14 26.45 52.05
C VAL H 764 -79.57 27.87 52.40
N ALA H 765 -79.97 28.08 53.66
CA ALA H 765 -80.43 29.39 54.09
C ALA H 765 -79.24 30.20 54.60
N VAL H 766 -78.36 30.55 53.66
CA VAL H 766 -77.13 31.27 53.96
C VAL H 766 -77.04 32.47 53.03
N VAL H 767 -76.85 33.67 53.60
CA VAL H 767 -76.49 34.85 52.85
C VAL H 767 -75.17 35.39 53.40
N LEU H 768 -74.55 36.28 52.65
CA LEU H 768 -73.28 36.86 53.01
C LEU H 768 -73.43 38.36 53.27
N TYR H 769 -72.90 38.83 54.39
CA TYR H 769 -72.89 40.25 54.71
C TYR H 769 -71.74 40.91 53.97
N GLN H 770 -72.00 42.10 53.43
CA GLN H 770 -70.95 42.87 52.77
C GLN H 770 -70.66 44.17 53.50
N SER H 771 -71.65 45.04 53.67
CA SER H 771 -71.46 46.34 54.28
C SER H 771 -72.82 46.89 54.69
N GLY H 772 -72.83 48.12 55.20
CA GLY H 772 -74.07 48.83 55.45
C GLY H 772 -74.84 48.32 56.65
N VAL H 773 -75.94 49.02 56.93
CA VAL H 773 -76.82 48.71 58.04
C VAL H 773 -78.05 48.01 57.47
N ILE H 774 -78.24 46.75 57.83
CA ILE H 774 -79.36 45.97 57.34
C ILE H 774 -80.64 46.47 58.02
N ASN H 775 -81.63 46.84 57.21
CA ASN H 775 -82.81 47.56 57.67
C ASN H 775 -83.76 46.64 58.44
N GLY H 776 -84.84 47.22 58.94
CA GLY H 776 -85.75 46.52 59.81
C GLY H 776 -86.58 45.44 59.16
N SER H 777 -87.06 45.71 57.94
CA SER H 777 -87.94 44.77 57.25
C SER H 777 -87.21 43.49 56.84
N ALA H 778 -85.97 43.61 56.37
CA ALA H 778 -85.20 42.42 56.05
C ALA H 778 -84.75 41.69 57.30
N SER H 779 -84.61 42.41 58.42
CA SER H 779 -84.22 41.77 59.68
C SER H 779 -85.34 40.88 60.21
N THR H 780 -86.59 41.23 59.93
CA THR H 780 -87.70 40.35 60.29
C THR H 780 -87.71 39.09 59.44
N TYR H 781 -87.26 39.20 58.18
CA TYR H 781 -87.21 38.01 57.32
C TYR H 781 -86.09 37.09 57.72
N LEU H 782 -84.98 37.65 58.22
CA LEU H 782 -83.87 36.82 58.68
C LEU H 782 -84.19 36.14 60.01
N ARG H 783 -85.12 36.70 60.77
CA ARG H 783 -85.49 36.09 62.05
C ARG H 783 -86.37 34.87 61.85
N GLU H 784 -87.54 35.05 61.24
CA GLU H 784 -88.56 34.01 61.16
C GLU H 784 -88.35 33.05 60.00
N ASN H 785 -87.15 32.94 59.46
CA ASN H 785 -86.88 31.95 58.42
C ASN H 785 -85.55 31.24 58.63
N GLU H 786 -84.91 31.44 59.79
CA GLU H 786 -83.71 30.70 60.22
C GLU H 786 -82.52 30.88 59.26
N VAL H 787 -82.47 32.02 58.58
CA VAL H 787 -81.46 32.24 57.55
C VAL H 787 -80.14 32.61 58.21
N LEU H 788 -79.10 31.84 57.92
CA LEU H 788 -77.78 32.08 58.49
C LEU H 788 -77.14 33.28 57.82
N VAL H 789 -76.68 34.23 58.63
CA VAL H 789 -76.03 35.44 58.15
C VAL H 789 -74.54 35.30 58.42
N VAL H 790 -73.74 35.33 57.37
CA VAL H 790 -72.30 35.17 57.51
C VAL H 790 -71.65 36.54 57.61
N MET H 791 -71.02 36.80 58.75
CA MET H 791 -70.29 38.02 59.02
C MET H 791 -68.79 37.81 58.81
N PRO H 792 -68.05 38.86 58.45
CA PRO H 792 -66.60 38.74 58.42
C PRO H 792 -65.96 38.80 59.79
N ASP H 793 -66.67 39.27 60.81
CA ASP H 793 -66.12 39.41 62.16
C ASP H 793 -67.25 39.55 63.17
N TYR H 794 -66.97 39.20 64.42
CA TYR H 794 -67.86 39.45 65.55
C TYR H 794 -67.55 40.78 66.21
N TYR H 795 -67.45 41.86 65.44
CA TYR H 795 -66.99 43.14 65.94
C TYR H 795 -68.11 44.15 65.77
N ASP H 796 -68.81 44.45 66.87
CA ASP H 796 -69.92 45.41 66.93
C ASP H 796 -71.03 45.02 65.95
N VAL H 797 -71.67 43.88 66.24
CA VAL H 797 -72.76 43.40 65.39
C VAL H 797 -74.03 44.22 65.55
N VAL H 798 -74.14 45.03 66.61
CA VAL H 798 -75.29 45.90 66.77
C VAL H 798 -75.28 47.02 65.73
N SER H 799 -74.11 47.57 65.41
CA SER H 799 -74.01 48.66 64.45
C SER H 799 -74.29 48.22 63.01
N ARG H 800 -74.37 46.91 62.75
CA ARG H 800 -74.66 46.43 61.42
C ARG H 800 -76.14 46.17 61.19
N PHE H 801 -76.93 46.09 62.25
CA PHE H 801 -78.37 45.83 62.14
C PHE H 801 -79.16 47.01 62.65
N ALA H 802 -80.28 47.30 61.97
CA ALA H 802 -81.19 48.33 62.41
C ALA H 802 -81.97 47.79 63.60
N ASN H 803 -81.51 48.14 64.80
CA ASN H 803 -82.12 47.68 66.04
C ASN H 803 -83.22 48.67 66.44
N ALA H 804 -84.32 48.61 65.70
CA ALA H 804 -85.45 49.49 65.96
C ALA H 804 -86.19 49.12 67.24
N ASN H 805 -86.13 47.87 67.65
CA ASN H 805 -86.78 47.47 68.90
C ASN H 805 -85.88 47.78 70.10
N LEU H 806 -84.60 48.10 69.84
CA LEU H 806 -83.60 48.43 70.86
C LEU H 806 -83.40 47.29 71.86
N GLN H 807 -83.55 46.05 71.38
CA GLN H 807 -83.41 44.87 72.21
C GLN H 807 -82.16 44.07 71.92
N MET H 808 -81.68 44.07 70.69
CA MET H 808 -80.46 43.36 70.33
C MET H 808 -79.25 44.07 70.91
N ASN H 809 -78.50 43.35 71.74
CA ASN H 809 -77.33 43.89 72.42
C ASN H 809 -76.12 43.05 72.04
N ASN H 810 -74.93 43.62 72.22
CA ASN H 810 -73.70 42.93 71.87
C ASN H 810 -73.40 41.73 72.76
N ASN H 811 -74.04 41.62 73.92
CA ASN H 811 -73.82 40.52 74.83
C ASN H 811 -75.12 39.78 75.13
N ARG H 812 -75.93 39.54 74.10
CA ARG H 812 -77.19 38.81 74.24
C ARG H 812 -77.24 37.78 73.11
N TYR H 813 -76.68 36.60 73.37
CA TYR H 813 -76.54 35.57 72.36
C TYR H 813 -76.34 34.22 73.02
N HIS H 814 -76.46 33.17 72.22
CA HIS H 814 -76.19 31.81 72.67
C HIS H 814 -75.38 31.10 71.59
N GLU H 815 -74.06 31.04 71.78
CA GLU H 815 -73.16 30.43 70.81
C GLU H 815 -73.32 28.92 70.86
N SER H 816 -74.15 28.38 69.99
CA SER H 816 -74.43 26.95 69.94
C SER H 816 -73.89 26.36 68.64
N VAL H 817 -73.84 25.04 68.59
CA VAL H 817 -73.33 24.32 67.43
C VAL H 817 -74.45 24.16 66.41
N LEU H 818 -74.07 23.94 65.15
CA LEU H 818 -75.05 23.77 64.09
C LEU H 818 -74.55 22.66 63.16
N GLU H 819 -75.25 21.53 63.17
CA GLU H 819 -74.86 20.39 62.36
C GLU H 819 -75.12 20.69 60.89
N ILE H 820 -74.28 20.12 60.03
CA ILE H 820 -74.42 20.30 58.58
C ILE H 820 -75.69 19.64 58.07
N ALA H 821 -76.16 18.57 58.72
CA ALA H 821 -77.42 17.95 58.32
C ALA H 821 -78.64 18.78 58.70
N ASP H 822 -78.47 19.89 59.41
CA ASP H 822 -79.58 20.77 59.76
C ASP H 822 -79.72 21.95 58.81
N ILE H 823 -78.76 22.18 57.92
CA ILE H 823 -78.89 23.24 56.92
C ILE H 823 -78.78 22.72 55.49
N PHE H 824 -78.21 21.54 55.28
CA PHE H 824 -78.17 20.91 53.96
C PHE H 824 -79.12 19.73 53.93
N ASP H 825 -79.67 19.46 52.76
CA ASP H 825 -80.54 18.32 52.55
C ASP H 825 -80.46 17.91 51.09
N GLN H 826 -79.93 16.71 50.86
CA GLN H 826 -79.93 16.11 49.54
C GLN H 826 -80.36 14.66 49.68
N ALA H 827 -80.55 14.02 48.53
CA ALA H 827 -80.95 12.63 48.49
C ALA H 827 -79.80 11.67 48.76
N ASP H 828 -78.66 11.84 48.10
CA ASP H 828 -77.54 10.93 48.28
C ASP H 828 -76.25 11.65 48.60
N PHE H 829 -76.30 12.76 49.33
CA PHE H 829 -75.11 13.49 49.75
C PHE H 829 -74.98 13.56 51.26
N ILE H 830 -76.07 13.86 51.96
CA ILE H 830 -76.10 13.85 53.42
C ILE H 830 -77.32 13.05 53.87
N GLN H 831 -77.07 11.94 54.56
CA GLN H 831 -78.14 11.11 55.09
C GLN H 831 -78.74 11.76 56.32
N THR H 832 -79.90 12.38 56.16
CA THR H 832 -80.55 13.13 57.21
C THR H 832 -81.94 12.61 57.57
N SER H 833 -82.10 11.29 57.61
CA SER H 833 -83.39 10.71 57.96
C SER H 833 -83.66 10.86 59.45
N ASP H 834 -84.86 10.42 59.85
CA ASP H 834 -85.26 10.53 61.25
C ASP H 834 -84.52 9.52 62.12
N ALA H 835 -84.02 8.44 61.51
CA ALA H 835 -83.30 7.43 62.27
C ALA H 835 -81.86 7.88 62.56
N VAL H 836 -81.15 8.31 61.51
CA VAL H 836 -79.73 8.65 61.62
C VAL H 836 -79.55 9.94 62.44
N ARG H 837 -80.59 10.79 62.49
CA ARG H 837 -80.59 11.93 63.39
C ARG H 837 -80.52 11.48 64.86
N GLN H 838 -81.11 10.32 65.16
CA GLN H 838 -81.07 9.81 66.53
C GLN H 838 -79.74 9.10 66.80
N LEU H 839 -79.22 8.35 65.83
CA LEU H 839 -78.00 7.58 66.05
C LEU H 839 -76.78 8.46 66.25
N ARG H 840 -76.69 9.62 65.59
CA ARG H 840 -75.59 10.52 65.85
C ARG H 840 -75.68 11.16 67.22
N ALA H 841 -76.89 11.42 67.71
CA ALA H 841 -77.06 12.02 69.02
C ALA H 841 -76.72 11.05 70.15
N LEU H 842 -76.91 9.75 69.94
CA LEU H 842 -76.50 8.76 70.91
C LEU H 842 -75.01 8.48 70.87
N MET H 843 -74.32 8.85 69.79
CA MET H 843 -72.89 8.65 69.72
C MET H 843 -72.16 9.61 70.66
N PRO H 844 -71.03 9.18 71.22
CA PRO H 844 -70.22 10.10 72.04
C PRO H 844 -69.47 11.10 71.18
N THR H 845 -68.68 11.96 71.81
CA THR H 845 -67.86 12.92 71.07
C THR H 845 -66.77 12.16 70.32
N LEU H 846 -66.95 12.04 69.01
CA LEU H 846 -66.09 11.24 68.17
C LEU H 846 -64.83 12.02 67.80
N SER H 847 -64.09 11.50 66.84
CA SER H 847 -62.80 12.05 66.45
C SER H 847 -62.55 11.66 65.00
N THR H 848 -61.30 11.80 64.57
CA THR H 848 -60.85 11.16 63.34
C THR H 848 -59.99 9.94 63.63
N SER H 849 -59.79 9.61 64.90
CA SER H 849 -59.04 8.42 65.29
C SER H 849 -59.92 7.34 65.90
N GLN H 850 -61.14 7.67 66.30
CA GLN H 850 -62.09 6.65 66.71
C GLN H 850 -62.82 6.03 65.55
N ILE H 851 -62.97 6.76 64.44
CA ILE H 851 -63.57 6.20 63.25
C ILE H 851 -62.62 5.20 62.61
N ARG H 852 -61.31 5.47 62.69
CA ARG H 852 -60.30 4.51 62.22
C ARG H 852 -60.34 3.22 63.03
N HIS H 853 -60.63 3.31 64.32
CA HIS H 853 -60.88 2.09 65.09
C HIS H 853 -62.23 1.48 64.74
N ALA H 854 -63.20 2.31 64.34
CA ALA H 854 -64.51 1.80 64.00
C ALA H 854 -64.53 1.11 62.65
N ILE H 855 -63.73 1.59 61.70
CA ILE H 855 -63.70 0.97 60.37
C ILE H 855 -62.98 -0.37 60.42
N GLU H 856 -61.90 -0.46 61.19
CA GLU H 856 -61.14 -1.71 61.25
C GLU H 856 -61.85 -2.77 62.09
N ARG H 857 -62.91 -2.40 62.81
CA ARG H 857 -63.66 -3.40 63.57
C ARG H 857 -64.69 -4.11 62.69
N ILE H 858 -65.32 -3.38 61.77
CA ILE H 858 -66.31 -4.01 60.88
C ILE H 858 -65.61 -4.91 59.88
N ALA H 859 -64.44 -4.48 59.38
CA ALA H 859 -63.65 -5.33 58.49
C ALA H 859 -63.10 -6.56 59.20
N GLN H 860 -62.98 -6.51 60.52
CA GLN H 860 -62.65 -7.73 61.27
C GLN H 860 -63.85 -8.66 61.33
N ILE H 861 -65.06 -8.10 61.42
CA ILE H 861 -66.26 -8.93 61.56
C ILE H 861 -66.63 -9.59 60.25
N THR H 862 -66.90 -8.79 59.22
CA THR H 862 -67.39 -9.33 57.95
C THR H 862 -66.23 -9.47 56.97
N ASP H 863 -65.46 -10.54 57.14
CA ASP H 863 -64.44 -10.91 56.17
C ASP H 863 -65.11 -11.33 54.88
N VAL H 864 -64.89 -10.57 53.81
CA VAL H 864 -65.59 -10.83 52.56
C VAL H 864 -65.01 -12.05 51.86
N ASP H 865 -65.80 -12.58 50.93
CA ASP H 865 -65.34 -13.68 50.10
C ASP H 865 -64.28 -13.19 49.10
N SER H 866 -63.43 -14.12 48.68
CA SER H 866 -62.35 -13.79 47.77
C SER H 866 -61.93 -15.06 47.04
N THR H 867 -61.83 -14.97 45.71
CA THR H 867 -61.41 -16.10 44.90
C THR H 867 -59.90 -16.27 44.96
N ASP H 868 -59.37 -17.21 44.17
CA ASP H 868 -57.94 -17.45 44.14
C ASP H 868 -57.18 -16.30 43.51
N TYR H 869 -57.77 -15.59 42.56
CA TYR H 869 -57.09 -14.43 42.02
C TYR H 869 -57.33 -13.21 42.90
N GLY H 870 -58.36 -13.24 43.73
CA GLY H 870 -58.64 -12.10 44.60
C GLY H 870 -57.63 -11.95 45.71
N LYS H 871 -57.23 -13.06 46.33
CA LYS H 871 -56.17 -13.02 47.32
C LYS H 871 -54.82 -12.66 46.72
N LEU H 872 -54.64 -12.92 45.42
CA LEU H 872 -53.37 -12.57 44.78
C LEU H 872 -53.29 -11.08 44.50
N THR H 873 -54.43 -10.38 44.50
CA THR H 873 -54.43 -8.94 44.32
C THR H 873 -54.42 -8.17 45.63
N LEU H 874 -54.97 -8.74 46.71
CA LEU H 874 -54.94 -8.04 47.99
C LEU H 874 -53.55 -8.05 48.61
N ARG H 875 -52.69 -8.97 48.24
CA ARG H 875 -51.31 -8.92 48.67
C ARG H 875 -50.39 -8.30 47.62
N PHE H 876 -50.97 -7.61 46.63
CA PHE H 876 -50.19 -6.89 45.64
C PHE H 876 -50.35 -5.38 45.75
N LEU H 877 -51.49 -4.91 46.28
CA LEU H 877 -51.75 -3.47 46.34
C LEU H 877 -50.99 -2.75 47.48
N GLY H 878 -50.96 -3.26 48.73
CA GLY H 878 -51.78 -4.27 49.38
C GLY H 878 -52.16 -4.00 50.82
N THR H 879 -51.63 -2.91 51.40
CA THR H 879 -51.83 -2.79 52.84
C THR H 879 -52.34 -1.44 53.32
N LEU H 880 -51.88 -0.34 52.74
CA LEU H 880 -52.12 0.98 53.32
C LEU H 880 -53.40 1.56 52.77
N THR H 881 -54.31 1.92 53.67
CA THR H 881 -55.64 2.35 53.26
C THR H 881 -56.07 3.68 53.85
N ARG H 882 -55.73 3.94 55.10
CA ARG H 882 -56.33 5.01 55.91
C ARG H 882 -55.77 6.39 55.62
N SER H 883 -55.09 6.67 54.51
CA SER H 883 -54.50 7.99 54.31
C SER H 883 -55.46 8.99 53.68
N LEU H 884 -56.72 8.61 53.45
CA LEU H 884 -57.68 9.50 52.82
C LEU H 884 -58.91 9.68 53.70
N LYS H 885 -59.32 10.93 53.89
CA LYS H 885 -60.57 11.23 54.55
C LYS H 885 -61.73 10.91 53.61
N MET H 886 -62.80 10.33 54.16
CA MET H 886 -63.95 9.89 53.39
C MET H 886 -65.22 10.54 53.92
N GLN H 887 -65.15 11.83 54.24
CA GLN H 887 -66.24 12.48 54.95
C GLN H 887 -67.46 12.69 54.05
N ASN H 888 -67.30 13.49 53.01
CA ASN H 888 -68.31 13.70 51.98
C ASN H 888 -67.67 13.51 50.62
N ALA H 889 -67.00 12.38 50.46
CA ALA H 889 -66.09 12.14 49.36
C ALA H 889 -66.84 12.07 48.03
N GLN H 890 -66.57 13.02 47.15
CA GLN H 890 -67.16 13.07 45.83
C GLN H 890 -66.06 12.94 44.79
N ILE H 891 -66.46 12.71 43.56
CA ILE H 891 -65.52 12.53 42.46
C ILE H 891 -65.72 13.68 41.50
N ARG H 892 -64.81 14.66 41.54
CA ARG H 892 -64.90 15.85 40.74
C ARG H 892 -63.63 15.98 39.91
N ARG H 893 -63.66 16.86 38.91
CA ARG H 893 -62.46 17.19 38.14
C ARG H 893 -61.76 18.38 38.77
N ILE H 894 -60.48 18.51 38.46
CA ILE H 894 -59.73 19.69 38.81
C ILE H 894 -59.20 20.35 37.55
N ARG H 895 -59.01 21.66 37.62
CA ARG H 895 -58.15 22.32 36.68
C ARG H 895 -56.71 21.88 36.93
N PRO H 896 -55.86 21.93 35.91
CA PRO H 896 -54.43 21.73 36.15
C PRO H 896 -53.78 22.82 36.97
N ASP H 897 -54.43 23.98 37.12
CA ASP H 897 -53.95 25.01 38.04
C ASP H 897 -54.04 24.53 39.48
N GLY H 898 -55.17 23.94 39.85
CA GLY H 898 -55.31 23.37 41.18
C GLY H 898 -56.66 23.56 41.82
N THR H 899 -57.58 24.24 41.14
CA THR H 899 -58.90 24.49 41.68
C THR H 899 -59.87 23.40 41.25
N VAL H 900 -60.68 22.95 42.21
CA VAL H 900 -61.65 21.89 41.94
C VAL H 900 -62.82 22.48 41.15
N LEU H 901 -63.02 22.00 39.93
CA LEU H 901 -64.16 22.44 39.14
C LEU H 901 -65.44 21.81 39.67
N ARG H 902 -66.55 22.43 39.32
CA ARG H 902 -67.85 21.92 39.68
C ARG H 902 -68.23 20.75 38.78
N TYR H 903 -69.34 20.11 39.10
CA TYR H 903 -69.88 19.08 38.22
C TYR H 903 -70.48 19.73 36.99
N ASP H 904 -70.22 19.17 35.82
CA ASP H 904 -70.78 19.63 34.57
C ASP H 904 -71.59 18.50 33.95
N ASP H 905 -72.81 18.82 33.50
CA ASP H 905 -73.70 17.82 32.94
C ASP H 905 -73.22 17.27 31.60
N GLN H 906 -72.34 18.00 30.92
CA GLN H 906 -71.94 17.64 29.56
C GLN H 906 -70.51 17.12 29.48
N ILE H 907 -69.74 17.20 30.56
CA ILE H 907 -68.37 16.71 30.59
C ILE H 907 -68.28 15.39 31.36
N ASP H 908 -68.67 15.39 32.63
CA ASP H 908 -68.53 14.22 33.47
C ASP H 908 -69.65 13.21 33.22
N ILE H 909 -69.37 11.96 33.56
CA ILE H 909 -70.38 10.91 33.46
C ILE H 909 -71.40 11.12 34.57
N GLU H 910 -72.62 10.59 34.36
CA GLU H 910 -73.70 10.79 35.31
C GLU H 910 -73.49 10.09 36.63
N ALA H 911 -72.56 9.14 36.71
CA ALA H 911 -72.31 8.42 37.95
C ALA H 911 -71.34 9.15 38.87
N PHE H 912 -70.97 10.39 38.56
CA PHE H 912 -70.08 11.16 39.42
C PHE H 912 -70.75 12.37 40.04
N ARG H 913 -72.04 12.61 39.76
CA ARG H 913 -72.68 13.79 40.32
C ARG H 913 -72.91 13.62 41.82
N TRP H 914 -73.59 12.56 42.21
CA TRP H 914 -73.68 12.20 43.62
C TRP H 914 -73.05 10.83 43.78
N SER H 915 -71.88 10.78 44.37
CA SER H 915 -71.30 9.51 44.78
C SER H 915 -72.15 8.98 45.91
N ARG H 916 -73.02 8.01 45.61
CA ARG H 916 -74.04 7.57 46.54
C ARG H 916 -73.46 6.77 47.69
N TYR H 917 -72.61 7.42 48.49
CA TYR H 917 -71.83 6.86 49.59
C TYR H 917 -70.95 5.68 49.16
N PHE H 918 -70.63 5.61 47.87
CA PHE H 918 -69.88 4.51 47.25
C PHE H 918 -70.51 3.15 47.55
N LEU H 919 -71.83 3.08 47.40
CA LEU H 919 -72.61 1.89 47.72
C LEU H 919 -73.44 1.48 46.51
N ASP H 920 -74.05 0.31 46.61
CA ASP H 920 -74.70 -0.33 45.46
C ASP H 920 -76.01 0.37 45.11
N GLU H 921 -76.63 -0.10 44.03
CA GLU H 921 -77.98 0.29 43.67
C GLU H 921 -79.00 -0.38 44.58
N LEU H 922 -78.80 -1.67 44.86
CA LEU H 922 -79.70 -2.40 45.75
C LEU H 922 -79.54 -1.97 47.19
N ARG H 923 -78.33 -1.56 47.56
CA ARG H 923 -77.97 -1.49 48.98
C ARG H 923 -78.59 -0.25 49.63
N LEU H 924 -78.84 0.80 48.85
CA LEU H 924 -79.56 1.95 49.38
C LEU H 924 -81.03 1.63 49.58
N ARG H 925 -81.57 0.73 48.77
CA ARG H 925 -82.98 0.38 48.89
C ARG H 925 -83.23 -0.50 50.11
N ARG H 926 -82.26 -1.34 50.46
CA ARG H 926 -82.37 -2.08 51.71
C ARG H 926 -82.20 -1.19 52.92
N LEU H 927 -81.51 -0.06 52.76
CA LEU H 927 -81.22 0.82 53.88
C LEU H 927 -82.46 1.56 54.35
N SER H 928 -83.43 1.78 53.46
CA SER H 928 -84.68 2.40 53.88
C SER H 928 -85.57 1.45 54.65
N VAL H 929 -85.29 0.14 54.58
CA VAL H 929 -85.98 -0.82 55.41
C VAL H 929 -85.29 -0.98 56.76
N GLY H 930 -83.96 -0.94 56.75
CA GLY H 930 -83.21 -1.06 57.99
C GLY H 930 -83.36 0.11 58.92
N LEU H 931 -83.57 1.32 58.37
CA LEU H 931 -83.80 2.48 59.22
C LEU H 931 -85.16 2.42 59.88
N ARG H 932 -86.14 1.79 59.23
CA ARG H 932 -87.43 1.57 59.87
C ARG H 932 -87.36 0.51 60.95
N LEU H 933 -86.34 -0.35 60.92
CA LEU H 933 -86.17 -1.35 61.97
C LEU H 933 -85.48 -0.76 63.18
N ILE H 934 -84.77 0.36 63.01
CA ILE H 934 -84.08 0.96 64.15
C ILE H 934 -84.98 1.98 64.84
N THR H 935 -85.70 2.79 64.08
CA THR H 935 -86.60 3.80 64.65
C THR H 935 -87.86 3.20 65.27
N ASN H 936 -88.05 1.90 65.14
CA ASN H 936 -89.14 1.20 65.80
C ASN H 936 -88.95 1.27 67.31
N PRO H 937 -89.98 1.67 68.07
CA PRO H 937 -89.85 1.63 69.54
C PRO H 937 -89.89 0.23 70.14
N ARG H 938 -90.09 -0.82 69.34
CA ARG H 938 -90.12 -2.17 69.90
C ARG H 938 -88.75 -2.68 70.29
N ILE H 939 -87.68 -2.14 69.74
CA ILE H 939 -86.33 -2.59 70.07
C ILE H 939 -85.55 -1.56 70.87
N ALA H 940 -86.06 -0.34 71.01
CA ALA H 940 -85.39 0.70 71.77
C ALA H 940 -85.62 0.43 73.25
N ARG H 941 -84.83 -0.50 73.79
CA ARG H 941 -84.95 -0.89 75.19
C ARG H 941 -83.76 -0.46 76.03
N ARG H 942 -82.99 0.53 75.56
CA ARG H 942 -81.92 1.10 76.36
C ARG H 942 -82.55 2.24 77.14
N PHE H 943 -82.96 1.96 78.38
CA PHE H 943 -83.76 2.93 79.10
C PHE H 943 -82.89 4.01 79.75
N ASP H 944 -83.37 5.25 79.67
CA ASP H 944 -82.68 6.40 80.24
C ASP H 944 -83.46 6.89 81.44
N GLY H 945 -82.77 7.06 82.56
CA GLY H 945 -83.38 7.66 83.73
C GLY H 945 -83.93 6.63 84.70
N VAL H 946 -83.73 6.90 85.98
CA VAL H 946 -84.14 5.98 87.05
C VAL H 946 -84.60 6.84 88.23
N ARG H 947 -85.56 6.34 88.99
CA ARG H 947 -86.16 7.09 90.10
C ARG H 947 -86.03 6.29 91.39
N ILE H 948 -85.47 6.92 92.42
CA ILE H 948 -85.27 6.31 93.72
C ILE H 948 -86.36 6.82 94.65
N MET H 949 -87.14 5.89 95.20
CA MET H 949 -88.28 6.21 96.06
C MET H 949 -88.45 5.02 96.98
N TYR H 950 -89.31 5.16 97.99
CA TYR H 950 -89.37 4.14 99.05
C TYR H 950 -90.80 3.63 99.22
N LEU H 951 -91.43 3.17 98.15
CA LEU H 951 -92.75 2.57 98.24
C LEU H 951 -92.65 1.12 98.73
N THR H 952 -93.78 0.43 98.70
CA THR H 952 -93.84 -0.98 99.05
C THR H 952 -94.15 -1.79 97.81
N ASP H 953 -93.62 -3.02 97.76
CA ASP H 953 -93.73 -3.85 96.57
C ASP H 953 -94.85 -4.88 96.75
N ASP H 954 -96.07 -4.40 96.59
CA ASP H 954 -97.26 -5.24 96.79
C ASP H 954 -97.84 -5.79 95.50
N ASP H 955 -97.91 -5.00 94.43
CA ASP H 955 -98.31 -5.49 93.11
C ASP H 955 -97.17 -5.29 92.13
N PRO H 956 -96.23 -6.23 92.06
CA PRO H 956 -95.03 -6.05 91.23
C PRO H 956 -95.37 -6.12 89.74
N ASP H 957 -95.19 -4.99 89.06
CA ASP H 957 -95.29 -4.91 87.62
C ASP H 957 -94.31 -3.88 87.09
N PRO H 958 -93.64 -4.17 85.96
CA PRO H 958 -92.61 -3.27 85.47
C PRO H 958 -93.16 -1.97 84.87
N ASP H 959 -94.45 -1.88 84.62
CA ASP H 959 -95.04 -0.65 84.10
C ASP H 959 -95.20 0.42 85.16
N PHE H 960 -95.04 0.07 86.44
CA PHE H 960 -95.40 0.95 87.54
C PHE H 960 -94.34 2.04 87.70
N VAL H 961 -94.61 3.21 87.14
CA VAL H 961 -93.86 4.42 87.44
C VAL H 961 -94.59 5.12 88.58
N PRO H 962 -93.94 5.36 89.72
CA PRO H 962 -94.66 5.87 90.89
C PRO H 962 -95.04 7.33 90.73
N ASP H 963 -96.28 7.64 91.07
CA ASP H 963 -96.72 9.03 91.08
C ASP H 963 -96.09 9.76 92.25
N VAL H 964 -95.45 10.88 91.96
CA VAL H 964 -94.97 11.79 92.99
C VAL H 964 -96.19 12.39 93.68
N PRO H 965 -96.28 12.34 95.00
CA PRO H 965 -97.41 12.97 95.70
C PRO H 965 -97.36 14.49 95.55
N GLU H 966 -98.54 15.10 95.70
CA GLU H 966 -98.71 16.50 95.31
C GLU H 966 -98.09 17.48 96.28
N GLY H 967 -97.75 17.05 97.48
CA GLY H 967 -97.16 17.95 98.44
C GLY H 967 -95.65 18.08 98.39
N TYR H 968 -95.02 17.80 97.25
CA TYR H 968 -93.57 17.79 97.19
C TYR H 968 -93.04 19.05 96.50
N VAL H 969 -91.73 19.24 96.59
CA VAL H 969 -91.06 20.43 96.08
C VAL H 969 -89.92 19.98 95.16
N ALA H 970 -89.92 20.49 93.94
CA ALA H 970 -88.86 20.16 92.99
C ALA H 970 -87.62 21.00 93.26
N VAL H 971 -86.48 20.33 93.43
CA VAL H 971 -85.21 20.98 93.73
C VAL H 971 -84.16 20.42 92.79
N GLN H 972 -83.56 21.30 91.98
CA GLN H 972 -82.43 20.88 91.15
C GLN H 972 -81.22 20.62 92.03
N TYR H 973 -80.42 19.63 91.63
CA TYR H 973 -79.24 19.27 92.39
C TYR H 973 -78.03 20.07 91.96
N ALA H 974 -77.30 20.58 92.94
CA ALA H 974 -76.02 21.23 92.70
C ALA H 974 -75.09 20.85 93.85
N HIS H 975 -73.84 21.27 93.73
CA HIS H 975 -72.87 20.98 94.78
C HIS H 975 -72.85 22.04 95.86
N ARG H 976 -73.64 23.10 95.70
CA ARG H 976 -73.76 24.12 96.74
C ARG H 976 -74.61 23.63 97.91
N LEU H 977 -75.47 22.64 97.68
CA LEU H 977 -76.51 22.32 98.65
C LEU H 977 -75.97 21.55 99.85
N PHE H 978 -75.14 20.54 99.63
CA PHE H 978 -74.68 19.67 100.70
C PHE H 978 -73.29 20.09 101.16
N SER H 979 -73.19 20.47 102.43
CA SER H 979 -71.93 20.91 103.00
C SER H 979 -71.86 20.41 104.44
N SER H 980 -70.64 20.25 104.93
CA SER H 980 -70.44 19.77 106.29
C SER H 980 -70.59 20.91 107.29
N SER H 981 -71.16 20.59 108.46
CA SER H 981 -71.37 21.59 109.49
C SER H 981 -71.44 20.90 110.85
N LEU H 982 -70.89 21.57 111.86
CA LEU H 982 -70.90 21.06 113.23
C LEU H 982 -72.29 21.21 113.82
N ALA H 983 -72.98 20.10 114.08
CA ALA H 983 -74.39 20.18 114.47
C ALA H 983 -74.62 19.79 115.92
N ASN H 984 -74.33 18.55 116.32
CA ASN H 984 -74.49 18.14 117.71
C ASN H 984 -73.26 17.32 118.06
N LYS H 985 -72.18 18.02 118.41
CA LYS H 985 -70.88 17.45 118.78
C LYS H 985 -70.33 16.47 117.73
N ARG H 986 -70.73 16.65 116.47
CA ARG H 986 -70.46 15.67 115.42
C ARG H 986 -70.68 16.30 114.04
N ASN H 987 -69.69 16.18 113.16
CA ASN H 987 -69.81 16.76 111.83
C ASN H 987 -70.79 15.98 110.97
N ARG H 988 -71.90 16.61 110.63
CA ARG H 988 -72.92 16.00 109.81
C ARG H 988 -73.03 16.73 108.48
N VAL H 989 -73.44 16.00 107.45
CA VAL H 989 -73.67 16.61 106.14
C VAL H 989 -75.00 17.36 106.18
N THR H 990 -74.95 18.65 105.87
CA THR H 990 -76.09 19.55 106.08
C THR H 990 -76.71 19.93 104.75
N TYR H 991 -78.01 19.69 104.62
CA TYR H 991 -78.76 20.08 103.44
C TYR H 991 -79.40 21.45 103.65
N THR H 992 -79.27 22.32 102.64
CA THR H 992 -79.85 23.66 102.66
C THR H 992 -80.95 23.74 101.61
N HIS H 993 -82.19 23.77 102.07
CA HIS H 993 -83.35 23.72 101.18
C HIS H 993 -83.51 25.07 100.48
N PRO H 994 -83.47 25.13 99.16
CA PRO H 994 -83.35 26.42 98.45
C PRO H 994 -84.59 27.31 98.50
N PRO H 995 -85.85 26.80 98.50
CA PRO H 995 -86.97 27.74 98.72
C PRO H 995 -87.03 28.35 100.11
N THR H 996 -86.47 27.70 101.13
CA THR H 996 -86.52 28.27 102.48
C THR H 996 -85.19 28.84 102.94
N GLY H 997 -84.09 28.12 102.71
CA GLY H 997 -82.78 28.57 103.13
C GLY H 997 -82.33 28.03 104.47
N MET H 998 -83.15 27.23 105.14
CA MET H 998 -82.78 26.68 106.42
C MET H 998 -81.72 25.59 106.26
N ALA H 999 -81.07 25.26 107.36
CA ALA H 999 -80.05 24.22 107.41
C ALA H 999 -80.61 23.01 108.12
N TYR H 1000 -80.48 21.85 107.49
CA TYR H 1000 -81.11 20.61 107.95
C TYR H 1000 -80.05 19.53 108.11
N PRO H 1001 -79.42 19.42 109.28
CA PRO H 1001 -78.27 18.51 109.39
C PRO H 1001 -78.65 17.04 109.42
N SER H 1002 -79.70 16.68 110.16
CA SER H 1002 -80.03 15.26 110.24
C SER H 1002 -80.82 14.85 109.00
N PRO H 1003 -80.68 13.60 108.53
CA PRO H 1003 -81.49 13.15 107.40
C PRO H 1003 -82.87 12.68 107.81
N THR H 1004 -83.27 12.89 109.06
CA THR H 1004 -84.57 12.46 109.54
C THR H 1004 -85.64 13.54 109.40
N GLY H 1005 -85.32 14.77 109.77
CA GLY H 1005 -86.29 15.84 109.74
C GLY H 1005 -86.32 16.68 108.48
N ARG H 1006 -85.72 16.19 107.40
CA ARG H 1006 -85.66 16.92 106.15
C ARG H 1006 -87.05 17.00 105.52
N PRO H 1007 -87.35 18.09 104.80
CA PRO H 1007 -88.69 18.24 104.22
C PRO H 1007 -88.86 17.39 102.98
N HIS H 1008 -90.05 17.45 102.39
CA HIS H 1008 -90.38 16.66 101.22
C HIS H 1008 -89.74 17.30 99.99
N VAL H 1009 -88.75 16.62 99.41
CA VAL H 1009 -87.94 17.17 98.32
C VAL H 1009 -88.01 16.21 97.14
N HIS H 1010 -88.31 16.74 95.96
CA HIS H 1010 -88.24 16.00 94.70
C HIS H 1010 -86.94 16.40 94.01
N MET H 1011 -85.84 15.81 94.46
CA MET H 1011 -84.52 16.21 94.00
C MET H 1011 -84.19 15.59 92.65
N THR H 1012 -83.81 16.42 91.69
CA THR H 1012 -83.47 16.00 90.34
C THR H 1012 -81.96 16.10 90.16
N ILE H 1013 -81.30 14.96 90.01
CA ILE H 1013 -79.87 14.89 89.75
C ILE H 1013 -79.66 14.75 88.25
N ASN H 1014 -79.06 15.75 87.63
CA ASN H 1014 -78.83 15.73 86.19
C ASN H 1014 -77.41 15.32 85.81
N GLU H 1015 -76.44 15.48 86.70
CA GLU H 1015 -75.04 15.38 86.32
C GLU H 1015 -74.35 14.17 86.95
N ARG H 1016 -74.40 14.04 88.28
CA ARG H 1016 -73.88 12.94 89.10
C ARG H 1016 -72.36 12.86 89.12
N ALA H 1017 -71.68 13.69 88.32
CA ALA H 1017 -70.22 13.68 88.26
C ALA H 1017 -69.66 14.77 89.16
N GLY H 1018 -68.53 14.50 89.77
CA GLY H 1018 -68.00 15.41 90.77
C GLY H 1018 -68.74 15.36 92.08
N MET H 1019 -69.46 14.28 92.34
CA MET H 1019 -70.34 14.18 93.48
C MET H 1019 -69.65 13.37 94.58
N SER H 1020 -69.67 13.90 95.80
CA SER H 1020 -69.00 13.24 96.91
C SER H 1020 -69.74 11.97 97.31
N LYS H 1021 -68.98 10.99 97.81
CA LYS H 1021 -69.60 9.73 98.20
C LYS H 1021 -70.35 9.87 99.52
N LEU H 1022 -69.91 10.79 100.38
CA LEU H 1022 -70.66 11.07 101.60
C LEU H 1022 -71.97 11.78 101.28
N VAL H 1023 -71.98 12.60 100.22
CA VAL H 1023 -73.22 13.26 99.81
C VAL H 1023 -74.17 12.24 99.20
N ALA H 1024 -73.65 11.37 98.34
CA ALA H 1024 -74.48 10.32 97.74
C ALA H 1024 -74.94 9.28 98.75
N ASP H 1025 -74.25 9.16 99.88
CA ASP H 1025 -74.75 8.31 100.95
C ASP H 1025 -75.86 9.01 101.70
N ASN H 1026 -75.77 10.34 101.84
CA ASN H 1026 -76.79 11.09 102.57
C ASN H 1026 -78.08 11.19 101.78
N ILE H 1027 -78.02 11.24 100.46
CA ILE H 1027 -79.24 11.39 99.67
C ILE H 1027 -80.05 10.09 99.68
N ILE H 1028 -79.37 8.94 99.55
CA ILE H 1028 -80.06 7.66 99.68
C ILE H 1028 -80.51 7.45 101.12
N ALA H 1029 -79.80 8.04 102.10
CA ALA H 1029 -80.30 8.04 103.47
C ALA H 1029 -81.54 8.91 103.61
N SER H 1030 -81.62 9.98 102.85
CA SER H 1030 -82.78 10.87 102.92
C SER H 1030 -83.99 10.31 102.20
N VAL H 1031 -83.81 9.32 101.33
CA VAL H 1031 -84.96 8.67 100.69
C VAL H 1031 -85.68 7.78 101.68
N ILE H 1032 -84.94 7.07 102.51
CA ILE H 1032 -85.54 6.11 103.43
C ILE H 1032 -86.19 6.83 104.61
N LYS H 1033 -85.53 7.85 105.15
CA LYS H 1033 -85.99 8.48 106.38
C LYS H 1033 -87.02 9.58 106.14
N SER H 1034 -86.75 10.49 105.20
CA SER H 1034 -87.61 11.64 104.98
C SER H 1034 -88.52 11.49 103.76
N ASN H 1035 -88.48 10.34 103.09
CA ASN H 1035 -89.33 10.00 101.94
C ASN H 1035 -89.16 10.98 100.78
N TRP H 1036 -87.91 11.15 100.35
CA TRP H 1036 -87.64 11.96 99.18
C TRP H 1036 -87.97 11.19 97.90
N VAL H 1037 -87.84 11.88 96.77
CA VAL H 1037 -87.90 11.26 95.45
C VAL H 1037 -86.71 11.77 94.67
N VAL H 1038 -85.81 10.87 94.29
CA VAL H 1038 -84.59 11.22 93.60
C VAL H 1038 -84.59 10.55 92.24
N ASP H 1039 -84.59 11.35 91.19
CA ASP H 1039 -84.54 10.83 89.82
C ASP H 1039 -83.24 11.24 89.14
N ILE H 1040 -82.45 10.24 88.75
CA ILE H 1040 -81.16 10.45 88.10
C ILE H 1040 -81.36 10.26 86.61
N HIS H 1041 -80.99 11.26 85.81
CA HIS H 1041 -81.30 11.26 84.39
C HIS H 1041 -80.16 10.76 83.50
N ASP H 1042 -79.09 10.21 84.06
CA ASP H 1042 -78.01 9.67 83.25
C ASP H 1042 -77.67 8.23 83.61
N ILE H 1043 -78.64 7.48 84.09
CA ILE H 1043 -78.46 6.05 84.30
C ILE H 1043 -79.05 5.30 83.11
N GLU H 1044 -78.24 4.43 82.51
CA GLU H 1044 -78.67 3.59 81.40
C GLU H 1044 -78.76 2.15 81.88
N TYR H 1045 -79.80 1.45 81.46
CA TYR H 1045 -80.01 0.09 81.92
C TYR H 1045 -80.88 -0.67 80.92
N THR H 1046 -80.80 -2.00 81.02
CA THR H 1046 -81.61 -2.92 80.23
C THR H 1046 -82.42 -3.75 81.21
N ALA H 1047 -83.74 -3.65 81.14
CA ALA H 1047 -84.60 -4.32 82.09
C ALA H 1047 -85.11 -5.63 81.50
N GLU H 1048 -85.02 -6.71 82.28
CA GLU H 1048 -85.68 -7.97 81.98
C GLU H 1048 -86.85 -8.17 82.91
N VAL H 1049 -87.98 -8.57 82.35
CA VAL H 1049 -89.20 -8.76 83.11
C VAL H 1049 -89.22 -10.19 83.63
N MET H 1050 -88.85 -10.37 84.90
CA MET H 1050 -88.74 -11.70 85.49
C MET H 1050 -90.10 -12.25 85.87
N THR H 1051 -90.23 -13.57 85.80
CA THR H 1051 -91.42 -14.29 86.22
C THR H 1051 -91.36 -14.58 87.72
N PRO H 1052 -92.51 -14.66 88.40
CA PRO H 1052 -92.48 -14.80 89.87
C PRO H 1052 -92.04 -16.16 90.37
N SER H 1053 -91.97 -17.18 89.52
CA SER H 1053 -91.41 -18.45 89.95
C SER H 1053 -89.90 -18.48 89.83
N GLU H 1054 -89.34 -17.70 88.91
CA GLU H 1054 -87.88 -17.58 88.83
C GLU H 1054 -87.34 -16.67 89.92
N GLY H 1055 -87.99 -15.54 90.15
CA GLY H 1055 -87.54 -14.61 91.17
C GLY H 1055 -86.36 -13.78 90.70
N TYR H 1056 -85.87 -12.95 91.62
CA TYR H 1056 -84.74 -12.08 91.33
C TYR H 1056 -83.46 -12.90 91.36
N THR H 1057 -82.73 -12.91 90.25
CA THR H 1057 -81.49 -13.68 90.19
C THR H 1057 -80.29 -12.88 90.67
N GLN H 1058 -80.24 -11.60 90.36
CA GLN H 1058 -79.13 -10.77 90.80
C GLN H 1058 -79.64 -9.35 91.06
N HIS H 1059 -79.04 -8.71 92.05
CA HIS H 1059 -79.52 -7.44 92.56
C HIS H 1059 -78.54 -6.33 92.23
N VAL H 1060 -79.05 -5.11 92.18
CA VAL H 1060 -78.23 -3.91 91.96
C VAL H 1060 -78.23 -3.12 93.26
N ASP H 1061 -77.04 -2.88 93.80
CA ASP H 1061 -76.92 -2.11 95.03
C ASP H 1061 -77.26 -0.65 94.79
N ALA H 1062 -77.57 0.05 95.88
CA ALA H 1062 -77.64 1.51 95.81
C ALA H 1062 -76.26 2.14 95.80
N GLU H 1063 -75.21 1.37 96.11
CA GLU H 1063 -73.85 1.89 96.01
C GLU H 1063 -73.44 2.03 94.54
N SER H 1064 -73.82 1.08 93.70
CA SER H 1064 -73.46 1.16 92.29
C SER H 1064 -74.32 2.17 91.54
N ILE H 1065 -75.56 2.42 92.00
CA ILE H 1065 -76.44 3.33 91.28
C ILE H 1065 -76.01 4.78 91.48
N MET H 1066 -75.17 5.07 92.47
CA MET H 1066 -74.76 6.43 92.77
C MET H 1066 -73.32 6.72 92.36
N THR H 1067 -72.36 5.91 92.83
CA THR H 1067 -70.95 6.14 92.55
C THR H 1067 -70.54 5.18 91.44
N ALA H 1068 -70.78 5.60 90.20
CA ALA H 1068 -70.42 4.83 89.02
C ALA H 1068 -69.99 5.80 87.94
N PRO H 1069 -69.15 5.38 87.00
CA PRO H 1069 -68.88 6.21 85.84
C PRO H 1069 -70.10 6.35 84.96
N LYS H 1070 -70.03 7.33 84.05
CA LYS H 1070 -71.22 7.78 83.33
C LYS H 1070 -71.74 6.72 82.36
N GLY H 1071 -70.84 5.96 81.74
CA GLY H 1071 -71.26 5.05 80.71
C GLY H 1071 -71.49 3.61 81.12
N LYS H 1072 -71.68 3.36 82.41
CA LYS H 1072 -71.85 1.98 82.86
C LYS H 1072 -73.29 1.54 82.60
N LEU H 1073 -73.42 0.39 81.94
CA LEU H 1073 -74.72 -0.11 81.50
C LEU H 1073 -75.24 -1.09 82.55
N PHE H 1074 -76.22 -0.65 83.35
CA PHE H 1074 -76.75 -1.45 84.43
C PHE H 1074 -77.72 -2.50 83.91
N HIS H 1075 -78.15 -3.39 84.79
CA HIS H 1075 -79.12 -4.41 84.40
C HIS H 1075 -80.08 -4.61 85.59
N LEU H 1076 -81.19 -3.89 85.55
CA LEU H 1076 -82.20 -4.00 86.59
C LEU H 1076 -83.18 -5.11 86.24
N GLN H 1077 -83.50 -5.94 87.22
CA GLN H 1077 -84.47 -7.02 87.03
C GLN H 1077 -85.78 -6.61 87.66
N PHE H 1078 -86.86 -6.68 86.88
CA PHE H 1078 -88.19 -6.33 87.34
C PHE H 1078 -89.06 -7.58 87.30
N MET H 1079 -89.93 -7.71 88.30
CA MET H 1079 -90.73 -8.92 88.46
C MET H 1079 -92.18 -8.63 88.13
N ASP H 1080 -92.78 -9.47 87.29
CA ASP H 1080 -94.19 -9.34 86.91
C ASP H 1080 -95.00 -10.20 87.85
N GLY H 1081 -95.59 -9.58 88.87
CA GLY H 1081 -96.28 -10.33 89.89
C GLY H 1081 -97.77 -10.49 89.65
N LEU H 1082 -98.16 -10.70 88.40
CA LEU H 1082 -99.58 -10.87 88.11
C LEU H 1082 -99.99 -12.33 88.28
N LEU H 1083 -99.06 -13.27 88.11
CA LEU H 1083 -99.34 -14.69 88.26
C LEU H 1083 -98.86 -15.24 89.59
N ARG H 1084 -98.94 -14.45 90.65
CA ARG H 1084 -98.46 -14.92 91.93
C ARG H 1084 -99.48 -15.89 92.55
N PRO H 1085 -99.00 -16.89 93.28
CA PRO H 1085 -99.95 -17.83 93.94
C PRO H 1085 -100.63 -17.18 95.12
N GLU H 1086 -101.96 -17.12 95.07
CA GLU H 1086 -102.74 -16.54 96.15
C GLU H 1086 -102.77 -17.52 97.32
N PRO H 1087 -102.47 -17.07 98.54
CA PRO H 1087 -102.40 -18.00 99.67
C PRO H 1087 -103.79 -18.45 100.12
N SER H 1088 -103.79 -19.45 100.99
CA SER H 1088 -105.02 -20.02 101.50
C SER H 1088 -105.70 -19.04 102.45
N ALA H 1089 -106.99 -19.30 102.70
CA ALA H 1089 -107.78 -18.44 103.57
C ALA H 1089 -107.63 -18.81 105.04
N PHE H 1090 -106.63 -19.62 105.40
CA PHE H 1090 -106.40 -20.02 106.78
C PHE H 1090 -104.93 -19.94 107.17
N ASP H 1091 -104.07 -19.53 106.24
CA ASP H 1091 -102.65 -19.38 106.53
C ASP H 1091 -102.43 -18.21 107.48
N PRO H 1092 -101.72 -18.39 108.59
CA PRO H 1092 -101.31 -17.25 109.39
C PRO H 1092 -100.31 -16.40 108.62
N PRO H 1093 -100.30 -15.08 108.85
CA PRO H 1093 -99.52 -14.19 107.99
C PRO H 1093 -98.02 -14.31 108.22
N ALA H 1094 -97.27 -13.77 107.26
CA ALA H 1094 -95.82 -13.72 107.34
C ALA H 1094 -95.40 -12.49 108.14
N SER H 1095 -94.11 -12.23 108.21
CA SER H 1095 -93.60 -11.13 109.01
C SER H 1095 -92.79 -10.10 108.23
N GLY H 1096 -92.68 -10.24 106.91
CA GLY H 1096 -91.84 -9.36 106.11
C GLY H 1096 -92.66 -8.53 105.13
N GLU H 1097 -92.25 -7.27 104.98
CA GLU H 1097 -92.79 -6.38 103.96
C GLU H 1097 -91.81 -6.30 102.82
N ASP H 1098 -92.31 -6.46 101.59
CA ASP H 1098 -91.46 -6.38 100.41
C ASP H 1098 -91.32 -4.91 100.00
N MET H 1099 -90.11 -4.37 100.13
CA MET H 1099 -89.85 -3.00 99.75
C MET H 1099 -89.26 -2.94 98.34
N ARG H 1100 -89.03 -1.71 97.87
CA ARG H 1100 -88.62 -1.47 96.50
C ARG H 1100 -88.02 -0.08 96.42
N LEU H 1101 -86.76 0.01 96.03
CA LEU H 1101 -86.04 1.26 96.13
C LEU H 1101 -85.81 1.94 94.78
N ILE H 1102 -85.86 1.20 93.69
CA ILE H 1102 -85.49 1.69 92.37
C ILE H 1102 -86.67 1.54 91.42
N TYR H 1103 -87.00 2.61 90.70
CA TYR H 1103 -88.12 2.68 89.79
C TYR H 1103 -87.73 3.27 88.45
N PRO H 1104 -88.37 2.84 87.36
CA PRO H 1104 -88.10 3.44 86.05
C PRO H 1104 -88.86 4.74 85.83
N LEU H 1105 -88.46 5.45 84.78
CA LEU H 1105 -89.15 6.68 84.35
C LEU H 1105 -90.11 6.41 83.20
N GLN H 1106 -89.61 5.84 82.12
CA GLN H 1106 -90.45 5.48 80.99
C GLN H 1106 -90.93 4.05 81.13
N PRO H 1107 -92.07 3.69 80.52
CA PRO H 1107 -92.65 2.37 80.76
C PRO H 1107 -91.80 1.22 80.21
N ILE H 1108 -91.54 0.25 81.07
CA ILE H 1108 -90.79 -0.94 80.72
C ILE H 1108 -91.67 -1.88 79.90
N SER H 1109 -91.01 -2.76 79.13
CA SER H 1109 -91.63 -3.74 78.23
C SER H 1109 -92.49 -3.05 77.18
N VAL H 1110 -91.80 -2.26 76.36
CA VAL H 1110 -92.40 -1.77 75.13
C VAL H 1110 -92.47 -2.86 74.08
N ALA H 1111 -91.71 -3.93 74.23
CA ALA H 1111 -91.69 -5.04 73.31
C ALA H 1111 -92.70 -6.13 73.67
N ARG H 1112 -93.65 -5.84 74.56
CA ARG H 1112 -94.57 -6.85 75.04
C ARG H 1112 -95.76 -6.97 74.10
N SER H 1113 -96.04 -8.19 73.65
CA SER H 1113 -97.18 -8.45 72.78
C SER H 1113 -98.40 -8.95 73.55
N MET H 1114 -98.25 -10.07 74.26
CA MET H 1114 -99.30 -10.61 75.11
C MET H 1114 -98.72 -10.83 76.50
N ARG H 1115 -99.58 -10.73 77.50
CA ARG H 1115 -99.12 -10.91 78.86
C ARG H 1115 -100.17 -11.72 79.61
N ALA H 1116 -99.70 -12.72 80.36
CA ALA H 1116 -100.50 -13.58 81.22
C ALA H 1116 -101.58 -14.33 80.44
N ILE H 1117 -101.12 -15.25 79.59
CA ILE H 1117 -102.05 -16.08 78.84
C ILE H 1117 -102.50 -17.19 79.76
N VAL H 1118 -103.52 -16.90 80.58
CA VAL H 1118 -104.18 -17.83 81.49
C VAL H 1118 -105.67 -17.49 81.48
N ASN H 1119 -106.44 -18.27 82.24
CA ASN H 1119 -107.85 -17.99 82.41
C ASN H 1119 -108.20 -17.95 83.90
N HIS H 1120 -108.89 -16.90 84.30
CA HIS H 1120 -109.17 -16.66 85.71
C HIS H 1120 -110.49 -17.32 86.07
N ASN H 1121 -110.61 -17.76 87.34
CA ASN H 1121 -111.75 -18.56 87.73
C ASN H 1121 -112.94 -17.73 88.22
N GLU H 1122 -112.76 -16.43 88.41
CA GLU H 1122 -113.85 -15.55 88.82
C GLU H 1122 -114.21 -14.54 87.74
N VAL H 1123 -113.23 -13.80 87.25
CA VAL H 1123 -113.48 -12.82 86.20
C VAL H 1123 -113.21 -13.46 84.85
N ASP H 1124 -113.79 -12.87 83.79
CA ASP H 1124 -113.63 -13.40 82.44
C ASP H 1124 -112.18 -13.28 81.96
N ARG H 1125 -111.66 -12.06 81.91
CA ARG H 1125 -110.26 -11.87 81.57
C ARG H 1125 -109.54 -11.21 82.74
N PRO H 1126 -108.29 -11.62 83.00
CA PRO H 1126 -107.60 -11.16 84.20
C PRO H 1126 -107.24 -9.69 84.14
N ARG H 1127 -107.02 -9.12 85.31
CA ARG H 1127 -106.74 -7.69 85.46
C ARG H 1127 -105.33 -7.41 84.99
N GLY H 1128 -105.21 -6.72 83.85
CA GLY H 1128 -103.92 -6.35 83.30
C GLY H 1128 -103.43 -7.20 82.16
N ALA H 1129 -104.06 -8.34 81.90
CA ALA H 1129 -103.68 -9.16 80.76
C ALA H 1129 -104.14 -8.51 79.47
N VAL H 1130 -103.31 -8.62 78.43
CA VAL H 1130 -103.59 -7.97 77.16
C VAL H 1130 -103.69 -9.01 76.06
N ALA H 1131 -104.38 -8.66 75.03
CA ALA H 1131 -104.64 -9.27 73.75
C ALA H 1131 -103.60 -8.82 72.74
N PRO H 1132 -103.24 -9.65 71.75
CA PRO H 1132 -102.26 -9.21 70.77
C PRO H 1132 -102.85 -8.18 69.83
N SER H 1133 -102.00 -7.27 69.37
CA SER H 1133 -102.43 -6.22 68.46
C SER H 1133 -102.83 -6.80 67.12
N SER H 1134 -103.87 -6.22 66.52
CA SER H 1134 -104.48 -6.78 65.32
C SER H 1134 -103.60 -6.66 64.09
N TYR H 1135 -102.53 -5.88 64.14
CA TYR H 1135 -101.63 -5.78 63.01
C TYR H 1135 -100.60 -6.89 62.97
N GLU H 1136 -100.46 -7.68 64.04
CA GLU H 1136 -99.55 -8.81 64.01
C GLU H 1136 -100.14 -9.98 63.24
N MET H 1137 -101.46 -10.01 63.08
CA MET H 1137 -102.15 -11.12 62.44
C MET H 1137 -102.59 -10.78 61.02
N ASP H 1138 -102.10 -9.68 60.47
CA ASP H 1138 -102.60 -9.15 59.21
C ASP H 1138 -101.58 -9.45 58.12
N THR H 1139 -101.94 -10.37 57.22
CA THR H 1139 -101.09 -10.63 56.07
C THR H 1139 -101.20 -9.50 55.07
N GLY H 1140 -102.42 -9.11 54.77
CA GLY H 1140 -102.67 -8.19 53.70
C GLY H 1140 -102.40 -8.85 52.37
N THR H 1141 -102.12 -8.02 51.38
CA THR H 1141 -101.71 -8.48 50.07
C THR H 1141 -100.35 -7.92 49.75
N LEU H 1142 -99.79 -8.36 48.63
CA LEU H 1142 -98.54 -7.83 48.11
C LEU H 1142 -98.87 -6.86 46.98
N SER H 1143 -98.27 -5.68 47.02
CA SER H 1143 -98.56 -4.67 46.01
C SER H 1143 -97.89 -5.02 44.69
N ARG H 1144 -98.18 -4.21 43.68
CA ARG H 1144 -97.57 -4.42 42.38
C ARG H 1144 -96.11 -3.99 42.39
N ASN H 1145 -95.78 -2.99 43.22
CA ASN H 1145 -94.40 -2.56 43.36
C ASN H 1145 -93.56 -3.62 44.07
N GLY H 1146 -94.02 -4.06 45.23
CA GLY H 1146 -93.29 -5.05 46.00
C GLY H 1146 -93.23 -4.71 47.47
N ASP H 1147 -93.87 -3.61 47.85
CA ASP H 1147 -93.96 -3.22 49.25
C ASP H 1147 -95.23 -3.79 49.86
N LEU H 1148 -95.12 -4.22 51.12
CA LEU H 1148 -96.18 -4.96 51.79
C LEU H 1148 -97.31 -4.03 52.20
N LEU H 1149 -98.54 -4.42 51.86
CA LEU H 1149 -99.74 -3.71 52.26
C LEU H 1149 -100.49 -4.48 53.33
N TYR H 1150 -101.21 -3.75 54.19
CA TYR H 1150 -102.14 -4.39 55.09
C TYR H 1150 -103.45 -4.69 54.37
N SER H 1151 -104.40 -5.21 55.11
CA SER H 1151 -105.71 -5.49 54.54
C SER H 1151 -106.50 -4.19 54.38
N PRO H 1152 -107.33 -4.10 53.34
CA PRO H 1152 -108.15 -2.89 53.17
C PRO H 1152 -109.29 -2.85 54.17
N VAL H 1153 -109.78 -1.64 54.45
CA VAL H 1153 -110.90 -1.49 55.36
C VAL H 1153 -112.25 -1.56 54.65
N ALA H 1154 -112.30 -1.19 53.37
CA ALA H 1154 -113.49 -1.31 52.53
C ALA H 1154 -113.04 -1.26 51.07
N ASN H 1155 -113.99 -1.39 50.16
CA ASN H 1155 -113.67 -1.26 48.75
C ASN H 1155 -113.32 0.18 48.39
N GLY H 1156 -112.41 0.34 47.43
CA GLY H 1156 -111.88 1.63 47.07
C GLY H 1156 -110.77 2.14 47.96
N GLN H 1157 -110.63 1.60 49.17
CA GLN H 1157 -109.57 2.01 50.09
C GLN H 1157 -108.36 1.11 49.88
N VAL H 1158 -107.30 1.66 49.27
CA VAL H 1158 -106.04 0.94 49.21
C VAL H 1158 -105.48 0.84 50.62
N GLY H 1159 -105.02 -0.36 51.00
CA GLY H 1159 -104.60 -0.58 52.36
C GLY H 1159 -103.31 0.15 52.72
N ILE H 1160 -103.07 0.22 54.02
CA ILE H 1160 -101.91 0.91 54.57
C ILE H 1160 -100.65 0.09 54.26
N PRO H 1161 -99.58 0.69 53.74
CA PRO H 1161 -98.34 -0.06 53.56
C PRO H 1161 -97.65 -0.30 54.90
N LYS H 1162 -97.04 -1.49 55.03
CA LYS H 1162 -96.51 -1.93 56.31
C LYS H 1162 -95.22 -1.23 56.72
N LEU H 1163 -94.60 -0.46 55.83
CA LEU H 1163 -93.41 0.30 56.18
C LEU H 1163 -93.73 1.73 56.53
N GLU H 1164 -94.98 2.15 56.42
CA GLU H 1164 -95.38 3.49 56.79
C GLU H 1164 -95.63 3.63 58.28
N VAL H 1165 -96.34 2.69 58.87
CA VAL H 1165 -96.66 2.74 60.28
C VAL H 1165 -95.64 1.90 61.05
N ASP H 1166 -95.59 2.10 62.36
CA ASP H 1166 -94.62 1.42 63.21
C ASP H 1166 -95.15 0.15 63.84
N HIS H 1167 -96.29 -0.36 63.37
CA HIS H 1167 -96.79 -1.63 63.88
C HIS H 1167 -96.02 -2.79 63.26
N ILE H 1168 -96.13 -3.94 63.90
CA ILE H 1168 -95.40 -5.13 63.50
C ILE H 1168 -96.38 -6.13 62.91
N SER H 1169 -96.01 -6.74 61.79
CA SER H 1169 -96.82 -7.75 61.12
C SER H 1169 -96.01 -9.03 60.96
N PHE H 1170 -96.45 -10.10 61.61
CA PHE H 1170 -95.76 -11.38 61.56
C PHE H 1170 -96.37 -12.33 60.54
N SER H 1171 -96.92 -11.82 59.44
CA SER H 1171 -97.34 -12.66 58.34
C SER H 1171 -97.31 -11.83 57.08
N ASN H 1172 -96.60 -12.30 56.05
CA ASN H 1172 -96.28 -11.47 54.91
C ASN H 1172 -96.19 -12.31 53.65
N VAL H 1173 -96.57 -11.71 52.53
CA VAL H 1173 -96.48 -12.39 51.24
C VAL H 1173 -95.08 -12.16 50.70
N VAL H 1174 -94.25 -13.20 50.74
CA VAL H 1174 -92.86 -13.12 50.31
C VAL H 1174 -92.76 -13.65 48.90
N SER H 1175 -92.28 -12.82 47.97
CA SER H 1175 -92.01 -13.28 46.63
C SER H 1175 -90.79 -14.18 46.64
N MET H 1176 -90.93 -15.37 46.06
CA MET H 1176 -89.82 -16.30 46.04
C MET H 1176 -89.88 -17.11 44.75
N MET H 1177 -88.70 -17.44 44.24
CA MET H 1177 -88.60 -18.24 43.02
C MET H 1177 -88.76 -19.71 43.32
N THR H 1178 -89.28 -20.43 42.34
CA THR H 1178 -89.46 -21.88 42.45
C THR H 1178 -88.17 -22.59 42.07
N ALA H 1179 -88.25 -23.89 41.85
CA ALA H 1179 -87.09 -24.65 41.40
C ALA H 1179 -86.80 -24.47 39.92
N ASN H 1180 -87.68 -23.81 39.17
CA ASN H 1180 -87.55 -23.66 37.73
C ASN H 1180 -86.92 -22.33 37.33
N ILE H 1181 -86.06 -21.77 38.17
CA ILE H 1181 -85.39 -20.51 37.88
C ILE H 1181 -83.88 -20.69 37.77
N ARG H 1182 -83.23 -21.14 38.85
CA ARG H 1182 -81.79 -21.45 38.90
C ARG H 1182 -80.93 -20.23 38.53
N THR H 1183 -80.98 -19.21 39.38
CA THR H 1183 -80.18 -18.02 39.15
C THR H 1183 -78.73 -18.25 39.54
N GLY H 1184 -77.81 -17.94 38.64
CA GLY H 1184 -76.41 -17.86 38.99
C GLY H 1184 -75.57 -19.06 38.68
N ASP H 1185 -76.07 -19.98 37.85
CA ASP H 1185 -75.25 -21.12 37.45
C ASP H 1185 -74.59 -20.84 36.10
N ASP H 1186 -73.73 -21.74 35.68
CA ASP H 1186 -72.96 -21.55 34.46
C ASP H 1186 -73.80 -21.88 33.23
N MET H 1187 -73.80 -20.97 32.27
CA MET H 1187 -74.45 -21.21 30.99
C MET H 1187 -73.40 -21.43 29.92
N ALA H 1188 -73.76 -22.22 28.93
CA ALA H 1188 -72.80 -22.77 27.97
C ALA H 1188 -73.05 -22.17 26.60
N VAL H 1189 -72.00 -21.66 25.97
CA VAL H 1189 -72.09 -21.04 24.66
C VAL H 1189 -71.20 -21.78 23.68
N GLU H 1190 -71.42 -21.50 22.40
CA GLU H 1190 -70.54 -21.92 21.31
C GLU H 1190 -69.71 -20.71 20.91
N ARG H 1191 -68.39 -20.87 20.86
CA ARG H 1191 -67.50 -19.82 20.41
C ARG H 1191 -67.05 -20.12 18.99
N VAL H 1192 -67.35 -19.22 18.06
CA VAL H 1192 -66.94 -19.38 16.67
C VAL H 1192 -65.89 -18.33 16.37
N ASN H 1193 -64.66 -18.77 16.17
CA ASN H 1193 -63.57 -17.87 15.82
C ASN H 1193 -63.73 -17.39 14.38
N PRO H 1194 -63.21 -16.21 14.04
CA PRO H 1194 -63.25 -15.76 12.65
C PRO H 1194 -62.25 -16.55 11.82
N ASP H 1195 -62.46 -16.49 10.50
CA ASP H 1195 -61.63 -17.27 9.58
C ASP H 1195 -60.25 -16.65 9.40
N ASP H 1196 -60.20 -15.46 8.83
CA ASP H 1196 -58.96 -14.74 8.66
C ASP H 1196 -58.87 -13.59 9.66
N VAL H 1197 -57.66 -13.35 10.14
CA VAL H 1197 -57.41 -12.17 10.95
C VAL H 1197 -57.29 -10.93 10.06
N ARG H 1198 -57.07 -11.13 8.76
CA ARG H 1198 -57.04 -10.03 7.81
C ARG H 1198 -58.42 -9.63 7.33
N ALA H 1199 -59.43 -10.48 7.53
CA ALA H 1199 -60.79 -10.20 7.13
C ALA H 1199 -61.59 -9.47 8.20
N ILE H 1200 -60.98 -9.16 9.34
CA ILE H 1200 -61.67 -8.54 10.47
C ILE H 1200 -61.66 -7.04 10.29
N ASN H 1201 -62.84 -6.45 10.19
CA ASN H 1201 -62.96 -5.01 10.03
C ASN H 1201 -63.12 -4.32 11.38
N ILE H 1202 -62.49 -3.16 11.50
CA ILE H 1202 -62.35 -2.50 12.79
C ILE H 1202 -63.19 -1.23 12.83
N ARG H 1203 -62.86 -0.28 11.97
CA ARG H 1203 -63.63 0.95 11.83
C ARG H 1203 -64.50 0.86 10.58
N ASN H 1204 -65.71 1.43 10.61
CA ASN H 1204 -66.24 2.33 11.64
C ASN H 1204 -67.39 1.73 12.42
N ALA H 1205 -67.72 0.49 12.10
CA ALA H 1205 -68.84 -0.28 12.67
C ALA H 1205 -70.17 0.47 12.59
N LYS I 1 -20.87 -48.48 -2.88
CA LYS I 1 -20.95 -48.82 -4.30
C LYS I 1 -19.56 -48.96 -4.89
N LYS I 2 -19.35 -48.37 -6.07
CA LYS I 2 -18.06 -48.37 -6.76
C LYS I 2 -17.03 -47.34 -6.27
N PRO I 3 -17.43 -46.14 -5.80
CA PRO I 3 -16.89 -44.84 -6.34
C PRO I 3 -15.39 -44.84 -6.56
N PRO I 4 -14.96 -44.65 -7.81
CA PRO I 4 -13.58 -44.99 -8.17
C PRO I 4 -12.52 -43.98 -7.79
N THR I 5 -11.68 -44.32 -6.80
CA THR I 5 -10.25 -44.05 -6.67
C THR I 5 -9.86 -42.62 -7.03
N VAL I 6 -10.09 -41.64 -6.15
CA VAL I 6 -10.15 -40.19 -6.40
C VAL I 6 -9.06 -39.58 -7.29
N VAL I 7 -7.93 -40.26 -7.44
CA VAL I 7 -6.97 -39.95 -8.50
C VAL I 7 -7.65 -40.12 -9.86
N GLN I 8 -8.32 -41.25 -10.05
CA GLN I 8 -9.03 -41.50 -11.31
C GLN I 8 -10.28 -40.64 -11.47
N SER I 9 -10.75 -39.98 -10.41
CA SER I 9 -11.82 -39.01 -10.54
C SER I 9 -11.29 -37.59 -10.63
N ARG I 10 -10.04 -37.36 -10.26
CA ARG I 10 -9.44 -36.05 -10.50
C ARG I 10 -9.12 -35.87 -11.97
N THR I 11 -8.74 -36.96 -12.65
CA THR I 11 -8.59 -36.92 -14.09
C THR I 11 -9.92 -37.01 -14.83
N ASP I 12 -11.03 -37.23 -14.11
CA ASP I 12 -12.34 -37.18 -14.72
C ASP I 12 -12.77 -35.73 -14.96
N VAL I 13 -12.46 -34.84 -14.01
CA VAL I 13 -12.74 -33.43 -14.19
C VAL I 13 -11.83 -32.84 -15.28
N PHE I 14 -10.59 -33.32 -15.35
CA PHE I 14 -9.67 -32.87 -16.39
C PHE I 14 -10.09 -33.38 -17.76
N ASN I 15 -10.77 -34.52 -17.80
CA ASN I 15 -11.17 -35.10 -19.08
C ASN I 15 -12.33 -34.33 -19.69
N GLU I 16 -13.40 -34.12 -18.91
CA GLU I 16 -14.63 -33.53 -19.43
C GLU I 16 -14.57 -32.01 -19.56
N GLN I 17 -13.44 -31.39 -19.25
CA GLN I 17 -13.25 -29.96 -19.48
C GLN I 17 -12.50 -29.67 -20.77
N PHE I 18 -11.60 -30.57 -21.18
CA PHE I 18 -10.70 -30.32 -22.30
C PHE I 18 -10.92 -31.33 -23.43
N ALA I 19 -12.16 -31.48 -23.86
CA ALA I 19 -12.55 -32.46 -24.87
C ALA I 19 -11.97 -32.09 -26.25
N ASN I 20 -12.01 -33.05 -27.15
CA ASN I 20 -11.36 -32.92 -28.46
C ASN I 20 -12.27 -33.54 -29.52
N GLU I 21 -11.72 -33.75 -30.73
CA GLU I 21 -12.50 -34.05 -31.92
C GLU I 21 -11.89 -35.24 -32.66
N ALA I 22 -12.74 -36.08 -33.24
CA ALA I 22 -12.32 -37.30 -33.91
C ALA I 22 -13.32 -37.61 -35.02
N LEU I 23 -13.35 -38.88 -35.44
CA LEU I 23 -14.37 -39.47 -36.33
C LEU I 23 -14.44 -38.85 -37.72
N HIS I 24 -13.40 -39.04 -38.52
CA HIS I 24 -13.43 -38.69 -39.94
C HIS I 24 -14.42 -39.60 -40.67
N PRO I 25 -15.32 -39.07 -41.49
CA PRO I 25 -16.37 -39.91 -42.11
C PRO I 25 -16.07 -40.43 -43.51
N MET I 26 -14.92 -40.10 -44.10
CA MET I 26 -14.65 -40.46 -45.50
C MET I 26 -14.26 -41.93 -45.58
N THR I 27 -14.76 -42.63 -46.62
CA THR I 27 -14.33 -44.01 -46.82
C THR I 27 -13.67 -44.27 -48.19
N LYS I 28 -14.12 -43.78 -49.36
CA LYS I 28 -15.44 -43.31 -49.80
C LYS I 28 -15.63 -43.82 -51.23
N VAL I 29 -16.55 -44.77 -51.42
CA VAL I 29 -16.51 -45.63 -52.59
C VAL I 29 -17.59 -45.25 -53.61
N ILE I 30 -17.45 -45.82 -54.80
CA ILE I 30 -18.42 -45.70 -55.88
C ILE I 30 -19.59 -46.65 -55.61
N PHE I 31 -20.81 -46.13 -55.68
CA PHE I 31 -22.00 -46.95 -55.57
C PHE I 31 -22.94 -46.54 -56.70
N ASN I 32 -23.15 -47.44 -57.66
CA ASN I 32 -23.99 -47.15 -58.81
C ASN I 32 -25.46 -47.44 -58.56
N GLY I 33 -25.92 -47.39 -57.33
CA GLY I 33 -27.32 -47.50 -57.00
C GLY I 33 -27.80 -46.34 -56.15
N LEU I 34 -28.70 -46.65 -55.22
CA LEU I 34 -29.23 -45.68 -54.28
C LEU I 34 -28.76 -46.06 -52.88
N ASP I 35 -28.00 -45.17 -52.25
CA ASP I 35 -27.35 -45.49 -50.98
C ASP I 35 -28.36 -45.31 -49.85
N VAL I 36 -29.02 -46.39 -49.46
CA VAL I 36 -30.04 -46.36 -48.43
C VAL I 36 -29.38 -46.41 -47.06
N ASN I 37 -29.72 -45.45 -46.21
CA ASN I 37 -29.27 -45.46 -44.82
C ASN I 37 -30.37 -45.70 -43.81
N THR I 38 -31.54 -45.08 -43.97
CA THR I 38 -32.62 -45.18 -43.00
C THR I 38 -33.84 -45.85 -43.62
N GLU I 39 -34.69 -46.40 -42.75
CA GLU I 39 -35.98 -46.92 -43.16
C GLU I 39 -37.10 -46.09 -42.56
N VAL I 40 -38.28 -46.21 -43.15
CA VAL I 40 -39.46 -45.43 -42.76
C VAL I 40 -40.57 -46.40 -42.41
N GLN I 41 -41.16 -46.22 -41.23
CA GLN I 41 -42.33 -46.99 -40.85
C GLN I 41 -43.56 -46.39 -41.48
N PRO I 42 -44.62 -47.17 -41.69
CA PRO I 42 -45.85 -46.59 -42.25
C PRO I 42 -46.55 -45.67 -41.27
N LEU I 43 -47.24 -44.67 -41.82
CA LEU I 43 -47.78 -43.60 -40.98
C LEU I 43 -49.04 -43.99 -40.24
N SER I 44 -49.74 -45.04 -40.68
CA SER I 44 -51.00 -45.39 -40.05
C SER I 44 -51.20 -46.90 -40.15
N ASP I 45 -50.98 -47.60 -39.02
CA ASP I 45 -51.28 -49.03 -38.94
C ASP I 45 -52.79 -49.15 -38.85
N ASP I 46 -53.42 -49.27 -40.02
CA ASP I 46 -54.87 -49.23 -40.10
C ASP I 46 -55.50 -50.53 -40.56
N PHE I 47 -54.95 -51.19 -41.56
CA PHE I 47 -55.62 -52.33 -42.18
C PHE I 47 -54.97 -53.65 -41.76
N LYS I 48 -55.81 -54.61 -41.41
CA LYS I 48 -55.39 -56.00 -41.42
C LYS I 48 -55.38 -56.51 -42.85
N GLN I 49 -54.62 -57.57 -43.09
CA GLN I 49 -54.36 -58.07 -44.43
C GLN I 49 -54.70 -59.55 -44.54
N ILE I 50 -55.93 -59.90 -44.15
CA ILE I 50 -56.38 -61.28 -44.25
C ILE I 50 -56.49 -61.71 -45.71
N SER I 51 -56.42 -63.02 -45.93
CA SER I 51 -56.39 -63.60 -47.26
C SER I 51 -57.71 -64.21 -47.69
N ASP I 52 -58.30 -65.06 -46.87
CA ASP I 52 -59.62 -65.60 -47.16
C ASP I 52 -60.64 -64.88 -46.29
N PRO I 53 -61.52 -64.06 -46.86
CA PRO I 53 -62.47 -63.32 -46.03
C PRO I 53 -63.60 -64.20 -45.54
N LYS I 54 -64.00 -63.97 -44.29
CA LYS I 54 -65.15 -64.63 -43.70
C LYS I 54 -66.31 -63.66 -43.66
N GLY I 55 -67.47 -64.10 -44.14
CA GLY I 55 -68.62 -63.24 -44.22
C GLY I 55 -69.29 -63.03 -42.88
N TYR I 56 -70.31 -62.17 -42.90
CA TYR I 56 -71.08 -61.90 -41.70
C TYR I 56 -72.22 -62.89 -41.54
N LEU I 57 -72.88 -63.25 -42.64
CA LEU I 57 -73.96 -64.21 -42.63
C LEU I 57 -73.54 -65.44 -43.42
N THR I 58 -73.70 -66.62 -42.84
CA THR I 58 -73.43 -67.89 -43.49
C THR I 58 -74.64 -68.79 -43.38
N TYR I 59 -74.64 -69.85 -44.18
CA TYR I 59 -75.72 -70.82 -44.14
C TYR I 59 -75.56 -71.75 -42.94
N SER I 60 -76.67 -72.38 -42.56
CA SER I 60 -76.69 -73.32 -41.46
C SER I 60 -77.83 -74.31 -41.71
N VAL I 61 -77.52 -75.59 -41.61
CA VAL I 61 -78.44 -76.65 -42.02
C VAL I 61 -78.64 -77.61 -40.86
N LYS I 62 -79.90 -77.83 -40.48
CA LYS I 62 -80.26 -78.90 -39.55
C LYS I 62 -80.77 -80.08 -40.37
N TYR I 63 -79.99 -81.15 -40.38
CA TYR I 63 -80.36 -82.32 -41.16
C TYR I 63 -81.42 -83.14 -40.45
N GLU I 64 -82.28 -83.79 -41.23
CA GLU I 64 -83.14 -84.83 -40.67
C GLU I 64 -82.37 -86.14 -40.70
N ASP I 65 -82.30 -86.82 -39.56
CA ASP I 65 -81.37 -87.92 -39.35
C ASP I 65 -81.76 -89.21 -40.07
N GLN I 66 -82.99 -89.34 -40.53
CA GLN I 66 -83.45 -90.60 -41.13
C GLN I 66 -83.28 -90.66 -42.63
N PHE I 67 -83.65 -89.60 -43.36
CA PHE I 67 -83.50 -89.61 -44.80
C PHE I 67 -82.09 -89.33 -45.27
N THR I 68 -81.24 -88.76 -44.41
CA THR I 68 -79.90 -88.39 -44.84
C THR I 68 -78.99 -89.60 -44.88
N LYS I 69 -77.81 -89.39 -45.44
CA LYS I 69 -76.75 -90.40 -45.45
C LYS I 69 -75.44 -89.67 -45.17
N LYS I 70 -74.74 -90.08 -44.12
CA LYS I 70 -73.63 -89.33 -43.55
C LYS I 70 -72.33 -89.42 -44.35
N ASP I 71 -72.35 -89.96 -45.56
CA ASP I 71 -71.15 -89.99 -46.37
C ASP I 71 -70.89 -88.64 -47.03
N LYS I 72 -69.63 -88.38 -47.36
CA LYS I 72 -69.30 -87.28 -48.24
C LYS I 72 -69.62 -87.68 -49.67
N LEU I 73 -70.38 -86.85 -50.36
CA LEU I 73 -70.72 -87.13 -51.75
C LEU I 73 -69.53 -86.82 -52.65
N ARG I 74 -69.31 -87.68 -53.64
CA ARG I 74 -68.10 -87.66 -54.45
C ARG I 74 -68.46 -87.28 -55.88
N ALA I 75 -68.11 -86.06 -56.26
CA ALA I 75 -68.27 -85.60 -57.64
C ALA I 75 -66.98 -85.89 -58.40
N SER I 76 -66.85 -85.32 -59.59
CA SER I 76 -65.59 -85.39 -60.32
C SER I 76 -64.51 -84.58 -59.62
N GLU I 77 -63.25 -84.88 -59.95
CA GLU I 77 -62.12 -84.34 -59.20
C GLU I 77 -61.96 -82.83 -59.41
N ALA I 78 -62.29 -82.33 -60.59
CA ALA I 78 -62.24 -80.89 -60.80
C ALA I 78 -63.48 -80.19 -60.26
N ASP I 79 -64.63 -80.86 -60.26
CA ASP I 79 -65.84 -80.27 -59.73
C ASP I 79 -65.92 -80.32 -58.21
N ASP I 80 -65.15 -81.20 -57.57
CA ASP I 80 -65.24 -81.35 -56.12
C ASP I 80 -64.63 -80.17 -55.37
N ARG I 81 -63.83 -79.36 -56.04
CA ARG I 81 -63.32 -78.15 -55.42
C ARG I 81 -64.26 -76.97 -55.58
N ILE I 82 -65.14 -77.00 -56.57
CA ILE I 82 -66.10 -75.92 -56.79
C ILE I 82 -67.45 -76.31 -56.22
N VAL I 83 -68.02 -77.40 -56.73
CA VAL I 83 -69.36 -77.80 -56.35
C VAL I 83 -69.37 -78.53 -55.01
N GLY I 84 -68.24 -79.15 -54.65
CA GLY I 84 -68.10 -80.06 -53.52
C GLY I 84 -68.63 -79.64 -52.16
N PRO I 85 -68.12 -78.56 -51.57
CA PRO I 85 -68.61 -78.15 -50.24
C PRO I 85 -70.00 -77.55 -50.25
N THR I 86 -70.61 -77.33 -51.42
CA THR I 86 -72.01 -76.91 -51.45
C THR I 86 -72.95 -78.10 -51.36
N VAL I 87 -72.70 -79.13 -52.18
CA VAL I 87 -73.57 -80.30 -52.16
C VAL I 87 -73.35 -81.15 -50.92
N ASN I 88 -72.27 -80.94 -50.18
CA ASN I 88 -72.11 -81.58 -48.89
C ASN I 88 -72.74 -80.78 -47.76
N LEU I 89 -73.23 -79.57 -48.03
CA LEU I 89 -73.94 -78.81 -47.02
C LEU I 89 -75.43 -78.76 -47.30
N PHE I 90 -75.83 -78.73 -48.57
CA PHE I 90 -77.23 -78.87 -48.95
C PHE I 90 -77.52 -80.28 -49.44
N LYS I 91 -76.93 -81.23 -48.73
CA LYS I 91 -77.04 -82.66 -49.00
C LYS I 91 -78.50 -83.11 -48.94
N TYR I 92 -78.80 -84.20 -49.66
CA TYR I 92 -80.14 -84.75 -49.70
C TYR I 92 -80.61 -85.19 -48.33
N GLY I 93 -81.56 -84.46 -47.78
CA GLY I 93 -82.06 -84.75 -46.44
C GLY I 93 -82.03 -83.54 -45.54
N ALA I 94 -81.78 -82.37 -46.12
CA ALA I 94 -81.73 -81.14 -45.34
C ALA I 94 -83.14 -80.72 -44.96
N ALA I 95 -83.42 -80.69 -43.66
CA ALA I 95 -84.76 -80.33 -43.20
C ALA I 95 -84.99 -78.83 -43.33
N VAL I 96 -84.21 -78.03 -42.61
CA VAL I 96 -84.33 -76.59 -42.64
C VAL I 96 -82.97 -75.98 -42.95
N VAL I 97 -82.99 -74.80 -43.56
CA VAL I 97 -81.78 -74.03 -43.84
C VAL I 97 -81.98 -72.63 -43.29
N ASN I 98 -81.20 -72.27 -42.28
CA ASN I 98 -81.31 -70.97 -41.65
C ASN I 98 -80.10 -70.11 -42.00
N ILE I 99 -80.34 -68.80 -42.07
CA ILE I 99 -79.29 -67.82 -42.34
C ILE I 99 -79.07 -67.04 -41.06
N ASP I 100 -77.93 -67.25 -40.43
CA ASP I 100 -77.62 -66.65 -39.14
C ASP I 100 -76.27 -65.96 -39.20
N LEU I 101 -75.89 -65.36 -38.08
CA LEU I 101 -74.60 -64.69 -38.00
C LEU I 101 -73.48 -65.72 -37.98
N ASN I 102 -72.31 -65.30 -38.47
CA ASN I 102 -71.20 -66.22 -38.60
C ASN I 102 -70.52 -66.39 -37.25
N ARG I 103 -70.28 -67.65 -36.87
CA ARG I 103 -69.77 -67.93 -35.53
C ARG I 103 -68.26 -67.78 -35.44
N ASP I 104 -67.52 -68.11 -36.49
CA ASP I 104 -66.07 -67.96 -36.41
C ASP I 104 -65.59 -66.57 -36.82
N PHE I 105 -66.49 -65.63 -37.08
CA PHE I 105 -66.12 -64.23 -37.15
C PHE I 105 -66.57 -63.49 -35.89
N PHE I 106 -67.82 -63.67 -35.48
CA PHE I 106 -68.32 -63.16 -34.21
C PHE I 106 -68.05 -64.20 -33.12
N ASP I 107 -66.77 -64.41 -32.87
CA ASP I 107 -66.31 -65.53 -32.06
C ASP I 107 -66.41 -65.18 -30.58
N THR I 108 -65.93 -66.09 -29.73
CA THR I 108 -66.01 -65.90 -28.29
C THR I 108 -65.03 -64.86 -27.76
N ALA I 109 -64.07 -64.43 -28.58
CA ALA I 109 -63.15 -63.39 -28.13
C ALA I 109 -63.83 -62.03 -28.05
N THR I 110 -64.88 -61.82 -28.85
CA THR I 110 -65.65 -60.58 -28.79
C THR I 110 -66.82 -60.67 -27.81
N GLY I 111 -66.95 -61.76 -27.08
CA GLY I 111 -67.99 -61.90 -26.08
C GLY I 111 -69.39 -62.12 -26.62
N ILE I 112 -69.55 -62.30 -27.92
CA ILE I 112 -70.86 -62.50 -28.54
C ILE I 112 -71.13 -63.99 -28.58
N ASP I 113 -72.24 -64.41 -27.98
CA ASP I 113 -72.61 -65.81 -27.90
C ASP I 113 -73.76 -66.06 -28.86
N LEU I 114 -73.51 -66.85 -29.90
CA LEU I 114 -74.47 -67.11 -30.97
C LEU I 114 -74.98 -68.54 -30.92
N THR I 115 -75.18 -69.07 -29.72
CA THR I 115 -75.65 -70.44 -29.58
C THR I 115 -77.17 -70.54 -29.63
N LYS I 116 -77.87 -69.47 -29.23
CA LYS I 116 -79.31 -69.46 -29.13
C LYS I 116 -79.98 -68.74 -30.29
N GLY I 117 -79.23 -68.43 -31.34
CA GLY I 117 -79.77 -67.79 -32.53
C GLY I 117 -79.53 -66.29 -32.62
N ILE I 118 -79.65 -65.58 -31.50
CA ILE I 118 -79.49 -64.14 -31.48
C ILE I 118 -78.16 -63.80 -30.83
N PRO I 119 -77.56 -62.64 -31.08
CA PRO I 119 -76.35 -62.27 -30.35
C PRO I 119 -76.66 -61.89 -28.92
N LEU I 120 -75.80 -62.33 -28.00
CA LEU I 120 -76.00 -62.12 -26.58
C LEU I 120 -74.67 -61.78 -25.92
N VAL I 121 -74.54 -60.56 -25.41
CA VAL I 121 -73.37 -60.13 -24.66
C VAL I 121 -73.80 -59.97 -23.22
N GLN I 122 -72.95 -60.42 -22.29
CA GLN I 122 -73.39 -60.68 -20.92
C GLN I 122 -73.71 -59.40 -20.15
N ASP I 123 -72.72 -58.55 -19.94
CA ASP I 123 -72.83 -57.46 -18.96
C ASP I 123 -72.52 -56.12 -19.61
N LEU I 124 -73.16 -55.83 -20.74
CA LEU I 124 -72.95 -54.56 -21.42
C LEU I 124 -73.99 -53.52 -21.01
N LEU I 125 -75.27 -53.84 -21.12
CA LEU I 125 -76.34 -52.97 -20.62
C LEU I 125 -77.24 -53.79 -19.71
N VAL I 126 -77.05 -53.64 -18.41
CA VAL I 126 -77.89 -54.36 -17.47
C VAL I 126 -78.86 -53.39 -16.80
N PRO I 127 -80.15 -53.70 -16.78
CA PRO I 127 -81.10 -52.81 -16.10
C PRO I 127 -80.98 -52.96 -14.59
N ILE I 128 -81.01 -51.83 -13.90
CA ILE I 128 -80.87 -51.81 -12.46
C ILE I 128 -82.25 -51.68 -11.83
N GLY I 129 -82.35 -52.12 -10.58
CA GLY I 129 -83.62 -52.05 -9.89
C GLY I 129 -84.62 -53.10 -10.31
N VAL I 130 -84.15 -54.22 -10.85
CA VAL I 130 -85.04 -55.29 -11.28
C VAL I 130 -84.74 -56.52 -10.45
N THR I 131 -85.53 -57.57 -10.65
CA THR I 131 -85.25 -58.86 -10.05
C THR I 131 -83.96 -59.42 -10.63
N ALA I 132 -83.21 -60.16 -9.82
CA ALA I 132 -81.84 -60.61 -10.12
C ALA I 132 -81.75 -61.55 -11.32
N GLY I 133 -82.85 -62.03 -11.88
CA GLY I 133 -82.81 -62.84 -13.08
C GLY I 133 -83.52 -62.21 -14.26
N ALA I 134 -83.64 -60.89 -14.25
CA ALA I 134 -84.39 -60.17 -15.28
C ALA I 134 -83.49 -59.40 -16.23
N GLU I 135 -82.21 -59.75 -16.31
CA GLU I 135 -81.27 -59.07 -17.18
C GLU I 135 -81.00 -59.83 -18.47
N GLN I 136 -81.65 -60.97 -18.67
CA GLN I 136 -81.36 -61.79 -19.84
C GLN I 136 -81.93 -61.21 -21.13
N SER I 137 -83.05 -60.49 -21.04
CA SER I 137 -83.67 -59.96 -22.25
C SER I 137 -82.92 -58.78 -22.80
N ALA I 138 -82.27 -58.01 -21.93
CA ALA I 138 -81.48 -56.86 -22.37
C ALA I 138 -80.14 -57.25 -22.96
N GLU I 139 -79.80 -58.53 -22.97
CA GLU I 139 -78.57 -58.96 -23.63
C GLU I 139 -78.69 -58.94 -25.14
N TYR I 140 -79.90 -59.11 -25.68
CA TYR I 140 -80.10 -58.99 -27.13
C TYR I 140 -79.88 -57.57 -27.60
N VAL I 141 -80.31 -56.59 -26.81
CA VAL I 141 -80.16 -55.20 -27.20
C VAL I 141 -78.70 -54.78 -27.10
N SER I 142 -77.99 -55.34 -26.14
CA SER I 142 -76.56 -55.11 -26.02
C SER I 142 -75.76 -56.06 -26.91
N GLY I 143 -76.40 -57.09 -27.45
CA GLY I 143 -75.73 -57.96 -28.39
C GLY I 143 -75.64 -57.32 -29.76
N LEU I 144 -76.69 -56.60 -30.16
CA LEU I 144 -76.68 -55.92 -31.43
C LEU I 144 -75.78 -54.70 -31.42
N LEU I 145 -75.41 -54.19 -30.24
CA LEU I 145 -74.41 -53.14 -30.19
C LEU I 145 -73.03 -53.68 -30.55
N MET I 146 -72.67 -54.86 -30.03
CA MET I 146 -71.36 -55.42 -30.34
C MET I 146 -71.29 -55.97 -31.77
N VAL I 147 -72.41 -56.42 -32.33
CA VAL I 147 -72.41 -56.80 -33.73
C VAL I 147 -72.23 -55.56 -34.62
N LEU I 148 -72.90 -54.47 -34.26
CA LEU I 148 -72.68 -53.20 -34.94
C LEU I 148 -71.28 -52.66 -34.69
N PHE I 149 -70.71 -52.98 -33.53
CA PHE I 149 -69.37 -52.50 -33.22
C PHE I 149 -68.30 -53.26 -33.99
N LYS I 150 -68.51 -54.55 -34.25
CA LYS I 150 -67.49 -55.32 -34.95
C LYS I 150 -67.49 -55.01 -36.44
N VAL I 151 -68.67 -54.71 -37.01
CA VAL I 151 -68.74 -54.28 -38.40
C VAL I 151 -68.06 -52.93 -38.57
N MET I 152 -68.28 -52.03 -37.62
CA MET I 152 -67.70 -50.69 -37.62
C MET I 152 -66.18 -50.69 -37.53
N THR I 153 -65.60 -51.62 -36.77
CA THR I 153 -64.16 -51.68 -36.60
C THR I 153 -63.55 -52.76 -37.49
N ASP I 154 -64.33 -53.33 -38.41
CA ASP I 154 -63.80 -54.32 -39.33
C ASP I 154 -62.89 -53.69 -40.37
N ASN I 155 -61.59 -53.67 -40.08
CA ASN I 155 -60.62 -53.03 -40.95
C ASN I 155 -59.88 -54.04 -41.82
N ARG I 156 -60.58 -55.07 -42.30
CA ARG I 156 -59.95 -56.05 -43.15
C ARG I 156 -59.75 -55.51 -44.56
N LEU I 157 -58.82 -56.12 -45.28
CA LEU I 157 -58.41 -55.65 -46.60
C LEU I 157 -57.86 -56.86 -47.35
N VAL I 158 -58.64 -57.37 -48.30
CA VAL I 158 -58.43 -58.72 -48.80
C VAL I 158 -57.28 -58.73 -49.79
N ILE I 159 -56.32 -59.62 -49.56
CA ILE I 159 -55.24 -59.93 -50.50
C ILE I 159 -55.56 -61.27 -51.13
N VAL I 160 -55.24 -61.41 -52.42
CA VAL I 160 -55.45 -62.66 -53.15
C VAL I 160 -54.66 -63.79 -52.50
N GLY I 161 -55.37 -64.79 -51.99
CA GLY I 161 -54.73 -65.89 -51.29
C GLY I 161 -54.34 -67.03 -52.20
N GLU I 162 -54.73 -68.24 -51.85
CA GLU I 162 -54.37 -69.44 -52.61
C GLU I 162 -55.47 -69.73 -53.62
N THR I 163 -55.40 -69.09 -54.78
CA THR I 163 -56.32 -69.34 -55.86
C THR I 163 -55.83 -70.51 -56.70
N THR I 164 -56.68 -70.97 -57.60
CA THR I 164 -56.32 -72.00 -58.55
C THR I 164 -57.05 -71.78 -59.86
N THR I 165 -56.47 -72.29 -60.93
CA THR I 165 -56.95 -72.05 -62.30
C THR I 165 -57.20 -73.40 -62.95
N PRO I 166 -58.45 -73.79 -63.14
CA PRO I 166 -58.75 -75.10 -63.72
C PRO I 166 -58.70 -75.05 -65.23
N MET I 167 -58.45 -76.22 -65.82
CA MET I 167 -58.56 -76.34 -67.26
C MET I 167 -60.04 -76.41 -67.63
N SER I 168 -60.41 -75.79 -68.75
CA SER I 168 -61.81 -75.73 -69.13
C SER I 168 -62.36 -77.07 -69.58
N ASN I 169 -61.52 -77.96 -70.09
CA ASN I 169 -61.97 -79.29 -70.47
C ASN I 169 -61.96 -80.28 -69.31
N THR I 170 -61.61 -79.82 -68.11
CA THR I 170 -61.74 -80.63 -66.91
C THR I 170 -63.04 -80.35 -66.15
N LEU I 171 -63.64 -79.19 -66.34
CA LEU I 171 -64.93 -78.88 -65.75
C LEU I 171 -66.04 -79.18 -66.75
N SER I 172 -67.19 -79.59 -66.22
CA SER I 172 -68.35 -79.79 -67.06
C SER I 172 -68.91 -78.45 -67.51
N THR I 173 -69.75 -78.50 -68.55
CA THR I 173 -70.21 -77.26 -69.19
C THR I 173 -71.27 -76.54 -68.38
N VAL I 174 -71.82 -77.16 -67.34
CA VAL I 174 -72.77 -76.47 -66.47
C VAL I 174 -72.02 -75.66 -65.41
N VAL I 175 -70.73 -75.89 -65.24
CA VAL I 175 -69.91 -75.14 -64.29
C VAL I 175 -69.01 -74.22 -65.10
N ASN I 176 -68.67 -74.63 -66.32
CA ASN I 176 -67.77 -73.84 -67.15
C ASN I 176 -68.42 -72.58 -67.68
N ASN I 177 -69.75 -72.50 -67.70
CA ASN I 177 -70.41 -71.23 -67.99
C ASN I 177 -70.49 -70.35 -66.76
N VAL I 178 -70.24 -70.91 -65.58
CA VAL I 178 -70.33 -70.20 -64.32
C VAL I 178 -68.96 -69.67 -63.92
N LEU I 179 -67.95 -70.52 -64.02
CA LEU I 179 -66.64 -70.24 -63.44
C LEU I 179 -65.90 -69.22 -64.30
N ARG I 180 -65.47 -68.12 -63.66
CA ARG I 180 -64.72 -67.07 -64.34
C ARG I 180 -63.21 -67.29 -64.18
N THR I 181 -62.75 -68.38 -64.79
CA THR I 181 -61.36 -68.64 -65.17
C THR I 181 -60.41 -68.91 -63.99
N THR I 182 -60.86 -68.65 -62.76
CA THR I 182 -60.09 -68.94 -61.55
C THR I 182 -61.03 -68.83 -60.36
N TYR I 183 -60.59 -69.35 -59.23
CA TYR I 183 -61.38 -69.35 -58.00
C TYR I 183 -60.47 -69.64 -56.82
N HIS I 184 -60.83 -69.10 -55.65
CA HIS I 184 -60.10 -69.39 -54.44
C HIS I 184 -60.33 -70.84 -54.00
N ASN I 185 -59.40 -71.37 -53.22
CA ASN I 185 -59.56 -72.73 -52.70
C ASN I 185 -60.70 -72.82 -51.71
N ASN I 186 -60.95 -71.77 -50.94
CA ASN I 186 -62.13 -71.70 -50.08
C ASN I 186 -63.24 -71.08 -50.90
N VAL I 187 -63.97 -71.91 -51.65
CA VAL I 187 -65.02 -71.39 -52.52
C VAL I 187 -66.27 -70.99 -51.77
N GLY I 188 -66.43 -71.40 -50.53
CA GLY I 188 -67.68 -71.11 -49.84
C GLY I 188 -68.82 -71.97 -50.36
N VAL I 189 -70.01 -71.66 -49.87
CA VAL I 189 -71.21 -72.44 -50.15
C VAL I 189 -72.26 -71.49 -50.69
N ASN I 190 -72.91 -71.89 -51.80
CA ASN I 190 -73.92 -71.07 -52.44
C ASN I 190 -74.87 -71.96 -53.25
N PRO I 191 -76.18 -71.87 -53.03
CA PRO I 191 -77.12 -72.78 -53.72
C PRO I 191 -77.18 -72.65 -55.24
N ALA I 192 -76.55 -71.66 -55.86
CA ALA I 192 -76.51 -71.61 -57.31
C ALA I 192 -75.57 -72.65 -57.91
N LEU I 193 -74.69 -73.23 -57.12
CA LEU I 193 -73.86 -74.34 -57.57
C LEU I 193 -74.58 -75.67 -57.53
N LEU I 194 -75.80 -75.71 -57.00
CA LEU I 194 -76.60 -76.93 -56.97
C LEU I 194 -77.25 -77.26 -58.30
N ARG I 195 -77.03 -76.44 -59.32
CA ARG I 195 -77.61 -76.68 -60.63
C ARG I 195 -76.97 -77.92 -61.26
N ASP I 196 -77.82 -78.91 -61.58
CA ASP I 196 -77.42 -80.18 -62.21
C ASP I 196 -76.39 -80.94 -61.37
N PHE I 197 -76.48 -80.81 -60.05
CA PHE I 197 -75.71 -81.67 -59.15
C PHE I 197 -76.52 -82.20 -57.98
N THR I 198 -77.60 -81.57 -57.58
CA THR I 198 -78.36 -82.10 -56.46
C THR I 198 -79.34 -83.16 -56.93
N GLN I 199 -79.66 -84.08 -56.03
CA GLN I 199 -80.56 -85.18 -56.34
C GLN I 199 -81.99 -84.73 -56.47
N VAL I 200 -82.35 -83.63 -55.82
CA VAL I 200 -83.74 -83.23 -55.66
C VAL I 200 -84.23 -82.60 -56.96
N ASN I 201 -85.31 -83.14 -57.51
CA ASN I 201 -85.74 -82.73 -58.85
C ASN I 201 -86.42 -81.38 -58.86
N TRP I 202 -87.24 -81.06 -57.85
CA TRP I 202 -87.90 -79.75 -57.86
C TRP I 202 -86.92 -78.64 -57.54
N LEU I 203 -85.91 -78.92 -56.72
CA LEU I 203 -84.88 -77.91 -56.45
C LEU I 203 -84.01 -77.71 -57.68
N ASN I 204 -83.73 -78.79 -58.41
CA ASN I 204 -82.98 -78.67 -59.66
C ASN I 204 -83.83 -77.99 -60.72
N ARG I 205 -85.15 -78.04 -60.59
CA ARG I 205 -85.99 -77.31 -61.53
C ARG I 205 -86.10 -75.84 -61.15
N ASP I 206 -86.19 -75.52 -59.85
CA ASP I 206 -86.38 -74.13 -59.45
C ASP I 206 -85.09 -73.32 -59.58
N ILE I 207 -83.93 -73.95 -59.44
CA ILE I 207 -82.69 -73.20 -59.64
C ILE I 207 -82.41 -73.03 -61.13
N THR I 208 -82.78 -74.03 -61.95
CA THR I 208 -82.69 -73.88 -63.39
C THR I 208 -83.71 -72.87 -63.90
N ASN I 209 -84.88 -72.79 -63.25
CA ASN I 209 -85.88 -71.80 -63.62
C ASN I 209 -85.40 -70.39 -63.31
N MET I 210 -84.64 -70.23 -62.22
CA MET I 210 -84.21 -68.89 -61.83
C MET I 210 -82.95 -68.45 -62.57
N LEU I 211 -81.97 -69.33 -62.75
CA LEU I 211 -80.73 -68.92 -63.39
C LEU I 211 -80.88 -68.70 -64.89
N GLN I 212 -81.98 -69.17 -65.49
CA GLN I 212 -82.28 -68.85 -66.88
C GLN I 212 -83.10 -67.57 -67.03
N GLN I 213 -83.46 -66.92 -65.93
CA GLN I 213 -84.14 -65.64 -66.03
C GLN I 213 -83.16 -64.54 -66.44
N ALA I 214 -83.72 -63.40 -66.82
CA ALA I 214 -82.91 -62.22 -67.08
C ALA I 214 -82.50 -61.50 -65.81
N GLY I 215 -83.22 -61.73 -64.71
CA GLY I 215 -83.02 -60.95 -63.50
C GLY I 215 -81.77 -61.30 -62.72
N THR I 216 -81.15 -62.44 -63.01
CA THR I 216 -79.96 -62.86 -62.30
C THR I 216 -78.99 -63.55 -63.24
N LYS I 217 -77.73 -63.56 -62.84
CA LYS I 217 -76.66 -64.14 -63.65
C LYS I 217 -75.53 -64.49 -62.69
N TYR I 218 -75.44 -65.76 -62.31
CA TYR I 218 -74.47 -66.20 -61.31
C TYR I 218 -73.13 -66.47 -61.95
N GLY I 219 -72.08 -65.97 -61.31
CA GLY I 219 -70.71 -66.22 -61.73
C GLY I 219 -69.87 -66.54 -60.52
N LEU I 220 -68.61 -66.88 -60.79
CA LEU I 220 -67.68 -67.27 -59.73
C LEU I 220 -66.27 -67.03 -60.24
N GLY I 221 -65.58 -66.05 -59.66
CA GLY I 221 -64.20 -65.82 -60.01
C GLY I 221 -63.86 -64.47 -60.57
N LEU I 222 -62.88 -64.44 -61.48
CA LEU I 222 -62.23 -63.20 -61.89
C LEU I 222 -63.13 -62.37 -62.80
N THR I 223 -63.41 -61.13 -62.41
CA THR I 223 -64.21 -60.23 -63.22
C THR I 223 -63.41 -59.04 -63.74
N GLU I 224 -62.87 -58.23 -62.86
CA GLU I 224 -62.14 -57.03 -63.25
C GLU I 224 -60.65 -57.22 -63.05
N THR I 225 -59.87 -56.46 -63.82
CA THR I 225 -58.42 -56.48 -63.68
C THR I 225 -57.92 -55.08 -64.00
N ARG I 226 -57.54 -54.34 -62.97
CA ARG I 226 -57.03 -52.98 -63.13
C ARG I 226 -55.52 -53.06 -63.29
N LEU I 227 -55.07 -53.16 -64.53
CA LEU I 227 -53.64 -53.14 -64.82
C LEU I 227 -53.06 -51.78 -64.49
N ASP I 228 -51.82 -51.78 -64.01
CA ASP I 228 -51.20 -50.54 -63.59
C ASP I 228 -50.76 -49.73 -64.82
N TYR I 229 -50.60 -48.43 -64.62
CA TYR I 229 -50.39 -47.52 -65.72
C TYR I 229 -48.96 -47.48 -66.22
N VAL I 230 -47.98 -47.81 -65.37
CA VAL I 230 -46.57 -47.68 -65.73
C VAL I 230 -45.86 -49.03 -65.71
N ARG I 231 -46.03 -49.81 -64.64
CA ARG I 231 -45.38 -51.10 -64.56
C ARG I 231 -46.12 -52.21 -65.31
N LEU I 232 -47.38 -51.97 -65.71
CA LEU I 232 -48.20 -52.89 -66.49
C LEU I 232 -48.41 -54.24 -65.80
N VAL I 233 -48.42 -54.27 -64.48
CA VAL I 233 -48.75 -55.47 -63.73
C VAL I 233 -50.12 -55.29 -63.11
N LYS I 234 -50.80 -56.40 -62.85
CA LYS I 234 -52.14 -56.33 -62.31
C LYS I 234 -52.11 -55.97 -60.83
N THR I 235 -52.99 -55.05 -60.43
CA THR I 235 -53.00 -54.51 -59.07
C THR I 235 -54.26 -54.86 -58.32
N ILE I 236 -55.43 -54.52 -58.85
CA ILE I 236 -56.69 -54.72 -58.16
C ILE I 236 -57.56 -55.60 -59.03
N VAL I 237 -57.80 -56.83 -58.56
CA VAL I 237 -58.68 -57.74 -59.25
C VAL I 237 -59.97 -57.86 -58.45
N GLY I 238 -61.06 -58.18 -59.16
CA GLY I 238 -62.32 -58.39 -58.49
C GLY I 238 -62.78 -59.83 -58.64
N HIS I 239 -62.73 -60.60 -57.57
CA HIS I 239 -63.16 -61.98 -57.59
C HIS I 239 -64.58 -62.09 -57.09
N ALA I 240 -65.44 -62.73 -57.89
CA ALA I 240 -66.83 -62.94 -57.51
C ALA I 240 -66.85 -64.06 -56.49
N LEU I 241 -66.73 -63.69 -55.21
CA LEU I 241 -66.66 -64.65 -54.12
C LEU I 241 -68.04 -65.20 -53.80
N ASN I 242 -68.09 -66.06 -52.79
CA ASN I 242 -69.33 -66.52 -52.19
C ASN I 242 -69.36 -65.96 -50.77
N ILE I 243 -69.84 -64.73 -50.65
CA ILE I 243 -69.80 -64.00 -49.39
C ILE I 243 -71.00 -63.07 -49.39
N ASP I 244 -71.54 -62.80 -48.21
CA ASP I 244 -72.74 -61.97 -48.12
C ASP I 244 -72.41 -60.50 -48.38
N HIS I 245 -73.45 -59.74 -48.75
CA HIS I 245 -73.23 -58.38 -49.19
C HIS I 245 -73.09 -57.39 -48.06
N PHE I 246 -73.21 -57.82 -46.81
CA PHE I 246 -72.88 -56.93 -45.70
C PHE I 246 -71.40 -56.98 -45.38
N ALA I 247 -70.76 -58.12 -45.62
CA ALA I 247 -69.32 -58.19 -45.47
C ALA I 247 -68.60 -57.78 -46.73
N ALA I 248 -69.20 -58.01 -47.90
CA ALA I 248 -68.58 -57.58 -49.14
C ALA I 248 -68.66 -56.07 -49.33
N SER I 249 -69.62 -55.41 -48.69
CA SER I 249 -69.67 -53.96 -48.79
C SER I 249 -68.61 -53.30 -47.93
N VAL I 250 -68.31 -53.90 -46.76
CA VAL I 250 -67.26 -53.34 -45.90
C VAL I 250 -65.89 -53.55 -46.53
N LEU I 251 -65.68 -54.70 -47.16
CA LEU I 251 -64.40 -54.98 -47.80
C LEU I 251 -64.18 -54.16 -49.07
N ASN I 252 -65.22 -53.60 -49.65
CA ASN I 252 -65.05 -52.69 -50.79
C ASN I 252 -64.87 -51.25 -50.36
N ILE I 253 -65.40 -50.86 -49.21
CA ILE I 253 -65.14 -49.52 -48.67
C ILE I 253 -63.68 -49.40 -48.26
N ASN I 254 -63.12 -50.49 -47.71
CA ASN I 254 -61.71 -50.47 -47.33
C ASN I 254 -60.79 -50.43 -48.54
N LEU I 255 -61.29 -50.81 -49.71
CA LEU I 255 -60.45 -50.76 -50.90
C LEU I 255 -60.74 -49.52 -51.74
N ARG I 256 -61.98 -49.01 -51.71
CA ARG I 256 -62.27 -47.79 -52.47
C ARG I 256 -61.70 -46.55 -51.82
N ALA I 257 -61.27 -46.62 -50.56
CA ALA I 257 -60.63 -45.51 -49.90
C ALA I 257 -59.13 -45.70 -49.73
N LEU I 258 -58.60 -46.86 -50.10
CA LEU I 258 -57.17 -47.07 -50.08
C LEU I 258 -56.56 -46.79 -51.45
N MET I 259 -57.25 -47.19 -52.52
CA MET I 259 -56.69 -47.01 -53.86
C MET I 259 -57.10 -45.68 -54.48
N GLU I 260 -58.27 -45.16 -54.14
CA GLU I 260 -58.66 -43.83 -54.60
C GLU I 260 -58.31 -42.74 -53.60
N ALA I 261 -57.25 -42.91 -52.83
CA ALA I 261 -56.68 -41.79 -52.09
C ALA I 261 -55.55 -41.14 -52.86
N ASN I 262 -54.93 -41.88 -53.79
CA ASN I 262 -53.87 -41.42 -54.69
C ASN I 262 -52.65 -40.87 -53.96
N VAL I 263 -52.40 -41.33 -52.74
CA VAL I 263 -51.18 -40.99 -52.00
C VAL I 263 -50.35 -42.25 -51.83
N THR I 264 -49.15 -42.22 -52.39
CA THR I 264 -48.31 -43.39 -52.49
C THR I 264 -47.49 -43.57 -51.22
N ALA I 265 -46.52 -44.48 -51.28
CA ALA I 265 -45.58 -44.61 -50.18
C ALA I 265 -44.56 -43.49 -50.17
N ASP I 266 -44.39 -42.77 -51.28
CA ASP I 266 -43.42 -41.70 -51.36
C ASP I 266 -43.86 -40.43 -50.65
N ASP I 267 -45.10 -40.38 -50.15
CA ASP I 267 -45.55 -39.25 -49.36
C ASP I 267 -45.18 -39.38 -47.89
N ARG I 268 -44.50 -40.47 -47.51
CA ARG I 268 -43.87 -40.55 -46.20
C ARG I 268 -42.65 -39.63 -46.11
N ILE I 269 -42.09 -39.26 -47.26
CA ILE I 269 -41.02 -38.28 -47.32
C ILE I 269 -41.48 -36.92 -46.81
N LYS I 270 -42.76 -36.58 -47.05
CA LYS I 270 -43.30 -35.33 -46.54
C LYS I 270 -43.38 -35.34 -45.02
N ALA I 271 -43.62 -36.51 -44.42
CA ALA I 271 -43.64 -36.62 -42.96
C ALA I 271 -42.26 -36.79 -42.36
N LEU I 272 -41.22 -36.95 -43.17
CA LEU I 272 -39.87 -36.95 -42.62
C LEU I 272 -39.23 -35.56 -42.66
N GLN I 273 -39.59 -34.75 -43.65
CA GLN I 273 -39.02 -33.41 -43.76
C GLN I 273 -39.50 -32.51 -42.63
N ALA I 274 -40.64 -32.82 -42.04
CA ALA I 274 -41.08 -32.08 -40.87
C ALA I 274 -40.31 -32.50 -39.62
N HIS I 275 -40.05 -33.79 -39.44
CA HIS I 275 -39.36 -34.31 -38.27
C HIS I 275 -37.86 -34.40 -38.44
N SER I 276 -37.28 -33.54 -39.27
CA SER I 276 -35.84 -33.47 -39.45
C SER I 276 -35.47 -32.01 -39.65
N MET I 277 -34.17 -31.74 -39.83
CA MET I 277 -33.67 -30.38 -39.95
C MET I 277 -34.20 -29.71 -41.21
N ILE I 278 -34.21 -28.37 -41.17
CA ILE I 278 -34.77 -27.59 -42.26
C ILE I 278 -33.85 -27.67 -43.46
N SER I 279 -34.44 -27.82 -44.65
CA SER I 279 -33.76 -27.90 -45.95
C SER I 279 -32.80 -29.08 -46.00
N THR I 280 -33.20 -30.19 -45.40
CA THR I 280 -32.56 -31.47 -45.68
C THR I 280 -33.23 -32.09 -46.90
N GLN I 281 -32.59 -33.10 -47.45
CA GLN I 281 -33.05 -33.72 -48.67
C GLN I 281 -33.28 -35.21 -48.46
N PHE I 282 -34.35 -35.72 -49.05
CA PHE I 282 -34.63 -37.15 -49.09
C PHE I 282 -34.75 -37.59 -50.54
N HIS I 283 -34.00 -38.62 -50.90
CA HIS I 283 -33.91 -39.09 -52.28
C HIS I 283 -34.49 -40.48 -52.40
N GLY I 284 -35.16 -40.74 -53.51
CA GLY I 284 -35.66 -42.05 -53.82
C GLY I 284 -36.80 -42.49 -52.94
N PRO I 285 -37.23 -43.76 -53.08
CA PRO I 285 -36.79 -44.74 -54.08
C PRO I 285 -37.71 -44.76 -55.28
N ASN I 286 -38.74 -43.92 -55.26
CA ASN I 286 -39.76 -43.81 -56.31
C ASN I 286 -40.47 -45.14 -56.53
N GLN I 287 -41.18 -45.59 -55.49
CA GLN I 287 -41.90 -46.85 -55.59
C GLN I 287 -43.20 -46.70 -56.37
N GLY I 288 -43.72 -45.49 -56.48
CA GLY I 288 -44.85 -45.23 -57.36
C GLY I 288 -46.18 -45.71 -56.84
N ALA I 289 -47.10 -46.01 -57.76
CA ALA I 289 -48.46 -46.38 -57.39
C ALA I 289 -48.59 -47.85 -57.02
N LEU I 290 -47.52 -48.64 -57.09
CA LEU I 290 -47.58 -50.01 -56.62
C LEU I 290 -47.41 -50.15 -55.12
N ARG I 291 -47.22 -49.07 -54.38
CA ARG I 291 -47.17 -49.10 -52.92
C ARG I 291 -48.10 -48.03 -52.36
N PRO I 292 -49.41 -48.27 -52.38
CA PRO I 292 -50.35 -47.27 -51.87
C PRO I 292 -50.34 -47.22 -50.35
N GLU I 293 -51.05 -46.23 -49.84
CA GLU I 293 -51.02 -45.85 -48.44
C GLU I 293 -52.17 -44.88 -48.21
N LEU I 294 -52.74 -44.92 -47.01
CA LEU I 294 -53.74 -43.90 -46.68
C LEU I 294 -53.08 -42.55 -46.47
N ALA I 295 -53.83 -41.50 -46.77
CA ALA I 295 -53.41 -40.17 -46.37
C ALA I 295 -53.55 -40.04 -44.86
N PHE I 296 -52.62 -39.33 -44.24
CA PHE I 296 -52.66 -39.14 -42.79
C PHE I 296 -53.84 -38.25 -42.45
N ASP I 297 -54.75 -38.75 -41.63
CA ASP I 297 -56.07 -38.14 -41.46
C ASP I 297 -55.94 -36.87 -40.62
N HIS I 298 -56.16 -35.73 -41.24
CA HIS I 298 -56.02 -34.45 -40.55
C HIS I 298 -57.20 -34.16 -39.64
N ASP I 299 -58.40 -34.54 -40.06
CA ASP I 299 -59.60 -34.20 -39.29
C ASP I 299 -59.74 -35.04 -38.04
N HIS I 300 -59.26 -36.28 -38.06
CA HIS I 300 -59.46 -37.15 -36.90
C HIS I 300 -58.44 -36.93 -35.80
N ILE I 301 -57.17 -36.74 -36.16
CA ILE I 301 -56.11 -36.67 -35.15
C ILE I 301 -56.19 -35.37 -34.37
N ILE I 302 -56.57 -34.28 -35.05
CA ILE I 302 -56.75 -33.02 -34.34
C ILE I 302 -58.06 -33.02 -33.56
N ARG I 303 -58.94 -33.97 -33.82
CA ARG I 303 -60.17 -34.05 -33.03
C ARG I 303 -60.00 -34.90 -31.79
N CYS I 304 -59.14 -35.93 -31.85
CA CYS I 304 -58.85 -36.71 -30.65
C CYS I 304 -57.83 -36.03 -29.75
N LEU I 305 -56.94 -35.21 -30.31
CA LEU I 305 -56.01 -34.44 -29.49
C LEU I 305 -56.68 -33.30 -28.73
N MET I 306 -57.96 -33.02 -29.00
CA MET I 306 -58.66 -32.07 -28.16
C MET I 306 -59.47 -32.79 -27.09
N LEU I 307 -59.77 -34.08 -27.27
CA LEU I 307 -60.25 -34.85 -26.13
C LEU I 307 -59.10 -35.26 -25.23
N ALA I 308 -57.95 -35.61 -25.82
CA ALA I 308 -56.83 -36.10 -25.05
C ALA I 308 -56.21 -35.02 -24.17
N ALA I 309 -56.39 -33.76 -24.51
CA ALA I 309 -55.96 -32.69 -23.63
C ALA I 309 -56.98 -32.40 -22.54
N ALA I 310 -58.24 -32.77 -22.74
CA ALA I 310 -59.26 -32.48 -21.75
C ALA I 310 -59.41 -33.63 -20.76
N ASN I 311 -59.43 -34.86 -21.27
CA ASN I 311 -59.49 -36.01 -20.36
C ASN I 311 -58.18 -36.23 -19.64
N TYR I 312 -57.05 -36.03 -20.32
CA TYR I 312 -55.74 -36.36 -19.78
C TYR I 312 -54.86 -35.12 -19.81
N PRO I 313 -54.90 -34.30 -18.76
CA PRO I 313 -54.09 -33.08 -18.74
C PRO I 313 -52.60 -33.34 -18.54
N ARG I 314 -52.20 -34.58 -18.28
CA ARG I 314 -50.80 -34.97 -18.26
C ARG I 314 -50.21 -35.16 -19.65
N LEU I 315 -50.98 -34.90 -20.71
CA LEU I 315 -50.48 -35.02 -22.08
C LEU I 315 -49.41 -34.00 -22.38
N GLU I 316 -49.39 -32.87 -21.67
CA GLU I 316 -48.33 -31.88 -21.84
C GLU I 316 -46.97 -32.47 -21.45
N GLY I 317 -46.93 -33.38 -20.48
CA GLY I 317 -45.69 -34.06 -20.16
C GLY I 317 -45.22 -35.02 -21.23
N ILE I 318 -46.11 -35.48 -22.10
CA ILE I 318 -45.72 -36.34 -23.20
C ILE I 318 -45.06 -35.53 -24.31
N ILE I 319 -45.71 -34.44 -24.73
CA ILE I 319 -45.23 -33.67 -25.87
C ILE I 319 -43.95 -32.92 -25.53
N VAL I 320 -43.78 -32.52 -24.27
CA VAL I 320 -42.53 -31.87 -23.86
C VAL I 320 -41.39 -32.89 -23.81
N GLN I 321 -41.67 -34.11 -23.32
CA GLN I 321 -40.66 -35.16 -23.28
C GLN I 321 -40.22 -35.59 -24.67
N ILE I 322 -41.12 -35.55 -25.65
CA ILE I 322 -40.73 -35.80 -27.03
C ILE I 322 -39.92 -34.63 -27.57
N ASN I 323 -40.29 -33.40 -27.20
CA ASN I 323 -39.52 -32.24 -27.64
C ASN I 323 -38.20 -32.11 -26.90
N THR I 324 -38.14 -32.54 -25.64
CA THR I 324 -36.86 -32.53 -24.91
C THR I 324 -35.91 -33.56 -25.50
N GLY I 325 -36.45 -34.70 -25.97
CA GLY I 325 -35.64 -35.71 -26.61
C GLY I 325 -35.09 -35.31 -27.96
N TYR I 326 -35.62 -34.23 -28.55
CA TYR I 326 -35.05 -33.72 -29.79
C TYR I 326 -33.98 -32.69 -29.52
N VAL I 327 -34.13 -31.92 -28.43
CA VAL I 327 -33.13 -30.92 -28.08
C VAL I 327 -31.87 -31.59 -27.57
N ALA I 328 -32.01 -32.61 -26.73
CA ALA I 328 -30.85 -33.29 -26.18
C ALA I 328 -30.14 -34.16 -27.20
N SER I 329 -30.83 -34.53 -28.28
CA SER I 329 -30.23 -35.33 -29.33
C SER I 329 -29.61 -34.49 -30.43
N ALA I 330 -29.58 -33.18 -30.28
CA ALA I 330 -28.94 -32.32 -31.26
C ALA I 330 -27.57 -31.83 -30.81
N ASN I 331 -27.21 -32.07 -29.54
CA ASN I 331 -25.99 -31.60 -28.89
C ASN I 331 -25.86 -30.08 -29.06
N VAL I 332 -26.88 -29.38 -28.58
CA VAL I 332 -27.06 -27.97 -28.88
C VAL I 332 -26.52 -27.05 -27.78
N ILE I 333 -26.62 -27.44 -26.51
CA ILE I 333 -26.10 -26.65 -25.40
C ILE I 333 -25.40 -27.61 -24.45
N ARG I 334 -24.12 -27.40 -24.21
CA ARG I 334 -23.33 -28.30 -23.36
C ARG I 334 -22.70 -27.50 -22.25
N PRO I 335 -23.04 -27.76 -20.98
CA PRO I 335 -22.50 -26.97 -19.89
C PRO I 335 -21.05 -27.30 -19.59
N VAL I 336 -20.38 -26.36 -18.93
CA VAL I 336 -18.99 -26.51 -18.53
C VAL I 336 -18.85 -25.87 -17.16
N SER I 337 -17.78 -26.22 -16.46
CA SER I 337 -17.58 -25.81 -15.08
C SER I 337 -16.79 -24.52 -14.94
N GLU I 338 -16.78 -23.66 -15.96
CA GLU I 338 -16.05 -22.40 -15.88
C GLU I 338 -17.02 -21.23 -15.91
N LYS I 339 -17.11 -20.51 -14.79
CA LYS I 339 -17.97 -19.34 -14.67
C LYS I 339 -17.26 -18.13 -15.26
N ARG I 340 -18.00 -17.27 -15.95
CA ARG I 340 -17.47 -15.96 -16.31
C ARG I 340 -18.55 -14.88 -16.14
N TYR I 341 -19.22 -14.87 -14.99
CA TYR I 341 -20.23 -13.87 -14.70
C TYR I 341 -19.64 -12.48 -14.49
N PHE I 342 -18.35 -12.39 -14.21
CA PHE I 342 -17.70 -11.13 -13.87
C PHE I 342 -16.44 -11.00 -14.70
N PRO I 343 -15.99 -9.79 -14.98
CA PRO I 343 -14.71 -9.61 -15.68
C PRO I 343 -13.55 -9.82 -14.71
N GLU I 344 -12.34 -9.67 -15.24
CA GLU I 344 -11.13 -9.86 -14.45
C GLU I 344 -10.96 -8.70 -13.48
N ASN I 345 -10.64 -9.04 -12.23
CA ASN I 345 -10.46 -8.10 -11.10
C ASN I 345 -11.70 -7.26 -10.86
N LEU I 346 -12.86 -7.92 -10.76
CA LEU I 346 -14.07 -7.27 -10.26
C LEU I 346 -14.77 -8.09 -9.20
N GLU I 347 -14.63 -9.43 -9.24
CA GLU I 347 -15.22 -10.25 -8.20
C GLU I 347 -14.51 -10.06 -6.86
N GLN I 348 -13.19 -9.93 -6.87
CA GLN I 348 -12.43 -9.65 -5.66
C GLN I 348 -12.39 -8.19 -5.31
N ASN I 349 -13.01 -7.32 -6.11
CA ASN I 349 -13.06 -5.90 -5.81
C ASN I 349 -14.02 -5.65 -4.67
N GLN I 350 -13.63 -4.78 -3.75
CA GLN I 350 -14.42 -4.56 -2.54
C GLN I 350 -15.60 -3.64 -2.81
N SER I 351 -15.52 -2.83 -3.88
CA SER I 351 -16.60 -1.89 -4.18
C SER I 351 -17.84 -2.62 -4.69
N ALA I 352 -17.67 -3.64 -5.52
CA ALA I 352 -18.77 -4.40 -6.06
C ALA I 352 -19.16 -5.59 -5.20
N ALA I 353 -18.84 -5.55 -3.91
CA ALA I 353 -19.23 -6.64 -3.02
C ALA I 353 -20.73 -6.68 -2.81
N ARG I 354 -21.40 -5.53 -2.94
CA ARG I 354 -22.85 -5.51 -2.96
C ARG I 354 -23.40 -6.07 -4.27
N LEU I 355 -22.60 -5.99 -5.35
CA LEU I 355 -23.05 -6.47 -6.66
C LEU I 355 -22.82 -7.96 -6.83
N VAL I 356 -21.70 -8.48 -6.34
CA VAL I 356 -21.41 -9.91 -6.51
C VAL I 356 -22.26 -10.78 -5.60
N SER I 357 -22.92 -10.19 -4.60
CA SER I 357 -23.90 -10.92 -3.82
C SER I 357 -25.26 -10.93 -4.47
N ALA I 358 -25.48 -10.14 -5.52
CA ALA I 358 -26.76 -10.12 -6.20
C ALA I 358 -26.74 -10.89 -7.51
N VAL I 359 -25.56 -11.21 -8.04
CA VAL I 359 -25.48 -12.04 -9.23
C VAL I 359 -25.28 -13.51 -8.85
N LYS I 360 -24.46 -13.78 -7.85
CA LYS I 360 -24.26 -15.16 -7.41
C LYS I 360 -25.44 -15.69 -6.61
N ALA I 361 -26.36 -14.82 -6.18
CA ALA I 361 -27.59 -15.29 -5.55
C ALA I 361 -28.69 -15.59 -6.56
N ARG I 362 -28.52 -15.18 -7.81
CA ARG I 362 -29.51 -15.46 -8.84
C ARG I 362 -29.06 -16.56 -9.81
N ALA I 363 -27.77 -16.67 -10.06
CA ALA I 363 -27.26 -17.59 -11.07
C ALA I 363 -27.19 -18.99 -10.49
N SER I 364 -28.10 -19.86 -10.91
CA SER I 364 -28.04 -21.26 -10.52
C SER I 364 -26.99 -21.98 -11.34
N GLU I 365 -26.66 -23.20 -10.91
CA GLU I 365 -25.68 -24.00 -11.62
C GLU I 365 -26.26 -24.52 -12.94
N ALA I 366 -25.36 -24.83 -13.86
CA ALA I 366 -25.75 -25.19 -15.22
C ALA I 366 -26.14 -26.67 -15.24
N ASP I 367 -27.39 -26.95 -14.89
CA ASP I 367 -27.92 -28.30 -15.00
C ASP I 367 -28.57 -28.47 -16.37
N ILE I 368 -28.11 -29.50 -17.09
CA ILE I 368 -28.53 -29.69 -18.48
C ILE I 368 -29.96 -30.19 -18.59
N SER I 369 -30.52 -30.75 -17.51
CA SER I 369 -31.88 -31.27 -17.57
C SER I 369 -32.92 -30.15 -17.56
N SER I 370 -32.52 -28.93 -17.19
CA SER I 370 -33.43 -27.80 -17.17
C SER I 370 -33.22 -26.83 -18.32
N ILE I 371 -32.01 -26.75 -18.88
CA ILE I 371 -31.80 -25.91 -20.05
C ILE I 371 -32.45 -26.54 -21.28
N HIS I 372 -32.34 -27.86 -21.42
CA HIS I 372 -33.06 -28.58 -22.46
C HIS I 372 -34.56 -28.54 -22.22
N LEU I 373 -34.99 -28.47 -20.96
CA LEU I 373 -36.41 -28.38 -20.67
C LEU I 373 -36.95 -27.01 -21.03
N ALA I 374 -36.12 -25.97 -20.90
CA ALA I 374 -36.59 -24.61 -21.13
C ALA I 374 -36.78 -24.33 -22.61
N ILE I 375 -35.94 -24.92 -23.46
CA ILE I 375 -36.15 -24.81 -24.90
C ILE I 375 -37.39 -25.57 -25.32
N ALA I 376 -37.57 -26.78 -24.81
CA ALA I 376 -38.67 -27.63 -25.24
C ALA I 376 -40.02 -27.15 -24.72
N ARG I 377 -40.05 -26.33 -23.68
CA ARG I 377 -41.33 -25.76 -23.24
C ARG I 377 -41.86 -24.74 -24.22
N GLU I 378 -40.99 -24.17 -25.06
CA GLU I 378 -41.37 -23.02 -25.86
C GLU I 378 -42.31 -23.40 -26.99
N VAL I 379 -41.88 -24.27 -27.90
CA VAL I 379 -42.70 -24.64 -29.05
C VAL I 379 -43.78 -25.63 -28.68
N SER I 380 -43.77 -26.18 -27.47
CA SER I 380 -44.76 -27.13 -27.02
C SER I 380 -46.09 -26.44 -26.79
N PRO I 381 -47.21 -27.15 -26.94
CA PRO I 381 -48.49 -26.59 -26.53
C PRO I 381 -48.57 -26.48 -25.02
N MET I 382 -49.39 -25.54 -24.57
CA MET I 382 -49.59 -25.30 -23.15
C MET I 382 -50.95 -25.85 -22.74
N PHE I 383 -50.95 -26.75 -21.77
CA PHE I 383 -52.17 -27.36 -21.24
C PHE I 383 -52.43 -26.98 -19.80
N ASN I 384 -51.43 -27.08 -18.93
CA ASN I 384 -51.48 -26.48 -17.61
C ASN I 384 -50.84 -25.11 -17.71
N VAL I 385 -51.46 -24.11 -17.07
CA VAL I 385 -51.00 -22.73 -17.21
C VAL I 385 -49.71 -22.55 -16.42
N HIS I 386 -48.67 -22.12 -17.12
CA HIS I 386 -47.35 -21.97 -16.55
C HIS I 386 -47.32 -20.80 -15.57
N GLU I 387 -46.76 -21.05 -14.38
CA GLU I 387 -46.67 -20.02 -13.36
C GLU I 387 -45.21 -19.80 -12.96
N LEU I 388 -44.93 -18.60 -12.48
CA LEU I 388 -43.57 -18.16 -12.25
C LEU I 388 -43.01 -18.70 -10.94
N LYS I 389 -41.75 -19.12 -10.98
CA LYS I 389 -40.97 -19.38 -9.77
C LYS I 389 -40.84 -18.08 -8.98
N LYS I 390 -41.28 -18.11 -7.72
CA LYS I 390 -41.42 -16.90 -6.91
C LYS I 390 -40.05 -16.26 -6.64
N ILE I 391 -39.93 -14.98 -7.00
CA ILE I 391 -38.71 -14.22 -6.82
C ILE I 391 -38.96 -13.18 -5.74
N ALA I 392 -38.20 -13.26 -4.65
CA ALA I 392 -38.39 -12.38 -3.50
C ALA I 392 -37.33 -11.29 -3.58
N GLU I 393 -37.70 -10.14 -4.14
CA GLU I 393 -36.79 -9.01 -4.24
C GLU I 393 -37.48 -7.75 -3.73
N SER I 394 -36.67 -6.87 -3.15
CA SER I 394 -37.14 -5.60 -2.61
C SER I 394 -36.62 -4.40 -3.35
N PHE I 395 -35.60 -4.58 -4.21
CA PHE I 395 -35.03 -3.54 -5.08
C PHE I 395 -34.50 -2.36 -4.27
N GLU I 396 -33.84 -2.70 -3.17
CA GLU I 396 -33.21 -1.73 -2.27
C GLU I 396 -32.06 -0.98 -2.91
N ASP I 397 -31.09 -1.70 -3.44
CA ASP I 397 -29.81 -1.15 -3.86
C ASP I 397 -29.79 -0.98 -5.37
N PRO I 398 -28.94 -0.09 -5.90
CA PRO I 398 -28.71 -0.08 -7.35
C PRO I 398 -28.03 -1.32 -7.91
N SER I 399 -27.52 -2.22 -7.07
CA SER I 399 -27.06 -3.52 -7.54
C SER I 399 -28.20 -4.51 -7.73
N SER I 400 -29.44 -4.10 -7.48
CA SER I 400 -30.61 -4.94 -7.73
C SER I 400 -31.17 -4.76 -9.13
N ILE I 401 -30.39 -4.19 -10.05
CA ILE I 401 -30.79 -4.12 -11.45
C ILE I 401 -30.53 -5.44 -12.14
N VAL I 402 -29.85 -6.36 -11.46
CA VAL I 402 -29.57 -7.69 -11.99
C VAL I 402 -30.87 -8.47 -12.21
N VAL I 403 -31.84 -8.28 -11.33
CA VAL I 403 -33.12 -8.97 -11.42
C VAL I 403 -33.91 -8.47 -12.63
N VAL I 404 -33.76 -7.20 -12.98
CA VAL I 404 -34.39 -6.70 -14.21
C VAL I 404 -33.66 -7.23 -15.43
N LEU I 405 -32.33 -7.30 -15.38
CA LEU I 405 -31.56 -7.89 -16.48
C LEU I 405 -31.82 -9.39 -16.62
N GLU I 406 -32.23 -10.05 -15.55
CA GLU I 406 -32.67 -11.44 -15.64
C GLU I 406 -33.94 -11.53 -16.47
N PHE I 407 -34.83 -10.55 -16.36
CA PHE I 407 -36.07 -10.55 -17.11
C PHE I 407 -35.91 -10.11 -18.55
N ILE I 408 -34.91 -9.26 -18.84
CA ILE I 408 -34.67 -8.85 -20.22
C ILE I 408 -34.16 -10.02 -21.04
N LEU I 409 -33.18 -10.74 -20.49
CA LEU I 409 -32.62 -11.91 -21.17
C LEU I 409 -33.64 -13.03 -21.29
N PHE I 410 -34.56 -13.15 -20.33
CA PHE I 410 -35.60 -14.15 -20.44
C PHE I 410 -36.70 -13.71 -21.40
N ALA I 411 -36.78 -12.42 -21.72
CA ALA I 411 -37.72 -11.97 -22.74
C ALA I 411 -37.15 -12.10 -24.13
N LEU I 412 -35.82 -12.14 -24.28
CA LEU I 412 -35.24 -12.26 -25.59
C LEU I 412 -34.98 -13.71 -25.97
N PHE I 413 -34.46 -14.50 -25.04
CA PHE I 413 -34.15 -15.89 -25.32
C PHE I 413 -35.41 -16.74 -25.46
N PHE I 414 -36.42 -16.49 -24.65
CA PHE I 414 -37.65 -17.27 -24.65
C PHE I 414 -38.85 -16.33 -24.65
N PRO I 415 -39.16 -15.71 -25.79
CA PRO I 415 -40.28 -14.76 -25.81
C PRO I 415 -41.63 -15.42 -25.71
N THR I 416 -41.76 -16.68 -26.10
CA THR I 416 -43.04 -17.38 -25.92
C THR I 416 -43.29 -17.67 -24.46
N GLU I 417 -42.30 -18.24 -23.77
CA GLU I 417 -42.41 -18.47 -22.34
C GLU I 417 -42.29 -17.20 -21.52
N PHE I 418 -41.96 -16.07 -22.14
CA PHE I 418 -42.13 -14.80 -21.45
C PHE I 418 -43.59 -14.38 -21.42
N ASN I 419 -44.35 -14.71 -22.46
CA ASN I 419 -45.75 -14.29 -22.53
C ASN I 419 -46.60 -15.03 -21.52
N ARG I 420 -46.31 -16.30 -21.27
CA ARG I 420 -47.14 -17.11 -20.40
C ARG I 420 -47.00 -16.72 -18.94
N ILE I 421 -45.93 -16.02 -18.58
CA ILE I 421 -45.73 -15.57 -17.21
C ILE I 421 -45.44 -14.07 -17.16
N LYS I 422 -45.87 -13.32 -18.17
CA LYS I 422 -45.59 -11.88 -18.20
C LYS I 422 -46.34 -11.13 -17.13
N GLY I 423 -47.41 -11.71 -16.59
CA GLY I 423 -48.14 -11.05 -15.54
C GLY I 423 -47.50 -11.20 -14.18
N ASP I 424 -46.92 -12.36 -13.90
CA ASP I 424 -46.23 -12.52 -12.62
C ASP I 424 -44.91 -11.78 -12.60
N ILE I 425 -44.40 -11.40 -13.77
CA ILE I 425 -43.25 -10.51 -13.81
C ILE I 425 -43.67 -9.08 -13.49
N GLN I 426 -44.93 -8.73 -13.77
CA GLN I 426 -45.45 -7.42 -13.36
C GLN I 426 -45.53 -7.31 -11.84
N ASN I 427 -45.84 -8.40 -11.15
CA ASN I 427 -45.91 -8.39 -9.69
C ASN I 427 -44.56 -8.12 -9.06
N VAL I 428 -43.47 -8.46 -9.75
CA VAL I 428 -42.14 -8.10 -9.28
C VAL I 428 -41.78 -6.70 -9.75
N LEU I 429 -42.07 -6.37 -11.00
CA LEU I 429 -41.70 -5.08 -11.56
C LEU I 429 -42.46 -3.91 -10.97
N LEU I 430 -43.66 -4.12 -10.44
CA LEU I 430 -44.32 -3.02 -9.76
C LEU I 430 -43.70 -2.69 -8.41
N LEU I 431 -42.89 -3.60 -7.86
CA LEU I 431 -42.05 -3.22 -6.73
C LEU I 431 -40.77 -2.54 -7.17
N PHE I 432 -40.38 -2.69 -8.43
CA PHE I 432 -39.21 -2.00 -8.98
C PHE I 432 -39.51 -0.54 -9.25
N PHE I 433 -40.59 -0.26 -9.99
CA PHE I 433 -40.88 1.11 -10.40
C PHE I 433 -41.39 1.94 -9.24
N SER I 434 -42.11 1.34 -8.28
CA SER I 434 -42.66 2.11 -7.18
C SER I 434 -41.61 2.52 -6.17
N ARG I 435 -40.42 1.94 -6.19
CA ARG I 435 -39.34 2.36 -5.32
C ARG I 435 -38.22 3.10 -6.03
N TRP I 436 -38.22 3.15 -7.36
CA TRP I 436 -37.25 3.97 -8.07
C TRP I 436 -37.85 5.17 -8.77
N TYR I 437 -39.06 5.05 -9.30
CA TYR I 437 -39.74 6.17 -9.97
C TYR I 437 -41.08 6.44 -9.30
N PRO I 438 -41.07 6.97 -8.07
CA PRO I 438 -42.35 7.13 -7.35
C PRO I 438 -43.22 8.24 -7.87
N VAL I 439 -42.65 9.22 -8.59
CA VAL I 439 -43.45 10.26 -9.19
C VAL I 439 -44.24 9.70 -10.36
N GLU I 440 -43.59 8.89 -11.20
CA GLU I 440 -44.21 8.37 -12.40
C GLU I 440 -44.90 7.03 -12.17
N TYR I 441 -44.75 6.43 -10.99
CA TYR I 441 -45.48 5.21 -10.69
C TYR I 441 -46.97 5.48 -10.51
N GLY I 442 -47.30 6.53 -9.75
CA GLY I 442 -48.71 6.81 -9.47
C GLY I 442 -49.47 7.28 -10.69
N ILE I 443 -48.77 7.84 -11.68
CA ILE I 443 -49.42 8.21 -12.93
C ILE I 443 -49.80 6.95 -13.71
N PHE I 444 -49.00 5.90 -13.59
CA PHE I 444 -49.30 4.66 -14.29
C PHE I 444 -50.39 3.86 -13.59
N ILE I 445 -50.47 3.96 -12.26
CA ILE I 445 -51.44 3.17 -11.51
C ILE I 445 -52.85 3.69 -11.72
N GLN I 446 -53.00 5.01 -11.84
CA GLN I 446 -54.33 5.60 -11.95
C GLN I 446 -54.99 5.25 -13.27
N ARG I 447 -54.21 4.86 -14.28
CA ARG I 447 -54.82 4.32 -15.48
C ARG I 447 -55.30 2.89 -15.23
N GLY I 448 -54.45 2.07 -14.62
CA GLY I 448 -54.82 0.72 -14.26
C GLY I 448 -53.66 -0.26 -14.22
N ALA I 449 -53.80 -1.30 -13.40
CA ALA I 449 -52.85 -2.38 -13.36
C ALA I 449 -53.24 -3.55 -14.25
N THR I 450 -54.48 -3.58 -14.71
CA THR I 450 -54.94 -4.54 -15.71
C THR I 450 -55.76 -3.81 -16.76
N TYR I 451 -55.90 -4.43 -17.94
CA TYR I 451 -56.82 -3.89 -18.93
C TYR I 451 -57.46 -5.01 -19.72
N THR I 452 -58.57 -4.68 -20.37
CA THR I 452 -59.32 -5.61 -21.20
C THR I 452 -59.36 -5.10 -22.63
N ILE I 453 -59.77 -5.99 -23.53
CA ILE I 453 -59.93 -5.64 -24.94
C ILE I 453 -61.41 -5.41 -25.21
N ASN I 454 -61.74 -4.21 -25.66
CA ASN I 454 -63.10 -3.93 -26.07
C ASN I 454 -63.37 -4.60 -27.41
N ALA I 455 -64.65 -4.82 -27.71
CA ALA I 455 -65.02 -5.39 -29.00
C ALA I 455 -64.69 -4.44 -30.15
N ALA I 456 -64.67 -3.14 -29.89
CA ALA I 456 -64.34 -2.14 -30.90
C ALA I 456 -62.85 -1.84 -30.97
N GLY I 457 -62.01 -2.71 -30.41
CA GLY I 457 -60.58 -2.60 -30.57
C GLY I 457 -59.89 -1.66 -29.60
N GLU I 458 -60.61 -1.00 -28.72
CA GLU I 458 -59.99 -0.07 -27.79
C GLU I 458 -59.43 -0.80 -26.59
N PHE I 459 -58.67 -0.08 -25.77
CA PHE I 459 -58.08 -0.61 -24.55
C PHE I 459 -58.81 0.02 -23.37
N GLU I 460 -59.70 -0.74 -22.74
CA GLU I 460 -60.47 -0.27 -21.60
C GLU I 460 -59.66 -0.55 -20.34
N PHE I 461 -58.89 0.44 -19.90
CA PHE I 461 -58.10 0.28 -18.69
C PHE I 461 -58.99 0.30 -17.46
N SER I 462 -58.68 -0.59 -16.52
CA SER I 462 -59.55 -0.81 -15.36
C SER I 462 -59.47 0.33 -14.37
N GLY I 463 -58.28 0.59 -13.84
CA GLY I 463 -58.10 1.62 -12.84
C GLY I 463 -57.88 1.10 -11.44
N ARG I 464 -57.77 -0.21 -11.25
CA ARG I 464 -57.63 -0.81 -9.94
C ARG I 464 -56.19 -1.30 -9.76
N ASN I 465 -55.56 -0.90 -8.67
CA ASN I 465 -54.23 -1.37 -8.34
C ASN I 465 -54.34 -2.79 -7.79
N GLU I 466 -54.15 -3.79 -8.65
CA GLU I 466 -54.32 -5.18 -8.27
C GLU I 466 -53.03 -5.94 -8.53
N LYS I 467 -52.64 -6.78 -7.57
CA LYS I 467 -51.57 -7.72 -7.86
C LYS I 467 -52.08 -8.79 -8.83
N TRP I 468 -51.27 -9.09 -9.82
CA TRP I 468 -51.62 -10.06 -10.84
C TRP I 468 -51.50 -11.46 -10.27
N ASP I 469 -52.39 -12.34 -10.71
CA ASP I 469 -52.27 -13.76 -10.44
C ASP I 469 -52.33 -14.50 -11.77
N GLN I 470 -51.78 -15.71 -11.80
CA GLN I 470 -51.69 -16.45 -13.04
C GLN I 470 -53.02 -17.10 -13.41
N SER I 471 -53.99 -17.08 -12.52
CA SER I 471 -55.37 -17.07 -12.96
C SER I 471 -55.78 -15.60 -13.03
N LEU I 472 -56.66 -15.30 -14.00
CA LEU I 472 -56.80 -14.10 -14.84
C LEU I 472 -55.94 -14.17 -16.10
N TYR I 473 -55.14 -15.21 -16.26
CA TYR I 473 -54.51 -15.40 -17.57
C TYR I 473 -55.53 -15.94 -18.56
N LEU I 474 -56.53 -16.66 -18.07
CA LEU I 474 -57.54 -17.20 -18.97
C LEU I 474 -58.67 -16.20 -19.16
N SER I 475 -58.76 -15.19 -18.30
CA SER I 475 -59.83 -14.22 -18.44
C SER I 475 -59.39 -13.05 -19.32
N GLU I 476 -60.27 -12.07 -19.43
CA GLU I 476 -60.13 -10.96 -20.36
C GLU I 476 -59.19 -9.88 -19.89
N HIS I 477 -58.51 -10.05 -18.76
CA HIS I 477 -57.62 -9.03 -18.24
C HIS I 477 -56.19 -9.25 -18.73
N PHE I 478 -55.50 -8.17 -19.07
CA PHE I 478 -54.13 -8.24 -19.53
C PHE I 478 -53.21 -7.60 -18.51
N PRO I 479 -51.91 -7.88 -18.55
CA PRO I 479 -50.96 -7.04 -17.80
C PRO I 479 -50.85 -5.67 -18.44
N ALA I 480 -50.84 -4.63 -17.61
CA ALA I 480 -50.93 -3.27 -18.12
C ALA I 480 -49.59 -2.63 -18.45
N LEU I 481 -48.48 -3.21 -17.99
CA LEU I 481 -47.17 -2.68 -18.39
C LEU I 481 -46.89 -2.96 -19.86
N PHE I 482 -47.48 -4.00 -20.42
CA PHE I 482 -47.16 -4.47 -21.76
C PHE I 482 -48.18 -4.01 -22.79
N SER I 483 -48.85 -2.91 -22.54
CA SER I 483 -49.81 -2.39 -23.52
C SER I 483 -49.11 -1.67 -24.66
N ASP I 484 -47.92 -1.12 -24.40
CA ASP I 484 -47.16 -0.27 -25.32
C ASP I 484 -47.99 0.90 -25.82
N VAL I 485 -48.77 1.49 -24.93
CA VAL I 485 -49.53 2.71 -25.19
C VAL I 485 -48.87 3.84 -24.42
N PRO I 486 -48.50 4.93 -25.07
CA PRO I 486 -47.81 6.02 -24.36
C PRO I 486 -48.75 6.75 -23.43
N LEU I 487 -48.21 7.15 -22.27
CA LEU I 487 -48.95 7.89 -21.28
C LEU I 487 -48.19 9.17 -20.97
N ALA I 488 -48.90 10.30 -20.96
CA ALA I 488 -48.28 11.58 -20.70
C ALA I 488 -47.89 11.69 -19.22
N GLY I 489 -46.60 11.84 -18.96
CA GLY I 489 -46.07 11.89 -17.62
C GLY I 489 -45.33 10.63 -17.21
N ALA I 490 -45.73 9.48 -17.75
CA ALA I 490 -45.09 8.20 -17.45
C ALA I 490 -44.22 7.74 -18.60
N ASN I 491 -43.47 8.65 -19.21
CA ASN I 491 -42.69 8.35 -20.42
C ASN I 491 -41.54 7.40 -20.16
N THR I 492 -41.05 7.31 -18.93
CA THR I 492 -39.90 6.44 -18.67
C THR I 492 -40.32 4.98 -18.49
N ILE I 493 -41.45 4.74 -17.82
CA ILE I 493 -41.91 3.38 -17.58
C ILE I 493 -42.31 2.71 -18.88
N ILE I 494 -42.94 3.45 -19.79
CA ILE I 494 -43.25 2.92 -21.11
C ILE I 494 -41.97 2.70 -21.91
N ALA I 495 -40.95 3.54 -21.68
CA ALA I 495 -39.69 3.38 -22.42
C ALA I 495 -38.93 2.14 -22.01
N ILE I 496 -38.96 1.78 -20.71
CA ILE I 496 -38.27 0.57 -20.28
C ILE I 496 -39.05 -0.67 -20.71
N MET I 497 -40.38 -0.57 -20.81
CA MET I 497 -41.17 -1.69 -21.32
C MET I 497 -41.04 -1.87 -22.82
N ARG I 498 -40.39 -0.95 -23.54
CA ARG I 498 -40.02 -1.19 -24.92
C ARG I 498 -38.72 -1.98 -25.04
N LEU I 499 -38.14 -2.41 -23.92
CA LEU I 499 -36.95 -3.25 -23.95
C LEU I 499 -37.28 -4.72 -23.79
N PHE I 500 -38.52 -5.04 -23.42
CA PHE I 500 -38.99 -6.41 -23.35
C PHE I 500 -39.56 -6.90 -24.67
N THR I 501 -39.46 -6.12 -25.73
CA THR I 501 -40.06 -6.51 -27.00
C THR I 501 -39.27 -7.67 -27.61
N PRO I 502 -39.95 -8.60 -28.29
CA PRO I 502 -39.24 -9.72 -28.90
C PRO I 502 -38.50 -9.27 -30.16
N GLN I 503 -37.50 -10.06 -30.53
CA GLN I 503 -36.66 -9.78 -31.69
C GLN I 503 -36.77 -10.90 -32.70
N GLY I 504 -37.98 -11.38 -32.95
CA GLY I 504 -38.15 -12.52 -33.81
C GLY I 504 -39.07 -12.30 -34.99
N PHE I 505 -39.40 -13.38 -35.69
CA PHE I 505 -40.26 -13.32 -36.86
C PHE I 505 -41.35 -14.36 -36.69
N LEU I 506 -42.24 -14.42 -37.67
CA LEU I 506 -43.44 -15.25 -37.58
C LEU I 506 -43.44 -16.22 -38.75
N ARG I 507 -42.99 -17.44 -38.50
CA ARG I 507 -42.85 -18.45 -39.56
C ARG I 507 -44.07 -19.34 -39.63
N THR I 508 -44.63 -19.47 -40.83
CA THR I 508 -45.69 -20.43 -41.03
C THR I 508 -45.12 -21.86 -41.07
N ASP I 509 -45.98 -22.82 -40.73
CA ASP I 509 -45.59 -24.23 -40.71
C ASP I 509 -45.69 -24.79 -42.12
N ASP I 510 -44.71 -24.46 -42.95
CA ASP I 510 -44.75 -24.85 -44.36
C ASP I 510 -44.50 -26.35 -44.54
N LEU I 511 -43.68 -26.94 -43.67
CA LEU I 511 -43.39 -28.37 -43.79
C LEU I 511 -44.42 -29.22 -43.07
N ALA I 512 -45.24 -28.61 -42.21
CA ALA I 512 -46.26 -29.37 -41.49
C ALA I 512 -47.58 -29.41 -42.24
N ILE I 513 -47.93 -28.33 -42.94
CA ILE I 513 -49.16 -28.33 -43.73
C ILE I 513 -49.04 -29.28 -44.92
N ALA I 514 -47.89 -29.26 -45.61
CA ALA I 514 -47.68 -30.15 -46.74
C ALA I 514 -47.56 -31.60 -46.32
N ALA I 515 -47.18 -31.86 -45.07
CA ALA I 515 -47.19 -33.21 -44.53
C ALA I 515 -48.57 -33.62 -44.02
N ASN I 516 -49.51 -32.68 -44.00
CA ASN I 516 -50.92 -32.89 -43.65
C ASN I 516 -51.06 -33.41 -42.21
N PHE I 517 -50.32 -32.75 -41.27
CA PHE I 517 -50.21 -32.93 -39.84
C PHE I 517 -51.35 -32.22 -39.11
N PRO I 518 -51.72 -32.66 -37.91
CA PRO I 518 -52.78 -31.99 -37.17
C PRO I 518 -52.34 -30.63 -36.65
N ARG I 519 -53.15 -29.61 -36.91
CA ARG I 519 -52.94 -28.26 -36.42
C ARG I 519 -54.25 -27.69 -35.93
N ALA I 520 -54.18 -26.89 -34.86
CA ALA I 520 -55.38 -26.38 -34.20
C ALA I 520 -55.65 -24.93 -34.53
N SER I 521 -55.41 -24.51 -35.78
CA SER I 521 -55.73 -23.16 -36.21
C SER I 521 -55.99 -23.18 -37.71
N ARG I 522 -56.20 -22.00 -38.28
CA ARG I 522 -56.34 -21.87 -39.73
C ARG I 522 -55.01 -21.66 -40.42
N ASN I 523 -54.23 -20.66 -39.99
CA ASN I 523 -52.86 -20.53 -40.46
C ASN I 523 -51.89 -20.88 -39.34
N PRO I 524 -51.30 -22.06 -39.35
CA PRO I 524 -50.40 -22.46 -38.26
C PRO I 524 -49.09 -21.72 -38.32
N GLN I 525 -48.92 -20.75 -37.42
CA GLN I 525 -47.78 -19.85 -37.43
C GLN I 525 -47.16 -19.85 -36.04
N THR I 526 -45.87 -20.14 -35.97
CA THR I 526 -45.14 -20.13 -34.72
C THR I 526 -44.17 -18.95 -34.69
N TYR I 527 -43.66 -18.65 -33.50
CA TYR I 527 -42.82 -17.49 -33.31
C TYR I 527 -41.42 -17.94 -32.95
N ILE I 528 -40.51 -17.84 -33.91
CA ILE I 528 -39.10 -18.17 -33.73
C ILE I 528 -38.41 -16.94 -33.14
N PRO I 529 -37.61 -17.08 -32.09
CA PRO I 529 -37.17 -15.90 -31.34
C PRO I 529 -36.18 -15.00 -32.05
N TYR I 530 -35.41 -15.51 -33.03
CA TYR I 530 -34.41 -14.72 -33.72
C TYR I 530 -34.07 -15.28 -35.09
N THR I 531 -33.89 -14.36 -36.03
CA THR I 531 -33.65 -14.63 -37.45
C THR I 531 -32.23 -15.14 -37.61
N ASN I 532 -32.02 -16.06 -38.56
CA ASN I 532 -30.68 -16.46 -38.93
C ASN I 532 -29.89 -15.29 -39.52
N GLN I 533 -28.62 -15.23 -39.15
CA GLN I 533 -27.80 -14.02 -39.29
C GLN I 533 -26.53 -14.31 -40.07
N ARG I 534 -26.67 -14.91 -41.25
CA ARG I 534 -25.51 -15.27 -42.05
C ARG I 534 -24.80 -14.03 -42.60
N GLY I 535 -23.48 -14.15 -42.72
CA GLY I 535 -22.65 -13.20 -43.45
C GLY I 535 -22.58 -11.80 -42.90
N THR I 536 -22.80 -11.60 -41.61
CA THR I 536 -22.81 -10.26 -41.05
C THR I 536 -21.58 -10.04 -40.16
N VAL I 537 -20.99 -8.85 -40.29
CA VAL I 537 -19.90 -8.47 -39.41
C VAL I 537 -20.43 -8.16 -38.01
N THR I 538 -21.29 -7.15 -37.93
CA THR I 538 -21.99 -6.82 -36.69
C THR I 538 -23.28 -7.61 -36.63
N ASN I 539 -23.44 -8.41 -35.59
CA ASN I 539 -24.62 -9.25 -35.47
C ASN I 539 -25.82 -8.43 -35.04
N GLU I 540 -26.87 -8.43 -35.86
CA GLU I 540 -28.03 -7.59 -35.62
C GLU I 540 -28.91 -8.06 -34.45
N PHE I 541 -28.67 -9.26 -33.91
CA PHE I 541 -29.36 -9.63 -32.67
C PHE I 541 -28.56 -9.23 -31.45
N ALA I 542 -27.22 -9.32 -31.52
CA ALA I 542 -26.39 -8.88 -30.43
C ALA I 542 -26.40 -7.36 -30.28
N SER I 543 -26.66 -6.65 -31.37
CA SER I 543 -26.73 -5.20 -31.32
C SER I 543 -28.01 -4.71 -30.67
N ARG I 544 -29.03 -5.56 -30.52
CA ARG I 544 -30.19 -5.19 -29.73
C ARG I 544 -29.82 -5.10 -28.26
N PHE I 545 -28.98 -6.02 -27.79
CA PHE I 545 -28.54 -5.99 -26.40
C PHE I 545 -27.59 -4.83 -26.14
N ARG I 546 -26.97 -4.27 -27.19
CA ARG I 546 -26.18 -3.05 -27.03
C ARG I 546 -27.06 -1.87 -26.65
N THR I 547 -28.24 -1.77 -27.26
CA THR I 547 -29.13 -0.65 -27.01
C THR I 547 -30.02 -0.86 -25.79
N ILE I 548 -30.07 -2.07 -25.24
CA ILE I 548 -30.82 -2.29 -24.01
C ILE I 548 -29.99 -1.84 -22.81
N VAL I 549 -28.73 -2.29 -22.75
CA VAL I 549 -27.83 -1.92 -21.67
C VAL I 549 -27.52 -0.42 -21.69
N ALA I 550 -27.48 0.18 -22.89
CA ALA I 550 -27.28 1.63 -22.99
C ALA I 550 -28.45 2.41 -22.42
N THR I 551 -29.63 1.79 -22.32
CA THR I 551 -30.74 2.39 -21.59
C THR I 551 -30.70 1.99 -20.12
N LEU I 552 -30.34 0.75 -19.82
CA LEU I 552 -30.23 0.31 -18.43
C LEU I 552 -29.04 0.93 -17.71
N ALA I 553 -28.00 1.33 -18.42
CA ALA I 553 -26.91 2.05 -17.76
C ALA I 553 -27.26 3.51 -17.53
N ASN I 554 -28.38 3.99 -18.07
CA ASN I 554 -28.91 5.29 -17.67
C ASN I 554 -29.95 5.19 -16.58
N VAL I 555 -30.62 4.04 -16.45
CA VAL I 555 -31.56 3.85 -15.36
C VAL I 555 -30.81 3.60 -14.05
N VAL I 556 -29.72 2.84 -14.11
CA VAL I 556 -28.96 2.56 -12.90
C VAL I 556 -28.07 3.74 -12.54
N ASN I 557 -27.81 4.65 -13.48
CA ASN I 557 -26.99 5.82 -13.17
C ASN I 557 -27.81 6.87 -12.43
N GLU I 558 -29.04 7.11 -12.90
CA GLU I 558 -29.91 8.07 -12.25
C GLU I 558 -30.34 7.60 -10.86
N ARG I 559 -30.41 6.28 -10.66
CA ARG I 559 -30.70 5.75 -9.34
C ARG I 559 -29.47 5.82 -8.44
N ALA I 560 -28.27 5.78 -9.02
CA ALA I 560 -27.07 5.88 -8.22
C ALA I 560 -26.84 7.29 -7.71
N VAL I 561 -26.86 8.28 -8.61
CA VAL I 561 -26.57 9.66 -8.22
C VAL I 561 -27.68 10.31 -7.43
N GLN I 562 -28.87 9.71 -7.41
CA GLN I 562 -29.94 10.22 -6.54
C GLN I 562 -29.62 9.96 -5.08
N ASP I 563 -28.83 8.92 -4.80
CA ASP I 563 -28.44 8.56 -3.45
C ASP I 563 -26.94 8.67 -3.23
N ASP I 564 -26.27 9.51 -4.04
CA ASP I 564 -24.85 9.91 -4.06
C ASP I 564 -23.88 8.82 -3.62
N MET I 565 -24.03 7.63 -4.18
CA MET I 565 -23.14 6.53 -3.83
C MET I 565 -21.79 6.74 -4.51
N GLN I 566 -20.84 5.87 -4.18
CA GLN I 566 -19.44 6.05 -4.54
C GLN I 566 -19.23 6.01 -6.05
N LYS I 567 -18.17 6.69 -6.48
CA LYS I 567 -17.73 6.59 -7.88
C LYS I 567 -17.27 5.18 -8.19
N ALA I 568 -16.65 4.50 -7.22
CA ALA I 568 -16.12 3.16 -7.47
C ALA I 568 -17.24 2.12 -7.49
N THR I 569 -18.24 2.27 -6.62
CA THR I 569 -19.34 1.32 -6.61
C THR I 569 -20.27 1.52 -7.80
N ARG I 570 -20.23 2.67 -8.45
CA ARG I 570 -21.01 2.88 -9.67
C ARG I 570 -20.23 2.42 -10.90
N SER I 571 -18.90 2.58 -10.88
CA SER I 571 -18.09 2.17 -12.02
C SER I 571 -18.03 0.66 -12.14
N CYS I 572 -18.09 -0.05 -11.01
CA CYS I 572 -18.06 -1.51 -11.06
C CYS I 572 -19.40 -2.08 -11.52
N THR I 573 -20.48 -1.30 -11.43
CA THR I 573 -21.72 -1.74 -12.04
C THR I 573 -21.64 -1.65 -13.56
N LYS I 574 -21.17 -0.51 -14.08
CA LYS I 574 -21.15 -0.32 -15.53
C LYS I 574 -20.06 -1.14 -16.20
N GLN I 575 -18.99 -1.49 -15.48
CA GLN I 575 -18.06 -2.48 -16.03
C GLN I 575 -18.70 -3.85 -16.13
N TRP I 576 -19.58 -4.20 -15.20
CA TRP I 576 -20.29 -5.46 -15.30
C TRP I 576 -21.36 -5.43 -16.38
N LEU I 577 -22.02 -4.28 -16.57
CA LEU I 577 -23.02 -4.18 -17.62
C LEU I 577 -22.43 -4.26 -19.01
N ARG I 578 -21.15 -3.91 -19.17
CA ARG I 578 -20.51 -4.17 -20.46
C ARG I 578 -19.66 -5.43 -20.45
N HIS I 579 -19.65 -6.18 -19.35
CA HIS I 579 -19.17 -7.55 -19.44
C HIS I 579 -20.28 -8.45 -19.95
N LEU I 580 -21.53 -8.02 -19.80
CA LEU I 580 -22.63 -8.73 -20.46
C LEU I 580 -22.71 -8.35 -21.93
N GLU I 581 -22.13 -7.21 -22.31
CA GLU I 581 -22.00 -6.88 -23.73
C GLU I 581 -21.05 -7.84 -24.43
N THR I 582 -19.91 -8.13 -23.81
CA THR I 582 -18.90 -8.97 -24.45
C THR I 582 -19.33 -10.42 -24.49
N GLN I 583 -19.89 -10.93 -23.39
CA GLN I 583 -20.30 -12.32 -23.33
C GLN I 583 -21.55 -12.59 -24.15
N PHE I 584 -22.25 -11.55 -24.60
CA PHE I 584 -23.39 -11.78 -25.48
C PHE I 584 -22.94 -11.88 -26.93
N ASP I 585 -21.83 -11.23 -27.29
CA ASP I 585 -21.31 -11.32 -28.65
C ASP I 585 -20.76 -12.71 -28.95
N ASN I 586 -20.31 -13.44 -27.93
CA ASN I 586 -19.76 -14.76 -28.16
C ASN I 586 -20.84 -15.78 -28.47
N ILE I 587 -22.03 -15.60 -27.90
CA ILE I 587 -23.08 -16.61 -28.06
C ILE I 587 -24.16 -16.21 -29.04
N ALA I 588 -24.23 -14.95 -29.46
CA ALA I 588 -25.26 -14.56 -30.43
C ALA I 588 -24.95 -15.09 -31.81
N VAL I 589 -23.69 -15.44 -32.08
CA VAL I 589 -23.35 -16.17 -33.28
C VAL I 589 -23.95 -17.57 -33.23
N ALA I 590 -24.04 -18.16 -32.04
CA ALA I 590 -24.45 -19.54 -31.93
C ALA I 590 -25.91 -19.73 -31.52
N HIS I 591 -26.59 -18.69 -31.06
CA HIS I 591 -28.04 -18.78 -30.93
C HIS I 591 -28.72 -18.51 -32.25
N THR I 592 -28.30 -17.48 -32.97
CA THR I 592 -28.99 -17.12 -34.19
C THR I 592 -28.50 -17.88 -35.41
N ASP I 593 -27.70 -18.91 -35.25
CA ASP I 593 -27.34 -19.77 -36.38
C ASP I 593 -27.65 -21.23 -36.12
N HIS I 594 -27.69 -21.67 -34.89
CA HIS I 594 -27.84 -23.08 -34.58
C HIS I 594 -29.09 -23.37 -33.76
N LEU I 595 -29.57 -22.41 -32.96
CA LEU I 595 -30.87 -22.61 -32.32
C LEU I 595 -32.01 -22.28 -33.26
N SER I 596 -31.82 -21.29 -34.15
CA SER I 596 -32.90 -20.84 -35.01
C SER I 596 -33.25 -21.85 -36.10
N VAL I 597 -32.38 -22.84 -36.35
CA VAL I 597 -32.76 -23.97 -37.18
C VAL I 597 -33.29 -25.12 -36.35
N VAL I 598 -33.19 -25.04 -35.03
CA VAL I 598 -33.81 -26.04 -34.17
C VAL I 598 -35.23 -25.64 -33.79
N TYR I 599 -35.42 -24.35 -33.44
CA TYR I 599 -36.78 -23.85 -33.20
C TYR I 599 -37.63 -23.87 -34.46
N ALA I 600 -37.00 -23.79 -35.63
CA ALA I 600 -37.74 -23.92 -36.87
C ALA I 600 -38.25 -25.35 -37.06
N THR I 601 -37.37 -26.33 -36.87
CA THR I 601 -37.76 -27.70 -37.14
C THR I 601 -38.52 -28.35 -36.00
N MET I 602 -38.56 -27.73 -34.82
CA MET I 602 -39.43 -28.24 -33.77
C MET I 602 -40.86 -27.73 -33.91
N SER I 603 -41.07 -26.69 -34.72
CA SER I 603 -42.41 -26.20 -34.94
C SER I 603 -43.15 -26.97 -36.02
N ASN I 604 -42.56 -28.03 -36.56
CA ASN I 604 -43.19 -28.84 -37.59
C ASN I 604 -43.53 -30.24 -37.11
N PHE I 605 -43.39 -30.52 -35.82
CA PHE I 605 -43.66 -31.86 -35.34
C PHE I 605 -45.16 -32.14 -35.32
N MET I 606 -45.51 -33.41 -35.16
CA MET I 606 -46.90 -33.83 -35.20
C MET I 606 -47.67 -33.38 -33.97
N LEU I 607 -47.03 -33.37 -32.82
CA LEU I 607 -47.73 -33.10 -31.57
C LEU I 607 -47.59 -31.67 -31.08
N ASN I 608 -46.85 -30.82 -31.78
CA ASN I 608 -46.78 -29.40 -31.43
C ASN I 608 -47.85 -28.62 -32.19
N PHE I 609 -49.11 -28.90 -31.84
CA PHE I 609 -50.23 -28.62 -32.73
C PHE I 609 -50.93 -27.28 -32.46
N THR I 610 -50.41 -26.43 -31.58
CA THR I 610 -51.06 -25.16 -31.32
C THR I 610 -50.14 -24.01 -31.69
N ASN I 611 -50.74 -22.83 -31.85
CA ASN I 611 -49.97 -21.60 -31.97
C ASN I 611 -49.44 -21.22 -30.60
N ASN I 612 -48.15 -20.91 -30.54
CA ASN I 612 -47.51 -20.57 -29.28
C ASN I 612 -47.55 -19.08 -28.97
N PHE I 613 -47.44 -18.23 -29.99
CA PHE I 613 -47.24 -16.81 -29.80
C PHE I 613 -47.51 -16.13 -31.14
N SER I 614 -47.79 -14.83 -31.09
CA SER I 614 -48.07 -14.06 -32.30
C SER I 614 -46.99 -13.05 -32.64
N GLY I 615 -46.57 -12.23 -31.68
CA GLY I 615 -45.59 -11.20 -31.97
C GLY I 615 -45.86 -9.91 -31.22
N ASN I 616 -46.96 -9.87 -30.48
CA ASN I 616 -47.37 -8.68 -29.74
C ASN I 616 -47.88 -9.12 -28.39
N HIS I 617 -47.22 -8.66 -27.32
CA HIS I 617 -47.70 -8.95 -25.97
C HIS I 617 -48.96 -8.18 -25.62
N ALA I 618 -49.26 -7.13 -26.36
CA ALA I 618 -50.38 -6.26 -26.00
C ALA I 618 -51.73 -6.81 -26.40
N THR I 619 -51.78 -7.80 -27.29
CA THR I 619 -53.06 -8.29 -27.80
C THR I 619 -53.24 -9.80 -27.76
N PHE I 620 -52.17 -10.59 -27.65
CA PHE I 620 -52.30 -12.03 -27.86
C PHE I 620 -52.86 -12.74 -26.64
N LYS I 621 -53.79 -13.66 -26.89
CA LYS I 621 -54.33 -14.64 -25.95
C LYS I 621 -54.40 -15.99 -26.64
N PRO I 622 -54.18 -17.08 -25.90
CA PRO I 622 -54.32 -18.40 -26.51
C PRO I 622 -55.78 -18.71 -26.80
N ASP I 623 -56.01 -19.44 -27.89
CA ASP I 623 -57.36 -19.80 -28.28
C ASP I 623 -57.89 -20.87 -27.33
N GLN I 624 -58.82 -20.48 -26.46
CA GLN I 624 -59.24 -21.32 -25.34
C GLN I 624 -60.38 -22.22 -25.80
N TYR I 625 -60.03 -23.36 -26.36
CA TYR I 625 -61.04 -24.32 -26.75
C TYR I 625 -61.55 -25.08 -25.53
N VAL I 626 -62.78 -25.57 -25.62
CA VAL I 626 -63.39 -26.39 -24.58
C VAL I 626 -64.05 -27.58 -25.24
N ILE I 627 -64.39 -28.57 -24.41
CA ILE I 627 -65.22 -29.68 -24.86
C ILE I 627 -66.60 -29.44 -24.25
N THR I 628 -67.47 -28.76 -24.97
CA THR I 628 -68.79 -28.47 -24.44
C THR I 628 -69.69 -29.69 -24.55
N SER I 629 -70.76 -29.67 -23.77
CA SER I 629 -71.77 -30.72 -23.78
C SER I 629 -73.06 -30.17 -23.20
N PRO I 630 -74.19 -30.37 -23.86
CA PRO I 630 -75.46 -29.83 -23.33
C PRO I 630 -75.93 -30.52 -22.07
N GLU I 631 -75.56 -31.78 -21.85
CA GLU I 631 -75.97 -32.53 -20.67
C GLU I 631 -74.84 -32.65 -19.66
N GLY I 632 -74.04 -31.59 -19.53
CA GLY I 632 -72.98 -31.60 -18.56
C GLY I 632 -72.31 -30.26 -18.48
N SER I 633 -71.05 -30.27 -18.07
CA SER I 633 -70.24 -29.09 -17.92
C SER I 633 -69.07 -29.13 -18.89
N TYR I 634 -68.69 -27.97 -19.40
CA TYR I 634 -67.62 -27.91 -20.39
C TYR I 634 -66.26 -28.01 -19.71
N LYS I 635 -65.38 -28.82 -20.28
CA LYS I 635 -64.05 -29.03 -19.72
C LYS I 635 -63.04 -28.25 -20.55
N PRO I 636 -62.41 -27.22 -20.02
CA PRO I 636 -61.48 -26.41 -20.82
C PRO I 636 -60.18 -27.15 -21.10
N ILE I 637 -59.58 -26.84 -22.24
CA ILE I 637 -58.28 -27.40 -22.59
C ILE I 637 -57.18 -26.76 -21.78
N ILE I 638 -57.01 -25.46 -21.94
CA ILE I 638 -56.03 -24.72 -21.16
C ILE I 638 -56.69 -24.32 -19.85
N GLU I 639 -56.21 -24.89 -18.75
CA GLU I 639 -56.92 -24.75 -17.47
C GLU I 639 -55.90 -24.86 -16.35
N ARG I 640 -55.70 -23.77 -15.62
CA ARG I 640 -54.79 -23.78 -14.47
C ARG I 640 -55.39 -24.62 -13.36
N GLN I 641 -54.77 -25.75 -13.08
CA GLN I 641 -55.14 -26.57 -11.94
C GLN I 641 -53.94 -27.02 -11.13
N GLY I 642 -52.75 -26.53 -11.47
CA GLY I 642 -51.54 -26.90 -10.75
C GLY I 642 -51.10 -28.33 -10.90
N GLU I 643 -51.69 -29.08 -11.83
CA GLU I 643 -51.33 -30.49 -12.03
C GLU I 643 -50.01 -30.57 -12.75
N THR I 644 -48.93 -30.55 -12.00
CA THR I 644 -47.59 -30.50 -12.56
C THR I 644 -47.22 -31.84 -13.17
N VAL I 645 -46.08 -31.84 -13.86
CA VAL I 645 -45.49 -33.06 -14.37
C VAL I 645 -44.17 -33.18 -13.60
N ASP I 646 -44.26 -32.81 -12.31
CA ASP I 646 -43.13 -32.72 -11.38
C ASP I 646 -42.07 -31.72 -11.89
N GLY I 647 -42.50 -30.46 -11.97
CA GLY I 647 -41.61 -29.38 -12.34
C GLY I 647 -41.79 -28.83 -13.74
N LEU I 648 -42.96 -29.02 -14.35
CA LEU I 648 -43.14 -28.54 -15.72
C LEU I 648 -43.83 -27.19 -15.76
N THR I 649 -44.66 -26.89 -14.76
CA THR I 649 -45.38 -25.62 -14.73
C THR I 649 -44.56 -24.50 -14.11
N ILE I 650 -43.65 -24.83 -13.20
CA ILE I 650 -42.82 -23.83 -12.54
C ILE I 650 -41.75 -23.38 -13.50
N ILE I 651 -41.84 -22.13 -13.96
CA ILE I 651 -40.91 -21.57 -14.94
C ILE I 651 -39.82 -20.84 -14.18
N ASP I 652 -38.57 -21.22 -14.43
CA ASP I 652 -37.43 -20.68 -13.70
C ASP I 652 -36.74 -19.66 -14.59
N THR I 653 -36.87 -18.37 -14.24
CA THR I 653 -36.22 -17.32 -15.01
C THR I 653 -34.73 -17.20 -14.72
N SER I 654 -34.20 -17.96 -13.77
CA SER I 654 -32.77 -18.00 -13.54
C SER I 654 -32.05 -18.94 -14.49
N ILE I 655 -32.75 -19.45 -15.52
CA ILE I 655 -32.12 -20.32 -16.49
C ILE I 655 -31.27 -19.54 -17.47
N VAL I 656 -31.46 -18.22 -17.56
CA VAL I 656 -30.71 -17.43 -18.53
C VAL I 656 -29.32 -17.06 -18.06
N TRP I 657 -29.02 -17.22 -16.78
CA TRP I 657 -27.66 -16.96 -16.35
C TRP I 657 -26.68 -18.09 -16.70
N PRO I 658 -27.04 -19.39 -16.64
CA PRO I 658 -26.14 -20.37 -17.24
C PRO I 658 -26.07 -20.32 -18.75
N ILE I 659 -27.18 -19.96 -19.43
CA ILE I 659 -27.20 -19.90 -20.88
C ILE I 659 -26.27 -18.79 -21.38
N LEU I 660 -26.23 -17.67 -20.68
CA LEU I 660 -25.41 -16.56 -21.10
C LEU I 660 -23.92 -16.81 -20.85
N CYS I 661 -23.57 -17.46 -19.75
CA CYS I 661 -22.17 -17.51 -19.34
C CYS I 661 -21.56 -18.91 -19.38
N GLN I 662 -22.05 -19.86 -18.61
CA GLN I 662 -21.29 -21.10 -18.40
C GLN I 662 -21.76 -22.24 -19.29
N CYS I 663 -22.17 -21.95 -20.52
CA CYS I 663 -22.50 -22.98 -21.48
C CYS I 663 -21.69 -22.77 -22.75
N THR I 664 -20.94 -23.78 -23.15
CA THR I 664 -20.24 -23.77 -24.42
C THR I 664 -21.15 -24.32 -25.51
N TYR I 665 -21.01 -23.76 -26.70
CA TYR I 665 -21.86 -24.05 -27.84
C TYR I 665 -21.03 -24.66 -28.96
N PRO I 666 -21.65 -25.44 -29.86
CA PRO I 666 -20.89 -26.03 -30.97
C PRO I 666 -20.64 -25.10 -32.15
N LEU I 667 -20.83 -23.79 -32.00
CA LEU I 667 -20.34 -22.84 -33.00
C LEU I 667 -19.45 -21.75 -32.45
N VAL I 668 -19.34 -21.61 -31.12
CA VAL I 668 -18.45 -20.62 -30.53
C VAL I 668 -17.00 -21.00 -30.75
N ARG I 669 -16.70 -22.30 -30.74
CA ARG I 669 -15.33 -22.80 -30.86
C ARG I 669 -14.85 -22.93 -32.31
N GLN I 670 -15.47 -22.19 -33.25
CA GLN I 670 -15.14 -22.18 -34.68
C GLN I 670 -15.26 -23.57 -35.31
N SER I 679 -8.88 -24.19 -32.46
CA SER I 679 -10.06 -23.93 -33.27
C SER I 679 -10.51 -25.19 -33.99
N ILE I 680 -11.23 -26.04 -33.27
CA ILE I 680 -11.72 -27.32 -33.79
C ILE I 680 -13.08 -27.11 -34.44
N MET I 681 -13.44 -28.03 -35.33
CA MET I 681 -14.75 -28.06 -35.95
C MET I 681 -15.56 -29.20 -35.35
N GLU I 682 -16.74 -28.87 -34.83
CA GLU I 682 -17.53 -29.84 -34.07
C GLU I 682 -18.24 -30.86 -34.96
N GLU I 683 -18.47 -30.52 -36.24
CA GLU I 683 -19.21 -31.36 -37.20
C GLU I 683 -20.62 -31.64 -36.66
N ILE I 684 -21.44 -30.59 -36.73
CA ILE I 684 -22.77 -30.44 -36.14
C ILE I 684 -23.65 -31.67 -36.31
N VAL I 685 -24.19 -32.16 -35.18
CA VAL I 685 -24.93 -33.42 -35.17
C VAL I 685 -26.34 -33.18 -35.67
N TYR I 686 -26.67 -33.76 -36.82
CA TYR I 686 -28.01 -33.70 -37.35
C TYR I 686 -28.77 -34.92 -36.85
N PRO I 687 -29.82 -34.75 -36.07
CA PRO I 687 -30.50 -35.89 -35.47
C PRO I 687 -31.33 -36.64 -36.51
N ASP I 688 -31.53 -37.87 -36.24
CA ASP I 688 -32.29 -38.72 -37.15
C ASP I 688 -33.78 -38.48 -36.98
N PRO I 689 -34.55 -38.59 -38.07
CA PRO I 689 -36.00 -38.36 -37.96
C PRO I 689 -36.73 -39.42 -37.18
N SER I 690 -36.21 -40.65 -37.19
CA SER I 690 -36.98 -41.81 -36.74
C SER I 690 -37.21 -41.83 -35.23
N THR I 691 -36.43 -41.08 -34.45
CA THR I 691 -36.64 -41.10 -33.01
C THR I 691 -37.86 -40.27 -32.63
N THR I 692 -37.96 -39.05 -33.18
CA THR I 692 -39.11 -38.22 -32.87
C THR I 692 -40.29 -38.46 -33.81
N LEU I 693 -40.09 -39.18 -34.92
CA LEU I 693 -41.24 -39.58 -35.71
C LEU I 693 -41.99 -40.72 -35.02
N SER I 694 -41.28 -41.76 -34.60
CA SER I 694 -41.92 -42.92 -34.01
C SER I 694 -42.44 -42.66 -32.61
N GLN I 695 -41.93 -41.64 -31.92
CA GLN I 695 -42.55 -41.25 -30.67
C GLN I 695 -43.78 -40.39 -30.88
N SER I 696 -43.91 -39.77 -32.05
CA SER I 696 -45.10 -38.97 -32.33
C SER I 696 -46.20 -39.81 -32.96
N LEU I 697 -45.85 -40.82 -33.75
CA LEU I 697 -46.86 -41.73 -34.27
C LEU I 697 -47.42 -42.62 -33.19
N SER I 698 -46.59 -43.06 -32.24
CA SER I 698 -47.06 -43.97 -31.21
C SER I 698 -48.01 -43.30 -30.25
N VAL I 699 -47.84 -42.00 -30.00
CA VAL I 699 -48.81 -41.28 -29.19
C VAL I 699 -50.09 -41.06 -30.00
N ALA I 700 -49.96 -40.67 -31.27
CA ALA I 700 -51.12 -40.43 -32.11
C ALA I 700 -51.82 -41.70 -32.56
N GLN I 701 -51.26 -42.88 -32.26
CA GLN I 701 -51.96 -44.14 -32.49
C GLN I 701 -52.64 -44.64 -31.22
N VAL I 702 -52.10 -44.30 -30.06
CA VAL I 702 -52.73 -44.71 -28.80
C VAL I 702 -53.99 -43.90 -28.54
N LEU I 703 -53.90 -42.57 -28.57
CA LEU I 703 -55.05 -41.77 -28.23
C LEU I 703 -56.07 -41.66 -29.36
N SER I 704 -55.73 -42.12 -30.57
CA SER I 704 -56.73 -42.22 -31.62
C SER I 704 -57.70 -43.38 -31.37
N LYS I 705 -57.29 -44.37 -30.59
CA LYS I 705 -58.15 -45.50 -30.22
C LYS I 705 -58.35 -45.58 -28.72
N LEU I 706 -58.26 -44.44 -28.03
CA LEU I 706 -58.44 -44.44 -26.57
C LEU I 706 -59.86 -44.04 -26.18
N THR I 707 -60.46 -43.13 -26.93
CA THR I 707 -61.87 -42.80 -26.76
C THR I 707 -62.74 -43.55 -27.74
N LEU I 708 -62.35 -44.76 -28.11
CA LEU I 708 -63.08 -45.55 -29.10
C LEU I 708 -64.34 -46.20 -28.50
N PRO I 709 -64.34 -46.79 -27.29
CA PRO I 709 -65.64 -47.14 -26.70
C PRO I 709 -66.35 -45.96 -26.08
N ASP I 710 -65.64 -44.86 -25.83
CA ASP I 710 -66.30 -43.61 -25.44
C ASP I 710 -67.19 -43.11 -26.56
N ALA I 711 -66.77 -43.33 -27.80
CA ALA I 711 -67.45 -42.76 -28.95
C ALA I 711 -68.63 -43.59 -29.40
N PHE I 712 -68.62 -44.89 -29.12
CA PHE I 712 -69.61 -45.76 -29.75
C PHE I 712 -70.95 -45.72 -29.03
N ILE I 713 -70.96 -45.81 -27.70
CA ILE I 713 -72.22 -45.77 -26.96
C ILE I 713 -72.79 -44.36 -26.99
N ASN I 714 -71.93 -43.36 -27.00
CA ASN I 714 -72.40 -41.98 -27.13
C ASN I 714 -72.76 -41.60 -28.57
N MET I 715 -72.59 -42.51 -29.54
CA MET I 715 -73.14 -42.29 -30.86
C MET I 715 -74.55 -42.86 -30.96
N ILE I 716 -74.79 -44.01 -30.34
CA ILE I 716 -76.11 -44.63 -30.34
C ILE I 716 -77.09 -43.80 -29.52
N LEU I 717 -76.64 -43.26 -28.39
CA LEU I 717 -77.48 -42.50 -27.48
C LEU I 717 -77.42 -41.00 -27.74
N SER I 718 -77.10 -40.59 -28.97
CA SER I 718 -76.88 -39.17 -29.25
C SER I 718 -78.18 -38.40 -29.18
N GLY I 719 -79.26 -38.98 -29.66
CA GLY I 719 -80.57 -38.38 -29.53
C GLY I 719 -81.39 -38.93 -28.39
N GLY I 720 -80.77 -39.69 -27.48
CA GLY I 720 -81.50 -40.30 -26.38
C GLY I 720 -82.02 -39.33 -25.35
N ASP I 721 -81.53 -38.09 -25.36
CA ASP I 721 -82.04 -37.05 -24.48
C ASP I 721 -83.47 -36.71 -24.88
N SER I 722 -84.24 -36.21 -23.92
CA SER I 722 -85.64 -35.93 -24.18
C SER I 722 -86.11 -34.74 -23.37
N VAL I 723 -87.20 -34.13 -23.83
CA VAL I 723 -87.86 -33.03 -23.14
C VAL I 723 -89.23 -33.51 -22.71
N VAL I 724 -89.94 -32.63 -22.01
CA VAL I 724 -91.31 -32.89 -21.57
C VAL I 724 -92.20 -31.85 -22.23
N MET I 725 -93.16 -32.31 -23.02
CA MET I 725 -94.12 -31.42 -23.67
C MET I 725 -95.53 -31.83 -23.26
N ARG I 726 -96.49 -30.98 -23.63
CA ARG I 726 -97.91 -31.30 -23.50
C ARG I 726 -98.57 -31.07 -24.84
N THR I 727 -99.64 -31.83 -25.10
CA THR I 727 -100.32 -31.79 -26.38
C THR I 727 -101.76 -31.34 -26.13
N TYR I 728 -102.02 -30.05 -26.35
CA TYR I 728 -103.34 -29.48 -26.15
C TYR I 728 -104.17 -29.69 -27.40
N GLN I 729 -105.26 -30.43 -27.27
CA GLN I 729 -106.15 -30.69 -28.39
C GLN I 729 -107.00 -29.46 -28.66
N THR I 730 -107.22 -29.14 -29.94
CA THR I 730 -107.96 -27.93 -30.32
C THR I 730 -109.21 -28.25 -31.14
N GLU I 731 -109.58 -29.52 -31.27
CA GLU I 731 -110.80 -29.88 -31.97
C GLU I 731 -111.33 -31.19 -31.41
N ALA I 732 -112.44 -31.65 -31.95
CA ALA I 732 -113.04 -32.90 -31.51
C ALA I 732 -112.43 -34.08 -32.24
N ASP I 733 -112.57 -35.26 -31.62
CA ASP I 733 -112.08 -36.55 -32.13
C ASP I 733 -110.57 -36.51 -32.39
N ASP I 734 -109.81 -36.29 -31.33
CA ASP I 734 -108.35 -36.25 -31.40
C ASP I 734 -107.74 -37.36 -30.57
N ASP I 735 -106.55 -37.79 -31.00
CA ASP I 735 -105.78 -38.77 -30.27
C ASP I 735 -104.84 -38.06 -29.30
N LEU I 736 -103.90 -38.81 -28.74
CA LEU I 736 -102.97 -38.25 -27.77
C LEU I 736 -101.89 -37.39 -28.40
N ASP I 737 -101.63 -37.53 -29.71
CA ASP I 737 -100.55 -36.80 -30.35
C ASP I 737 -101.00 -35.60 -31.16
N GLU I 738 -102.22 -35.58 -31.65
CA GLU I 738 -102.70 -34.45 -32.45
C GLU I 738 -103.08 -33.30 -31.54
N GLY I 739 -102.63 -32.11 -31.90
CA GLY I 739 -102.88 -30.93 -31.10
C GLY I 739 -101.70 -29.98 -31.18
N ILE I 740 -101.75 -28.96 -30.35
CA ILE I 740 -100.65 -28.00 -30.25
C ILE I 740 -99.69 -28.48 -29.17
N ARG I 741 -98.42 -28.59 -29.54
CA ARG I 741 -97.40 -29.23 -28.72
C ARG I 741 -96.63 -28.15 -27.98
N MET I 742 -96.69 -28.18 -26.66
CA MET I 742 -96.24 -27.06 -25.83
C MET I 742 -95.39 -27.55 -24.67
N THR I 743 -94.26 -26.88 -24.44
CA THR I 743 -93.32 -27.21 -23.38
C THR I 743 -92.96 -25.94 -22.62
N THR I 744 -92.32 -26.12 -21.47
CA THR I 744 -92.00 -25.00 -20.60
C THR I 744 -90.68 -24.36 -21.03
N TYR I 745 -90.43 -23.17 -20.47
CA TYR I 745 -89.23 -22.43 -20.84
C TYR I 745 -87.98 -23.00 -20.19
N ASP I 746 -88.10 -23.53 -18.98
CA ASP I 746 -86.95 -24.13 -18.31
C ASP I 746 -86.58 -25.45 -18.96
N GLN I 747 -87.57 -26.15 -19.52
CA GLN I 747 -87.28 -27.36 -20.29
C GLN I 747 -86.62 -27.01 -21.61
N TYR I 748 -86.95 -25.85 -22.18
CA TYR I 748 -86.28 -25.34 -23.37
C TYR I 748 -84.87 -24.83 -23.07
N LEU I 749 -84.68 -24.24 -21.90
CA LEU I 749 -83.41 -23.59 -21.59
C LEU I 749 -82.32 -24.61 -21.32
N SER I 750 -82.69 -25.79 -20.84
CA SER I 750 -81.71 -26.81 -20.45
C SER I 750 -81.34 -27.75 -21.58
N HIS I 751 -82.21 -27.93 -22.57
CA HIS I 751 -82.05 -28.99 -23.55
C HIS I 751 -81.97 -28.49 -24.98
N ILE I 752 -82.88 -27.61 -25.39
CA ILE I 752 -83.00 -27.26 -26.80
C ILE I 752 -82.17 -26.04 -27.15
N ARG I 753 -82.04 -25.08 -26.22
CA ARG I 753 -81.38 -23.82 -26.53
C ARG I 753 -79.88 -23.99 -26.71
N GLU I 754 -79.25 -24.82 -25.90
CA GLU I 754 -77.81 -25.06 -26.06
C GLU I 754 -77.50 -25.88 -27.31
N ARG I 755 -78.46 -26.62 -27.84
CA ARG I 755 -78.25 -27.34 -29.09
C ARG I 755 -78.57 -26.49 -30.31
N LEU I 756 -79.05 -25.27 -30.12
CA LEU I 756 -79.16 -24.34 -31.24
C LEU I 756 -77.90 -23.52 -31.42
N HIS I 757 -77.13 -23.30 -30.36
CA HIS I 757 -75.82 -22.67 -30.51
C HIS I 757 -74.82 -23.61 -31.17
N ILE I 758 -75.07 -24.92 -31.13
CA ILE I 758 -74.18 -25.86 -31.81
C ILE I 758 -74.54 -25.93 -33.29
N THR I 759 -75.81 -26.06 -33.61
CA THR I 759 -76.22 -26.21 -35.01
C THR I 759 -76.21 -24.90 -35.78
N ASN I 760 -75.85 -23.78 -35.13
CA ASN I 760 -75.53 -22.50 -35.76
C ASN I 760 -76.72 -21.94 -36.53
N VAL I 761 -77.83 -21.79 -35.81
CA VAL I 761 -79.04 -21.20 -36.36
C VAL I 761 -79.30 -19.92 -35.58
N PRO I 762 -80.13 -19.01 -36.13
CA PRO I 762 -80.56 -17.85 -35.32
C PRO I 762 -81.47 -18.23 -34.16
N ASP I 763 -81.81 -17.26 -33.35
CA ASP I 763 -82.81 -17.53 -32.33
C ASP I 763 -84.19 -17.64 -32.97
N PRO I 764 -85.06 -18.48 -32.43
CA PRO I 764 -86.45 -18.52 -32.91
C PRO I 764 -87.18 -17.24 -32.55
N ILE I 765 -88.25 -16.98 -33.29
CA ILE I 765 -88.95 -15.70 -33.17
C ILE I 765 -89.83 -15.70 -31.92
N TYR I 766 -90.14 -14.50 -31.46
CA TYR I 766 -91.04 -14.29 -30.34
C TYR I 766 -92.39 -13.89 -30.91
N ILE I 767 -93.34 -14.82 -30.93
CA ILE I 767 -94.68 -14.54 -31.42
C ILE I 767 -95.48 -13.87 -30.31
N THR I 768 -96.09 -12.74 -30.64
CA THR I 768 -96.70 -11.85 -29.65
C THR I 768 -98.21 -11.83 -29.77
N GLY I 769 -98.78 -12.86 -30.39
CA GLY I 769 -100.21 -12.89 -30.62
C GLY I 769 -100.60 -12.32 -31.97
N ALA I 770 -99.88 -11.28 -32.41
CA ALA I 770 -100.14 -10.63 -33.69
C ALA I 770 -99.28 -11.19 -34.82
N SER I 771 -98.93 -12.48 -34.76
CA SER I 771 -98.02 -13.09 -35.71
C SER I 771 -98.80 -13.89 -36.74
N THR I 772 -98.63 -13.53 -38.01
CA THR I 772 -99.21 -14.28 -39.10
C THR I 772 -98.47 -15.60 -39.27
N PRO I 773 -99.10 -16.62 -39.86
CA PRO I 773 -98.39 -17.89 -40.11
C PRO I 773 -97.33 -17.81 -41.21
N ASP I 774 -97.19 -16.69 -41.92
CA ASP I 774 -96.04 -16.52 -42.78
C ASP I 774 -94.84 -15.95 -42.04
N GLN I 775 -95.03 -15.51 -40.79
CA GLN I 775 -93.89 -15.14 -39.96
C GLN I 775 -93.34 -16.34 -39.21
N ILE I 776 -94.21 -17.24 -38.76
CA ILE I 776 -93.77 -18.46 -38.09
C ILE I 776 -93.06 -19.38 -39.06
N ALA I 777 -93.51 -19.39 -40.32
CA ALA I 777 -92.82 -20.17 -41.34
C ALA I 777 -91.45 -19.60 -41.68
N ALA I 778 -91.24 -18.31 -41.41
CA ALA I 778 -89.91 -17.73 -41.62
C ALA I 778 -88.90 -18.23 -40.59
N SER I 779 -89.37 -18.53 -39.37
CA SER I 779 -88.45 -19.04 -38.35
C SER I 779 -88.16 -20.52 -38.55
N VAL I 780 -89.15 -21.29 -39.02
CA VAL I 780 -88.96 -22.71 -39.22
C VAL I 780 -88.06 -22.97 -40.42
N GLN I 781 -88.14 -22.14 -41.45
CA GLN I 781 -87.24 -22.30 -42.59
C GLN I 781 -85.83 -21.82 -42.27
N ALA I 782 -85.66 -20.93 -41.28
CA ALA I 782 -84.32 -20.50 -40.90
C ALA I 782 -83.76 -21.38 -39.79
N THR I 783 -84.42 -21.42 -38.64
CA THR I 783 -84.05 -22.35 -37.57
C THR I 783 -84.67 -23.69 -37.92
N HIS I 784 -83.83 -24.69 -38.21
CA HIS I 784 -84.29 -25.92 -38.82
C HIS I 784 -85.11 -26.81 -37.89
N VAL I 785 -85.16 -26.50 -36.59
CA VAL I 785 -86.06 -27.18 -35.67
C VAL I 785 -87.37 -26.41 -35.63
N ALA I 786 -88.48 -27.11 -35.45
CA ALA I 786 -89.80 -26.49 -35.45
C ALA I 786 -90.14 -26.06 -34.04
N VAL I 787 -89.44 -25.03 -33.56
CA VAL I 787 -89.62 -24.49 -32.21
C VAL I 787 -89.77 -22.98 -32.33
N VAL I 788 -90.85 -22.45 -31.76
CA VAL I 788 -91.05 -21.01 -31.67
C VAL I 788 -91.20 -20.64 -30.19
N LEU I 789 -90.91 -19.39 -29.89
CA LEU I 789 -90.98 -18.88 -28.53
C LEU I 789 -92.19 -17.96 -28.38
N TYR I 790 -92.87 -18.11 -27.26
CA TYR I 790 -94.00 -17.26 -26.91
C TYR I 790 -93.50 -16.08 -26.10
N GLN I 791 -94.12 -14.92 -26.29
CA GLN I 791 -93.82 -13.76 -25.46
C GLN I 791 -95.03 -13.31 -24.64
N SER I 792 -96.14 -12.96 -25.29
CA SER I 792 -97.29 -12.38 -24.61
C SER I 792 -98.49 -12.45 -25.55
N GLY I 793 -99.60 -11.85 -25.12
CA GLY I 793 -100.76 -11.69 -25.97
C GLY I 793 -101.54 -12.96 -26.19
N VAL I 794 -102.53 -12.86 -27.07
CA VAL I 794 -103.37 -14.00 -27.43
C VAL I 794 -103.12 -14.31 -28.90
N ILE I 795 -102.62 -15.51 -29.17
CA ILE I 795 -102.32 -15.95 -30.52
C ILE I 795 -103.62 -16.18 -31.27
N ASN I 796 -103.73 -15.61 -32.47
CA ASN I 796 -104.96 -15.61 -33.24
C ASN I 796 -105.34 -17.02 -33.69
N GLY I 797 -106.59 -17.15 -34.17
CA GLY I 797 -107.06 -18.43 -34.64
C GLY I 797 -106.42 -18.84 -35.96
N SER I 798 -105.86 -17.87 -36.68
CA SER I 798 -105.15 -18.20 -37.92
C SER I 798 -103.85 -18.94 -37.63
N ALA I 799 -103.11 -18.50 -36.63
CA ALA I 799 -101.81 -19.12 -36.34
C ALA I 799 -101.98 -20.43 -35.60
N SER I 800 -103.13 -20.64 -34.96
CA SER I 800 -103.39 -21.92 -34.31
C SER I 800 -103.62 -23.02 -35.34
N THR I 801 -104.09 -22.65 -36.53
CA THR I 801 -104.23 -23.62 -37.61
C THR I 801 -102.87 -24.01 -38.17
N TYR I 802 -101.88 -23.12 -38.08
CA TYR I 802 -100.56 -23.45 -38.58
C TYR I 802 -99.80 -24.32 -37.59
N LEU I 803 -99.93 -24.02 -36.29
CA LEU I 803 -99.22 -24.77 -35.27
C LEU I 803 -99.80 -26.18 -35.11
N ARG I 804 -101.06 -26.35 -35.50
CA ARG I 804 -101.69 -27.67 -35.46
C ARG I 804 -101.16 -28.57 -36.56
N GLU I 805 -100.96 -28.02 -37.75
CA GLU I 805 -100.69 -28.88 -38.92
C GLU I 805 -99.22 -29.27 -38.99
N ASN I 806 -98.31 -28.34 -38.71
CA ASN I 806 -96.89 -28.62 -38.83
C ASN I 806 -96.24 -29.12 -37.54
N GLU I 807 -97.01 -29.18 -36.44
CA GLU I 807 -96.56 -29.65 -35.13
C GLU I 807 -95.34 -28.86 -34.63
N VAL I 808 -95.46 -27.55 -34.69
CA VAL I 808 -94.39 -26.66 -34.24
C VAL I 808 -94.45 -26.56 -32.72
N LEU I 809 -93.32 -26.83 -32.06
CA LEU I 809 -93.24 -26.78 -30.61
C LEU I 809 -93.31 -25.33 -30.14
N VAL I 810 -94.26 -25.03 -29.27
CA VAL I 810 -94.39 -23.70 -28.69
C VAL I 810 -93.84 -23.74 -27.28
N VAL I 811 -93.04 -22.74 -26.92
CA VAL I 811 -92.36 -22.71 -25.63
C VAL I 811 -93.01 -21.65 -24.77
N MET I 812 -93.60 -22.07 -23.65
CA MET I 812 -94.26 -21.19 -22.70
C MET I 812 -93.37 -20.93 -21.49
N PRO I 813 -93.48 -19.76 -20.86
CA PRO I 813 -92.72 -19.52 -19.63
C PRO I 813 -93.29 -20.25 -18.44
N ASP I 814 -94.58 -20.54 -18.46
CA ASP I 814 -95.27 -21.16 -17.33
C ASP I 814 -96.57 -21.78 -17.81
N TYR I 815 -97.09 -22.72 -17.01
CA TYR I 815 -98.39 -23.33 -17.27
C TYR I 815 -99.46 -22.69 -16.39
N TYR I 816 -99.70 -21.40 -16.63
CA TYR I 816 -100.68 -20.64 -15.87
C TYR I 816 -101.76 -20.15 -16.83
N ASP I 817 -102.89 -20.88 -16.86
CA ASP I 817 -104.08 -20.59 -17.68
C ASP I 817 -103.72 -20.53 -19.16
N VAL I 818 -103.30 -21.71 -19.65
CA VAL I 818 -102.71 -21.83 -20.99
C VAL I 818 -103.74 -21.72 -22.10
N VAL I 819 -105.03 -21.91 -21.82
CA VAL I 819 -106.04 -21.76 -22.86
C VAL I 819 -106.28 -20.28 -23.16
N SER I 820 -106.13 -19.42 -22.14
CA SER I 820 -106.32 -17.98 -22.33
C SER I 820 -105.26 -17.34 -23.22
N ARG I 821 -104.17 -18.04 -23.50
CA ARG I 821 -103.17 -17.53 -24.43
C ARG I 821 -103.53 -17.81 -25.89
N PHE I 822 -104.52 -18.66 -26.14
CA PHE I 822 -104.95 -18.95 -27.50
C PHE I 822 -106.36 -18.42 -27.72
N ALA I 823 -106.61 -17.93 -28.93
CA ALA I 823 -107.93 -17.48 -29.35
C ALA I 823 -108.74 -18.73 -29.69
N ASN I 824 -109.27 -19.38 -28.66
CA ASN I 824 -109.98 -20.64 -28.80
C ASN I 824 -111.38 -20.34 -29.34
N ALA I 825 -111.48 -20.33 -30.68
CA ALA I 825 -112.78 -20.12 -31.31
C ALA I 825 -113.63 -21.39 -31.28
N ASN I 826 -112.99 -22.56 -31.31
CA ASN I 826 -113.73 -23.81 -31.32
C ASN I 826 -114.28 -24.14 -29.94
N LEU I 827 -113.64 -23.61 -28.89
CA LEU I 827 -113.95 -23.90 -27.48
C LEU I 827 -113.90 -25.39 -27.16
N GLN I 828 -113.03 -26.12 -27.85
CA GLN I 828 -112.73 -27.51 -27.52
C GLN I 828 -111.48 -27.65 -26.66
N MET I 829 -110.57 -26.69 -26.73
CA MET I 829 -109.37 -26.71 -25.92
C MET I 829 -109.70 -26.33 -24.48
N ASN I 830 -109.24 -27.13 -23.53
CA ASN I 830 -109.52 -26.93 -22.12
C ASN I 830 -108.24 -27.10 -21.33
N ASN I 831 -108.20 -26.50 -20.13
CA ASN I 831 -107.00 -26.52 -19.31
C ASN I 831 -106.67 -27.89 -18.74
N ASN I 832 -107.61 -28.84 -18.82
CA ASN I 832 -107.37 -30.19 -18.32
C ASN I 832 -107.55 -31.24 -19.40
N ARG I 833 -107.20 -30.92 -20.64
CA ARG I 833 -107.34 -31.83 -21.78
C ARG I 833 -105.99 -31.87 -22.49
N TYR I 834 -105.12 -32.80 -22.10
CA TYR I 834 -103.83 -32.96 -22.74
C TYR I 834 -103.30 -34.37 -22.52
N HIS I 835 -102.04 -34.57 -22.88
CA HIS I 835 -101.37 -35.85 -22.68
C HIS I 835 -99.89 -35.53 -22.48
N GLU I 836 -99.46 -35.50 -21.22
CA GLU I 836 -98.09 -35.14 -20.86
C GLU I 836 -97.16 -36.28 -21.25
N SER I 837 -96.59 -36.20 -22.46
CA SER I 837 -95.75 -37.24 -22.98
C SER I 837 -94.38 -36.67 -23.35
N VAL I 838 -93.42 -37.57 -23.51
CA VAL I 838 -92.03 -37.19 -23.75
C VAL I 838 -91.83 -36.82 -25.21
N LEU I 839 -90.70 -36.21 -25.51
CA LEU I 839 -90.30 -35.86 -26.86
C LEU I 839 -88.78 -35.95 -26.94
N GLU I 840 -88.28 -36.94 -27.67
CA GLU I 840 -86.84 -37.12 -27.77
C GLU I 840 -86.23 -36.01 -28.63
N ILE I 841 -84.96 -35.72 -28.36
CA ILE I 841 -84.24 -34.68 -29.09
C ILE I 841 -84.04 -35.09 -30.55
N ALA I 842 -83.86 -36.39 -30.80
CA ALA I 842 -83.69 -36.88 -32.17
C ALA I 842 -84.97 -36.77 -32.99
N ASP I 843 -86.12 -36.56 -32.36
CA ASP I 843 -87.37 -36.45 -33.10
C ASP I 843 -87.63 -35.05 -33.63
N ILE I 844 -86.89 -34.04 -33.17
CA ILE I 844 -87.05 -32.68 -33.66
C ILE I 844 -85.79 -32.13 -34.30
N PHE I 845 -84.62 -32.69 -33.98
CA PHE I 845 -83.38 -32.25 -34.59
C PHE I 845 -82.94 -33.22 -35.67
N ASP I 846 -82.13 -32.71 -36.58
CA ASP I 846 -81.50 -33.49 -37.63
C ASP I 846 -80.30 -32.72 -38.15
N GLN I 847 -79.12 -33.31 -38.00
CA GLN I 847 -77.94 -32.87 -38.71
C GLN I 847 -77.24 -34.11 -39.24
N ALA I 848 -76.19 -33.87 -40.02
CA ALA I 848 -75.49 -34.97 -40.66
C ALA I 848 -74.68 -35.80 -39.67
N ASP I 849 -73.86 -35.18 -38.83
CA ASP I 849 -72.97 -35.91 -37.95
C ASP I 849 -73.08 -35.40 -36.52
N PHE I 850 -74.27 -34.95 -36.13
CA PHE I 850 -74.51 -34.45 -34.79
C PHE I 850 -75.46 -35.33 -34.00
N ILE I 851 -76.59 -35.69 -34.58
CA ILE I 851 -77.54 -36.59 -33.94
C ILE I 851 -77.87 -37.70 -34.93
N GLN I 852 -77.61 -38.94 -34.54
CA GLN I 852 -77.83 -40.10 -35.38
C GLN I 852 -79.32 -40.41 -35.37
N THR I 853 -80.03 -39.89 -36.36
CA THR I 853 -81.47 -40.07 -36.45
C THR I 853 -81.88 -41.15 -37.45
N SER I 854 -80.96 -42.06 -37.78
CA SER I 854 -81.26 -43.12 -38.74
C SER I 854 -82.26 -44.11 -38.15
N ASP I 855 -82.92 -44.84 -39.04
CA ASP I 855 -84.04 -45.68 -38.63
C ASP I 855 -83.56 -46.96 -37.96
N ALA I 856 -82.27 -47.26 -38.07
CA ALA I 856 -81.73 -48.42 -37.37
C ALA I 856 -81.50 -48.11 -35.90
N VAL I 857 -80.87 -46.97 -35.61
CA VAL I 857 -80.61 -46.58 -34.23
C VAL I 857 -81.90 -46.16 -33.54
N ARG I 858 -82.90 -45.73 -34.31
CA ARG I 858 -84.20 -45.39 -33.75
C ARG I 858 -84.89 -46.59 -33.11
N GLN I 859 -84.65 -47.79 -33.62
CA GLN I 859 -85.28 -48.97 -33.06
C GLN I 859 -84.56 -49.44 -31.79
N LEU I 860 -83.23 -49.31 -31.76
CA LEU I 860 -82.47 -49.84 -30.63
C LEU I 860 -82.71 -49.06 -29.35
N ARG I 861 -82.98 -47.76 -29.43
CA ARG I 861 -83.30 -47.01 -28.22
C ARG I 861 -84.66 -47.39 -27.66
N ALA I 862 -85.56 -47.87 -28.52
CA ALA I 862 -86.83 -48.40 -28.05
C ALA I 862 -86.70 -49.80 -27.46
N LEU I 863 -85.59 -50.49 -27.71
CA LEU I 863 -85.34 -51.77 -27.08
C LEU I 863 -84.47 -51.67 -25.84
N MET I 864 -83.73 -50.57 -25.68
CA MET I 864 -82.94 -50.38 -24.47
C MET I 864 -83.85 -50.12 -23.27
N PRO I 865 -83.44 -50.55 -22.07
CA PRO I 865 -84.24 -50.23 -20.88
C PRO I 865 -84.03 -48.79 -20.41
N THR I 866 -84.60 -48.47 -19.26
CA THR I 866 -84.42 -47.15 -18.67
C THR I 866 -82.97 -46.99 -18.22
N LEU I 867 -82.20 -46.19 -18.95
CA LEU I 867 -80.77 -46.06 -18.74
C LEU I 867 -80.47 -45.08 -17.63
N SER I 868 -79.19 -44.72 -17.53
CA SER I 868 -78.70 -43.84 -16.48
C SER I 868 -77.37 -43.27 -16.94
N THR I 869 -76.81 -42.39 -16.11
CA THR I 869 -75.43 -41.98 -16.31
C THR I 869 -74.44 -42.93 -15.65
N SER I 870 -74.93 -43.97 -15.00
CA SER I 870 -74.07 -45.00 -14.44
C SER I 870 -74.02 -46.24 -15.32
N GLN I 871 -75.10 -46.52 -16.06
CA GLN I 871 -75.10 -47.67 -16.97
C GLN I 871 -74.36 -47.36 -18.26
N ILE I 872 -74.28 -46.09 -18.65
CA ILE I 872 -73.42 -45.73 -19.77
C ILE I 872 -71.96 -45.85 -19.36
N ARG I 873 -71.67 -45.59 -18.08
CA ARG I 873 -70.32 -45.84 -17.56
C ARG I 873 -69.98 -47.32 -17.57
N HIS I 874 -70.95 -48.20 -17.29
CA HIS I 874 -70.65 -49.63 -17.30
C HIS I 874 -70.59 -50.17 -18.72
N ALA I 875 -71.30 -49.56 -19.65
CA ALA I 875 -71.27 -50.03 -21.02
C ALA I 875 -69.97 -49.63 -21.72
N ILE I 876 -69.30 -48.59 -21.24
CA ILE I 876 -68.02 -48.19 -21.80
C ILE I 876 -66.89 -49.04 -21.24
N GLU I 877 -66.92 -49.32 -19.94
CA GLU I 877 -65.90 -50.17 -19.33
C GLU I 877 -66.00 -51.62 -19.77
N ARG I 878 -67.12 -52.03 -20.36
CA ARG I 878 -67.28 -53.40 -20.82
C ARG I 878 -66.76 -53.58 -22.24
N ILE I 879 -66.95 -52.59 -23.09
CA ILE I 879 -66.43 -52.67 -24.46
C ILE I 879 -64.91 -52.59 -24.47
N ALA I 880 -64.35 -51.69 -23.66
CA ALA I 880 -62.89 -51.57 -23.56
C ALA I 880 -62.24 -52.79 -22.93
N GLN I 881 -62.99 -53.57 -22.15
CA GLN I 881 -62.49 -54.85 -21.68
C GLN I 881 -62.35 -55.84 -22.82
N ILE I 882 -63.27 -55.82 -23.79
CA ILE I 882 -63.27 -56.78 -24.87
C ILE I 882 -62.15 -56.48 -25.87
N THR I 883 -62.12 -55.26 -26.38
CA THR I 883 -61.18 -54.88 -27.43
C THR I 883 -59.96 -54.24 -26.79
N ASP I 884 -58.99 -55.08 -26.43
CA ASP I 884 -57.70 -54.58 -25.98
C ASP I 884 -56.94 -53.98 -27.16
N VAL I 885 -56.63 -52.69 -27.06
CA VAL I 885 -56.16 -51.94 -28.22
C VAL I 885 -54.72 -52.33 -28.56
N ASP I 886 -54.33 -51.98 -29.78
CA ASP I 886 -52.95 -52.17 -30.21
C ASP I 886 -52.03 -51.19 -29.50
N SER I 887 -50.95 -51.72 -28.94
CA SER I 887 -50.09 -50.92 -28.07
C SER I 887 -48.65 -51.32 -28.34
N THR I 888 -47.89 -50.38 -28.92
CA THR I 888 -46.48 -50.62 -29.20
C THR I 888 -45.66 -50.49 -27.92
N ASP I 889 -44.35 -50.69 -28.03
CA ASP I 889 -43.48 -50.68 -26.86
C ASP I 889 -43.30 -49.28 -26.27
N TYR I 890 -43.62 -48.24 -27.03
CA TYR I 890 -43.64 -46.89 -26.47
C TYR I 890 -45.02 -46.50 -25.96
N GLY I 891 -46.07 -47.10 -26.52
CA GLY I 891 -47.42 -46.76 -26.11
C GLY I 891 -47.77 -47.26 -24.73
N LYS I 892 -47.17 -48.38 -24.31
CA LYS I 892 -47.34 -48.83 -22.93
C LYS I 892 -46.65 -47.90 -21.94
N LEU I 893 -45.63 -47.16 -22.38
CA LEU I 893 -44.97 -46.21 -21.49
C LEU I 893 -45.81 -44.96 -21.33
N THR I 894 -46.66 -44.65 -22.31
CA THR I 894 -47.48 -43.46 -22.23
C THR I 894 -48.80 -43.71 -21.50
N LEU I 895 -49.35 -44.92 -21.62
CA LEU I 895 -50.64 -45.19 -20.99
C LEU I 895 -50.54 -45.30 -19.48
N ARG I 896 -49.41 -45.76 -18.95
CA ARG I 896 -49.21 -45.72 -17.50
C ARG I 896 -48.50 -44.45 -17.07
N PHE I 897 -48.61 -43.38 -17.84
CA PHE I 897 -48.08 -42.06 -17.50
C PHE I 897 -49.18 -41.01 -17.33
N LEU I 898 -50.33 -41.19 -17.99
CA LEU I 898 -51.36 -40.15 -17.97
C LEU I 898 -52.25 -40.20 -16.71
N GLY I 899 -52.77 -41.34 -16.25
CA GLY I 899 -52.90 -42.66 -16.87
C GLY I 899 -54.16 -43.48 -16.67
N THR I 900 -55.08 -43.03 -15.81
CA THR I 900 -56.16 -43.95 -15.44
C THR I 900 -57.57 -43.39 -15.57
N LEU I 901 -57.78 -42.11 -15.30
CA LEU I 901 -59.12 -41.57 -15.15
C LEU I 901 -59.63 -41.03 -16.47
N THR I 902 -60.85 -41.46 -16.84
CA THR I 902 -61.49 -41.01 -18.06
C THR I 902 -62.94 -40.60 -17.85
N ARG I 903 -63.60 -41.10 -16.80
CA ARG I 903 -65.03 -40.98 -16.60
C ARG I 903 -65.46 -39.67 -15.94
N SER I 904 -64.62 -38.64 -15.99
CA SER I 904 -64.97 -37.35 -15.41
C SER I 904 -65.69 -36.42 -16.37
N LEU I 905 -65.85 -36.82 -17.63
CA LEU I 905 -66.37 -35.94 -18.66
C LEU I 905 -67.60 -36.56 -19.32
N LYS I 906 -68.67 -35.77 -19.41
CA LYS I 906 -69.83 -36.16 -20.19
C LYS I 906 -69.52 -36.01 -21.68
N MET I 907 -69.92 -36.99 -22.46
CA MET I 907 -69.62 -37.08 -23.88
C MET I 907 -70.90 -37.22 -24.71
N GLN I 908 -71.97 -36.55 -24.29
CA GLN I 908 -73.30 -36.88 -24.79
C GLN I 908 -73.49 -36.39 -26.22
N ASN I 909 -73.38 -35.09 -26.44
CA ASN I 909 -73.38 -34.50 -27.78
C ASN I 909 -72.21 -33.56 -27.90
N ALA I 910 -71.03 -34.05 -27.52
CA ALA I 910 -69.87 -33.19 -27.29
C ALA I 910 -69.33 -32.63 -28.59
N GLN I 911 -69.11 -31.32 -28.61
CA GLN I 911 -68.49 -30.63 -29.72
C GLN I 911 -67.30 -29.84 -29.19
N ILE I 912 -66.57 -29.20 -30.09
CA ILE I 912 -65.39 -28.41 -29.72
C ILE I 912 -65.67 -26.98 -30.15
N ARG I 913 -65.77 -26.08 -29.17
CA ARG I 913 -66.06 -24.68 -29.44
C ARG I 913 -65.10 -23.81 -28.66
N ARG I 914 -64.89 -22.59 -29.17
CA ARG I 914 -64.16 -21.60 -28.38
C ARG I 914 -65.05 -21.04 -27.28
N ILE I 915 -64.43 -20.33 -26.36
CA ILE I 915 -65.17 -19.56 -25.36
C ILE I 915 -64.60 -18.15 -25.31
N ARG I 916 -65.47 -17.21 -24.95
CA ARG I 916 -65.00 -15.91 -24.52
C ARG I 916 -64.19 -16.06 -23.25
N PRO I 917 -63.25 -15.14 -22.99
CA PRO I 917 -62.56 -15.16 -21.69
C PRO I 917 -63.45 -14.83 -20.50
N ASP I 918 -64.66 -14.31 -20.73
CA ASP I 918 -65.63 -14.17 -19.65
C ASP I 918 -66.09 -15.54 -19.16
N GLY I 919 -66.43 -16.43 -20.07
CA GLY I 919 -66.85 -17.77 -19.68
C GLY I 919 -68.00 -18.34 -20.49
N THR I 920 -68.50 -17.58 -21.45
CA THR I 920 -69.63 -18.03 -22.27
C THR I 920 -69.14 -18.84 -23.45
N VAL I 921 -69.90 -19.88 -23.81
CA VAL I 921 -69.54 -20.74 -24.92
C VAL I 921 -69.97 -20.08 -26.23
N LEU I 922 -68.99 -19.78 -27.08
CA LEU I 922 -69.29 -19.17 -28.36
C LEU I 922 -69.83 -20.19 -29.35
N ARG I 923 -70.47 -19.68 -30.40
CA ARG I 923 -70.88 -20.51 -31.52
C ARG I 923 -69.69 -20.81 -32.41
N TYR I 924 -69.90 -21.67 -33.39
CA TYR I 924 -68.88 -21.93 -34.39
C TYR I 924 -68.76 -20.74 -35.32
N ASP I 925 -67.53 -20.36 -35.64
CA ASP I 925 -67.27 -19.25 -36.54
C ASP I 925 -66.56 -19.78 -37.77
N ASP I 926 -67.08 -19.44 -38.95
CA ASP I 926 -66.57 -20.01 -40.20
C ASP I 926 -65.18 -19.50 -40.55
N GLN I 927 -64.74 -18.40 -39.95
CA GLN I 927 -63.48 -17.77 -40.34
C GLN I 927 -62.42 -17.77 -39.25
N ILE I 928 -62.71 -18.31 -38.07
CA ILE I 928 -61.74 -18.39 -36.98
C ILE I 928 -61.35 -19.83 -36.71
N ASP I 929 -62.32 -20.70 -36.44
CA ASP I 929 -62.02 -22.08 -36.12
C ASP I 929 -61.71 -22.88 -37.38
N ILE I 930 -61.04 -24.01 -37.19
CA ILE I 930 -60.74 -24.89 -38.30
C ILE I 930 -62.02 -25.64 -38.70
N GLU I 931 -62.02 -26.19 -39.92
CA GLU I 931 -63.21 -26.88 -40.40
C GLU I 931 -63.43 -28.23 -39.73
N ALA I 932 -62.45 -28.74 -38.99
CA ALA I 932 -62.60 -30.00 -38.29
C ALA I 932 -63.26 -29.85 -36.93
N PHE I 933 -63.68 -28.65 -36.55
CA PHE I 933 -64.32 -28.42 -35.27
C PHE I 933 -65.79 -28.10 -35.38
N ARG I 934 -66.35 -27.99 -36.59
CA ARG I 934 -67.76 -27.63 -36.71
C ARG I 934 -68.65 -28.78 -36.28
N TRP I 935 -68.43 -29.97 -36.82
CA TRP I 935 -69.10 -31.15 -36.33
C TRP I 935 -68.04 -32.15 -35.90
N SER I 936 -67.90 -32.36 -34.60
CA SER I 936 -67.11 -33.49 -34.12
C SER I 936 -67.91 -34.74 -34.45
N ARG I 937 -67.47 -35.46 -35.49
CA ARG I 937 -68.27 -36.54 -36.06
C ARG I 937 -68.27 -37.76 -35.16
N TYR I 938 -68.84 -37.62 -33.96
CA TYR I 938 -68.85 -38.61 -32.88
C TYR I 938 -67.44 -39.02 -32.46
N PHE I 939 -66.46 -38.14 -32.71
CA PHE I 939 -65.03 -38.37 -32.46
C PHE I 939 -64.55 -39.67 -33.10
N LEU I 940 -64.90 -39.87 -34.36
CA LEU I 940 -64.62 -41.08 -35.09
C LEU I 940 -63.77 -40.79 -36.32
N ASP I 941 -63.36 -41.86 -37.00
CA ASP I 941 -62.57 -41.74 -38.21
C ASP I 941 -63.43 -41.31 -39.39
N GLU I 942 -62.79 -41.16 -40.54
CA GLU I 942 -63.52 -40.96 -41.77
C GLU I 942 -64.05 -42.29 -42.30
N LEU I 943 -63.30 -43.37 -42.08
CA LEU I 943 -63.71 -44.68 -42.60
C LEU I 943 -64.88 -45.26 -41.83
N ARG I 944 -64.85 -45.18 -40.50
CA ARG I 944 -65.80 -45.91 -39.67
C ARG I 944 -67.15 -45.22 -39.54
N LEU I 945 -67.42 -44.20 -40.35
CA LEU I 945 -68.80 -43.81 -40.60
C LEU I 945 -69.31 -44.49 -41.86
N ARG I 946 -68.42 -44.79 -42.79
CA ARG I 946 -68.82 -45.49 -44.00
C ARG I 946 -69.04 -46.96 -43.72
N ARG I 947 -68.26 -47.54 -42.82
CA ARG I 947 -68.52 -48.91 -42.39
C ARG I 947 -69.77 -48.98 -41.54
N LEU I 948 -70.10 -47.87 -40.87
CA LEU I 948 -71.21 -47.86 -39.93
C LEU I 948 -72.55 -47.89 -40.66
N SER I 949 -72.62 -47.24 -41.82
CA SER I 949 -73.87 -47.22 -42.58
C SER I 949 -74.16 -48.58 -43.19
N VAL I 950 -73.13 -49.38 -43.44
CA VAL I 950 -73.36 -50.76 -43.84
C VAL I 950 -73.79 -51.59 -42.64
N GLY I 951 -73.27 -51.27 -41.46
CA GLY I 951 -73.69 -51.97 -40.26
C GLY I 951 -75.12 -51.68 -39.85
N LEU I 952 -75.60 -50.47 -40.13
CA LEU I 952 -76.98 -50.14 -39.79
C LEU I 952 -77.97 -50.87 -40.68
N ARG I 953 -77.57 -51.23 -41.89
CA ARG I 953 -78.41 -52.07 -42.72
C ARG I 953 -78.35 -53.53 -42.30
N LEU I 954 -77.36 -53.90 -41.49
CA LEU I 954 -77.27 -55.28 -41.03
C LEU I 954 -78.12 -55.51 -39.78
N ILE I 955 -78.35 -54.46 -38.99
CA ILE I 955 -79.10 -54.63 -37.75
C ILE I 955 -80.59 -54.64 -38.03
N THR I 956 -81.07 -53.75 -38.89
CA THR I 956 -82.49 -53.68 -39.22
C THR I 956 -82.91 -54.71 -40.25
N ASN I 957 -82.03 -55.62 -40.62
CA ASN I 957 -82.37 -56.77 -41.44
C ASN I 957 -83.39 -57.63 -40.70
N PRO I 958 -84.52 -57.98 -41.34
CA PRO I 958 -85.45 -58.93 -40.70
C PRO I 958 -84.92 -60.35 -40.62
N ARG I 959 -83.85 -60.69 -41.34
CA ARG I 959 -83.37 -62.06 -41.35
C ARG I 959 -82.64 -62.44 -40.06
N ILE I 960 -82.22 -61.48 -39.25
CA ILE I 960 -81.55 -61.78 -37.99
C ILE I 960 -82.35 -61.36 -36.78
N ALA I 961 -83.44 -60.61 -36.95
CA ALA I 961 -84.23 -60.13 -35.83
C ALA I 961 -85.09 -61.28 -35.31
N ARG I 962 -84.46 -62.16 -34.53
CA ARG I 962 -85.13 -63.33 -33.99
C ARG I 962 -85.31 -63.26 -32.48
N ARG I 963 -85.49 -62.06 -31.94
CA ARG I 963 -85.90 -61.90 -30.55
C ARG I 963 -87.41 -61.82 -30.59
N PHE I 964 -88.07 -62.95 -30.47
CA PHE I 964 -89.51 -63.06 -30.68
C PHE I 964 -90.25 -62.63 -29.43
N ASP I 965 -91.12 -61.63 -29.56
CA ASP I 965 -91.96 -61.19 -28.47
C ASP I 965 -93.40 -61.57 -28.74
N GLY I 966 -94.17 -61.70 -27.67
CA GLY I 966 -95.56 -62.10 -27.78
C GLY I 966 -95.73 -63.60 -27.86
N VAL I 967 -96.62 -64.16 -27.04
CA VAL I 967 -96.83 -65.60 -27.00
C VAL I 967 -98.31 -65.84 -26.79
N ARG I 968 -98.80 -66.98 -27.28
CA ARG I 968 -100.22 -67.31 -27.22
C ARG I 968 -100.41 -68.70 -26.64
N ILE I 969 -101.27 -68.80 -25.63
CA ILE I 969 -101.59 -70.06 -24.98
C ILE I 969 -102.94 -70.52 -25.48
N MET I 970 -102.99 -71.74 -26.04
CA MET I 970 -104.19 -72.27 -26.64
C MET I 970 -104.06 -73.79 -26.60
N TYR I 971 -105.18 -74.49 -26.68
CA TYR I 971 -105.17 -75.92 -26.42
C TYR I 971 -105.59 -76.70 -27.67
N LEU I 972 -104.99 -76.38 -28.80
CA LEU I 972 -105.22 -77.12 -30.02
C LEU I 972 -104.33 -78.36 -30.07
N THR I 973 -104.68 -79.28 -30.95
CA THR I 973 -103.88 -80.49 -31.12
C THR I 973 -102.62 -80.19 -31.92
N ASP I 974 -101.65 -81.08 -31.83
CA ASP I 974 -100.41 -80.97 -32.61
C ASP I 974 -100.31 -82.21 -33.50
N ASP I 975 -100.90 -82.12 -34.68
CA ASP I 975 -100.88 -83.19 -35.66
C ASP I 975 -100.20 -82.81 -36.97
N ASP I 976 -100.17 -81.51 -37.30
CA ASP I 976 -99.38 -81.01 -38.43
C ASP I 976 -98.39 -79.96 -37.93
N PRO I 977 -97.26 -80.38 -37.35
CA PRO I 977 -96.35 -79.42 -36.72
C PRO I 977 -95.57 -78.63 -37.76
N ASP I 978 -95.56 -77.32 -37.58
CA ASP I 978 -94.77 -76.39 -38.39
C ASP I 978 -94.65 -75.09 -37.60
N PRO I 979 -93.49 -74.42 -37.67
CA PRO I 979 -93.31 -73.19 -36.89
C PRO I 979 -94.08 -72.00 -37.45
N ASP I 980 -94.57 -72.06 -38.68
CA ASP I 980 -95.29 -70.96 -39.28
C ASP I 980 -96.73 -70.85 -38.78
N PHE I 981 -97.22 -71.84 -38.05
CA PHE I 981 -98.65 -71.94 -37.75
C PHE I 981 -98.98 -71.13 -36.52
N VAL I 982 -99.37 -69.88 -36.72
CA VAL I 982 -100.02 -69.07 -35.68
C VAL I 982 -101.48 -69.48 -35.64
N PRO I 983 -101.98 -69.99 -34.51
CA PRO I 983 -103.36 -70.51 -34.48
C PRO I 983 -104.38 -69.39 -34.56
N ASP I 984 -105.34 -69.58 -35.46
CA ASP I 984 -106.36 -68.57 -35.68
C ASP I 984 -107.34 -68.55 -34.51
N VAL I 985 -107.66 -67.34 -34.06
CA VAL I 985 -108.68 -67.18 -33.02
C VAL I 985 -110.04 -67.49 -33.64
N PRO I 986 -110.86 -68.33 -33.00
CA PRO I 986 -112.16 -68.71 -33.58
C PRO I 986 -113.16 -67.57 -33.71
N GLU I 987 -114.35 -67.89 -34.21
CA GLU I 987 -115.29 -66.86 -34.65
C GLU I 987 -115.94 -66.14 -33.47
N GLY I 988 -116.60 -66.88 -32.59
CA GLY I 988 -117.36 -66.24 -31.53
C GLY I 988 -116.66 -66.09 -30.20
N TYR I 989 -115.60 -65.29 -30.13
CA TYR I 989 -114.99 -65.01 -28.84
C TYR I 989 -115.20 -63.55 -28.46
N VAL I 990 -114.92 -63.25 -27.19
CA VAL I 990 -115.04 -61.91 -26.65
C VAL I 990 -113.69 -61.48 -26.11
N ALA I 991 -113.15 -60.39 -26.65
CA ALA I 991 -111.83 -59.91 -26.26
C ALA I 991 -111.92 -59.18 -24.94
N VAL I 992 -111.06 -59.55 -23.98
CA VAL I 992 -111.07 -59.01 -22.62
C VAL I 992 -109.65 -58.59 -22.26
N GLN I 993 -109.48 -57.33 -21.88
CA GLN I 993 -108.22 -56.88 -21.33
C GLN I 993 -108.04 -57.41 -19.92
N TYR I 994 -106.83 -57.84 -19.59
CA TYR I 994 -106.56 -58.38 -18.26
C TYR I 994 -106.39 -57.26 -17.25
N ALA I 995 -106.97 -57.46 -16.07
CA ALA I 995 -106.79 -56.55 -14.95
C ALA I 995 -107.03 -57.34 -13.67
N HIS I 996 -106.49 -56.82 -12.57
CA HIS I 996 -106.63 -57.49 -11.29
C HIS I 996 -108.01 -57.34 -10.69
N ARG I 997 -108.82 -56.42 -11.22
CA ARG I 997 -110.19 -56.24 -10.77
C ARG I 997 -111.07 -57.43 -11.12
N LEU I 998 -110.70 -58.19 -12.14
CA LEU I 998 -111.53 -59.30 -12.62
C LEU I 998 -111.56 -60.45 -11.62
N PHE I 999 -110.39 -61.04 -11.36
CA PHE I 999 -110.32 -62.25 -10.55
C PHE I 999 -110.34 -61.91 -9.07
N SER I 1000 -111.18 -62.60 -8.32
CA SER I 1000 -111.30 -62.40 -6.89
C SER I 1000 -111.82 -63.66 -6.24
N SER I 1001 -111.45 -63.87 -4.99
CA SER I 1001 -111.86 -65.04 -4.24
C SER I 1001 -113.30 -64.88 -3.78
N SER I 1002 -114.14 -65.86 -4.09
CA SER I 1002 -115.54 -65.81 -3.71
C SER I 1002 -116.00 -67.18 -3.24
N LEU I 1003 -116.72 -67.20 -2.13
CA LEU I 1003 -117.23 -68.45 -1.57
C LEU I 1003 -118.34 -68.99 -2.46
N ALA I 1004 -118.12 -70.15 -3.07
CA ALA I 1004 -119.06 -70.65 -4.07
C ALA I 1004 -119.78 -71.93 -3.62
N ASN I 1005 -119.05 -73.01 -3.37
CA ASN I 1005 -119.69 -74.28 -2.96
C ASN I 1005 -118.80 -74.90 -1.90
N LYS I 1006 -119.04 -74.48 -0.64
CA LYS I 1006 -118.34 -75.00 0.56
C LYS I 1006 -116.82 -74.87 0.48
N ARG I 1007 -116.33 -73.93 -0.33
CA ARG I 1007 -114.92 -73.87 -0.71
C ARG I 1007 -114.61 -72.53 -1.37
N ASN I 1008 -113.56 -71.86 -0.92
CA ASN I 1008 -113.19 -70.59 -1.52
C ASN I 1008 -112.59 -70.80 -2.91
N ARG I 1009 -113.22 -70.21 -3.91
CA ARG I 1009 -112.81 -70.37 -5.29
C ARG I 1009 -112.43 -69.03 -5.88
N VAL I 1010 -111.52 -69.05 -6.85
CA VAL I 1010 -111.15 -67.85 -7.58
C VAL I 1010 -112.19 -67.63 -8.67
N THR I 1011 -112.83 -66.47 -8.65
CA THR I 1011 -114.03 -66.22 -9.45
C THR I 1011 -113.74 -65.16 -10.50
N TYR I 1012 -113.93 -65.54 -11.76
CA TYR I 1012 -113.83 -64.62 -12.89
C TYR I 1012 -115.17 -63.92 -13.10
N THR I 1013 -115.10 -62.61 -13.37
CA THR I 1013 -116.30 -61.82 -13.67
C THR I 1013 -116.17 -61.32 -15.10
N HIS I 1014 -117.06 -61.79 -15.97
CA HIS I 1014 -116.99 -61.48 -17.39
C HIS I 1014 -117.50 -60.05 -17.62
N PRO I 1015 -116.68 -59.15 -18.15
CA PRO I 1015 -117.01 -57.70 -18.13
C PRO I 1015 -118.20 -57.29 -19.00
N PRO I 1016 -118.48 -57.90 -20.17
CA PRO I 1016 -119.73 -57.53 -20.85
C PRO I 1016 -121.00 -57.92 -20.12
N THR I 1017 -121.00 -58.97 -19.31
CA THR I 1017 -122.22 -59.38 -18.62
C THR I 1017 -122.18 -59.13 -17.12
N GLY I 1018 -121.02 -59.21 -16.49
CA GLY I 1018 -120.93 -59.04 -15.06
C GLY I 1018 -121.22 -60.28 -14.26
N MET I 1019 -121.47 -61.42 -14.91
CA MET I 1019 -121.75 -62.65 -14.19
C MET I 1019 -120.49 -63.19 -13.51
N ALA I 1020 -120.69 -63.88 -12.40
CA ALA I 1020 -119.61 -64.49 -11.64
C ALA I 1020 -119.48 -65.94 -12.07
N TYR I 1021 -118.25 -66.37 -12.34
CA TYR I 1021 -117.98 -67.67 -12.92
C TYR I 1021 -116.95 -68.41 -12.07
N PRO I 1022 -117.38 -69.04 -10.97
CA PRO I 1022 -116.38 -69.53 -9.99
C PRO I 1022 -115.63 -70.77 -10.44
N SER I 1023 -116.29 -71.71 -10.99
CA SER I 1023 -115.56 -72.88 -11.44
C SER I 1023 -114.95 -72.62 -12.81
N PRO I 1024 -113.79 -73.19 -13.11
CA PRO I 1024 -113.19 -72.96 -14.44
C PRO I 1024 -113.77 -73.85 -15.53
N THR I 1025 -114.87 -74.55 -15.26
CA THR I 1025 -115.44 -75.43 -16.26
C THR I 1025 -116.41 -74.71 -17.20
N GLY I 1026 -117.37 -73.98 -16.65
CA GLY I 1026 -118.40 -73.38 -17.46
C GLY I 1026 -118.14 -71.95 -17.88
N ARG I 1027 -116.87 -71.54 -17.86
CA ARG I 1027 -116.50 -70.19 -18.24
C ARG I 1027 -116.70 -70.00 -19.74
N PRO I 1028 -117.07 -68.79 -20.18
CA PRO I 1028 -117.40 -68.57 -21.58
C PRO I 1028 -116.13 -68.48 -22.41
N HIS I 1029 -116.33 -68.42 -23.72
CA HIS I 1029 -115.24 -68.34 -24.68
C HIS I 1029 -114.68 -66.92 -24.66
N VAL I 1030 -113.51 -66.76 -24.04
CA VAL I 1030 -112.91 -65.45 -23.81
C VAL I 1030 -111.53 -65.41 -24.46
N HIS I 1031 -111.23 -64.32 -25.16
CA HIS I 1031 -109.91 -64.06 -25.74
C HIS I 1031 -109.21 -63.05 -24.84
N MET I 1032 -108.56 -63.55 -23.79
CA MET I 1032 -107.95 -62.68 -22.79
C MET I 1032 -106.58 -62.20 -23.25
N THR I 1033 -106.31 -60.92 -23.08
CA THR I 1033 -105.07 -60.28 -23.47
C THR I 1033 -104.36 -59.75 -22.23
N ILE I 1034 -103.20 -60.32 -21.92
CA ILE I 1034 -102.40 -59.88 -20.77
C ILE I 1034 -101.31 -58.95 -21.28
N ASN I 1035 -101.29 -57.73 -20.76
CA ASN I 1035 -100.25 -56.77 -21.12
C ASN I 1035 -99.25 -56.53 -20.00
N GLU I 1036 -99.58 -56.87 -18.76
CA GLU I 1036 -98.79 -56.42 -17.62
C GLU I 1036 -97.99 -57.55 -16.99
N ARG I 1037 -98.66 -58.61 -16.52
CA ARG I 1037 -98.06 -59.82 -15.93
C ARG I 1037 -97.20 -59.48 -14.72
N ALA I 1038 -97.57 -58.40 -14.04
CA ALA I 1038 -96.76 -57.83 -12.96
C ALA I 1038 -97.68 -57.49 -11.81
N GLY I 1039 -97.31 -57.92 -10.61
CA GLY I 1039 -98.25 -57.87 -9.50
C GLY I 1039 -99.33 -58.91 -9.61
N MET I 1040 -99.11 -59.94 -10.42
CA MET I 1040 -100.10 -60.97 -10.67
C MET I 1040 -99.92 -62.10 -9.67
N SER I 1041 -101.02 -62.52 -9.06
CA SER I 1041 -100.96 -63.60 -8.09
C SER I 1041 -100.67 -64.92 -8.78
N LYS I 1042 -100.12 -65.86 -8.01
CA LYS I 1042 -99.87 -67.19 -8.55
C LYS I 1042 -101.15 -67.98 -8.65
N LEU I 1043 -102.09 -67.75 -7.73
CA LEU I 1043 -103.37 -68.45 -7.77
C LEU I 1043 -104.22 -67.99 -8.94
N VAL I 1044 -104.08 -66.73 -9.34
CA VAL I 1044 -104.81 -66.23 -10.49
C VAL I 1044 -104.25 -66.85 -11.78
N ALA I 1045 -102.92 -66.94 -11.88
CA ALA I 1045 -102.31 -67.56 -13.04
C ALA I 1045 -102.56 -69.06 -13.09
N ASP I 1046 -102.80 -69.69 -11.93
CA ASP I 1046 -103.20 -71.10 -11.94
C ASP I 1046 -104.61 -71.23 -12.52
N ASN I 1047 -105.48 -70.27 -12.25
CA ASN I 1047 -106.85 -70.36 -12.73
C ASN I 1047 -106.93 -70.09 -14.23
N ILE I 1048 -106.09 -69.20 -14.75
CA ILE I 1048 -106.16 -68.85 -16.16
C ILE I 1048 -105.69 -70.00 -17.04
N ILE I 1049 -104.56 -70.63 -16.67
CA ILE I 1049 -104.07 -71.78 -17.42
C ILE I 1049 -105.00 -72.97 -17.22
N ALA I 1050 -105.68 -73.04 -16.08
CA ALA I 1050 -106.78 -73.99 -15.95
C ALA I 1050 -107.96 -73.62 -16.82
N SER I 1051 -108.21 -72.34 -17.04
CA SER I 1051 -109.31 -71.93 -17.88
C SER I 1051 -109.04 -72.13 -19.37
N VAL I 1052 -107.77 -72.27 -19.75
CA VAL I 1052 -107.48 -72.54 -21.15
C VAL I 1052 -107.82 -73.99 -21.49
N ILE I 1053 -107.48 -74.91 -20.59
CA ILE I 1053 -107.68 -76.33 -20.87
C ILE I 1053 -109.15 -76.70 -20.78
N LYS I 1054 -109.84 -76.16 -19.77
CA LYS I 1054 -111.21 -76.55 -19.50
C LYS I 1054 -112.23 -75.80 -20.35
N SER I 1055 -112.12 -74.47 -20.43
CA SER I 1055 -113.14 -73.64 -21.07
C SER I 1055 -112.69 -73.06 -22.40
N ASN I 1056 -111.55 -73.53 -22.94
CA ASN I 1056 -111.07 -73.23 -24.29
C ASN I 1056 -110.82 -71.73 -24.49
N TRP I 1057 -110.15 -71.11 -23.51
CA TRP I 1057 -109.76 -69.72 -23.70
C TRP I 1057 -108.56 -69.60 -24.61
N VAL I 1058 -108.31 -68.37 -25.05
CA VAL I 1058 -107.10 -68.01 -25.77
C VAL I 1058 -106.48 -66.85 -25.01
N VAL I 1059 -105.26 -67.04 -24.52
CA VAL I 1059 -104.59 -66.05 -23.69
C VAL I 1059 -103.36 -65.56 -24.45
N ASP I 1060 -103.29 -64.26 -24.67
CA ASP I 1060 -102.14 -63.64 -25.31
C ASP I 1060 -101.31 -62.94 -24.26
N ILE I 1061 -100.00 -63.14 -24.28
CA ILE I 1061 -99.07 -62.44 -23.40
C ILE I 1061 -98.10 -61.67 -24.29
N HIS I 1062 -98.31 -60.36 -24.41
CA HIS I 1062 -97.55 -59.60 -25.39
C HIS I 1062 -96.18 -59.19 -24.84
N ASP I 1063 -96.03 -59.18 -23.52
CA ASP I 1063 -94.87 -58.59 -22.88
C ASP I 1063 -93.85 -59.64 -22.48
N ILE I 1064 -93.63 -60.63 -23.34
CA ILE I 1064 -92.72 -61.73 -23.08
C ILE I 1064 -91.63 -61.70 -24.16
N GLU I 1065 -90.51 -62.37 -23.91
CA GLU I 1065 -89.44 -62.52 -24.88
C GLU I 1065 -89.02 -63.98 -24.94
N TYR I 1066 -88.68 -64.45 -26.13
CA TYR I 1066 -88.17 -65.80 -26.31
C TYR I 1066 -87.41 -65.89 -27.62
N THR I 1067 -86.65 -66.96 -27.75
CA THR I 1067 -86.05 -67.37 -29.02
C THR I 1067 -86.69 -68.68 -29.46
N ALA I 1068 -86.35 -69.11 -30.67
CA ALA I 1068 -86.96 -70.32 -31.19
C ALA I 1068 -85.99 -71.04 -32.11
N GLU I 1069 -85.74 -72.32 -31.82
CA GLU I 1069 -84.99 -73.20 -32.69
C GLU I 1069 -85.94 -74.22 -33.30
N VAL I 1070 -85.88 -74.35 -34.62
CA VAL I 1070 -86.76 -75.25 -35.34
C VAL I 1070 -86.14 -76.64 -35.30
N MET I 1071 -86.73 -77.54 -34.52
CA MET I 1071 -86.25 -78.90 -34.43
C MET I 1071 -86.73 -79.71 -35.63
N THR I 1072 -86.21 -80.88 -35.75
CA THR I 1072 -86.49 -81.91 -36.72
C THR I 1072 -87.20 -83.09 -36.06
N PRO I 1073 -88.02 -83.86 -36.78
CA PRO I 1073 -88.78 -84.93 -36.10
C PRO I 1073 -87.94 -86.11 -35.66
N SER I 1074 -86.78 -86.35 -36.25
CA SER I 1074 -85.94 -87.44 -35.75
C SER I 1074 -85.18 -87.03 -34.49
N GLU I 1075 -84.82 -85.75 -34.36
CA GLU I 1075 -84.15 -85.30 -33.14
C GLU I 1075 -85.14 -85.19 -31.99
N GLY I 1076 -86.32 -84.64 -32.24
CA GLY I 1076 -87.35 -84.52 -31.23
C GLY I 1076 -87.10 -83.37 -30.27
N TYR I 1077 -88.07 -83.17 -29.38
CA TYR I 1077 -87.97 -82.11 -28.39
C TYR I 1077 -86.95 -82.49 -27.32
N THR I 1078 -85.90 -81.68 -27.18
CA THR I 1078 -84.89 -81.98 -26.19
C THR I 1078 -85.28 -81.47 -24.81
N GLN I 1079 -85.63 -80.18 -24.70
CA GLN I 1079 -85.98 -79.60 -23.42
C GLN I 1079 -87.27 -78.81 -23.56
N HIS I 1080 -88.10 -78.89 -22.53
CA HIS I 1080 -89.42 -78.29 -22.54
C HIS I 1080 -89.40 -76.97 -21.81
N VAL I 1081 -90.50 -76.22 -21.91
CA VAL I 1081 -90.72 -75.00 -21.14
C VAL I 1081 -92.04 -75.17 -20.40
N ASP I 1082 -91.99 -75.06 -19.06
CA ASP I 1082 -93.17 -75.29 -18.25
C ASP I 1082 -94.13 -74.12 -18.34
N ALA I 1083 -95.39 -74.37 -18.01
CA ALA I 1083 -96.39 -73.31 -17.92
C ALA I 1083 -96.32 -72.56 -16.61
N GLU I 1084 -95.55 -73.05 -15.64
CA GLU I 1084 -95.33 -72.27 -14.42
C GLU I 1084 -94.39 -71.10 -14.70
N SER I 1085 -93.35 -71.32 -15.50
CA SER I 1085 -92.43 -70.25 -15.82
C SER I 1085 -93.00 -69.30 -16.85
N ILE I 1086 -94.01 -69.72 -17.62
CA ILE I 1086 -94.54 -68.84 -18.66
C ILE I 1086 -95.42 -67.76 -18.05
N MET I 1087 -95.85 -67.94 -16.79
CA MET I 1087 -96.70 -66.97 -16.11
C MET I 1087 -96.02 -66.27 -14.96
N THR I 1088 -95.25 -66.98 -14.13
CA THR I 1088 -94.61 -66.42 -12.95
C THR I 1088 -93.11 -66.38 -13.20
N ALA I 1089 -92.68 -65.30 -13.84
CA ALA I 1089 -91.30 -65.06 -14.19
C ALA I 1089 -91.10 -63.55 -14.19
N PRO I 1090 -89.88 -63.06 -14.01
CA PRO I 1090 -89.66 -61.61 -14.13
C PRO I 1090 -89.82 -61.13 -15.57
N LYS I 1091 -89.84 -59.81 -15.71
CA LYS I 1091 -90.15 -59.18 -16.98
C LYS I 1091 -89.07 -59.45 -18.03
N GLY I 1092 -87.81 -59.48 -17.63
CA GLY I 1092 -86.73 -59.60 -18.58
C GLY I 1092 -86.04 -60.94 -18.63
N LYS I 1093 -86.80 -62.02 -18.62
CA LYS I 1093 -86.23 -63.36 -18.75
C LYS I 1093 -86.45 -63.85 -20.16
N LEU I 1094 -85.37 -64.27 -20.81
CA LEU I 1094 -85.37 -64.66 -22.21
C LEU I 1094 -85.57 -66.17 -22.29
N PHE I 1095 -86.75 -66.59 -22.73
CA PHE I 1095 -87.09 -68.00 -22.81
C PHE I 1095 -86.50 -68.63 -24.06
N HIS I 1096 -86.64 -69.95 -24.15
CA HIS I 1096 -86.11 -70.71 -25.29
C HIS I 1096 -87.12 -71.80 -25.63
N LEU I 1097 -88.04 -71.49 -26.54
CA LEU I 1097 -89.04 -72.45 -26.98
C LEU I 1097 -88.52 -73.23 -28.17
N GLN I 1098 -88.77 -74.55 -28.17
CA GLN I 1098 -88.36 -75.42 -29.25
C GLN I 1098 -89.58 -75.81 -30.07
N PHE I 1099 -89.54 -75.57 -31.36
CA PHE I 1099 -90.63 -75.90 -32.27
C PHE I 1099 -90.16 -76.99 -33.22
N MET I 1100 -91.07 -77.88 -33.60
CA MET I 1100 -90.72 -79.02 -34.43
C MET I 1100 -91.31 -78.86 -35.82
N ASP I 1101 -90.45 -79.00 -36.84
CA ASP I 1101 -90.89 -78.98 -38.23
C ASP I 1101 -91.33 -80.39 -38.59
N GLY I 1102 -92.65 -80.61 -38.58
CA GLY I 1102 -93.18 -81.94 -38.81
C GLY I 1102 -93.45 -82.25 -40.26
N LEU I 1103 -92.59 -81.77 -41.16
CA LEU I 1103 -92.79 -82.04 -42.57
C LEU I 1103 -92.12 -83.35 -42.97
N LEU I 1104 -90.99 -83.68 -42.37
CA LEU I 1104 -90.25 -84.89 -42.70
C LEU I 1104 -90.50 -86.03 -41.73
N ARG I 1105 -91.70 -86.13 -41.18
CA ARG I 1105 -92.02 -87.22 -40.29
C ARG I 1105 -92.13 -88.54 -41.06
N PRO I 1106 -91.75 -89.65 -40.44
CA PRO I 1106 -91.95 -90.95 -41.10
C PRO I 1106 -93.43 -91.30 -41.14
N GLU I 1107 -93.96 -91.44 -42.36
CA GLU I 1107 -95.35 -91.76 -42.55
C GLU I 1107 -95.62 -93.21 -42.12
N PRO I 1108 -96.62 -93.46 -41.28
CA PRO I 1108 -96.80 -94.80 -40.72
C PRO I 1108 -97.33 -95.77 -41.76
N SER I 1109 -97.07 -97.05 -41.50
CA SER I 1109 -97.48 -98.11 -42.39
C SER I 1109 -98.99 -98.23 -42.41
N ALA I 1110 -99.52 -98.72 -43.53
CA ALA I 1110 -100.96 -98.73 -43.75
C ALA I 1110 -101.67 -99.75 -42.89
N PHE I 1111 -100.96 -100.78 -42.42
CA PHE I 1111 -101.56 -101.83 -41.61
C PHE I 1111 -101.17 -101.73 -40.15
N ASP I 1112 -100.69 -100.57 -39.72
CA ASP I 1112 -100.28 -100.33 -38.35
C ASP I 1112 -101.51 -100.27 -37.46
N PRO I 1113 -101.56 -101.06 -36.38
CA PRO I 1113 -102.59 -100.83 -35.36
C PRO I 1113 -102.36 -99.50 -34.67
N PRO I 1114 -103.42 -98.76 -34.37
CA PRO I 1114 -103.26 -97.36 -33.93
C PRO I 1114 -102.72 -97.28 -32.51
N ALA I 1115 -102.09 -96.14 -32.23
CA ALA I 1115 -101.58 -95.86 -30.90
C ALA I 1115 -102.74 -95.37 -30.02
N SER I 1116 -102.43 -94.95 -28.80
CA SER I 1116 -103.47 -94.55 -27.86
C SER I 1116 -103.51 -93.05 -27.60
N GLY I 1117 -102.35 -92.42 -27.40
CA GLY I 1117 -102.33 -91.04 -26.98
C GLY I 1117 -102.56 -90.04 -28.08
N GLU I 1118 -102.61 -88.77 -27.68
CA GLU I 1118 -102.73 -87.64 -28.59
C GLU I 1118 -101.62 -86.64 -28.27
N ASP I 1119 -101.08 -86.01 -29.30
CA ASP I 1119 -100.03 -85.01 -29.14
C ASP I 1119 -100.66 -83.64 -29.04
N MET I 1120 -100.76 -83.10 -27.84
CA MET I 1120 -101.30 -81.77 -27.64
C MET I 1120 -100.19 -80.74 -27.69
N ARG I 1121 -100.58 -79.47 -27.52
CA ARG I 1121 -99.66 -78.35 -27.73
C ARG I 1121 -100.25 -77.12 -27.07
N LEU I 1122 -99.52 -76.53 -26.13
CA LEU I 1122 -100.09 -75.48 -25.29
C LEU I 1122 -99.61 -74.08 -25.65
N ILE I 1123 -98.37 -73.92 -26.06
CA ILE I 1123 -97.74 -72.62 -26.24
C ILE I 1123 -97.47 -72.38 -27.71
N TYR I 1124 -98.02 -71.30 -28.24
CA TYR I 1124 -97.96 -70.93 -29.65
C TYR I 1124 -97.38 -69.53 -29.82
N PRO I 1125 -96.77 -69.25 -30.97
CA PRO I 1125 -96.27 -67.89 -31.23
C PRO I 1125 -97.37 -66.96 -31.74
N LEU I 1126 -97.01 -65.69 -31.83
CA LEU I 1126 -97.83 -64.65 -32.45
C LEU I 1126 -97.41 -64.32 -33.87
N GLN I 1127 -96.11 -64.22 -34.11
CA GLN I 1127 -95.54 -63.79 -35.37
C GLN I 1127 -94.87 -64.96 -36.07
N PRO I 1128 -94.60 -64.87 -37.38
CA PRO I 1128 -93.98 -66.00 -38.09
C PRO I 1128 -92.59 -66.35 -37.59
N ILE I 1129 -92.45 -67.59 -37.14
CA ILE I 1129 -91.17 -68.15 -36.73
C ILE I 1129 -90.39 -68.54 -37.97
N SER I 1130 -89.06 -68.60 -37.82
CA SER I 1130 -88.09 -68.91 -38.87
C SER I 1130 -88.19 -67.89 -40.00
N VAL I 1131 -87.97 -66.63 -39.64
CA VAL I 1131 -87.76 -65.58 -40.63
C VAL I 1131 -86.40 -65.68 -41.29
N ALA I 1132 -85.49 -66.46 -40.72
CA ALA I 1132 -84.17 -66.70 -41.29
C ALA I 1132 -84.16 -67.87 -42.25
N ARG I 1133 -85.31 -68.42 -42.60
CA ARG I 1133 -85.37 -69.63 -43.40
C ARG I 1133 -85.15 -69.29 -44.86
N SER I 1134 -84.21 -69.98 -45.50
CA SER I 1134 -83.96 -69.84 -46.92
C SER I 1134 -84.57 -70.99 -47.71
N MET I 1135 -84.17 -72.22 -47.40
CA MET I 1135 -84.77 -73.41 -47.99
C MET I 1135 -85.28 -74.31 -46.89
N ARG I 1136 -86.24 -75.16 -47.25
CA ARG I 1136 -86.78 -76.11 -46.29
C ARG I 1136 -87.18 -77.37 -47.03
N ALA I 1137 -86.89 -78.51 -46.40
CA ALA I 1137 -87.25 -79.85 -46.85
C ALA I 1137 -86.70 -80.16 -48.24
N ILE I 1138 -85.36 -80.28 -48.30
CA ILE I 1138 -84.72 -80.58 -49.57
C ILE I 1138 -84.74 -82.09 -49.75
N VAL I 1139 -85.89 -82.60 -50.22
CA VAL I 1139 -86.13 -83.98 -50.58
C VAL I 1139 -87.06 -83.99 -51.79
N ASN I 1140 -87.36 -85.18 -52.29
CA ASN I 1140 -88.31 -85.34 -53.39
C ASN I 1140 -89.37 -86.36 -53.04
N HIS I 1141 -90.62 -85.90 -53.03
CA HIS I 1141 -91.75 -86.73 -52.63
C HIS I 1141 -92.09 -87.68 -53.76
N ASN I 1142 -92.51 -88.90 -53.39
CA ASN I 1142 -92.64 -89.94 -54.40
C ASN I 1142 -93.97 -89.87 -55.13
N GLU I 1143 -95.02 -89.34 -54.50
CA GLU I 1143 -96.31 -89.24 -55.18
C GLU I 1143 -96.44 -87.93 -55.93
N VAL I 1144 -96.20 -86.83 -55.26
CA VAL I 1144 -96.40 -85.49 -55.82
C VAL I 1144 -95.04 -84.98 -56.30
N ASP I 1145 -95.05 -83.98 -57.18
CA ASP I 1145 -93.82 -83.50 -57.82
C ASP I 1145 -92.95 -82.72 -56.85
N ARG I 1146 -93.54 -81.93 -55.96
CA ARG I 1146 -92.79 -81.19 -54.97
C ARG I 1146 -93.58 -81.19 -53.66
N PRO I 1147 -92.90 -81.25 -52.51
CA PRO I 1147 -93.59 -81.53 -51.25
C PRO I 1147 -94.46 -80.37 -50.79
N ARG I 1148 -95.26 -80.66 -49.77
CA ARG I 1148 -96.24 -79.70 -49.26
C ARG I 1148 -95.53 -78.64 -48.44
N GLY I 1149 -95.45 -77.43 -48.97
CA GLY I 1149 -94.89 -76.32 -48.22
C GLY I 1149 -93.38 -76.20 -48.25
N ALA I 1150 -92.69 -77.07 -48.98
CA ALA I 1150 -91.24 -76.93 -49.11
C ALA I 1150 -90.93 -75.77 -50.03
N VAL I 1151 -90.00 -74.91 -49.61
CA VAL I 1151 -89.70 -73.68 -50.33
C VAL I 1151 -88.38 -73.84 -51.08
N ALA I 1152 -88.23 -73.07 -52.11
CA ALA I 1152 -87.17 -72.81 -53.05
C ALA I 1152 -86.38 -71.58 -52.62
N PRO I 1153 -85.07 -71.51 -52.89
CA PRO I 1153 -84.30 -70.35 -52.46
C PRO I 1153 -84.62 -69.14 -53.31
N SER I 1154 -84.52 -67.97 -52.69
CA SER I 1154 -84.83 -66.73 -53.39
C SER I 1154 -83.74 -66.42 -54.41
N SER I 1155 -84.15 -65.84 -55.54
CA SER I 1155 -83.23 -65.56 -56.64
C SER I 1155 -82.22 -64.47 -56.29
N TYR I 1156 -82.48 -63.68 -55.26
CA TYR I 1156 -81.51 -62.68 -54.82
C TYR I 1156 -80.30 -63.30 -54.13
N GLU I 1157 -80.39 -64.53 -53.65
CA GLU I 1157 -79.24 -65.17 -53.03
C GLU I 1157 -78.20 -65.62 -54.03
N MET I 1158 -78.56 -65.69 -55.31
CA MET I 1158 -77.72 -66.29 -56.34
C MET I 1158 -77.20 -65.26 -57.33
N ASP I 1159 -77.36 -63.97 -57.03
CA ASP I 1159 -77.10 -62.91 -58.00
C ASP I 1159 -75.81 -62.21 -57.64
N THR I 1160 -74.77 -62.44 -58.45
CA THR I 1160 -73.54 -61.65 -58.32
C THR I 1160 -73.78 -60.23 -58.81
N GLY I 1161 -74.29 -60.10 -60.02
CA GLY I 1161 -74.36 -58.80 -60.64
C GLY I 1161 -72.97 -58.34 -61.00
N THR I 1162 -72.82 -57.03 -61.07
CA THR I 1162 -71.53 -56.42 -61.34
C THR I 1162 -71.08 -55.64 -60.12
N LEU I 1163 -69.98 -54.92 -60.28
CA LEU I 1163 -69.47 -54.01 -59.28
C LEU I 1163 -69.46 -52.60 -59.87
N SER I 1164 -70.03 -51.66 -59.14
CA SER I 1164 -70.14 -50.29 -59.63
C SER I 1164 -68.77 -49.61 -59.61
N ARG I 1165 -68.72 -48.47 -60.30
CA ARG I 1165 -67.48 -47.70 -60.35
C ARG I 1165 -67.21 -47.02 -59.01
N ASN I 1166 -68.26 -46.72 -58.26
CA ASN I 1166 -68.09 -46.15 -56.93
C ASN I 1166 -67.55 -47.19 -55.96
N GLY I 1167 -67.98 -48.43 -56.11
CA GLY I 1167 -67.61 -49.49 -55.19
C GLY I 1167 -68.80 -50.19 -54.56
N ASP I 1168 -70.01 -49.70 -54.75
CA ASP I 1168 -71.19 -50.35 -54.21
C ASP I 1168 -71.55 -51.57 -55.05
N LEU I 1169 -72.21 -52.53 -54.42
CA LEU I 1169 -72.62 -53.74 -55.11
C LEU I 1169 -73.94 -53.52 -55.83
N LEU I 1170 -74.06 -54.06 -57.04
CA LEU I 1170 -75.26 -53.92 -57.85
C LEU I 1170 -75.76 -55.30 -58.26
N TYR I 1171 -77.08 -55.48 -58.29
CA TYR I 1171 -77.65 -56.70 -58.81
C TYR I 1171 -77.58 -56.71 -60.33
N SER I 1172 -78.06 -57.79 -60.92
CA SER I 1172 -78.13 -57.86 -62.37
C SER I 1172 -79.26 -56.99 -62.89
N PRO I 1173 -79.07 -56.35 -64.04
CA PRO I 1173 -80.16 -55.53 -64.61
C PRO I 1173 -81.28 -56.40 -65.14
N VAL I 1174 -82.52 -55.96 -64.88
CA VAL I 1174 -83.67 -56.70 -65.35
C VAL I 1174 -83.88 -56.55 -66.85
N ALA I 1175 -83.36 -55.49 -67.46
CA ALA I 1175 -83.48 -55.27 -68.89
C ALA I 1175 -82.34 -54.35 -69.33
N ASN I 1176 -82.19 -54.21 -70.65
CA ASN I 1176 -81.19 -53.30 -71.18
C ASN I 1176 -81.60 -51.85 -70.93
N GLY I 1177 -80.59 -50.98 -70.81
CA GLY I 1177 -80.85 -49.60 -70.47
C GLY I 1177 -81.31 -49.37 -69.05
N GLN I 1178 -81.03 -50.29 -68.14
CA GLN I 1178 -81.45 -50.19 -66.75
C GLN I 1178 -80.23 -50.39 -65.85
N VAL I 1179 -79.95 -49.40 -65.01
CA VAL I 1179 -78.90 -49.52 -64.01
C VAL I 1179 -79.39 -50.48 -62.93
N GLY I 1180 -78.53 -51.41 -62.51
CA GLY I 1180 -78.93 -52.42 -61.57
C GLY I 1180 -79.21 -51.88 -60.19
N ILE I 1181 -80.09 -52.59 -59.48
CA ILE I 1181 -80.51 -52.19 -58.14
C ILE I 1181 -79.36 -52.40 -57.16
N PRO I 1182 -78.99 -51.41 -56.36
CA PRO I 1182 -77.90 -51.63 -55.40
C PRO I 1182 -78.32 -52.56 -54.28
N LYS I 1183 -77.36 -53.37 -53.83
CA LYS I 1183 -77.66 -54.45 -52.91
C LYS I 1183 -77.87 -53.98 -51.47
N LEU I 1184 -77.58 -52.71 -51.17
CA LEU I 1184 -77.83 -52.18 -49.84
C LEU I 1184 -79.09 -51.32 -49.79
N GLU I 1185 -79.92 -51.38 -50.82
CA GLU I 1185 -81.18 -50.65 -50.83
C GLU I 1185 -82.34 -51.54 -50.38
N VAL I 1186 -82.36 -52.79 -50.84
CA VAL I 1186 -83.43 -53.69 -50.52
C VAL I 1186 -83.00 -54.58 -49.36
N ASP I 1187 -83.97 -55.29 -48.77
CA ASP I 1187 -83.71 -56.13 -47.62
C ASP I 1187 -83.39 -57.58 -47.99
N HIS I 1188 -83.20 -57.86 -49.28
CA HIS I 1188 -82.85 -59.21 -49.68
C HIS I 1188 -81.38 -59.48 -49.41
N ILE I 1189 -81.04 -60.76 -49.29
CA ILE I 1189 -79.69 -61.18 -48.89
C ILE I 1189 -79.05 -61.91 -50.07
N SER I 1190 -77.89 -61.43 -50.50
CA SER I 1190 -77.15 -62.01 -51.60
C SER I 1190 -75.89 -62.67 -51.08
N PHE I 1191 -75.62 -63.89 -51.54
CA PHE I 1191 -74.47 -64.66 -51.08
C PHE I 1191 -73.40 -64.85 -52.14
N SER I 1192 -73.31 -63.96 -53.12
CA SER I 1192 -72.21 -64.01 -54.06
C SER I 1192 -71.98 -62.60 -54.58
N ASN I 1193 -70.77 -62.09 -54.40
CA ASN I 1193 -70.51 -60.68 -54.63
C ASN I 1193 -69.11 -60.49 -55.16
N VAL I 1194 -68.91 -59.38 -55.87
CA VAL I 1194 -67.60 -59.05 -56.41
C VAL I 1194 -66.86 -58.20 -55.38
N VAL I 1195 -65.79 -58.75 -54.83
CA VAL I 1195 -65.00 -58.09 -53.81
C VAL I 1195 -63.69 -57.63 -54.42
N SER I 1196 -63.44 -56.32 -54.40
CA SER I 1196 -62.19 -55.78 -54.90
C SER I 1196 -61.05 -56.16 -53.98
N MET I 1197 -60.18 -57.06 -54.44
CA MET I 1197 -59.07 -57.48 -53.61
C MET I 1197 -57.77 -57.20 -54.33
N MET I 1198 -56.76 -56.78 -53.56
CA MET I 1198 -55.46 -56.49 -54.13
C MET I 1198 -54.66 -57.77 -54.31
N THR I 1199 -53.75 -57.74 -55.28
CA THR I 1199 -52.96 -58.90 -55.64
C THR I 1199 -51.67 -58.90 -54.81
N ALA I 1200 -50.73 -59.76 -55.19
CA ALA I 1200 -49.45 -59.85 -54.50
C ALA I 1200 -48.43 -58.82 -54.97
N ASN I 1201 -48.86 -57.81 -55.74
CA ASN I 1201 -47.99 -56.77 -56.25
C ASN I 1201 -48.29 -55.42 -55.61
N ILE I 1202 -48.82 -55.41 -54.39
CA ILE I 1202 -49.26 -54.16 -53.77
C ILE I 1202 -48.52 -53.88 -52.47
N ARG I 1203 -48.66 -54.78 -51.49
CA ARG I 1203 -47.95 -54.73 -50.20
C ARG I 1203 -48.23 -53.43 -49.45
N THR I 1204 -49.50 -53.27 -49.06
CA THR I 1204 -49.94 -52.06 -48.39
C THR I 1204 -49.40 -52.01 -46.97
N GLY I 1205 -48.54 -51.03 -46.68
CA GLY I 1205 -48.13 -50.79 -45.32
C GLY I 1205 -46.88 -51.51 -44.87
N ASP I 1206 -45.86 -51.55 -45.72
CA ASP I 1206 -44.58 -52.11 -45.33
C ASP I 1206 -43.54 -50.99 -45.22
N ASP I 1207 -42.37 -51.34 -44.70
CA ASP I 1207 -41.29 -50.38 -44.47
C ASP I 1207 -40.60 -50.09 -45.78
N MET I 1208 -40.66 -48.83 -46.21
CA MET I 1208 -39.96 -48.39 -47.41
C MET I 1208 -38.70 -47.64 -47.03
N ALA I 1209 -37.74 -47.65 -47.94
CA ALA I 1209 -36.37 -47.26 -47.65
C ALA I 1209 -36.03 -45.97 -48.38
N VAL I 1210 -35.47 -45.00 -47.65
CA VAL I 1210 -35.10 -43.72 -48.24
C VAL I 1210 -33.62 -43.44 -48.05
N GLU I 1211 -33.16 -42.30 -48.54
CA GLU I 1211 -31.79 -41.82 -48.33
C GLU I 1211 -31.87 -40.41 -47.74
N ARG I 1212 -31.38 -40.26 -46.52
CA ARG I 1212 -31.29 -38.95 -45.90
C ARG I 1212 -29.96 -38.31 -46.23
N VAL I 1213 -29.97 -37.05 -46.65
CA VAL I 1213 -28.76 -36.30 -46.93
C VAL I 1213 -28.75 -35.07 -46.03
N ASN I 1214 -27.76 -35.01 -45.15
CA ASN I 1214 -27.62 -33.88 -44.25
C ASN I 1214 -27.22 -32.62 -45.02
N PRO I 1215 -27.66 -31.45 -44.59
CA PRO I 1215 -27.17 -30.21 -45.20
C PRO I 1215 -25.73 -29.95 -44.81
N ASP I 1216 -25.08 -29.10 -45.60
CA ASP I 1216 -23.63 -28.91 -45.45
C ASP I 1216 -23.31 -28.04 -44.24
N ASP I 1217 -23.78 -26.80 -44.23
CA ASP I 1217 -23.51 -25.88 -43.14
C ASP I 1217 -24.79 -25.57 -42.40
N VAL I 1218 -24.68 -25.49 -41.07
CA VAL I 1218 -25.84 -25.14 -40.26
C VAL I 1218 -26.14 -23.65 -40.36
N ARG I 1219 -25.17 -22.83 -40.74
CA ARG I 1219 -25.40 -21.41 -40.93
C ARG I 1219 -25.97 -21.09 -42.31
N ALA I 1220 -25.94 -22.05 -43.23
CA ALA I 1220 -26.38 -21.84 -44.60
C ALA I 1220 -27.84 -22.21 -44.82
N ILE I 1221 -28.58 -22.52 -43.76
CA ILE I 1221 -29.97 -22.97 -43.88
C ILE I 1221 -30.87 -21.76 -43.74
N ASN I 1222 -31.62 -21.45 -44.79
CA ASN I 1222 -32.59 -20.38 -44.72
C ASN I 1222 -33.86 -20.83 -44.03
N ILE I 1223 -34.46 -19.93 -43.26
CA ILE I 1223 -35.63 -20.28 -42.45
C ILE I 1223 -36.84 -19.55 -43.01
N ARG I 1224 -36.81 -18.23 -42.98
CA ARG I 1224 -37.83 -17.41 -43.60
C ARG I 1224 -37.32 -16.90 -44.95
N ASN I 1225 -38.21 -16.81 -45.95
CA ASN I 1225 -39.65 -16.99 -45.84
C ASN I 1225 -40.13 -18.39 -46.22
N ALA I 1226 -39.97 -18.72 -47.50
CA ALA I 1226 -40.37 -20.01 -48.11
C ALA I 1226 -41.83 -20.40 -47.85
#